data_8ZSH
#
_entry.id   8ZSH
#
_cell.length_a   1.00
_cell.length_b   1.00
_cell.length_c   1.00
_cell.angle_alpha   90.00
_cell.angle_beta   90.00
_cell.angle_gamma   90.00
#
_symmetry.space_group_name_H-M   'P 1'
#
loop_
_entity.id
_entity.type
_entity.pdbx_description
1 polymer 'KomB, HAM-like protein, Non-canonical purine NTP pyrophosphatase'
2 polymer 'KomC, SIR2 domain protein, NADase'
3 non-polymer "2'-deoxyinosine 5'-triphosphate"
4 non-polymer 'MAGNESIUM ION'
#
loop_
_entity_poly.entity_id
_entity_poly.type
_entity_poly.pdbx_seq_one_letter_code
_entity_poly.pdbx_strand_id
1 'polypeptide(L)'
;MNIRFITRNRHKIKEINKILSGTGVVVLASEHSIDEIQTENVHALIKDKLLKAFKLVGRPVFVEHTGLYIESLNGFPGGL
TQIFWDKLQADKFSQLLGTSENPRLVAKTIIGYCDSMKIYIFEGETQGTISPVPKGPRDFQWDCIFIPDGESETFAEMGD
RKNEISMRKKAFDKFKEYLLEGGK
;
A,B,C,D,J,I,K,L,Y,e,W,U,f,Z,V,X
2 'polypeptide(L)'
;MEQLLADYKKGNVILFVGAGVSMNLGLPSWSQLVDHIATELGYDPDIYRTFGSALELAEYYKLKKGKIGPLRSWMDRMWH
SSDIDINKSKVHEYIAKANFPIIYTTNYDRWIETALSNYGKEYIKISSVSDIAKIDNNKTQIIKFHGDFDDDSSIVLDET
SYFQRLEFETPLDIKFRSDVLGKSVLFIGYSLSDINIRLLFYKLSKLWKEQKLEEAQPKSYIFLPRPNPIQEEILEQWRI
GMISSENDNPGESLEEFLKNFVLV
;
E,F,G,H,M,N,O,P,g,i,k,m,h,j,l,n
#
# COMPACT_ATOMS: atom_id res chain seq x y z
N MET A 1 -43.41 12.80 48.36
CA MET A 1 -42.44 13.34 47.41
C MET A 1 -41.02 13.04 47.85
N ASN A 2 -40.22 12.49 46.93
CA ASN A 2 -38.85 12.09 47.21
C ASN A 2 -37.91 13.12 46.60
N ILE A 3 -37.44 14.05 47.43
CA ILE A 3 -36.64 15.20 47.00
C ILE A 3 -35.29 15.07 47.68
N ARG A 4 -34.22 15.37 46.95
CA ARG A 4 -32.86 15.24 47.46
C ARG A 4 -32.32 16.60 47.91
N PHE A 5 -31.26 16.56 48.72
CA PHE A 5 -30.68 17.75 49.32
C PHE A 5 -29.17 17.65 49.31
N ILE A 6 -28.50 18.69 48.82
CA ILE A 6 -27.05 18.74 48.78
C ILE A 6 -26.59 19.90 49.68
N THR A 7 -25.68 19.60 50.61
CA THR A 7 -25.23 20.61 51.56
C THR A 7 -23.85 20.25 52.07
N ARG A 8 -23.35 21.02 53.01
CA ARG A 8 -22.12 20.66 53.68
C ARG A 8 -22.46 20.57 55.15
N ASN A 9 -23.34 21.41 55.64
CA ASN A 9 -23.65 21.42 57.05
C ASN A 9 -24.31 20.12 57.38
N ARG A 10 -23.86 19.46 58.45
CA ARG A 10 -24.53 18.24 58.84
C ARG A 10 -25.73 18.51 59.73
N HIS A 11 -25.68 19.56 60.55
CA HIS A 11 -26.79 19.86 61.46
C HIS A 11 -27.97 20.47 60.71
N LYS A 12 -27.71 21.03 59.53
CA LYS A 12 -28.78 21.51 58.65
C LYS A 12 -29.67 20.37 58.19
N ILE A 13 -29.07 19.19 57.95
CA ILE A 13 -29.81 17.99 57.58
C ILE A 13 -30.77 17.57 58.69
N LYS A 14 -30.31 17.60 59.93
CA LYS A 14 -31.16 17.21 61.06
C LYS A 14 -32.24 18.24 61.34
N GLU A 15 -31.95 19.53 61.11
CA GLU A 15 -32.99 20.56 61.25
C GLU A 15 -34.09 20.41 60.20
N ILE A 16 -33.69 20.17 58.94
CA ILE A 16 -34.66 20.01 57.86
C ILE A 16 -35.45 18.72 58.03
N ASN A 17 -34.81 17.67 58.55
CA ASN A 17 -35.50 16.40 58.80
C ASN A 17 -36.48 16.52 59.96
N LYS A 18 -36.12 17.27 61.01
CA LYS A 18 -37.02 17.45 62.14
C LYS A 18 -38.17 18.39 61.80
N ILE A 19 -37.93 19.38 60.93
CA ILE A 19 -38.98 20.29 60.52
C ILE A 19 -39.98 19.58 59.60
N LEU A 20 -39.48 18.80 58.65
CA LEU A 20 -40.33 18.10 57.68
C LEU A 20 -40.76 16.72 58.16
N SER A 21 -40.66 16.45 59.47
CA SER A 21 -41.03 15.13 59.98
C SER A 21 -42.53 14.99 60.04
N GLY A 22 -43.04 13.87 59.52
CA GLY A 22 -44.46 13.59 59.52
C GLY A 22 -45.26 14.28 58.43
N THR A 23 -44.60 15.03 57.54
CA THR A 23 -45.29 15.73 56.47
C THR A 23 -45.77 14.82 55.36
N GLY A 24 -44.97 13.82 55.00
CA GLY A 24 -45.29 12.98 53.86
C GLY A 24 -44.14 12.98 52.87
N VAL A 25 -43.49 14.12 52.71
CA VAL A 25 -42.29 14.20 51.89
C VAL A 25 -41.11 13.68 52.71
N VAL A 26 -40.09 13.18 52.01
CA VAL A 26 -38.86 12.72 52.64
C VAL A 26 -37.69 13.37 51.92
N VAL A 27 -36.56 13.46 52.62
CA VAL A 27 -35.37 14.12 52.11
C VAL A 27 -34.22 13.11 52.13
N LEU A 28 -33.60 12.90 50.95
CA LEU A 28 -32.42 12.06 50.84
C LEU A 28 -31.21 13.00 50.75
N ALA A 29 -30.70 13.37 51.92
CA ALA A 29 -29.64 14.36 51.98
C ALA A 29 -28.29 13.74 51.66
N SER A 30 -27.44 14.51 50.98
CA SER A 30 -26.10 14.10 50.65
C SER A 30 -25.15 15.25 50.97
N GLU A 31 -23.89 14.92 51.22
CA GLU A 31 -22.87 15.89 51.61
C GLU A 31 -21.85 16.03 50.48
N HIS A 32 -21.77 17.24 49.90
CA HIS A 32 -20.81 17.50 48.85
C HIS A 32 -20.03 18.81 48.99
N SER A 33 -20.55 19.79 49.76
CA SER A 33 -19.94 21.10 50.02
C SER A 33 -19.70 21.88 48.71
N ILE A 34 -20.82 22.25 48.10
CA ILE A 34 -20.78 23.04 46.86
C ILE A 34 -20.36 24.45 47.19
N ASP A 35 -19.34 24.95 46.50
CA ASP A 35 -18.87 26.32 46.67
C ASP A 35 -19.85 27.31 46.04
N GLU A 36 -19.98 28.47 46.66
CA GLU A 36 -20.86 29.48 46.11
C GLU A 36 -20.05 30.56 45.43
N ILE A 37 -20.74 31.57 44.93
CA ILE A 37 -20.08 32.66 44.25
C ILE A 37 -20.18 33.93 45.09
N GLN A 38 -19.27 34.85 44.90
CA GLN A 38 -19.28 36.02 45.72
C GLN A 38 -20.14 37.05 45.06
N THR A 39 -21.44 36.94 45.23
CA THR A 39 -22.35 37.92 44.65
C THR A 39 -23.31 38.48 45.68
N GLU A 40 -23.87 39.65 45.38
CA GLU A 40 -24.78 40.29 46.28
C GLU A 40 -26.15 39.72 46.04
N ASN A 41 -26.50 39.52 44.77
CA ASN A 41 -27.79 38.94 44.44
C ASN A 41 -27.85 37.55 45.00
N VAL A 42 -28.84 37.28 45.84
CA VAL A 42 -28.98 35.93 46.37
C VAL A 42 -29.80 35.04 45.45
N HIS A 43 -30.53 35.62 44.49
CA HIS A 43 -31.24 34.82 43.51
C HIS A 43 -30.27 34.14 42.55
N ALA A 44 -29.25 34.88 42.08
CA ALA A 44 -28.22 34.29 41.24
C ALA A 44 -27.35 33.32 42.04
N LEU A 45 -27.10 33.65 43.30
CA LEU A 45 -26.29 32.81 44.18
C LEU A 45 -27.00 31.50 44.51
N ILE A 46 -28.32 31.50 44.59
CA ILE A 46 -29.01 30.23 44.78
C ILE A 46 -29.23 29.53 43.44
N LYS A 47 -29.27 30.29 42.33
CA LYS A 47 -29.53 29.69 41.02
C LYS A 47 -28.34 28.90 40.53
N ASP A 48 -27.12 29.44 40.67
CA ASP A 48 -25.96 28.70 40.20
C ASP A 48 -25.62 27.53 41.12
N LYS A 49 -25.93 27.65 42.42
CA LYS A 49 -25.66 26.55 43.33
C LYS A 49 -26.66 25.41 43.11
N LEU A 50 -27.92 25.75 42.81
CA LEU A 50 -28.89 24.73 42.40
C LEU A 50 -28.53 24.13 41.04
N LEU A 51 -27.92 24.93 40.16
CA LEU A 51 -27.40 24.39 38.90
C LEU A 51 -26.28 23.38 39.12
N LYS A 52 -25.37 23.67 40.04
CA LYS A 52 -24.28 22.73 40.35
C LYS A 52 -24.81 21.48 41.04
N ALA A 53 -25.84 21.62 41.87
CA ALA A 53 -26.42 20.45 42.52
C ALA A 53 -27.22 19.60 41.52
N PHE A 54 -27.88 20.24 40.56
CA PHE A 54 -28.59 19.48 39.53
C PHE A 54 -27.63 18.82 38.55
N LYS A 55 -26.47 19.45 38.33
CA LYS A 55 -25.41 18.79 37.56
C LYS A 55 -24.81 17.63 38.33
N LEU A 56 -24.82 17.71 39.66
CA LEU A 56 -24.36 16.60 40.49
C LEU A 56 -25.35 15.46 40.57
N VAL A 57 -26.65 15.74 40.57
CA VAL A 57 -27.66 14.71 40.88
C VAL A 57 -28.45 14.35 39.63
N GLY A 58 -29.09 15.33 39.00
CA GLY A 58 -29.93 15.06 37.85
C GLY A 58 -31.34 14.62 38.17
N ARG A 59 -31.70 14.55 39.45
CA ARG A 59 -33.04 14.22 39.93
C ARG A 59 -33.60 15.48 40.58
N PRO A 60 -34.91 15.52 40.98
CA PRO A 60 -35.41 16.66 41.76
C PRO A 60 -34.68 16.90 43.08
N VAL A 61 -34.07 18.08 43.20
CA VAL A 61 -33.17 18.41 44.31
C VAL A 61 -33.43 19.86 44.72
N PHE A 62 -33.47 20.11 46.03
CA PHE A 62 -33.56 21.48 46.54
C PHE A 62 -32.25 21.85 47.22
N VAL A 63 -32.00 23.16 47.30
CA VAL A 63 -30.79 23.73 47.87
C VAL A 63 -31.17 24.91 48.76
N GLU A 64 -30.67 24.87 50.00
CA GLU A 64 -30.89 25.92 50.97
C GLU A 64 -29.64 26.79 51.09
N HIS A 65 -29.86 28.08 51.38
CA HIS A 65 -28.79 28.99 51.78
C HIS A 65 -29.30 29.88 52.90
N THR A 66 -28.46 30.15 53.94
CA THR A 66 -28.80 30.97 55.15
C THR A 66 -27.89 32.11 55.41
N GLY A 67 -28.39 33.34 55.35
CA GLY A 67 -27.58 34.54 55.44
C GLY A 67 -27.99 35.46 56.57
N LEU A 68 -26.98 35.90 57.33
CA LEU A 68 -27.11 36.95 58.32
C LEU A 68 -26.88 38.30 57.65
N TYR A 69 -27.65 39.31 58.04
CA TYR A 69 -27.51 40.65 57.47
C TYR A 69 -27.39 41.65 58.61
N ILE A 70 -26.16 42.05 58.91
CA ILE A 70 -25.88 42.97 60.02
C ILE A 70 -26.19 44.39 59.57
N GLU A 71 -27.10 45.06 60.28
CA GLU A 71 -27.49 46.42 59.91
C GLU A 71 -26.40 47.42 60.25
N SER A 72 -25.56 47.12 61.26
CA SER A 72 -24.45 47.99 61.59
C SER A 72 -23.37 47.92 60.51
N LEU A 73 -23.23 46.76 59.86
CA LEU A 73 -22.23 46.56 58.83
C LEU A 73 -22.75 46.88 57.43
N ASN A 74 -23.82 47.70 57.35
CA ASN A 74 -24.46 48.17 56.12
C ASN A 74 -24.99 46.98 55.29
N GLY A 75 -25.47 45.95 55.97
CA GLY A 75 -25.95 44.74 55.31
C GLY A 75 -24.87 43.96 54.60
N PHE A 76 -23.71 43.78 55.25
CA PHE A 76 -22.58 43.13 54.58
C PHE A 76 -22.79 41.65 54.28
N PRO A 77 -23.06 40.73 55.26
CA PRO A 77 -23.04 39.31 54.86
C PRO A 77 -24.35 38.89 54.22
N GLY A 78 -24.50 37.61 53.97
CA GLY A 78 -25.66 37.12 53.26
C GLY A 78 -25.20 36.61 51.92
N GLY A 79 -25.03 35.30 51.82
CA GLY A 79 -24.34 34.70 50.71
C GLY A 79 -22.94 34.27 51.07
N LEU A 80 -22.32 34.95 52.03
CA LEU A 80 -20.94 34.68 52.42
C LEU A 80 -20.77 34.75 53.93
N THR A 81 -21.75 34.22 54.66
CA THR A 81 -21.67 34.22 56.12
C THR A 81 -20.80 33.07 56.58
N GLN A 82 -20.70 32.02 55.77
CA GLN A 82 -19.90 30.86 56.13
C GLN A 82 -18.45 31.24 56.43
N ILE A 83 -17.77 31.83 55.46
CA ILE A 83 -16.37 32.20 55.64
C ILE A 83 -16.21 33.12 56.86
N PHE A 84 -17.20 34.01 57.06
CA PHE A 84 -17.28 34.91 58.21
C PHE A 84 -17.27 34.15 59.53
N TRP A 85 -18.17 33.17 59.66
CA TRP A 85 -18.25 32.37 60.88
C TRP A 85 -17.05 31.43 61.00
N ASP A 86 -16.55 30.92 59.87
CA ASP A 86 -15.45 29.96 59.92
C ASP A 86 -14.13 30.63 60.27
N LYS A 87 -14.08 31.95 60.11
CA LYS A 87 -12.86 32.67 60.41
C LYS A 87 -12.85 33.34 61.78
N LEU A 88 -13.92 34.03 62.15
CA LEU A 88 -13.85 34.77 63.42
C LEU A 88 -14.63 34.15 64.57
N GLN A 89 -15.50 33.17 64.31
CA GLN A 89 -16.25 32.34 65.26
C GLN A 89 -17.12 33.22 66.17
N ALA A 90 -17.33 32.78 67.42
CA ALA A 90 -18.13 33.51 68.39
C ALA A 90 -17.33 34.47 69.26
N ASP A 91 -16.01 34.24 69.38
CA ASP A 91 -15.18 35.07 70.24
C ASP A 91 -14.99 36.46 69.66
N LYS A 92 -14.76 36.54 68.35
CA LYS A 92 -14.56 37.81 67.67
C LYS A 92 -15.81 38.25 66.92
N PHE A 93 -16.97 37.85 67.44
CA PHE A 93 -18.25 38.30 66.92
C PHE A 93 -18.92 39.28 67.87
N SER A 94 -19.17 38.86 69.12
CA SER A 94 -19.96 39.66 70.05
C SER A 94 -19.18 40.84 70.63
N GLN A 95 -17.85 40.80 70.61
CA GLN A 95 -17.09 41.85 71.26
C GLN A 95 -16.97 43.10 70.39
N LEU A 96 -17.24 42.99 69.09
CA LEU A 96 -17.15 44.13 68.19
C LEU A 96 -18.42 44.39 67.40
N LEU A 97 -19.38 43.47 67.42
CA LEU A 97 -20.67 43.70 66.77
C LEU A 97 -21.84 43.72 67.74
N GLY A 98 -21.73 43.05 68.89
CA GLY A 98 -22.79 43.11 69.89
C GLY A 98 -22.76 44.33 70.78
N THR A 99 -21.63 45.05 70.82
CA THR A 99 -21.46 46.20 71.68
C THR A 99 -21.43 47.52 70.93
N SER A 100 -21.96 47.56 69.70
CA SER A 100 -21.95 48.78 68.91
C SER A 100 -23.21 49.60 69.17
N GLU A 101 -23.42 50.61 68.33
CA GLU A 101 -24.61 51.45 68.46
C GLU A 101 -25.87 50.78 67.92
N ASN A 102 -25.74 49.95 66.88
CA ASN A 102 -26.88 49.25 66.29
C ASN A 102 -26.67 47.73 66.29
N PRO A 103 -26.94 47.04 67.42
CA PRO A 103 -27.08 45.60 67.43
C PRO A 103 -28.15 44.93 66.56
N ARG A 104 -28.95 45.65 65.76
CA ARG A 104 -29.99 45.01 64.98
C ARG A 104 -29.41 44.27 63.78
N LEU A 105 -29.97 43.10 63.48
CA LEU A 105 -29.57 42.29 62.33
C LEU A 105 -30.71 41.34 61.97
N VAL A 106 -30.78 40.99 60.68
CA VAL A 106 -31.85 40.16 60.15
C VAL A 106 -31.24 38.93 59.47
N ALA A 107 -31.81 37.76 59.75
CA ALA A 107 -31.33 36.49 59.22
C ALA A 107 -32.34 35.94 58.23
N LYS A 108 -31.87 35.61 57.03
CA LYS A 108 -32.71 35.14 55.94
C LYS A 108 -32.25 33.77 55.45
N THR A 109 -33.23 32.90 55.17
CA THR A 109 -33.00 31.62 54.52
C THR A 109 -33.69 31.66 53.16
N ILE A 110 -32.94 31.32 52.10
CA ILE A 110 -33.47 31.24 50.75
C ILE A 110 -33.31 29.81 50.26
N ILE A 111 -34.37 29.25 49.71
CA ILE A 111 -34.38 27.87 49.23
C ILE A 111 -34.53 27.89 47.71
N GLY A 112 -33.60 27.25 47.01
CA GLY A 112 -33.71 27.04 45.59
C GLY A 112 -34.03 25.59 45.30
N TYR A 113 -35.14 25.36 44.62
CA TYR A 113 -35.65 24.02 44.35
C TYR A 113 -35.75 23.79 42.86
N CYS A 114 -35.35 22.61 42.41
CA CYS A 114 -35.46 22.21 41.01
C CYS A 114 -36.32 20.96 40.92
N ASP A 115 -37.37 21.02 40.11
CA ASP A 115 -38.28 19.90 39.91
C ASP A 115 -37.94 19.11 38.66
N SER A 116 -36.69 19.17 38.21
CA SER A 116 -36.10 18.68 36.96
C SER A 116 -36.66 19.36 35.72
N MET A 117 -37.45 20.42 35.86
CA MET A 117 -37.91 21.21 34.73
C MET A 117 -37.68 22.70 34.93
N LYS A 118 -37.95 23.18 36.14
CA LYS A 118 -37.80 24.59 36.42
C LYS A 118 -37.06 24.88 37.72
N ILE A 119 -36.90 26.15 38.04
CA ILE A 119 -36.21 26.58 39.24
C ILE A 119 -37.17 27.42 40.07
N TYR A 120 -37.38 27.03 41.32
CA TYR A 120 -38.34 27.68 42.21
C TYR A 120 -37.60 28.21 43.43
N ILE A 121 -37.86 29.46 43.78
CA ILE A 121 -37.13 30.15 44.83
C ILE A 121 -38.11 30.53 45.94
N PHE A 122 -37.84 30.05 47.15
CA PHE A 122 -38.66 30.35 48.33
C PHE A 122 -37.76 30.91 49.41
N GLU A 123 -38.27 31.93 50.13
CA GLU A 123 -37.45 32.62 51.11
C GLU A 123 -38.25 32.99 52.35
N GLY A 124 -37.54 33.14 53.46
CA GLY A 124 -38.16 33.58 54.71
C GLY A 124 -37.13 34.31 55.54
N GLU A 125 -37.63 35.18 56.42
CA GLU A 125 -36.75 36.03 57.21
C GLU A 125 -37.29 36.21 58.62
N THR A 126 -36.38 36.30 59.59
CA THR A 126 -36.67 36.81 60.93
C THR A 126 -35.68 37.91 61.27
N GLN A 127 -36.14 38.89 62.03
CA GLN A 127 -35.30 39.96 62.53
C GLN A 127 -34.84 39.62 63.95
N GLY A 128 -33.76 40.24 64.37
CA GLY A 128 -33.23 39.91 65.68
C GLY A 128 -32.12 40.85 66.11
N THR A 129 -31.39 40.40 67.13
CA THR A 129 -30.38 41.21 67.81
C THR A 129 -29.18 40.31 68.11
N ILE A 130 -27.97 40.88 68.01
CA ILE A 130 -26.75 40.14 68.34
C ILE A 130 -26.51 40.24 69.84
N SER A 131 -26.21 39.10 70.46
CA SER A 131 -25.95 39.08 71.89
C SER A 131 -24.60 39.72 72.21
N PRO A 132 -24.48 40.42 73.34
CA PRO A 132 -23.14 40.88 73.76
C PRO A 132 -22.27 39.77 74.29
N VAL A 133 -22.87 38.68 74.77
CA VAL A 133 -22.13 37.51 75.26
C VAL A 133 -22.73 36.27 74.65
N PRO A 134 -21.88 35.38 74.08
CA PRO A 134 -22.36 34.09 73.57
C PRO A 134 -22.98 33.23 74.67
N LYS A 135 -24.13 32.64 74.34
CA LYS A 135 -24.99 32.05 75.36
C LYS A 135 -25.64 30.79 74.82
N GLY A 136 -25.52 29.69 75.55
CA GLY A 136 -26.14 28.45 75.17
C GLY A 136 -25.14 27.44 74.64
N PRO A 137 -25.64 26.35 74.04
CA PRO A 137 -24.75 25.38 73.40
C PRO A 137 -24.10 25.94 72.14
N ARG A 138 -22.95 25.37 71.80
CA ARG A 138 -22.16 25.90 70.70
C ARG A 138 -21.89 24.82 69.64
N ASP A 139 -22.93 24.10 69.25
CA ASP A 139 -22.79 23.01 68.27
C ASP A 139 -23.42 23.35 66.92
N PHE A 140 -24.11 24.48 66.80
CA PHE A 140 -24.71 24.89 65.53
C PHE A 140 -24.41 26.32 65.11
N GLN A 141 -23.14 26.69 65.09
CA GLN A 141 -22.77 28.00 64.57
C GLN A 141 -23.44 29.17 65.27
N TRP A 142 -23.81 30.20 64.51
CA TRP A 142 -24.36 31.40 65.12
C TRP A 142 -25.72 31.28 65.82
N ASP A 143 -26.07 30.11 66.35
CA ASP A 143 -27.28 29.98 67.16
C ASP A 143 -27.09 30.51 68.57
N CYS A 144 -25.87 30.43 69.10
CA CYS A 144 -25.58 30.85 70.46
C CYS A 144 -25.42 32.35 70.60
N ILE A 145 -25.41 33.11 69.50
CA ILE A 145 -25.26 34.56 69.53
C ILE A 145 -26.47 35.30 68.99
N PHE A 146 -27.47 34.60 68.47
CA PHE A 146 -28.60 35.23 67.80
C PHE A 146 -29.79 35.31 68.74
N ILE A 147 -30.07 36.50 69.24
CA ILE A 147 -31.29 36.80 70.00
C ILE A 147 -32.36 37.21 68.98
N PRO A 148 -33.46 36.47 68.87
CA PRO A 148 -34.57 36.94 68.01
C PRO A 148 -35.30 38.11 68.63
N ASP A 149 -36.01 38.85 67.78
CA ASP A 149 -36.75 40.02 68.25
C ASP A 149 -37.96 39.62 69.07
N GLY A 150 -38.14 40.29 70.21
CA GLY A 150 -39.20 39.92 71.12
C GLY A 150 -38.88 38.78 72.07
N GLU A 151 -37.60 38.41 72.18
CA GLU A 151 -37.19 37.33 73.07
C GLU A 151 -35.90 37.72 73.77
N SER A 152 -35.58 36.97 74.81
CA SER A 152 -34.34 37.17 75.58
C SER A 152 -33.47 35.93 75.60
N GLU A 153 -33.80 34.91 74.81
CA GLU A 153 -33.05 33.66 74.75
C GLU A 153 -32.52 33.47 73.34
N THR A 154 -31.29 32.99 73.23
CA THR A 154 -30.70 32.69 71.93
C THR A 154 -31.35 31.43 71.34
N PHE A 155 -31.11 31.22 70.04
CA PHE A 155 -31.73 30.09 69.36
C PHE A 155 -31.14 28.75 69.79
N ALA A 156 -29.89 28.76 70.27
CA ALA A 156 -29.31 27.55 70.82
C ALA A 156 -29.87 27.25 72.21
N GLU A 157 -30.07 28.30 73.02
CA GLU A 157 -30.53 28.10 74.40
C GLU A 157 -32.02 27.79 74.45
N MET A 158 -32.79 28.27 73.47
CA MET A 158 -34.25 28.07 73.49
C MET A 158 -34.64 26.63 73.14
N GLY A 159 -33.74 25.89 72.51
CA GLY A 159 -33.93 24.46 72.35
C GLY A 159 -34.68 24.08 71.08
N ASP A 160 -35.59 23.12 71.24
CA ASP A 160 -36.31 22.55 70.11
C ASP A 160 -37.43 23.45 69.61
N ARG A 161 -37.78 24.50 70.37
CA ARG A 161 -38.79 25.45 69.90
C ARG A 161 -38.20 26.54 69.01
N LYS A 162 -36.98 26.33 68.51
CA LYS A 162 -36.42 27.26 67.56
C LYS A 162 -37.03 26.92 66.20
N ASN A 163 -37.36 25.65 65.99
CA ASN A 163 -38.00 25.24 64.74
C ASN A 163 -39.52 25.40 64.77
N GLU A 164 -40.01 26.57 65.22
CA GLU A 164 -41.40 26.99 65.03
C GLU A 164 -41.54 28.45 64.62
N ILE A 165 -40.51 29.28 64.79
CA ILE A 165 -40.60 30.71 64.51
C ILE A 165 -39.42 31.13 63.64
N SER A 166 -38.51 30.20 63.36
CA SER A 166 -37.28 30.53 62.64
C SER A 166 -37.56 30.77 61.16
N MET A 167 -36.62 31.46 60.51
CA MET A 167 -36.80 31.82 59.10
C MET A 167 -36.77 30.61 58.20
N ARG A 168 -35.90 29.67 58.50
CA ARG A 168 -35.85 28.42 57.74
C ARG A 168 -37.23 27.80 57.79
N LYS A 169 -37.88 27.86 58.93
CA LYS A 169 -39.22 27.33 59.07
C LYS A 169 -40.14 28.00 58.07
N LYS A 170 -40.27 29.32 58.16
CA LYS A 170 -41.12 30.07 57.23
C LYS A 170 -40.83 29.71 55.78
N ALA A 171 -39.54 29.61 55.43
CA ALA A 171 -39.15 29.24 54.07
C ALA A 171 -39.57 27.82 53.73
N PHE A 172 -39.44 26.90 54.68
CA PHE A 172 -39.87 25.53 54.43
C PHE A 172 -41.37 25.36 54.56
N ASP A 173 -42.08 26.30 55.19
CA ASP A 173 -43.53 26.27 55.16
C ASP A 173 -44.04 26.66 53.79
N LYS A 174 -43.41 27.68 53.17
CA LYS A 174 -43.75 28.01 51.78
C LYS A 174 -43.34 26.89 50.82
N PHE A 175 -42.20 26.24 51.09
CA PHE A 175 -41.76 25.09 50.30
C PHE A 175 -42.72 23.91 50.45
N LYS A 176 -43.19 23.64 51.67
CA LYS A 176 -44.15 22.58 51.92
C LYS A 176 -45.49 22.89 51.29
N GLU A 177 -45.91 24.16 51.30
CA GLU A 177 -47.15 24.57 50.66
C GLU A 177 -47.08 24.38 49.15
N TYR A 178 -45.91 24.64 48.56
CA TYR A 178 -45.75 24.35 47.13
C TYR A 178 -45.71 22.85 46.85
N LEU A 179 -45.05 22.08 47.72
CA LEU A 179 -44.85 20.67 47.43
C LEU A 179 -46.12 19.85 47.62
N LEU A 180 -47.00 20.28 48.52
CA LEU A 180 -48.31 19.61 48.61
C LEU A 180 -49.37 20.28 47.75
N GLU A 181 -49.13 21.51 47.28
CA GLU A 181 -50.10 22.12 46.36
C GLU A 181 -49.96 21.58 44.94
N GLY A 182 -48.84 20.94 44.61
CA GLY A 182 -48.61 20.36 43.31
C GLY A 182 -47.48 21.06 42.57
N GLY A 183 -47.15 20.51 41.41
CA GLY A 183 -46.10 21.07 40.57
C GLY A 183 -46.59 22.21 39.71
N LYS A 184 -46.94 23.33 40.32
CA LYS A 184 -47.58 24.44 39.62
C LYS A 184 -46.57 25.48 39.16
N MET B 1 5.17 40.96 23.97
CA MET B 1 4.12 39.99 24.25
C MET B 1 2.76 40.67 24.39
N ASN B 2 1.77 40.15 23.67
CA ASN B 2 0.43 40.71 23.65
C ASN B 2 -0.48 39.84 24.51
N ILE B 3 -0.70 40.27 25.75
CA ILE B 3 -1.42 39.50 26.75
C ILE B 3 -2.66 40.32 27.14
N ARG B 4 -3.80 39.64 27.31
CA ARG B 4 -5.05 40.30 27.62
C ARG B 4 -5.36 40.22 29.11
N PHE B 5 -6.26 41.09 29.56
CA PHE B 5 -6.58 41.21 30.99
C PHE B 5 -8.08 41.42 31.14
N ILE B 6 -8.70 40.62 32.01
CA ILE B 6 -10.12 40.73 32.29
C ILE B 6 -10.29 41.12 33.75
N THR B 7 -11.06 42.18 34.01
CA THR B 7 -11.23 42.68 35.36
C THR B 7 -12.53 43.45 35.47
N ARG B 8 -12.75 44.09 36.60
CA ARG B 8 -13.91 44.92 36.80
C ARG B 8 -13.40 46.23 37.26
N ASN B 9 -12.30 46.26 37.99
CA ASN B 9 -11.76 47.50 38.51
C ASN B 9 -11.19 48.25 37.34
N ARG B 10 -11.53 49.53 37.23
CA ARG B 10 -10.94 50.32 36.16
C ARG B 10 -9.58 50.89 36.55
N HIS B 11 -9.38 51.21 37.83
CA HIS B 11 -8.10 51.78 38.26
C HIS B 11 -7.01 50.72 38.32
N LYS B 12 -7.40 49.45 38.42
CA LYS B 12 -6.45 48.34 38.33
C LYS B 12 -5.79 48.29 36.97
N ILE B 13 -6.54 48.62 35.91
CA ILE B 13 -6.01 48.69 34.55
C ILE B 13 -4.93 49.77 34.43
N LYS B 14 -5.17 50.93 35.03
CA LYS B 14 -4.20 52.02 34.97
C LYS B 14 -2.97 51.73 35.82
N GLU B 15 -3.15 51.03 36.96
CA GLU B 15 -2.00 50.62 37.76
C GLU B 15 -1.11 49.60 37.03
N ILE B 16 -1.74 48.62 36.39
CA ILE B 16 -1.00 47.59 35.66
C ILE B 16 -0.33 48.18 34.42
N ASN B 17 -1.00 49.16 33.79
CA ASN B 17 -0.42 49.82 32.62
C ASN B 17 0.76 50.71 33.01
N LYS B 18 0.67 51.40 34.16
CA LYS B 18 1.77 52.25 34.61
C LYS B 18 2.93 51.43 35.14
N ILE B 19 2.65 50.27 35.73
CA ILE B 19 3.72 49.40 36.22
C ILE B 19 4.47 48.75 35.05
N LEU B 20 3.73 48.26 34.05
CA LEU B 20 4.32 47.59 32.90
C LEU B 20 4.67 48.54 31.77
N SER B 21 4.76 49.84 32.04
CA SER B 21 5.05 50.80 30.99
C SER B 21 6.54 50.76 30.62
N GLY B 22 6.82 50.68 29.32
CA GLY B 22 8.17 50.63 28.82
C GLY B 22 8.84 49.27 28.89
N THR B 23 8.13 48.24 29.34
CA THR B 23 8.71 46.90 29.45
C THR B 23 8.89 46.21 28.10
N GLY B 24 7.94 46.39 27.19
CA GLY B 24 7.95 45.66 25.94
C GLY B 24 6.66 44.89 25.75
N VAL B 25 6.13 44.34 26.83
CA VAL B 25 4.82 43.71 26.80
C VAL B 25 3.75 44.80 26.84
N VAL B 26 2.57 44.47 26.28
CA VAL B 26 1.42 45.37 26.32
C VAL B 26 0.23 44.58 26.84
N VAL B 27 -0.74 45.31 27.37
CA VAL B 27 -1.93 44.71 27.97
C VAL B 27 -3.16 45.26 27.26
N LEU B 28 -3.99 44.36 26.73
CA LEU B 28 -5.26 44.72 26.12
C LEU B 28 -6.35 44.39 27.13
N ALA B 29 -6.61 45.35 28.02
CA ALA B 29 -7.54 45.13 29.12
C ALA B 29 -8.98 45.23 28.66
N SER B 30 -9.83 44.40 29.24
CA SER B 30 -11.26 44.41 28.98
C SER B 30 -12.01 44.35 30.30
N GLU B 31 -13.24 44.84 30.30
CA GLU B 31 -14.06 44.91 31.51
C GLU B 31 -15.22 43.94 31.37
N HIS B 32 -15.27 42.94 32.26
CA HIS B 32 -16.37 41.97 32.25
C HIS B 32 -16.95 41.66 33.62
N SER B 33 -16.22 41.90 34.71
CA SER B 33 -16.63 41.66 36.11
C SER B 33 -17.00 40.19 36.35
N ILE B 34 -15.96 39.36 36.26
CA ILE B 34 -16.11 37.93 36.50
C ILE B 34 -16.31 37.69 37.99
N ASP B 35 -17.37 36.97 38.34
CA ASP B 35 -17.65 36.61 39.72
C ASP B 35 -16.68 35.54 40.21
N GLU B 36 -16.33 35.61 41.48
CA GLU B 36 -15.45 34.59 42.04
C GLU B 36 -16.23 33.63 42.88
N ILE B 37 -15.53 32.69 43.48
CA ILE B 37 -16.18 31.70 44.33
C ILE B 37 -15.78 31.93 45.78
N GLN B 38 -16.59 31.39 46.69
CA GLN B 38 -16.38 31.52 48.13
C GLN B 38 -15.60 30.31 48.64
N THR B 39 -14.29 30.37 48.47
CA THR B 39 -13.41 29.33 48.96
C THR B 39 -12.19 29.96 49.62
N GLU B 40 -11.53 29.15 50.45
CA GLU B 40 -10.39 29.64 51.22
C GLU B 40 -9.10 29.54 50.42
N ASN B 41 -8.99 28.54 49.56
CA ASN B 41 -7.81 28.36 48.74
C ASN B 41 -7.78 29.37 47.62
N VAL B 42 -6.81 30.29 47.64
CA VAL B 42 -6.72 31.30 46.60
C VAL B 42 -6.19 30.74 45.29
N HIS B 43 -5.57 29.55 45.33
CA HIS B 43 -5.13 28.92 44.09
C HIS B 43 -6.32 28.43 43.27
N ALA B 44 -7.31 27.81 43.93
CA ALA B 44 -8.53 27.41 43.25
C ALA B 44 -9.36 28.62 42.83
N LEU B 45 -9.35 29.67 43.66
CA LEU B 45 -10.09 30.89 43.38
C LEU B 45 -9.49 31.65 42.20
N ILE B 46 -8.18 31.57 42.00
CA ILE B 46 -7.61 32.18 40.81
C ILE B 46 -7.70 31.24 39.61
N LYS B 47 -7.76 29.92 39.86
CA LYS B 47 -7.79 28.94 38.78
C LYS B 47 -9.13 28.95 38.07
N ASP B 48 -10.24 29.00 38.83
CA ASP B 48 -11.54 29.00 38.16
C ASP B 48 -11.85 30.35 37.53
N LYS B 49 -11.31 31.44 38.09
CA LYS B 49 -11.53 32.76 37.49
C LYS B 49 -10.72 32.90 36.20
N LEU B 50 -9.51 32.35 36.17
CA LEU B 50 -8.75 32.30 34.93
C LEU B 50 -9.38 31.35 33.92
N LEU B 51 -10.06 30.30 34.39
CA LEU B 51 -10.84 29.42 33.52
C LEU B 51 -12.00 30.15 32.88
N LYS B 52 -12.71 30.98 33.65
CA LYS B 52 -13.82 31.75 33.10
C LYS B 52 -13.34 32.84 32.14
N ALA B 53 -12.17 33.42 32.42
CA ALA B 53 -11.61 34.42 31.51
C ALA B 53 -11.10 33.77 30.23
N PHE B 54 -10.55 32.56 30.31
CA PHE B 54 -10.10 31.87 29.10
C PHE B 54 -11.28 31.36 28.30
N LYS B 55 -12.39 31.03 28.97
CA LYS B 55 -13.63 30.71 28.26
C LYS B 55 -14.20 31.95 27.61
N LEU B 56 -13.97 33.12 28.20
CA LEU B 56 -14.41 34.37 27.59
C LEU B 56 -13.55 34.82 26.41
N VAL B 57 -12.24 34.55 26.45
CA VAL B 57 -11.33 35.13 25.47
C VAL B 57 -10.79 34.07 24.52
N GLY B 58 -10.17 33.04 25.06
CA GLY B 58 -9.57 32.00 24.23
C GLY B 58 -8.18 32.32 23.71
N ARG B 59 -7.62 33.46 24.09
CA ARG B 59 -6.26 33.89 23.74
C ARG B 59 -5.46 33.90 25.04
N PRO B 60 -4.11 34.10 25.01
CA PRO B 60 -3.36 34.29 26.27
C PRO B 60 -3.82 35.47 27.12
N VAL B 61 -4.27 35.16 28.33
CA VAL B 61 -4.93 36.12 29.22
C VAL B 61 -4.44 35.87 30.64
N PHE B 62 -4.16 36.96 31.37
CA PHE B 62 -3.82 36.86 32.79
C PHE B 62 -4.95 37.46 33.61
N VAL B 63 -5.04 37.02 34.88
CA VAL B 63 -6.06 37.44 35.81
C VAL B 63 -5.42 37.73 37.16
N GLU B 64 -5.69 38.92 37.69
CA GLU B 64 -5.19 39.35 38.99
C GLU B 64 -6.30 39.24 40.03
N HIS B 65 -5.90 38.96 41.28
CA HIS B 65 -6.78 39.06 42.44
C HIS B 65 -5.98 39.66 43.60
N THR B 66 -6.64 40.48 44.41
CA THR B 66 -5.98 41.19 45.54
C THR B 66 -6.73 41.03 46.81
N GLY B 67 -6.08 40.57 47.84
CA GLY B 67 -6.73 40.24 49.09
C GLY B 67 -6.03 40.85 50.29
N LEU B 68 -6.84 41.47 51.16
CA LEU B 68 -6.43 41.92 52.47
C LEU B 68 -6.62 40.79 53.47
N TYR B 69 -5.69 40.64 54.41
CA TYR B 69 -5.76 39.59 55.42
C TYR B 69 -5.58 40.24 56.80
N ILE B 70 -6.69 40.47 57.49
CA ILE B 70 -6.68 41.13 58.79
C ILE B 70 -6.30 40.12 59.85
N GLU B 71 -5.21 40.39 60.58
CA GLU B 71 -4.74 39.45 61.60
C GLU B 71 -5.63 39.47 62.83
N SER B 72 -6.31 40.59 63.07
CA SER B 72 -7.26 40.66 64.19
C SER B 72 -8.50 39.84 63.89
N LEU B 73 -8.87 39.74 62.62
CA LEU B 73 -10.05 38.99 62.21
C LEU B 73 -9.75 37.54 61.87
N ASN B 74 -8.63 37.02 62.40
CA ASN B 74 -8.14 35.63 62.23
C ASN B 74 -7.91 35.31 60.75
N GLY B 75 -7.44 36.30 60.00
CA GLY B 75 -7.21 36.14 58.56
C GLY B 75 -8.48 35.93 57.76
N PHE B 76 -9.52 36.72 58.04
CA PHE B 76 -10.81 36.51 57.40
C PHE B 76 -10.82 36.82 55.90
N PRO B 77 -10.50 38.05 55.40
CA PRO B 77 -10.74 38.28 53.96
C PRO B 77 -9.61 37.71 53.11
N GLY B 78 -9.65 38.00 51.83
CA GLY B 78 -8.68 37.42 50.91
C GLY B 78 -9.42 36.47 50.01
N GLY B 79 -9.75 36.94 48.82
CA GLY B 79 -10.68 36.25 47.95
C GLY B 79 -12.04 36.91 47.94
N LEU B 80 -12.41 37.57 49.03
CA LEU B 80 -13.72 38.18 49.18
C LEU B 80 -13.62 39.55 49.85
N THR B 81 -12.59 40.31 49.49
CA THR B 81 -12.43 41.64 50.06
C THR B 81 -13.33 42.63 49.35
N GLN B 82 -13.68 42.33 48.10
CA GLN B 82 -14.53 43.23 47.33
C GLN B 82 -15.86 43.49 48.03
N ILE B 83 -16.63 42.46 48.31
CA ILE B 83 -17.93 42.63 48.95
C ILE B 83 -17.77 43.36 50.28
N PHE B 84 -16.67 43.07 51.01
CA PHE B 84 -16.30 43.74 52.26
C PHE B 84 -16.18 45.26 52.08
N TRP B 85 -15.37 45.67 51.10
CA TRP B 85 -15.18 47.09 50.82
C TRP B 85 -16.44 47.72 50.22
N ASP B 86 -17.16 47.01 49.40
CA ASP B 86 -18.28 47.64 48.79
C ASP B 86 -19.40 47.71 49.79
N LYS B 87 -19.20 47.15 50.97
CA LYS B 87 -20.23 47.28 51.98
C LYS B 87 -19.87 48.31 53.02
N LEU B 88 -18.91 48.01 53.88
CA LEU B 88 -18.50 48.90 54.97
C LEU B 88 -17.80 50.15 54.53
N GLN B 89 -17.16 50.09 53.38
CA GLN B 89 -16.31 51.19 52.88
C GLN B 89 -15.27 51.66 53.90
N ALA B 90 -14.92 52.95 53.88
CA ALA B 90 -13.90 53.44 54.79
C ALA B 90 -14.43 53.93 56.13
N ASP B 91 -15.71 54.27 56.19
CA ASP B 91 -16.29 54.82 57.42
C ASP B 91 -16.44 53.74 58.49
N LYS B 92 -16.87 52.54 58.08
CA LYS B 92 -17.04 51.43 59.01
C LYS B 92 -15.88 50.43 58.91
N PHE B 93 -14.71 50.95 58.55
CA PHE B 93 -13.49 50.15 58.54
C PHE B 93 -12.57 50.53 59.68
N SER B 94 -12.17 51.80 59.75
CA SER B 94 -11.15 52.23 60.69
C SER B 94 -11.67 52.37 62.11
N GLN B 95 -12.98 52.51 62.30
CA GLN B 95 -13.50 52.75 63.64
C GLN B 95 -13.62 51.47 64.45
N LEU B 96 -13.59 50.31 63.80
CA LEU B 96 -13.71 49.03 64.51
C LEU B 96 -12.57 48.07 64.21
N LEU B 97 -11.72 48.36 63.23
CA LEU B 97 -10.55 47.54 62.95
C LEU B 97 -9.24 48.27 63.15
N GLY B 98 -9.22 49.60 63.02
CA GLY B 98 -8.01 50.36 63.27
C GLY B 98 -7.76 50.67 64.73
N THR B 99 -8.77 50.54 65.58
CA THR B 99 -8.67 50.88 67.00
C THR B 99 -8.68 49.66 67.90
N SER B 100 -8.36 48.47 67.38
CA SER B 100 -8.38 47.25 68.17
C SER B 100 -7.00 47.02 68.80
N GLU B 101 -6.82 45.82 69.36
CA GLU B 101 -5.55 45.46 69.97
C GLU B 101 -4.48 45.11 68.94
N ASN B 102 -4.87 44.52 67.80
CA ASN B 102 -3.93 44.14 66.74
C ASN B 102 -4.31 44.78 65.41
N PRO B 103 -3.93 46.07 65.18
CA PRO B 103 -3.95 46.64 63.84
C PRO B 103 -3.12 46.00 62.72
N ARG B 104 -2.40 44.91 62.93
CA ARG B 104 -1.58 44.35 61.86
C ARG B 104 -2.44 43.62 60.83
N LEU B 105 -2.07 43.77 59.56
CA LEU B 105 -2.74 43.11 58.45
C LEU B 105 -1.80 43.04 57.25
N VAL B 106 -1.99 42.01 56.43
CA VAL B 106 -1.12 41.74 55.29
C VAL B 106 -1.97 41.69 54.01
N ALA B 107 -1.49 42.36 52.97
CA ALA B 107 -2.19 42.46 51.69
C ALA B 107 -1.44 41.67 50.63
N LYS B 108 -2.14 40.78 49.94
CA LYS B 108 -1.54 39.89 48.96
C LYS B 108 -2.23 40.05 47.61
N THR B 109 -1.42 40.05 46.55
CA THR B 109 -1.89 40.00 45.17
C THR B 109 -1.44 38.67 44.56
N ILE B 110 -2.39 37.94 43.97
CA ILE B 110 -2.10 36.69 43.29
C ILE B 110 -2.52 36.84 41.83
N ILE B 111 -1.63 36.46 40.92
CA ILE B 111 -1.86 36.59 39.49
C ILE B 111 -1.96 35.19 38.90
N GLY B 112 -3.07 34.92 38.20
CA GLY B 112 -3.22 33.70 37.44
C GLY B 112 -3.13 34.00 35.95
N TYR B 113 -2.17 33.35 35.30
CA TYR B 113 -1.87 33.60 33.89
C TYR B 113 -2.04 32.33 33.09
N CYS B 114 -2.66 32.45 31.91
CA CYS B 114 -2.83 31.33 31.00
C CYS B 114 -2.14 31.67 29.68
N ASP B 115 -1.23 30.80 29.24
CA ASP B 115 -0.50 30.97 28.00
C ASP B 115 -1.13 30.21 26.84
N SER B 116 -2.44 29.91 26.95
CA SER B 116 -3.28 29.04 26.12
C SER B 116 -2.86 27.57 26.15
N MET B 117 -1.95 27.18 27.03
CA MET B 117 -1.60 25.79 27.24
C MET B 117 -1.63 25.38 28.69
N LYS B 118 -1.13 26.26 29.56
CA LYS B 118 -1.07 25.93 30.98
C LYS B 118 -1.54 27.08 31.86
N ILE B 119 -1.48 26.87 33.16
CA ILE B 119 -1.91 27.87 34.13
C ILE B 119 -0.73 28.16 35.06
N TYR B 120 -0.36 29.44 35.15
CA TYR B 120 0.81 29.86 35.92
C TYR B 120 0.35 30.84 36.99
N ILE B 121 0.80 30.61 38.22
CA ILE B 121 0.35 31.37 39.39
C ILE B 121 1.54 32.10 39.99
N PHE B 122 1.42 33.43 40.07
CA PHE B 122 2.46 34.28 40.66
C PHE B 122 1.83 35.14 41.74
N GLU B 123 2.55 35.31 42.85
CA GLU B 123 1.99 36.01 43.99
C GLU B 123 3.03 36.89 44.66
N GLY B 124 2.55 37.92 45.36
CA GLY B 124 3.40 38.80 46.14
C GLY B 124 2.62 39.37 47.31
N GLU B 125 3.35 39.76 48.35
CA GLU B 125 2.72 40.23 49.58
C GLU B 125 3.52 41.37 50.20
N THR B 126 2.79 42.31 50.81
CA THR B 126 3.37 43.28 51.74
C THR B 126 2.57 43.26 53.04
N GLN B 127 3.26 43.49 54.14
CA GLN B 127 2.64 43.61 55.44
C GLN B 127 2.39 45.07 55.75
N GLY B 128 1.48 45.33 56.68
CA GLY B 128 1.14 46.70 56.97
C GLY B 128 0.23 46.84 58.17
N THR B 129 -0.36 48.02 58.29
CA THR B 129 -1.14 48.42 59.44
C THR B 129 -2.37 49.19 58.96
N ILE B 130 -3.50 49.00 59.64
CA ILE B 130 -4.72 49.73 59.31
C ILE B 130 -4.70 51.08 60.02
N SER B 131 -5.00 52.14 59.28
CA SER B 131 -5.02 53.48 59.85
C SER B 131 -6.22 53.64 60.80
N PRO B 132 -6.07 54.41 61.88
CA PRO B 132 -7.25 54.74 62.69
C PRO B 132 -8.15 55.78 62.04
N VAL B 133 -7.60 56.58 61.14
CA VAL B 133 -8.38 57.59 60.40
C VAL B 133 -8.03 57.48 58.92
N PRO B 134 -9.05 57.42 58.05
CA PRO B 134 -8.80 57.43 56.60
C PRO B 134 -8.11 58.70 56.15
N LYS B 135 -7.11 58.53 55.28
CA LYS B 135 -6.16 59.59 55.01
C LYS B 135 -5.74 59.54 53.54
N GLY B 136 -5.87 60.67 52.85
CA GLY B 136 -5.46 60.77 51.47
C GLY B 136 -6.65 60.80 50.52
N PRO B 137 -6.37 60.66 49.22
CA PRO B 137 -7.46 60.58 48.24
C PRO B 137 -8.25 59.28 48.37
N ARG B 138 -9.50 59.31 47.91
CA ARG B 138 -10.40 58.19 48.10
C ARG B 138 -10.97 57.71 46.77
N ASP B 139 -10.10 57.54 45.77
CA ASP B 139 -10.51 57.11 44.44
C ASP B 139 -10.10 55.69 44.12
N PHE B 140 -9.31 55.03 44.98
CA PHE B 140 -8.89 53.64 44.75
C PHE B 140 -9.11 52.72 45.93
N GLN B 141 -10.31 52.68 46.47
CA GLN B 141 -10.60 51.73 47.52
C GLN B 141 -9.70 51.79 48.75
N TRP B 142 -9.36 50.65 49.31
CA TRP B 142 -8.58 50.65 50.54
C TRP B 142 -7.15 51.19 50.48
N ASP B 143 -6.85 52.11 49.57
CA ASP B 143 -5.54 52.75 49.55
C ASP B 143 -5.43 53.84 50.62
N CYS B 144 -6.53 54.49 50.95
CA CYS B 144 -6.54 55.58 51.92
C CYS B 144 -6.51 55.11 53.37
N ILE B 145 -6.62 53.80 53.62
CA ILE B 145 -6.61 53.26 54.97
C ILE B 145 -5.42 52.34 55.22
N PHE B 146 -4.61 52.05 54.22
CA PHE B 146 -3.56 51.05 54.34
C PHE B 146 -2.21 51.74 54.57
N ILE B 147 -1.73 51.67 55.81
CA ILE B 147 -0.37 52.10 56.15
C ILE B 147 0.55 50.89 55.94
N PRO B 148 1.54 50.97 55.05
CA PRO B 148 2.51 49.88 54.95
C PRO B 148 3.47 49.89 56.14
N ASP B 149 4.10 48.73 56.36
CA ASP B 149 5.03 48.59 57.47
C ASP B 149 6.31 49.37 57.22
N GLY B 150 6.76 50.11 58.23
CA GLY B 150 7.92 50.97 58.08
C GLY B 150 7.63 52.32 57.47
N GLU B 151 6.37 52.72 57.39
CA GLU B 151 5.99 54.01 56.82
C GLU B 151 4.89 54.63 57.67
N SER B 152 4.66 55.93 57.45
CA SER B 152 3.61 56.66 58.13
C SER B 152 2.61 57.29 57.17
N GLU B 153 2.70 56.96 55.88
CA GLU B 153 1.81 57.50 54.85
C GLU B 153 1.04 56.35 54.23
N THR B 154 -0.25 56.59 53.96
CA THR B 154 -1.07 55.60 53.28
C THR B 154 -0.68 55.50 51.81
N PHE B 155 -1.16 54.44 51.14
CA PHE B 155 -0.79 54.21 49.75
C PHE B 155 -1.45 55.22 48.81
N ALA B 156 -2.59 55.78 49.22
CA ALA B 156 -3.19 56.84 48.43
C ALA B 156 -2.46 58.17 48.61
N GLU B 157 -1.99 58.44 49.83
CA GLU B 157 -1.34 59.72 50.11
C GLU B 157 0.10 59.73 49.58
N MET B 158 0.74 58.55 49.51
CA MET B 158 2.15 58.50 49.10
C MET B 158 2.31 58.73 47.60
N GLY B 159 1.25 58.57 46.82
CA GLY B 159 1.24 58.97 45.44
C GLY B 159 1.72 57.91 44.47
N ASP B 160 2.53 58.35 43.51
CA ASP B 160 2.98 57.46 42.44
C ASP B 160 4.10 56.52 42.88
N ARG B 161 4.69 56.73 44.05
CA ARG B 161 5.69 55.82 44.56
C ARG B 161 5.09 54.63 45.30
N LYS B 162 3.78 54.41 45.13
CA LYS B 162 3.17 53.21 45.70
C LYS B 162 3.51 52.05 44.75
N ASN B 163 3.65 52.34 43.47
CA ASN B 163 4.03 51.31 42.51
C ASN B 163 5.54 51.11 42.41
N GLU B 164 6.22 50.98 43.55
CA GLU B 164 7.59 50.49 43.62
C GLU B 164 7.82 49.51 44.77
N ILE B 165 6.93 49.43 45.76
CA ILE B 165 7.13 48.58 46.93
C ILE B 165 5.88 47.75 47.17
N SER B 166 4.84 47.98 46.37
CA SER B 166 3.55 47.34 46.59
C SER B 166 3.60 45.87 46.20
N MET B 167 2.65 45.10 46.73
CA MET B 167 2.63 43.64 46.48
C MET B 167 2.30 43.33 45.04
N ARG B 168 1.40 44.08 44.44
CA ARG B 168 1.08 43.92 43.04
C ARG B 168 2.37 44.05 42.25
N LYS B 169 3.21 45.00 42.65
CA LYS B 169 4.50 45.19 42.00
C LYS B 169 5.31 43.90 42.06
N LYS B 170 5.59 43.44 43.26
CA LYS B 170 6.35 42.20 43.44
C LYS B 170 5.77 41.06 42.60
N ALA B 171 4.43 40.93 42.60
CA ALA B 171 3.78 39.89 41.79
C ALA B 171 3.99 40.11 40.31
N PHE B 172 3.91 41.36 39.86
CA PHE B 172 4.13 41.65 38.45
C PHE B 172 5.61 41.67 38.09
N ASP B 173 6.51 41.79 39.07
CA ASP B 173 7.93 41.61 38.78
C ASP B 173 8.24 40.15 38.53
N LYS B 174 7.63 39.24 39.30
CA LYS B 174 7.77 37.81 39.01
C LYS B 174 7.07 37.44 37.69
N PHE B 175 5.94 38.07 37.40
CA PHE B 175 5.24 37.88 36.13
C PHE B 175 6.08 38.38 34.95
N LYS B 176 6.71 39.55 35.11
CA LYS B 176 7.58 40.11 34.07
C LYS B 176 8.83 39.27 33.88
N GLU B 177 9.36 38.71 34.97
CA GLU B 177 10.52 37.82 34.89
C GLU B 177 10.17 36.55 34.13
N TYR B 178 8.96 36.02 34.34
CA TYR B 178 8.53 34.86 33.56
C TYR B 178 8.29 35.24 32.09
N LEU B 179 7.70 36.41 31.84
CA LEU B 179 7.28 36.74 30.48
C LEU B 179 8.48 37.11 29.61
N LEU B 180 9.55 37.65 30.18
CA LEU B 180 10.75 37.86 29.39
C LEU B 180 11.72 36.69 29.50
N GLU B 181 11.55 35.78 30.46
CA GLU B 181 12.40 34.60 30.49
C GLU B 181 11.97 33.55 29.47
N GLY B 182 10.74 33.64 28.96
CA GLY B 182 10.24 32.71 27.96
C GLY B 182 9.08 31.89 28.51
N GLY B 183 8.50 31.09 27.61
CA GLY B 183 7.40 30.23 27.98
C GLY B 183 7.85 28.92 28.60
N LYS B 184 8.43 28.99 29.79
CA LYS B 184 9.06 27.82 30.41
C LYS B 184 8.10 27.09 31.35
N MET C 1 -8.26 -40.49 -23.90
CA MET C 1 -8.98 -39.25 -24.14
C MET C 1 -10.47 -39.50 -24.22
N ASN C 2 -11.24 -38.71 -23.46
CA ASN C 2 -12.68 -38.85 -23.37
C ASN C 2 -13.34 -37.75 -24.20
N ILE C 3 -13.73 -38.09 -25.43
CA ILE C 3 -14.23 -37.12 -26.40
C ILE C 3 -15.67 -37.54 -26.72
N ARG C 4 -16.56 -36.57 -26.85
CA ARG C 4 -17.98 -36.83 -27.09
C ARG C 4 -18.31 -36.65 -28.57
N PHE C 5 -19.45 -37.21 -28.99
CA PHE C 5 -19.85 -37.22 -30.38
C PHE C 5 -21.35 -36.97 -30.47
N ILE C 6 -21.75 -36.02 -31.31
CA ILE C 6 -23.15 -35.70 -31.54
C ILE C 6 -23.49 -36.02 -32.99
N THR C 7 -24.55 -36.80 -33.20
CA THR C 7 -24.92 -37.22 -34.53
C THR C 7 -26.40 -37.57 -34.57
N ARG C 8 -26.85 -38.11 -35.69
CA ARG C 8 -28.22 -38.56 -35.82
C ARG C 8 -28.12 -39.97 -36.28
N ASN C 9 -27.12 -40.31 -37.08
CA ASN C 9 -27.00 -41.66 -37.60
C ASN C 9 -26.63 -42.55 -36.46
N ARG C 10 -27.32 -43.67 -36.33
CA ARG C 10 -26.94 -44.61 -35.28
C ARG C 10 -25.83 -45.55 -35.72
N HIS C 11 -25.79 -45.90 -37.01
CA HIS C 11 -24.76 -46.83 -37.50
C HIS C 11 -23.40 -46.15 -37.61
N LYS C 12 -23.41 -44.81 -37.71
CA LYS C 12 -22.17 -44.02 -37.67
C LYS C 12 -21.46 -44.19 -36.34
N ILE C 13 -22.23 -44.28 -35.24
CA ILE C 13 -21.68 -44.51 -33.90
C ILE C 13 -20.96 -45.86 -33.83
N LYS C 14 -21.57 -46.90 -34.40
CA LYS C 14 -20.95 -48.22 -34.38
C LYS C 14 -19.73 -48.30 -35.29
N GLU C 15 -19.75 -47.59 -36.42
CA GLU C 15 -18.57 -47.53 -37.29
C GLU C 15 -17.39 -46.82 -36.60
N ILE C 16 -17.67 -45.69 -35.94
CA ILE C 16 -16.62 -44.94 -35.25
C ILE C 16 -16.11 -45.71 -34.04
N ASN C 17 -17.00 -46.44 -33.37
CA ASN C 17 -16.59 -47.26 -32.23
C ASN C 17 -15.75 -48.46 -32.66
N LYS C 18 -16.10 -49.08 -33.79
CA LYS C 18 -15.31 -50.22 -34.29
C LYS C 18 -13.98 -49.77 -34.88
N ILE C 19 -13.94 -48.57 -35.46
CA ILE C 19 -12.68 -48.06 -36.00
C ILE C 19 -11.73 -47.66 -34.89
N LEU C 20 -12.24 -46.99 -33.86
CA LEU C 20 -11.43 -46.52 -32.74
C LEU C 20 -11.31 -47.54 -31.61
N SER C 21 -11.63 -48.80 -31.87
CA SER C 21 -11.58 -49.83 -30.83
C SER C 21 -10.14 -50.21 -30.53
N GLY C 22 -9.79 -50.23 -29.25
CA GLY C 22 -8.46 -50.59 -28.81
C GLY C 22 -7.43 -49.49 -28.93
N THR C 23 -7.81 -48.28 -29.35
CA THR C 23 -6.87 -47.18 -29.50
C THR C 23 -6.44 -46.59 -28.17
N GLY C 24 -7.36 -46.47 -27.20
CA GLY C 24 -7.06 -45.79 -25.96
C GLY C 24 -8.06 -44.68 -25.72
N VAL C 25 -8.46 -44.00 -26.79
CA VAL C 25 -9.52 -43.00 -26.70
C VAL C 25 -10.86 -43.72 -26.68
N VAL C 26 -11.86 -43.07 -26.08
CA VAL C 26 -13.23 -43.58 -26.05
C VAL C 26 -14.16 -42.48 -26.52
N VAL C 27 -15.34 -42.88 -27.01
CA VAL C 27 -16.31 -41.96 -27.56
C VAL C 27 -17.62 -42.12 -26.79
N LEU C 28 -18.11 -41.02 -26.22
CA LEU C 28 -19.41 -40.99 -25.56
C LEU C 28 -20.41 -40.35 -26.52
N ALA C 29 -20.97 -41.19 -27.38
CA ALA C 29 -21.84 -40.69 -28.44
C ALA C 29 -23.23 -40.37 -27.92
N SER C 30 -23.83 -39.32 -28.47
CA SER C 30 -25.17 -38.91 -28.14
C SER C 30 -25.93 -38.61 -29.43
N GLU C 31 -27.25 -38.72 -29.37
CA GLU C 31 -28.11 -38.54 -30.54
C GLU C 31 -28.92 -37.27 -30.36
N HIS C 32 -28.72 -36.30 -31.25
CA HIS C 32 -29.48 -35.06 -31.20
C HIS C 32 -30.01 -34.58 -32.55
N SER C 33 -29.42 -35.01 -33.67
CA SER C 33 -29.80 -34.66 -35.05
C SER C 33 -29.73 -33.14 -35.28
N ILE C 34 -28.50 -32.65 -35.24
CA ILE C 34 -28.24 -31.23 -35.48
C ILE C 34 -28.42 -30.94 -36.97
N ASP C 35 -29.24 -29.94 -37.27
CA ASP C 35 -29.46 -29.51 -38.65
C ASP C 35 -28.23 -28.76 -39.18
N GLU C 36 -27.97 -28.92 -40.47
CA GLU C 36 -26.87 -28.22 -41.07
C GLU C 36 -27.37 -27.05 -41.88
N ILE C 37 -26.45 -26.37 -42.53
CA ILE C 37 -26.81 -25.23 -43.35
C ILE C 37 -26.58 -25.55 -44.81
N GLN C 38 -27.23 -24.79 -45.70
CA GLN C 38 -27.12 -24.97 -47.14
C GLN C 38 -26.05 -24.04 -47.70
N THR C 39 -24.80 -24.49 -47.59
CA THR C 39 -23.68 -23.75 -48.11
C THR C 39 -22.73 -24.70 -48.83
N GLU C 40 -21.90 -24.13 -49.71
CA GLU C 40 -20.99 -24.93 -50.52
C GLU C 40 -19.69 -25.21 -49.78
N ASN C 41 -19.26 -24.29 -48.92
CA ASN C 41 -18.04 -24.47 -48.16
C ASN C 41 -18.26 -25.46 -47.04
N VAL C 42 -17.61 -26.62 -47.10
CA VAL C 42 -17.78 -27.62 -46.05
C VAL C 42 -17.05 -27.25 -44.77
N HIS C 43 -16.10 -26.30 -44.85
CA HIS C 43 -15.43 -25.82 -43.64
C HIS C 43 -16.39 -25.01 -42.77
N ALA C 44 -17.19 -24.13 -43.39
CA ALA C 44 -18.20 -23.39 -42.65
C ALA C 44 -19.34 -24.30 -42.20
N LEU C 45 -19.66 -25.31 -43.01
CA LEU C 45 -20.72 -26.25 -42.68
C LEU C 45 -20.32 -27.17 -41.53
N ILE C 46 -19.03 -27.47 -41.39
CA ILE C 46 -18.62 -28.23 -40.23
C ILE C 46 -18.36 -27.31 -39.03
N LYS C 47 -18.05 -26.03 -39.30
CA LYS C 47 -17.75 -25.10 -38.21
C LYS C 47 -18.99 -24.71 -37.45
N ASP C 48 -20.09 -24.42 -38.14
CA ASP C 48 -21.31 -24.05 -37.43
C ASP C 48 -21.97 -25.26 -36.76
N LYS C 49 -21.81 -26.44 -37.34
CA LYS C 49 -22.38 -27.64 -36.72
C LYS C 49 -21.59 -28.02 -35.47
N LEU C 50 -20.26 -27.86 -35.50
CA LEU C 50 -19.46 -28.04 -34.30
C LEU C 50 -19.75 -26.95 -33.26
N LEU C 51 -20.10 -25.74 -33.72
CA LEU C 51 -20.55 -24.69 -32.82
C LEU C 51 -21.85 -25.04 -32.11
N LYS C 52 -22.81 -25.62 -32.85
CA LYS C 52 -24.07 -26.03 -32.25
C LYS C 52 -23.88 -27.21 -31.30
N ALA C 53 -22.95 -28.12 -31.62
CA ALA C 53 -22.67 -29.24 -30.73
C ALA C 53 -21.93 -28.79 -29.48
N PHE C 54 -21.05 -27.79 -29.60
CA PHE C 54 -20.37 -27.26 -28.42
C PHE C 54 -21.32 -26.44 -27.56
N LYS C 55 -22.30 -25.78 -28.19
CA LYS C 55 -23.35 -25.13 -27.43
C LYS C 55 -24.25 -26.14 -26.74
N LEU C 56 -24.39 -27.33 -27.32
CA LEU C 56 -25.14 -28.40 -26.69
C LEU C 56 -24.40 -29.09 -25.55
N VAL C 57 -23.08 -29.21 -25.64
CA VAL C 57 -22.33 -30.04 -24.71
C VAL C 57 -21.47 -29.19 -23.78
N GLY C 58 -20.59 -28.38 -24.36
CA GLY C 58 -19.68 -27.59 -23.57
C GLY C 58 -18.43 -28.30 -23.11
N ARG C 59 -18.24 -29.55 -23.51
CA ARG C 59 -17.06 -30.36 -23.21
C ARG C 59 -16.36 -30.60 -24.55
N PRO C 60 -15.13 -31.19 -24.58
CA PRO C 60 -14.53 -31.58 -25.87
C PRO C 60 -15.35 -32.57 -26.69
N VAL C 61 -15.75 -32.14 -27.89
CA VAL C 61 -16.69 -32.86 -28.73
C VAL C 61 -16.22 -32.77 -30.18
N PHE C 62 -16.30 -33.87 -30.91
CA PHE C 62 -16.03 -33.86 -32.34
C PHE C 62 -17.31 -34.11 -33.12
N VAL C 63 -17.33 -33.66 -34.37
CA VAL C 63 -18.47 -33.74 -35.26
C VAL C 63 -18.00 -34.20 -36.63
N GLU C 64 -18.64 -35.25 -37.14
CA GLU C 64 -18.35 -35.81 -38.45
C GLU C 64 -19.41 -35.37 -39.45
N HIS C 65 -19.00 -35.21 -40.71
CA HIS C 65 -19.93 -35.04 -41.83
C HIS C 65 -19.40 -35.84 -43.02
N THR C 66 -20.30 -36.42 -43.80
CA THR C 66 -19.93 -37.29 -44.95
C THR C 66 -20.66 -36.89 -46.18
N GLY C 67 -19.95 -36.66 -47.25
CA GLY C 67 -20.53 -36.15 -48.47
C GLY C 67 -20.10 -36.93 -49.70
N LEU C 68 -21.09 -37.26 -50.52
CA LEU C 68 -20.89 -37.81 -51.85
C LEU C 68 -20.79 -36.67 -52.84
N TYR C 69 -19.91 -36.81 -53.83
CA TYR C 69 -19.72 -35.77 -54.84
C TYR C 69 -19.79 -36.43 -56.21
N ILE C 70 -20.95 -36.33 -56.86
CA ILE C 70 -21.19 -36.96 -58.16
C ILE C 70 -20.57 -36.09 -59.24
N GLU C 71 -19.65 -36.66 -60.02
CA GLU C 71 -18.97 -35.90 -61.06
C GLU C 71 -19.88 -35.66 -62.25
N SER C 72 -20.88 -36.53 -62.46
CA SER C 72 -21.85 -36.31 -63.52
C SER C 72 -22.78 -35.16 -63.18
N LEU C 73 -23.05 -34.95 -61.90
CA LEU C 73 -23.94 -33.90 -61.43
C LEU C 73 -23.19 -32.60 -61.12
N ASN C 74 -22.00 -32.43 -61.70
CA ASN C 74 -21.12 -31.25 -61.57
C ASN C 74 -20.74 -31.02 -60.10
N GLY C 75 -20.54 -32.11 -59.36
CA GLY C 75 -20.21 -32.03 -57.95
C GLY C 75 -21.32 -31.46 -57.09
N PHE C 76 -22.57 -31.91 -57.32
CA PHE C 76 -23.71 -31.32 -56.61
C PHE C 76 -23.74 -31.63 -55.11
N PRO C 77 -23.77 -32.91 -54.61
CA PRO C 77 -24.00 -33.06 -53.18
C PRO C 77 -22.73 -32.85 -52.37
N GLY C 78 -22.78 -33.14 -51.08
CA GLY C 78 -21.66 -32.87 -50.22
C GLY C 78 -22.03 -31.74 -49.29
N GLY C 79 -22.43 -32.10 -48.09
CA GLY C 79 -23.07 -31.18 -47.19
C GLY C 79 -24.56 -31.41 -47.11
N LEU C 80 -25.17 -31.91 -48.18
CA LEU C 80 -26.61 -32.12 -48.25
C LEU C 80 -26.94 -33.45 -48.92
N THR C 81 -26.17 -34.48 -48.61
CA THR C 81 -26.43 -35.79 -49.18
C THR C 81 -27.55 -36.48 -48.41
N GLN C 82 -27.74 -36.09 -47.15
CA GLN C 82 -28.78 -36.70 -46.34
C GLN C 82 -30.16 -36.57 -46.98
N ILE C 83 -30.60 -35.34 -47.23
CA ILE C 83 -31.92 -35.12 -47.80
C ILE C 83 -32.05 -35.87 -49.13
N PHE C 84 -30.95 -35.91 -49.91
CA PHE C 84 -30.85 -36.65 -51.17
C PHE C 84 -31.17 -38.13 -50.99
N TRP C 85 -30.47 -38.76 -50.04
CA TRP C 85 -30.71 -40.18 -49.77
C TRP C 85 -32.05 -40.41 -49.10
N ASP C 86 -32.50 -39.53 -48.26
CA ASP C 86 -33.74 -39.81 -47.58
C ASP C 86 -34.86 -39.54 -48.53
N LYS C 87 -34.56 -39.05 -49.72
CA LYS C 87 -35.63 -38.85 -50.69
C LYS C 87 -35.64 -39.95 -51.73
N LEU C 88 -34.67 -39.96 -52.63
CA LEU C 88 -34.64 -40.94 -53.71
C LEU C 88 -34.35 -42.31 -53.23
N GLN C 89 -33.58 -42.45 -52.20
CA GLN C 89 -33.09 -43.76 -51.73
C GLN C 89 -32.26 -44.51 -52.79
N ALA C 90 -32.33 -45.83 -52.79
CA ALA C 90 -31.53 -46.61 -53.73
C ALA C 90 -32.24 -46.90 -55.04
N ASP C 91 -33.58 -46.86 -55.04
CA ASP C 91 -34.34 -47.20 -56.24
C ASP C 91 -34.21 -46.12 -57.31
N LYS C 92 -34.25 -44.85 -56.89
CA LYS C 92 -34.14 -43.73 -57.82
C LYS C 92 -32.73 -43.12 -57.77
N PHE C 93 -31.74 -43.96 -57.47
CA PHE C 93 -30.34 -43.56 -57.52
C PHE C 93 -29.63 -44.19 -58.70
N SER C 94 -29.62 -45.52 -58.77
CA SER C 94 -28.82 -46.22 -59.76
C SER C 94 -29.42 -46.19 -61.15
N GLN C 95 -30.73 -45.94 -61.28
CA GLN C 95 -31.35 -46.01 -62.60
C GLN C 95 -31.13 -44.75 -63.41
N LEU C 96 -30.73 -43.64 -62.77
CA LEU C 96 -30.50 -42.40 -63.48
C LEU C 96 -29.12 -41.81 -63.24
N LEU C 97 -28.35 -42.34 -62.30
CA LEU C 97 -26.97 -41.90 -62.09
C LEU C 97 -25.94 -42.99 -62.34
N GLY C 98 -26.32 -44.27 -62.19
CA GLY C 98 -25.39 -45.35 -62.50
C GLY C 98 -25.31 -45.71 -63.96
N THR C 99 -26.28 -45.28 -64.77
CA THR C 99 -26.34 -45.63 -66.19
C THR C 99 -26.02 -44.45 -67.10
N SER C 100 -25.36 -43.42 -66.60
CA SER C 100 -25.05 -42.25 -67.41
C SER C 100 -23.70 -42.43 -68.09
N GLU C 101 -23.19 -41.33 -68.67
CA GLU C 101 -21.90 -41.35 -69.33
C GLU C 101 -20.73 -41.34 -68.36
N ASN C 102 -20.88 -40.67 -67.20
CA ASN C 102 -19.82 -40.59 -66.20
C ASN C 102 -20.32 -41.11 -64.84
N PRO C 103 -20.31 -42.44 -64.62
CA PRO C 103 -20.43 -42.99 -63.28
C PRO C 103 -19.41 -42.63 -62.20
N ARG C 104 -18.42 -41.81 -62.45
CA ARG C 104 -17.42 -41.51 -61.44
C ARG C 104 -17.97 -40.58 -60.37
N LEU C 105 -17.60 -40.84 -59.11
CA LEU C 105 -18.00 -40.01 -57.98
C LEU C 105 -17.02 -40.23 -56.83
N VAL C 106 -16.87 -39.20 -55.99
CA VAL C 106 -15.90 -39.20 -54.90
C VAL C 106 -16.65 -38.91 -53.59
N ALA C 107 -16.34 -39.70 -52.56
CA ALA C 107 -16.98 -39.59 -51.26
C ALA C 107 -15.98 -39.07 -50.24
N LYS C 108 -16.36 -38.00 -49.53
CA LYS C 108 -15.47 -37.34 -48.57
C LYS C 108 -16.11 -37.30 -47.20
N THR C 109 -15.30 -37.54 -46.17
CA THR C 109 -15.66 -37.36 -44.77
C THR C 109 -14.82 -36.24 -44.20
N ILE C 110 -15.48 -35.26 -43.57
CA ILE C 110 -14.81 -34.15 -42.91
C ILE C 110 -15.19 -34.19 -41.43
N ILE C 111 -14.18 -34.08 -40.57
CA ILE C 111 -14.37 -34.15 -39.13
C ILE C 111 -14.03 -32.78 -38.54
N GLY C 112 -14.97 -32.20 -37.79
CA GLY C 112 -14.72 -31.00 -37.04
C GLY C 112 -14.66 -31.32 -35.56
N TYR C 113 -13.52 -30.99 -34.95
CA TYR C 113 -13.24 -31.33 -33.56
C TYR C 113 -12.99 -30.06 -32.76
N CYS C 114 -13.56 -30.01 -31.56
CA CYS C 114 -13.35 -28.89 -30.64
C CYS C 114 -12.74 -29.43 -29.36
N ASP C 115 -11.60 -28.86 -28.97
CA ASP C 115 -10.89 -29.25 -27.75
C ASP C 115 -11.21 -28.34 -26.58
N SER C 116 -12.38 -27.67 -26.63
CA SER C 116 -12.88 -26.60 -25.77
C SER C 116 -12.06 -25.32 -25.83
N MET C 117 -11.11 -25.21 -26.75
CA MET C 117 -10.37 -23.98 -26.98
C MET C 117 -10.35 -23.57 -28.45
N LYS C 118 -10.25 -24.50 -29.39
CA LYS C 118 -10.13 -24.24 -30.80
C LYS C 118 -10.82 -25.22 -31.63
N ILE C 119 -10.85 -25.01 -32.90
CA ILE C 119 -11.59 -25.84 -33.84
C ILE C 119 -10.60 -26.46 -34.82
N TYR C 120 -10.63 -27.79 -34.92
CA TYR C 120 -9.68 -28.53 -35.74
C TYR C 120 -10.45 -29.33 -36.78
N ILE C 121 -10.01 -29.23 -38.04
CA ILE C 121 -10.72 -29.81 -39.16
C ILE C 121 -9.83 -30.87 -39.82
N PHE C 122 -10.32 -32.10 -39.89
CA PHE C 122 -9.63 -33.22 -40.51
C PHE C 122 -10.52 -33.84 -41.56
N GLU C 123 -9.94 -34.22 -42.70
CA GLU C 123 -10.74 -34.72 -43.81
C GLU C 123 -10.03 -35.85 -44.52
N GLY C 124 -10.83 -36.69 -45.18
CA GLY C 124 -10.31 -37.78 -46.00
C GLY C 124 -11.28 -38.10 -47.12
N GLU C 125 -10.74 -38.67 -48.19
CA GLU C 125 -11.53 -38.92 -49.39
C GLU C 125 -11.14 -40.25 -50.03
N THR C 126 -12.14 -40.92 -50.60
CA THR C 126 -11.92 -42.01 -51.54
C THR C 126 -12.73 -41.74 -52.81
N GLN C 127 -12.19 -42.17 -53.94
CA GLN C 127 -12.88 -42.09 -55.21
C GLN C 127 -13.56 -43.42 -55.50
N GLY C 128 -14.55 -43.39 -56.38
CA GLY C 128 -15.29 -44.60 -56.65
C GLY C 128 -16.25 -44.45 -57.80
N THR C 129 -17.17 -45.41 -57.89
CA THR C 129 -18.09 -45.55 -59.00
C THR C 129 -19.47 -45.92 -58.46
N ILE C 130 -20.52 -45.41 -59.09
CA ILE C 130 -21.89 -45.74 -58.69
C ILE C 130 -22.30 -47.03 -59.40
N SER C 131 -22.88 -47.97 -58.63
CA SER C 131 -23.31 -49.24 -59.20
C SER C 131 -24.54 -49.03 -60.07
N PRO C 132 -24.68 -49.80 -61.16
CA PRO C 132 -25.94 -49.76 -61.92
C PRO C 132 -27.07 -50.48 -61.21
N VAL C 133 -26.75 -51.43 -60.34
CA VAL C 133 -27.74 -52.17 -59.55
C VAL C 133 -27.31 -52.17 -58.10
N PRO C 134 -28.23 -51.81 -57.19
CA PRO C 134 -27.93 -51.91 -55.74
C PRO C 134 -27.62 -53.33 -55.31
N LYS C 135 -26.58 -53.47 -54.49
CA LYS C 135 -25.97 -54.77 -54.25
C LYS C 135 -25.50 -54.85 -52.81
N GLY C 136 -25.92 -55.89 -52.11
CA GLY C 136 -25.50 -56.11 -50.74
C GLY C 136 -26.59 -55.80 -49.74
N PRO C 137 -26.23 -55.75 -48.45
CA PRO C 137 -27.21 -55.36 -47.43
C PRO C 137 -27.57 -53.89 -47.54
N ARG C 138 -28.76 -53.55 -47.01
CA ARG C 138 -29.30 -52.22 -47.17
C ARG C 138 -29.64 -51.60 -45.81
N ASP C 139 -28.71 -51.69 -44.87
CA ASP C 139 -28.91 -51.17 -43.53
C ASP C 139 -28.08 -49.94 -43.23
N PHE C 140 -27.17 -49.54 -44.13
CA PHE C 140 -26.36 -48.33 -43.93
C PHE C 140 -26.34 -47.38 -45.11
N GLN C 141 -27.50 -46.99 -45.59
CA GLN C 141 -27.56 -45.98 -46.64
C GLN C 141 -26.77 -46.31 -47.90
N TRP C 142 -26.13 -45.31 -48.49
CA TRP C 142 -25.44 -45.54 -49.76
C TRP C 142 -24.23 -46.47 -49.75
N ASP C 143 -24.17 -47.45 -48.85
CA ASP C 143 -23.10 -48.45 -48.89
C ASP C 143 -23.37 -49.51 -49.95
N CYS C 144 -24.65 -49.81 -50.22
CA CYS C 144 -25.01 -50.84 -51.17
C CYS C 144 -24.90 -50.40 -52.63
N ILE C 145 -24.64 -49.11 -52.88
CA ILE C 145 -24.54 -48.59 -54.24
C ILE C 145 -23.15 -48.05 -54.56
N PHE C 146 -22.23 -48.02 -53.60
CA PHE C 146 -20.93 -47.37 -53.77
C PHE C 146 -19.88 -48.43 -54.06
N ILE C 147 -19.44 -48.51 -55.31
CA ILE C 147 -18.30 -49.31 -55.72
C ILE C 147 -17.05 -48.43 -55.56
N PRO C 148 -16.09 -48.80 -54.71
CA PRO C 148 -14.83 -48.05 -54.66
C PRO C 148 -13.98 -48.33 -55.89
N ASP C 149 -13.03 -47.42 -56.15
CA ASP C 149 -12.16 -47.55 -57.31
C ASP C 149 -11.15 -48.67 -57.10
N GLY C 150 -10.99 -49.51 -58.13
CA GLY C 150 -10.13 -50.67 -58.03
C GLY C 150 -10.78 -51.88 -57.39
N GLU C 151 -12.11 -51.89 -57.26
CA GLU C 151 -12.82 -53.01 -56.66
C GLU C 151 -14.09 -53.27 -57.45
N SER C 152 -14.68 -54.45 -57.20
CA SER C 152 -15.93 -54.83 -57.84
C SER C 152 -17.03 -55.14 -56.82
N GLU C 153 -16.78 -54.86 -55.55
CA GLU C 153 -17.75 -55.12 -54.48
C GLU C 153 -18.12 -53.80 -53.83
N THR C 154 -19.40 -53.64 -53.49
CA THR C 154 -19.87 -52.46 -52.79
C THR C 154 -19.39 -52.50 -51.34
N PHE C 155 -19.51 -51.35 -50.66
CA PHE C 155 -19.02 -51.24 -49.28
C PHE C 155 -19.91 -52.02 -48.31
N ALA C 156 -21.18 -52.21 -48.66
CA ALA C 156 -22.04 -53.06 -47.84
C ALA C 156 -21.73 -54.53 -48.04
N GLU C 157 -21.43 -54.93 -49.28
CA GLU C 157 -21.18 -56.34 -49.58
C GLU C 157 -19.79 -56.77 -49.12
N MET C 158 -18.83 -55.85 -49.07
CA MET C 158 -17.46 -56.21 -48.73
C MET C 158 -17.30 -56.49 -47.24
N GLY C 159 -18.23 -56.02 -46.41
CA GLY C 159 -18.29 -56.42 -45.03
C GLY C 159 -17.48 -55.54 -44.10
N ASP C 160 -16.79 -56.20 -43.18
CA ASP C 160 -16.05 -55.51 -42.13
C ASP C 160 -14.73 -54.94 -42.62
N ARG C 161 -14.28 -55.30 -43.82
CA ARG C 161 -13.07 -54.71 -44.39
C ARG C 161 -13.33 -53.40 -45.10
N LYS C 162 -14.50 -52.81 -44.88
CA LYS C 162 -14.75 -51.49 -45.43
C LYS C 162 -14.05 -50.48 -44.52
N ASN C 163 -13.94 -50.81 -43.22
CA ASN C 163 -13.24 -49.94 -42.29
C ASN C 163 -11.73 -50.20 -42.27
N GLU C 164 -11.10 -50.26 -43.43
CA GLU C 164 -9.65 -50.19 -43.58
C GLU C 164 -9.19 -49.33 -44.73
N ILE C 165 -10.06 -48.98 -45.68
CA ILE C 165 -9.68 -48.23 -46.87
C ILE C 165 -10.63 -47.05 -47.06
N SER C 166 -11.65 -46.98 -46.22
CA SER C 166 -12.71 -45.98 -46.39
C SER C 166 -12.21 -44.59 -46.01
N MET C 167 -12.91 -43.57 -46.50
CA MET C 167 -12.49 -42.18 -46.26
C MET C 167 -12.64 -41.79 -44.81
N ARG C 168 -13.70 -42.24 -44.17
CA ARG C 168 -13.88 -41.99 -42.75
C ARG C 168 -12.66 -42.52 -42.03
N LYS C 169 -12.16 -43.67 -42.45
CA LYS C 169 -10.96 -44.24 -41.82
C LYS C 169 -9.76 -43.30 -41.96
N LYS C 170 -9.45 -42.87 -43.18
CA LYS C 170 -8.37 -41.91 -43.40
C LYS C 170 -8.55 -40.65 -42.54
N ALA C 171 -9.78 -40.14 -42.48
CA ALA C 171 -10.06 -38.95 -41.66
C ALA C 171 -9.87 -39.24 -40.18
N PHE C 172 -10.30 -40.41 -39.72
CA PHE C 172 -10.10 -40.77 -38.32
C PHE C 172 -8.68 -41.22 -38.02
N ASP C 173 -7.90 -41.60 -39.04
CA ASP C 173 -6.49 -41.84 -38.82
C ASP C 173 -5.74 -40.54 -38.59
N LYS C 174 -6.09 -39.49 -39.35
CA LYS C 174 -5.52 -38.17 -39.07
C LYS C 174 -6.02 -37.62 -37.73
N PHE C 175 -7.28 -37.88 -37.39
CA PHE C 175 -7.82 -37.50 -36.08
C PHE C 175 -7.13 -38.24 -34.94
N LYS C 176 -6.87 -39.53 -35.12
CA LYS C 176 -6.16 -40.34 -34.13
C LYS C 176 -4.70 -39.90 -33.98
N GLU C 177 -4.08 -39.52 -35.11
CA GLU C 177 -2.71 -39.00 -35.09
C GLU C 177 -2.63 -37.69 -34.32
N TYR C 178 -3.65 -36.84 -34.48
CA TYR C 178 -3.68 -35.61 -33.68
C TYR C 178 -3.96 -35.90 -32.21
N LEU C 179 -4.85 -36.84 -31.93
CA LEU C 179 -5.28 -37.05 -30.55
C LEU C 179 -4.21 -37.76 -29.71
N LEU C 180 -3.38 -38.59 -30.35
CA LEU C 180 -2.25 -39.15 -29.61
C LEU C 180 -0.98 -38.31 -29.76
N GLU C 181 -0.92 -37.39 -30.73
CA GLU C 181 0.24 -36.52 -30.80
C GLU C 181 0.18 -35.39 -29.77
N GLY C 182 -0.99 -35.11 -29.20
CA GLY C 182 -1.16 -34.09 -28.19
C GLY C 182 -2.05 -32.96 -28.70
N GLY C 183 -2.32 -32.03 -27.78
CA GLY C 183 -3.13 -30.88 -28.10
C GLY C 183 -2.34 -29.76 -28.74
N LYS C 184 -1.86 -29.99 -29.96
CA LYS C 184 -0.95 -29.05 -30.62
C LYS C 184 -1.69 -28.07 -31.53
N MET D 1 -47.40 0.90 -46.31
CA MET D 1 -46.60 0.09 -45.39
C MET D 1 -45.16 -0.03 -45.90
N ASN D 2 -44.21 0.25 -45.02
CA ASN D 2 -42.79 0.23 -45.36
C ASN D 2 -42.17 -1.05 -44.79
N ILE D 3 -42.03 -2.06 -45.64
CA ILE D 3 -41.59 -3.39 -45.22
C ILE D 3 -40.29 -3.67 -45.97
N ARG D 4 -39.32 -4.28 -45.28
CA ARG D 4 -38.01 -4.56 -45.85
C ARG D 4 -37.92 -6.00 -46.32
N PHE D 5 -36.94 -6.28 -47.18
CA PHE D 5 -36.77 -7.59 -47.79
C PHE D 5 -35.29 -7.93 -47.86
N ILE D 6 -34.93 -9.12 -47.38
CA ILE D 6 -33.56 -9.61 -47.42
C ILE D 6 -33.51 -10.84 -48.32
N THR D 7 -32.59 -10.82 -49.29
CA THR D 7 -32.51 -11.91 -50.25
C THR D 7 -31.10 -11.96 -50.84
N ARG D 8 -30.89 -12.85 -51.79
CA ARG D 8 -29.66 -12.84 -52.51
C ARG D 8 -30.03 -12.65 -53.95
N ASN D 9 -31.12 -13.21 -54.41
CA ASN D 9 -31.49 -13.12 -55.81
C ASN D 9 -31.75 -11.68 -56.11
N ARG D 10 -31.18 -11.18 -57.20
CA ARG D 10 -31.47 -9.81 -57.58
C ARG D 10 -32.74 -9.70 -58.42
N HIS D 11 -33.04 -10.72 -59.23
CA HIS D 11 -34.23 -10.67 -60.07
C HIS D 11 -35.50 -10.91 -59.27
N LYS D 12 -35.37 -11.54 -58.10
CA LYS D 12 -36.47 -11.68 -57.17
C LYS D 12 -36.97 -10.33 -56.68
N ILE D 13 -36.05 -9.39 -56.48
CA ILE D 13 -36.38 -8.02 -56.08
C ILE D 13 -37.22 -7.32 -57.14
N LYS D 14 -36.84 -7.49 -58.41
CA LYS D 14 -37.59 -6.86 -59.50
C LYS D 14 -38.95 -7.52 -59.72
N GLU D 15 -39.04 -8.84 -59.51
CA GLU D 15 -40.34 -9.51 -59.58
C GLU D 15 -41.28 -9.06 -58.48
N ILE D 16 -40.78 -8.94 -57.25
CA ILE D 16 -41.61 -8.52 -56.13
C ILE D 16 -42.00 -7.04 -56.27
N ASN D 17 -41.09 -6.23 -56.83
CA ASN D 17 -41.39 -4.82 -57.05
C ASN D 17 -42.42 -4.64 -58.17
N LYS D 18 -42.34 -5.45 -59.23
CA LYS D 18 -43.31 -5.34 -60.32
C LYS D 18 -44.67 -5.92 -59.92
N ILE D 19 -44.68 -6.93 -59.05
CA ILE D 19 -45.95 -7.49 -58.58
C ILE D 19 -46.64 -6.52 -57.62
N LEU D 20 -45.89 -5.93 -56.70
CA LEU D 20 -46.46 -5.02 -55.71
C LEU D 20 -46.48 -3.57 -56.18
N SER D 21 -46.36 -3.33 -57.48
CA SER D 21 -46.34 -1.97 -58.00
C SER D 21 -47.75 -1.38 -57.99
N GLY D 22 -47.87 -0.16 -57.46
CA GLY D 22 -49.14 0.52 -57.39
C GLY D 22 -50.06 0.09 -56.26
N THR D 23 -49.61 -0.83 -55.40
CA THR D 23 -50.44 -1.30 -54.29
C THR D 23 -50.57 -0.29 -53.16
N GLY D 24 -49.50 0.43 -52.85
CA GLY D 24 -49.49 1.32 -51.70
C GLY D 24 -48.36 0.98 -50.76
N VAL D 25 -48.07 -0.32 -50.63
CA VAL D 25 -46.90 -0.76 -49.87
C VAL D 25 -45.66 -0.60 -50.73
N VAL D 26 -44.52 -0.42 -50.09
CA VAL D 26 -43.23 -0.34 -50.78
C VAL D 26 -42.28 -1.31 -50.11
N VAL D 27 -41.25 -1.73 -50.85
CA VAL D 27 -40.29 -2.71 -50.40
C VAL D 27 -38.90 -2.08 -50.47
N LEU D 28 -38.20 -2.07 -49.34
CA LEU D 28 -36.80 -1.63 -49.28
C LEU D 28 -35.93 -2.88 -49.23
N ALA D 29 -35.61 -3.38 -50.42
CA ALA D 29 -34.89 -4.64 -50.53
C ALA D 29 -33.40 -4.44 -50.27
N SER D 30 -32.79 -5.44 -49.63
CA SER D 30 -31.36 -5.45 -49.35
C SER D 30 -30.82 -6.82 -49.71
N GLU D 31 -29.52 -6.87 -50.01
CA GLU D 31 -28.86 -8.10 -50.44
C GLU D 31 -27.88 -8.55 -49.36
N HIS D 32 -28.13 -9.72 -48.79
CA HIS D 32 -27.25 -10.27 -47.77
C HIS D 32 -26.89 -11.74 -47.94
N SER D 33 -27.71 -12.52 -48.67
CA SER D 33 -27.52 -13.95 -48.95
C SER D 33 -27.47 -14.78 -47.66
N ILE D 34 -28.62 -14.80 -46.97
CA ILE D 34 -28.75 -15.56 -45.74
C ILE D 34 -28.79 -17.05 -46.08
N ASP D 35 -27.93 -17.83 -45.43
CA ASP D 35 -27.91 -19.27 -45.61
C ASP D 35 -29.11 -19.93 -44.93
N GLU D 36 -29.59 -21.01 -45.53
CA GLU D 36 -30.70 -21.71 -44.94
C GLU D 36 -30.22 -22.97 -44.28
N ILE D 37 -31.15 -23.74 -43.75
CA ILE D 37 -30.81 -24.99 -43.08
C ILE D 37 -31.33 -26.16 -43.91
N GLN D 38 -30.72 -27.31 -43.75
CA GLN D 38 -31.11 -28.43 -44.56
C GLN D 38 -32.21 -29.17 -43.86
N THR D 39 -33.43 -28.66 -43.97
CA THR D 39 -34.56 -29.33 -43.35
C THR D 39 -35.68 -29.59 -44.32
N GLU D 40 -36.54 -30.53 -43.98
CA GLU D 40 -37.64 -30.87 -44.85
C GLU D 40 -38.77 -29.92 -44.55
N ASN D 41 -38.99 -29.64 -43.27
CA ASN D 41 -40.04 -28.71 -42.89
C ASN D 41 -39.71 -27.36 -43.45
N VAL D 42 -40.61 -26.80 -44.25
CA VAL D 42 -40.37 -25.47 -44.78
C VAL D 42 -40.84 -24.38 -43.82
N HIS D 43 -41.67 -24.73 -42.84
CA HIS D 43 -42.07 -23.75 -41.82
C HIS D 43 -40.90 -23.40 -40.91
N ALA D 44 -40.13 -24.40 -40.49
CA ALA D 44 -38.92 -24.15 -39.70
C ALA D 44 -37.84 -23.49 -40.54
N LEU D 45 -37.76 -23.86 -41.83
CA LEU D 45 -36.78 -23.29 -42.73
C LEU D 45 -37.08 -21.83 -43.05
N ILE D 46 -38.35 -21.44 -43.06
CA ILE D 46 -38.64 -20.02 -43.23
C ILE D 46 -38.58 -19.30 -41.89
N LYS D 47 -38.80 -20.02 -40.78
CA LYS D 47 -38.81 -19.38 -39.46
C LYS D 47 -37.42 -18.98 -39.02
N ASP D 48 -36.43 -19.85 -39.23
CA ASP D 48 -35.07 -19.49 -38.81
C ASP D 48 -34.44 -18.47 -39.76
N LYS D 49 -34.83 -18.48 -41.03
CA LYS D 49 -34.30 -17.51 -41.97
C LYS D 49 -34.91 -16.13 -41.71
N LEU D 50 -36.19 -16.08 -41.35
CA LEU D 50 -36.79 -14.82 -40.91
C LEU D 50 -36.22 -14.36 -39.57
N LEU D 51 -35.82 -15.31 -38.71
CA LEU D 51 -35.12 -14.96 -37.48
C LEU D 51 -33.76 -14.32 -37.76
N LYS D 52 -33.01 -14.86 -38.72
CA LYS D 52 -31.71 -14.29 -39.08
C LYS D 52 -31.88 -12.93 -39.75
N ALA D 53 -32.94 -12.75 -40.54
CA ALA D 53 -33.19 -11.46 -41.16
C ALA D 53 -33.64 -10.42 -40.15
N PHE D 54 -34.42 -10.84 -39.14
CA PHE D 54 -34.83 -9.91 -38.10
C PHE D 54 -33.67 -9.57 -37.17
N LYS D 55 -32.74 -10.51 -36.98
CA LYS D 55 -31.51 -10.20 -36.27
C LYS D 55 -30.63 -9.26 -37.08
N LEU D 56 -30.72 -9.33 -38.41
CA LEU D 56 -29.98 -8.40 -39.26
C LEU D 56 -30.60 -7.01 -39.31
N VAL D 57 -31.93 -6.90 -39.25
CA VAL D 57 -32.59 -5.63 -39.51
C VAL D 57 -33.18 -5.05 -38.24
N GLY D 58 -34.06 -5.79 -37.57
CA GLY D 58 -34.73 -5.31 -36.39
C GLY D 58 -35.95 -4.46 -36.65
N ARG D 59 -36.34 -4.28 -37.90
CA ARG D 59 -37.54 -3.57 -38.34
C ARG D 59 -38.47 -4.59 -38.94
N PRO D 60 -39.75 -4.25 -39.28
CA PRO D 60 -40.60 -5.20 -40.04
C PRO D 60 -40.04 -5.63 -41.39
N VAL D 61 -39.81 -6.93 -41.53
CA VAL D 61 -39.10 -7.50 -42.67
C VAL D 61 -39.80 -8.81 -43.05
N PHE D 62 -39.97 -9.04 -44.36
CA PHE D 62 -40.49 -10.31 -44.86
C PHE D 62 -39.37 -11.04 -45.59
N VAL D 63 -39.52 -12.38 -45.67
CA VAL D 63 -38.56 -13.27 -46.29
C VAL D 63 -39.31 -14.27 -47.15
N GLU D 64 -38.88 -14.38 -48.41
CA GLU D 64 -39.44 -15.31 -49.37
C GLU D 64 -38.52 -16.52 -49.54
N HIS D 65 -39.12 -17.68 -49.81
CA HIS D 65 -38.39 -18.87 -50.25
C HIS D 65 -39.19 -19.56 -51.33
N THR D 66 -38.51 -20.07 -52.41
CA THR D 66 -39.14 -20.74 -53.58
C THR D 66 -38.62 -22.09 -53.86
N GLY D 67 -39.45 -23.12 -53.81
CA GLY D 67 -39.03 -24.50 -53.91
C GLY D 67 -39.75 -25.25 -55.02
N LEU D 68 -38.96 -25.96 -55.81
CA LEU D 68 -39.44 -26.93 -56.80
C LEU D 68 -39.58 -28.29 -56.12
N TYR D 69 -40.63 -29.03 -56.47
CA TYR D 69 -40.87 -30.35 -55.89
C TYR D 69 -41.10 -31.34 -57.03
N ILE D 70 -40.06 -32.07 -57.39
CA ILE D 70 -40.11 -33.02 -58.50
C ILE D 70 -40.80 -34.29 -58.03
N GLU D 71 -41.90 -34.66 -58.69
CA GLU D 71 -42.66 -35.84 -58.29
C GLU D 71 -41.94 -37.13 -58.67
N SER D 72 -41.10 -37.07 -59.71
CA SER D 72 -40.30 -38.24 -60.08
C SER D 72 -39.20 -38.50 -59.07
N LEU D 73 -38.69 -37.44 -58.43
CA LEU D 73 -37.64 -37.55 -57.44
C LEU D 73 -38.17 -37.71 -56.02
N ASN D 74 -39.42 -38.18 -55.89
CA ASN D 74 -40.12 -38.44 -54.63
C ASN D 74 -40.23 -37.16 -53.79
N GLY D 75 -40.41 -36.03 -54.45
CA GLY D 75 -40.48 -34.73 -53.77
C GLY D 75 -39.19 -34.32 -53.13
N PHE D 76 -38.06 -34.47 -53.82
CA PHE D 76 -36.76 -34.20 -53.22
C PHE D 76 -36.52 -32.71 -52.91
N PRO D 77 -36.54 -31.75 -53.89
CA PRO D 77 -36.08 -30.41 -53.51
C PRO D 77 -37.18 -29.63 -52.80
N GLY D 78 -36.94 -28.35 -52.57
CA GLY D 78 -37.87 -27.54 -51.80
C GLY D 78 -37.22 -27.20 -50.49
N GLY D 79 -36.66 -26.01 -50.41
CA GLY D 79 -35.78 -25.64 -49.34
C GLY D 79 -34.33 -25.63 -49.76
N LEU D 80 -33.99 -26.46 -50.74
CA LEU D 80 -32.60 -26.61 -51.20
C LEU D 80 -32.53 -26.71 -52.72
N THR D 81 -33.35 -25.92 -53.40
CA THR D 81 -33.33 -25.93 -54.86
C THR D 81 -32.19 -25.08 -55.37
N GLN D 82 -31.75 -24.13 -54.57
CA GLN D 82 -30.66 -23.25 -54.98
C GLN D 82 -29.40 -24.04 -55.34
N ILE D 83 -28.88 -24.81 -54.40
CA ILE D 83 -27.65 -25.57 -54.65
C ILE D 83 -27.84 -26.49 -55.85
N PHE D 84 -29.05 -27.05 -56.00
CA PHE D 84 -29.44 -27.89 -57.15
C PHE D 84 -29.26 -27.15 -58.48
N TRP D 85 -29.85 -25.96 -58.57
CA TRP D 85 -29.73 -25.16 -59.78
C TRP D 85 -28.33 -24.61 -59.97
N ASP D 86 -27.65 -24.28 -58.87
CA ASP D 86 -26.31 -23.68 -58.98
C ASP D 86 -25.28 -24.72 -59.38
N LYS D 87 -25.62 -25.99 -59.21
CA LYS D 87 -24.67 -27.04 -59.55
C LYS D 87 -24.92 -27.66 -60.92
N LEU D 88 -26.16 -28.01 -61.24
CA LEU D 88 -26.36 -28.73 -62.50
C LEU D 88 -26.99 -27.90 -63.62
N GLN D 89 -27.50 -26.71 -63.33
CA GLN D 89 -28.02 -25.69 -64.26
C GLN D 89 -29.15 -26.27 -65.12
N ALA D 90 -29.28 -25.78 -66.35
CA ALA D 90 -30.30 -26.23 -67.29
C ALA D 90 -29.86 -27.38 -68.18
N ASP D 91 -28.55 -27.55 -68.37
CA ASP D 91 -28.04 -28.58 -69.26
C ASP D 91 -28.23 -29.97 -68.67
N LYS D 92 -27.98 -30.12 -67.37
CA LYS D 92 -28.12 -31.40 -66.70
C LYS D 92 -29.43 -31.46 -65.89
N PHE D 93 -30.43 -30.73 -66.36
CA PHE D 93 -31.77 -30.78 -65.78
C PHE D 93 -32.73 -31.52 -66.69
N SER D 94 -32.90 -31.05 -67.93
CA SER D 94 -33.93 -31.56 -68.80
C SER D 94 -33.57 -32.91 -69.41
N GLN D 95 -32.29 -33.26 -69.46
CA GLN D 95 -31.91 -34.50 -70.13
C GLN D 95 -32.13 -35.73 -69.27
N LEU D 96 -32.29 -35.55 -67.95
CA LEU D 96 -32.50 -36.67 -67.05
C LEU D 96 -33.74 -36.55 -66.19
N LEU D 97 -34.40 -35.39 -66.18
CA LEU D 97 -35.66 -35.23 -65.48
C LEU D 97 -36.84 -34.89 -66.38
N GLY D 98 -36.58 -34.28 -67.55
CA GLY D 98 -37.66 -34.02 -68.50
C GLY D 98 -38.02 -35.19 -69.38
N THR D 99 -37.17 -36.21 -69.45
CA THR D 99 -37.38 -37.36 -70.33
C THR D 99 -37.71 -38.63 -69.56
N SER D 100 -38.17 -38.52 -68.31
CA SER D 100 -38.48 -39.70 -67.52
C SER D 100 -39.94 -40.09 -67.71
N GLU D 101 -40.41 -41.01 -66.85
CA GLU D 101 -41.80 -41.46 -66.92
C GLU D 101 -42.77 -40.46 -66.33
N ASN D 102 -42.36 -39.70 -65.30
CA ASN D 102 -43.22 -38.70 -64.66
C ASN D 102 -42.56 -37.32 -64.69
N PRO D 103 -42.66 -36.57 -65.82
CA PRO D 103 -42.38 -35.15 -65.83
C PRO D 103 -43.16 -34.20 -64.91
N ARG D 104 -44.09 -34.66 -64.07
CA ARG D 104 -44.86 -33.73 -63.25
C ARG D 104 -44.04 -33.21 -62.08
N LEU D 105 -44.21 -31.93 -61.78
CA LEU D 105 -43.54 -31.28 -60.65
C LEU D 105 -44.33 -30.04 -60.24
N VAL D 106 -44.23 -29.69 -58.96
CA VAL D 106 -44.98 -28.59 -58.37
C VAL D 106 -44.01 -27.60 -57.74
N ALA D 107 -44.23 -26.31 -58.00
CA ALA D 107 -43.37 -25.24 -57.51
C ALA D 107 -44.12 -24.42 -56.47
N LYS D 108 -43.51 -24.25 -55.30
CA LYS D 108 -44.14 -23.55 -54.18
C LYS D 108 -43.27 -22.39 -53.71
N THR D 109 -43.93 -21.27 -53.41
CA THR D 109 -43.31 -20.12 -52.77
C THR D 109 -43.91 -19.96 -51.39
N ILE D 110 -43.06 -19.87 -50.37
CA ILE D 110 -43.48 -19.64 -49.00
C ILE D 110 -42.86 -18.33 -48.52
N ILE D 111 -43.70 -17.47 -47.92
CA ILE D 111 -43.28 -16.16 -47.45
C ILE D 111 -43.36 -16.15 -45.93
N GLY D 112 -42.25 -15.81 -45.27
CA GLY D 112 -42.23 -15.59 -43.85
C GLY D 112 -42.08 -14.10 -43.57
N TYR D 113 -43.05 -13.56 -42.83
CA TYR D 113 -43.12 -12.13 -42.56
C TYR D 113 -43.09 -11.90 -41.06
N CYS D 114 -42.34 -10.89 -40.64
CA CYS D 114 -42.25 -10.49 -39.24
C CYS D 114 -42.70 -9.04 -39.12
N ASP D 115 -43.69 -8.79 -38.27
CA ASP D 115 -44.22 -7.45 -38.03
C ASP D 115 -43.61 -6.79 -36.81
N SER D 116 -42.40 -7.24 -36.42
CA SER D 116 -41.64 -6.95 -35.19
C SER D 116 -42.32 -7.43 -33.92
N MET D 117 -43.39 -8.21 -34.02
CA MET D 117 -44.02 -8.84 -32.86
C MET D 117 -44.24 -10.33 -33.06
N LYS D 118 -44.65 -10.75 -34.25
CA LYS D 118 -45.02 -12.13 -34.50
C LYS D 118 -44.47 -12.56 -35.85
N ILE D 119 -44.66 -13.84 -36.17
CA ILE D 119 -44.18 -14.44 -37.41
C ILE D 119 -45.39 -14.95 -38.18
N TYR D 120 -45.53 -14.51 -39.43
CA TYR D 120 -46.68 -14.85 -40.26
C TYR D 120 -46.19 -15.56 -41.52
N ILE D 121 -46.82 -16.69 -41.84
CA ILE D 121 -46.38 -17.56 -42.92
C ILE D 121 -47.47 -17.62 -43.97
N PHE D 122 -47.14 -17.23 -45.20
CA PHE D 122 -48.05 -17.27 -46.34
C PHE D 122 -47.41 -18.07 -47.47
N GLU D 123 -48.22 -18.88 -48.15
CA GLU D 123 -47.68 -19.78 -49.15
C GLU D 123 -48.62 -19.88 -50.34
N GLY D 124 -48.04 -20.23 -51.50
CA GLY D 124 -48.82 -20.46 -52.70
C GLY D 124 -48.09 -21.46 -53.59
N GLU D 125 -48.87 -22.14 -54.44
CA GLU D 125 -48.31 -23.21 -55.26
C GLU D 125 -48.95 -23.21 -56.64
N THR D 126 -48.15 -23.56 -57.65
CA THR D 126 -48.63 -23.96 -58.96
C THR D 126 -48.02 -25.30 -59.34
N GLN D 127 -48.80 -26.10 -60.07
CA GLN D 127 -48.33 -27.37 -60.60
C GLN D 127 -47.86 -27.16 -62.04
N GLY D 128 -47.03 -28.08 -62.52
CA GLY D 128 -46.48 -27.91 -63.84
C GLY D 128 -45.72 -29.13 -64.31
N THR D 129 -44.94 -28.91 -65.37
CA THR D 129 -44.24 -29.97 -66.09
C THR D 129 -42.85 -29.47 -66.45
N ILE D 130 -41.86 -30.37 -66.40
CA ILE D 130 -40.49 -30.03 -66.79
C ILE D 130 -40.35 -30.18 -68.30
N SER D 131 -39.77 -29.17 -68.95
CA SER D 131 -39.58 -29.22 -70.39
C SER D 131 -38.49 -30.24 -70.75
N PRO D 132 -38.62 -30.93 -71.89
CA PRO D 132 -37.52 -31.76 -72.36
C PRO D 132 -36.37 -30.95 -72.94
N VAL D 133 -36.64 -29.74 -73.40
CA VAL D 133 -35.62 -28.84 -73.93
C VAL D 133 -35.79 -27.47 -73.30
N PRO D 134 -34.70 -26.89 -72.78
CA PRO D 134 -34.75 -25.52 -72.26
C PRO D 134 -35.14 -24.51 -73.34
N LYS D 135 -36.04 -23.59 -72.97
CA LYS D 135 -36.75 -22.78 -73.95
C LYS D 135 -36.97 -21.39 -73.39
N GLY D 136 -36.56 -20.37 -74.13
CA GLY D 136 -36.76 -18.99 -73.74
C GLY D 136 -35.49 -18.33 -73.25
N PRO D 137 -35.62 -17.15 -72.65
CA PRO D 137 -34.45 -16.48 -72.06
C PRO D 137 -33.94 -17.22 -70.83
N ARG D 138 -32.66 -17.01 -70.53
CA ARG D 138 -32.01 -17.76 -69.46
C ARG D 138 -31.38 -16.82 -68.44
N ASP D 139 -32.14 -15.82 -68.00
CA ASP D 139 -31.65 -14.84 -67.04
C ASP D 139 -32.28 -14.98 -65.67
N PHE D 140 -33.28 -15.85 -65.50
CA PHE D 140 -33.91 -16.08 -64.19
C PHE D 140 -34.03 -17.52 -63.79
N GLN D 141 -32.92 -18.25 -63.81
CA GLN D 141 -32.93 -19.62 -63.30
C GLN D 141 -33.95 -20.55 -63.96
N TRP D 142 -34.57 -21.41 -63.18
CA TRP D 142 -35.49 -22.40 -63.75
C TRP D 142 -36.77 -21.88 -64.39
N ASP D 143 -36.79 -20.66 -64.92
CA ASP D 143 -37.94 -20.17 -65.67
C ASP D 143 -37.98 -20.73 -67.08
N CYS D 144 -36.82 -21.00 -67.67
CA CYS D 144 -36.73 -21.49 -69.04
C CYS D 144 -37.03 -22.97 -69.17
N ILE D 145 -37.19 -23.70 -68.07
CA ILE D 145 -37.47 -25.13 -68.10
C ILE D 145 -38.82 -25.48 -67.50
N PHE D 146 -39.54 -24.52 -66.93
CA PHE D 146 -40.78 -24.79 -66.21
C PHE D 146 -41.98 -24.50 -67.09
N ILE D 147 -42.62 -25.57 -67.58
CA ILE D 147 -43.91 -25.48 -68.26
C ILE D 147 -45.00 -25.56 -67.19
N PRO D 148 -45.84 -24.53 -67.04
CA PRO D 148 -46.98 -24.66 -66.13
C PRO D 148 -48.06 -25.56 -66.72
N ASP D 149 -48.93 -26.06 -65.82
CA ASP D 149 -49.98 -26.96 -66.25
C ASP D 149 -51.06 -26.21 -67.02
N GLY D 150 -51.49 -26.79 -68.15
CA GLY D 150 -52.44 -26.12 -69.01
C GLY D 150 -51.84 -25.13 -69.98
N GLU D 151 -50.52 -25.14 -70.15
CA GLU D 151 -49.84 -24.23 -71.06
C GLU D 151 -48.75 -24.98 -71.82
N SER D 152 -48.27 -24.35 -72.89
CA SER D 152 -47.19 -24.90 -73.70
C SER D 152 -45.99 -23.97 -73.77
N GLU D 153 -45.97 -22.90 -72.98
CA GLU D 153 -44.88 -21.93 -72.96
C GLU D 153 -44.25 -21.92 -71.58
N THR D 154 -42.92 -21.83 -71.53
CA THR D 154 -42.22 -21.71 -70.26
C THR D 154 -42.45 -20.33 -69.66
N PHE D 155 -42.09 -20.20 -68.37
CA PHE D 155 -42.32 -18.94 -67.66
C PHE D 155 -41.38 -17.85 -68.13
N ALA D 156 -40.21 -18.21 -68.67
CA ALA D 156 -39.33 -17.22 -69.26
C ALA D 156 -39.83 -16.77 -70.63
N GLU D 157 -40.37 -17.71 -71.41
CA GLU D 157 -40.82 -17.38 -72.76
C GLU D 157 -42.15 -16.63 -72.74
N MET D 158 -42.99 -16.87 -71.73
CA MET D 158 -44.31 -16.25 -71.69
C MET D 158 -44.25 -14.76 -71.33
N GLY D 159 -43.14 -14.32 -70.76
CA GLY D 159 -42.90 -12.90 -70.60
C GLY D 159 -43.44 -12.32 -69.30
N ASP D 160 -44.03 -11.13 -69.42
CA ASP D 160 -44.50 -10.39 -68.26
C ASP D 160 -45.82 -10.92 -67.71
N ARG D 161 -46.50 -11.82 -68.44
CA ARG D 161 -47.71 -12.43 -67.91
C ARG D 161 -47.43 -13.64 -67.04
N LYS D 162 -46.18 -13.81 -66.62
CA LYS D 162 -45.88 -14.87 -65.67
C LYS D 162 -46.30 -14.37 -64.29
N ASN D 163 -46.23 -13.06 -64.07
CA ASN D 163 -46.67 -12.49 -62.80
C ASN D 163 -48.16 -12.20 -62.77
N GLU D 164 -48.99 -13.17 -63.17
CA GLU D 164 -50.43 -13.15 -62.93
C GLU D 164 -50.98 -14.50 -62.51
N ILE D 165 -50.25 -15.60 -62.70
CA ILE D 165 -50.74 -16.95 -62.41
C ILE D 165 -49.70 -17.70 -61.59
N SER D 166 -48.55 -17.07 -61.36
CA SER D 166 -47.43 -17.76 -60.70
C SER D 166 -47.71 -17.92 -59.21
N MET D 167 -46.99 -18.87 -58.60
CA MET D 167 -47.21 -19.16 -57.17
C MET D 167 -46.77 -18.02 -56.28
N ARG D 168 -45.68 -17.37 -56.63
CA ARG D 168 -45.22 -16.20 -55.89
C ARG D 168 -46.36 -15.20 -55.87
N LYS D 169 -47.06 -15.06 -57.00
CA LYS D 169 -48.19 -14.13 -57.07
C LYS D 169 -49.27 -14.51 -56.07
N LYS D 170 -49.73 -15.76 -56.09
CA LYS D 170 -50.72 -16.22 -55.12
C LYS D 170 -50.28 -15.97 -53.69
N ALA D 171 -49.00 -16.27 -53.40
CA ALA D 171 -48.45 -16.04 -52.06
C ALA D 171 -48.42 -14.55 -51.71
N PHE D 172 -48.06 -13.70 -52.67
CA PHE D 172 -48.06 -12.27 -52.42
C PHE D 172 -49.45 -11.67 -52.49
N ASP D 173 -50.42 -12.34 -53.08
CA ASP D 173 -51.80 -11.89 -52.98
C ASP D 173 -52.35 -12.12 -51.58
N LYS D 174 -52.01 -13.28 -50.99
CA LYS D 174 -52.37 -13.51 -49.58
C LYS D 174 -51.61 -12.57 -48.65
N PHE D 175 -50.34 -12.28 -48.97
CA PHE D 175 -49.55 -11.31 -48.21
C PHE D 175 -50.12 -9.90 -48.32
N LYS D 176 -50.54 -9.50 -49.53
CA LYS D 176 -51.16 -8.20 -49.74
C LYS D 176 -52.51 -8.10 -49.05
N GLU D 177 -53.27 -9.19 -49.04
CA GLU D 177 -54.55 -9.23 -48.33
C GLU D 177 -54.35 -9.07 -46.83
N TYR D 178 -53.29 -9.67 -46.28
CA TYR D 178 -52.99 -9.46 -44.87
C TYR D 178 -52.51 -8.03 -44.61
N LEU D 179 -51.69 -7.48 -45.51
CA LEU D 179 -51.05 -6.19 -45.24
C LEU D 179 -52.03 -5.04 -45.38
N LEU D 180 -53.06 -5.18 -46.24
CA LEU D 180 -54.10 -4.16 -46.27
C LEU D 180 -55.27 -4.49 -45.36
N GLU D 181 -55.38 -5.74 -44.88
CA GLU D 181 -56.44 -6.04 -43.91
C GLU D 181 -56.08 -5.57 -42.51
N GLY D 182 -54.81 -5.29 -42.24
CA GLY D 182 -54.37 -4.82 -40.95
C GLY D 182 -53.46 -5.83 -40.27
N GLY D 183 -52.92 -5.40 -39.13
CA GLY D 183 -52.05 -6.25 -38.33
C GLY D 183 -52.81 -7.20 -37.43
N LYS D 184 -53.52 -8.16 -38.03
CA LYS D 184 -54.42 -9.04 -37.29
C LYS D 184 -53.75 -10.34 -36.86
N MET E 1 -38.91 17.28 -31.44
CA MET E 1 -37.57 17.50 -30.91
C MET E 1 -37.32 18.99 -30.63
N GLU E 2 -38.39 19.77 -30.76
CA GLU E 2 -38.34 21.22 -30.51
C GLU E 2 -38.03 21.54 -29.05
N GLN E 3 -38.48 20.67 -28.14
CA GLN E 3 -38.15 20.84 -26.73
C GLN E 3 -36.67 20.53 -26.48
N LEU E 4 -36.11 19.56 -27.20
CA LEU E 4 -34.68 19.26 -27.10
C LEU E 4 -33.83 20.40 -27.64
N LEU E 5 -34.23 20.99 -28.77
CA LEU E 5 -33.49 22.15 -29.28
C LEU E 5 -33.69 23.38 -28.41
N ALA E 6 -34.86 23.51 -27.77
CA ALA E 6 -35.11 24.63 -26.86
C ALA E 6 -34.28 24.51 -25.60
N ASP E 7 -34.03 23.27 -25.15
CA ASP E 7 -33.06 23.07 -24.07
C ASP E 7 -31.63 23.24 -24.57
N TYR E 8 -31.42 23.01 -25.87
CA TYR E 8 -30.06 23.09 -26.43
C TYR E 8 -29.58 24.53 -26.58
N LYS E 9 -30.48 25.45 -26.98
CA LYS E 9 -30.06 26.85 -27.07
C LYS E 9 -29.86 27.48 -25.70
N LYS E 10 -30.52 26.94 -24.67
CA LYS E 10 -30.29 27.42 -23.32
C LYS E 10 -29.02 26.85 -22.70
N GLY E 11 -28.40 25.86 -23.33
CA GLY E 11 -27.18 25.29 -22.81
C GLY E 11 -27.36 24.27 -21.71
N ASN E 12 -28.50 23.59 -21.69
CA ASN E 12 -28.83 22.65 -20.62
C ASN E 12 -28.87 21.20 -21.12
N VAL E 13 -28.10 20.89 -22.16
CA VAL E 13 -28.05 19.55 -22.73
C VAL E 13 -26.61 19.06 -22.69
N ILE E 14 -26.39 17.92 -22.05
CA ILE E 14 -25.08 17.26 -21.99
C ILE E 14 -25.04 16.19 -23.06
N LEU E 15 -23.99 16.19 -23.88
CA LEU E 15 -23.82 15.18 -24.92
C LEU E 15 -23.13 13.97 -24.32
N PHE E 16 -23.73 12.80 -24.51
CA PHE E 16 -23.13 11.52 -24.14
C PHE E 16 -22.85 10.74 -25.41
N VAL E 17 -21.59 10.35 -25.60
CA VAL E 17 -21.13 9.76 -26.84
C VAL E 17 -20.74 8.30 -26.58
N GLY E 18 -21.26 7.39 -27.40
CA GLY E 18 -20.99 5.99 -27.28
C GLY E 18 -20.04 5.48 -28.35
N ALA E 19 -20.11 4.16 -28.58
CA ALA E 19 -19.11 3.53 -29.44
C ALA E 19 -19.52 3.55 -30.91
N GLY E 20 -20.77 3.89 -31.21
CA GLY E 20 -21.20 3.92 -32.61
C GLY E 20 -20.64 5.09 -33.38
N VAL E 21 -20.42 6.21 -32.67
CA VAL E 21 -19.81 7.40 -33.26
C VAL E 21 -18.38 7.11 -33.68
N SER E 22 -17.65 6.38 -32.82
CA SER E 22 -16.29 5.96 -33.16
C SER E 22 -16.30 4.84 -34.18
N MET E 23 -17.37 4.03 -34.21
CA MET E 23 -17.46 2.94 -35.18
C MET E 23 -17.79 3.44 -36.57
N ASN E 24 -18.28 4.68 -36.68
CA ASN E 24 -18.47 5.30 -38.00
C ASN E 24 -17.14 5.57 -38.71
N LEU E 25 -16.04 5.72 -37.96
CA LEU E 25 -14.74 6.09 -38.53
C LEU E 25 -14.01 4.94 -39.21
N GLY E 26 -14.38 3.69 -38.95
CA GLY E 26 -13.59 2.57 -39.39
C GLY E 26 -12.72 1.96 -38.32
N LEU E 27 -12.96 2.27 -37.05
CA LEU E 27 -12.25 1.67 -35.94
C LEU E 27 -12.69 0.21 -35.77
N PRO E 28 -11.87 -0.62 -35.11
CA PRO E 28 -12.31 -1.98 -34.79
C PRO E 28 -13.52 -2.00 -33.88
N SER E 29 -14.40 -2.96 -34.13
CA SER E 29 -15.63 -3.07 -33.36
C SER E 29 -15.36 -3.79 -32.04
N TRP E 30 -16.42 -3.97 -31.27
CA TRP E 30 -16.30 -4.73 -30.03
C TRP E 30 -16.11 -6.21 -30.31
N SER E 31 -16.69 -6.69 -31.41
CA SER E 31 -16.53 -8.08 -31.81
C SER E 31 -15.08 -8.37 -32.22
N GLN E 32 -14.44 -7.40 -32.87
CA GLN E 32 -13.03 -7.57 -33.25
C GLN E 32 -12.12 -7.52 -32.04
N LEU E 33 -12.48 -6.75 -31.01
CA LEU E 33 -11.74 -6.75 -29.75
C LEU E 33 -11.87 -8.08 -29.03
N VAL E 34 -13.07 -8.66 -29.03
CA VAL E 34 -13.28 -9.97 -28.42
C VAL E 34 -12.55 -11.05 -29.20
N ASP E 35 -12.49 -10.91 -30.54
CA ASP E 35 -11.70 -11.81 -31.38
C ASP E 35 -10.22 -11.70 -31.08
N HIS E 36 -9.70 -10.48 -30.87
CA HIS E 36 -8.29 -10.30 -30.56
C HIS E 36 -7.93 -10.87 -29.20
N ILE E 37 -8.84 -10.71 -28.22
CA ILE E 37 -8.67 -11.31 -26.89
C ILE E 37 -8.66 -12.84 -27.00
N ALA E 38 -9.54 -13.38 -27.86
CA ALA E 38 -9.66 -14.83 -28.03
C ALA E 38 -8.41 -15.44 -28.66
N THR E 39 -7.92 -14.85 -29.75
CA THR E 39 -6.70 -15.38 -30.36
C THR E 39 -5.44 -15.03 -29.57
N GLU E 40 -5.51 -14.04 -28.68
CA GLU E 40 -4.38 -13.79 -27.80
C GLU E 40 -4.31 -14.81 -26.67
N LEU E 41 -5.46 -15.31 -26.21
CA LEU E 41 -5.47 -16.35 -25.19
C LEU E 41 -5.43 -17.76 -25.75
N GLY E 42 -5.27 -17.92 -27.06
CA GLY E 42 -5.17 -19.23 -27.66
C GLY E 42 -6.50 -19.82 -28.11
N TYR E 43 -7.60 -19.11 -27.89
CA TYR E 43 -8.89 -19.58 -28.36
C TYR E 43 -9.12 -19.18 -29.81
N ASP E 44 -10.00 -19.89 -30.48
CA ASP E 44 -10.66 -19.28 -31.61
C ASP E 44 -11.83 -18.45 -31.10
N PRO E 45 -12.28 -17.42 -31.87
CA PRO E 45 -13.32 -16.49 -31.37
C PRO E 45 -14.65 -17.05 -30.88
N ASP E 46 -15.27 -17.99 -31.61
CA ASP E 46 -16.66 -18.33 -31.33
C ASP E 46 -16.82 -19.20 -30.09
N ILE E 47 -15.88 -20.13 -29.87
CA ILE E 47 -15.88 -20.94 -28.65
C ILE E 47 -15.60 -20.07 -27.43
N TYR E 48 -14.77 -19.04 -27.60
CA TYR E 48 -14.57 -18.06 -26.53
C TYR E 48 -15.81 -17.20 -26.30
N ARG E 49 -16.62 -16.99 -27.34
CA ARG E 49 -17.87 -16.26 -27.17
C ARG E 49 -18.89 -17.09 -26.39
N THR E 50 -18.88 -18.41 -26.57
CA THR E 50 -19.79 -19.24 -25.78
C THR E 50 -19.22 -19.62 -24.42
N PHE E 51 -18.70 -18.65 -23.68
CA PHE E 51 -18.20 -18.83 -22.32
C PHE E 51 -18.58 -17.72 -21.36
N GLY E 52 -18.91 -16.53 -21.86
CA GLY E 52 -19.22 -15.38 -21.03
C GLY E 52 -19.68 -14.26 -21.93
N SER E 53 -20.13 -13.17 -21.31
CA SER E 53 -20.77 -12.17 -22.16
C SER E 53 -19.78 -11.24 -22.84
N ALA E 54 -19.27 -10.25 -22.11
CA ALA E 54 -18.07 -9.51 -22.50
C ALA E 54 -17.23 -9.07 -21.32
N LEU E 55 -17.84 -8.84 -20.15
CA LEU E 55 -17.12 -8.42 -18.97
C LEU E 55 -16.30 -9.56 -18.42
N GLU E 56 -16.87 -10.77 -18.49
CA GLU E 56 -16.15 -11.96 -18.08
C GLU E 56 -15.02 -12.30 -19.05
N LEU E 57 -15.18 -11.97 -20.33
CA LEU E 57 -14.12 -12.23 -21.31
C LEU E 57 -12.95 -11.28 -21.12
N ALA E 58 -13.24 -9.99 -20.90
CA ALA E 58 -12.18 -9.03 -20.61
C ALA E 58 -11.55 -9.28 -19.25
N GLU E 59 -12.34 -9.77 -18.28
CA GLU E 59 -11.81 -10.14 -16.98
C GLU E 59 -10.89 -11.35 -17.08
N TYR E 60 -11.22 -12.31 -17.93
CA TYR E 60 -10.36 -13.47 -18.14
C TYR E 60 -9.07 -13.09 -18.83
N TYR E 61 -9.13 -12.13 -19.76
CA TYR E 61 -7.89 -11.62 -20.36
C TYR E 61 -7.02 -10.91 -19.33
N LYS E 62 -7.63 -10.12 -18.44
CA LYS E 62 -6.85 -9.40 -17.44
C LYS E 62 -6.30 -10.35 -16.38
N LEU E 63 -6.99 -11.46 -16.13
CA LEU E 63 -6.50 -12.41 -15.13
C LEU E 63 -5.44 -13.35 -15.67
N LYS E 64 -5.56 -13.74 -16.95
CA LYS E 64 -4.53 -14.59 -17.54
C LYS E 64 -3.28 -13.79 -17.90
N LYS E 65 -3.44 -12.57 -18.40
CA LYS E 65 -2.32 -11.76 -18.83
C LYS E 65 -1.75 -10.88 -17.73
N GLY E 66 -2.35 -10.89 -16.54
CA GLY E 66 -1.85 -10.09 -15.44
C GLY E 66 -2.46 -8.71 -15.35
N LYS E 67 -2.25 -7.88 -16.36
CA LYS E 67 -2.80 -6.53 -16.41
C LYS E 67 -3.60 -6.37 -17.69
N ILE E 68 -4.03 -5.13 -17.94
CA ILE E 68 -4.83 -4.79 -19.11
C ILE E 68 -3.88 -4.14 -20.13
N GLY E 69 -2.61 -4.03 -19.75
CA GLY E 69 -1.59 -3.35 -20.51
C GLY E 69 -1.29 -3.81 -21.94
N PRO E 70 -1.13 -5.12 -22.18
CA PRO E 70 -1.05 -5.58 -23.60
C PRO E 70 -2.28 -5.27 -24.41
N LEU E 71 -3.47 -5.43 -23.80
CA LEU E 71 -4.71 -5.07 -24.47
C LEU E 71 -4.80 -3.58 -24.70
N ARG E 72 -4.42 -2.77 -23.70
CA ARG E 72 -4.46 -1.31 -23.81
C ARG E 72 -3.51 -0.82 -24.90
N SER E 73 -2.35 -1.45 -25.02
CA SER E 73 -1.41 -1.12 -26.09
C SER E 73 -2.00 -1.46 -27.46
N TRP E 74 -2.71 -2.60 -27.54
CA TRP E 74 -3.31 -2.98 -28.82
C TRP E 74 -4.45 -2.05 -29.23
N MET E 75 -5.35 -1.69 -28.31
CA MET E 75 -6.40 -0.72 -28.67
C MET E 75 -5.85 0.69 -28.87
N ASP E 76 -4.74 1.02 -28.22
CA ASP E 76 -4.12 2.32 -28.46
C ASP E 76 -3.55 2.41 -29.86
N ARG E 77 -2.91 1.33 -30.33
CA ARG E 77 -2.36 1.37 -31.68
C ARG E 77 -3.45 1.17 -32.75
N MET E 78 -4.51 0.41 -32.44
CA MET E 78 -5.52 0.13 -33.46
C MET E 78 -6.54 1.25 -33.57
N TRP E 79 -6.91 1.87 -32.45
CA TRP E 79 -7.90 2.93 -32.47
C TRP E 79 -7.35 4.26 -32.96
N HIS E 80 -6.04 4.38 -33.12
CA HIS E 80 -5.41 5.62 -33.52
C HIS E 80 -4.41 5.41 -34.65
N SER E 81 -4.74 4.54 -35.60
CA SER E 81 -3.85 4.32 -36.72
C SER E 81 -3.95 5.48 -37.71
N SER E 82 -2.98 5.54 -38.62
CA SER E 82 -2.89 6.68 -39.53
C SER E 82 -3.87 6.60 -40.68
N ASP E 83 -4.54 5.46 -40.87
CA ASP E 83 -5.51 5.33 -41.95
C ASP E 83 -6.79 6.08 -41.63
N ILE E 84 -7.09 6.28 -40.36
CA ILE E 84 -8.31 6.96 -39.97
C ILE E 84 -8.11 8.47 -40.08
N ASP E 85 -8.93 9.12 -40.89
CA ASP E 85 -8.90 10.56 -41.03
C ASP E 85 -10.17 11.13 -40.40
N ILE E 86 -9.99 12.09 -39.49
CA ILE E 86 -11.14 12.69 -38.81
C ILE E 86 -11.83 13.72 -39.70
N ASN E 87 -11.18 14.15 -40.79
CA ASN E 87 -11.80 15.12 -41.69
C ASN E 87 -12.88 14.46 -42.56
N LYS E 88 -12.76 13.17 -42.84
CA LYS E 88 -13.84 12.45 -43.52
C LYS E 88 -14.77 11.81 -42.51
N SER E 89 -15.32 12.62 -41.61
CA SER E 89 -16.31 12.16 -40.64
C SER E 89 -17.25 13.33 -40.40
N LYS E 90 -18.46 13.25 -40.97
CA LYS E 90 -19.43 14.33 -40.79
C LYS E 90 -19.99 14.35 -39.37
N VAL E 91 -20.02 13.18 -38.71
CA VAL E 91 -20.56 13.08 -37.35
C VAL E 91 -19.67 13.83 -36.37
N HIS E 92 -18.35 13.64 -36.49
CA HIS E 92 -17.43 14.32 -35.58
C HIS E 92 -17.33 15.81 -35.89
N GLU E 93 -17.52 16.18 -37.15
CA GLU E 93 -17.59 17.59 -37.51
C GLU E 93 -18.84 18.25 -36.92
N TYR E 94 -19.96 17.55 -36.93
CA TYR E 94 -21.19 18.11 -36.38
C TYR E 94 -21.15 18.13 -34.85
N ILE E 95 -20.40 17.20 -34.24
CA ILE E 95 -20.19 17.23 -32.81
C ILE E 95 -19.29 18.42 -32.42
N ALA E 96 -18.23 18.65 -33.21
CA ALA E 96 -17.29 19.72 -32.91
C ALA E 96 -17.90 21.10 -33.12
N LYS E 97 -18.67 21.28 -34.19
CA LYS E 97 -19.22 22.59 -34.49
C LYS E 97 -20.50 22.91 -33.71
N ALA E 98 -21.07 21.94 -33.02
CA ALA E 98 -22.22 22.21 -32.17
C ALA E 98 -21.78 22.88 -30.87
N ASN E 99 -22.74 23.52 -30.20
CA ASN E 99 -22.45 24.23 -28.95
C ASN E 99 -22.89 23.34 -27.78
N PHE E 100 -22.10 22.30 -27.53
CA PHE E 100 -22.31 21.45 -26.36
C PHE E 100 -21.26 21.82 -25.32
N PRO E 101 -21.67 22.35 -24.16
CA PRO E 101 -20.67 22.76 -23.17
C PRO E 101 -20.02 21.59 -22.45
N ILE E 102 -20.76 20.54 -22.16
CA ILE E 102 -20.27 19.37 -21.46
C ILE E 102 -20.47 18.16 -22.36
N ILE E 103 -19.41 17.40 -22.59
CA ILE E 103 -19.46 16.19 -23.41
C ILE E 103 -18.91 15.04 -22.57
N TYR E 104 -19.75 14.04 -22.33
CA TYR E 104 -19.30 12.79 -21.71
C TYR E 104 -19.14 11.74 -22.79
N THR E 105 -18.23 10.79 -22.55
CA THR E 105 -18.05 9.70 -23.49
C THR E 105 -17.53 8.49 -22.74
N THR E 106 -17.94 7.30 -23.21
CA THR E 106 -17.40 6.04 -22.71
C THR E 106 -16.37 5.46 -23.66
N ASN E 107 -15.98 6.19 -24.69
CA ASN E 107 -14.87 5.80 -25.54
C ASN E 107 -13.56 6.10 -24.83
N TYR E 108 -12.54 5.28 -25.12
CA TYR E 108 -11.21 5.56 -24.64
C TYR E 108 -10.36 6.30 -25.66
N ASP E 109 -10.77 6.30 -26.93
CA ASP E 109 -10.02 6.96 -27.99
C ASP E 109 -10.24 8.47 -27.94
N ARG E 110 -9.28 9.19 -28.54
CA ARG E 110 -9.23 10.65 -28.46
C ARG E 110 -9.80 11.33 -29.71
N TRP E 111 -10.75 10.70 -30.39
CA TRP E 111 -11.22 11.26 -31.65
C TRP E 111 -12.18 12.42 -31.46
N ILE E 112 -12.83 12.51 -30.29
CA ILE E 112 -13.66 13.67 -29.98
C ILE E 112 -12.78 14.90 -29.76
N GLU E 113 -11.69 14.74 -29.01
CA GLU E 113 -10.76 15.83 -28.77
C GLU E 113 -10.01 16.21 -30.04
N THR E 114 -9.69 15.22 -30.88
CA THR E 114 -9.09 15.49 -32.18
C THR E 114 -10.05 16.22 -33.10
N ALA E 115 -11.34 15.89 -33.01
CA ALA E 115 -12.36 16.57 -33.81
C ALA E 115 -12.56 18.02 -33.37
N LEU E 116 -12.58 18.27 -32.06
CA LEU E 116 -12.73 19.65 -31.59
C LEU E 116 -11.44 20.46 -31.79
N SER E 117 -10.28 19.81 -31.74
CA SER E 117 -9.05 20.55 -31.98
C SER E 117 -8.81 20.78 -33.47
N ASN E 118 -9.45 19.98 -34.33
CA ASN E 118 -9.35 20.20 -35.76
C ASN E 118 -10.12 21.46 -36.16
N TYR E 119 -11.34 21.61 -35.67
CA TYR E 119 -12.23 22.67 -36.10
C TYR E 119 -12.19 23.88 -35.19
N GLY E 120 -11.08 24.08 -34.48
CA GLY E 120 -10.85 25.30 -33.74
C GLY E 120 -11.65 25.47 -32.47
N LYS E 121 -12.14 24.39 -31.87
CA LYS E 121 -12.90 24.48 -30.63
C LYS E 121 -11.96 24.20 -29.46
N GLU E 122 -11.85 25.15 -28.54
CA GLU E 122 -11.07 24.96 -27.34
C GLU E 122 -11.83 24.08 -26.36
N TYR E 123 -11.12 23.21 -25.66
CA TYR E 123 -11.75 22.24 -24.80
C TYR E 123 -10.89 22.00 -23.57
N ILE E 124 -11.50 21.35 -22.56
CA ILE E 124 -10.80 20.83 -21.40
C ILE E 124 -11.07 19.34 -21.32
N LYS E 125 -10.01 18.54 -21.35
CA LYS E 125 -10.11 17.10 -21.18
C LYS E 125 -10.13 16.76 -19.70
N ILE E 126 -11.11 15.96 -19.28
CA ILE E 126 -11.22 15.54 -17.88
C ILE E 126 -11.16 14.02 -17.84
N SER E 127 -10.13 13.50 -17.17
CA SER E 127 -10.04 12.08 -16.86
C SER E 127 -9.53 11.83 -15.45
N SER E 128 -9.18 12.89 -14.72
CA SER E 128 -8.80 12.80 -13.32
C SER E 128 -9.49 13.93 -12.57
N VAL E 129 -9.20 14.04 -11.28
CA VAL E 129 -9.85 15.06 -10.45
C VAL E 129 -9.07 16.38 -10.49
N SER E 130 -7.77 16.31 -10.83
CA SER E 130 -7.02 17.52 -11.10
C SER E 130 -7.48 18.19 -12.39
N ASP E 131 -7.97 17.39 -13.33
CA ASP E 131 -8.56 17.96 -14.54
C ASP E 131 -9.93 18.58 -14.25
N ILE E 132 -10.62 18.09 -13.20
CA ILE E 132 -11.82 18.79 -12.72
C ILE E 132 -11.43 20.13 -12.13
N ALA E 133 -10.26 20.20 -11.47
CA ALA E 133 -9.76 21.49 -11.02
C ALA E 133 -9.36 22.41 -12.17
N LYS E 134 -9.03 21.86 -13.34
CA LYS E 134 -8.67 22.67 -14.50
C LYS E 134 -9.87 23.11 -15.35
N ILE E 135 -11.09 23.15 -14.81
CA ILE E 135 -12.27 23.41 -15.64
C ILE E 135 -12.45 24.91 -15.86
N ASP E 136 -12.61 25.30 -17.11
CA ASP E 136 -12.99 26.65 -17.50
C ASP E 136 -14.44 26.65 -17.94
N ASN E 137 -15.18 27.71 -17.58
CA ASN E 137 -16.59 27.82 -17.90
C ASN E 137 -16.86 28.24 -19.35
N ASN E 138 -15.84 28.71 -20.06
CA ASN E 138 -15.99 29.13 -21.44
C ASN E 138 -15.38 28.14 -22.42
N LYS E 139 -15.07 26.93 -21.97
CA LYS E 139 -14.47 25.90 -22.79
C LYS E 139 -15.29 24.63 -22.66
N THR E 140 -15.20 23.77 -23.67
CA THR E 140 -15.97 22.53 -23.68
C THR E 140 -15.35 21.53 -22.70
N GLN E 141 -16.18 20.97 -21.83
CA GLN E 141 -15.73 19.90 -20.94
C GLN E 141 -15.89 18.56 -21.63
N ILE E 142 -14.77 17.91 -21.92
CA ILE E 142 -14.78 16.55 -22.46
C ILE E 142 -14.35 15.64 -21.33
N ILE E 143 -15.27 14.79 -20.88
CA ILE E 143 -15.00 13.89 -19.76
C ILE E 143 -14.88 12.48 -20.30
N LYS E 144 -13.71 11.89 -20.09
CA LYS E 144 -13.45 10.50 -20.45
C LYS E 144 -13.95 9.64 -19.31
N PHE E 145 -15.23 9.26 -19.38
CA PHE E 145 -15.92 8.71 -18.23
C PHE E 145 -15.47 7.29 -17.92
N HIS E 146 -15.13 6.51 -18.95
CA HIS E 146 -14.71 5.14 -18.75
C HIS E 146 -13.21 4.95 -18.90
N GLY E 147 -12.46 6.03 -18.85
CA GLY E 147 -11.01 5.97 -18.86
C GLY E 147 -10.41 6.49 -20.16
N ASP E 148 -9.09 6.40 -20.20
CA ASP E 148 -8.30 6.83 -21.33
C ASP E 148 -7.16 5.83 -21.49
N PHE E 149 -6.48 5.88 -22.63
CA PHE E 149 -5.35 5.00 -22.86
C PHE E 149 -4.08 5.44 -22.15
N ASP E 150 -4.08 6.62 -21.52
CA ASP E 150 -2.92 7.05 -20.75
C ASP E 150 -2.82 6.29 -19.42
N ASP E 151 -3.95 6.01 -18.79
CA ASP E 151 -3.97 5.37 -17.48
C ASP E 151 -4.65 4.02 -17.61
N ASP E 152 -3.93 2.96 -17.28
CA ASP E 152 -4.51 1.62 -17.34
C ASP E 152 -5.44 1.35 -16.18
N SER E 153 -5.25 2.04 -15.06
CA SER E 153 -6.08 1.83 -13.88
C SER E 153 -7.43 2.52 -13.98
N SER E 154 -7.65 3.34 -15.01
CA SER E 154 -8.91 4.05 -15.18
C SER E 154 -9.81 3.43 -16.23
N ILE E 155 -9.34 2.44 -16.99
CA ILE E 155 -10.14 1.88 -18.08
C ILE E 155 -11.19 0.97 -17.50
N VAL E 156 -12.45 1.26 -17.80
CA VAL E 156 -13.59 0.48 -17.30
C VAL E 156 -13.98 -0.45 -18.44
N LEU E 157 -13.44 -1.66 -18.41
CA LEU E 157 -13.65 -2.64 -19.48
C LEU E 157 -14.12 -3.98 -18.97
N ASP E 158 -13.63 -4.44 -17.83
CA ASP E 158 -13.95 -5.76 -17.29
C ASP E 158 -14.89 -5.60 -16.09
N GLU E 159 -15.20 -6.74 -15.46
CA GLU E 159 -16.27 -6.80 -14.46
C GLU E 159 -15.88 -6.10 -13.17
N THR E 160 -14.61 -6.19 -12.78
CA THR E 160 -14.15 -5.60 -11.52
C THR E 160 -14.16 -4.07 -11.60
N SER E 161 -13.77 -3.52 -12.74
CA SER E 161 -13.81 -2.07 -12.95
C SER E 161 -15.24 -1.56 -12.98
N TYR E 162 -16.17 -2.36 -13.52
CA TYR E 162 -17.58 -2.00 -13.49
C TYR E 162 -18.15 -2.07 -12.08
N PHE E 163 -17.64 -2.98 -11.24
CA PHE E 163 -18.07 -3.01 -9.84
C PHE E 163 -17.58 -1.78 -9.08
N GLN E 164 -16.33 -1.37 -9.32
CA GLN E 164 -15.78 -0.17 -8.71
C GLN E 164 -16.51 1.09 -9.19
N ARG E 165 -16.97 1.09 -10.44
CA ARG E 165 -17.80 2.20 -10.90
C ARG E 165 -19.24 2.08 -10.38
N LEU E 166 -19.68 0.88 -10.04
CA LEU E 166 -21.02 0.70 -9.46
C LEU E 166 -21.09 1.26 -8.06
N GLU E 167 -19.98 1.33 -7.35
CA GLU E 167 -20.01 1.92 -6.01
C GLU E 167 -20.18 3.44 -6.03
N PHE E 168 -19.93 4.10 -7.18
CA PHE E 168 -20.09 5.55 -7.41
C PHE E 168 -19.25 6.42 -6.49
N GLU E 169 -18.05 5.96 -6.11
CA GLU E 169 -17.15 6.77 -5.30
C GLU E 169 -16.01 7.39 -6.09
N THR E 170 -16.00 7.21 -7.40
CA THR E 170 -15.03 7.85 -8.28
C THR E 170 -15.33 9.35 -8.34
N PRO E 171 -14.30 10.21 -8.52
CA PRO E 171 -14.57 11.63 -8.80
C PRO E 171 -15.43 11.89 -10.02
N LEU E 172 -15.25 11.09 -11.07
CA LEU E 172 -16.02 11.27 -12.29
C LEU E 172 -17.47 10.84 -12.09
N ASP E 173 -17.68 9.83 -11.24
CA ASP E 173 -19.04 9.41 -10.88
C ASP E 173 -19.77 10.49 -10.11
N ILE E 174 -19.08 11.16 -9.17
CA ILE E 174 -19.67 12.25 -8.39
C ILE E 174 -19.97 13.45 -9.30
N LYS E 175 -19.06 13.76 -10.22
CA LYS E 175 -19.26 14.86 -11.15
C LYS E 175 -20.42 14.58 -12.10
N PHE E 176 -20.56 13.34 -12.56
CA PHE E 176 -21.69 12.99 -13.43
C PHE E 176 -23.01 12.98 -12.67
N ARG E 177 -23.00 12.47 -11.43
CA ARG E 177 -24.22 12.43 -10.62
C ARG E 177 -24.71 13.81 -10.25
N SER E 178 -23.81 14.79 -10.16
CA SER E 178 -24.29 16.15 -9.97
C SER E 178 -24.54 16.88 -11.29
N ASP E 179 -23.95 16.44 -12.39
CA ASP E 179 -24.21 17.09 -13.67
C ASP E 179 -25.58 16.69 -14.21
N VAL E 180 -26.06 15.49 -13.88
CA VAL E 180 -27.38 15.08 -14.35
C VAL E 180 -28.50 15.73 -13.55
N LEU E 181 -28.19 16.33 -12.40
CA LEU E 181 -29.18 17.09 -11.64
C LEU E 181 -29.50 18.37 -12.38
N GLY E 182 -30.65 18.42 -13.03
CA GLY E 182 -31.06 19.64 -13.68
C GLY E 182 -30.47 19.89 -15.05
N LYS E 183 -29.89 18.89 -15.68
CA LYS E 183 -29.46 19.00 -17.06
C LYS E 183 -29.92 17.76 -17.83
N SER E 184 -30.17 17.96 -19.11
CA SER E 184 -30.57 16.87 -19.99
C SER E 184 -29.35 16.18 -20.56
N VAL E 185 -29.46 14.86 -20.74
CA VAL E 185 -28.40 14.07 -21.35
C VAL E 185 -28.90 13.58 -22.70
N LEU E 186 -28.09 13.78 -23.74
CA LEU E 186 -28.41 13.31 -25.08
C LEU E 186 -27.41 12.21 -25.44
N PHE E 187 -27.90 10.98 -25.54
CA PHE E 187 -27.07 9.83 -25.86
C PHE E 187 -27.04 9.63 -27.37
N ILE E 188 -25.85 9.71 -27.97
CA ILE E 188 -25.66 9.41 -29.37
C ILE E 188 -24.59 8.33 -29.50
N GLY E 189 -24.83 7.35 -30.36
CA GLY E 189 -23.91 6.25 -30.53
C GLY E 189 -23.88 5.26 -29.38
N TYR E 190 -24.79 5.37 -28.43
CA TYR E 190 -24.75 4.65 -27.18
C TYR E 190 -26.03 3.87 -27.01
N SER E 191 -25.93 2.69 -26.39
CA SER E 191 -27.07 1.80 -26.26
C SER E 191 -27.61 1.70 -24.83
N LEU E 192 -26.99 2.38 -23.87
CA LEU E 192 -27.33 2.35 -22.44
C LEU E 192 -27.33 0.93 -21.88
N SER E 193 -26.21 0.24 -22.10
CA SER E 193 -26.05 -1.14 -21.68
C SER E 193 -25.14 -1.30 -20.46
N ASP E 194 -24.29 -0.32 -20.17
CA ASP E 194 -23.43 -0.38 -19.00
C ASP E 194 -24.25 -0.21 -17.74
N ILE E 195 -24.03 -1.10 -16.76
CA ILE E 195 -24.93 -1.19 -15.62
C ILE E 195 -24.71 -0.03 -14.64
N ASN E 196 -23.56 0.63 -14.70
CA ASN E 196 -23.35 1.77 -13.82
C ASN E 196 -24.12 3.00 -14.30
N ILE E 197 -24.27 3.17 -15.62
CA ILE E 197 -25.07 4.27 -16.16
C ILE E 197 -26.55 4.02 -15.89
N ARG E 198 -27.00 2.77 -16.02
CA ARG E 198 -28.39 2.43 -15.74
C ARG E 198 -28.72 2.58 -14.26
N LEU E 199 -27.78 2.21 -13.38
CA LEU E 199 -27.99 2.41 -11.96
C LEU E 199 -27.94 3.89 -11.61
N LEU E 200 -27.13 4.67 -12.32
CA LEU E 200 -27.07 6.12 -12.11
C LEU E 200 -28.39 6.80 -12.48
N PHE E 201 -28.98 6.42 -13.62
CA PHE E 201 -30.23 7.04 -14.00
C PHE E 201 -31.43 6.48 -13.23
N TYR E 202 -31.33 5.24 -12.75
CA TYR E 202 -32.34 4.72 -11.83
C TYR E 202 -32.31 5.47 -10.50
N LYS E 203 -31.11 5.76 -9.97
CA LYS E 203 -31.00 6.53 -8.74
C LYS E 203 -31.41 7.98 -8.94
N LEU E 204 -31.19 8.55 -10.14
CA LEU E 204 -31.69 9.88 -10.44
C LEU E 204 -33.21 9.93 -10.47
N SER E 205 -33.84 8.90 -11.05
CA SER E 205 -35.30 8.83 -11.07
C SER E 205 -35.86 8.62 -9.66
N LYS E 206 -35.20 7.80 -8.84
CA LYS E 206 -35.59 7.63 -7.44
C LYS E 206 -35.42 8.92 -6.65
N LEU E 207 -34.38 9.70 -6.97
CA LEU E 207 -34.14 10.99 -6.36
C LEU E 207 -35.26 11.98 -6.67
N TRP E 208 -35.68 12.03 -7.93
CA TRP E 208 -36.75 12.97 -8.28
C TRP E 208 -38.11 12.48 -7.79
N LYS E 209 -38.27 11.17 -7.59
CA LYS E 209 -39.51 10.67 -7.01
C LYS E 209 -39.54 10.89 -5.50
N GLU E 210 -38.37 10.96 -4.87
CA GLU E 210 -38.31 11.18 -3.42
C GLU E 210 -38.71 12.59 -3.05
N GLN E 211 -38.36 13.57 -3.89
CA GLN E 211 -38.71 14.96 -3.65
C GLN E 211 -40.12 15.31 -4.14
N LYS E 212 -40.87 14.32 -4.65
CA LYS E 212 -42.22 14.47 -5.22
C LYS E 212 -42.27 15.53 -6.31
N LEU E 213 -41.26 15.54 -7.18
CA LEU E 213 -41.14 16.53 -8.24
C LEU E 213 -40.83 15.88 -9.58
N GLU E 214 -41.32 14.67 -9.82
CA GLU E 214 -40.95 13.91 -11.02
C GLU E 214 -41.55 14.47 -12.30
N GLU E 215 -42.54 15.37 -12.19
CA GLU E 215 -43.04 16.09 -13.35
C GLU E 215 -42.00 17.09 -13.86
N ALA E 216 -41.18 17.62 -12.97
CA ALA E 216 -40.24 18.68 -13.32
C ALA E 216 -38.83 18.17 -13.59
N GLN E 217 -38.63 16.86 -13.68
CA GLN E 217 -37.34 16.30 -14.03
C GLN E 217 -37.01 16.61 -15.49
N PRO E 218 -35.79 17.04 -15.81
CA PRO E 218 -35.42 17.26 -17.21
C PRO E 218 -35.40 15.98 -18.01
N LYS E 219 -35.79 16.08 -19.27
CA LYS E 219 -35.98 14.93 -20.13
C LYS E 219 -34.67 14.60 -20.84
N SER E 220 -34.22 13.36 -20.69
CA SER E 220 -33.06 12.87 -21.43
C SER E 220 -33.53 12.22 -22.72
N TYR E 221 -32.61 12.10 -23.67
CA TYR E 221 -32.95 11.55 -24.98
C TYR E 221 -31.85 10.62 -25.43
N ILE E 222 -32.23 9.53 -26.10
CA ILE E 222 -31.28 8.60 -26.69
C ILE E 222 -31.65 8.44 -28.16
N PHE E 223 -30.68 8.60 -29.05
CA PHE E 223 -30.91 8.43 -30.48
C PHE E 223 -30.48 7.03 -30.88
N LEU E 224 -31.45 6.15 -31.08
CA LEU E 224 -31.19 4.82 -31.59
C LEU E 224 -31.79 4.69 -32.98
N PRO E 225 -31.03 4.30 -34.00
CA PRO E 225 -31.62 4.15 -35.34
C PRO E 225 -32.56 2.96 -35.45
N ARG E 226 -32.22 1.85 -34.81
CA ARG E 226 -33.07 0.68 -34.81
C ARG E 226 -34.02 0.75 -33.63
N PRO E 227 -35.34 0.65 -33.83
CA PRO E 227 -36.27 0.82 -32.72
C PRO E 227 -36.30 -0.39 -31.80
N ASN E 228 -36.72 -0.14 -30.56
CA ASN E 228 -36.76 -1.16 -29.53
C ASN E 228 -37.82 -0.71 -28.53
N PRO E 229 -39.03 -1.29 -28.59
CA PRO E 229 -40.11 -0.82 -27.69
C PRO E 229 -39.89 -1.21 -26.24
N ILE E 230 -39.18 -2.33 -26.03
CA ILE E 230 -38.82 -2.78 -24.69
C ILE E 230 -37.90 -1.77 -24.02
N GLN E 231 -36.84 -1.39 -24.67
CA GLN E 231 -36.01 -0.38 -24.08
C GLN E 231 -36.70 0.96 -24.09
N GLU E 232 -37.54 1.26 -25.06
CA GLU E 232 -38.27 2.53 -25.03
C GLU E 232 -39.09 2.68 -23.77
N GLU E 233 -39.80 1.62 -23.36
CA GLU E 233 -40.59 1.66 -22.13
C GLU E 233 -39.69 1.72 -20.89
N ILE E 234 -38.60 0.96 -20.90
CA ILE E 234 -37.71 0.88 -19.74
C ILE E 234 -36.95 2.19 -19.55
N LEU E 235 -36.51 2.82 -20.65
CA LEU E 235 -35.84 4.10 -20.54
C LEU E 235 -36.84 5.24 -20.34
N GLU E 236 -38.10 5.04 -20.73
CA GLU E 236 -39.12 6.04 -20.45
C GLU E 236 -39.48 6.10 -18.98
N GLN E 237 -39.26 4.99 -18.26
CA GLN E 237 -39.38 5.04 -16.80
C GLN E 237 -38.32 5.90 -16.13
N TRP E 238 -37.17 6.09 -16.77
CA TRP E 238 -36.09 6.90 -16.20
C TRP E 238 -36.00 8.28 -16.84
N ARG E 239 -37.11 8.74 -17.44
CA ARG E 239 -37.23 10.02 -18.15
C ARG E 239 -36.21 10.16 -19.28
N ILE E 240 -35.97 9.06 -20.00
CA ILE E 240 -35.10 9.07 -21.16
C ILE E 240 -35.96 8.72 -22.36
N GLY E 241 -36.29 9.72 -23.17
CA GLY E 241 -37.07 9.48 -24.37
C GLY E 241 -36.23 8.92 -25.50
N MET E 242 -36.92 8.35 -26.48
CA MET E 242 -36.27 7.68 -27.59
C MET E 242 -36.53 8.43 -28.88
N ILE E 243 -35.47 8.69 -29.64
CA ILE E 243 -35.60 9.27 -30.97
C ILE E 243 -35.13 8.23 -31.97
N SER E 244 -36.01 7.86 -32.89
CA SER E 244 -35.72 6.83 -33.88
C SER E 244 -35.82 7.43 -35.28
N SER E 245 -35.13 6.80 -36.22
CA SER E 245 -35.15 7.21 -37.62
C SER E 245 -35.52 6.02 -38.50
N GLU E 246 -35.99 6.33 -39.70
CA GLU E 246 -36.38 5.30 -40.64
C GLU E 246 -35.22 4.89 -41.56
N ASN E 247 -34.11 5.58 -41.50
CA ASN E 247 -32.96 5.22 -42.32
C ASN E 247 -32.26 3.99 -41.74
N ASP E 248 -31.95 3.05 -42.61
CA ASP E 248 -31.28 1.81 -42.20
C ASP E 248 -29.80 2.00 -41.89
N ASN E 249 -29.18 3.05 -42.43
CA ASN E 249 -27.78 3.32 -42.16
C ASN E 249 -27.66 4.13 -40.87
N PRO E 250 -26.94 3.64 -39.85
CA PRO E 250 -26.83 4.43 -38.61
C PRO E 250 -25.99 5.69 -38.75
N GLY E 251 -25.00 5.67 -39.64
CA GLY E 251 -24.14 6.85 -39.82
C GLY E 251 -24.88 8.02 -40.43
N GLU E 252 -25.68 7.77 -41.48
CA GLU E 252 -26.44 8.84 -42.11
C GLU E 252 -27.59 9.31 -41.23
N SER E 253 -28.15 8.40 -40.42
CA SER E 253 -29.17 8.77 -39.44
C SER E 253 -28.59 9.68 -38.37
N LEU E 254 -27.37 9.38 -37.91
CA LEU E 254 -26.73 10.22 -36.90
C LEU E 254 -26.30 11.55 -37.49
N GLU E 255 -25.91 11.56 -38.77
CA GLU E 255 -25.61 12.80 -39.49
C GLU E 255 -26.84 13.70 -39.60
N GLU E 256 -27.98 13.10 -39.97
CA GLU E 256 -29.21 13.87 -40.10
C GLU E 256 -29.75 14.32 -38.75
N PHE E 257 -29.44 13.57 -37.69
CA PHE E 257 -29.86 13.99 -36.36
C PHE E 257 -28.99 15.14 -35.84
N LEU E 258 -27.68 15.09 -36.10
CA LEU E 258 -26.79 16.15 -35.63
C LEU E 258 -26.80 17.37 -36.55
N LYS E 259 -27.43 17.26 -37.73
CA LYS E 259 -27.69 18.42 -38.57
C LYS E 259 -28.56 19.47 -37.88
N ASN E 260 -29.45 19.03 -36.99
CA ASN E 260 -30.29 19.97 -36.26
C ASN E 260 -29.51 20.75 -35.21
N PHE E 261 -28.33 20.27 -34.82
CA PHE E 261 -27.53 20.90 -33.78
C PHE E 261 -26.33 21.67 -34.30
N VAL E 262 -25.80 21.33 -35.48
CA VAL E 262 -24.60 22.03 -35.96
C VAL E 262 -24.93 23.45 -36.40
N LEU E 263 -26.11 23.66 -37.01
CA LEU E 263 -26.42 24.94 -37.63
C LEU E 263 -26.73 26.01 -36.58
N VAL E 264 -26.29 27.24 -36.89
CA VAL E 264 -26.47 28.47 -36.10
C VAL E 264 -25.96 28.34 -34.66
N MET F 1 -13.14 -30.54 -1.95
CA MET F 1 -14.03 -31.71 -1.97
C MET F 1 -13.90 -32.44 -0.64
N GLU F 2 -12.68 -32.49 -0.11
CA GLU F 2 -12.44 -33.13 1.18
C GLU F 2 -12.51 -32.10 2.30
N GLN F 3 -11.99 -30.89 2.06
CA GLN F 3 -12.12 -29.80 3.00
C GLN F 3 -13.56 -29.31 3.10
N LEU F 4 -14.32 -29.47 2.01
CA LEU F 4 -15.75 -29.17 2.04
C LEU F 4 -16.50 -30.11 2.98
N LEU F 5 -16.16 -31.40 2.96
CA LEU F 5 -16.75 -32.34 3.91
C LEU F 5 -16.24 -32.10 5.33
N ALA F 6 -15.00 -31.62 5.48
CA ALA F 6 -14.47 -31.28 6.79
C ALA F 6 -15.21 -30.10 7.41
N ASP F 7 -15.50 -29.08 6.60
CA ASP F 7 -16.29 -27.94 7.09
C ASP F 7 -17.76 -28.30 7.23
N TYR F 8 -18.23 -29.27 6.43
CA TYR F 8 -19.62 -29.69 6.49
C TYR F 8 -19.91 -30.44 7.79
N LYS F 9 -18.99 -31.33 8.19
CA LYS F 9 -19.17 -32.05 9.44
C LYS F 9 -18.96 -31.16 10.64
N LYS F 10 -18.17 -30.09 10.49
CA LYS F 10 -18.04 -29.08 11.53
C LYS F 10 -19.28 -28.21 11.65
N GLY F 11 -20.06 -28.07 10.59
CA GLY F 11 -21.26 -27.25 10.62
C GLY F 11 -21.02 -25.82 10.22
N ASN F 12 -20.13 -25.61 9.26
CA ASN F 12 -19.75 -24.27 8.81
C ASN F 12 -19.90 -24.14 7.30
N VAL F 13 -20.94 -24.76 6.74
CA VAL F 13 -21.23 -24.70 5.31
C VAL F 13 -22.67 -24.25 5.13
N ILE F 14 -22.87 -23.16 4.38
CA ILE F 14 -24.18 -22.67 4.00
C ILE F 14 -24.52 -23.23 2.63
N LEU F 15 -25.72 -23.78 2.48
CA LEU F 15 -26.19 -24.31 1.21
C LEU F 15 -26.91 -23.20 0.45
N PHE F 16 -26.49 -22.95 -0.78
CA PHE F 16 -27.16 -22.02 -1.69
C PHE F 16 -27.72 -22.84 -2.84
N VAL F 17 -29.02 -22.70 -3.09
CA VAL F 17 -29.74 -23.55 -4.03
C VAL F 17 -30.28 -22.67 -5.16
N GLY F 18 -29.94 -23.01 -6.40
CA GLY F 18 -30.43 -22.32 -7.56
C GLY F 18 -31.60 -23.04 -8.22
N ALA F 19 -31.85 -22.67 -9.47
CA ALA F 19 -32.97 -23.23 -10.22
C ALA F 19 -32.65 -24.60 -10.82
N GLY F 20 -31.37 -24.97 -10.88
CA GLY F 20 -31.00 -26.25 -11.46
C GLY F 20 -31.35 -27.43 -10.58
N VAL F 21 -31.49 -27.19 -9.28
CA VAL F 21 -31.99 -28.23 -8.37
C VAL F 21 -33.47 -28.50 -8.65
N SER F 22 -34.25 -27.43 -8.84
CA SER F 22 -35.67 -27.55 -9.12
C SER F 22 -35.95 -27.91 -10.58
N MET F 23 -34.93 -27.91 -11.43
CA MET F 23 -35.09 -28.36 -12.81
C MET F 23 -35.37 -29.85 -12.93
N ASN F 24 -35.02 -30.64 -11.92
CA ASN F 24 -35.22 -32.08 -12.02
C ASN F 24 -36.58 -32.55 -11.51
N LEU F 25 -37.44 -31.61 -11.14
CA LEU F 25 -38.79 -31.97 -10.70
C LEU F 25 -39.82 -31.97 -11.82
N GLY F 26 -39.48 -31.49 -13.01
CA GLY F 26 -40.48 -31.28 -14.03
C GLY F 26 -41.12 -29.92 -14.00
N LEU F 27 -40.50 -28.95 -13.32
CA LEU F 27 -41.01 -27.60 -13.28
C LEU F 27 -40.73 -26.91 -14.63
N PRO F 28 -41.45 -25.82 -14.94
CA PRO F 28 -41.08 -25.02 -16.11
C PRO F 28 -39.70 -24.40 -15.95
N SER F 29 -38.97 -24.33 -17.06
CA SER F 29 -37.64 -23.76 -17.04
C SER F 29 -37.72 -22.24 -17.10
N TRP F 30 -36.55 -21.61 -17.24
CA TRP F 30 -36.53 -20.17 -17.41
C TRP F 30 -37.01 -19.78 -18.79
N SER F 31 -36.66 -20.59 -19.80
CA SER F 31 -37.04 -20.31 -21.17
C SER F 31 -38.53 -20.47 -21.39
N GLN F 32 -39.16 -21.40 -20.66
CA GLN F 32 -40.62 -21.54 -20.74
C GLN F 32 -41.32 -20.34 -20.11
N LEU F 33 -40.71 -19.75 -19.08
CA LEU F 33 -41.21 -18.50 -18.52
C LEU F 33 -41.08 -17.34 -19.51
N VAL F 34 -39.97 -17.31 -20.27
CA VAL F 34 -39.78 -16.30 -21.30
C VAL F 34 -40.84 -16.46 -22.41
N ASP F 35 -41.11 -17.71 -22.79
CA ASP F 35 -42.14 -18.02 -23.79
C ASP F 35 -43.53 -17.62 -23.30
N HIS F 36 -43.82 -17.84 -22.02
CA HIS F 36 -45.12 -17.47 -21.48
C HIS F 36 -45.31 -15.97 -21.42
N ILE F 37 -44.27 -15.23 -21.05
CA ILE F 37 -44.33 -13.77 -21.02
C ILE F 37 -44.47 -13.21 -22.43
N ALA F 38 -43.76 -13.80 -23.39
CA ALA F 38 -43.82 -13.36 -24.77
C ALA F 38 -45.20 -13.63 -25.39
N THR F 39 -45.79 -14.79 -25.10
CA THR F 39 -47.15 -15.03 -25.60
C THR F 39 -48.19 -14.21 -24.85
N GLU F 40 -47.92 -13.80 -23.61
CA GLU F 40 -48.86 -12.97 -22.88
C GLU F 40 -48.83 -11.53 -23.37
N LEU F 41 -47.68 -11.07 -23.86
CA LEU F 41 -47.56 -9.69 -24.33
C LEU F 41 -47.90 -9.52 -25.80
N GLY F 42 -48.36 -10.57 -26.48
CA GLY F 42 -48.67 -10.48 -27.89
C GLY F 42 -47.52 -10.79 -28.82
N TYR F 43 -46.35 -11.12 -28.29
CA TYR F 43 -45.21 -11.51 -29.10
C TYR F 43 -45.22 -13.02 -29.30
N ASP F 44 -44.20 -13.51 -29.99
CA ASP F 44 -43.77 -14.89 -29.95
C ASP F 44 -42.30 -14.89 -29.51
N PRO F 45 -41.84 -15.96 -28.76
CA PRO F 45 -40.56 -15.91 -28.01
C PRO F 45 -39.28 -15.46 -28.70
N ASP F 46 -39.03 -16.00 -29.89
CA ASP F 46 -37.77 -15.73 -30.58
C ASP F 46 -37.73 -14.32 -31.14
N ILE F 47 -38.90 -13.68 -31.29
CA ILE F 47 -38.93 -12.30 -31.72
C ILE F 47 -38.87 -11.36 -30.51
N TYR F 48 -38.95 -11.95 -29.33
CA TYR F 48 -38.84 -11.20 -28.05
C TYR F 48 -37.45 -11.47 -27.46
N ARG F 49 -36.60 -12.30 -28.08
CA ARG F 49 -35.25 -12.51 -27.53
C ARG F 49 -34.14 -11.69 -28.19
N THR F 50 -34.43 -11.02 -29.31
CA THR F 50 -33.56 -10.06 -29.95
C THR F 50 -33.62 -8.67 -29.33
N PHE F 51 -34.46 -8.44 -28.32
CA PHE F 51 -34.67 -7.10 -27.77
C PHE F 51 -33.96 -6.89 -26.43
N GLY F 52 -34.28 -7.74 -25.45
CA GLY F 52 -33.65 -7.64 -24.12
C GLY F 52 -33.17 -9.00 -23.63
N SER F 53 -32.32 -9.01 -22.59
CA SER F 53 -31.78 -10.29 -22.05
C SER F 53 -32.88 -11.05 -21.31
N ALA F 54 -33.13 -10.68 -20.04
CA ALA F 54 -34.16 -11.34 -19.22
C ALA F 54 -34.76 -10.32 -18.26
N LEU F 55 -33.91 -9.53 -17.61
CA LEU F 55 -34.40 -8.49 -16.71
C LEU F 55 -35.25 -7.50 -17.49
N GLU F 56 -34.88 -7.27 -18.75
CA GLU F 56 -35.69 -6.45 -19.65
C GLU F 56 -37.03 -7.12 -19.95
N LEU F 57 -37.05 -8.44 -19.97
CA LEU F 57 -38.31 -9.14 -20.32
C LEU F 57 -39.23 -9.23 -19.12
N ALA F 58 -38.74 -9.33 -17.87
CA ALA F 58 -39.60 -9.26 -16.70
C ALA F 58 -40.00 -7.81 -16.39
N GLU F 59 -39.10 -6.87 -16.67
CA GLU F 59 -39.40 -5.44 -16.51
C GLU F 59 -40.46 -4.98 -17.49
N TYR F 60 -40.39 -5.46 -18.73
CA TYR F 60 -41.39 -5.06 -19.73
C TYR F 60 -42.75 -5.68 -19.44
N TYR F 61 -42.77 -6.91 -18.92
CA TYR F 61 -44.05 -7.48 -18.49
C TYR F 61 -44.64 -6.74 -17.32
N LYS F 62 -43.80 -6.32 -16.37
CA LYS F 62 -44.26 -5.53 -15.23
C LYS F 62 -44.77 -4.16 -15.68
N LEU F 63 -44.13 -3.55 -16.68
CA LEU F 63 -44.53 -2.23 -17.12
C LEU F 63 -45.80 -2.27 -17.96
N LYS F 64 -45.95 -3.28 -18.82
CA LYS F 64 -47.15 -3.36 -19.63
C LYS F 64 -48.35 -3.86 -18.84
N LYS F 65 -48.13 -4.78 -17.90
CA LYS F 65 -49.24 -5.35 -17.14
C LYS F 65 -49.46 -4.66 -15.80
N GLY F 66 -48.71 -3.61 -15.49
CA GLY F 66 -48.90 -2.90 -14.24
C GLY F 66 -48.09 -3.44 -13.10
N LYS F 67 -48.40 -4.67 -12.67
CA LYS F 67 -47.70 -5.32 -11.56
C LYS F 67 -47.17 -6.67 -12.04
N ILE F 68 -46.58 -7.42 -11.12
CA ILE F 68 -45.99 -8.72 -11.41
C ILE F 68 -46.99 -9.82 -11.06
N GLY F 69 -48.17 -9.40 -10.62
CA GLY F 69 -49.21 -10.27 -10.11
C GLY F 69 -49.76 -11.38 -10.98
N PRO F 70 -50.14 -11.10 -12.24
CA PRO F 70 -50.49 -12.22 -13.15
C PRO F 70 -49.34 -13.19 -13.41
N LEU F 71 -48.12 -12.66 -13.49
CA LEU F 71 -46.94 -13.51 -13.67
C LEU F 71 -46.68 -14.36 -12.44
N ARG F 72 -46.82 -13.76 -11.25
CA ARG F 72 -46.66 -14.51 -10.00
C ARG F 72 -47.75 -15.56 -9.85
N SER F 73 -48.97 -15.26 -10.31
CA SER F 73 -50.07 -16.20 -10.23
C SER F 73 -49.83 -17.41 -11.13
N TRP F 74 -49.37 -17.16 -12.36
CA TRP F 74 -49.05 -18.24 -13.28
C TRP F 74 -47.87 -19.06 -12.79
N MET F 75 -46.84 -18.41 -12.25
CA MET F 75 -45.68 -19.12 -11.73
C MET F 75 -46.02 -19.93 -10.48
N ASP F 76 -46.95 -19.42 -9.67
CA ASP F 76 -47.41 -20.14 -8.49
C ASP F 76 -48.19 -21.38 -8.88
N ARG F 77 -49.01 -21.29 -9.93
CA ARG F 77 -49.79 -22.46 -10.32
C ARG F 77 -48.95 -23.51 -11.03
N MET F 78 -48.05 -23.11 -11.94
CA MET F 78 -47.29 -24.13 -12.66
C MET F 78 -46.07 -24.62 -11.89
N TRP F 79 -45.54 -23.83 -10.95
CA TRP F 79 -44.41 -24.32 -10.18
C TRP F 79 -44.84 -25.26 -9.05
N HIS F 80 -46.13 -25.26 -8.70
CA HIS F 80 -46.67 -26.14 -7.68
C HIS F 80 -47.87 -26.91 -8.20
N SER F 81 -47.73 -27.49 -9.38
CA SER F 81 -48.78 -28.33 -9.93
C SER F 81 -48.84 -29.66 -9.17
N SER F 82 -49.98 -30.35 -9.31
CA SER F 82 -50.17 -31.60 -8.59
C SER F 82 -49.44 -32.76 -9.24
N ASP F 83 -48.88 -32.58 -10.43
CA ASP F 83 -48.14 -33.65 -11.08
C ASP F 83 -46.76 -33.84 -10.46
N ILE F 84 -46.24 -32.80 -9.79
CA ILE F 84 -44.89 -32.87 -9.22
C ILE F 84 -44.95 -33.59 -7.89
N ASP F 85 -44.15 -34.65 -7.75
CA ASP F 85 -44.06 -35.42 -6.52
C ASP F 85 -42.67 -35.22 -5.93
N ILE F 86 -42.61 -34.82 -4.65
CA ILE F 86 -41.33 -34.54 -4.02
C ILE F 86 -40.65 -35.81 -3.54
N ASN F 87 -41.38 -36.93 -3.47
CA ASN F 87 -40.76 -38.18 -3.01
C ASN F 87 -39.94 -38.82 -4.11
N LYS F 88 -40.27 -38.53 -5.38
CA LYS F 88 -39.49 -39.03 -6.50
C LYS F 88 -38.44 -38.01 -6.92
N SER F 89 -37.65 -37.54 -5.95
CA SER F 89 -36.61 -36.55 -6.23
C SER F 89 -35.46 -36.84 -5.27
N LYS F 90 -34.38 -37.42 -5.80
CA LYS F 90 -33.27 -37.81 -4.95
C LYS F 90 -32.45 -36.61 -4.51
N VAL F 91 -32.46 -35.52 -5.29
CA VAL F 91 -31.71 -34.32 -4.94
C VAL F 91 -32.33 -33.62 -3.74
N HIS F 92 -33.66 -33.50 -3.74
CA HIS F 92 -34.36 -32.88 -2.61
C HIS F 92 -34.32 -33.78 -1.38
N GLU F 93 -34.31 -35.10 -1.59
CA GLU F 93 -34.16 -36.04 -0.49
C GLU F 93 -32.77 -35.93 0.15
N TYR F 94 -31.74 -35.78 -0.67
CA TYR F 94 -30.39 -35.63 -0.14
C TYR F 94 -30.19 -34.27 0.49
N ILE F 95 -30.92 -33.25 0.04
CA ILE F 95 -30.91 -31.95 0.69
C ILE F 95 -31.59 -32.02 2.06
N ALA F 96 -32.72 -32.74 2.14
CA ALA F 96 -33.47 -32.82 3.38
C ALA F 96 -32.77 -33.68 4.42
N LYS F 97 -32.14 -34.78 4.01
CA LYS F 97 -31.54 -35.68 4.99
C LYS F 97 -30.15 -35.22 5.42
N ALA F 98 -29.55 -34.29 4.67
CA ALA F 98 -28.23 -33.78 5.01
C ALA F 98 -28.32 -32.77 6.14
N ASN F 99 -27.18 -32.44 6.73
CA ASN F 99 -27.19 -31.50 7.85
C ASN F 99 -26.70 -30.11 7.46
N PHE F 100 -27.61 -29.26 7.02
CA PHE F 100 -27.24 -27.89 6.70
C PHE F 100 -28.02 -26.99 7.62
N PRO F 101 -27.37 -26.22 8.49
CA PRO F 101 -28.14 -25.36 9.40
C PRO F 101 -28.77 -24.18 8.71
N ILE F 102 -28.10 -23.60 7.72
CA ILE F 102 -28.61 -22.45 6.98
C ILE F 102 -28.68 -22.82 5.51
N ILE F 103 -29.86 -22.67 4.91
CA ILE F 103 -30.07 -22.94 3.50
C ILE F 103 -30.57 -21.65 2.84
N TYR F 104 -29.86 -21.19 1.82
CA TYR F 104 -30.30 -20.07 1.01
C TYR F 104 -30.81 -20.58 -0.33
N THR F 105 -31.73 -19.83 -0.91
CA THR F 105 -32.25 -20.19 -2.22
C THR F 105 -32.69 -18.94 -2.96
N THR F 106 -32.55 -18.98 -4.28
CA THR F 106 -33.10 -17.94 -5.15
C THR F 106 -34.38 -18.40 -5.85
N ASN F 107 -34.88 -19.58 -5.50
CA ASN F 107 -36.15 -20.06 -6.03
C ASN F 107 -37.30 -19.46 -5.25
N TYR F 108 -38.37 -19.14 -5.96
CA TYR F 108 -39.59 -18.69 -5.30
C TYR F 108 -40.51 -19.85 -4.96
N ASP F 109 -40.25 -21.04 -5.47
CA ASP F 109 -41.06 -22.19 -5.15
C ASP F 109 -40.71 -22.72 -3.76
N ARG F 110 -41.60 -23.54 -3.22
CA ARG F 110 -41.52 -24.02 -1.84
C ARG F 110 -41.15 -25.49 -1.77
N TRP F 111 -40.37 -25.98 -2.73
CA TRP F 111 -40.08 -27.42 -2.77
C TRP F 111 -38.98 -27.80 -1.80
N ILE F 112 -38.13 -26.86 -1.39
CA ILE F 112 -37.14 -27.13 -0.35
C ILE F 112 -37.83 -27.34 0.99
N GLU F 113 -38.79 -26.47 1.31
CA GLU F 113 -39.53 -26.61 2.56
C GLU F 113 -40.47 -27.81 2.52
N THR F 114 -41.01 -28.13 1.34
CA THR F 114 -41.84 -29.32 1.18
C THR F 114 -41.01 -30.59 1.36
N ALA F 115 -39.78 -30.60 0.85
CA ALA F 115 -38.90 -31.75 1.05
C ALA F 115 -38.42 -31.85 2.49
N LEU F 116 -38.22 -30.72 3.16
CA LEU F 116 -37.81 -30.73 4.56
C LEU F 116 -38.94 -31.21 5.47
N SER F 117 -40.17 -30.78 5.20
CA SER F 117 -41.30 -31.22 6.03
C SER F 117 -41.76 -32.62 5.65
N ASN F 118 -41.43 -33.07 4.44
CA ASN F 118 -41.84 -34.41 4.00
C ASN F 118 -40.98 -35.47 4.66
N TYR F 119 -39.70 -35.18 4.87
CA TYR F 119 -38.77 -36.12 5.47
C TYR F 119 -38.57 -35.88 6.96
N GLY F 120 -39.54 -35.24 7.62
CA GLY F 120 -39.58 -35.12 9.07
C GLY F 120 -38.50 -34.28 9.71
N LYS F 121 -38.17 -33.14 9.10
CA LYS F 121 -37.14 -32.27 9.65
C LYS F 121 -37.75 -30.89 9.85
N GLU F 122 -37.56 -30.34 11.04
CA GLU F 122 -38.08 -29.02 11.35
C GLU F 122 -37.23 -27.94 10.71
N TYR F 123 -37.86 -26.81 10.40
CA TYR F 123 -37.18 -25.71 9.75
C TYR F 123 -37.82 -24.39 10.15
N ILE F 124 -37.08 -23.31 9.91
CA ILE F 124 -37.60 -21.95 10.04
C ILE F 124 -37.44 -21.27 8.69
N LYS F 125 -38.56 -20.89 8.09
CA LYS F 125 -38.54 -20.27 6.77
C LYS F 125 -38.48 -18.76 6.91
N ILE F 126 -37.47 -18.14 6.30
CA ILE F 126 -37.21 -16.73 6.46
C ILE F 126 -37.43 -16.04 5.12
N SER F 127 -38.39 -15.12 5.07
CA SER F 127 -38.58 -14.27 3.91
C SER F 127 -38.83 -12.82 4.28
N SER F 128 -38.88 -12.51 5.56
CA SER F 128 -39.03 -11.14 6.04
C SER F 128 -38.19 -11.01 7.31
N VAL F 129 -38.10 -9.77 7.81
CA VAL F 129 -37.30 -9.53 9.00
C VAL F 129 -38.04 -10.00 10.26
N SER F 130 -39.38 -10.09 10.17
CA SER F 130 -40.17 -10.69 11.24
C SER F 130 -39.94 -12.19 11.34
N ASP F 131 -39.49 -12.82 10.25
CA ASP F 131 -39.08 -14.21 10.30
C ASP F 131 -37.64 -14.36 10.77
N ILE F 132 -36.81 -13.32 10.63
CA ILE F 132 -35.48 -13.31 11.25
C ILE F 132 -35.62 -13.26 12.78
N ALA F 133 -36.70 -12.64 13.27
CA ALA F 133 -37.00 -12.70 14.71
C ALA F 133 -37.32 -14.10 15.22
N LYS F 134 -37.74 -15.03 14.36
CA LYS F 134 -38.16 -16.37 14.77
C LYS F 134 -37.10 -17.43 14.54
N ILE F 135 -35.82 -17.05 14.50
CA ILE F 135 -34.77 -18.02 14.16
C ILE F 135 -34.46 -18.88 15.37
N ASP F 136 -34.57 -20.20 15.19
CA ASP F 136 -34.19 -21.18 16.19
C ASP F 136 -32.81 -21.72 15.83
N ASN F 137 -31.95 -21.86 16.83
CA ASN F 137 -30.60 -22.34 16.59
C ASN F 137 -30.52 -23.85 16.45
N ASN F 138 -31.59 -24.57 16.77
CA ASN F 138 -31.65 -26.01 16.60
C ASN F 138 -32.51 -26.42 15.41
N LYS F 139 -32.89 -25.49 14.56
CA LYS F 139 -33.70 -25.76 13.38
C LYS F 139 -33.01 -25.22 12.14
N THR F 140 -33.43 -25.72 10.99
CA THR F 140 -32.87 -25.28 9.72
C THR F 140 -33.41 -23.90 9.36
N GLN F 141 -32.53 -23.00 8.93
CA GLN F 141 -32.92 -21.72 8.38
C GLN F 141 -33.02 -21.87 6.87
N ILE F 142 -34.22 -21.70 6.32
CA ILE F 142 -34.44 -21.69 4.88
C ILE F 142 -34.79 -20.27 4.49
N ILE F 143 -33.84 -19.56 3.89
CA ILE F 143 -34.01 -18.16 3.54
C ILE F 143 -34.35 -18.07 2.06
N LYS F 144 -35.54 -17.53 1.78
CA LYS F 144 -35.96 -17.26 0.41
C LYS F 144 -35.38 -15.91 0.03
N PHE F 145 -34.20 -15.94 -0.59
CA PHE F 145 -33.41 -14.73 -0.78
C PHE F 145 -34.01 -13.82 -1.85
N HIS F 146 -34.54 -14.41 -2.91
CA HIS F 146 -35.08 -13.62 -4.02
C HIS F 146 -36.60 -13.55 -3.99
N GLY F 147 -37.21 -13.94 -2.89
CA GLY F 147 -38.64 -13.73 -2.69
C GLY F 147 -39.42 -15.03 -2.60
N ASP F 148 -40.74 -14.87 -2.61
CA ASP F 148 -41.67 -15.98 -2.49
C ASP F 148 -42.93 -15.59 -3.23
N PHE F 149 -43.80 -16.56 -3.47
CA PHE F 149 -45.09 -16.30 -4.11
C PHE F 149 -46.15 -15.79 -3.15
N ASP F 150 -45.81 -15.65 -1.87
CA ASP F 150 -46.70 -15.08 -0.87
C ASP F 150 -46.59 -13.55 -0.81
N ASP F 151 -45.76 -12.95 -1.64
CA ASP F 151 -45.57 -11.49 -1.64
C ASP F 151 -45.10 -11.08 -3.02
N ASP F 152 -45.85 -10.19 -3.66
CA ASP F 152 -45.43 -9.69 -4.97
C ASP F 152 -44.25 -8.74 -4.85
N SER F 153 -44.16 -8.02 -3.73
CA SER F 153 -43.13 -7.01 -3.54
C SER F 153 -41.76 -7.61 -3.21
N SER F 154 -41.70 -8.90 -2.90
CA SER F 154 -40.44 -9.53 -2.52
C SER F 154 -39.72 -10.22 -3.67
N ILE F 155 -40.39 -10.44 -4.79
CA ILE F 155 -39.82 -11.23 -5.88
C ILE F 155 -38.77 -10.42 -6.62
N VAL F 156 -37.55 -10.97 -6.69
CA VAL F 156 -36.46 -10.34 -7.41
C VAL F 156 -36.41 -11.01 -8.77
N LEU F 157 -37.08 -10.40 -9.74
CA LEU F 157 -37.17 -10.96 -11.08
C LEU F 157 -36.76 -9.98 -12.17
N ASP F 158 -37.15 -8.72 -12.06
CA ASP F 158 -36.95 -7.73 -13.11
C ASP F 158 -35.75 -6.85 -12.79
N GLU F 159 -35.51 -5.85 -13.66
CA GLU F 159 -34.31 -5.03 -13.55
C GLU F 159 -34.37 -4.11 -12.35
N THR F 160 -35.54 -3.53 -12.07
CA THR F 160 -35.70 -2.63 -10.92
C THR F 160 -35.56 -3.38 -9.60
N SER F 161 -35.95 -4.65 -9.59
CA SER F 161 -35.81 -5.50 -8.40
C SER F 161 -34.33 -5.74 -8.08
N TYR F 162 -33.53 -6.06 -9.10
CA TYR F 162 -32.10 -6.25 -8.89
C TYR F 162 -31.40 -4.94 -8.57
N PHE F 163 -31.91 -3.83 -9.11
CA PHE F 163 -31.35 -2.52 -8.80
C PHE F 163 -31.64 -2.12 -7.36
N GLN F 164 -32.79 -2.54 -6.83
CA GLN F 164 -33.07 -2.37 -5.41
C GLN F 164 -32.17 -3.24 -4.55
N ARG F 165 -31.92 -4.49 -4.99
CA ARG F 165 -31.09 -5.38 -4.19
C ARG F 165 -29.60 -5.07 -4.30
N LEU F 166 -29.19 -4.24 -5.26
CA LEU F 166 -27.77 -3.87 -5.39
C LEU F 166 -27.27 -3.00 -4.25
N GLU F 167 -28.15 -2.28 -3.55
CA GLU F 167 -27.70 -1.40 -2.48
C GLU F 167 -27.43 -2.14 -1.18
N PHE F 168 -27.87 -3.39 -1.07
CA PHE F 168 -27.71 -4.27 0.10
C PHE F 168 -28.26 -3.67 1.39
N GLU F 169 -29.46 -3.08 1.28
CA GLU F 169 -30.14 -2.50 2.42
C GLU F 169 -31.38 -3.26 2.84
N THR F 170 -31.71 -4.34 2.14
CA THR F 170 -32.76 -5.26 2.56
C THR F 170 -32.30 -5.99 3.82
N PRO F 171 -33.23 -6.39 4.70
CA PRO F 171 -32.84 -7.26 5.84
C PRO F 171 -32.21 -8.58 5.45
N LEU F 172 -32.65 -9.17 4.35
CA LEU F 172 -32.09 -10.43 3.89
C LEU F 172 -30.68 -10.24 3.34
N ASP F 173 -30.43 -9.07 2.73
CA ASP F 173 -29.08 -8.72 2.26
C ASP F 173 -28.11 -8.57 3.42
N ILE F 174 -28.55 -7.92 4.50
CA ILE F 174 -27.71 -7.72 5.69
C ILE F 174 -27.44 -9.04 6.38
N LYS F 175 -28.47 -9.90 6.45
CA LYS F 175 -28.33 -11.22 7.05
C LYS F 175 -27.39 -12.11 6.25
N PHE F 176 -27.47 -12.06 4.92
CA PHE F 176 -26.56 -12.82 4.07
C PHE F 176 -25.14 -12.29 4.13
N ARG F 177 -24.98 -10.96 4.21
CA ARG F 177 -23.66 -10.36 4.26
C ARG F 177 -22.95 -10.65 5.58
N SER F 178 -23.71 -10.89 6.64
CA SER F 178 -23.05 -11.35 7.86
C SER F 178 -22.96 -12.87 7.96
N ASP F 179 -23.79 -13.60 7.21
CA ASP F 179 -23.67 -15.06 7.21
C ASP F 179 -22.46 -15.51 6.42
N VAL F 180 -22.08 -14.78 5.37
CA VAL F 180 -20.89 -15.14 4.61
C VAL F 180 -19.62 -14.77 5.35
N LEU F 181 -19.70 -13.95 6.39
CA LEU F 181 -18.54 -13.65 7.24
C LEU F 181 -18.20 -14.90 8.06
N GLY F 182 -17.13 -15.58 7.67
CA GLY F 182 -16.70 -16.74 8.42
C GLY F 182 -17.52 -17.99 8.21
N LYS F 183 -18.07 -18.18 7.02
CA LYS F 183 -18.74 -19.42 6.68
C LYS F 183 -18.62 -19.66 5.19
N SER F 184 -18.50 -20.92 4.81
CA SER F 184 -18.40 -21.31 3.41
C SER F 184 -19.79 -21.48 2.81
N VAL F 185 -19.90 -21.12 1.54
CA VAL F 185 -21.15 -21.25 0.80
C VAL F 185 -20.98 -22.33 -0.25
N LEU F 186 -21.92 -23.28 -0.30
CA LEU F 186 -21.94 -24.33 -1.30
C LEU F 186 -23.07 -24.04 -2.28
N PHE F 187 -22.73 -23.71 -3.51
CA PHE F 187 -23.70 -23.41 -4.55
C PHE F 187 -24.02 -24.68 -5.32
N ILE F 188 -25.27 -25.13 -5.25
CA ILE F 188 -25.73 -26.26 -6.06
C ILE F 188 -26.92 -25.81 -6.90
N GLY F 189 -26.93 -26.22 -8.16
CA GLY F 189 -27.99 -25.83 -9.08
C GLY F 189 -27.97 -24.39 -9.50
N TYR F 190 -26.90 -23.65 -9.20
CA TYR F 190 -26.85 -22.21 -9.34
C TYR F 190 -25.62 -21.84 -10.15
N SER F 191 -25.80 -20.91 -11.09
CA SER F 191 -24.75 -20.55 -12.03
C SER F 191 -23.99 -19.28 -11.64
N LEU F 192 -24.36 -18.67 -10.50
CA LEU F 192 -23.77 -17.41 -10.00
C LEU F 192 -23.87 -16.27 -11.02
N SER F 193 -25.05 -16.12 -11.60
CA SER F 193 -25.27 -15.17 -12.69
C SER F 193 -25.93 -13.88 -12.22
N ASP F 194 -26.61 -13.90 -11.08
CA ASP F 194 -27.28 -12.71 -10.57
C ASP F 194 -26.26 -11.69 -10.09
N ILE F 195 -26.48 -10.42 -10.46
CA ILE F 195 -25.47 -9.38 -10.32
C ILE F 195 -25.26 -9.02 -8.84
N ASN F 196 -26.30 -9.14 -8.02
CA ASN F 196 -26.19 -8.77 -6.61
C ASN F 196 -25.39 -9.81 -5.83
N ILE F 197 -25.45 -11.08 -6.22
CA ILE F 197 -24.66 -12.11 -5.56
C ILE F 197 -23.18 -11.96 -5.91
N ARG F 198 -22.88 -11.63 -7.17
CA ARG F 198 -21.50 -11.40 -7.58
C ARG F 198 -20.93 -10.14 -6.94
N LEU F 199 -21.75 -9.09 -6.79
CA LEU F 199 -21.30 -7.90 -6.08
C LEU F 199 -21.11 -8.16 -4.59
N LEU F 200 -21.95 -9.03 -4.02
CA LEU F 200 -21.83 -9.41 -2.61
C LEU F 200 -20.53 -10.16 -2.34
N PHE F 201 -20.20 -11.11 -3.22
CA PHE F 201 -18.97 -11.87 -3.01
C PHE F 201 -17.73 -11.09 -3.42
N TYR F 202 -17.85 -10.15 -4.36
CA TYR F 202 -16.77 -9.22 -4.64
C TYR F 202 -16.46 -8.32 -3.45
N LYS F 203 -17.51 -7.82 -2.80
CA LYS F 203 -17.32 -6.97 -1.62
C LYS F 203 -16.81 -7.78 -0.43
N LEU F 204 -17.18 -9.05 -0.35
CA LEU F 204 -16.63 -9.93 0.69
C LEU F 204 -15.13 -10.18 0.48
N SER F 205 -14.72 -10.40 -0.77
CA SER F 205 -13.30 -10.57 -1.08
C SER F 205 -12.52 -9.28 -0.85
N LYS F 206 -13.11 -8.13 -1.18
CA LYS F 206 -12.50 -6.84 -0.90
C LYS F 206 -12.38 -6.58 0.60
N LEU F 207 -13.37 -7.03 1.37
CA LEU F 207 -13.36 -6.87 2.81
C LEU F 207 -12.28 -7.72 3.46
N TRP F 208 -12.11 -8.96 2.98
CA TRP F 208 -11.04 -9.81 3.50
C TRP F 208 -9.67 -9.35 3.02
N LYS F 209 -9.60 -8.70 1.86
CA LYS F 209 -8.32 -8.15 1.39
C LYS F 209 -7.95 -6.88 2.13
N GLU F 210 -8.94 -6.13 2.61
CA GLU F 210 -8.66 -4.87 3.30
C GLU F 210 -8.10 -5.12 4.69
N GLN F 211 -8.48 -6.25 5.30
CA GLN F 211 -7.99 -6.60 6.62
C GLN F 211 -6.65 -7.33 6.58
N LYS F 212 -6.16 -7.68 5.38
CA LYS F 212 -4.92 -8.41 5.13
C LYS F 212 -4.86 -9.75 5.87
N LEU F 213 -5.92 -10.55 5.73
CA LEU F 213 -5.92 -11.97 6.03
C LEU F 213 -6.58 -12.75 4.91
N GLU F 214 -6.11 -12.51 3.67
CA GLU F 214 -6.72 -13.10 2.47
C GLU F 214 -6.59 -14.62 2.44
N GLU F 215 -5.57 -15.17 3.09
CA GLU F 215 -5.43 -16.61 3.18
C GLU F 215 -6.44 -17.21 4.16
N ALA F 216 -6.91 -16.42 5.12
CA ALA F 216 -7.77 -16.95 6.19
C ALA F 216 -9.25 -16.89 5.84
N GLN F 217 -9.62 -16.43 4.64
CA GLN F 217 -11.00 -16.39 4.24
C GLN F 217 -11.53 -17.80 4.03
N PRO F 218 -12.73 -18.14 4.51
CA PRO F 218 -13.32 -19.45 4.22
C PRO F 218 -13.60 -19.62 2.74
N LYS F 219 -13.32 -20.82 2.24
CA LYS F 219 -13.30 -21.08 0.82
C LYS F 219 -14.67 -21.58 0.40
N SER F 220 -15.29 -20.90 -0.56
CA SER F 220 -16.60 -21.29 -1.05
C SER F 220 -16.46 -22.24 -2.22
N TYR F 221 -17.55 -22.96 -2.52
CA TYR F 221 -17.56 -23.96 -3.57
C TYR F 221 -18.83 -23.85 -4.40
N ILE F 222 -18.69 -24.05 -5.70
CA ILE F 222 -19.84 -24.09 -6.61
C ILE F 222 -19.76 -25.39 -7.40
N PHE F 223 -20.89 -26.08 -7.51
CA PHE F 223 -20.97 -27.33 -8.25
C PHE F 223 -21.70 -27.06 -9.57
N LEU F 224 -20.94 -27.03 -10.66
CA LEU F 224 -21.52 -27.03 -12.00
C LEU F 224 -21.01 -28.25 -12.75
N PRO F 225 -21.88 -29.00 -13.43
CA PRO F 225 -21.40 -30.17 -14.17
C PRO F 225 -20.59 -29.81 -15.41
N ARG F 226 -21.03 -28.86 -16.22
CA ARG F 226 -20.24 -28.50 -17.36
C ARG F 226 -19.17 -27.58 -16.94
N PRO F 227 -17.95 -27.84 -17.36
CA PRO F 227 -16.82 -27.00 -16.92
C PRO F 227 -16.74 -25.70 -17.69
N ASN F 228 -16.17 -24.69 -17.05
CA ASN F 228 -16.02 -23.36 -17.62
C ASN F 228 -14.78 -22.74 -17.00
N PRO F 229 -13.67 -22.62 -17.75
CA PRO F 229 -12.43 -22.07 -17.17
C PRO F 229 -12.51 -20.59 -16.89
N ILE F 230 -13.34 -19.87 -17.64
CA ILE F 230 -13.53 -18.43 -17.44
C ILE F 230 -14.18 -18.16 -16.09
N GLN F 231 -15.28 -18.86 -15.83
CA GLN F 231 -15.93 -18.72 -14.54
C GLN F 231 -15.01 -19.24 -13.45
N GLU F 232 -14.29 -20.33 -13.74
CA GLU F 232 -13.36 -20.88 -12.77
C GLU F 232 -12.35 -19.84 -12.29
N GLU F 233 -11.74 -19.11 -13.23
CA GLU F 233 -10.75 -18.09 -12.86
C GLU F 233 -11.39 -16.93 -12.12
N ILE F 234 -12.57 -16.48 -12.59
CA ILE F 234 -13.24 -15.33 -11.99
C ILE F 234 -13.76 -15.67 -10.59
N LEU F 235 -14.29 -16.87 -10.41
CA LEU F 235 -14.80 -17.24 -9.09
C LEU F 235 -13.67 -17.61 -8.14
N GLU F 236 -12.53 -18.09 -8.66
CA GLU F 236 -11.39 -18.32 -7.77
C GLU F 236 -10.73 -17.02 -7.34
N GLN F 237 -10.97 -15.93 -8.06
CA GLN F 237 -10.62 -14.62 -7.51
C GLN F 237 -11.46 -14.24 -6.30
N TRP F 238 -12.68 -14.77 -6.17
CA TRP F 238 -13.54 -14.47 -5.04
C TRP F 238 -13.57 -15.61 -4.02
N ARG F 239 -12.55 -16.47 -4.06
CA ARG F 239 -12.40 -17.68 -3.22
C ARG F 239 -13.60 -18.61 -3.34
N ILE F 240 -14.06 -18.81 -4.57
CA ILE F 240 -15.13 -19.74 -4.88
C ILE F 240 -14.56 -20.77 -5.84
N GLY F 241 -14.29 -21.97 -5.34
CA GLY F 241 -13.76 -23.02 -6.18
C GLY F 241 -14.85 -23.77 -6.93
N MET F 242 -14.46 -24.34 -8.08
CA MET F 242 -15.38 -25.07 -8.94
C MET F 242 -15.22 -26.56 -8.71
N ILE F 243 -16.33 -27.27 -8.57
CA ILE F 243 -16.36 -28.71 -8.48
C ILE F 243 -17.16 -29.19 -9.69
N SER F 244 -16.51 -29.93 -10.58
CA SER F 244 -17.15 -30.40 -11.79
C SER F 244 -17.27 -31.92 -11.79
N SER F 245 -18.07 -32.41 -12.73
CA SER F 245 -18.30 -33.84 -12.90
C SER F 245 -18.20 -34.19 -14.37
N GLU F 246 -17.76 -35.42 -14.64
CA GLU F 246 -17.68 -35.90 -16.02
C GLU F 246 -18.99 -36.47 -16.52
N ASN F 247 -19.99 -36.60 -15.65
CA ASN F 247 -21.29 -37.10 -16.06
C ASN F 247 -22.04 -36.03 -16.84
N ASP F 248 -22.62 -36.42 -17.97
CA ASP F 248 -23.34 -35.47 -18.80
C ASP F 248 -24.70 -35.12 -18.20
N ASN F 249 -25.28 -36.02 -17.41
CA ASN F 249 -26.56 -35.75 -16.76
C ASN F 249 -26.35 -34.81 -15.58
N PRO F 250 -27.04 -33.67 -15.51
CA PRO F 250 -26.83 -32.74 -14.40
C PRO F 250 -27.45 -33.23 -13.09
N GLY F 251 -28.63 -33.86 -13.21
CA GLY F 251 -29.29 -34.38 -12.02
C GLY F 251 -28.55 -35.55 -11.40
N GLU F 252 -27.97 -36.40 -12.23
CA GLU F 252 -27.18 -37.52 -11.73
C GLU F 252 -25.92 -37.00 -11.06
N SER F 253 -25.27 -36.02 -11.69
CA SER F 253 -24.07 -35.43 -11.11
C SER F 253 -24.35 -34.78 -9.77
N LEU F 254 -25.52 -34.12 -9.65
CA LEU F 254 -25.90 -33.51 -8.38
C LEU F 254 -26.25 -34.56 -7.33
N GLU F 255 -26.84 -35.69 -7.76
CA GLU F 255 -27.12 -36.79 -6.84
C GLU F 255 -25.83 -37.43 -6.32
N GLU F 256 -24.85 -37.64 -7.21
CA GLU F 256 -23.56 -38.19 -6.76
C GLU F 256 -22.78 -37.19 -5.92
N PHE F 257 -23.00 -35.90 -6.14
CA PHE F 257 -22.34 -34.90 -5.30
C PHE F 257 -22.95 -34.83 -3.91
N LEU F 258 -24.28 -34.86 -3.83
CA LEU F 258 -24.96 -34.77 -2.54
C LEU F 258 -25.03 -36.10 -1.80
N LYS F 259 -24.54 -37.16 -2.44
CA LYS F 259 -24.50 -38.46 -1.77
C LYS F 259 -23.47 -38.39 -0.64
N ASN F 260 -22.42 -37.59 -0.82
CA ASN F 260 -21.42 -37.45 0.22
C ASN F 260 -21.95 -36.71 1.43
N PHE F 261 -23.05 -35.96 1.26
CA PHE F 261 -23.59 -35.15 2.34
C PHE F 261 -24.77 -35.80 3.04
N VAL F 262 -25.52 -36.68 2.34
CA VAL F 262 -26.64 -37.36 3.00
C VAL F 262 -26.12 -38.37 4.03
N LEU F 263 -24.96 -38.97 3.77
CA LEU F 263 -24.43 -40.02 4.62
C LEU F 263 -23.84 -39.42 5.89
N VAL F 264 -24.29 -39.97 7.04
CA VAL F 264 -23.95 -39.62 8.44
C VAL F 264 -23.78 -38.12 8.74
N MET G 1 -2.43 34.05 3.03
CA MET G 1 -3.70 34.09 2.31
C MET G 1 -3.58 34.86 0.99
N GLU G 2 -2.37 34.82 0.42
CA GLU G 2 -2.15 35.37 -0.91
C GLU G 2 -2.61 34.38 -1.98
N GLN G 3 -2.48 33.09 -1.69
CA GLN G 3 -2.95 32.05 -2.61
C GLN G 3 -4.47 32.02 -2.66
N LEU G 4 -5.13 32.44 -1.57
CA LEU G 4 -6.58 32.60 -1.57
C LEU G 4 -7.02 33.68 -2.55
N LEU G 5 -6.30 34.81 -2.60
CA LEU G 5 -6.60 35.82 -3.63
C LEU G 5 -6.23 35.34 -5.02
N ALA G 6 -5.18 34.52 -5.13
CA ALA G 6 -4.77 33.98 -6.44
C ALA G 6 -5.82 33.04 -7.02
N ASP G 7 -6.46 32.24 -6.16
CA ASP G 7 -7.59 31.43 -6.61
C ASP G 7 -8.86 32.26 -6.70
N TYR G 8 -8.91 33.40 -6.01
CA TYR G 8 -10.11 34.23 -6.01
C TYR G 8 -10.30 34.96 -7.33
N LYS G 9 -9.22 35.48 -7.93
CA LYS G 9 -9.37 36.18 -9.20
C LYS G 9 -9.70 35.21 -10.34
N LYS G 10 -9.28 33.96 -10.23
CA LYS G 10 -9.64 32.96 -11.22
C LYS G 10 -11.08 32.46 -11.06
N GLY G 11 -11.72 32.74 -9.93
CA GLY G 11 -13.06 32.25 -9.71
C GLY G 11 -13.14 30.80 -9.28
N ASN G 12 -12.17 30.34 -8.50
CA ASN G 12 -12.12 28.97 -8.02
C ASN G 12 -12.23 28.92 -6.50
N VAL G 13 -12.98 29.84 -5.92
CA VAL G 13 -13.21 29.88 -4.48
C VAL G 13 -14.72 29.88 -4.23
N ILE G 14 -15.19 28.90 -3.45
CA ILE G 14 -16.58 28.83 -3.02
C ILE G 14 -16.68 29.46 -1.64
N LEU G 15 -17.64 30.36 -1.46
CA LEU G 15 -17.90 30.98 -0.17
C LEU G 15 -18.87 30.11 0.63
N PHE G 16 -18.49 29.76 1.85
CA PHE G 16 -19.35 29.06 2.79
C PHE G 16 -19.62 30.00 3.96
N VAL G 17 -20.88 30.30 4.21
CA VAL G 17 -21.27 31.30 5.20
C VAL G 17 -21.97 30.60 6.36
N GLY G 18 -21.49 30.85 7.58
CA GLY G 18 -22.04 30.27 8.77
C GLY G 18 -22.95 31.22 9.52
N ALA G 19 -23.01 31.03 10.84
CA ALA G 19 -23.96 31.77 11.65
C ALA G 19 -23.38 33.06 12.23
N GLY G 20 -22.07 33.25 12.16
CA GLY G 20 -21.48 34.46 12.72
C GLY G 20 -21.76 35.70 11.90
N VAL G 21 -21.86 35.51 10.57
CA VAL G 21 -22.20 36.60 9.66
C VAL G 21 -23.61 37.10 9.94
N SER G 22 -24.52 36.17 10.21
CA SER G 22 -25.89 36.56 10.55
C SER G 22 -25.97 36.84 12.05
N MET G 23 -24.97 37.50 12.60
CA MET G 23 -24.98 37.84 14.02
C MET G 23 -24.68 39.32 14.23
N ASN G 24 -23.73 39.79 13.51
CA ASN G 24 -23.53 41.20 13.44
C ASN G 24 -24.85 41.87 13.28
N LEU G 25 -25.71 41.31 12.45
CA LEU G 25 -27.05 41.84 12.10
C LEU G 25 -27.92 41.99 13.32
N GLY G 26 -27.49 41.48 14.48
CA GLY G 26 -28.44 41.66 15.56
C GLY G 26 -29.54 40.62 15.59
N LEU G 27 -29.36 39.51 14.89
CA LEU G 27 -30.30 38.40 14.91
C LEU G 27 -30.19 37.66 16.24
N PRO G 28 -31.21 36.87 16.61
CA PRO G 28 -31.06 35.98 17.77
C PRO G 28 -29.96 34.97 17.57
N SER G 29 -29.24 34.69 18.65
CA SER G 29 -28.13 33.75 18.60
C SER G 29 -28.65 32.33 18.70
N TRP G 30 -27.72 31.38 18.78
CA TRP G 30 -28.13 29.99 18.92
C TRP G 30 -28.63 29.72 20.34
N SER G 31 -28.00 30.35 21.33
CA SER G 31 -28.39 30.15 22.72
C SER G 31 -29.74 30.78 23.02
N GLN G 32 -30.09 31.85 22.30
CA GLN G 32 -31.44 32.42 22.44
C GLN G 32 -32.50 31.49 21.87
N LEU G 33 -32.14 30.74 20.81
CA LEU G 33 -33.02 29.70 20.29
C LEU G 33 -33.17 28.56 21.29
N VAL G 34 -32.09 28.20 21.98
CA VAL G 34 -32.14 27.18 23.03
C VAL G 34 -33.05 27.62 24.18
N ASP G 35 -32.93 28.90 24.57
CA ASP G 35 -33.79 29.46 25.62
C ASP G 35 -35.25 29.50 25.21
N HIS G 36 -35.51 29.82 23.93
CA HIS G 36 -36.89 29.87 23.45
C HIS G 36 -37.53 28.48 23.40
N ILE G 37 -36.77 27.48 22.97
CA ILE G 37 -37.28 26.10 22.93
C ILE G 37 -37.52 25.58 24.35
N ALA G 38 -36.60 25.91 25.27
CA ALA G 38 -36.73 25.49 26.67
C ALA G 38 -37.93 26.13 27.34
N THR G 39 -38.18 27.43 27.09
CA THR G 39 -39.37 28.05 27.65
C THR G 39 -40.64 27.59 26.94
N GLU G 40 -40.53 27.12 25.70
CA GLU G 40 -41.71 26.61 25.01
C GLU G 40 -42.11 25.24 25.53
N LEU G 41 -41.14 24.42 25.96
CA LEU G 41 -41.43 23.10 26.47
C LEU G 41 -41.66 23.06 27.98
N GLY G 42 -41.75 24.21 28.64
CA GLY G 42 -42.00 24.27 30.06
C GLY G 42 -40.76 24.21 30.92
N TYR G 43 -39.57 24.15 30.31
CA TYR G 43 -38.34 24.18 31.07
C TYR G 43 -37.85 25.61 31.26
N ASP G 44 -36.84 25.75 32.01
CA ASP G 44 -36.00 26.93 31.93
C ASP G 44 -34.64 26.52 31.37
N PRO G 45 -33.96 27.46 30.59
CA PRO G 45 -32.79 27.11 29.75
C PRO G 45 -31.68 26.17 30.24
N ASP G 46 -31.05 26.49 31.37
CA ASP G 46 -29.90 25.71 31.83
C ASP G 46 -30.31 24.33 32.33
N ILE G 47 -31.54 24.23 32.85
CA ILE G 47 -32.07 22.96 33.31
C ILE G 47 -32.42 22.06 32.12
N TYR G 48 -32.40 22.67 30.94
CA TYR G 48 -32.58 21.95 29.67
C TYR G 48 -31.17 21.75 29.09
N ARG G 49 -30.16 22.48 29.58
CA ARG G 49 -28.82 22.36 29.00
C ARG G 49 -27.94 21.32 29.70
N THR G 50 -28.33 20.90 30.90
CA THR G 50 -27.82 19.63 31.44
C THR G 50 -28.69 18.43 31.07
N PHE G 51 -29.12 18.30 29.80
CA PHE G 51 -29.71 17.03 29.32
C PHE G 51 -29.21 16.59 27.95
N GLY G 52 -28.80 17.48 27.06
CA GLY G 52 -28.43 17.12 25.71
C GLY G 52 -27.77 18.29 25.03
N SER G 53 -27.20 18.04 23.86
CA SER G 53 -26.35 19.08 23.30
C SER G 53 -27.11 20.15 22.53
N ALA G 54 -27.48 19.88 21.29
CA ALA G 54 -28.30 20.82 20.53
C ALA G 54 -29.25 20.08 19.61
N LEU G 55 -28.76 18.94 19.11
CA LEU G 55 -29.54 18.11 18.22
C LEU G 55 -30.62 17.39 19.01
N GLU G 56 -30.31 17.04 20.26
CA GLU G 56 -31.30 16.49 21.15
C GLU G 56 -32.35 17.52 21.53
N LEU G 57 -31.98 18.78 21.55
CA LEU G 57 -32.94 19.83 21.99
C LEU G 57 -33.86 20.22 20.84
N ALA G 58 -33.45 20.18 19.55
CA ALA G 58 -34.35 20.36 18.42
C ALA G 58 -35.15 19.10 18.15
N GLU G 59 -34.55 17.93 18.42
CA GLU G 59 -35.27 16.66 18.29
C GLU G 59 -36.38 16.54 19.33
N TYR G 60 -36.12 16.99 20.56
CA TYR G 60 -37.14 16.91 21.61
C TYR G 60 -38.27 17.90 21.35
N TYR G 61 -37.95 19.08 20.82
CA TYR G 61 -39.02 20.00 20.42
C TYR G 61 -39.85 19.44 19.27
N LYS G 62 -39.20 18.80 18.30
CA LYS G 62 -39.92 18.20 17.18
C LYS G 62 -40.74 17.00 17.62
N LEU G 63 -40.33 16.33 18.69
CA LEU G 63 -41.09 15.17 19.14
C LEU G 63 -42.24 15.55 20.06
N LYS G 64 -42.06 16.57 20.90
CA LYS G 64 -43.16 17.00 21.76
C LYS G 64 -44.19 17.82 20.99
N LYS G 65 -43.75 18.64 20.04
CA LYS G 65 -44.68 19.49 19.31
C LYS G 65 -45.15 18.87 17.99
N GLY G 66 -44.65 17.71 17.62
CA GLY G 66 -45.07 17.07 16.38
C GLY G 66 -44.19 17.40 15.20
N LYS G 67 -44.16 18.66 14.79
CA LYS G 67 -43.31 19.13 13.70
C LYS G 67 -42.47 20.29 14.21
N ILE G 68 -41.66 20.88 13.32
CA ILE G 68 -40.86 22.04 13.67
C ILE G 68 -41.55 23.31 13.17
N GLY G 69 -42.84 23.21 12.87
CA GLY G 69 -43.63 24.32 12.39
C GLY G 69 -43.75 25.54 13.29
N PRO G 70 -44.08 25.37 14.58
CA PRO G 70 -43.95 26.52 15.51
C PRO G 70 -42.54 27.07 15.64
N LEU G 71 -41.53 26.19 15.60
CA LEU G 71 -40.15 26.63 15.67
C LEU G 71 -39.73 27.39 14.43
N ARG G 72 -40.13 26.89 13.26
CA ARG G 72 -39.84 27.57 12.00
C ARG G 72 -40.57 28.90 11.92
N SER G 73 -41.80 28.96 12.45
CA SER G 73 -42.57 30.20 12.44
C SER G 73 -41.93 31.26 13.32
N TRP G 74 -41.49 30.88 14.52
CA TRP G 74 -40.81 31.81 15.41
C TRP G 74 -39.46 32.25 14.85
N MET G 75 -38.71 31.32 14.28
CA MET G 75 -37.41 31.65 13.68
C MET G 75 -37.57 32.52 12.45
N ASP G 76 -38.65 32.32 11.69
CA ASP G 76 -38.92 33.12 10.51
C ASP G 76 -39.30 34.54 10.88
N ARG G 77 -40.07 34.70 11.96
CA ARG G 77 -40.45 36.05 12.37
C ARG G 77 -39.30 36.80 13.04
N MET G 78 -38.52 36.13 13.91
CA MET G 78 -37.48 36.87 14.63
C MET G 78 -36.18 36.99 13.83
N TRP G 79 -35.96 36.10 12.86
CA TRP G 79 -34.75 36.25 12.05
C TRP G 79 -34.94 37.27 10.94
N HIS G 80 -36.17 37.68 10.66
CA HIS G 80 -36.47 38.67 9.63
C HIS G 80 -37.37 39.76 10.20
N SER G 81 -37.01 40.28 11.38
CA SER G 81 -37.75 41.38 11.95
C SER G 81 -37.45 42.67 11.19
N SER G 82 -38.33 43.65 11.37
CA SER G 82 -38.20 44.92 10.64
C SER G 82 -37.14 45.83 11.23
N ASP G 83 -36.60 45.49 12.40
CA ASP G 83 -35.55 46.31 13.01
C ASP G 83 -34.21 46.09 12.32
N ILE G 84 -34.04 44.97 11.62
CA ILE G 84 -32.76 44.63 11.03
C ILE G 84 -32.64 45.33 9.68
N ASP G 85 -31.56 46.11 9.52
CA ASP G 85 -31.27 46.79 8.26
C ASP G 85 -30.04 46.14 7.63
N ILE G 86 -30.17 45.76 6.35
CA ILE G 86 -29.06 45.14 5.66
C ILE G 86 -28.06 46.18 5.14
N ASN G 87 -28.45 47.45 5.10
CA ASN G 87 -27.54 48.48 4.63
C ASN G 87 -26.52 48.84 5.70
N LYS G 88 -26.87 48.67 6.97
CA LYS G 88 -25.93 48.89 8.06
C LYS G 88 -25.22 47.59 8.44
N SER G 89 -24.65 46.91 7.44
CA SER G 89 -23.96 45.65 7.67
C SER G 89 -22.80 45.61 6.66
N LYS G 90 -21.59 45.85 7.14
CA LYS G 90 -20.44 45.92 6.26
C LYS G 90 -20.02 44.55 5.76
N VAL G 91 -20.29 43.50 6.55
CA VAL G 91 -19.93 42.14 6.16
C VAL G 91 -20.78 41.67 4.99
N HIS G 92 -22.09 41.96 5.03
CA HIS G 92 -22.97 41.58 3.94
C HIS G 92 -22.72 42.43 2.70
N GLU G 93 -22.30 43.69 2.89
CA GLU G 93 -21.91 44.53 1.77
C GLU G 93 -20.65 44.01 1.11
N TYR G 94 -19.67 43.55 1.91
CA TYR G 94 -18.44 43.00 1.36
C TYR G 94 -18.68 41.65 0.70
N ILE G 95 -19.69 40.91 1.18
CA ILE G 95 -20.08 39.66 0.53
C ILE G 95 -20.75 39.94 -0.81
N ALA G 96 -21.63 40.96 -0.84
CA ALA G 96 -22.40 41.24 -2.04
C ALA G 96 -21.54 41.87 -3.14
N LYS G 97 -20.62 42.77 -2.78
CA LYS G 97 -19.82 43.42 -3.81
C LYS G 97 -18.65 42.57 -4.26
N ALA G 98 -18.34 41.48 -3.55
CA ALA G 98 -17.32 40.57 -4.01
C ALA G 98 -17.85 39.72 -5.16
N ASN G 99 -17.00 38.94 -5.77
CA ASN G 99 -17.40 38.16 -6.94
C ASN G 99 -17.18 36.80 -6.68
N PHE G 100 -18.12 36.22 -6.03
CA PHE G 100 -18.15 34.81 -5.67
C PHE G 100 -19.19 34.14 -6.54
N PRO G 101 -18.80 33.20 -7.41
CA PRO G 101 -19.81 32.58 -8.28
C PRO G 101 -20.75 31.65 -7.54
N ILE G 102 -20.22 30.89 -6.58
CA ILE G 102 -21.00 29.93 -5.82
C ILE G 102 -20.89 30.29 -4.34
N ILE G 103 -22.03 30.50 -3.69
CA ILE G 103 -22.09 30.82 -2.26
C ILE G 103 -22.92 29.74 -1.59
N TYR G 104 -22.33 29.07 -0.59
CA TYR G 104 -23.05 28.13 0.24
C TYR G 104 -23.32 28.74 1.60
N THR G 105 -24.40 28.30 2.23
CA THR G 105 -24.72 28.79 3.56
C THR G 105 -25.44 27.72 4.34
N THR G 106 -25.32 27.78 5.66
CA THR G 106 -26.09 26.94 6.56
C THR G 106 -27.14 27.73 7.32
N ASN G 107 -27.27 29.01 7.04
CA ASN G 107 -28.34 29.80 7.60
C ASN G 107 -29.64 29.54 6.86
N TYR G 108 -30.74 29.57 7.61
CA TYR G 108 -32.06 29.50 7.00
C TYR G 108 -32.63 30.87 6.67
N ASP G 109 -31.99 31.93 7.13
CA ASP G 109 -32.45 33.27 6.81
C ASP G 109 -32.00 33.67 5.41
N ARG G 110 -32.63 34.71 4.88
CA ARG G 110 -32.43 35.15 3.51
C ARG G 110 -31.67 36.48 3.43
N TRP G 111 -30.73 36.69 4.35
CA TRP G 111 -30.04 37.97 4.38
C TRP G 111 -28.91 38.05 3.37
N ILE G 112 -28.35 36.91 2.95
CA ILE G 112 -27.39 36.89 1.85
C ILE G 112 -28.08 37.28 0.55
N GLU G 113 -29.27 36.72 0.32
CA GLU G 113 -30.05 37.04 -0.87
C GLU G 113 -30.55 38.49 -0.84
N THR G 114 -30.90 38.97 0.35
CA THR G 114 -31.33 40.36 0.50
C THR G 114 -30.16 41.33 0.28
N ALA G 115 -28.96 40.94 0.72
CA ALA G 115 -27.78 41.78 0.50
C ALA G 115 -27.36 41.77 -0.97
N LEU G 116 -27.55 40.77 -1.72
CA LEU G 116 -27.15 40.78 -3.05
C LEU G 116 -28.23 41.40 -3.85
N SER G 117 -29.50 41.25 -3.58
CA SER G 117 -30.51 41.98 -4.35
C SER G 117 -30.53 43.45 -3.99
N ASN G 118 -30.03 43.81 -2.79
CA ASN G 118 -30.00 45.20 -2.38
C ASN G 118 -28.89 45.96 -3.10
N TYR G 119 -27.78 45.30 -3.39
CA TYR G 119 -26.64 45.93 -4.04
C TYR G 119 -26.58 45.65 -5.54
N GLY G 120 -27.73 45.32 -6.14
CA GLY G 120 -27.85 45.27 -7.59
C GLY G 120 -27.26 44.06 -8.25
N LYS G 121 -26.88 43.03 -7.51
CA LYS G 121 -26.30 41.84 -8.09
C LYS G 121 -27.34 40.76 -8.25
N GLU G 122 -27.44 40.20 -9.45
CA GLU G 122 -28.37 39.12 -9.73
C GLU G 122 -27.83 37.80 -9.18
N TYR G 123 -28.75 36.90 -8.83
CA TYR G 123 -28.37 35.64 -8.22
C TYR G 123 -29.40 34.57 -8.57
N ILE G 124 -29.00 33.32 -8.35
CA ILE G 124 -29.90 32.17 -8.45
C ILE G 124 -29.86 31.46 -7.11
N LYS G 125 -31.00 31.39 -6.45
CA LYS G 125 -31.09 30.79 -5.12
C LYS G 125 -31.48 29.33 -5.26
N ILE G 126 -30.69 28.44 -4.68
CA ILE G 126 -30.87 27.00 -4.82
C ILE G 126 -31.23 26.41 -3.47
N SER G 127 -32.41 25.81 -3.38
CA SER G 127 -32.83 25.07 -2.20
C SER G 127 -33.44 23.72 -2.54
N SER G 128 -33.79 23.46 -3.79
CA SER G 128 -34.24 22.15 -4.22
C SER G 128 -33.58 21.87 -5.56
N VAL G 129 -33.97 20.73 -6.17
CA VAL G 129 -33.29 20.27 -7.37
C VAL G 129 -33.83 20.96 -8.63
N SER G 130 -35.04 21.51 -8.55
CA SER G 130 -35.55 22.34 -9.64
C SER G 130 -34.77 23.65 -9.75
N ASP G 131 -34.29 24.16 -8.62
CA ASP G 131 -33.44 25.33 -8.66
C ASP G 131 -32.05 25.01 -9.17
N ILE G 132 -31.62 23.74 -9.04
CA ILE G 132 -30.41 23.29 -9.73
C ILE G 132 -30.63 23.29 -11.24
N ALA G 133 -31.86 22.97 -11.67
CA ALA G 133 -32.18 23.12 -13.09
C ALA G 133 -32.23 24.57 -13.53
N LYS G 134 -32.51 25.51 -12.61
CA LYS G 134 -32.54 26.92 -12.97
C LYS G 134 -31.18 27.64 -12.84
N ILE G 135 -30.07 26.91 -12.90
CA ILE G 135 -28.76 27.53 -12.64
C ILE G 135 -28.26 28.25 -13.88
N ASP G 136 -27.90 29.52 -13.72
CA ASP G 136 -27.25 30.32 -14.75
C ASP G 136 -25.76 30.40 -14.44
N ASN G 137 -24.93 30.33 -15.48
CA ASN G 137 -23.48 30.37 -15.31
C ASN G 137 -22.94 31.79 -15.17
N ASN G 138 -23.75 32.81 -15.45
CA ASN G 138 -23.34 34.20 -15.31
C ASN G 138 -24.09 34.88 -14.17
N LYS G 139 -24.40 34.11 -13.14
CA LYS G 139 -25.14 34.61 -11.98
C LYS G 139 -24.62 33.91 -10.74
N THR G 140 -24.84 34.52 -9.58
CA THR G 140 -24.36 33.93 -8.34
C THR G 140 -25.28 32.80 -7.90
N GLN G 141 -24.68 31.67 -7.54
CA GLN G 141 -25.42 30.56 -6.95
C GLN G 141 -25.40 30.73 -5.44
N ILE G 142 -26.58 30.90 -4.85
CA ILE G 142 -26.73 30.93 -3.40
C ILE G 142 -27.45 29.65 -3.01
N ILE G 143 -26.71 28.70 -2.45
CA ILE G 143 -27.26 27.40 -2.09
C ILE G 143 -27.57 27.41 -0.60
N LYS G 144 -28.84 27.25 -0.26
CA LYS G 144 -29.28 27.09 1.13
C LYS G 144 -29.10 25.63 1.48
N PHE G 145 -27.93 25.29 2.02
CA PHE G 145 -27.53 23.89 2.18
C PHE G 145 -28.30 23.21 3.29
N HIS G 146 -28.57 23.91 4.39
CA HIS G 146 -29.25 23.33 5.52
C HIS G 146 -30.72 23.70 5.57
N GLY G 147 -31.26 24.27 4.51
CA GLY G 147 -32.68 24.49 4.38
C GLY G 147 -33.04 25.96 4.29
N ASP G 148 -34.34 26.21 4.32
CA ASP G 148 -34.91 27.54 4.22
C ASP G 148 -36.20 27.54 5.04
N PHE G 149 -36.71 28.74 5.32
CA PHE G 149 -37.97 28.85 6.06
C PHE G 149 -39.19 28.62 5.19
N ASP G 150 -39.01 28.45 3.88
CA ASP G 150 -40.15 28.14 3.01
C ASP G 150 -40.57 26.69 3.17
N ASP G 151 -39.62 25.78 3.36
CA ASP G 151 -39.90 24.35 3.46
C ASP G 151 -39.55 23.87 4.87
N ASP G 152 -40.51 23.26 5.55
CA ASP G 152 -40.24 22.67 6.86
C ASP G 152 -39.40 21.41 6.74
N SER G 153 -39.58 20.67 5.65
CA SER G 153 -38.88 19.40 5.47
C SER G 153 -37.43 19.56 5.07
N SER G 154 -36.99 20.77 4.72
CA SER G 154 -35.62 21.00 4.29
C SER G 154 -34.71 21.46 5.41
N ILE G 155 -35.25 21.89 6.54
CA ILE G 155 -34.45 22.48 7.61
C ILE G 155 -33.66 21.39 8.32
N VAL G 156 -32.34 21.54 8.34
CA VAL G 156 -31.45 20.59 9.00
C VAL G 156 -31.14 21.19 10.37
N LEU G 157 -31.94 20.80 11.36
CA LEU G 157 -31.80 21.35 12.71
C LEU G 157 -31.65 20.28 13.79
N ASP G 158 -32.40 19.19 13.70
CA ASP G 158 -32.40 18.17 14.74
C ASP G 158 -31.51 17.00 14.32
N GLU G 159 -31.52 15.93 15.13
CA GLU G 159 -30.59 14.83 14.93
C GLU G 159 -30.97 13.95 13.75
N THR G 160 -32.27 13.76 13.53
CA THR G 160 -32.75 12.95 12.42
C THR G 160 -32.45 13.63 11.09
N SER G 161 -32.53 14.96 11.05
CA SER G 161 -32.19 15.73 9.87
C SER G 161 -30.71 15.60 9.53
N TYR G 162 -29.85 15.63 10.55
CA TYR G 162 -28.42 15.45 10.33
C TYR G 162 -28.07 14.03 9.95
N PHE G 163 -28.87 13.04 10.39
CA PHE G 163 -28.65 11.67 9.95
C PHE G 163 -29.00 11.47 8.48
N GLN G 164 -30.12 12.07 8.05
CA GLN G 164 -30.50 12.06 6.64
C GLN G 164 -29.48 12.80 5.77
N ARG G 165 -28.86 13.86 6.30
CA ARG G 165 -27.78 14.49 5.56
C ARG G 165 -26.49 13.68 5.63
N LEU G 166 -26.33 12.84 6.65
CA LEU G 166 -25.15 11.98 6.73
C LEU G 166 -25.19 10.86 5.69
N GLU G 167 -26.39 10.50 5.24
CA GLU G 167 -26.47 9.52 4.14
C GLU G 167 -25.95 10.04 2.80
N PHE G 168 -25.88 11.37 2.61
CA PHE G 168 -25.36 12.06 1.41
C PHE G 168 -26.13 11.68 0.15
N GLU G 169 -27.46 11.63 0.22
CA GLU G 169 -28.28 11.31 -0.93
C GLU G 169 -29.23 12.43 -1.32
N THR G 170 -29.16 13.57 -0.64
CA THR G 170 -29.88 14.76 -1.05
C THR G 170 -29.26 15.30 -2.35
N PRO G 171 -30.07 15.92 -3.23
CA PRO G 171 -29.50 16.61 -4.41
C PRO G 171 -28.49 17.70 -4.08
N LEU G 172 -28.70 18.41 -2.97
CA LEU G 172 -27.76 19.45 -2.54
C LEU G 172 -26.46 18.83 -2.06
N ASP G 173 -26.52 17.63 -1.46
CA ASP G 173 -25.33 16.90 -1.05
C ASP G 173 -24.48 16.50 -2.24
N ILE G 174 -25.11 16.01 -3.31
CA ILE G 174 -24.40 15.59 -4.51
C ILE G 174 -23.80 16.80 -5.23
N LYS G 175 -24.55 17.91 -5.25
CA LYS G 175 -24.06 19.15 -5.86
C LYS G 175 -22.86 19.70 -5.10
N PHE G 176 -22.90 19.66 -3.75
CA PHE G 176 -21.77 20.10 -2.96
C PHE G 176 -20.56 19.17 -3.10
N ARG G 177 -20.81 17.87 -3.19
CA ARG G 177 -19.73 16.90 -3.28
C ARG G 177 -19.02 16.97 -4.63
N SER G 178 -19.70 17.43 -5.67
CA SER G 178 -18.97 17.69 -6.91
C SER G 178 -18.44 19.12 -6.99
N ASP G 179 -19.02 20.05 -6.23
CA ASP G 179 -18.49 21.41 -6.22
C ASP G 179 -17.17 21.49 -5.48
N VAL G 180 -16.98 20.66 -4.46
CA VAL G 180 -15.71 20.64 -3.75
C VAL G 180 -14.63 19.91 -4.54
N LEU G 181 -14.99 19.15 -5.57
CA LEU G 181 -14.02 18.54 -6.46
C LEU G 181 -13.36 19.62 -7.30
N GLY G 182 -12.15 20.01 -6.93
CA GLY G 182 -11.43 20.98 -7.73
C GLY G 182 -11.77 22.43 -7.49
N LYS G 183 -12.31 22.76 -6.33
CA LYS G 183 -12.52 24.15 -5.94
C LYS G 183 -12.21 24.31 -4.46
N SER G 184 -11.77 25.51 -4.09
CA SER G 184 -11.47 25.83 -2.71
C SER G 184 -12.70 26.39 -2.03
N VAL G 185 -12.86 26.07 -0.75
CA VAL G 185 -13.97 26.56 0.05
C VAL G 185 -13.43 27.54 1.08
N LEU G 186 -14.05 28.71 1.16
CA LEU G 186 -13.71 29.72 2.15
C LEU G 186 -14.83 29.77 3.18
N PHE G 187 -14.53 29.35 4.41
CA PHE G 187 -15.51 29.34 5.50
C PHE G 187 -15.42 30.65 6.27
N ILE G 188 -16.48 31.44 6.25
CA ILE G 188 -16.55 32.65 7.06
C ILE G 188 -17.79 32.55 7.95
N GLY G 189 -17.65 32.96 9.22
CA GLY G 189 -18.72 32.87 10.17
C GLY G 189 -19.09 31.48 10.62
N TYR G 190 -18.28 30.49 10.29
CA TYR G 190 -18.63 29.08 10.43
C TYR G 190 -17.54 28.37 11.22
N SER G 191 -17.94 27.49 12.12
CA SER G 191 -17.01 26.81 13.01
C SER G 191 -16.68 25.39 12.59
N LEU G 192 -17.25 24.91 11.47
CA LEU G 192 -17.10 23.53 10.95
C LEU G 192 -17.46 22.47 11.99
N SER G 193 -18.59 22.69 12.65
CA SER G 193 -19.04 21.83 13.75
C SER G 193 -20.08 20.81 13.33
N ASP G 194 -20.78 21.05 12.23
CA ASP G 194 -21.79 20.10 11.75
C ASP G 194 -21.12 18.87 11.19
N ILE G 195 -21.59 17.70 11.62
CA ILE G 195 -20.90 16.44 11.37
C ILE G 195 -20.98 16.02 9.90
N ASN G 196 -22.00 16.45 9.18
CA ASN G 196 -22.12 16.08 7.77
C ASN G 196 -21.11 16.83 6.91
N ILE G 197 -20.77 18.06 7.29
CA ILE G 197 -19.73 18.82 6.59
C ILE G 197 -18.35 18.21 6.87
N ARG G 198 -18.12 17.80 8.12
CA ARG G 198 -16.85 17.16 8.48
C ARG G 198 -16.68 15.82 7.81
N LEU G 199 -17.76 15.04 7.69
CA LEU G 199 -17.68 13.77 6.98
C LEU G 199 -17.52 13.99 5.48
N LEU G 200 -18.11 15.07 4.94
CA LEU G 200 -17.95 15.41 3.53
C LEU G 200 -16.50 15.76 3.21
N PHE G 201 -15.86 16.55 4.06
CA PHE G 201 -14.48 16.93 3.79
C PHE G 201 -13.50 15.81 4.13
N TYR G 202 -13.86 14.94 5.08
CA TYR G 202 -13.07 13.73 5.34
C TYR G 202 -13.09 12.79 4.14
N LYS G 203 -14.28 12.60 3.53
CA LYS G 203 -14.37 11.76 2.35
C LYS G 203 -13.73 12.40 1.13
N LEU G 204 -13.72 13.73 1.05
CA LEU G 204 -12.98 14.43 0.00
C LEU G 204 -11.48 14.21 0.14
N SER G 205 -10.97 14.25 1.37
CA SER G 205 -9.56 13.99 1.63
C SER G 205 -9.19 12.54 1.31
N LYS G 206 -10.04 11.59 1.71
CA LYS G 206 -9.83 10.17 1.39
C LYS G 206 -9.87 9.92 -0.12
N LEU G 207 -10.76 10.63 -0.81
CA LEU G 207 -10.84 10.60 -2.26
C LEU G 207 -9.56 11.09 -2.93
N TRP G 208 -8.99 12.18 -2.42
CA TRP G 208 -7.75 12.68 -3.00
C TRP G 208 -6.55 11.82 -2.62
N LYS G 209 -6.61 11.10 -1.49
CA LYS G 209 -5.54 10.16 -1.19
C LYS G 209 -5.65 8.88 -2.02
N GLU G 210 -6.86 8.50 -2.44
CA GLU G 210 -7.00 7.27 -3.23
C GLU G 210 -6.50 7.45 -4.66
N GLN G 211 -6.45 8.68 -5.15
CA GLN G 211 -5.84 8.92 -6.46
C GLN G 211 -4.33 9.11 -6.38
N LYS G 212 -3.77 9.13 -5.17
CA LYS G 212 -2.37 9.46 -4.89
C LYS G 212 -1.96 10.81 -5.46
N LEU G 213 -2.85 11.80 -5.34
CA LEU G 213 -2.62 13.16 -5.82
C LEU G 213 -2.93 14.20 -4.75
N GLU G 214 -2.69 13.87 -3.47
CA GLU G 214 -3.16 14.72 -2.37
C GLU G 214 -2.39 16.03 -2.26
N GLU G 215 -1.22 16.13 -2.91
CA GLU G 215 -0.52 17.41 -2.96
C GLU G 215 -1.24 18.39 -3.90
N ALA G 216 -1.96 17.86 -4.88
CA ALA G 216 -2.64 18.67 -5.88
C ALA G 216 -4.07 19.02 -5.50
N GLN G 217 -4.52 18.63 -4.31
CA GLN G 217 -5.85 18.97 -3.83
C GLN G 217 -5.93 20.48 -3.58
N PRO G 218 -7.02 21.15 -4.01
CA PRO G 218 -7.17 22.58 -3.70
C PRO G 218 -7.31 22.83 -2.21
N LYS G 219 -6.63 23.87 -1.75
CA LYS G 219 -6.52 24.14 -0.33
C LYS G 219 -7.69 24.99 0.11
N SER G 220 -8.45 24.52 1.08
CA SER G 220 -9.57 25.26 1.65
C SER G 220 -9.08 26.11 2.82
N TYR G 221 -9.87 27.12 3.16
CA TYR G 221 -9.53 28.05 4.22
C TYR G 221 -10.74 28.32 5.10
N ILE G 222 -10.50 28.43 6.40
CA ILE G 222 -11.53 28.81 7.36
C ILE G 222 -11.04 30.03 8.13
N PHE G 223 -11.89 31.03 8.26
CA PHE G 223 -11.58 32.24 9.00
C PHE G 223 -12.29 32.19 10.35
N LEU G 224 -11.53 31.91 11.40
CA LEU G 224 -12.00 32.03 12.77
C LEU G 224 -11.15 33.06 13.49
N PRO G 225 -11.76 34.03 14.20
CA PRO G 225 -10.95 35.01 14.92
C PRO G 225 -10.19 34.43 16.12
N ARG G 226 -10.85 33.68 16.98
CA ARG G 226 -10.14 33.10 18.09
C ARG G 226 -9.42 31.90 17.61
N PRO G 227 -8.17 31.77 17.98
CA PRO G 227 -7.37 30.64 17.49
C PRO G 227 -7.63 29.37 18.27
N ASN G 228 -7.37 28.25 17.61
CA ASN G 228 -7.60 26.92 18.17
C ASN G 228 -6.61 25.99 17.50
N PRO G 229 -5.57 25.54 18.22
CA PRO G 229 -4.57 24.67 17.58
C PRO G 229 -5.07 23.27 17.31
N ILE G 230 -6.04 22.82 18.11
CA ILE G 230 -6.65 21.50 17.94
C ILE G 230 -7.43 21.45 16.64
N GLN G 231 -8.26 22.45 16.41
CA GLN G 231 -8.98 22.50 15.15
C GLN G 231 -8.01 22.76 14.01
N GLU G 232 -6.97 23.55 14.26
CA GLU G 232 -5.97 23.83 13.24
C GLU G 232 -5.33 22.55 12.71
N GLU G 233 -4.94 21.65 13.62
CA GLU G 233 -4.33 20.40 13.22
C GLU G 233 -5.34 19.47 12.53
N ILE G 234 -6.55 19.41 13.08
CA ILE G 234 -7.57 18.48 12.56
C ILE G 234 -8.08 18.93 11.20
N LEU G 235 -8.31 20.24 11.02
CA LEU G 235 -8.69 20.74 9.71
C LEU G 235 -7.51 20.80 8.75
N GLU G 236 -6.27 20.85 9.26
CA GLU G 236 -5.11 20.80 8.39
C GLU G 236 -4.94 19.42 7.79
N GLN G 237 -5.42 18.39 8.48
CA GLN G 237 -5.46 17.06 7.87
C GLN G 237 -6.45 16.95 6.70
N TRP G 238 -7.46 17.81 6.64
CA TRP G 238 -8.43 17.79 5.56
C TRP G 238 -8.16 18.88 4.53
N ARG G 239 -6.94 19.39 4.49
CA ARG G 239 -6.58 20.48 3.56
C ARG G 239 -7.38 21.75 3.79
N ILE G 240 -7.67 22.06 5.05
CA ILE G 240 -8.39 23.28 5.40
C ILE G 240 -7.48 24.08 6.33
N GLY G 241 -6.94 25.18 5.82
CA GLY G 241 -6.06 26.01 6.62
C GLY G 241 -6.83 27.03 7.42
N MET G 242 -6.23 27.46 8.54
CA MET G 242 -6.85 28.42 9.44
C MET G 242 -6.27 29.81 9.20
N ILE G 243 -7.14 30.80 9.09
CA ILE G 243 -6.76 32.20 9.02
C ILE G 243 -7.33 32.88 10.25
N SER G 244 -6.45 33.40 11.11
CA SER G 244 -6.88 34.01 12.36
C SER G 244 -6.51 35.48 12.38
N SER G 245 -7.19 36.23 13.25
CA SER G 245 -6.97 37.65 13.42
C SER G 245 -6.67 37.95 14.88
N GLU G 246 -5.86 38.98 15.11
CA GLU G 246 -5.53 39.40 16.46
C GLU G 246 -6.59 40.31 17.07
N ASN G 247 -7.54 40.78 16.27
CA ASN G 247 -8.61 41.63 16.77
C ASN G 247 -9.60 40.79 17.60
N ASP G 248 -10.02 41.35 18.73
CA ASP G 248 -10.96 40.67 19.61
C ASP G 248 -12.41 40.81 19.16
N ASN G 249 -12.70 41.72 18.23
CA ASN G 249 -14.04 41.86 17.69
C ASN G 249 -14.19 40.91 16.50
N PRO G 250 -15.17 40.02 16.51
CA PRO G 250 -15.31 39.08 15.37
C PRO G 250 -15.84 39.74 14.11
N GLY G 251 -16.77 40.69 14.26
CA GLY G 251 -17.31 41.38 13.10
C GLY G 251 -16.30 42.28 12.43
N GLU G 252 -15.47 42.96 13.24
CA GLU G 252 -14.42 43.81 12.68
C GLU G 252 -13.33 42.98 12.01
N SER G 253 -13.02 41.81 12.59
CA SER G 253 -12.06 40.89 11.97
C SER G 253 -12.58 40.36 10.64
N LEU G 254 -13.87 40.06 10.57
CA LEU G 254 -14.46 39.60 9.32
C LEU G 254 -14.53 40.72 8.29
N GLU G 255 -14.73 41.97 8.74
CA GLU G 255 -14.72 43.10 7.83
C GLU G 255 -13.33 43.35 7.24
N GLU G 256 -12.29 43.28 8.07
CA GLU G 256 -10.93 43.45 7.54
C GLU G 256 -10.49 42.25 6.71
N PHE G 257 -11.08 41.08 6.95
CA PHE G 257 -10.76 39.94 6.10
C PHE G 257 -11.44 40.05 4.74
N LEU G 258 -12.70 40.47 4.70
CA LEU G 258 -13.45 40.55 3.45
C LEU G 258 -13.21 41.85 2.68
N LYS G 259 -12.48 42.80 3.27
CA LYS G 259 -12.05 43.98 2.55
C LYS G 259 -11.08 43.63 1.43
N ASN G 260 -10.31 42.55 1.59
CA ASN G 260 -9.38 42.10 0.57
C ASN G 260 -10.11 41.52 -0.64
N PHE G 261 -11.35 41.08 -0.46
CA PHE G 261 -12.15 40.55 -1.57
C PHE G 261 -13.09 41.59 -2.15
N VAL G 262 -13.44 42.63 -1.40
CA VAL G 262 -14.39 43.60 -1.91
C VAL G 262 -13.75 44.51 -2.95
N LEU G 263 -12.43 44.65 -2.93
CA LEU G 263 -11.78 45.56 -3.87
C LEU G 263 -11.44 44.83 -5.16
N VAL G 264 -11.66 45.52 -6.29
CA VAL G 264 -11.48 45.11 -7.71
C VAL G 264 -11.84 43.67 -8.04
N MET H 1 -39.74 -4.55 31.34
CA MET H 1 -38.99 -5.32 32.34
C MET H 1 -39.43 -6.78 32.35
N GLU H 2 -40.75 -7.01 32.30
CA GLU H 2 -41.26 -8.38 32.26
C GLU H 2 -41.08 -8.98 30.87
N GLN H 3 -41.29 -8.16 29.83
CA GLN H 3 -41.05 -8.61 28.46
C GLN H 3 -39.55 -8.79 28.19
N LEU H 4 -38.71 -8.01 28.89
CA LEU H 4 -37.27 -8.22 28.83
C LEU H 4 -36.87 -9.57 29.40
N LEU H 5 -37.49 -9.97 30.51
CA LEU H 5 -37.21 -11.27 31.10
C LEU H 5 -37.77 -12.40 30.25
N ALA H 6 -38.92 -12.16 29.59
CA ALA H 6 -39.50 -13.15 28.70
C ALA H 6 -38.65 -13.36 27.45
N ASP H 7 -38.08 -12.28 26.92
CA ASP H 7 -37.18 -12.41 25.77
C ASP H 7 -35.82 -12.96 26.18
N TYR H 8 -35.41 -12.69 27.42
CA TYR H 8 -34.11 -13.19 27.89
C TYR H 8 -34.16 -14.69 28.16
N LYS H 9 -35.27 -15.18 28.70
CA LYS H 9 -35.42 -16.62 28.91
C LYS H 9 -35.62 -17.38 27.61
N LYS H 10 -36.14 -16.71 26.58
CA LYS H 10 -36.21 -17.30 25.24
C LYS H 10 -34.84 -17.31 24.56
N GLY H 11 -33.93 -16.43 24.96
CA GLY H 11 -32.61 -16.38 24.36
C GLY H 11 -32.47 -15.39 23.23
N ASN H 12 -33.23 -14.29 23.26
CA ASN H 12 -33.25 -13.34 22.16
C ASN H 12 -32.83 -11.94 22.61
N VAL H 13 -31.94 -11.86 23.59
CA VAL H 13 -31.47 -10.58 24.12
C VAL H 13 -29.95 -10.54 24.01
N ILE H 14 -29.43 -9.50 23.36
CA ILE H 14 -28.00 -9.24 23.23
C ILE H 14 -27.61 -8.22 24.30
N LEU H 15 -26.57 -8.53 25.07
CA LEU H 15 -26.06 -7.63 26.09
C LEU H 15 -25.06 -6.66 25.46
N PHE H 16 -25.28 -5.37 25.68
CA PHE H 16 -24.34 -4.33 25.26
C PHE H 16 -23.79 -3.67 26.52
N VAL H 17 -22.46 -3.61 26.62
CA VAL H 17 -21.77 -3.18 27.83
C VAL H 17 -20.97 -1.92 27.53
N GLY H 18 -21.13 -0.90 28.36
CA GLY H 18 -20.37 0.32 28.25
C GLY H 18 -19.33 0.46 29.34
N ALA H 19 -18.89 1.71 29.54
CA ALA H 19 -17.82 1.97 30.49
C ALA H 19 -18.32 2.08 31.91
N GLY H 20 -19.64 2.24 32.10
CA GLY H 20 -20.19 2.36 33.43
C GLY H 20 -20.18 1.06 34.21
N VAL H 21 -20.12 -0.06 33.49
CA VAL H 21 -19.89 -1.35 34.12
C VAL H 21 -18.45 -1.42 34.65
N SER H 22 -17.51 -0.98 33.83
CA SER H 22 -16.09 -1.10 34.16
C SER H 22 -15.62 -0.04 35.14
N MET H 23 -16.41 1.01 35.39
CA MET H 23 -15.99 2.01 36.37
C MET H 23 -16.26 1.57 37.81
N ASN H 24 -16.90 0.42 38.02
CA ASN H 24 -17.08 -0.10 39.37
C ASN H 24 -15.81 -0.74 39.90
N LEU H 25 -14.87 -1.10 39.01
CA LEU H 25 -13.68 -1.83 39.38
C LEU H 25 -12.55 -0.95 39.91
N GLY H 26 -12.67 0.37 39.80
CA GLY H 26 -11.56 1.23 40.10
C GLY H 26 -10.69 1.57 38.91
N LEU H 27 -11.17 1.33 37.70
CA LEU H 27 -10.46 1.72 36.48
C LEU H 27 -10.50 3.24 36.34
N PRO H 28 -9.53 3.82 35.60
CA PRO H 28 -9.59 5.26 35.31
C PRO H 28 -10.81 5.64 34.50
N SER H 29 -11.36 6.80 34.79
CA SER H 29 -12.53 7.27 34.08
C SER H 29 -12.13 7.91 32.76
N TRP H 30 -13.13 8.45 32.06
CA TRP H 30 -12.86 9.12 30.79
C TRP H 30 -12.15 10.46 31.04
N SER H 31 -12.49 11.12 32.16
CA SER H 31 -11.87 12.39 32.49
C SER H 31 -10.41 12.20 32.87
N GLN H 32 -10.06 11.06 33.49
CA GLN H 32 -8.67 10.80 33.82
C GLN H 32 -7.86 10.49 32.56
N LEU H 33 -8.49 9.87 31.56
CA LEU H 33 -7.86 9.70 30.26
C LEU H 33 -7.64 11.05 29.57
N VAL H 34 -8.61 11.96 29.70
CA VAL H 34 -8.50 13.31 29.15
C VAL H 34 -7.34 14.05 29.82
N ASP H 35 -7.23 13.88 31.14
CA ASP H 35 -6.13 14.45 31.93
C ASP H 35 -4.78 13.90 31.49
N HIS H 36 -4.70 12.59 31.23
CA HIS H 36 -3.43 11.99 30.83
C HIS H 36 -3.00 12.47 29.45
N ILE H 37 -3.96 12.60 28.53
CA ILE H 37 -3.67 13.17 27.20
C ILE H 37 -3.24 14.62 27.31
N ALA H 38 -3.86 15.39 28.21
CA ALA H 38 -3.54 16.80 28.36
C ALA H 38 -2.15 17.02 28.93
N THR H 39 -1.81 16.31 30.02
CA THR H 39 -0.46 16.45 30.56
C THR H 39 0.60 15.73 29.72
N GLU H 40 0.19 14.84 28.82
CA GLU H 40 1.15 14.27 27.88
C GLU H 40 1.46 15.24 26.75
N LEU H 41 0.50 16.06 26.34
CA LEU H 41 0.74 17.06 25.31
C LEU H 41 1.22 18.39 25.87
N GLY H 42 1.46 18.49 27.17
CA GLY H 42 1.94 19.71 27.76
C GLY H 42 0.87 20.66 28.24
N TYR H 43 -0.40 20.26 28.17
CA TYR H 43 -1.48 21.09 28.66
C TYR H 43 -1.79 20.74 30.12
N ASP H 44 -2.47 21.62 30.75
CA ASP H 44 -3.26 21.15 31.87
C ASP H 44 -4.71 20.94 31.41
N PRO H 45 -5.44 19.99 32.03
CA PRO H 45 -6.74 19.54 31.46
C PRO H 45 -7.84 20.56 31.24
N ASP H 46 -7.96 21.54 32.13
CA ASP H 46 -9.10 22.46 32.07
C ASP H 46 -8.93 23.47 30.94
N ILE H 47 -7.70 23.66 30.47
CA ILE H 47 -7.46 24.57 29.35
C ILE H 47 -7.56 23.82 28.02
N TYR H 48 -7.58 22.48 28.08
CA TYR H 48 -7.76 21.58 26.91
C TYR H 48 -9.24 21.19 26.84
N ARG H 49 -10.04 21.51 27.85
CA ARG H 49 -11.49 21.31 27.96
C ARG H 49 -12.39 22.30 27.20
N THR H 50 -11.87 23.50 26.95
CA THR H 50 -12.50 24.54 26.16
C THR H 50 -12.33 24.36 24.65
N PHE H 51 -11.46 23.46 24.18
CA PHE H 51 -11.15 23.37 22.76
C PHE H 51 -12.01 22.35 22.03
N GLY H 52 -11.93 21.08 22.40
CA GLY H 52 -12.69 20.03 21.76
C GLY H 52 -13.49 19.25 22.78
N SER H 53 -14.02 18.07 22.43
CA SER H 53 -14.83 17.33 23.38
C SER H 53 -14.19 15.99 23.78
N ALA H 54 -14.16 15.00 22.89
CA ALA H 54 -13.45 13.75 23.15
C ALA H 54 -12.79 13.25 21.89
N LEU H 55 -13.45 13.50 20.77
CA LEU H 55 -12.94 13.05 19.49
C LEU H 55 -11.81 13.95 19.04
N GLU H 56 -11.95 15.25 19.28
CA GLU H 56 -10.87 16.21 19.03
C GLU H 56 -9.68 15.98 19.96
N LEU H 57 -9.94 15.53 21.15
CA LEU H 57 -8.82 15.24 22.06
C LEU H 57 -8.09 13.93 21.69
N ALA H 58 -8.74 12.83 21.28
CA ALA H 58 -7.97 11.67 20.86
C ALA H 58 -7.39 11.85 19.46
N GLU H 59 -8.06 12.65 18.61
CA GLU H 59 -7.51 12.98 17.31
C GLU H 59 -6.28 13.85 17.41
N TYR H 60 -6.28 14.83 18.34
CA TYR H 60 -5.12 15.69 18.50
C TYR H 60 -3.96 14.95 19.12
N TYR H 61 -4.24 14.02 20.05
CA TYR H 61 -3.17 13.20 20.59
C TYR H 61 -2.56 12.27 19.54
N LYS H 62 -3.40 11.72 18.66
CA LYS H 62 -2.91 10.87 17.58
C LYS H 62 -2.10 11.67 16.58
N LEU H 63 -2.52 12.91 16.29
CA LEU H 63 -1.83 13.70 15.28
C LEU H 63 -0.52 14.27 15.80
N LYS H 64 -0.45 14.65 17.07
CA LYS H 64 0.82 15.15 17.61
C LYS H 64 1.78 13.99 17.91
N LYS H 65 1.27 12.89 18.44
CA LYS H 65 2.13 11.79 18.84
C LYS H 65 2.37 10.78 17.71
N GLY H 66 1.79 10.99 16.55
CA GLY H 66 1.99 10.08 15.42
C GLY H 66 1.02 8.92 15.32
N LYS H 67 0.79 8.23 16.44
CA LYS H 67 -0.11 7.09 16.46
C LYS H 67 -0.75 7.02 17.85
N ILE H 68 -1.55 5.98 18.06
CA ILE H 68 -2.34 5.84 19.27
C ILE H 68 -1.58 4.94 20.24
N GLY H 69 -0.41 4.48 19.81
CA GLY H 69 0.42 3.53 20.52
C GLY H 69 0.89 3.85 21.94
N PRO H 70 1.43 5.05 22.20
CA PRO H 70 1.70 5.44 23.60
C PRO H 70 0.46 5.50 24.47
N LEU H 71 -0.64 5.98 23.91
CA LEU H 71 -1.91 6.00 24.62
C LEU H 71 -2.45 4.59 24.86
N ARG H 72 -2.25 3.65 24.00
CA ARG H 72 -2.78 2.38 24.18
C ARG H 72 -2.00 1.71 25.07
N SER H 73 -0.68 1.89 25.09
CA SER H 73 0.19 1.30 26.11
C SER H 73 -0.20 1.77 27.51
N TRP H 74 -0.50 3.06 27.65
CA TRP H 74 -0.89 3.59 28.96
C TRP H 74 -2.25 3.06 29.41
N MET H 75 -3.22 2.99 28.49
CA MET H 75 -4.53 2.41 28.84
C MET H 75 -4.45 0.92 29.10
N ASP H 76 -3.54 0.22 28.41
CA ASP H 76 -3.35 -1.21 28.65
C ASP H 76 -2.77 -1.45 30.04
N ARG H 77 -1.81 -0.62 30.46
CA ARG H 77 -1.22 -0.83 31.78
C ARG H 77 -2.14 -0.33 32.89
N MET H 78 -2.93 0.71 32.63
CA MET H 78 -3.78 1.27 33.70
C MET H 78 -5.07 0.48 33.85
N TRP H 79 -5.66 0.01 32.74
CA TRP H 79 -6.92 -0.71 32.81
C TRP H 79 -6.76 -2.15 33.27
N HIS H 80 -5.54 -2.66 33.35
CA HIS H 80 -5.29 -4.04 33.74
C HIS H 80 -4.22 -4.12 34.82
N SER H 81 -4.25 -3.20 35.78
CA SER H 81 -3.29 -3.24 36.87
C SER H 81 -3.66 -4.35 37.86
N SER H 82 -2.70 -4.68 38.73
CA SER H 82 -2.89 -5.80 39.65
C SER H 82 -3.77 -5.43 40.84
N ASP H 83 -4.05 -4.15 41.04
CA ASP H 83 -4.90 -3.74 42.15
C ASP H 83 -6.36 -4.07 41.87
N ILE H 84 -6.73 -4.12 40.59
CA ILE H 84 -8.11 -4.42 40.23
C ILE H 84 -8.33 -5.93 40.28
N ASP H 85 -9.26 -6.36 41.13
CA ASP H 85 -9.63 -7.75 41.25
C ASP H 85 -11.08 -7.93 40.80
N ILE H 86 -11.29 -8.88 39.89
CA ILE H 86 -12.61 -9.09 39.33
C ILE H 86 -13.52 -9.84 40.30
N ASN H 87 -12.96 -10.47 41.35
CA ASN H 87 -13.77 -11.27 42.27
C ASN H 87 -14.61 -10.40 43.21
N LYS H 88 -14.10 -9.24 43.65
CA LYS H 88 -14.99 -8.25 44.26
C LYS H 88 -15.56 -7.32 43.21
N SER H 89 -16.41 -7.86 42.35
CA SER H 89 -17.24 -7.09 41.43
C SER H 89 -18.51 -7.91 41.22
N LYS H 90 -19.60 -7.47 41.86
CA LYS H 90 -20.86 -8.20 41.74
C LYS H 90 -21.47 -8.05 40.36
N VAL H 91 -21.20 -6.93 39.69
CA VAL H 91 -21.77 -6.66 38.36
C VAL H 91 -21.18 -7.62 37.33
N HIS H 92 -19.86 -7.82 37.36
CA HIS H 92 -19.21 -8.73 36.43
C HIS H 92 -19.53 -10.18 36.75
N GLU H 93 -19.76 -10.50 38.03
CA GLU H 93 -20.24 -11.83 38.41
C GLU H 93 -21.63 -12.09 37.87
N TYR H 94 -22.51 -11.09 37.94
CA TYR H 94 -23.88 -11.27 37.45
C TYR H 94 -23.92 -11.29 35.93
N ILE H 95 -22.97 -10.62 35.28
CA ILE H 95 -22.84 -10.71 33.83
C ILE H 95 -22.35 -12.10 33.44
N ALA H 96 -21.38 -12.64 34.18
CA ALA H 96 -20.78 -13.94 33.86
C ALA H 96 -21.76 -15.08 34.11
N LYS H 97 -22.51 -15.04 35.21
CA LYS H 97 -23.38 -16.15 35.54
C LYS H 97 -24.70 -16.11 34.79
N ALA H 98 -25.03 -15.00 34.14
CA ALA H 98 -26.26 -14.94 33.35
C ALA H 98 -26.07 -15.68 32.02
N ASN H 99 -27.18 -16.01 31.39
CA ASN H 99 -27.18 -16.74 30.14
C ASN H 99 -27.41 -15.76 28.99
N PHE H 100 -26.37 -14.98 28.68
CA PHE H 100 -26.39 -14.11 27.51
C PHE H 100 -25.56 -14.76 26.42
N PRO H 101 -26.16 -15.14 25.28
CA PRO H 101 -25.37 -15.82 24.24
C PRO H 101 -24.44 -14.90 23.50
N ILE H 102 -24.86 -13.66 23.22
CA ILE H 102 -24.06 -12.68 22.50
C ILE H 102 -23.86 -11.47 23.39
N ILE H 103 -22.62 -11.06 23.58
CA ILE H 103 -22.29 -9.88 24.39
C ILE H 103 -21.47 -8.94 23.52
N TYR H 104 -21.97 -7.73 23.31
CA TYR H 104 -21.20 -6.68 22.66
C TYR H 104 -20.67 -5.72 23.73
N THR H 105 -19.53 -5.09 23.44
CA THR H 105 -18.99 -4.11 24.36
C THR H 105 -18.19 -3.09 23.57
N THR H 106 -18.21 -1.85 24.07
CA THR H 106 -17.36 -0.79 23.55
C THR H 106 -16.15 -0.55 24.42
N ASN H 107 -15.94 -1.37 25.45
CA ASN H 107 -14.72 -1.34 26.22
C ASN H 107 -13.60 -1.99 25.45
N TYR H 108 -12.38 -1.51 25.68
CA TYR H 108 -11.20 -2.16 25.14
C TYR H 108 -10.55 -3.13 26.12
N ASP H 109 -10.90 -3.04 27.40
CA ASP H 109 -10.34 -3.90 28.41
C ASP H 109 -10.96 -5.30 28.35
N ARG H 110 -10.30 -6.25 28.99
CA ARG H 110 -10.68 -7.65 28.93
C ARG H 110 -11.36 -8.14 30.20
N TRP H 111 -12.05 -7.26 30.93
CA TRP H 111 -12.60 -7.67 32.21
C TRP H 111 -13.87 -8.49 32.05
N ILE H 112 -14.56 -8.36 30.92
CA ILE H 112 -15.70 -9.23 30.63
C ILE H 112 -15.23 -10.65 30.37
N GLU H 113 -14.16 -10.79 29.59
CA GLU H 113 -13.57 -12.10 29.31
C GLU H 113 -12.94 -12.70 30.55
N THR H 114 -12.31 -11.86 31.39
CA THR H 114 -11.75 -12.32 32.65
C THR H 114 -12.84 -12.78 33.62
N ALA H 115 -13.96 -12.05 33.65
CA ALA H 115 -15.08 -12.46 34.50
C ALA H 115 -15.75 -13.73 33.98
N LEU H 116 -15.83 -13.89 32.66
CA LEU H 116 -16.41 -15.10 32.08
C LEU H 116 -15.51 -16.31 32.30
N SER H 117 -14.19 -16.12 32.26
CA SER H 117 -13.28 -17.23 32.47
C SER H 117 -13.04 -17.51 33.95
N ASN H 118 -13.37 -16.56 34.83
CA ASN H 118 -13.24 -16.80 36.27
C ASN H 118 -14.32 -17.77 36.72
N TYR H 119 -15.56 -17.53 36.30
CA TYR H 119 -16.71 -18.28 36.81
C TYR H 119 -17.05 -19.48 35.95
N GLY H 120 -16.08 -20.01 35.20
CA GLY H 120 -16.22 -21.27 34.50
C GLY H 120 -17.20 -21.28 33.34
N LYS H 121 -17.21 -20.23 32.54
CA LYS H 121 -18.06 -20.16 31.37
C LYS H 121 -17.19 -19.98 30.14
N GLU H 122 -17.35 -20.87 29.16
CA GLU H 122 -16.56 -20.77 27.94
C GLU H 122 -17.11 -19.68 27.04
N TYR H 123 -16.22 -19.09 26.24
CA TYR H 123 -16.59 -17.97 25.40
C TYR H 123 -15.74 -17.96 24.14
N ILE H 124 -16.18 -17.14 23.18
CA ILE H 124 -15.40 -16.82 21.99
C ILE H 124 -15.24 -15.31 21.95
N LYS H 125 -14.00 -14.84 21.93
CA LYS H 125 -13.71 -13.42 21.81
C LYS H 125 -13.62 -13.06 20.32
N ILE H 126 -14.40 -12.08 19.90
CA ILE H 126 -14.43 -11.66 18.49
C ILE H 126 -13.94 -10.22 18.41
N SER H 127 -12.84 -10.02 17.68
CA SER H 127 -12.37 -8.69 17.34
C SER H 127 -11.89 -8.60 15.90
N SER H 128 -11.92 -9.69 15.15
CA SER H 128 -11.60 -9.70 13.74
C SER H 128 -12.61 -10.60 13.03
N VAL H 129 -12.54 -10.61 11.70
CA VAL H 129 -13.44 -11.45 10.92
C VAL H 129 -12.98 -12.92 10.96
N SER H 130 -11.70 -13.14 11.22
CA SER H 130 -11.19 -14.48 11.45
C SER H 130 -11.69 -15.06 12.77
N ASP H 131 -12.04 -14.19 13.72
CA ASP H 131 -12.69 -14.65 14.94
C ASP H 131 -14.19 -14.86 14.75
N ILE H 132 -14.79 -14.20 13.75
CA ILE H 132 -16.17 -14.51 13.36
C ILE H 132 -16.24 -15.92 12.78
N ALA H 133 -15.16 -16.34 12.10
CA ALA H 133 -15.08 -17.72 11.62
C ALA H 133 -15.01 -18.77 12.73
N LYS H 134 -14.66 -18.38 13.96
CA LYS H 134 -14.51 -19.32 15.07
C LYS H 134 -15.72 -19.38 15.99
N ILE H 135 -16.90 -18.99 15.50
CA ILE H 135 -18.06 -18.88 16.39
C ILE H 135 -18.67 -20.25 16.62
N ASP H 136 -18.80 -20.63 17.89
CA ASP H 136 -19.56 -21.80 18.31
C ASP H 136 -20.90 -21.34 18.86
N ASN H 137 -21.96 -22.09 18.55
CA ASN H 137 -23.29 -21.72 19.00
C ASN H 137 -23.58 -22.16 20.42
N ASN H 138 -22.72 -22.96 21.03
CA ASN H 138 -22.87 -23.36 22.42
C ASN H 138 -22.01 -22.53 23.36
N LYS H 139 -21.32 -21.53 22.85
CA LYS H 139 -20.44 -20.68 23.65
C LYS H 139 -20.88 -19.22 23.53
N THR H 140 -20.50 -18.43 24.52
CA THR H 140 -20.81 -17.01 24.54
C THR H 140 -19.96 -16.27 23.50
N GLN H 141 -20.61 -15.42 22.72
CA GLN H 141 -19.91 -14.54 21.78
C GLN H 141 -19.66 -13.21 22.49
N ILE H 142 -18.38 -12.91 22.73
CA ILE H 142 -17.98 -11.60 23.24
C ILE H 142 -17.34 -10.86 22.08
N ILE H 143 -17.96 -9.75 21.68
CA ILE H 143 -17.49 -8.97 20.54
C ILE H 143 -16.93 -7.66 21.07
N LYS H 144 -15.65 -7.43 20.83
CA LYS H 144 -14.99 -6.17 21.18
C LYS H 144 -15.26 -5.22 20.03
N PHE H 145 -16.37 -4.49 20.14
CA PHE H 145 -16.92 -3.76 19.00
C PHE H 145 -16.09 -2.53 18.66
N HIS H 146 -15.48 -1.90 19.65
CA HIS H 146 -14.68 -0.71 19.43
C HIS H 146 -13.18 -0.99 19.52
N GLY H 147 -12.79 -2.26 19.45
CA GLY H 147 -11.39 -2.63 19.43
C GLY H 147 -10.94 -3.27 20.72
N ASP H 148 -9.66 -3.65 20.71
CA ASP H 148 -8.97 -4.25 21.84
C ASP H 148 -7.60 -3.61 21.91
N PHE H 149 -6.87 -3.89 23.00
CA PHE H 149 -5.52 -3.37 23.15
C PHE H 149 -4.48 -4.19 22.39
N ASP H 150 -4.89 -5.27 21.72
CA ASP H 150 -4.01 -6.08 20.91
C ASP H 150 -3.81 -5.54 19.51
N ASP H 151 -4.54 -4.49 19.12
CA ASP H 151 -4.48 -3.99 17.75
C ASP H 151 -4.77 -2.50 17.79
N ASP H 152 -3.80 -1.69 17.36
CA ASP H 152 -3.96 -0.23 17.42
C ASP H 152 -4.90 0.26 16.32
N SER H 153 -4.98 -0.46 15.20
CA SER H 153 -5.79 -0.04 14.08
C SER H 153 -7.27 -0.32 14.29
N SER H 154 -7.64 -1.05 15.35
CA SER H 154 -9.02 -1.38 15.62
C SER H 154 -9.66 -0.52 16.69
N ILE H 155 -8.88 0.29 17.42
CA ILE H 155 -9.41 1.06 18.53
C ILE H 155 -10.18 2.26 17.98
N VAL H 156 -11.46 2.34 18.32
CA VAL H 156 -12.33 3.43 17.87
C VAL H 156 -12.36 4.43 19.01
N LEU H 157 -11.49 5.42 18.94
CA LEU H 157 -11.35 6.38 20.03
C LEU H 157 -11.41 7.81 19.53
N ASP H 158 -10.84 8.08 18.36
CA ASP H 158 -10.74 9.42 17.82
C ASP H 158 -11.78 9.62 16.72
N GLU H 159 -11.77 10.84 16.14
CA GLU H 159 -12.81 11.23 15.20
C GLU H 159 -12.68 10.49 13.86
N THR H 160 -11.45 10.23 13.43
CA THR H 160 -11.24 9.53 12.16
C THR H 160 -11.67 8.08 12.25
N SER H 161 -11.48 7.44 13.41
CA SER H 161 -11.91 6.07 13.60
C SER H 161 -13.43 5.96 13.62
N TYR H 162 -14.11 6.94 14.21
CA TYR H 162 -15.57 6.99 14.16
C TYR H 162 -16.07 7.29 12.75
N PHE H 163 -15.30 8.07 11.98
CA PHE H 163 -15.66 8.35 10.60
C PHE H 163 -15.52 7.12 9.72
N GLN H 164 -14.53 6.27 10.02
CA GLN H 164 -14.45 4.97 9.33
C GLN H 164 -15.59 4.04 9.75
N ARG H 165 -15.96 4.08 11.04
CA ARG H 165 -17.03 3.20 11.51
C ARG H 165 -18.42 3.65 11.10
N LEU H 166 -18.57 4.91 10.65
CA LEU H 166 -19.87 5.42 10.21
C LEU H 166 -20.36 4.78 8.91
N GLU H 167 -19.47 4.25 8.08
CA GLU H 167 -19.86 3.69 6.80
C GLU H 167 -20.43 2.28 6.92
N PHE H 168 -20.23 1.63 8.07
CA PHE H 168 -20.70 0.27 8.38
C PHE H 168 -20.18 -0.77 7.39
N GLU H 169 -18.92 -0.63 6.96
CA GLU H 169 -18.28 -1.59 6.08
C GLU H 169 -17.28 -2.48 6.81
N THR H 170 -17.08 -2.24 8.10
CA THR H 170 -16.29 -3.15 8.94
C THR H 170 -17.05 -4.46 9.10
N PRO H 171 -16.35 -5.61 9.17
CA PRO H 171 -17.04 -6.89 9.47
C PRO H 171 -17.80 -6.92 10.78
N LEU H 172 -17.30 -6.23 11.81
CA LEU H 172 -18.02 -6.17 13.08
C LEU H 172 -19.28 -5.33 12.95
N ASP H 173 -19.24 -4.29 12.12
CA ASP H 173 -20.44 -3.50 11.82
C ASP H 173 -21.49 -4.31 11.09
N ILE H 174 -21.06 -5.14 10.13
CA ILE H 174 -21.96 -6.00 9.37
C ILE H 174 -22.59 -7.05 10.28
N LYS H 175 -21.77 -7.64 11.17
CA LYS H 175 -22.26 -8.64 12.11
C LYS H 175 -23.23 -8.04 13.12
N PHE H 176 -22.97 -6.82 13.60
CA PHE H 176 -23.90 -6.15 14.51
C PHE H 176 -25.18 -5.75 13.81
N ARG H 177 -25.08 -5.27 12.56
CA ARG H 177 -26.24 -4.84 11.80
C ARG H 177 -27.16 -6.00 11.47
N SER H 178 -26.62 -7.22 11.35
CA SER H 178 -27.52 -8.36 11.21
C SER H 178 -27.91 -8.97 12.55
N ASP H 179 -27.13 -8.75 13.61
CA ASP H 179 -27.51 -9.30 14.91
C ASP H 179 -28.66 -8.51 15.53
N VAL H 180 -28.78 -7.22 15.21
CA VAL H 180 -29.89 -6.44 15.73
C VAL H 180 -31.20 -6.75 14.98
N LEU H 181 -31.13 -7.41 13.83
CA LEU H 181 -32.34 -7.83 13.12
C LEU H 181 -32.99 -8.98 13.88
N GLY H 182 -34.09 -8.70 14.56
CA GLY H 182 -34.80 -9.76 15.23
C GLY H 182 -34.27 -10.16 16.59
N LYS H 183 -33.39 -9.37 17.18
CA LYS H 183 -32.96 -9.59 18.54
C LYS H 183 -33.00 -8.27 19.31
N SER H 184 -33.25 -8.37 20.61
CA SER H 184 -33.27 -7.21 21.48
C SER H 184 -31.87 -6.93 21.99
N VAL H 185 -31.57 -5.65 22.18
CA VAL H 185 -30.29 -5.22 22.74
C VAL H 185 -30.56 -4.60 24.10
N LEU H 186 -29.82 -5.05 25.10
CA LEU H 186 -29.91 -4.52 26.45
C LEU H 186 -28.61 -3.76 26.76
N PHE H 187 -28.71 -2.44 26.86
CA PHE H 187 -27.56 -1.59 27.14
C PHE H 187 -27.40 -1.42 28.64
N ILE H 188 -26.26 -1.85 29.18
CA ILE H 188 -25.93 -1.62 30.59
C ILE H 188 -24.59 -0.92 30.66
N GLY H 189 -24.51 0.10 31.50
CA GLY H 189 -23.29 0.88 31.63
C GLY H 189 -22.98 1.80 30.48
N TYR H 190 -23.94 1.99 29.57
CA TYR H 190 -23.71 2.66 28.30
C TYR H 190 -24.74 3.76 28.14
N SER H 191 -24.32 4.89 27.60
CA SER H 191 -25.17 6.07 27.51
C SER H 191 -25.71 6.34 26.12
N LEU H 192 -25.34 5.50 25.14
CA LEU H 192 -25.72 5.63 23.72
C LEU H 192 -25.32 6.98 23.14
N SER H 193 -24.04 7.32 23.28
CA SER H 193 -23.51 8.60 22.83
C SER H 193 -22.65 8.50 21.59
N ASP H 194 -22.14 7.30 21.28
CA ASP H 194 -21.32 7.12 20.08
C ASP H 194 -22.20 7.21 18.84
N ILE H 195 -21.74 7.99 17.85
CA ILE H 195 -22.59 8.39 16.74
C ILE H 195 -22.85 7.21 15.78
N ASN H 196 -21.97 6.22 15.76
CA ASN H 196 -22.18 5.07 14.88
C ASN H 196 -23.25 4.15 15.41
N ILE H 197 -23.38 4.04 16.73
CA ILE H 197 -24.43 3.21 17.32
C ILE H 197 -25.80 3.87 17.14
N ARG H 198 -25.85 5.19 17.29
CA ARG H 198 -27.11 5.92 17.07
C ARG H 198 -27.52 5.90 15.61
N LEU H 199 -26.55 6.00 14.69
CA LEU H 199 -26.87 5.88 13.28
C LEU H 199 -27.29 4.46 12.91
N LEU H 200 -26.71 3.46 13.59
CA LEU H 200 -27.09 2.06 13.37
C LEU H 200 -28.52 1.79 13.82
N PHE H 201 -28.90 2.30 14.99
CA PHE H 201 -30.26 2.07 15.45
C PHE H 201 -31.28 2.95 14.74
N TYR H 202 -30.86 4.13 14.26
CA TYR H 202 -31.71 4.93 13.39
C TYR H 202 -31.98 4.22 12.07
N LYS H 203 -30.95 3.59 11.48
CA LYS H 203 -31.13 2.86 10.24
C LYS H 203 -31.93 1.59 10.45
N LEU H 204 -31.81 0.96 11.63
CA LEU H 204 -32.66 -0.19 11.95
C LEU H 204 -34.12 0.21 12.09
N SER H 205 -34.40 1.35 12.72
CA SER H 205 -35.77 1.85 12.82
C SER H 205 -36.33 2.22 11.45
N LYS H 206 -35.51 2.84 10.59
CA LYS H 206 -35.90 3.13 9.22
C LYS H 206 -36.17 1.86 8.43
N LEU H 207 -35.36 0.83 8.66
CA LEU H 207 -35.51 -0.47 8.02
C LEU H 207 -36.83 -1.13 8.39
N TRP H 208 -37.22 -1.07 9.66
CA TRP H 208 -38.51 -1.62 10.03
C TRP H 208 -39.66 -0.72 9.59
N LYS H 209 -39.39 0.57 9.32
CA LYS H 209 -40.44 1.43 8.78
C LYS H 209 -40.69 1.18 7.29
N GLU H 210 -39.65 0.81 6.53
CA GLU H 210 -39.84 0.56 5.10
C GLU H 210 -40.59 -0.74 4.83
N GLN H 211 -40.52 -1.70 5.76
CA GLN H 211 -41.25 -2.94 5.58
C GLN H 211 -42.67 -2.88 6.13
N LYS H 212 -43.09 -1.70 6.63
CA LYS H 212 -44.40 -1.45 7.25
C LYS H 212 -44.71 -2.44 8.38
N LEU H 213 -43.71 -2.68 9.23
CA LEU H 213 -43.83 -3.63 10.33
C LEU H 213 -43.28 -3.06 11.63
N GLU H 214 -43.64 -1.82 11.97
CA GLU H 214 -43.03 -1.14 13.11
C GLU H 214 -43.50 -1.73 14.44
N GLU H 215 -44.67 -2.35 14.47
CA GLU H 215 -45.16 -2.95 15.71
C GLU H 215 -44.48 -4.28 15.99
N ALA H 216 -43.88 -4.90 14.99
CA ALA H 216 -43.25 -6.20 15.15
C ALA H 216 -41.76 -6.12 15.41
N GLN H 217 -41.21 -4.92 15.53
CA GLN H 217 -39.79 -4.75 15.84
C GLN H 217 -39.53 -5.17 17.28
N PRO H 218 -38.44 -5.92 17.55
CA PRO H 218 -38.09 -6.24 18.93
C PRO H 218 -37.68 -5.00 19.71
N LYS H 219 -37.90 -4.99 20.94
CA LYS H 219 -37.67 -3.85 21.62
C LYS H 219 -36.44 -3.90 22.34
N SER H 220 -35.70 -2.87 22.34
CA SER H 220 -34.43 -2.73 23.03
C SER H 220 -34.63 -1.99 24.34
N TYR H 221 -33.69 -2.16 25.26
CA TYR H 221 -33.77 -1.53 26.56
C TYR H 221 -32.42 -0.96 26.94
N ILE H 222 -32.44 0.18 27.64
CA ILE H 222 -31.22 0.77 28.19
C ILE H 222 -31.46 1.03 29.66
N PHE H 223 -30.53 0.59 30.51
CA PHE H 223 -30.63 0.81 31.95
C PHE H 223 -29.81 2.05 32.30
N LEU H 224 -30.49 3.15 32.52
CA LEU H 224 -29.86 4.40 32.96
C LEU H 224 -30.29 4.68 34.39
N PRO H 225 -29.37 4.78 35.35
CA PRO H 225 -29.78 5.09 36.73
C PRO H 225 -30.29 6.51 36.89
N ARG H 226 -29.74 7.47 36.18
CA ARG H 226 -30.23 8.81 36.25
C ARG H 226 -31.19 9.03 35.12
N PRO H 227 -32.37 9.55 35.41
CA PRO H 227 -33.38 9.68 34.37
C PRO H 227 -33.10 10.85 33.44
N ASN H 228 -33.61 10.74 32.21
CA ASN H 228 -33.40 11.74 31.17
C ASN H 228 -34.59 11.62 30.22
N PRO H 229 -35.57 12.53 30.32
CA PRO H 229 -36.76 12.42 29.46
C PRO H 229 -36.49 12.74 28.01
N ILE H 230 -35.48 13.58 27.75
CA ILE H 230 -35.06 13.91 26.39
C ILE H 230 -34.53 12.67 25.69
N GLN H 231 -33.59 11.99 26.28
CA GLN H 231 -33.14 10.77 25.70
C GLN H 231 -34.28 9.80 25.67
N GLU H 232 -35.06 9.68 26.73
CA GLU H 232 -36.14 8.70 26.75
C GLU H 232 -37.03 8.81 25.52
N GLU H 233 -37.39 10.04 25.14
CA GLU H 233 -38.21 10.25 23.94
C GLU H 233 -37.43 9.91 22.67
N ILE H 234 -36.16 10.32 22.63
CA ILE H 234 -35.33 10.10 21.43
C ILE H 234 -35.03 8.62 21.23
N LEU H 235 -34.74 7.90 22.31
CA LEU H 235 -34.49 6.46 22.18
C LEU H 235 -35.80 5.69 22.04
N GLU H 236 -36.92 6.26 22.49
CA GLU H 236 -38.21 5.62 22.26
C GLU H 236 -38.63 5.69 20.80
N GLN H 237 -38.11 6.68 20.07
CA GLN H 237 -38.30 6.67 18.61
C GLN H 237 -37.57 5.53 17.91
N TRP H 238 -36.50 5.00 18.50
CA TRP H 238 -35.74 3.91 17.89
C TRP H 238 -36.04 2.57 18.54
N ARG H 239 -37.20 2.46 19.20
CA ARG H 239 -37.66 1.27 19.93
C ARG H 239 -36.67 0.83 21.01
N ILE H 240 -36.09 1.80 21.70
CA ILE H 240 -35.20 1.54 22.83
C ILE H 240 -35.87 2.13 24.06
N GLY H 241 -36.50 1.29 24.87
CA GLY H 241 -37.10 1.75 26.10
C GLY H 241 -36.08 2.01 27.18
N MET H 242 -36.46 2.79 28.17
CA MET H 242 -35.57 3.19 29.24
C MET H 242 -36.01 2.55 30.55
N ILE H 243 -35.04 2.00 31.29
CA ILE H 243 -35.29 1.45 32.61
C ILE H 243 -34.50 2.29 33.61
N SER H 244 -35.20 2.87 34.56
CA SER H 244 -34.58 3.76 35.54
C SER H 244 -34.69 3.16 36.94
N SER H 245 -33.85 3.65 37.84
CA SER H 245 -33.85 3.24 39.23
C SER H 245 -33.82 4.48 40.11
N GLU H 246 -34.36 4.33 41.33
CA GLU H 246 -34.37 5.43 42.28
C GLU H 246 -33.15 5.44 43.19
N ASN H 247 -32.28 4.45 43.09
CA ASN H 247 -31.05 4.43 43.86
C ASN H 247 -30.06 5.42 43.26
N ASP H 248 -29.42 6.22 44.11
CA ASP H 248 -28.47 7.22 43.62
C ASP H 248 -27.15 6.57 43.21
N ASN H 249 -26.80 5.45 43.84
CA ASN H 249 -25.58 4.75 43.50
C ASN H 249 -25.78 3.96 42.20
N PRO H 250 -24.94 4.18 41.17
CA PRO H 250 -25.16 3.45 39.92
C PRO H 250 -24.74 1.99 39.98
N GLY H 251 -23.72 1.68 40.78
CA GLY H 251 -23.25 0.30 40.87
C GLY H 251 -24.24 -0.63 41.55
N GLU H 252 -24.86 -0.15 42.64
CA GLU H 252 -25.86 -0.96 43.33
C GLU H 252 -27.15 -1.05 42.53
N SER H 253 -27.47 0.00 41.76
CA SER H 253 -28.61 -0.05 40.84
C SER H 253 -28.39 -1.08 39.74
N LEU H 254 -27.17 -1.15 39.21
CA LEU H 254 -26.85 -2.14 38.18
C LEU H 254 -26.81 -3.55 38.77
N GLU H 255 -26.39 -3.68 40.04
CA GLU H 255 -26.42 -4.96 40.73
C GLU H 255 -27.86 -5.45 40.91
N GLU H 256 -28.75 -4.55 41.33
CA GLU H 256 -30.16 -4.93 41.52
C GLU H 256 -30.86 -5.18 40.18
N PHE H 257 -30.38 -4.54 39.11
CA PHE H 257 -30.95 -4.81 37.80
C PHE H 257 -30.50 -6.16 37.25
N LEU H 258 -29.22 -6.50 37.44
CA LEU H 258 -28.70 -7.76 36.93
C LEU H 258 -29.01 -8.94 37.84
N LYS H 259 -29.51 -8.67 39.06
CA LYS H 259 -29.99 -9.73 39.94
C LYS H 259 -31.20 -10.47 39.36
N ASN H 260 -31.98 -9.80 38.51
CA ASN H 260 -33.10 -10.45 37.84
C ASN H 260 -32.64 -11.38 36.72
N PHE H 261 -31.39 -11.27 36.29
CA PHE H 261 -30.88 -12.07 35.19
C PHE H 261 -29.95 -13.20 35.63
N VAL H 262 -29.23 -13.03 36.76
CA VAL H 262 -28.30 -14.08 37.18
C VAL H 262 -29.07 -15.30 37.69
N LEU H 263 -30.18 -15.07 38.41
CA LEU H 263 -30.86 -16.14 39.12
C LEU H 263 -31.66 -17.03 38.18
N VAL H 264 -31.50 -18.34 38.36
CA VAL H 264 -32.11 -19.43 37.58
C VAL H 264 -31.82 -19.31 36.08
N MET I 1 44.19 -22.05 44.12
CA MET I 1 43.21 -22.40 43.10
C MET I 1 41.79 -22.19 43.61
N ASN I 2 40.98 -21.47 42.83
CA ASN I 2 39.61 -21.14 43.21
C ASN I 2 38.66 -22.04 42.42
N ILE I 3 38.20 -23.11 43.06
CA ILE I 3 37.40 -24.15 42.42
C ILE I 3 36.05 -24.17 43.15
N ARG I 4 34.96 -24.32 42.38
CA ARG I 4 33.61 -24.30 42.92
C ARG I 4 33.08 -25.71 43.11
N PHE I 5 32.04 -25.85 43.94
CA PHE I 5 31.48 -27.14 44.29
C PHE I 5 29.97 -27.03 44.34
N ILE I 6 29.29 -27.96 43.66
CA ILE I 6 27.83 -28.01 43.63
C ILE I 6 27.40 -29.32 44.29
N THR I 7 26.50 -29.22 45.27
CA THR I 7 26.06 -30.39 46.01
C THR I 7 24.70 -30.14 46.62
N ARG I 8 24.21 -31.09 47.38
CA ARG I 8 22.99 -30.87 48.14
C ARG I 8 23.33 -31.09 49.58
N ASN I 9 24.24 -32.00 49.89
CA ASN I 9 24.57 -32.29 51.27
C ASN I 9 25.25 -31.08 51.83
N ARG I 10 24.81 -30.64 53.01
CA ARG I 10 25.49 -29.52 53.64
C ARG I 10 26.72 -29.96 54.43
N HIS I 11 26.67 -31.15 55.03
CA HIS I 11 27.80 -31.62 55.83
C HIS I 11 28.96 -32.07 54.97
N LYS I 12 28.68 -32.39 53.70
CA LYS I 12 29.73 -32.67 52.72
C LYS I 12 30.61 -31.46 52.48
N ILE I 13 30.02 -30.27 52.49
CA ILE I 13 30.75 -29.01 52.35
C ILE I 13 31.73 -28.81 53.50
N LYS I 14 31.29 -29.10 54.73
CA LYS I 14 32.16 -28.94 55.90
C LYS I 14 33.25 -30.01 55.94
N GLU I 15 32.96 -31.23 55.47
CA GLU I 15 33.99 -32.25 55.39
C GLU I 15 35.06 -31.90 54.36
N ILE I 16 34.65 -31.41 53.18
CA ILE I 16 35.60 -31.04 52.14
C ILE I 16 36.40 -29.80 52.55
N ASN I 17 35.77 -28.88 53.28
CA ASN I 17 36.46 -27.69 53.76
C ASN I 17 37.47 -28.03 54.87
N LYS I 18 37.12 -28.97 55.74
CA LYS I 18 38.04 -29.37 56.80
C LYS I 18 39.18 -30.23 56.26
N ILE I 19 38.92 -31.02 55.22
CA ILE I 19 39.97 -31.83 54.61
C ILE I 19 40.95 -30.95 53.84
N LEU I 20 40.44 -29.99 53.07
CA LEU I 20 41.27 -29.12 52.25
C LEU I 20 41.71 -27.86 52.99
N SER I 21 41.63 -27.84 54.32
CA SER I 21 42.01 -26.66 55.09
C SER I 21 43.52 -26.52 55.15
N GLY I 22 44.02 -25.32 54.84
CA GLY I 22 45.44 -25.05 54.87
C GLY I 22 46.21 -25.50 53.65
N THR I 23 45.53 -26.07 52.65
CA THR I 23 46.21 -26.54 51.45
C THR I 23 46.67 -25.42 50.53
N GLY I 24 45.88 -24.37 50.39
CA GLY I 24 46.16 -23.33 49.43
C GLY I 24 45.00 -23.13 48.48
N VAL I 25 44.35 -24.22 48.11
CA VAL I 25 43.13 -24.14 47.32
C VAL I 25 41.96 -23.79 48.24
N VAL I 26 40.94 -23.17 47.67
CA VAL I 26 39.72 -22.84 48.39
C VAL I 26 38.53 -23.34 47.59
N VAL I 27 37.41 -23.56 48.28
CA VAL I 27 36.21 -24.11 47.67
C VAL I 27 35.07 -23.13 47.90
N LEU I 28 34.43 -22.70 46.81
CA LEU I 28 33.24 -21.86 46.89
C LEU I 28 32.03 -22.75 46.64
N ALA I 29 31.54 -23.36 47.72
CA ALA I 29 30.48 -24.34 47.60
C ALA I 29 29.13 -23.67 47.42
N SER I 30 28.27 -24.29 46.63
CA SER I 30 26.91 -23.84 46.40
C SER I 30 25.97 -25.03 46.51
N GLU I 31 24.72 -24.75 46.83
CA GLU I 31 23.71 -25.78 47.04
C GLU I 31 22.67 -25.71 45.93
N HIS I 32 22.57 -26.77 45.13
CA HIS I 32 21.59 -26.82 44.06
C HIS I 32 20.82 -28.12 43.95
N SER I 33 21.35 -29.23 44.50
CA SER I 33 20.74 -30.58 44.50
C SER I 33 20.48 -31.09 43.07
N ILE I 34 21.59 -31.33 42.37
CA ILE I 34 21.53 -31.84 41.01
C ILE I 34 21.12 -33.31 41.06
N ASP I 35 20.07 -33.66 40.30
CA ASP I 35 19.62 -35.04 40.19
C ASP I 35 20.59 -35.87 39.37
N GLU I 36 20.72 -37.14 39.74
CA GLU I 36 21.58 -38.02 38.98
C GLU I 36 20.77 -38.93 38.11
N ILE I 37 21.44 -39.82 37.42
CA ILE I 37 20.76 -40.77 36.54
C ILE I 37 20.89 -42.17 37.11
N GLN I 38 19.97 -43.04 36.75
CA GLN I 38 20.00 -44.36 37.32
C GLN I 38 20.84 -45.23 36.46
N THR I 39 22.15 -45.15 36.62
CA THR I 39 23.05 -45.99 35.85
C THR I 39 24.03 -46.74 36.72
N GLU I 40 24.57 -47.82 36.18
CA GLU I 40 25.50 -48.62 36.94
C GLU I 40 26.87 -48.02 36.79
N ASN I 41 27.19 -47.56 35.59
CA ASN I 41 28.48 -46.93 35.35
C ASN I 41 28.55 -45.68 36.16
N VAL I 42 29.55 -45.59 37.03
CA VAL I 42 29.71 -44.37 37.81
C VAL I 42 30.50 -43.31 37.07
N HIS I 43 31.22 -43.68 36.00
CA HIS I 43 31.91 -42.70 35.19
C HIS I 43 30.92 -41.85 34.40
N ALA I 44 29.90 -42.48 33.81
CA ALA I 44 28.85 -41.73 33.12
C ALA I 44 27.99 -40.95 34.11
N LEU I 45 27.77 -41.53 35.30
CA LEU I 45 26.98 -40.88 36.33
C LEU I 45 27.69 -39.66 36.92
N ILE I 46 29.01 -39.66 36.96
CA ILE I 46 29.71 -38.46 37.38
C ILE I 46 29.91 -37.50 36.21
N LYS I 47 29.93 -38.02 34.97
CA LYS I 47 30.17 -37.19 33.81
C LYS I 47 28.96 -36.31 33.49
N ASP I 48 27.76 -36.88 33.56
CA ASP I 48 26.58 -36.06 33.26
C ASP I 48 26.25 -35.10 34.40
N LYS I 49 26.59 -35.47 35.65
CA LYS I 49 26.35 -34.57 36.77
C LYS I 49 27.34 -33.41 36.75
N LEU I 50 28.59 -33.67 36.36
CA LEU I 50 29.54 -32.60 36.16
C LEU I 50 29.17 -31.74 34.96
N LEU I 51 28.54 -32.34 33.94
CA LEU I 51 28.00 -31.58 32.82
C LEU I 51 26.89 -30.63 33.26
N LYS I 52 25.99 -31.10 34.12
CA LYS I 52 24.91 -30.24 34.62
C LYS I 52 25.45 -29.15 35.54
N ALA I 53 26.49 -29.46 36.31
CA ALA I 53 27.09 -28.43 37.16
C ALA I 53 27.86 -27.40 36.35
N PHE I 54 28.51 -27.83 35.26
CA PHE I 54 29.21 -26.89 34.40
C PHE I 54 28.23 -26.05 33.59
N LYS I 55 27.07 -26.62 33.26
CA LYS I 55 26.00 -25.83 32.65
C LYS I 55 25.42 -24.84 33.65
N LEU I 56 25.44 -25.18 34.94
CA LEU I 56 25.00 -24.26 35.97
C LEU I 56 25.99 -23.15 36.28
N VAL I 57 27.30 -23.43 36.19
CA VAL I 57 28.30 -22.48 36.68
C VAL I 57 29.07 -21.86 35.52
N GLY I 58 29.71 -22.70 34.69
CA GLY I 58 30.52 -22.22 33.61
C GLY I 58 31.94 -21.83 33.98
N ARG I 59 32.32 -22.03 35.24
CA ARG I 59 33.66 -21.79 35.76
C ARG I 59 34.24 -23.15 36.13
N PRO I 60 35.55 -23.28 36.49
CA PRO I 60 36.06 -24.55 37.02
C PRO I 60 35.36 -25.05 38.28
N VAL I 61 34.75 -26.23 38.18
CA VAL I 61 33.87 -26.78 39.20
C VAL I 61 34.14 -28.27 39.31
N PHE I 62 34.20 -28.79 40.55
CA PHE I 62 34.30 -30.22 40.77
C PHE I 62 33.00 -30.73 41.39
N VAL I 63 32.75 -32.03 41.21
CA VAL I 63 31.55 -32.69 41.67
C VAL I 63 31.94 -34.03 42.31
N GLU I 64 31.46 -34.24 43.54
CA GLU I 64 31.70 -35.46 44.28
C GLU I 64 30.46 -36.35 44.24
N HIS I 65 30.68 -37.67 44.28
CA HIS I 65 29.62 -38.64 44.50
C HIS I 65 30.15 -39.74 45.41
N THR I 66 29.31 -40.21 46.38
CA THR I 66 29.68 -41.25 47.41
C THR I 66 28.77 -42.42 47.45
N GLY I 67 29.27 -43.62 47.15
CA GLY I 67 28.46 -44.81 47.00
C GLY I 67 28.89 -45.94 47.92
N LEU I 68 27.91 -46.51 48.59
CA LEU I 68 28.05 -47.75 49.35
C LEU I 68 27.79 -48.94 48.43
N TYR I 69 28.57 -50.00 48.60
CA TYR I 69 28.43 -51.21 47.77
C TYR I 69 28.32 -52.41 48.70
N ILE I 70 27.10 -52.87 48.93
CA ILE I 70 26.84 -53.98 49.84
C ILE I 70 27.14 -55.29 49.11
N GLU I 71 28.06 -56.08 49.66
CA GLU I 71 28.44 -57.34 49.02
C GLU I 71 27.36 -58.40 49.17
N SER I 72 26.55 -58.30 50.22
CA SER I 72 25.43 -59.22 50.39
C SER I 72 24.34 -58.94 49.39
N LEU I 73 24.18 -57.68 48.98
CA LEU I 73 23.17 -57.28 48.02
C LEU I 73 23.67 -57.31 46.58
N ASN I 74 24.72 -58.10 46.32
CA ASN I 74 25.35 -58.31 45.01
C ASN I 74 25.86 -56.98 44.42
N GLY I 75 26.35 -56.10 45.29
CA GLY I 75 26.82 -54.79 44.87
C GLY I 75 25.73 -53.88 44.35
N PHE I 76 24.58 -53.83 45.04
CA PHE I 76 23.44 -53.07 44.53
C PHE I 76 23.66 -51.56 44.53
N PRO I 77 23.93 -50.85 45.68
CA PRO I 77 23.91 -49.38 45.57
C PRO I 77 25.21 -48.84 44.99
N GLY I 78 25.36 -47.54 45.01
CA GLY I 78 26.51 -46.91 44.39
C GLY I 78 26.02 -46.14 43.19
N GLY I 79 25.85 -44.85 43.36
CA GLY I 79 25.14 -44.03 42.40
C GLY I 79 23.75 -43.68 42.86
N LEU I 80 23.14 -44.54 43.67
CA LEU I 80 21.78 -44.36 44.13
C LEU I 80 21.64 -44.73 45.61
N THR I 81 22.63 -44.36 46.41
CA THR I 81 22.57 -44.64 47.84
C THR I 81 21.71 -43.61 48.54
N GLN I 82 21.60 -42.42 47.95
CA GLN I 82 20.81 -41.36 48.55
C GLN I 82 19.36 -41.79 48.79
N ILE I 83 18.66 -42.19 47.73
CA ILE I 83 17.26 -42.58 47.87
C ILE I 83 17.13 -43.73 48.87
N PHE I 84 18.11 -44.65 48.88
CA PHE I 84 18.21 -45.75 49.82
C PHE I 84 18.23 -45.28 51.28
N TRP I 85 19.13 -44.34 51.58
CA TRP I 85 19.23 -43.79 52.93
C TRP I 85 18.04 -42.90 53.26
N ASP I 86 17.52 -42.18 52.26
CA ASP I 86 16.42 -41.25 52.52
C ASP I 86 15.10 -41.99 52.75
N LYS I 87 15.06 -43.24 52.33
CA LYS I 87 13.84 -44.01 52.51
C LYS I 87 13.85 -44.93 53.71
N LEU I 88 14.93 -45.69 53.92
CA LEU I 88 14.88 -46.66 55.02
C LEU I 88 15.68 -46.27 56.25
N GLN I 89 16.54 -45.26 56.17
CA GLN I 89 17.31 -44.64 57.27
C GLN I 89 18.20 -45.68 57.96
N ALA I 90 18.43 -45.50 59.26
CA ALA I 90 19.25 -46.41 60.07
C ALA I 90 18.46 -47.52 60.73
N ASP I 91 17.15 -47.33 60.92
CA ASP I 91 16.34 -48.31 61.62
C ASP I 91 16.12 -49.55 60.78
N LYS I 92 15.88 -49.37 59.48
CA LYS I 92 15.66 -50.48 58.57
C LYS I 92 16.90 -50.76 57.72
N PHE I 93 18.06 -50.47 58.30
CA PHE I 93 19.34 -50.81 57.67
C PHE I 93 20.03 -51.95 58.39
N SER I 94 20.29 -51.79 59.69
CA SER I 94 21.10 -52.76 60.42
C SER I 94 20.34 -54.02 60.77
N GLN I 95 19.00 -53.99 60.79
CA GLN I 95 18.26 -55.15 61.23
C GLN I 95 18.12 -56.20 60.13
N LEU I 96 18.36 -55.84 58.88
CA LEU I 96 18.25 -56.78 57.77
C LEU I 96 19.50 -56.87 56.92
N LEU I 97 20.47 -55.98 57.11
CA LEU I 97 21.75 -56.05 56.41
C LEU I 97 22.94 -56.26 57.32
N GLY I 98 22.85 -55.85 58.59
CA GLY I 98 23.92 -56.09 59.53
C GLY I 98 23.90 -57.46 60.17
N THR I 99 22.78 -58.19 60.07
CA THR I 99 22.63 -59.49 60.71
C THR I 99 22.58 -60.63 59.70
N SER I 100 23.08 -60.43 58.48
CA SER I 100 23.05 -61.47 57.47
C SER I 100 24.32 -62.31 57.54
N GLU I 101 24.53 -63.13 56.51
CA GLU I 101 25.71 -63.98 56.44
C GLU I 101 26.96 -63.22 56.03
N ASN I 102 26.82 -62.20 55.18
CA ASN I 102 27.96 -61.39 54.71
C ASN I 102 27.73 -59.90 55.02
N PRO I 103 28.02 -59.46 56.27
CA PRO I 103 28.18 -58.04 56.55
C PRO I 103 29.23 -57.21 55.81
N ARG I 104 30.00 -57.75 54.88
CA ARG I 104 31.04 -56.96 54.23
C ARG I 104 30.43 -56.01 53.20
N LEU I 105 30.99 -54.79 53.14
CA LEU I 105 30.57 -53.77 52.18
C LEU I 105 31.70 -52.77 51.99
N VAL I 106 31.75 -52.17 50.80
CA VAL I 106 32.81 -51.25 50.42
C VAL I 106 32.20 -49.91 50.01
N ALA I 107 32.77 -48.82 50.51
CA ALA I 107 32.29 -47.47 50.26
C ALA I 107 33.27 -46.73 49.37
N LYS I 108 32.78 -46.16 48.27
CA LYS I 108 33.61 -45.49 47.28
C LYS I 108 33.14 -44.05 47.07
N THR I 109 34.11 -43.14 46.97
CA THR I 109 33.88 -41.76 46.58
C THR I 109 34.54 -41.52 45.24
N ILE I 110 33.77 -40.98 44.28
CA ILE I 110 34.28 -40.64 42.97
C ILE I 110 34.10 -39.14 42.76
N ILE I 111 35.16 -38.46 42.32
CA ILE I 111 35.17 -37.02 42.11
C ILE I 111 35.29 -36.74 40.62
N GLY I 112 34.34 -35.97 40.09
CA GLY I 112 34.43 -35.48 38.73
C GLY I 112 34.73 -34.00 38.73
N TYR I 113 35.85 -33.64 38.09
CA TYR I 113 36.34 -32.28 38.09
C TYR I 113 36.43 -31.75 36.66
N CYS I 114 36.01 -30.51 36.47
CA CYS I 114 36.10 -29.84 35.18
C CYS I 114 36.96 -28.59 35.33
N ASP I 115 38.00 -28.49 34.51
CA ASP I 115 38.91 -27.35 34.51
C ASP I 115 38.55 -26.31 33.45
N SER I 116 37.28 -26.30 33.02
CA SER I 116 36.67 -25.57 31.90
C SER I 116 37.21 -25.98 30.54
N MET I 117 38.00 -27.04 30.45
CA MET I 117 38.44 -27.60 29.18
C MET I 117 38.21 -29.10 29.08
N LYS I 118 38.45 -29.84 30.16
CA LYS I 118 38.37 -31.29 30.13
C LYS I 118 37.68 -31.79 31.39
N ILE I 119 37.48 -33.11 31.45
CA ILE I 119 36.81 -33.75 32.57
C ILE I 119 37.79 -34.75 33.19
N TYR I 120 38.02 -34.62 34.49
CA TYR I 120 38.99 -35.43 35.21
C TYR I 120 38.28 -36.18 36.32
N ILE I 121 38.54 -37.49 36.40
CA ILE I 121 37.83 -38.38 37.31
C ILE I 121 38.84 -38.96 38.30
N PHE I 122 38.59 -38.74 39.59
CA PHE I 122 39.42 -39.26 40.67
C PHE I 122 38.55 -40.03 41.64
N GLU I 123 39.05 -41.16 42.13
CA GLU I 123 38.25 -42.04 42.96
C GLU I 123 39.09 -42.64 44.09
N GLY I 124 38.40 -43.02 45.16
CA GLY I 124 39.02 -43.70 46.29
C GLY I 124 38.02 -44.59 46.98
N GLU I 125 38.54 -45.61 47.66
CA GLU I 125 37.66 -46.60 48.28
C GLU I 125 38.23 -47.06 49.62
N THR I 126 37.33 -47.34 50.57
CA THR I 126 37.65 -48.10 51.77
C THR I 126 36.66 -49.25 51.90
N GLN I 127 37.14 -50.37 52.44
CA GLN I 127 36.31 -51.51 52.73
C GLN I 127 35.87 -51.46 54.20
N GLY I 128 34.80 -52.17 54.51
CA GLY I 128 34.29 -52.10 55.87
C GLY I 128 33.19 -53.10 56.12
N THR I 129 32.48 -52.88 57.22
CA THR I 129 31.48 -53.79 57.74
C THR I 129 30.29 -52.99 58.23
N ILE I 130 29.08 -53.52 58.05
CA ILE I 130 27.86 -52.87 58.54
C ILE I 130 27.65 -53.26 60.00
N SER I 131 27.36 -52.28 60.84
CA SER I 131 27.12 -52.53 62.25
C SER I 131 25.79 -53.23 62.45
N PRO I 132 25.68 -54.14 63.42
CA PRO I 132 24.35 -54.68 63.76
C PRO I 132 23.49 -53.70 64.52
N VAL I 133 24.10 -52.73 65.20
CA VAL I 133 23.37 -51.68 65.93
C VAL I 133 23.95 -50.33 65.57
N PRO I 134 23.10 -49.36 65.20
CA PRO I 134 23.57 -48.00 64.94
C PRO I 134 24.21 -47.37 66.18
N LYS I 135 25.35 -46.71 65.97
CA LYS I 135 26.23 -46.35 67.06
C LYS I 135 26.89 -45.01 66.77
N GLY I 136 26.76 -44.07 67.71
CA GLY I 136 27.38 -42.77 67.57
C GLY I 136 26.38 -41.68 67.26
N PRO I 137 26.87 -40.50 66.89
CA PRO I 137 25.97 -39.42 66.47
C PRO I 137 25.30 -39.72 65.14
N ARG I 138 24.14 -39.09 64.93
CA ARG I 138 23.32 -39.40 63.77
C ARG I 138 23.04 -38.13 62.95
N ASP I 139 24.07 -37.33 62.70
CA ASP I 139 23.92 -36.09 61.96
C ASP I 139 24.52 -36.14 60.55
N PHE I 140 25.21 -37.23 60.20
CA PHE I 140 25.79 -37.38 58.86
C PHE I 140 25.47 -38.68 58.17
N GLN I 141 24.20 -39.04 58.09
CA GLN I 141 23.82 -40.23 57.34
C GLN I 141 24.51 -41.52 57.77
N TRP I 142 24.85 -42.37 56.81
CA TRP I 142 25.42 -43.67 57.16
C TRP I 142 26.79 -43.68 57.85
N ASP I 143 27.16 -42.64 58.60
CA ASP I 143 28.38 -42.67 59.39
C ASP I 143 28.22 -43.48 60.67
N CYS I 144 27.00 -43.50 61.23
CA CYS I 144 26.75 -44.19 62.49
C CYS I 144 26.59 -45.70 62.33
N ILE I 145 26.55 -46.21 61.09
CA ILE I 145 26.39 -47.64 60.85
C ILE I 145 27.59 -48.26 60.15
N PHE I 146 28.60 -47.46 59.77
CA PHE I 146 29.71 -47.95 58.95
C PHE I 146 30.91 -48.21 59.84
N ILE I 147 31.20 -49.48 60.09
CA ILE I 147 32.43 -49.91 60.74
C ILE I 147 33.49 -50.10 59.65
N PRO I 148 34.59 -49.37 59.68
CA PRO I 148 35.67 -49.64 58.71
C PRO I 148 36.41 -50.92 59.08
N ASP I 149 37.12 -51.48 58.09
CA ASP I 149 37.85 -52.72 58.30
C ASP I 149 39.09 -52.47 59.17
N GLY I 150 39.29 -53.35 60.14
CA GLY I 150 40.36 -53.17 61.09
C GLY I 150 40.05 -52.26 62.24
N GLU I 151 38.78 -51.91 62.46
CA GLU I 151 38.39 -51.03 63.55
C GLU I 151 37.12 -51.56 64.18
N SER I 152 36.80 -51.02 65.36
CA SER I 152 35.59 -51.37 66.09
C SER I 152 34.71 -50.17 66.37
N GLU I 153 35.03 -49.01 65.80
CA GLU I 153 34.28 -47.78 66.00
C GLU I 153 33.72 -47.32 64.66
N THR I 154 32.49 -46.83 64.68
CA THR I 154 31.89 -46.27 63.48
C THR I 154 32.52 -44.92 63.13
N PHE I 155 32.27 -44.45 61.91
CA PHE I 155 32.87 -43.21 61.45
C PHE I 155 32.28 -41.99 62.15
N ALA I 156 31.04 -42.09 62.65
CA ALA I 156 30.47 -41.02 63.44
C ALA I 156 31.05 -41.01 64.85
N GLU I 157 31.27 -42.19 65.43
CA GLU I 157 31.76 -42.27 66.80
C GLU I 157 33.25 -41.97 66.88
N MET I 158 34.01 -42.23 65.81
CA MET I 158 35.45 -42.05 65.86
C MET I 158 35.85 -40.57 65.79
N GLY I 159 34.94 -39.70 65.35
CA GLY I 159 35.13 -38.28 65.46
C GLY I 159 35.86 -37.66 64.29
N ASP I 160 36.77 -36.74 64.61
CA ASP I 160 37.47 -35.96 63.60
C ASP I 160 38.58 -36.75 62.92
N ARG I 161 38.94 -37.92 63.44
CA ARG I 161 39.94 -38.75 62.78
C ARG I 161 39.33 -39.64 61.70
N LYS I 162 38.11 -39.35 61.28
CA LYS I 162 37.53 -40.06 60.16
C LYS I 162 38.12 -39.47 58.89
N ASN I 163 38.44 -38.17 58.93
CA ASN I 163 39.06 -37.52 57.78
C ASN I 163 40.58 -37.69 57.76
N GLU I 164 41.07 -38.91 57.95
CA GLU I 164 42.46 -39.28 57.66
C GLU I 164 42.59 -40.63 56.97
N ILE I 165 41.56 -41.48 56.98
CA ILE I 165 41.64 -42.82 56.42
C ILE I 165 40.45 -43.07 55.49
N SER I 166 39.54 -42.10 55.44
CA SER I 166 38.30 -42.28 54.69
C SER I 166 38.55 -42.23 53.19
N MET I 167 37.61 -42.78 52.42
CA MET I 167 37.75 -42.85 50.97
C MET I 167 37.71 -41.49 50.32
N ARG I 168 36.84 -40.62 50.83
CA ARG I 168 36.78 -39.25 50.33
C ARG I 168 38.16 -38.65 50.47
N LYS I 169 38.83 -38.94 51.58
CA LYS I 169 40.18 -38.41 51.79
C LYS I 169 41.14 -38.90 50.70
N LYS I 170 41.22 -40.21 50.48
CA LYS I 170 42.05 -40.76 49.40
C LYS I 170 41.73 -40.11 48.06
N ALA I 171 40.42 -39.95 47.76
CA ALA I 171 40.01 -39.32 46.51
C ALA I 171 40.43 -37.85 46.45
N PHE I 172 40.32 -37.13 47.57
CA PHE I 172 40.75 -35.74 47.59
C PHE I 172 42.25 -35.60 47.73
N ASP I 173 42.96 -36.65 48.15
CA ASP I 173 44.42 -36.60 48.10
C ASP I 173 44.90 -36.73 46.67
N LYS I 174 44.25 -37.58 45.86
CA LYS I 174 44.57 -37.63 44.44
C LYS I 174 44.15 -36.35 43.73
N PHE I 175 43.01 -35.77 44.13
CA PHE I 175 42.56 -34.49 43.59
C PHE I 175 43.52 -33.36 43.96
N LYS I 176 44.02 -33.34 45.19
CA LYS I 176 44.98 -32.35 45.65
C LYS I 176 46.32 -32.51 44.94
N GLU I 177 46.72 -33.77 44.70
CA GLU I 177 47.95 -34.05 43.95
C GLU I 177 47.86 -33.55 42.52
N TYR I 178 46.68 -33.69 41.90
CA TYR I 178 46.49 -33.13 40.56
C TYR I 178 46.46 -31.61 40.59
N LEU I 179 45.81 -31.02 41.61
CA LEU I 179 45.61 -29.57 41.61
C LEU I 179 46.88 -28.81 41.94
N LEU I 180 47.78 -29.41 42.72
CA LEU I 180 49.08 -28.76 42.91
C LEU I 180 50.13 -29.25 41.92
N GLU I 181 49.88 -30.36 41.21
CA GLU I 181 50.82 -30.77 40.18
C GLU I 181 50.66 -29.96 38.90
N GLY I 182 49.54 -29.27 38.72
CA GLY I 182 49.29 -28.44 37.56
C GLY I 182 48.15 -28.99 36.72
N GLY I 183 47.80 -28.21 35.70
CA GLY I 183 46.73 -28.60 34.79
C GLY I 183 47.20 -29.54 33.71
N LYS I 184 47.57 -30.76 34.09
CA LYS I 184 48.19 -31.71 33.16
C LYS I 184 47.17 -32.64 32.51
N MET J 1 -4.84 -44.93 15.46
CA MET J 1 -3.79 -44.02 15.92
C MET J 1 -2.43 -44.71 15.89
N ASN J 2 -1.44 -44.05 15.27
CA ASN J 2 -0.10 -44.60 15.12
C ASN J 2 0.81 -43.91 16.12
N ILE J 3 1.06 -44.58 17.25
CA ILE J 3 1.80 -44.02 18.36
C ILE J 3 3.04 -44.90 18.56
N ARG J 4 4.18 -44.27 18.84
CA ARG J 4 5.44 -44.98 18.99
C ARG J 4 5.77 -45.20 20.46
N PHE J 5 6.68 -46.13 20.72
CA PHE J 5 7.03 -46.53 22.08
C PHE J 5 8.53 -46.76 22.17
N ILE J 6 9.17 -46.15 23.16
CA ILE J 6 10.60 -46.31 23.40
C ILE J 6 10.79 -46.98 24.76
N THR J 7 11.56 -48.06 24.77
CA THR J 7 11.74 -48.83 26.00
C THR J 7 13.05 -49.61 25.93
N ARG J 8 13.29 -50.46 26.91
CA ARG J 8 14.46 -51.31 26.91
C ARG J 8 13.94 -52.68 27.09
N ASN J 9 12.87 -52.86 27.85
CA ASN J 9 12.33 -54.18 28.10
C ASN J 9 11.75 -54.68 26.82
N ARG J 10 12.08 -55.92 26.46
CA ARG J 10 11.47 -56.48 25.25
C ARG J 10 10.12 -57.12 25.55
N HIS J 11 9.93 -57.69 26.74
CA HIS J 11 8.67 -58.34 27.07
C HIS J 11 7.57 -57.32 27.36
N LYS J 12 7.97 -56.09 27.71
CA LYS J 12 7.03 -54.98 27.86
C LYS J 12 6.34 -54.67 26.54
N ILE J 13 7.07 -54.78 25.43
CA ILE J 13 6.52 -54.57 24.09
C ILE J 13 5.43 -55.61 23.78
N LYS J 14 5.68 -56.87 24.14
CA LYS J 14 4.70 -57.92 23.87
C LYS J 14 3.49 -57.81 24.80
N GLU J 15 3.69 -57.35 26.04
CA GLU J 15 2.56 -57.11 26.92
C GLU J 15 1.67 -55.97 26.43
N ILE J 16 2.28 -54.88 25.99
CA ILE J 16 1.53 -53.73 25.49
C ILE J 16 0.84 -54.07 24.17
N ASN J 17 1.48 -54.89 23.35
CA ASN J 17 0.88 -55.31 22.08
C ASN J 17 -0.29 -56.27 22.31
N LYS J 18 -0.17 -57.17 23.29
CA LYS J 18 -1.26 -58.10 23.58
C LYS J 18 -2.41 -57.40 24.28
N ILE J 19 -2.13 -56.38 25.09
CA ILE J 19 -3.18 -55.63 25.75
C ILE J 19 -3.95 -54.77 24.76
N LEU J 20 -3.23 -54.09 23.86
CA LEU J 20 -3.84 -53.19 22.89
C LEU J 20 -4.22 -53.90 21.58
N SER J 21 -4.29 -55.22 21.59
CA SER J 21 -4.62 -55.97 20.38
C SER J 21 -6.10 -55.85 20.06
N GLY J 22 -6.40 -55.52 18.81
CA GLY J 22 -7.77 -55.38 18.35
C GLY J 22 -8.43 -54.06 18.70
N THR J 23 -7.72 -53.13 19.34
CA THR J 23 -8.29 -51.84 19.71
C THR J 23 -8.49 -50.91 18.53
N GLY J 24 -7.56 -50.89 17.59
CA GLY J 24 -7.60 -49.92 16.51
C GLY J 24 -6.31 -49.13 16.45
N VAL J 25 -5.76 -48.81 17.61
CA VAL J 25 -4.45 -48.18 17.68
C VAL J 25 -3.37 -49.25 17.48
N VAL J 26 -2.21 -48.82 16.99
CA VAL J 26 -1.06 -49.70 16.82
C VAL J 26 0.15 -49.03 17.46
N VAL J 27 1.13 -49.85 17.82
CA VAL J 27 2.32 -49.37 18.52
C VAL J 27 3.54 -49.77 17.69
N LEU J 28 4.36 -48.77 17.32
CA LEU J 28 5.62 -49.01 16.64
C LEU J 28 6.74 -48.89 17.68
N ALA J 29 7.01 -50.00 18.35
CA ALA J 29 7.95 -50.00 19.46
C ALA J 29 9.38 -50.01 18.96
N SER J 30 10.25 -49.31 19.68
CA SER J 30 11.67 -49.26 19.39
C SER J 30 12.44 -49.45 20.69
N GLU J 31 13.68 -49.93 20.58
CA GLU J 31 14.51 -50.24 21.72
C GLU J 31 15.68 -49.26 21.77
N HIS J 32 15.74 -48.46 22.84
CA HIS J 32 16.83 -47.51 22.99
C HIS J 32 17.44 -47.48 24.39
N SER J 33 16.72 -47.92 25.44
CA SER J 33 17.17 -47.97 26.83
C SER J 33 17.54 -46.58 27.36
N ILE J 34 16.50 -45.74 27.46
CA ILE J 34 16.66 -44.38 27.97
C ILE J 34 16.89 -44.45 29.47
N ASP J 35 17.96 -43.81 29.94
CA ASP J 35 18.25 -43.74 31.37
C ASP J 35 17.30 -42.78 32.07
N GLU J 36 16.97 -43.10 33.31
CA GLU J 36 16.10 -42.23 34.07
C GLU J 36 16.91 -41.45 35.08
N ILE J 37 16.20 -40.65 35.87
CA ILE J 37 16.87 -39.85 36.89
C ILE J 37 16.51 -40.37 38.27
N GLN J 38 17.33 -40.00 39.25
CA GLN J 38 17.14 -40.43 40.64
C GLN J 38 16.37 -39.35 41.40
N THR J 39 15.06 -39.37 41.24
CA THR J 39 14.19 -38.45 41.94
C THR J 39 12.98 -39.20 42.48
N GLU J 40 12.34 -38.58 43.48
CA GLU J 40 11.21 -39.22 44.14
C GLU J 40 9.90 -38.95 43.41
N ASN J 41 9.79 -37.80 42.75
CA ASN J 41 8.58 -37.46 42.02
C ASN J 41 8.54 -38.24 40.71
N VAL J 42 7.57 -39.15 40.57
CA VAL J 42 7.46 -39.94 39.35
C VAL J 42 6.91 -39.12 38.19
N HIS J 43 6.29 -37.97 38.47
CA HIS J 43 5.82 -37.09 37.40
C HIS J 43 7.00 -36.45 36.68
N ALA J 44 8.00 -35.98 37.42
CA ALA J 44 9.21 -35.45 36.81
C ALA J 44 10.03 -36.55 36.15
N LEU J 45 10.03 -37.74 36.75
CA LEU J 45 10.76 -38.88 36.21
C LEU J 45 10.15 -39.39 34.92
N ILE J 46 8.83 -39.27 34.77
CA ILE J 46 8.24 -39.64 33.48
C ILE J 46 8.31 -38.47 32.50
N LYS J 47 8.38 -37.23 33.01
CA LYS J 47 8.39 -36.06 32.14
C LYS J 47 9.72 -35.92 31.42
N ASP J 48 10.83 -36.12 32.14
CA ASP J 48 12.13 -35.99 31.47
C ASP J 48 12.43 -37.18 30.56
N LYS J 49 11.90 -38.36 30.90
CA LYS J 49 12.10 -39.53 30.05
C LYS J 49 11.28 -39.42 28.77
N LEU J 50 10.06 -38.88 28.88
CA LEU J 50 9.27 -38.58 27.68
C LEU J 50 9.89 -37.45 26.88
N LEU J 51 10.57 -36.51 27.54
CA LEU J 51 11.34 -35.48 26.84
C LEU J 51 12.50 -36.06 26.04
N LYS J 52 13.22 -37.03 26.63
CA LYS J 52 14.32 -37.67 25.92
C LYS J 52 13.81 -38.54 24.77
N ALA J 53 12.65 -39.17 24.94
CA ALA J 53 12.07 -39.96 23.86
C ALA J 53 11.54 -39.09 22.74
N PHE J 54 11.00 -37.92 23.07
CA PHE J 54 10.52 -37.00 22.04
C PHE J 54 11.70 -36.34 21.32
N LYS J 55 12.81 -36.13 22.04
CA LYS J 55 14.03 -35.69 21.38
C LYS J 55 14.61 -36.77 20.48
N LEU J 56 14.38 -38.03 20.83
CA LEU J 56 14.80 -39.14 19.98
C LEU J 56 13.92 -39.34 18.75
N VAL J 57 12.61 -39.09 18.86
CA VAL J 57 11.68 -39.47 17.80
C VAL J 57 11.13 -38.24 17.09
N GLY J 58 10.52 -37.33 17.84
CA GLY J 58 9.90 -36.16 17.25
C GLY J 58 8.51 -36.37 16.69
N ARG J 59 7.95 -37.57 16.84
CA ARG J 59 6.59 -37.92 16.44
C ARG J 59 5.81 -38.19 17.73
N PRO J 60 4.46 -38.38 17.68
CA PRO J 60 3.74 -38.82 18.89
C PRO J 60 4.21 -40.14 19.49
N VAL J 61 4.69 -40.08 20.72
CA VAL J 61 5.34 -41.20 21.39
C VAL J 61 4.88 -41.25 22.85
N PHE J 62 4.61 -42.45 23.35
CA PHE J 62 4.32 -42.63 24.76
C PHE J 62 5.45 -43.38 25.43
N VAL J 63 5.56 -43.20 26.76
CA VAL J 63 6.60 -43.80 27.57
C VAL J 63 5.98 -44.36 28.85
N GLU J 64 6.26 -45.63 29.13
CA GLU J 64 5.79 -46.32 30.31
C GLU J 64 6.92 -46.41 31.35
N HIS J 65 6.54 -46.37 32.62
CA HIS J 65 7.42 -46.70 33.74
C HIS J 65 6.66 -47.52 34.76
N THR J 66 7.31 -48.50 35.39
CA THR J 66 6.68 -49.42 36.35
C THR J 66 7.46 -49.50 37.62
N GLY J 67 6.83 -49.26 38.73
CA GLY J 67 7.50 -49.19 40.01
C GLY J 67 6.82 -50.02 41.08
N LEU J 68 7.64 -50.80 41.79
CA LEU J 68 7.26 -51.51 43.00
C LEU J 68 7.47 -50.59 44.20
N TYR J 69 6.55 -50.65 45.17
CA TYR J 69 6.65 -49.82 46.37
C TYR J 69 6.50 -50.72 47.58
N ILE J 70 7.62 -51.09 48.19
CA ILE J 70 7.62 -52.00 49.33
C ILE J 70 7.26 -51.20 50.59
N GLU J 71 6.18 -51.62 51.26
CA GLU J 71 5.73 -50.91 52.46
C GLU J 71 6.65 -51.17 53.65
N SER J 72 7.33 -52.32 53.66
CA SER J 72 8.29 -52.60 54.72
C SER J 72 9.54 -51.74 54.57
N LEU J 73 9.89 -51.39 53.34
CA LEU J 73 11.06 -50.57 53.06
C LEU J 73 10.74 -49.08 53.02
N ASN J 74 9.64 -48.67 53.66
CA ASN J 74 9.15 -47.29 53.78
C ASN J 74 8.90 -46.67 52.39
N GLY J 75 8.41 -47.50 51.47
CA GLY J 75 8.16 -47.05 50.11
C GLY J 75 9.41 -46.69 49.34
N PHE J 76 10.45 -47.51 49.44
CA PHE J 76 11.74 -47.17 48.82
C PHE J 76 11.72 -47.18 47.29
N PRO J 77 11.38 -48.29 46.56
CA PRO J 77 11.60 -48.22 45.11
C PRO J 77 10.46 -47.50 44.41
N GLY J 78 10.47 -47.54 43.09
CA GLY J 78 9.49 -46.79 42.32
C GLY J 78 10.21 -45.67 41.62
N GLY J 79 10.52 -45.89 40.35
CA GLY J 79 11.43 -45.04 39.62
C GLY J 79 12.79 -45.68 39.45
N LEU J 80 13.18 -46.54 40.39
CA LEU J 80 14.50 -47.17 40.37
C LEU J 80 14.41 -48.64 40.77
N THR J 81 13.37 -49.32 40.29
CA THR J 81 13.22 -50.74 40.59
C THR J 81 14.10 -51.57 39.68
N GLN J 82 14.43 -51.02 38.51
CA GLN J 82 15.27 -51.75 37.56
C GLN J 82 16.61 -52.15 38.17
N ILE J 83 17.38 -51.17 38.63
CA ILE J 83 18.69 -51.47 39.20
C ILE J 83 18.56 -52.46 40.36
N PHE J 84 17.48 -52.32 41.15
CA PHE J 84 17.13 -53.23 42.25
C PHE J 84 16.99 -54.68 41.78
N TRP J 85 16.18 -54.89 40.74
CA TRP J 85 15.98 -56.22 40.20
C TRP J 85 17.22 -56.71 39.47
N ASP J 86 17.93 -55.85 38.78
CA ASP J 86 19.05 -56.35 38.03
C ASP J 86 20.17 -56.62 38.98
N LYS J 87 20.00 -56.30 40.26
CA LYS J 87 21.04 -56.62 41.21
C LYS J 87 20.70 -57.84 42.02
N LEU J 88 19.74 -57.73 42.94
CA LEU J 88 19.39 -58.84 43.81
C LEU J 88 18.71 -59.96 43.10
N GLN J 89 17.99 -59.68 42.07
CA GLN J 89 17.14 -60.66 41.38
C GLN J 89 16.10 -61.31 42.29
N ALA J 90 15.77 -62.58 42.03
CA ALA J 90 14.75 -63.24 42.84
C ALA J 90 15.31 -63.98 44.05
N ASP J 91 16.60 -64.33 44.02
CA ASP J 91 17.20 -65.10 45.11
C ASP J 91 17.36 -64.25 46.36
N LYS J 92 17.78 -63.01 46.19
CA LYS J 92 17.97 -62.10 47.32
C LYS J 92 16.82 -61.11 47.44
N PHE J 93 15.63 -61.53 47.00
CA PHE J 93 14.42 -60.76 47.17
C PHE J 93 13.52 -61.36 48.24
N SER J 94 13.12 -62.62 48.05
CA SER J 94 12.11 -63.24 48.91
C SER J 94 12.66 -63.65 50.27
N GLN J 95 13.98 -63.82 50.40
CA GLN J 95 14.52 -64.32 51.66
C GLN J 95 14.66 -63.23 52.70
N LEU J 96 14.62 -61.96 52.30
CA LEU J 96 14.75 -60.86 53.24
C LEU J 96 13.60 -59.85 53.16
N LEU J 97 12.74 -59.94 52.16
CA LEU J 97 11.56 -59.08 52.08
C LEU J 97 10.25 -59.86 52.14
N GLY J 98 10.23 -61.12 51.74
CA GLY J 98 9.03 -61.93 51.86
C GLY J 98 8.80 -62.53 53.24
N THR J 99 9.83 -62.56 54.09
CA THR J 99 9.75 -63.17 55.40
C THR J 99 9.78 -62.15 56.54
N SER J 100 9.45 -60.89 56.26
CA SER J 100 9.48 -59.86 57.28
C SER J 100 8.12 -59.76 57.97
N GLU J 101 7.94 -58.69 58.76
CA GLU J 101 6.69 -58.46 59.45
C GLU J 101 5.61 -57.92 58.53
N ASN J 102 5.97 -57.11 57.52
CA ASN J 102 5.01 -56.53 56.58
C ASN J 102 5.38 -56.90 55.13
N PRO J 103 4.98 -58.11 54.66
CA PRO J 103 4.97 -58.40 53.25
C PRO J 103 4.13 -57.56 52.28
N ARG J 104 3.41 -56.53 52.72
CA ARG J 104 2.58 -55.77 51.80
C ARG J 104 3.41 -54.85 50.92
N LEU J 105 3.02 -54.75 49.65
CA LEU J 105 3.68 -53.87 48.69
C LEU J 105 2.72 -53.57 47.54
N VAL J 106 2.89 -52.40 46.93
CA VAL J 106 2.00 -51.90 45.88
C VAL J 106 2.83 -51.60 44.63
N ALA J 107 2.33 -52.05 43.48
CA ALA J 107 3.00 -51.90 42.20
C ALA J 107 2.23 -50.91 41.34
N LYS J 108 2.93 -49.89 40.82
CA LYS J 108 2.31 -48.83 40.05
C LYS J 108 2.97 -48.72 38.68
N THR J 109 2.14 -48.51 37.65
CA THR J 109 2.59 -48.18 36.30
C THR J 109 2.14 -46.77 35.98
N ILE J 110 3.07 -45.93 35.54
CA ILE J 110 2.78 -44.56 35.12
C ILE J 110 3.17 -44.43 33.65
N ILE J 111 2.26 -43.87 32.85
CA ILE J 111 2.46 -43.70 31.42
C ILE J 111 2.55 -42.22 31.11
N GLY J 112 3.65 -41.82 30.46
CA GLY J 112 3.79 -40.47 29.96
C GLY J 112 3.67 -40.47 28.45
N TYR J 113 2.71 -39.70 27.95
CA TYR J 113 2.38 -39.68 26.53
C TYR J 113 2.54 -38.25 25.99
N CYS J 114 3.13 -38.15 24.80
CA CYS J 114 3.29 -36.86 24.12
C CYS J 114 2.58 -36.94 22.79
N ASP J 115 1.66 -35.99 22.55
CA ASP J 115 0.91 -35.91 21.30
C ASP J 115 1.52 -34.93 20.31
N SER J 116 2.83 -34.66 20.45
CA SER J 116 3.65 -33.64 19.79
C SER J 116 3.24 -32.21 20.12
N MET J 117 2.34 -32.01 21.08
CA MET J 117 2.00 -30.68 21.56
C MET J 117 2.06 -30.58 23.08
N LYS J 118 1.60 -31.60 23.80
CA LYS J 118 1.49 -31.55 25.25
C LYS J 118 1.96 -32.86 25.83
N ILE J 119 1.98 -32.93 27.16
CA ILE J 119 2.43 -34.10 27.91
C ILE J 119 1.26 -34.57 28.76
N TYR J 120 0.89 -35.84 28.62
CA TYR J 120 -0.26 -36.42 29.30
C TYR J 120 0.21 -37.59 30.16
N ILE J 121 -0.21 -37.61 31.42
CA ILE J 121 0.26 -38.58 32.40
C ILE J 121 -0.92 -39.42 32.86
N PHE J 122 -0.81 -40.74 32.67
CA PHE J 122 -1.82 -41.70 33.10
C PHE J 122 -1.18 -42.75 33.98
N GLU J 123 -1.88 -43.14 35.05
CA GLU J 123 -1.30 -44.06 36.01
C GLU J 123 -2.34 -45.05 36.52
N GLY J 124 -1.84 -46.19 36.98
CA GLY J 124 -2.68 -47.21 37.59
C GLY J 124 -1.89 -48.02 38.60
N GLU J 125 -2.60 -48.60 39.56
CA GLU J 125 -1.94 -49.30 40.66
C GLU J 125 -2.73 -50.54 41.04
N THR J 126 -1.98 -51.59 41.45
CA THR J 126 -2.54 -52.72 42.18
C THR J 126 -1.73 -52.95 43.44
N GLN J 127 -2.40 -53.40 44.48
CA GLN J 127 -1.76 -53.77 45.74
C GLN J 127 -1.51 -55.28 45.75
N GLY J 128 -0.57 -55.71 46.58
CA GLY J 128 -0.24 -57.11 46.59
C GLY J 128 0.69 -57.48 47.72
N THR J 129 1.28 -58.66 47.59
CA THR J 129 2.09 -59.28 48.63
C THR J 129 3.30 -59.94 47.98
N ILE J 130 4.45 -59.88 48.66
CA ILE J 130 5.67 -60.52 48.17
C ILE J 130 5.66 -61.99 48.60
N SER J 131 5.95 -62.88 47.66
CA SER J 131 5.97 -64.31 47.95
C SER J 131 7.18 -64.66 48.81
N PRO J 132 7.06 -65.61 49.73
CA PRO J 132 8.26 -66.10 50.45
C PRO J 132 9.14 -66.98 49.58
N VAL J 133 8.57 -67.61 48.54
CA VAL J 133 9.33 -68.43 47.61
C VAL J 133 8.96 -68.03 46.20
N PRO J 134 9.97 -67.80 45.34
CA PRO J 134 9.69 -67.52 43.92
C PRO J 134 8.99 -68.68 43.23
N LYS J 135 7.98 -68.34 42.43
CA LYS J 135 7.02 -69.33 41.96
C LYS J 135 6.58 -68.99 40.55
N GLY J 136 6.69 -69.97 39.65
CA GLY J 136 6.26 -69.79 38.28
C GLY J 136 7.42 -69.62 37.32
N PRO J 137 7.13 -69.22 36.08
CA PRO J 137 8.20 -68.94 35.12
C PRO J 137 8.99 -67.70 35.50
N ARG J 138 10.23 -67.64 35.01
CA ARG J 138 11.14 -66.58 35.40
C ARG J 138 11.68 -65.84 34.18
N ASP J 139 10.79 -65.47 33.26
CA ASP J 139 11.18 -64.79 32.03
C ASP J 139 10.76 -63.33 32.00
N PHE J 140 9.99 -62.86 32.99
CA PHE J 140 9.57 -61.45 33.05
C PHE J 140 9.81 -60.77 34.39
N GLN J 141 11.02 -60.85 34.90
CA GLN J 141 11.34 -60.12 36.13
C GLN J 141 10.46 -60.43 37.32
N TRP J 142 10.13 -59.42 38.12
CA TRP J 142 9.36 -59.67 39.33
C TRP J 142 7.93 -60.19 39.18
N ASP J 143 7.61 -60.91 38.12
CA ASP J 143 6.30 -61.55 38.00
C ASP J 143 6.21 -62.82 38.82
N CYS J 144 7.33 -63.52 39.00
CA CYS J 144 7.35 -64.79 39.73
C CYS J 144 7.34 -64.61 41.24
N ILE J 145 7.46 -63.38 41.74
CA ILE J 145 7.47 -63.12 43.18
C ILE J 145 6.30 -62.27 43.64
N PHE J 146 5.46 -61.78 42.72
CA PHE J 146 4.41 -60.83 43.06
C PHE J 146 3.08 -61.56 43.18
N ILE J 147 2.61 -61.74 44.41
CA ILE J 147 1.26 -62.23 44.68
C ILE J 147 0.33 -61.01 44.73
N PRO J 148 -0.66 -60.91 43.87
CA PRO J 148 -1.65 -59.83 43.99
C PRO J 148 -2.58 -60.07 45.17
N ASP J 149 -3.21 -58.99 45.63
CA ASP J 149 -4.12 -59.08 46.77
C ASP J 149 -5.41 -59.78 46.38
N GLY J 150 -5.83 -60.72 47.24
CA GLY J 150 -7.00 -61.53 46.94
C GLY J 150 -6.72 -62.73 46.07
N GLU J 151 -5.46 -63.10 45.89
CA GLU J 151 -5.09 -64.26 45.07
C GLU J 151 -3.98 -65.02 45.76
N SER J 152 -3.75 -66.25 45.28
CA SER J 152 -2.68 -67.11 45.78
C SER J 152 -1.71 -67.52 44.69
N GLU J 153 -1.82 -66.95 43.50
CA GLU J 153 -0.96 -67.27 42.38
C GLU J 153 -0.18 -66.02 41.97
N THR J 154 1.10 -66.20 41.64
CA THR J 154 1.90 -65.08 41.15
C THR J 154 1.49 -64.71 39.74
N PHE J 155 1.95 -63.52 39.30
CA PHE J 155 1.56 -63.03 37.99
C PHE J 155 2.20 -63.83 36.86
N ALA J 156 3.35 -64.46 37.11
CA ALA J 156 3.94 -65.34 36.13
C ALA J 156 3.19 -66.66 36.05
N GLU J 157 2.77 -67.19 37.20
CA GLU J 157 2.11 -68.49 37.23
C GLU J 157 0.66 -68.40 36.74
N MET J 158 0.02 -67.24 36.90
CA MET J 158 -1.38 -67.11 36.54
C MET J 158 -1.58 -67.03 35.03
N GLY J 159 -0.53 -66.71 34.28
CA GLY J 159 -0.55 -66.84 32.84
C GLY J 159 -1.05 -65.60 32.12
N ASP J 160 -1.88 -65.84 31.11
CA ASP J 160 -2.34 -64.76 30.24
C ASP J 160 -3.46 -63.93 30.87
N ARG J 161 -4.01 -64.38 32.00
CA ARG J 161 -5.02 -63.58 32.69
C ARG J 161 -4.40 -62.56 33.64
N LYS J 162 -3.10 -62.31 33.49
CA LYS J 162 -2.48 -61.25 34.28
C LYS J 162 -2.83 -59.93 33.60
N ASN J 163 -2.99 -59.96 32.27
CA ASN J 163 -3.38 -58.76 31.54
C ASN J 163 -4.89 -58.54 31.52
N GLU J 164 -5.55 -58.65 32.68
CA GLU J 164 -6.92 -58.18 32.87
C GLU J 164 -7.13 -57.45 34.19
N ILE J 165 -6.23 -57.57 35.15
CA ILE J 165 -6.40 -56.97 36.48
C ILE J 165 -5.14 -56.20 36.86
N SER J 166 -4.12 -56.27 36.01
CA SER J 166 -2.83 -55.68 36.34
C SER J 166 -2.88 -54.16 36.24
N MET J 167 -1.92 -53.50 36.90
CA MET J 167 -1.90 -52.04 36.95
C MET J 167 -1.61 -51.43 35.59
N ARG J 168 -0.71 -52.05 34.85
CA ARG J 168 -0.42 -51.61 33.49
C ARG J 168 -1.72 -51.59 32.72
N LYS J 169 -2.57 -52.59 32.93
CA LYS J 169 -3.86 -52.65 32.25
C LYS J 169 -4.72 -51.45 32.60
N LYS J 170 -4.92 -51.19 33.88
CA LYS J 170 -5.68 -50.01 34.32
C LYS J 170 -5.11 -48.72 33.71
N ALA J 171 -3.78 -48.59 33.71
CA ALA J 171 -3.14 -47.41 33.12
C ALA J 171 -3.37 -47.34 31.62
N PHE J 172 -3.30 -48.48 30.92
CA PHE J 172 -3.56 -48.47 29.50
C PHE J 172 -5.03 -48.44 29.16
N ASP J 173 -5.92 -48.74 30.12
CA ASP J 173 -7.34 -48.52 29.90
C ASP J 173 -7.66 -47.03 29.94
N LYS J 174 -7.03 -46.30 30.87
CA LYS J 174 -7.16 -44.84 30.87
C LYS J 174 -6.50 -44.22 29.64
N PHE J 175 -5.36 -44.77 29.21
CA PHE J 175 -4.70 -44.33 28.00
C PHE J 175 -5.55 -44.59 26.75
N LYS J 176 -6.19 -45.76 26.69
CA LYS J 176 -7.07 -46.11 25.58
C LYS J 176 -8.32 -45.24 25.57
N GLU J 177 -8.84 -44.92 26.76
CA GLU J 177 -10.00 -44.03 26.88
C GLU J 177 -9.67 -42.63 26.39
N TYR J 178 -8.45 -42.16 26.68
CA TYR J 178 -8.03 -40.87 26.13
C TYR J 178 -7.80 -40.94 24.62
N LEU J 179 -7.22 -42.04 24.14
CA LEU J 179 -6.84 -42.10 22.72
C LEU J 179 -8.04 -42.28 21.81
N LEU J 180 -9.10 -42.93 22.29
CA LEU J 180 -10.33 -42.98 21.49
C LEU J 180 -11.29 -41.85 21.85
N GLU J 181 -11.10 -41.16 22.97
CA GLU J 181 -11.95 -40.00 23.24
C GLU J 181 -11.53 -38.77 22.45
N GLY J 182 -10.33 -38.76 21.91
CA GLY J 182 -9.83 -37.65 21.11
C GLY J 182 -8.66 -36.95 21.79
N GLY J 183 -8.10 -35.99 21.06
CA GLY J 183 -6.99 -35.21 21.57
C GLY J 183 -7.43 -34.05 22.44
N LYS J 184 -7.99 -34.36 23.61
CA LYS J 184 -8.61 -33.35 24.46
C LYS J 184 -7.64 -32.81 25.51
N MET K 1 46.57 8.33 -46.29
CA MET K 1 45.78 8.94 -45.22
C MET K 1 44.35 9.16 -45.66
N ASN K 2 43.40 8.72 -44.84
CA ASN K 2 41.98 8.80 -45.16
C ASN K 2 41.37 9.94 -44.33
N ILE K 3 41.22 11.10 -44.95
CA ILE K 3 40.79 12.32 -44.28
C ILE K 3 39.48 12.74 -44.94
N ARG K 4 38.53 13.20 -44.12
CA ARG K 4 37.21 13.58 -44.61
C ARG K 4 37.11 15.10 -44.77
N PHE K 5 36.12 15.53 -45.55
CA PHE K 5 35.95 16.94 -45.90
C PHE K 5 34.46 17.29 -45.86
N ILE K 6 34.13 18.37 -45.16
CA ILE K 6 32.75 18.85 -45.08
C ILE K 6 32.68 20.23 -45.71
N THR K 7 31.76 20.41 -46.65
CA THR K 7 31.66 21.66 -47.38
C THR K 7 30.24 21.84 -47.92
N ARG K 8 30.03 22.89 -48.67
CA ARG K 8 28.78 23.06 -49.35
C ARG K 8 29.09 23.17 -50.81
N ASN K 9 30.21 23.77 -51.17
CA ASN K 9 30.54 23.95 -52.58
C ASN K 9 30.80 22.60 -53.16
N ARG K 10 30.20 22.32 -54.31
CA ARG K 10 30.50 21.05 -54.97
C ARG K 10 31.75 21.11 -55.82
N HIS K 11 32.03 22.28 -56.42
CA HIS K 11 33.20 22.39 -57.29
C HIS K 11 34.50 22.46 -56.48
N LYS K 12 34.38 22.85 -55.19
CA LYS K 12 35.51 22.81 -54.27
C LYS K 12 36.01 21.38 -54.06
N ILE K 13 35.08 20.42 -54.04
CA ILE K 13 35.41 19.00 -53.92
C ILE K 13 36.23 18.54 -55.12
N LYS K 14 35.84 18.94 -56.33
CA LYS K 14 36.57 18.54 -57.53
C LYS K 14 37.92 19.23 -57.63
N GLU K 15 38.02 20.49 -57.17
CA GLU K 15 39.32 21.16 -57.13
C GLU K 15 40.29 20.50 -56.16
N ILE K 16 39.81 20.14 -54.96
CA ILE K 16 40.65 19.49 -53.95
C ILE K 16 41.03 18.09 -54.40
N ASN K 17 40.12 17.40 -55.08
CA ASN K 17 40.40 16.06 -55.60
C ASN K 17 41.41 16.10 -56.74
N LYS K 18 41.32 17.11 -57.61
CA LYS K 18 42.27 17.22 -58.72
C LYS K 18 43.63 17.70 -58.24
N ILE K 19 43.67 18.52 -57.19
CA ILE K 19 44.93 18.98 -56.64
C ILE K 19 45.65 17.84 -55.91
N LEU K 20 44.92 17.08 -55.11
CA LEU K 20 45.49 15.98 -54.32
C LEU K 20 45.50 14.66 -55.07
N SER K 21 45.35 14.68 -56.39
CA SER K 21 45.33 13.44 -57.17
C SER K 21 46.74 12.87 -57.30
N GLY K 22 46.86 11.57 -57.02
CA GLY K 22 48.13 10.88 -57.11
C GLY K 22 49.06 11.09 -55.93
N THR K 23 48.64 11.82 -54.90
CA THR K 23 49.48 12.06 -53.74
C THR K 23 49.63 10.85 -52.83
N GLY K 24 48.56 10.08 -52.64
CA GLY K 24 48.57 8.99 -51.69
C GLY K 24 47.45 9.14 -50.69
N VAL K 25 47.17 10.38 -50.30
CA VAL K 25 46.02 10.65 -49.45
C VAL K 25 44.77 10.66 -50.31
N VAL K 26 43.63 10.37 -49.69
CA VAL K 26 42.34 10.43 -50.35
C VAL K 26 41.39 11.25 -49.50
N VAL K 27 40.35 11.80 -50.13
CA VAL K 27 39.40 12.67 -49.47
C VAL K 27 38.01 12.08 -49.64
N LEU K 28 37.32 11.84 -48.52
CA LEU K 28 35.94 11.39 -48.52
C LEU K 28 35.07 12.60 -48.22
N ALA K 29 34.73 13.33 -49.28
CA ALA K 29 34.01 14.58 -49.12
C ALA K 29 32.52 14.35 -48.88
N SER K 30 31.93 15.19 -48.05
CA SER K 30 30.51 15.16 -47.76
C SER K 30 29.96 16.57 -47.82
N GLU K 31 28.65 16.68 -48.09
CA GLU K 31 27.99 17.97 -48.26
C GLU K 31 27.03 18.19 -47.09
N HIS K 32 27.30 19.22 -46.30
CA HIS K 32 26.42 19.56 -45.18
C HIS K 32 26.08 21.04 -45.05
N SER K 33 26.88 21.95 -45.63
CA SER K 33 26.70 23.41 -45.61
C SER K 33 26.67 23.96 -44.18
N ILE K 34 27.83 23.85 -43.54
CA ILE K 34 28.00 24.36 -42.17
C ILE K 34 28.03 25.88 -42.21
N ASP K 35 27.18 26.51 -41.41
CA ASP K 35 27.16 27.97 -41.30
C ASP K 35 28.36 28.47 -40.53
N GLU K 36 28.84 29.65 -40.91
CA GLU K 36 29.97 30.23 -40.20
C GLU K 36 29.50 31.34 -39.30
N ILE K 37 30.45 31.98 -38.65
CA ILE K 37 30.12 33.08 -37.75
C ILE K 37 30.62 34.38 -38.33
N GLN K 38 30.03 35.48 -37.94
CA GLN K 38 30.42 36.74 -38.53
C GLN K 38 31.51 37.33 -37.70
N THR K 39 32.73 36.86 -37.93
CA THR K 39 33.87 37.39 -37.20
C THR K 39 34.99 37.82 -38.13
N GLU K 40 35.85 38.69 -37.63
CA GLU K 40 36.94 39.19 -38.44
C GLU K 40 38.08 38.20 -38.34
N ASN K 41 38.32 37.67 -37.15
CA ASN K 41 39.35 36.68 -36.97
C ASN K 41 39.02 35.47 -37.78
N VAL K 42 39.90 35.09 -38.69
CA VAL K 42 39.65 33.88 -39.47
C VAL K 42 40.14 32.62 -38.76
N HIS K 43 40.98 32.77 -37.74
CA HIS K 43 41.39 31.61 -36.94
C HIS K 43 40.23 31.09 -36.10
N ALA K 44 39.48 31.99 -35.47
CA ALA K 44 38.28 31.58 -34.73
C ALA K 44 37.19 31.10 -35.67
N LEU K 45 37.09 31.72 -36.84
CA LEU K 45 36.09 31.34 -37.84
C LEU K 45 36.38 29.98 -38.44
N ILE K 46 37.65 29.59 -38.55
CA ILE K 46 37.93 28.24 -39.00
C ILE K 46 37.89 27.25 -37.83
N LYS K 47 38.13 27.75 -36.60
CA LYS K 47 38.16 26.86 -35.43
C LYS K 47 36.77 26.38 -35.06
N ASP K 48 35.79 27.28 -35.07
CA ASP K 48 34.43 26.84 -34.71
C ASP K 48 33.78 26.03 -35.83
N LYS K 49 34.15 26.30 -37.08
CA LYS K 49 33.61 25.52 -38.19
C LYS K 49 34.20 24.12 -38.22
N LEU K 50 35.50 24.00 -37.89
CA LEU K 50 36.10 22.68 -37.72
C LEU K 50 35.55 21.96 -36.49
N LEU K 51 35.17 22.72 -35.45
CA LEU K 51 34.48 22.14 -34.30
C LEU K 51 33.12 21.56 -34.68
N LYS K 52 32.35 22.29 -35.50
CA LYS K 52 31.05 21.79 -35.94
C LYS K 52 31.20 20.59 -36.88
N ALA K 53 32.25 20.57 -37.70
CA ALA K 53 32.49 19.43 -38.57
C ALA K 53 32.95 18.22 -37.79
N PHE K 54 33.74 18.42 -36.73
CA PHE K 54 34.17 17.30 -35.90
C PHE K 54 33.02 16.80 -35.04
N LYS K 55 32.10 17.68 -34.65
CA LYS K 55 30.88 17.23 -34.00
C LYS K 55 29.98 16.47 -34.96
N LEU K 56 30.05 16.80 -36.24
CA LEU K 56 29.30 16.06 -37.26
C LEU K 56 29.92 14.71 -37.60
N VAL K 57 31.23 14.58 -37.57
CA VAL K 57 31.89 13.39 -38.10
C VAL K 57 32.51 12.56 -36.97
N GLY K 58 33.39 13.17 -36.18
CA GLY K 58 34.09 12.45 -35.13
C GLY K 58 35.30 11.68 -35.57
N ARG K 59 35.67 11.75 -36.85
CA ARG K 59 36.86 11.13 -37.43
C ARG K 59 37.79 12.27 -37.84
N PRO K 60 39.06 11.99 -38.26
CA PRO K 60 39.90 13.07 -38.83
C PRO K 60 39.32 13.76 -40.05
N VAL K 61 39.08 15.06 -39.93
CA VAL K 61 38.37 15.85 -40.92
C VAL K 61 39.05 17.21 -41.06
N PHE K 62 39.21 17.69 -42.30
CA PHE K 62 39.71 19.04 -42.54
C PHE K 62 38.59 19.90 -43.10
N VAL K 63 38.75 21.21 -42.91
CA VAL K 63 37.77 22.22 -43.32
C VAL K 63 38.51 23.38 -44.00
N GLU K 64 38.07 23.73 -45.19
CA GLU K 64 38.62 24.83 -45.96
C GLU K 64 37.69 26.04 -45.87
N HIS K 65 38.29 27.23 -45.92
CA HIS K 65 37.56 28.48 -46.10
C HIS K 65 38.34 29.38 -47.05
N THR K 66 37.66 30.09 -47.98
CA THR K 66 38.26 30.98 -49.02
C THR K 66 37.74 32.36 -49.03
N GLY K 67 38.58 33.36 -48.76
CA GLY K 67 38.16 34.73 -48.59
C GLY K 67 38.86 35.69 -49.54
N LEU K 68 38.05 36.54 -50.17
CA LEU K 68 38.52 37.69 -50.94
C LEU K 68 38.67 38.88 -50.02
N TYR K 69 39.73 39.67 -50.24
CA TYR K 69 39.99 40.86 -49.41
C TYR K 69 40.19 42.05 -50.34
N ILE K 70 39.15 42.84 -50.52
CA ILE K 70 39.20 43.99 -51.42
C ILE K 70 39.89 45.15 -50.72
N GLU K 71 40.99 45.64 -51.31
CA GLU K 71 41.75 46.72 -50.71
C GLU K 71 41.03 48.05 -50.82
N SER K 72 40.17 48.21 -51.83
CA SER K 72 39.37 49.42 -51.95
C SER K 72 38.28 49.47 -50.89
N LEU K 73 37.79 48.31 -50.46
CA LEU K 73 36.74 48.22 -49.46
C LEU K 73 37.31 48.09 -48.04
N ASN K 74 38.56 48.53 -47.84
CA ASN K 74 39.28 48.54 -46.56
C ASN K 74 39.39 47.12 -45.99
N GLY K 75 39.57 46.14 -46.88
CA GLY K 75 39.65 44.73 -46.47
C GLY K 75 38.37 44.19 -45.89
N PHE K 76 37.22 44.49 -46.52
CA PHE K 76 35.93 44.09 -45.96
C PHE K 76 35.68 42.59 -45.95
N PRO K 77 35.69 41.84 -47.09
CA PRO K 77 35.24 40.44 -46.98
C PRO K 77 36.35 39.54 -46.47
N GLY K 78 36.10 38.24 -46.47
CA GLY K 78 37.03 37.30 -45.90
C GLY K 78 36.41 36.71 -44.67
N GLY K 79 35.85 35.52 -44.83
CA GLY K 79 34.99 34.94 -43.83
C GLY K 79 33.53 35.02 -44.22
N LEU K 80 33.17 36.04 -45.01
CA LEU K 80 31.78 36.26 -45.41
C LEU K 80 31.68 36.66 -46.88
N THR K 81 32.49 36.02 -47.72
CA THR K 81 32.45 36.32 -49.15
C THR K 81 31.29 35.59 -49.80
N GLN K 82 30.86 34.50 -49.19
CA GLN K 82 29.77 33.71 -49.75
C GLN K 82 28.50 34.56 -49.93
N ILE K 83 28.00 35.13 -48.84
CA ILE K 83 26.77 35.92 -48.91
C ILE K 83 26.94 37.06 -49.91
N PHE K 84 28.15 37.64 -49.98
CA PHE K 84 28.53 38.69 -50.94
C PHE K 84 28.33 38.23 -52.38
N TRP K 85 28.91 37.08 -52.71
CA TRP K 85 28.77 36.54 -54.06
C TRP K 85 27.36 36.03 -54.33
N ASP K 86 26.69 35.49 -53.30
CA ASP K 86 25.36 34.93 -53.51
C ASP K 86 24.31 36.03 -53.67
N LYS K 87 24.66 37.23 -53.26
CA LYS K 87 23.72 38.32 -53.39
C LYS K 87 23.94 39.21 -54.60
N LEU K 88 25.17 39.62 -54.87
CA LEU K 88 25.36 40.57 -55.96
C LEU K 88 25.96 39.98 -57.23
N GLN K 89 26.49 38.75 -57.19
CA GLN K 89 26.97 37.94 -58.32
C GLN K 89 28.11 38.67 -59.06
N ALA K 90 28.21 38.44 -60.38
CA ALA K 90 29.22 39.07 -61.22
C ALA K 90 28.77 40.37 -61.86
N ASP K 91 27.45 40.58 -61.98
CA ASP K 91 26.92 41.76 -62.65
C ASP K 91 27.13 43.01 -61.80
N LYS K 92 26.90 42.89 -60.49
CA LYS K 92 27.07 44.01 -59.58
C LYS K 92 28.38 43.91 -58.80
N PHE K 93 29.37 43.29 -59.42
CA PHE K 93 30.72 43.23 -58.86
C PHE K 93 31.68 44.13 -59.63
N SER K 94 31.83 43.91 -60.94
CA SER K 94 32.84 44.59 -61.72
C SER K 94 32.48 46.03 -62.04
N GLN K 95 31.19 46.39 -61.99
CA GLN K 95 30.79 47.73 -62.40
C GLN K 95 31.04 48.76 -61.31
N LEU K 96 31.22 48.34 -60.06
CA LEU K 96 31.45 49.26 -58.96
C LEU K 96 32.71 48.97 -58.16
N LEU K 97 33.36 47.82 -58.39
CA LEU K 97 34.63 47.52 -57.75
C LEU K 97 35.78 47.37 -58.73
N GLY K 98 35.52 47.01 -59.99
CA GLY K 98 36.56 46.94 -60.98
C GLY K 98 36.92 48.27 -61.63
N THR K 99 36.08 49.28 -61.49
CA THR K 99 36.28 50.57 -62.12
C THR K 99 36.63 51.67 -61.12
N SER K 100 37.10 51.32 -59.93
CA SER K 100 37.42 52.32 -58.92
C SER K 100 38.89 52.75 -59.06
N GLU K 101 39.37 53.47 -58.05
CA GLU K 101 40.75 53.93 -58.04
C GLU K 101 41.74 52.82 -57.68
N ASN K 102 41.34 51.87 -56.82
CA ASN K 102 42.21 50.76 -56.39
C ASN K 102 41.54 49.42 -56.68
N PRO K 103 41.63 48.91 -57.94
CA PRO K 103 41.34 47.52 -58.22
C PRO K 103 42.14 46.40 -57.52
N ARG K 104 43.08 46.70 -56.64
CA ARG K 104 43.87 45.64 -56.03
C ARG K 104 43.05 44.89 -54.97
N LEU K 105 43.23 43.56 -54.92
CA LEU K 105 42.58 42.71 -53.94
C LEU K 105 43.37 41.41 -53.79
N VAL K 106 43.29 40.81 -52.61
CA VAL K 106 44.05 39.61 -52.26
C VAL K 106 43.09 38.52 -51.81
N ALA K 107 43.29 37.32 -52.34
CA ALA K 107 42.43 36.17 -52.04
C ALA K 107 43.20 35.16 -51.20
N LYS K 108 42.62 34.76 -50.07
CA LYS K 108 43.26 33.86 -49.12
C LYS K 108 42.40 32.62 -48.89
N THR K 109 43.06 31.47 -48.81
CA THR K 109 42.44 30.21 -48.41
C THR K 109 43.06 29.78 -47.09
N ILE K 110 42.22 29.49 -46.10
CA ILE K 110 42.67 29.00 -44.80
C ILE K 110 42.07 27.62 -44.58
N ILE K 111 42.89 26.66 -44.19
CA ILE K 111 42.49 25.28 -43.98
C ILE K 111 42.59 24.97 -42.49
N GLY K 112 41.48 24.51 -41.90
CA GLY K 112 41.49 24.00 -40.55
C GLY K 112 41.34 22.50 -40.55
N TYR K 113 42.33 21.83 -39.96
CA TYR K 113 42.40 20.37 -39.97
C TYR K 113 42.39 19.84 -38.54
N CYS K 114 41.63 18.77 -38.32
CA CYS K 114 41.58 18.10 -37.03
C CYS K 114 42.03 16.66 -37.21
N ASP K 115 43.02 16.25 -36.44
CA ASP K 115 43.56 14.89 -36.48
C ASP K 115 42.96 14.00 -35.40
N SER K 116 41.76 14.36 -34.91
CA SER K 116 41.02 13.83 -33.76
C SER K 116 41.73 14.05 -32.41
N MET K 117 42.79 14.83 -32.38
CA MET K 117 43.44 15.22 -31.14
C MET K 117 43.67 16.72 -31.04
N LYS K 118 44.06 17.37 -32.13
CA LYS K 118 44.43 18.78 -32.11
C LYS K 118 43.86 19.47 -33.34
N ILE K 119 44.04 20.78 -33.41
CA ILE K 119 43.54 21.61 -34.49
C ILE K 119 44.74 22.27 -35.16
N TYR K 120 44.86 22.09 -36.47
CA TYR K 120 45.99 22.58 -37.24
C TYR K 120 45.49 23.53 -38.32
N ILE K 121 46.12 24.69 -38.43
CA ILE K 121 45.66 25.75 -39.31
C ILE K 121 46.74 26.03 -40.35
N PHE K 122 46.38 25.89 -41.63
CA PHE K 122 47.28 26.15 -42.75
C PHE K 122 46.62 27.16 -43.68
N GLU K 123 47.43 28.09 -44.20
CA GLU K 123 46.87 29.16 -45.00
C GLU K 123 47.80 29.50 -46.17
N GLY K 124 47.20 30.07 -47.22
CA GLY K 124 47.94 30.54 -48.37
C GLY K 124 47.21 31.69 -49.03
N GLU K 125 47.97 32.53 -49.74
CA GLU K 125 47.41 33.73 -50.33
C GLU K 125 48.02 34.01 -51.69
N THR K 126 47.20 34.55 -52.60
CA THR K 126 47.68 35.20 -53.81
C THR K 126 47.06 36.58 -53.91
N GLN K 127 47.83 37.52 -54.48
CA GLN K 127 47.35 38.86 -54.75
C GLN K 127 46.86 38.94 -56.18
N GLY K 128 46.02 39.94 -56.46
CA GLY K 128 45.45 40.04 -57.78
C GLY K 128 44.69 41.32 -57.99
N THR K 129 43.89 41.32 -59.06
CA THR K 129 43.18 42.50 -59.53
C THR K 129 41.78 42.08 -59.97
N ILE K 130 40.80 42.94 -59.72
CA ILE K 130 39.42 42.69 -60.15
C ILE K 130 39.26 43.14 -61.60
N SER K 131 38.66 42.28 -62.42
CA SER K 131 38.44 42.60 -63.83
C SER K 131 37.36 43.68 -63.96
N PRO K 132 37.48 44.58 -64.94
CA PRO K 132 36.36 45.49 -65.22
C PRO K 132 35.20 44.81 -65.93
N VAL K 133 35.47 43.71 -66.62
CA VAL K 133 34.43 42.93 -67.31
C VAL K 133 34.61 41.47 -66.96
N PRO K 134 33.52 40.79 -66.55
CA PRO K 134 33.58 39.34 -66.31
C PRO K 134 33.94 38.57 -67.57
N LYS K 135 34.85 37.60 -67.40
CA LYS K 135 35.54 37.00 -68.53
C LYS K 135 35.76 35.51 -68.26
N GLY K 136 35.33 34.67 -69.19
CA GLY K 136 35.54 33.25 -69.07
C GLY K 136 34.28 32.50 -68.70
N PRO K 137 34.42 31.22 -68.35
CA PRO K 137 33.25 30.45 -67.89
C PRO K 137 32.77 30.93 -66.53
N ARG K 138 31.49 30.67 -66.25
CA ARG K 138 30.86 31.19 -65.05
C ARG K 138 30.24 30.06 -64.22
N ASP K 139 31.01 29.00 -64.00
CA ASP K 139 30.54 27.84 -63.25
C ASP K 139 31.19 27.72 -61.88
N PHE K 140 32.19 28.54 -61.57
CA PHE K 140 32.84 28.50 -60.25
C PHE K 140 32.97 29.84 -59.56
N GLN K 141 31.87 30.56 -59.42
CA GLN K 141 31.89 31.80 -58.66
C GLN K 141 32.90 32.83 -59.13
N TRP K 142 33.54 33.54 -58.20
CA TRP K 142 34.44 34.62 -58.59
C TRP K 142 35.72 34.22 -59.35
N ASP K 143 35.72 33.13 -60.10
CA ASP K 143 36.86 32.80 -60.96
C ASP K 143 36.87 33.63 -62.23
N CYS K 144 35.71 34.01 -62.74
CA CYS K 144 35.60 34.76 -63.98
C CYS K 144 35.90 36.24 -63.82
N ILE K 145 36.08 36.73 -62.60
CA ILE K 145 36.36 38.14 -62.35
C ILE K 145 37.72 38.37 -61.71
N PHE K 146 38.46 37.32 -61.37
CA PHE K 146 39.70 37.44 -60.62
C PHE K 146 40.89 37.34 -61.56
N ILE K 147 41.53 38.48 -61.84
CA ILE K 147 42.80 38.53 -62.55
C ILE K 147 43.91 38.39 -61.51
N PRO K 148 44.75 37.36 -61.58
CA PRO K 148 45.91 37.29 -60.67
C PRO K 148 46.97 38.29 -61.08
N ASP K 149 47.85 38.61 -60.13
CA ASP K 149 48.91 39.58 -60.39
C ASP K 149 49.98 38.99 -61.31
N GLY K 150 50.38 39.78 -62.30
CA GLY K 150 51.32 39.30 -63.30
C GLY K 150 50.69 38.52 -64.43
N GLU K 151 49.37 38.57 -64.58
CA GLU K 151 48.68 37.85 -65.63
C GLU K 151 47.59 38.74 -66.22
N SER K 152 47.07 38.33 -67.38
CA SER K 152 45.99 39.03 -68.05
C SER K 152 44.78 38.13 -68.28
N GLU K 153 44.78 36.93 -67.71
CA GLU K 153 43.68 35.98 -67.87
C GLU K 153 43.07 35.69 -66.51
N THR K 154 41.75 35.59 -66.46
CA THR K 154 41.07 35.22 -65.22
C THR K 154 41.29 33.75 -64.90
N PHE K 155 40.97 33.37 -63.66
CA PHE K 155 41.21 32.00 -63.22
C PHE K 155 40.24 31.01 -63.89
N ALA K 156 39.07 31.49 -64.31
CA ALA K 156 38.18 30.63 -65.07
C ALA K 156 38.66 30.46 -66.51
N GLU K 157 39.19 31.52 -67.11
CA GLU K 157 39.61 31.46 -68.51
C GLU K 157 40.94 30.73 -68.67
N MET K 158 41.79 30.76 -67.63
CA MET K 158 43.12 30.15 -67.75
C MET K 158 43.05 28.63 -67.68
N GLY K 159 41.96 28.07 -67.18
CA GLY K 159 41.70 26.65 -67.29
C GLY K 159 42.27 25.83 -66.15
N ASP K 160 42.86 24.69 -66.52
CA ASP K 160 43.35 23.74 -65.54
C ASP K 160 44.67 24.14 -64.92
N ARG K 161 45.33 25.16 -65.46
CA ARG K 161 46.57 25.65 -64.85
C ARG K 161 46.30 26.67 -63.75
N LYS K 162 45.06 26.76 -63.28
CA LYS K 162 44.78 27.61 -62.14
C LYS K 162 45.22 26.85 -60.89
N ASN K 163 45.14 25.53 -60.93
CA ASN K 163 45.60 24.71 -59.81
C ASN K 163 47.10 24.42 -59.86
N GLU K 164 47.92 25.44 -60.08
CA GLU K 164 49.37 25.39 -59.85
C GLU K 164 49.93 26.63 -59.19
N ILE K 165 49.20 27.75 -59.15
CA ILE K 165 49.70 29.01 -58.61
C ILE K 165 48.68 29.58 -57.64
N SER K 166 47.53 28.93 -57.52
CA SER K 166 46.43 29.46 -56.72
C SER K 166 46.72 29.32 -55.24
N MET K 167 46.02 30.12 -54.43
CA MET K 167 46.26 30.14 -52.98
C MET K 167 45.84 28.84 -52.32
N ARG K 168 44.74 28.28 -52.77
CA ARG K 168 44.29 26.99 -52.27
C ARG K 168 45.42 26.01 -52.47
N LYS K 169 46.11 26.09 -53.62
CA LYS K 169 47.23 25.19 -53.89
C LYS K 169 48.33 25.35 -52.85
N LYS K 170 48.79 26.58 -52.63
CA LYS K 170 49.80 26.86 -51.61
C LYS K 170 49.38 26.33 -50.24
N ALA K 171 48.11 26.56 -49.89
CA ALA K 171 47.58 26.07 -48.61
C ALA K 171 47.55 24.54 -48.56
N PHE K 172 47.17 23.91 -49.66
CA PHE K 172 47.17 22.44 -49.69
C PHE K 172 48.55 21.87 -49.90
N ASP K 173 49.52 22.65 -50.37
CA ASP K 173 50.90 22.19 -50.38
C ASP K 173 51.47 22.14 -48.97
N LYS K 174 51.15 23.16 -48.15
CA LYS K 174 51.53 23.10 -46.75
C LYS K 174 50.78 21.99 -46.00
N PHE K 175 49.50 21.78 -46.35
CA PHE K 175 48.72 20.68 -45.78
C PHE K 175 49.29 19.32 -46.18
N LYS K 176 49.69 19.17 -47.45
CA LYS K 176 50.30 17.94 -47.93
C LYS K 176 51.66 17.70 -47.29
N GLU K 177 52.43 18.77 -47.08
CA GLU K 177 53.72 18.67 -46.39
C GLU K 177 53.55 18.20 -44.95
N TYR K 178 52.49 18.69 -44.28
CA TYR K 178 52.22 18.20 -42.93
C TYR K 178 51.73 16.75 -42.95
N LEU K 179 50.89 16.39 -43.93
CA LEU K 179 50.26 15.08 -43.90
C LEU K 179 51.24 13.97 -44.28
N LEU K 180 52.24 14.27 -45.11
CA LEU K 180 53.28 13.28 -45.36
C LEU K 180 54.47 13.43 -44.42
N GLU K 181 54.60 14.57 -43.72
CA GLU K 181 55.68 14.66 -42.73
C GLU K 181 55.33 13.92 -41.44
N GLY K 182 54.07 13.59 -41.21
CA GLY K 182 53.64 12.88 -40.03
C GLY K 182 52.75 13.73 -39.14
N GLY K 183 52.23 13.09 -38.10
CA GLY K 183 51.38 13.77 -37.15
C GLY K 183 52.16 14.53 -36.08
N LYS K 184 52.85 15.58 -36.50
CA LYS K 184 53.77 16.30 -35.61
C LYS K 184 53.11 17.48 -34.92
N MET L 1 7.94 44.49 -15.51
CA MET L 1 8.64 43.31 -16.01
C MET L 1 10.14 43.58 -16.05
N ASN L 2 10.92 42.65 -15.48
CA ASN L 2 12.36 42.77 -15.39
C ASN L 2 12.99 41.85 -16.42
N ILE L 3 13.37 42.43 -17.56
CA ILE L 3 13.86 41.67 -18.72
C ILE L 3 15.28 42.15 -18.98
N ARG L 4 16.18 41.22 -19.30
CA ARG L 4 17.58 41.52 -19.53
C ARG L 4 17.90 41.64 -21.02
N PHE L 5 19.03 42.27 -21.32
CA PHE L 5 19.41 42.56 -22.69
C PHE L 5 20.90 42.33 -22.86
N ILE L 6 21.29 41.57 -23.88
CA ILE L 6 22.69 41.29 -24.19
C ILE L 6 23.00 41.89 -25.55
N THR L 7 24.06 42.70 -25.61
CA THR L 7 24.41 43.38 -26.86
C THR L 7 25.89 43.73 -26.85
N ARG L 8 26.32 44.48 -27.85
CA ARG L 8 27.68 44.95 -27.90
C ARG L 8 27.59 46.41 -28.06
N ASN L 9 26.57 46.92 -28.78
CA ASN L 9 26.45 48.33 -29.03
C ASN L 9 26.10 48.98 -27.72
N ARG L 10 26.80 50.06 -27.38
CA ARG L 10 26.44 50.77 -26.16
C ARG L 10 25.32 51.77 -26.39
N HIS L 11 25.26 52.38 -27.59
CA HIS L 11 24.23 53.37 -27.86
C HIS L 11 22.86 52.73 -28.08
N LYS L 12 22.86 51.44 -28.44
CA LYS L 12 21.63 50.67 -28.53
C LYS L 12 20.94 50.57 -27.19
N ILE L 13 21.73 50.44 -26.11
CA ILE L 13 21.20 50.40 -24.75
C ILE L 13 20.49 51.70 -24.39
N LYS L 14 21.09 52.85 -24.76
CA LYS L 14 20.47 54.13 -24.46
C LYS L 14 19.24 54.39 -25.32
N GLU L 15 19.24 53.91 -26.57
CA GLU L 15 18.04 54.02 -27.40
C GLU L 15 16.88 53.19 -26.86
N ILE L 16 17.16 51.96 -26.44
CA ILE L 16 16.12 51.08 -25.90
C ILE L 16 15.63 51.60 -24.55
N ASN L 17 16.53 52.18 -23.76
CA ASN L 17 16.14 52.76 -22.47
C ASN L 17 15.31 54.02 -22.65
N LYS L 18 15.63 54.85 -23.64
CA LYS L 18 14.85 56.06 -23.88
C LYS L 18 13.51 55.74 -24.53
N ILE L 19 13.44 54.68 -25.34
CA ILE L 19 12.18 54.29 -25.95
C ILE L 19 11.25 53.68 -24.91
N LEU L 20 11.77 52.82 -24.04
CA LEU L 20 10.98 52.14 -23.04
C LEU L 20 10.89 52.91 -21.73
N SER L 21 11.20 54.20 -21.74
CA SER L 21 11.17 55.00 -20.52
C SER L 21 9.74 55.32 -20.12
N GLY L 22 9.41 55.09 -18.85
CA GLY L 22 8.08 55.35 -18.33
C GLY L 22 7.05 54.30 -18.64
N THR L 23 7.42 53.20 -19.31
CA THR L 23 6.48 52.15 -19.64
C THR L 23 6.06 51.30 -18.45
N GLY L 24 7.00 51.00 -17.55
CA GLY L 24 6.73 50.09 -16.47
C GLY L 24 7.73 48.95 -16.46
N VAL L 25 8.11 48.49 -17.64
CA VAL L 25 9.17 47.49 -17.77
C VAL L 25 10.51 48.20 -17.63
N VAL L 26 11.51 47.44 -17.19
CA VAL L 26 12.88 47.94 -17.08
C VAL L 26 13.80 46.95 -17.78
N VAL L 27 14.96 47.44 -18.20
CA VAL L 27 15.93 46.64 -18.94
C VAL L 27 17.24 46.65 -18.18
N LEU L 28 17.75 45.46 -17.84
CA LEU L 28 19.07 45.30 -17.22
C LEU L 28 20.04 44.87 -18.31
N ALA L 29 20.59 45.85 -19.00
CA ALA L 29 21.44 45.58 -20.15
C ALA L 29 22.83 45.16 -19.72
N SER L 30 23.42 44.24 -20.48
CA SER L 30 24.77 43.77 -20.26
C SER L 30 25.50 43.73 -21.59
N GLU L 31 26.83 43.83 -21.53
CA GLU L 31 27.66 43.88 -22.73
C GLU L 31 28.48 42.61 -22.82
N HIS L 32 28.26 41.82 -23.88
CA HIS L 32 29.01 40.60 -24.09
C HIS L 32 29.52 40.40 -25.51
N SER L 33 28.92 41.04 -26.51
CA SER L 33 29.28 40.96 -27.94
C SER L 33 29.19 39.53 -28.47
N ILE L 34 27.96 39.03 -28.51
CA ILE L 34 27.69 37.69 -29.02
C ILE L 34 27.84 37.69 -30.53
N ASP L 35 28.65 36.78 -31.05
CA ASP L 35 28.85 36.64 -32.48
C ASP L 35 27.62 36.00 -33.13
N GLU L 36 27.34 36.41 -34.36
CA GLU L 36 26.22 35.84 -35.06
C GLU L 36 26.71 34.86 -36.10
N ILE L 37 25.77 34.32 -36.85
CA ILE L 37 26.12 33.35 -37.90
C ILE L 37 25.85 33.97 -39.26
N GLN L 38 26.49 33.39 -40.29
CA GLN L 38 26.37 33.86 -41.67
C GLN L 38 25.28 33.05 -42.38
N THR L 39 24.04 33.47 -42.16
CA THR L 39 22.90 32.85 -42.80
C THR L 39 21.94 33.92 -43.30
N GLU L 40 21.10 33.53 -44.26
CA GLU L 40 20.18 34.47 -44.88
C GLU L 40 18.89 34.61 -44.08
N ASN L 41 18.48 33.54 -43.41
CA ASN L 41 17.26 33.57 -42.61
C ASN L 41 17.51 34.31 -41.32
N VAL L 42 16.86 35.47 -41.13
CA VAL L 42 17.05 36.23 -39.91
C VAL L 42 16.33 35.61 -38.72
N HIS L 43 15.39 34.70 -38.97
CA HIS L 43 14.74 33.99 -37.87
C HIS L 43 15.70 33.03 -37.20
N ALA L 44 16.48 32.28 -37.98
CA ALA L 44 17.51 31.41 -37.43
C ALA L 44 18.66 32.22 -36.82
N LEU L 45 18.98 33.36 -37.42
CA LEU L 45 20.04 34.23 -36.93
C LEU L 45 19.66 34.90 -35.62
N ILE L 46 18.38 35.17 -35.40
CA ILE L 46 17.99 35.69 -34.10
C ILE L 46 17.75 34.55 -33.11
N LYS L 47 17.42 33.34 -33.60
CA LYS L 47 17.13 32.21 -32.73
C LYS L 47 18.39 31.68 -32.07
N ASP L 48 19.48 31.54 -32.84
CA ASP L 48 20.71 31.04 -32.23
C ASP L 48 21.38 32.09 -31.35
N LYS L 49 21.22 33.36 -31.67
CA LYS L 49 21.80 34.41 -30.84
C LYS L 49 21.04 34.55 -29.52
N LEU L 50 19.71 34.39 -29.57
CA LEU L 50 18.93 34.33 -28.34
C LEU L 50 19.23 33.06 -27.55
N LEU L 51 19.57 31.97 -28.24
CA LEU L 51 20.03 30.75 -27.56
C LEU L 51 21.34 30.96 -26.83
N LYS L 52 22.28 31.67 -27.46
CA LYS L 52 23.56 31.96 -26.81
C LYS L 52 23.39 32.93 -25.64
N ALA L 53 22.45 33.88 -25.76
CA ALA L 53 22.19 34.80 -24.66
C ALA L 53 21.48 34.11 -23.51
N PHE L 54 20.59 33.16 -23.81
CA PHE L 54 19.93 32.41 -22.75
C PHE L 54 20.89 31.43 -22.09
N LYS L 55 21.85 30.91 -22.85
CA LYS L 55 22.92 30.12 -22.24
C LYS L 55 23.83 30.98 -21.38
N LEU L 56 23.96 32.25 -21.73
CA LEU L 56 24.74 33.18 -20.91
C LEU L 56 24.02 33.62 -19.65
N VAL L 57 22.69 33.77 -19.68
CA VAL L 57 21.96 34.40 -18.59
C VAL L 57 21.11 33.38 -17.84
N GLY L 58 20.21 32.71 -18.55
CA GLY L 58 19.31 31.76 -17.92
C GLY L 58 18.08 32.37 -17.30
N ARG L 59 17.89 33.68 -17.44
CA ARG L 59 16.71 34.42 -16.98
C ARG L 59 15.99 34.92 -18.23
N PRO L 60 14.75 35.50 -18.12
CA PRO L 60 14.15 36.14 -19.29
C PRO L 60 14.96 37.26 -19.92
N VAL L 61 15.33 37.08 -21.18
CA VAL L 61 16.26 37.95 -21.88
C VAL L 61 15.77 38.15 -23.32
N PHE L 62 15.84 39.38 -23.82
CA PHE L 62 15.54 39.65 -25.22
C PHE L 62 16.81 40.04 -25.95
N VAL L 63 16.80 39.84 -27.27
CA VAL L 63 17.93 40.10 -28.14
C VAL L 63 17.44 40.83 -29.39
N GLU L 64 18.08 41.96 -29.69
CA GLU L 64 17.77 42.77 -30.86
C GLU L 64 18.82 42.53 -31.95
N HIS L 65 18.39 42.63 -33.20
CA HIS L 65 19.29 42.68 -34.35
C HIS L 65 18.74 43.69 -35.35
N THR L 66 19.64 44.43 -36.02
CA THR L 66 19.25 45.50 -36.96
C THR L 66 19.96 45.36 -38.26
N GLY L 67 19.23 45.33 -39.34
CA GLY L 67 19.79 45.07 -40.65
C GLY L 67 19.34 46.08 -41.69
N LEU L 68 20.31 46.57 -42.44
CA LEU L 68 20.10 47.38 -43.64
C LEU L 68 19.98 46.45 -44.84
N TYR L 69 19.07 46.78 -45.77
CA TYR L 69 18.86 45.96 -46.96
C TYR L 69 18.92 46.88 -48.18
N ILE L 70 20.07 46.91 -48.84
CA ILE L 70 20.29 47.78 -49.99
C ILE L 70 19.65 47.14 -51.22
N GLU L 71 18.72 47.86 -51.85
CA GLU L 71 18.01 47.32 -53.01
C GLU L 71 18.91 47.31 -54.25
N SER L 72 19.91 48.21 -54.29
CA SER L 72 20.85 48.19 -55.40
C SER L 72 21.80 47.00 -55.31
N LEU L 73 22.08 46.55 -54.09
CA LEU L 73 22.97 45.42 -53.86
C LEU L 73 22.22 44.09 -53.79
N ASN L 74 21.03 44.04 -54.38
CA ASN L 74 20.15 42.86 -54.47
C ASN L 74 19.78 42.34 -53.06
N GLY L 75 19.61 43.26 -52.12
CA GLY L 75 19.30 42.91 -50.75
C GLY L 75 20.43 42.19 -50.04
N PHE L 76 21.67 42.66 -50.19
CA PHE L 76 22.82 41.95 -49.63
C PHE L 76 22.87 41.95 -48.10
N PRO L 77 22.91 43.11 -47.36
CA PRO L 77 23.17 42.98 -45.93
C PRO L 77 21.91 42.62 -45.17
N GLY L 78 21.98 42.64 -43.85
CA GLY L 78 20.88 42.21 -43.03
C GLY L 78 21.25 40.92 -42.35
N GLY L 79 21.67 41.03 -41.11
CA GLY L 79 22.34 39.94 -40.42
C GLY L 79 23.83 40.15 -40.31
N LEU L 80 24.41 40.86 -41.28
CA LEU L 80 25.85 41.08 -41.33
C LEU L 80 26.18 42.51 -41.73
N THR L 81 25.42 43.46 -41.21
CA THR L 81 25.67 44.87 -41.51
C THR L 81 26.81 45.39 -40.64
N GLN L 82 27.02 44.77 -39.49
CA GLN L 82 28.07 45.20 -38.58
C GLN L 82 29.44 45.19 -39.26
N ILE L 83 29.87 44.03 -39.76
CA ILE L 83 31.18 43.93 -40.39
C ILE L 83 31.29 44.93 -41.55
N PHE L 84 30.18 45.12 -42.29
CA PHE L 84 30.06 46.10 -43.37
C PHE L 84 30.38 47.52 -42.90
N TRP L 85 29.71 47.95 -41.84
CA TRP L 85 29.96 49.28 -41.29
C TRP L 85 31.31 49.38 -40.62
N ASP L 86 31.77 48.35 -39.98
CA ASP L 86 33.02 48.48 -39.28
C ASP L 86 34.13 48.41 -40.28
N LYS L 87 33.81 48.17 -41.54
CA LYS L 87 34.86 48.17 -42.54
C LYS L 87 34.85 49.45 -43.35
N LEU L 88 33.86 49.63 -44.23
CA LEU L 88 33.82 50.81 -45.08
C LEU L 88 33.54 52.07 -44.34
N GLN L 89 32.81 51.99 -43.29
CA GLN L 89 32.32 53.18 -42.57
C GLN L 89 31.48 54.12 -43.44
N ALA L 90 31.55 55.43 -43.17
CA ALA L 90 30.73 56.37 -43.93
C ALA L 90 31.42 56.91 -45.16
N ASP L 91 32.76 56.87 -45.20
CA ASP L 91 33.50 57.44 -46.31
C ASP L 91 33.35 56.59 -47.57
N LYS L 92 33.39 55.27 -47.42
CA LYS L 92 33.26 54.36 -48.55
C LYS L 92 31.85 53.75 -48.60
N PHE L 93 30.88 54.50 -48.12
CA PHE L 93 29.47 54.12 -48.22
C PHE L 93 28.74 54.97 -49.25
N SER L 94 28.74 56.30 -49.05
CA SER L 94 27.92 57.18 -49.87
C SER L 94 28.50 57.43 -51.26
N GLN L 95 29.80 57.21 -51.44
CA GLN L 95 30.40 57.53 -52.73
C GLN L 95 30.17 56.45 -53.77
N LEU L 96 29.77 55.24 -53.36
CA LEU L 96 29.53 54.17 -54.30
C LEU L 96 28.14 53.54 -54.16
N LEU L 97 27.39 53.88 -53.11
CA LEU L 97 26.01 53.40 -52.97
C LEU L 97 24.99 54.53 -52.98
N GLY L 98 25.36 55.74 -52.60
CA GLY L 98 24.45 56.87 -52.67
C GLY L 98 24.34 57.51 -54.03
N THR L 99 25.29 57.24 -54.92
CA THR L 99 25.33 57.87 -56.24
C THR L 99 25.00 56.89 -57.36
N SER L 100 24.34 55.78 -57.07
CA SER L 100 24.01 54.79 -58.08
C SER L 100 22.65 55.11 -58.70
N GLU L 101 22.13 54.14 -59.48
CA GLU L 101 20.82 54.30 -60.10
C GLU L 101 19.67 54.09 -59.13
N ASN L 102 19.83 53.20 -58.13
CA ASN L 102 18.79 52.93 -57.14
C ASN L 102 19.32 53.17 -55.72
N PRO L 103 19.33 54.43 -55.23
CA PRO L 103 19.47 54.71 -53.82
C PRO L 103 18.46 54.15 -52.81
N ARG L 104 17.46 53.37 -53.21
CA ARG L 104 16.47 52.89 -52.25
C ARG L 104 17.04 51.76 -51.40
N LEU L 105 16.70 51.77 -50.11
CA LEU L 105 17.11 50.73 -49.16
C LEU L 105 16.16 50.72 -47.98
N VAL L 106 16.00 49.54 -47.36
CA VAL L 106 15.07 49.33 -46.27
C VAL L 106 15.82 48.79 -45.06
N ALA L 107 15.54 49.36 -43.89
CA ALA L 107 16.19 48.99 -42.65
C ALA L 107 15.21 48.28 -41.73
N LYS L 108 15.60 47.10 -41.25
CA LYS L 108 14.73 46.26 -40.44
C LYS L 108 15.39 45.95 -39.10
N THR L 109 14.59 45.99 -38.04
CA THR L 109 14.98 45.54 -36.71
C THR L 109 14.15 44.32 -36.34
N ILE L 110 14.81 43.23 -35.95
CA ILE L 110 14.16 42.02 -35.50
C ILE L 110 14.55 41.76 -34.05
N ILE L 111 13.56 41.49 -33.21
CA ILE L 111 13.77 41.27 -31.78
C ILE L 111 13.43 39.81 -31.47
N GLY L 112 14.39 39.10 -30.87
CA GLY L 112 14.15 37.77 -30.37
C GLY L 112 14.11 37.79 -28.85
N TYR L 113 12.98 37.35 -28.30
CA TYR L 113 12.73 37.41 -26.86
C TYR L 113 12.49 36.00 -26.33
N CYS L 114 13.08 35.71 -25.17
CA CYS L 114 12.89 34.43 -24.48
C CYS L 114 12.29 34.71 -23.11
N ASP L 115 11.15 34.08 -22.82
CA ASP L 115 10.47 34.22 -21.54
C ASP L 115 10.80 33.10 -20.58
N SER L 116 11.97 32.45 -20.77
CA SER L 116 12.49 31.23 -20.15
C SER L 116 11.65 29.99 -20.44
N MET L 117 10.69 30.06 -21.36
CA MET L 117 9.95 28.90 -21.82
C MET L 117 9.90 28.79 -23.33
N LYS L 118 9.73 29.91 -24.03
CA LYS L 118 9.54 29.90 -25.48
C LYS L 118 10.35 31.03 -26.10
N ILE L 119 10.33 31.08 -27.43
CA ILE L 119 11.06 32.08 -28.20
C ILE L 119 10.05 32.88 -29.01
N TYR L 120 10.08 34.20 -28.85
CA TYR L 120 9.13 35.10 -29.49
C TYR L 120 9.87 36.08 -30.37
N ILE L 121 9.42 36.23 -31.61
CA ILE L 121 10.11 37.03 -32.62
C ILE L 121 9.21 38.18 -33.03
N PHE L 122 9.71 39.41 -32.86
CA PHE L 122 9.00 40.62 -33.24
C PHE L 122 9.89 41.44 -34.16
N GLU L 123 9.29 42.03 -35.20
CA GLU L 123 10.07 42.75 -36.20
C GLU L 123 9.35 44.00 -36.66
N GLY L 124 10.14 44.96 -37.16
CA GLY L 124 9.61 46.18 -37.73
C GLY L 124 10.56 46.71 -38.79
N GLU L 125 10.01 47.49 -39.72
CA GLU L 125 10.78 47.97 -40.84
C GLU L 125 10.39 49.39 -41.21
N THR L 126 11.38 50.18 -41.65
CA THR L 126 11.14 51.43 -42.36
C THR L 126 11.93 51.41 -43.66
N GLN L 127 11.38 52.05 -44.68
CA GLN L 127 12.04 52.23 -45.97
C GLN L 127 12.72 53.59 -46.00
N GLY L 128 13.70 53.73 -46.87
CA GLY L 128 14.43 54.97 -46.91
C GLY L 128 15.38 55.05 -48.09
N THR L 129 16.30 56.01 -47.99
CA THR L 129 17.20 56.37 -49.08
C THR L 129 18.58 56.63 -48.49
N ILE L 130 19.63 56.25 -49.23
CA ILE L 130 21.00 56.49 -48.80
C ILE L 130 21.41 57.90 -49.24
N SER L 131 22.00 58.66 -48.32
CA SER L 131 22.43 60.02 -48.63
C SER L 131 23.65 59.99 -49.55
N PRO L 132 23.76 60.96 -50.47
CA PRO L 132 25.02 61.08 -51.24
C PRO L 132 26.16 61.65 -50.42
N VAL L 133 25.85 62.40 -49.37
CA VAL L 133 26.86 62.97 -48.47
C VAL L 133 26.46 62.69 -47.05
N PRO L 134 27.39 62.15 -46.23
CA PRO L 134 27.12 61.96 -44.79
C PRO L 134 26.82 63.28 -44.09
N LYS L 135 25.79 63.25 -43.25
CA LYS L 135 25.19 64.47 -42.74
C LYS L 135 24.74 64.26 -41.30
N GLY L 136 25.18 65.15 -40.41
CA GLY L 136 24.79 65.10 -39.02
C GLY L 136 25.88 64.60 -38.12
N PRO L 137 25.54 64.29 -36.87
CA PRO L 137 26.54 63.70 -35.95
C PRO L 137 26.90 62.28 -36.35
N ARG L 138 28.09 61.86 -35.93
CA ARG L 138 28.63 60.57 -36.35
C ARG L 138 28.98 59.70 -35.16
N ASP L 139 28.07 59.60 -34.19
CA ASP L 139 28.30 58.83 -32.98
C ASP L 139 27.46 57.56 -32.92
N PHE L 140 26.54 57.34 -33.86
CA PHE L 140 25.73 56.13 -33.89
C PHE L 140 25.68 55.43 -35.24
N GLN L 141 26.84 55.13 -35.81
CA GLN L 141 26.87 54.35 -37.03
C GLN L 141 26.07 54.92 -38.19
N TRP L 142 25.42 54.06 -38.96
CA TRP L 142 24.70 54.53 -40.14
C TRP L 142 23.49 55.44 -39.93
N ASP L 143 23.45 56.23 -38.85
CA ASP L 143 22.39 57.22 -38.68
C ASP L 143 22.65 58.47 -39.51
N CYS L 144 23.91 58.81 -39.75
CA CYS L 144 24.27 60.02 -40.48
C CYS L 144 24.14 59.86 -41.99
N ILE L 145 23.86 58.65 -42.49
CA ILE L 145 23.73 58.41 -43.93
C ILE L 145 22.34 57.95 -44.31
N PHE L 146 21.44 57.72 -43.36
CA PHE L 146 20.14 57.13 -43.63
C PHE L 146 19.08 58.21 -43.69
N ILE L 147 18.62 58.54 -44.90
CA ILE L 147 17.47 59.40 -45.12
C ILE L 147 16.22 58.51 -45.12
N PRO L 148 15.28 58.71 -44.20
CA PRO L 148 14.02 57.97 -44.28
C PRO L 148 13.15 58.48 -45.41
N ASP L 149 12.19 57.64 -45.83
CA ASP L 149 11.31 57.99 -46.93
C ASP L 149 10.31 59.06 -46.48
N GLY L 150 10.13 60.07 -47.32
CA GLY L 150 9.28 61.19 -46.97
C GLY L 150 9.94 62.26 -46.13
N GLU L 151 11.26 62.24 -46.01
CA GLU L 151 12.00 63.22 -45.22
C GLU L 151 13.25 63.64 -45.97
N SER L 152 13.86 64.73 -45.51
CA SER L 152 15.09 65.25 -46.07
C SER L 152 16.20 65.34 -45.04
N GLU L 153 15.98 64.82 -43.83
CA GLU L 153 16.96 64.86 -42.75
C GLU L 153 17.34 63.43 -42.38
N THR L 154 18.63 63.22 -42.10
CA THR L 154 19.10 61.92 -41.64
C THR L 154 18.66 61.67 -40.21
N PHE L 155 18.77 60.40 -39.78
CA PHE L 155 18.31 60.03 -38.45
C PHE L 155 19.22 60.59 -37.36
N ALA L 156 20.48 60.87 -37.68
CA ALA L 156 21.36 61.52 -36.73
C ALA L 156 21.04 63.01 -36.63
N GLU L 157 20.72 63.65 -37.76
CA GLU L 157 20.48 65.08 -37.77
C GLU L 157 19.10 65.42 -37.20
N MET L 158 18.14 64.50 -37.34
CA MET L 158 16.78 64.80 -36.89
C MET L 158 16.64 64.76 -35.38
N GLY L 159 17.58 64.15 -34.68
CA GLY L 159 17.66 64.26 -33.25
C GLY L 159 16.87 63.22 -32.49
N ASP L 160 16.19 63.69 -31.44
CA ASP L 160 15.47 62.80 -30.54
C ASP L 160 14.14 62.34 -31.11
N ARG L 161 13.67 62.93 -32.21
CA ARG L 161 12.46 62.47 -32.85
C ARG L 161 12.69 61.32 -33.82
N LYS L 162 13.87 60.70 -33.74
CA LYS L 162 14.11 59.51 -34.54
C LYS L 162 13.42 58.34 -33.83
N ASN L 163 13.34 58.41 -32.50
CA ASN L 163 12.64 57.37 -31.75
C ASN L 163 11.14 57.62 -31.65
N GLU L 164 10.49 57.92 -32.78
CA GLU L 164 9.03 57.88 -32.90
C GLU L 164 8.54 57.26 -34.19
N ILE L 165 9.40 57.10 -35.21
CA ILE L 165 9.00 56.59 -36.52
C ILE L 165 9.94 55.49 -36.95
N SER L 166 10.99 55.25 -36.16
CA SER L 166 12.03 54.30 -36.54
C SER L 166 11.53 52.86 -36.43
N MET L 167 12.22 51.95 -37.13
CA MET L 167 11.80 50.55 -37.16
C MET L 167 11.97 49.88 -35.82
N ARG L 168 13.05 50.20 -35.12
CA ARG L 168 13.26 49.67 -33.78
C ARG L 168 12.05 50.04 -32.95
N LYS L 169 11.53 51.25 -33.12
CA LYS L 169 10.36 51.70 -32.38
C LYS L 169 9.15 50.80 -32.68
N LYS L 170 8.82 50.61 -33.95
CA LYS L 170 7.74 49.71 -34.34
C LYS L 170 7.91 48.32 -33.75
N ALA L 171 9.15 47.79 -33.81
CA ALA L 171 9.44 46.48 -33.25
C ALA L 171 9.28 46.46 -31.74
N PHE L 172 9.71 47.53 -31.06
CA PHE L 172 9.53 47.59 -29.61
C PHE L 172 8.12 47.98 -29.21
N ASP L 173 7.33 48.55 -30.12
CA ASP L 173 5.92 48.75 -29.83
C ASP L 173 5.17 47.42 -29.86
N LYS L 174 5.51 46.55 -30.81
CA LYS L 174 4.94 45.19 -30.79
C LYS L 174 5.46 44.38 -29.59
N PHE L 175 6.72 44.58 -29.22
CA PHE L 175 7.29 43.95 -28.03
C PHE L 175 6.61 44.44 -26.75
N LYS L 176 6.36 45.75 -26.67
CA LYS L 176 5.67 46.35 -25.52
C LYS L 176 4.21 45.88 -25.45
N GLU L 177 3.57 45.74 -26.61
CA GLU L 177 2.20 45.23 -26.66
C GLU L 177 2.13 43.79 -26.18
N TYR L 178 3.13 42.98 -26.52
CA TYR L 178 3.17 41.62 -25.99
C TYR L 178 3.48 41.61 -24.49
N LEU L 179 4.38 42.49 -24.03
CA LEU L 179 4.84 42.42 -22.65
C LEU L 179 3.79 42.95 -21.67
N LEU L 180 2.95 43.88 -22.11
CA LEU L 180 1.82 44.29 -21.26
C LEU L 180 0.56 43.50 -21.55
N GLU L 181 0.48 42.78 -22.68
CA GLU L 181 -0.68 41.94 -22.91
C GLU L 181 -0.62 40.63 -22.13
N GLY L 182 0.56 40.26 -21.63
CA GLY L 182 0.75 39.05 -20.86
C GLY L 182 1.61 38.04 -21.58
N GLY L 183 1.91 36.96 -20.88
CA GLY L 183 2.72 35.88 -21.44
C GLY L 183 1.90 34.91 -22.27
N LYS L 184 1.41 35.37 -23.42
CA LYS L 184 0.49 34.60 -24.22
C LYS L 184 1.20 33.81 -25.32
N MET M 1 12.44 31.54 3.61
CA MET M 1 13.73 31.19 4.21
C MET M 1 13.81 31.72 5.65
N GLU M 2 12.65 31.96 6.24
CA GLU M 2 12.56 32.29 7.66
C GLU M 2 12.62 31.03 8.52
N GLN M 3 12.11 29.91 8.00
CA GLN M 3 12.21 28.63 8.68
C GLN M 3 13.65 28.13 8.67
N LEU M 4 14.43 28.53 7.65
CA LEU M 4 15.85 28.24 7.62
C LEU M 4 16.58 28.93 8.77
N LEU M 5 16.22 30.18 9.07
CA LEU M 5 16.78 30.86 10.23
C LEU M 5 16.27 30.25 11.53
N ALA M 6 15.02 29.77 11.54
CA ALA M 6 14.45 29.14 12.72
C ALA M 6 15.17 27.83 13.07
N ASP M 7 15.55 27.05 12.05
CA ASP M 7 16.37 25.88 12.30
C ASP M 7 17.84 26.25 12.50
N TYR M 8 18.24 27.44 12.03
CA TYR M 8 19.63 27.87 12.15
C TYR M 8 19.98 28.25 13.58
N LYS M 9 19.08 28.93 14.29
CA LYS M 9 19.39 29.31 15.68
C LYS M 9 19.38 28.11 16.61
N LYS M 10 18.61 27.07 16.27
CA LYS M 10 18.65 25.84 17.05
C LYS M 10 19.85 24.97 16.74
N GLY M 11 20.59 25.26 15.68
CA GLY M 11 21.75 24.46 15.32
C GLY M 11 21.39 23.16 14.63
N ASN M 12 20.35 23.16 13.80
CA ASN M 12 19.91 21.98 13.08
C ASN M 12 20.03 22.20 11.58
N VAL M 13 21.06 22.92 11.15
CA VAL M 13 21.33 23.17 9.75
C VAL M 13 22.77 22.78 9.45
N ILE M 14 22.97 21.88 8.49
CA ILE M 14 24.28 21.48 8.00
C ILE M 14 24.60 22.31 6.77
N LEU M 15 25.79 22.90 6.74
CA LEU M 15 26.25 23.66 5.58
C LEU M 15 26.94 22.70 4.61
N PHE M 16 26.51 22.73 3.35
CA PHE M 16 27.16 22.00 2.26
C PHE M 16 27.72 23.01 1.29
N VAL M 17 29.03 23.01 1.09
CA VAL M 17 29.73 24.01 0.30
C VAL M 17 30.22 23.38 -0.99
N GLY M 18 29.87 23.99 -2.12
CA GLY M 18 30.27 23.52 -3.42
C GLY M 18 31.44 24.28 -4.00
N ALA M 19 31.53 24.27 -5.32
CA ALA M 19 32.71 24.81 -5.99
C ALA M 19 32.56 26.28 -6.35
N GLY M 20 31.35 26.85 -6.27
CA GLY M 20 31.17 28.25 -6.60
C GLY M 20 31.73 29.18 -5.54
N VAL M 21 31.73 28.71 -4.29
CA VAL M 21 32.30 29.44 -3.16
C VAL M 21 33.82 29.60 -3.35
N SER M 22 34.46 28.51 -3.79
CA SER M 22 35.89 28.58 -4.09
C SER M 22 36.15 29.29 -5.41
N MET M 23 35.16 29.29 -6.32
CA MET M 23 35.30 29.98 -7.60
C MET M 23 35.25 31.50 -7.41
N ASN M 24 34.61 31.94 -6.33
CA ASN M 24 34.64 33.36 -5.95
C ASN M 24 36.05 33.86 -5.65
N LEU M 25 36.93 32.99 -5.12
CA LEU M 25 38.26 33.39 -4.67
C LEU M 25 39.24 33.72 -5.79
N GLY M 26 38.92 33.40 -7.03
CA GLY M 26 39.91 33.50 -8.09
C GLY M 26 40.67 32.22 -8.36
N LEU M 27 40.17 31.09 -7.88
CA LEU M 27 40.75 29.79 -8.16
C LEU M 27 40.45 29.39 -9.60
N PRO M 28 41.20 28.43 -10.16
CA PRO M 28 40.81 27.87 -11.46
C PRO M 28 39.45 27.20 -11.42
N SER M 29 38.69 27.38 -12.50
CA SER M 29 37.36 26.81 -12.59
C SER M 29 37.44 25.34 -12.98
N TRP M 30 36.27 24.75 -13.25
CA TRP M 30 36.27 23.35 -13.65
C TRP M 30 36.73 23.23 -15.10
N SER M 31 36.35 24.19 -15.94
CA SER M 31 36.70 24.17 -17.35
C SER M 31 38.19 24.40 -17.56
N GLN M 32 38.83 25.15 -16.66
CA GLN M 32 40.28 25.32 -16.73
C GLN M 32 40.99 24.01 -16.37
N LEU M 33 40.41 23.23 -15.46
CA LEU M 33 40.91 21.88 -15.19
C LEU M 33 40.75 20.96 -16.39
N VAL M 34 39.63 21.10 -17.11
CA VAL M 34 39.40 20.32 -18.33
C VAL M 34 40.43 20.68 -19.40
N ASP M 35 40.72 21.98 -19.54
CA ASP M 35 41.73 22.45 -20.49
C ASP M 35 43.14 21.98 -20.10
N HIS M 36 43.44 21.96 -18.80
CA HIS M 36 44.76 21.50 -18.36
C HIS M 36 44.94 20.00 -18.61
N ILE M 37 43.90 19.20 -18.35
CA ILE M 37 43.98 17.76 -18.60
C ILE M 37 44.09 17.48 -20.10
N ALA M 38 43.34 18.25 -20.91
CA ALA M 38 43.37 18.08 -22.37
C ALA M 38 44.72 18.45 -22.94
N THR M 39 45.33 19.54 -22.48
CA THR M 39 46.67 19.88 -22.94
C THR M 39 47.73 18.94 -22.38
N GLU M 40 47.45 18.29 -21.24
CA GLU M 40 48.40 17.34 -20.69
C GLU M 40 48.39 16.01 -21.44
N LEU M 41 47.25 15.64 -22.03
CA LEU M 41 47.15 14.39 -22.79
C LEU M 41 47.41 14.58 -24.27
N GLY M 42 47.84 15.77 -24.70
CA GLY M 42 48.13 16.03 -26.09
C GLY M 42 46.94 16.48 -26.92
N TYR M 43 45.80 16.72 -26.28
CA TYR M 43 44.64 17.24 -26.98
C TYR M 43 44.60 18.76 -26.88
N ASP M 44 43.70 19.33 -27.59
CA ASP M 44 43.26 20.67 -27.23
C ASP M 44 41.82 20.58 -26.72
N PRO M 45 41.44 21.50 -25.75
CA PRO M 45 40.19 21.36 -24.96
C PRO M 45 38.87 20.90 -25.57
N ASP M 46 38.39 21.59 -26.61
CA ASP M 46 37.06 21.29 -27.16
C ASP M 46 37.08 19.97 -27.93
N ILE M 47 38.24 19.63 -28.48
CA ILE M 47 38.38 18.36 -29.20
C ILE M 47 38.42 17.19 -28.20
N TYR M 48 38.55 17.56 -26.93
CA TYR M 48 38.47 16.57 -25.83
C TYR M 48 37.05 16.69 -25.27
N ARG M 49 36.31 17.76 -25.59
CA ARG M 49 34.97 17.93 -25.00
C ARG M 49 33.86 17.36 -25.88
N THR M 50 34.14 17.09 -27.14
CA THR M 50 33.31 16.17 -27.90
C THR M 50 33.80 14.71 -27.81
N PHE M 51 34.09 14.20 -26.60
CA PHE M 51 34.26 12.76 -26.39
C PHE M 51 33.60 12.22 -25.13
N GLY M 52 33.45 13.01 -24.08
CA GLY M 52 32.91 12.53 -22.83
C GLY M 52 32.65 13.70 -21.91
N SER M 53 31.94 13.45 -20.82
CA SER M 53 31.45 14.59 -20.05
C SER M 53 32.48 15.19 -19.10
N ALA M 54 32.68 14.54 -17.95
CA ALA M 54 33.74 14.96 -17.03
C ALA M 54 34.36 13.82 -16.25
N LEU M 55 33.60 12.78 -15.93
CA LEU M 55 34.13 11.62 -15.25
C LEU M 55 34.96 10.80 -16.21
N GLU M 56 34.57 10.82 -17.48
CA GLU M 56 35.38 10.26 -18.56
C GLU M 56 36.70 10.99 -18.71
N LEU M 57 36.72 12.28 -18.48
CA LEU M 57 37.96 13.04 -18.71
C LEU M 57 38.91 12.90 -17.51
N ALA M 58 38.44 12.74 -16.26
CA ALA M 58 39.32 12.44 -15.14
C ALA M 58 39.72 10.96 -15.15
N GLU M 59 38.84 10.09 -15.62
CA GLU M 59 39.16 8.67 -15.73
C GLU M 59 40.19 8.42 -16.83
N TYR M 60 40.10 9.15 -17.94
CA TYR M 60 41.07 8.97 -19.01
C TYR M 60 42.44 9.52 -18.62
N TYR M 61 42.48 10.62 -17.86
CA TYR M 61 43.77 11.08 -17.33
C TYR M 61 44.36 10.09 -16.34
N LYS M 62 43.51 9.49 -15.49
CA LYS M 62 43.98 8.51 -14.52
C LYS M 62 44.43 7.23 -15.21
N LEU M 63 43.87 6.91 -16.38
CA LEU M 63 44.26 5.69 -17.06
C LEU M 63 45.51 5.89 -17.92
N LYS M 64 45.65 7.05 -18.56
CA LYS M 64 46.85 7.29 -19.35
C LYS M 64 48.06 7.62 -18.48
N LYS M 65 47.86 8.33 -17.37
CA LYS M 65 48.98 8.71 -16.52
C LYS M 65 49.23 7.74 -15.37
N GLY M 66 48.40 6.71 -15.23
CA GLY M 66 48.57 5.76 -14.15
C GLY M 66 47.79 6.09 -12.90
N LYS M 67 48.05 7.26 -12.30
CA LYS M 67 47.35 7.73 -11.13
C LYS M 67 46.93 9.17 -11.36
N ILE M 68 46.29 9.78 -10.35
CA ILE M 68 45.88 11.17 -10.43
C ILE M 68 46.90 12.05 -9.71
N GLY M 69 48.08 11.50 -9.48
CA GLY M 69 49.15 12.19 -8.78
C GLY M 69 49.68 13.47 -9.40
N PRO M 70 50.02 13.48 -10.71
CA PRO M 70 50.29 14.77 -11.37
C PRO M 70 49.11 15.73 -11.37
N LEU M 71 47.89 15.19 -11.49
CA LEU M 71 46.69 16.03 -11.44
C LEU M 71 46.48 16.61 -10.06
N ARG M 72 46.66 15.80 -9.01
CA ARG M 72 46.55 16.27 -7.64
C ARG M 72 47.63 17.29 -7.32
N SER M 73 48.84 17.09 -7.86
CA SER M 73 49.94 18.03 -7.62
C SER M 73 49.67 19.37 -8.27
N TRP M 74 49.17 19.37 -9.51
CA TRP M 74 48.84 20.60 -10.20
C TRP M 74 47.66 21.32 -9.53
N MET M 75 46.63 20.55 -9.13
CA MET M 75 45.48 21.14 -8.45
C MET M 75 45.85 21.68 -7.07
N ASP M 76 46.78 21.02 -6.40
CA ASP M 76 47.26 21.47 -5.10
C ASP M 76 48.04 22.76 -5.21
N ARG M 77 48.85 22.91 -6.27
CA ARG M 77 49.62 24.14 -6.42
C ARG M 77 48.76 25.30 -6.90
N MET M 78 47.87 25.10 -7.88
CA MET M 78 47.10 26.24 -8.38
C MET M 78 45.88 26.55 -7.52
N TRP M 79 45.38 25.60 -6.73
CA TRP M 79 44.27 25.93 -5.87
C TRP M 79 44.72 26.62 -4.59
N HIS M 80 46.01 26.59 -4.28
CA HIS M 80 46.56 27.23 -3.10
C HIS M 80 47.77 28.09 -3.48
N SER M 81 47.60 28.90 -4.51
CA SER M 81 48.66 29.83 -4.89
C SER M 81 48.73 30.98 -3.89
N SER M 82 49.87 31.67 -3.90
CA SER M 82 50.08 32.76 -2.94
C SER M 82 49.36 34.04 -3.32
N ASP M 83 48.77 34.11 -4.52
CA ASP M 83 48.03 35.30 -4.92
C ASP M 83 46.66 35.35 -4.25
N ILE M 84 46.16 34.22 -3.77
CA ILE M 84 44.82 34.17 -3.22
C ILE M 84 44.85 34.60 -1.76
N ASP M 85 44.06 35.61 -1.42
CA ASP M 85 43.95 36.11 -0.05
C ASP M 85 42.57 35.73 0.49
N ILE M 86 42.55 35.10 1.66
CA ILE M 86 41.28 34.71 2.27
C ILE M 86 40.63 35.87 2.99
N ASN M 87 41.37 36.95 3.26
CA ASN M 87 40.79 38.10 3.96
C ASN M 87 39.96 38.94 3.00
N LYS M 88 40.28 38.92 1.71
CA LYS M 88 39.47 39.61 0.71
C LYS M 88 38.42 38.68 0.12
N SER M 89 37.65 38.01 0.98
CA SER M 89 36.61 37.10 0.53
C SER M 89 35.47 37.21 1.55
N LYS M 90 34.40 37.88 1.15
CA LYS M 90 33.29 38.12 2.07
C LYS M 90 32.47 36.85 2.29
N VAL M 91 32.45 35.95 1.32
CA VAL M 91 31.69 34.70 1.45
C VAL M 91 32.34 33.80 2.49
N HIS M 92 33.67 33.70 2.46
CA HIS M 92 34.38 32.87 3.43
C HIS M 92 34.35 33.49 4.81
N GLU M 93 34.33 34.83 4.89
CA GLU M 93 34.17 35.51 6.17
C GLU M 93 32.78 35.27 6.75
N TYR M 94 31.75 35.30 5.90
CA TYR M 94 30.39 35.03 6.38
C TYR M 94 30.21 33.57 6.76
N ILE M 95 30.95 32.67 6.10
CA ILE M 95 30.95 31.26 6.48
C ILE M 95 31.63 31.07 7.83
N ALA M 96 32.76 31.75 8.04
CA ALA M 96 33.54 31.57 9.26
C ALA M 96 32.86 32.19 10.48
N LYS M 97 32.27 33.38 10.33
CA LYS M 97 31.68 34.02 11.48
C LYS M 97 30.29 33.48 11.81
N ALA M 98 29.69 32.71 10.91
CA ALA M 98 28.42 32.07 11.22
C ALA M 98 28.65 30.88 12.16
N ASN M 99 27.58 30.45 12.82
CA ASN M 99 27.66 29.31 13.71
C ASN M 99 27.00 28.12 12.99
N PHE M 100 27.86 27.35 12.34
CA PHE M 100 27.47 26.10 11.71
C PHE M 100 28.24 24.99 12.40
N PRO M 101 27.57 24.05 13.09
CA PRO M 101 28.33 23.01 13.80
C PRO M 101 28.96 22.00 12.87
N ILE M 102 28.27 21.65 11.79
CA ILE M 102 28.75 20.66 10.82
C ILE M 102 28.79 21.32 9.45
N ILE M 103 29.96 21.30 8.82
CA ILE M 103 30.14 21.86 7.48
C ILE M 103 30.64 20.73 6.58
N TYR M 104 29.91 20.47 5.49
CA TYR M 104 30.34 19.53 4.48
C TYR M 104 30.82 20.28 3.26
N THR M 105 31.73 19.67 2.50
CA THR M 105 32.22 20.28 1.29
C THR M 105 32.65 19.20 0.31
N THR M 106 32.47 19.48 -0.98
CA THR M 106 33.00 18.64 -2.03
C THR M 106 34.27 19.23 -2.65
N ASN M 107 34.77 20.33 -2.09
CA ASN M 107 36.03 20.89 -2.53
C ASN M 107 37.20 20.15 -1.91
N TYR M 108 38.27 20.01 -2.68
CA TYR M 108 39.50 19.44 -2.17
C TYR M 108 40.43 20.49 -1.59
N ASP M 109 40.17 21.77 -1.83
CA ASP M 109 41.00 22.83 -1.28
C ASP M 109 40.68 23.05 0.20
N ARG M 110 41.57 23.77 0.86
CA ARG M 110 41.54 23.96 2.31
C ARG M 110 41.15 25.39 2.68
N TRP M 111 40.35 26.06 1.85
CA TRP M 111 40.07 27.47 2.09
C TRP M 111 38.98 27.66 3.14
N ILE M 112 38.11 26.67 3.34
CA ILE M 112 37.15 26.73 4.44
C ILE M 112 37.87 26.66 5.78
N GLU M 113 38.83 25.75 5.90
CA GLU M 113 39.60 25.62 7.14
C GLU M 113 40.53 26.81 7.33
N THR M 114 41.06 27.36 6.23
CA THR M 114 41.89 28.56 6.31
C THR M 114 41.06 29.77 6.75
N ALA M 115 39.82 29.88 6.27
CA ALA M 115 38.94 30.96 6.69
C ALA M 115 38.48 30.78 8.14
N LEU M 116 38.30 29.54 8.57
CA LEU M 116 37.90 29.28 9.95
C LEU M 116 39.04 29.58 10.92
N SER M 117 40.27 29.18 10.57
CA SER M 117 41.41 29.45 11.45
C SER M 117 41.87 30.89 11.34
N ASN M 118 41.53 31.57 10.25
CA ASN M 118 41.91 32.97 10.09
C ASN M 118 41.08 33.87 10.98
N TYR M 119 39.80 33.55 11.17
CA TYR M 119 38.91 34.35 11.98
C TYR M 119 38.74 33.79 13.39
N GLY M 120 39.71 33.02 13.87
CA GLY M 120 39.79 32.66 15.27
C GLY M 120 38.84 31.58 15.72
N LYS M 121 38.20 30.85 14.81
CA LYS M 121 37.27 29.81 15.18
C LYS M 121 37.94 28.45 15.10
N GLU M 122 37.81 27.66 16.16
CA GLU M 122 38.37 26.33 16.19
C GLU M 122 37.48 25.36 15.43
N TYR M 123 38.09 24.31 14.89
CA TYR M 123 37.38 23.36 14.05
C TYR M 123 38.03 21.99 14.17
N ILE M 124 37.30 20.98 13.73
CA ILE M 124 37.81 19.62 13.58
C ILE M 124 37.61 19.22 12.13
N LYS M 125 38.71 18.98 11.42
CA LYS M 125 38.66 18.64 10.01
C LYS M 125 38.59 17.12 9.87
N ILE M 126 37.59 16.63 9.14
CA ILE M 126 37.34 15.21 9.01
C ILE M 126 37.53 14.80 7.56
N SER M 127 38.49 13.92 7.31
CA SER M 127 38.67 13.32 6.00
C SER M 127 38.93 11.83 6.09
N SER M 128 39.02 11.27 7.29
CA SER M 128 39.17 9.84 7.50
C SER M 128 38.38 9.46 8.73
N VAL M 129 38.37 8.17 9.05
CA VAL M 129 37.55 7.68 10.16
C VAL M 129 38.23 7.92 11.50
N SER M 130 39.55 8.10 11.50
CA SER M 130 40.26 8.52 12.71
C SER M 130 39.91 9.96 13.09
N ASP M 131 39.63 10.79 12.09
CA ASP M 131 39.17 12.13 12.39
C ASP M 131 37.72 12.15 12.86
N ILE M 132 36.94 11.11 12.50
CA ILE M 132 35.63 10.91 13.12
C ILE M 132 35.81 10.57 14.59
N ALA M 133 36.87 9.81 14.92
CA ALA M 133 37.18 9.59 16.33
C ALA M 133 37.64 10.86 17.05
N LYS M 134 38.21 11.82 16.32
CA LYS M 134 38.66 13.07 16.92
C LYS M 134 37.58 14.16 16.98
N ILE M 135 36.29 13.80 16.92
CA ILE M 135 35.24 14.81 16.84
C ILE M 135 34.95 15.39 18.22
N ASP M 136 34.99 16.72 18.31
CA ASP M 136 34.62 17.46 19.51
C ASP M 136 33.23 18.05 19.26
N ASN M 137 32.38 18.01 20.30
CA ASN M 137 31.02 18.50 20.16
C ASN M 137 30.89 20.01 20.33
N ASN M 138 31.95 20.69 20.77
CA ASN M 138 31.97 22.14 20.90
C ASN M 138 32.91 22.78 19.89
N LYS M 139 33.01 22.17 18.71
CA LYS M 139 33.90 22.63 17.66
C LYS M 139 33.22 22.37 16.32
N THR M 140 33.66 23.09 15.29
CA THR M 140 33.06 22.93 13.98
C THR M 140 33.60 21.68 13.29
N GLN M 141 32.69 20.85 12.78
CA GLN M 141 33.09 19.72 11.96
C GLN M 141 33.16 20.16 10.50
N ILE M 142 34.35 20.09 9.92
CA ILE M 142 34.56 20.37 8.50
C ILE M 142 34.88 19.04 7.84
N ILE M 143 33.91 18.47 7.14
CA ILE M 143 34.07 17.16 6.52
C ILE M 143 34.40 17.36 5.05
N LYS M 144 35.59 16.91 4.66
CA LYS M 144 35.99 16.89 3.26
C LYS M 144 35.39 15.64 2.63
N PHE M 145 34.20 15.80 2.04
CA PHE M 145 33.40 14.65 1.62
C PHE M 145 33.98 13.97 0.40
N HIS M 146 34.50 14.76 -0.54
CA HIS M 146 35.02 14.22 -1.79
C HIS M 146 36.54 14.14 -1.80
N GLY M 147 37.17 14.31 -0.65
CA GLY M 147 38.59 14.08 -0.52
C GLY M 147 39.37 15.33 -0.18
N ASP M 148 40.69 15.18 -0.20
CA ASP M 148 41.63 16.25 0.10
C ASP M 148 42.87 16.00 -0.72
N PHE M 149 43.73 17.02 -0.80
CA PHE M 149 44.99 16.87 -1.53
C PHE M 149 46.06 16.13 -0.72
N ASP M 150 45.79 15.81 0.54
CA ASP M 150 46.74 15.01 1.31
C ASP M 150 46.70 13.54 0.90
N ASP M 151 45.54 13.05 0.49
CA ASP M 151 45.38 11.64 0.12
C ASP M 151 44.87 11.56 -1.30
N ASP M 152 45.64 10.90 -2.18
CA ASP M 152 45.21 10.73 -3.56
C ASP M 152 44.12 9.68 -3.69
N SER M 153 44.07 8.73 -2.75
CA SER M 153 43.06 7.68 -2.78
C SER M 153 41.69 8.16 -2.31
N SER M 154 41.62 9.35 -1.72
CA SER M 154 40.35 9.88 -1.21
C SER M 154 39.65 10.81 -2.19
N ILE M 155 40.32 11.26 -3.25
CA ILE M 155 39.76 12.27 -4.15
C ILE M 155 38.70 11.62 -5.04
N VAL M 156 37.49 12.17 -4.99
CA VAL M 156 36.38 11.69 -5.79
C VAL M 156 36.31 12.60 -7.01
N LEU M 157 36.97 12.21 -8.08
CA LEU M 157 37.05 13.01 -9.29
C LEU M 157 36.63 12.25 -10.54
N ASP M 158 36.98 10.98 -10.67
CA ASP M 158 36.71 10.22 -11.88
C ASP M 158 35.52 9.29 -11.67
N GLU M 159 35.24 8.47 -12.69
CA GLU M 159 34.02 7.67 -12.69
C GLU M 159 34.09 6.50 -11.71
N THR M 160 35.28 5.89 -11.58
CA THR M 160 35.47 4.79 -10.64
C THR M 160 35.33 5.27 -9.19
N SER M 161 35.80 6.48 -8.92
CA SER M 161 35.66 7.09 -7.60
C SER M 161 34.21 7.33 -7.26
N TYR M 162 33.42 7.82 -8.22
CA TYR M 162 32.00 8.03 -7.99
C TYR M 162 31.24 6.71 -7.88
N PHE M 163 31.72 5.65 -8.52
CA PHE M 163 31.10 4.33 -8.36
C PHE M 163 31.35 3.78 -6.95
N GLN M 164 32.59 3.94 -6.45
CA GLN M 164 32.91 3.53 -5.09
C GLN M 164 32.13 4.34 -4.05
N ARG M 165 31.86 5.61 -4.35
CA ARG M 165 30.98 6.38 -3.47
C ARG M 165 29.51 6.01 -3.66
N LEU M 166 29.16 5.44 -4.82
CA LEU M 166 27.77 5.02 -5.05
C LEU M 166 27.43 3.77 -4.26
N GLU M 167 28.43 2.96 -3.91
CA GLU M 167 28.16 1.83 -3.00
C GLU M 167 27.79 2.25 -1.57
N PHE M 168 28.13 3.47 -1.15
CA PHE M 168 27.83 4.05 0.18
C PHE M 168 28.42 3.22 1.32
N GLU M 169 29.67 2.78 1.17
CA GLU M 169 30.33 2.00 2.21
C GLU M 169 31.53 2.71 2.82
N THR M 170 31.83 3.93 2.39
CA THR M 170 32.86 4.76 3.00
C THR M 170 32.39 5.19 4.39
N PRO M 171 33.31 5.39 5.34
CA PRO M 171 32.93 5.99 6.64
C PRO M 171 32.29 7.37 6.53
N LEU M 172 32.74 8.18 5.57
CA LEU M 172 32.14 9.50 5.37
C LEU M 172 30.73 9.39 4.83
N ASP M 173 30.46 8.35 4.02
CA ASP M 173 29.12 8.09 3.52
C ASP M 173 28.16 7.73 4.64
N ILE M 174 28.60 6.88 5.57
CA ILE M 174 27.76 6.48 6.70
C ILE M 174 27.53 7.65 7.65
N LYS M 175 28.57 8.47 7.86
CA LYS M 175 28.45 9.65 8.70
C LYS M 175 27.50 10.68 8.10
N PHE M 176 27.55 10.89 6.78
CA PHE M 176 26.63 11.80 6.12
C PHE M 176 25.20 11.25 6.11
N ARG M 177 25.05 9.94 5.94
CA ARG M 177 23.72 9.34 5.89
C ARG M 177 23.04 9.35 7.24
N SER M 178 23.80 9.39 8.33
CA SER M 178 23.14 9.60 9.62
C SER M 178 23.05 11.08 9.99
N ASP M 179 23.90 11.93 9.40
CA ASP M 179 23.79 13.36 9.68
C ASP M 179 22.57 13.97 9.00
N VAL M 180 22.18 13.43 7.84
CA VAL M 180 20.98 13.94 7.18
C VAL M 180 19.71 13.43 7.85
N LEU M 181 19.81 12.41 8.70
CA LEU M 181 18.67 11.96 9.49
C LEU M 181 18.35 13.00 10.54
N GLY M 182 17.32 13.80 10.28
CA GLY M 182 16.89 14.76 11.26
C GLY M 182 17.64 16.06 11.30
N LYS M 183 18.30 16.44 10.20
CA LYS M 183 18.92 17.76 10.10
C LYS M 183 18.72 18.27 8.68
N SER M 184 18.67 19.59 8.57
CA SER M 184 18.51 20.25 7.28
C SER M 184 19.89 20.54 6.68
N VAL M 185 19.98 20.44 5.36
CA VAL M 185 21.20 20.72 4.64
C VAL M 185 21.00 21.99 3.83
N LEU M 186 21.94 22.92 3.95
CA LEU M 186 21.95 24.17 3.19
C LEU M 186 23.07 24.09 2.16
N PHE M 187 22.70 23.99 0.88
CA PHE M 187 23.66 23.90 -0.21
C PHE M 187 23.97 25.30 -0.72
N ILE M 188 25.23 25.72 -0.58
CA ILE M 188 25.68 26.98 -1.15
C ILE M 188 26.85 26.70 -2.09
N GLY M 189 26.87 27.37 -3.25
CA GLY M 189 27.91 27.16 -4.22
C GLY M 189 27.86 25.84 -4.95
N TYR M 190 26.78 25.08 -4.79
CA TYR M 190 26.70 23.69 -5.21
C TYR M 190 25.46 23.50 -6.07
N SER M 191 25.61 22.72 -7.14
CA SER M 191 24.54 22.54 -8.11
C SER M 191 23.80 21.22 -7.97
N LEU M 192 24.18 20.39 -6.99
CA LEU M 192 23.62 19.05 -6.73
C LEU M 192 23.70 18.14 -7.96
N SER M 193 24.86 18.16 -8.61
CA SER M 193 25.07 17.43 -9.86
C SER M 193 25.74 16.09 -9.66
N ASP M 194 26.45 15.89 -8.54
CA ASP M 194 27.11 14.62 -8.29
C ASP M 194 26.09 13.55 -7.95
N ILE M 195 26.23 12.38 -8.58
CA ILE M 195 25.17 11.37 -8.60
C ILE M 195 25.06 10.68 -7.24
N ASN M 196 26.14 10.64 -6.47
CA ASN M 196 26.08 9.99 -5.15
C ASN M 196 25.31 10.83 -4.15
N ILE M 197 25.37 12.16 -4.28
CA ILE M 197 24.57 13.03 -3.41
C ILE M 197 23.09 12.93 -3.77
N ARG M 198 22.78 12.84 -5.07
CA ARG M 198 21.40 12.69 -5.52
C ARG M 198 20.82 11.35 -5.10
N LEU M 199 21.62 10.29 -5.18
CA LEU M 199 21.16 8.99 -4.71
C LEU M 199 21.03 8.95 -3.20
N LEU M 200 21.89 9.68 -2.48
CA LEU M 200 21.80 9.79 -1.03
C LEU M 200 20.51 10.47 -0.60
N PHE M 201 20.16 11.57 -1.26
CA PHE M 201 18.93 12.28 -0.88
C PHE M 201 17.68 11.58 -1.42
N TYR M 202 17.80 10.83 -2.52
CA TYR M 202 16.70 9.98 -2.98
C TYR M 202 16.42 8.87 -1.98
N LYS M 203 17.47 8.24 -1.45
CA LYS M 203 17.28 7.19 -0.45
C LYS M 203 16.81 7.75 0.89
N LEU M 204 17.21 8.98 1.23
CA LEU M 204 16.67 9.65 2.41
C LEU M 204 15.17 9.93 2.26
N SER M 205 14.76 10.35 1.06
CA SER M 205 13.34 10.59 0.78
C SER M 205 12.54 9.29 0.86
N LYS M 206 13.06 8.21 0.25
CA LYS M 206 12.41 6.89 0.31
C LYS M 206 12.34 6.36 1.73
N LEU M 207 13.37 6.63 2.52
CA LEU M 207 13.39 6.30 3.94
C LEU M 207 12.29 7.02 4.70
N TRP M 208 12.07 8.30 4.41
CA TRP M 208 11.01 9.01 5.11
C TRP M 208 9.62 8.62 4.60
N LYS M 209 9.50 8.13 3.36
CA LYS M 209 8.21 7.60 2.93
C LYS M 209 7.93 6.23 3.55
N GLU M 210 8.97 5.45 3.83
CA GLU M 210 8.75 4.10 4.35
C GLU M 210 8.29 4.11 5.80
N GLN M 211 8.58 5.20 6.53
CA GLN M 211 8.04 5.34 7.88
C GLN M 211 6.66 5.98 7.89
N LYS M 212 6.16 6.40 6.72
CA LYS M 212 4.92 7.18 6.55
C LYS M 212 4.91 8.44 7.41
N LEU M 213 6.06 9.13 7.46
CA LEU M 213 6.19 10.38 8.19
C LEU M 213 6.80 11.46 7.31
N GLU M 214 6.45 11.48 6.01
CA GLU M 214 7.17 12.30 5.05
C GLU M 214 6.89 13.79 5.21
N GLU M 215 5.82 14.15 5.93
CA GLU M 215 5.57 15.56 6.23
C GLU M 215 6.52 16.06 7.31
N ALA M 216 7.01 15.16 8.16
CA ALA M 216 7.87 15.51 9.27
C ALA M 216 9.36 15.49 8.93
N GLN M 217 9.71 15.24 7.66
CA GLN M 217 11.10 15.27 7.23
C GLN M 217 11.62 16.70 7.27
N PRO M 218 12.83 16.93 7.79
CA PRO M 218 13.40 18.28 7.75
C PRO M 218 13.65 18.76 6.33
N LYS M 219 13.36 20.03 6.09
CA LYS M 219 13.38 20.59 4.75
C LYS M 219 14.77 21.13 4.46
N SER M 220 15.38 20.63 3.40
CA SER M 220 16.68 21.10 2.95
C SER M 220 16.50 22.26 2.00
N TYR M 221 17.55 23.05 1.83
CA TYR M 221 17.53 24.22 0.97
C TYR M 221 18.78 24.28 0.12
N ILE M 222 18.63 24.74 -1.12
CA ILE M 222 19.75 24.96 -2.02
C ILE M 222 19.67 26.39 -2.53
N PHE M 223 20.79 27.09 -2.50
CA PHE M 223 20.87 28.46 -2.99
C PHE M 223 21.56 28.45 -4.34
N LEU M 224 20.79 28.65 -5.40
CA LEU M 224 21.33 28.88 -6.73
C LEU M 224 20.85 30.23 -7.22
N PRO M 225 21.74 31.08 -7.77
CA PRO M 225 21.27 32.39 -8.27
C PRO M 225 20.41 32.29 -9.52
N ARG M 226 20.81 31.53 -10.53
CA ARG M 226 19.99 31.44 -11.70
C ARG M 226 18.93 30.44 -11.45
N PRO M 227 17.70 30.77 -11.79
CA PRO M 227 16.59 29.86 -11.50
C PRO M 227 16.51 28.73 -12.52
N ASN M 228 15.92 27.64 -12.07
CA ASN M 228 15.78 26.43 -12.88
C ASN M 228 14.53 25.72 -12.37
N PRO M 229 13.42 25.76 -13.11
CA PRO M 229 12.19 25.12 -12.62
C PRO M 229 12.23 23.62 -12.67
N ILE M 230 13.04 23.07 -13.58
CA ILE M 230 13.20 21.62 -13.72
C ILE M 230 13.89 21.07 -12.48
N GLN M 231 15.00 21.65 -12.11
CA GLN M 231 15.63 21.24 -10.90
C GLN M 231 14.68 21.53 -9.76
N GLU M 232 14.07 22.71 -9.71
CA GLU M 232 13.18 23.06 -8.60
C GLU M 232 12.17 21.95 -8.32
N GLU M 233 11.54 21.41 -9.36
CA GLU M 233 10.57 20.34 -9.18
C GLU M 233 11.23 19.05 -8.72
N ILE M 234 12.39 18.73 -9.32
CA ILE M 234 13.06 17.47 -9.02
C ILE M 234 13.65 17.47 -7.61
N LEU M 235 14.23 18.59 -7.19
CA LEU M 235 14.72 18.69 -5.81
C LEU M 235 13.58 18.89 -4.82
N GLU M 236 12.44 19.44 -5.27
CA GLU M 236 11.29 19.57 -4.38
C GLU M 236 10.69 18.20 -4.06
N GLN M 237 10.87 17.23 -4.95
CA GLN M 237 10.50 15.86 -4.62
C GLN M 237 11.37 15.24 -3.52
N TRP M 238 12.60 15.72 -3.32
CA TRP M 238 13.47 15.20 -2.28
C TRP M 238 13.51 16.10 -1.06
N ARG M 239 12.47 16.93 -0.88
CA ARG M 239 12.33 17.93 0.20
C ARG M 239 13.51 18.89 0.24
N ILE M 240 13.96 19.32 -0.94
CA ILE M 240 15.02 20.32 -1.07
C ILE M 240 14.41 21.52 -1.79
N GLY M 241 14.28 22.63 -1.08
CA GLY M 241 13.71 23.84 -1.67
C GLY M 241 14.77 24.72 -2.29
N MET M 242 14.36 25.47 -3.31
CA MET M 242 15.26 26.36 -4.03
C MET M 242 15.10 27.78 -3.51
N ILE M 243 16.21 28.43 -3.20
CA ILE M 243 16.25 29.84 -2.85
C ILE M 243 17.03 30.55 -3.94
N SER M 244 16.37 31.44 -4.67
CA SER M 244 16.99 32.15 -5.77
C SER M 244 16.97 33.65 -5.51
N SER M 245 17.86 34.35 -6.18
CA SER M 245 17.96 35.80 -6.07
C SER M 245 17.92 36.42 -7.46
N GLU M 246 17.47 37.67 -7.52
CA GLU M 246 17.36 38.38 -8.77
C GLU M 246 18.67 39.03 -9.20
N ASN M 247 19.69 39.01 -8.34
CA ASN M 247 20.99 39.56 -8.69
C ASN M 247 21.70 38.65 -9.69
N ASP M 248 22.29 39.28 -10.71
CA ASP M 248 23.01 38.54 -11.74
C ASP M 248 24.43 38.15 -11.32
N ASN M 249 24.94 38.74 -10.24
CA ASN M 249 26.26 38.40 -9.74
C ASN M 249 26.13 37.25 -8.74
N PRO M 250 26.82 36.13 -8.94
CA PRO M 250 26.65 35.00 -8.01
C PRO M 250 27.31 35.22 -6.66
N GLY M 251 28.49 35.87 -6.65
CA GLY M 251 29.17 36.15 -5.40
C GLY M 251 28.43 37.16 -4.55
N GLU M 252 27.85 38.18 -5.19
CA GLU M 252 27.04 39.17 -4.49
C GLU M 252 25.76 38.54 -3.94
N SER M 253 25.14 37.63 -4.70
CA SER M 253 23.95 36.93 -4.26
C SER M 253 24.26 36.05 -3.06
N LEU M 254 25.41 35.38 -3.07
CA LEU M 254 25.81 34.54 -1.94
C LEU M 254 26.17 35.39 -0.73
N GLU M 255 26.73 36.59 -0.94
CA GLU M 255 27.04 37.49 0.17
C GLU M 255 25.77 38.00 0.85
N GLU M 256 24.77 38.42 0.05
CA GLU M 256 23.51 38.86 0.66
C GLU M 256 22.71 37.70 1.23
N PHE M 257 22.95 36.47 0.76
CA PHE M 257 22.30 35.33 1.38
C PHE M 257 22.93 34.98 2.72
N LEU M 258 24.26 35.00 2.79
CA LEU M 258 24.96 34.61 4.01
C LEU M 258 25.09 35.75 5.02
N LYS M 259 24.70 36.97 4.64
CA LYS M 259 24.61 38.07 5.60
C LYS M 259 23.54 37.81 6.65
N ASN M 260 22.49 37.06 6.30
CA ASN M 260 21.44 36.73 7.26
C ASN M 260 21.92 35.73 8.30
N PHE M 261 22.99 34.98 8.00
CA PHE M 261 23.55 34.04 8.95
C PHE M 261 24.74 34.61 9.70
N VAL M 262 25.40 35.63 9.15
CA VAL M 262 26.60 36.16 9.82
C VAL M 262 26.22 37.00 11.04
N LEU M 263 25.00 37.52 11.09
CA LEU M 263 24.62 38.38 12.21
C LEU M 263 24.05 37.54 13.35
N VAL M 264 24.44 37.90 14.58
CA VAL M 264 24.13 37.29 15.88
C VAL M 264 24.03 35.76 15.92
N MET N 1 37.66 -10.07 -32.68
CA MET N 1 36.66 -10.27 -33.73
C MET N 1 36.57 -11.74 -34.11
N GLU N 2 37.74 -12.39 -34.21
CA GLU N 2 37.78 -13.82 -34.49
C GLU N 2 37.41 -14.61 -33.24
N GLN N 3 37.83 -14.12 -32.06
CA GLN N 3 37.44 -14.75 -30.80
C GLN N 3 35.96 -14.53 -30.51
N LEU N 4 35.40 -13.43 -31.03
CA LEU N 4 33.96 -13.21 -30.97
C LEU N 4 33.19 -14.26 -31.75
N LEU N 5 33.68 -14.61 -32.94
CA LEU N 5 33.05 -15.66 -33.74
C LEU N 5 33.26 -17.04 -33.11
N ALA N 6 34.42 -17.24 -32.46
CA ALA N 6 34.68 -18.49 -31.78
C ALA N 6 33.77 -18.69 -30.57
N ASP N 7 33.49 -17.60 -29.83
CA ASP N 7 32.56 -17.69 -28.71
C ASP N 7 31.12 -17.75 -29.19
N TYR N 8 30.83 -17.14 -30.34
CA TYR N 8 29.46 -17.13 -30.85
C TYR N 8 29.06 -18.49 -31.40
N LYS N 9 29.99 -19.16 -32.08
CA LYS N 9 29.70 -20.51 -32.58
C LYS N 9 29.64 -21.53 -31.45
N LYS N 10 30.31 -21.26 -30.34
CA LYS N 10 30.16 -22.09 -29.14
C LYS N 10 28.84 -21.84 -28.43
N GLY N 11 28.26 -20.64 -28.59
CA GLY N 11 26.99 -20.32 -27.99
C GLY N 11 27.11 -19.60 -26.67
N ASN N 12 28.13 -18.76 -26.54
CA ASN N 12 28.45 -18.09 -25.28
C ASN N 12 28.46 -16.59 -25.43
N VAL N 13 27.67 -16.05 -26.36
CA VAL N 13 27.62 -14.61 -26.61
C VAL N 13 26.17 -14.14 -26.44
N ILE N 14 25.97 -13.16 -25.57
CA ILE N 14 24.69 -12.51 -25.36
C ILE N 14 24.64 -11.25 -26.21
N LEU N 15 23.58 -11.07 -26.99
CA LEU N 15 23.41 -9.87 -27.80
C LEU N 15 22.72 -8.81 -26.95
N PHE N 16 23.37 -7.66 -26.81
CA PHE N 16 22.76 -6.49 -26.18
C PHE N 16 22.46 -5.47 -27.27
N VAL N 17 21.24 -4.96 -27.26
CA VAL N 17 20.65 -4.23 -28.38
C VAL N 17 20.30 -2.83 -27.91
N GLY N 18 20.76 -1.82 -28.65
CA GLY N 18 20.51 -0.43 -28.32
C GLY N 18 19.48 0.22 -29.24
N ALA N 19 19.62 1.54 -29.37
CA ALA N 19 18.64 2.30 -30.15
C ALA N 19 19.14 2.64 -31.54
N GLY N 20 20.44 2.56 -31.78
CA GLY N 20 20.98 2.91 -33.09
C GLY N 20 20.68 1.87 -34.15
N VAL N 21 20.44 0.64 -33.70
CA VAL N 21 19.88 -0.39 -34.59
C VAL N 21 18.44 -0.05 -34.96
N SER N 22 17.69 0.55 -34.04
CA SER N 22 16.28 0.81 -34.27
C SER N 22 16.04 2.11 -35.02
N MET N 23 17.05 2.98 -35.09
CA MET N 23 16.91 4.22 -35.86
C MET N 23 17.06 4.00 -37.36
N ASN N 24 17.41 2.79 -37.80
CA ASN N 24 17.43 2.48 -39.21
C ASN N 24 16.03 2.33 -39.80
N LEU N 25 15.03 2.02 -38.97
CA LEU N 25 13.69 1.75 -39.46
C LEU N 25 12.89 3.01 -39.75
N GLY N 26 13.34 4.17 -39.32
CA GLY N 26 12.53 5.37 -39.39
C GLY N 26 11.79 5.72 -38.14
N LEU N 27 12.20 5.18 -36.99
CA LEU N 27 11.63 5.54 -35.71
C LEU N 27 12.02 6.97 -35.34
N PRO N 28 11.24 7.63 -34.47
CA PRO N 28 11.70 8.91 -33.90
C PRO N 28 12.97 8.72 -33.08
N SER N 29 13.85 9.71 -33.17
CA SER N 29 15.09 9.64 -32.42
C SER N 29 14.87 10.09 -30.98
N TRP N 30 15.97 10.16 -30.23
CA TRP N 30 15.87 10.65 -28.86
C TRP N 30 15.62 12.15 -28.84
N SER N 31 16.16 12.86 -29.82
CA SER N 31 15.95 14.31 -29.91
C SER N 31 14.50 14.63 -30.26
N GLN N 32 13.85 13.79 -31.06
CA GLN N 32 12.45 14.01 -31.38
C GLN N 32 11.55 13.73 -30.18
N LEU N 33 11.96 12.79 -29.33
CA LEU N 33 11.27 12.57 -28.06
C LEU N 33 11.45 13.75 -27.12
N VAL N 34 12.66 14.35 -27.13
CA VAL N 34 12.94 15.54 -26.34
C VAL N 34 12.06 16.70 -26.81
N ASP N 35 11.92 16.82 -28.13
CA ASP N 35 11.05 17.83 -28.74
C ASP N 35 9.58 17.62 -28.38
N HIS N 36 9.12 16.37 -28.37
CA HIS N 36 7.72 16.10 -28.05
C HIS N 36 7.41 16.42 -26.59
N ILE N 37 8.33 16.09 -25.68
CA ILE N 37 8.20 16.45 -24.27
C ILE N 37 8.22 17.96 -24.07
N ALA N 38 9.07 18.66 -24.83
CA ALA N 38 9.20 20.11 -24.69
C ALA N 38 7.96 20.84 -25.18
N THR N 39 7.44 20.46 -26.36
CA THR N 39 6.21 21.11 -26.81
C THR N 39 4.98 20.59 -26.09
N GLU N 40 5.06 19.44 -25.41
CA GLU N 40 3.95 19.02 -24.57
C GLU N 40 3.90 19.79 -23.25
N LEU N 41 5.06 20.20 -22.74
CA LEU N 41 5.09 21.00 -21.52
C LEU N 41 5.03 22.50 -21.78
N GLY N 42 4.83 22.92 -23.03
CA GLY N 42 4.74 24.33 -23.35
C GLY N 42 6.06 24.99 -23.66
N TYR N 43 7.15 24.25 -23.66
CA TYR N 43 8.44 24.80 -24.02
C TYR N 43 8.66 24.68 -25.54
N ASP N 44 9.66 25.37 -26.02
CA ASP N 44 10.28 24.92 -27.24
C ASP N 44 11.60 24.23 -26.91
N PRO N 45 12.06 23.24 -27.72
CA PRO N 45 13.15 22.33 -27.28
C PRO N 45 14.49 22.93 -26.91
N ASP N 46 14.91 23.99 -27.62
CA ASP N 46 16.26 24.51 -27.41
C ASP N 46 16.36 25.30 -26.11
N ILE N 47 15.22 25.77 -25.59
CA ILE N 47 15.23 26.48 -24.31
C ILE N 47 15.09 25.49 -23.16
N TYR N 48 14.73 24.23 -23.48
CA TYR N 48 14.60 23.10 -22.52
C TYR N 48 15.88 22.25 -22.59
N ARG N 49 16.81 22.57 -23.49
CA ARG N 49 18.12 21.94 -23.66
C ARG N 49 19.25 22.43 -22.74
N THR N 50 19.12 23.66 -22.25
CA THR N 50 20.00 24.29 -21.27
C THR N 50 19.72 23.87 -19.83
N PHE N 51 18.60 23.20 -19.53
CA PHE N 51 18.22 22.93 -18.14
C PHE N 51 18.74 21.58 -17.65
N GLY N 52 18.30 20.49 -18.26
CA GLY N 52 18.73 19.16 -17.85
C GLY N 52 19.26 18.38 -19.04
N SER N 53 19.41 17.06 -18.93
CA SER N 53 19.96 16.29 -20.05
C SER N 53 18.97 15.32 -20.66
N ALA N 54 18.62 14.23 -19.96
CA ALA N 54 17.57 13.33 -20.45
C ALA N 54 16.76 12.81 -19.28
N LEU N 55 17.45 12.64 -18.15
CA LEU N 55 16.79 12.13 -16.96
C LEU N 55 15.96 13.23 -16.32
N GLU N 56 16.50 14.46 -16.32
CA GLU N 56 15.76 15.63 -15.86
C GLU N 56 14.58 15.96 -16.78
N LEU N 57 14.70 15.63 -18.04
CA LEU N 57 13.57 15.86 -18.95
C LEU N 57 12.48 14.78 -18.82
N ALA N 58 12.76 13.48 -18.61
CA ALA N 58 11.66 12.54 -18.41
C ALA N 58 11.12 12.63 -16.99
N GLU N 59 11.97 13.00 -16.02
CA GLU N 59 11.52 13.23 -14.66
C GLU N 59 10.60 14.44 -14.57
N TYR N 60 10.93 15.53 -15.29
CA TYR N 60 10.08 16.71 -15.25
C TYR N 60 8.76 16.48 -15.97
N TYR N 61 8.78 15.70 -17.06
CA TYR N 61 7.52 15.36 -17.74
C TYR N 61 6.64 14.46 -16.86
N LYS N 62 7.25 13.51 -16.14
CA LYS N 62 6.49 12.66 -15.23
C LYS N 62 5.92 13.46 -14.06
N LEU N 63 6.68 14.44 -13.57
CA LEU N 63 6.22 15.20 -12.41
C LEU N 63 5.14 16.20 -12.78
N LYS N 64 5.24 16.85 -13.94
CA LYS N 64 4.19 17.78 -14.34
C LYS N 64 2.95 17.04 -14.83
N LYS N 65 3.13 15.96 -15.59
CA LYS N 65 1.99 15.25 -16.15
C LYS N 65 1.42 14.18 -15.23
N GLY N 66 2.01 13.98 -14.07
CA GLY N 66 1.52 12.97 -13.13
C GLY N 66 2.10 11.58 -13.29
N LYS N 67 2.14 11.08 -14.52
CA LYS N 67 2.67 9.75 -14.79
C LYS N 67 3.31 9.77 -16.17
N ILE N 68 3.77 8.60 -16.61
CA ILE N 68 4.53 8.47 -17.85
C ILE N 68 3.56 8.03 -18.95
N GLY N 69 2.29 7.87 -18.58
CA GLY N 69 1.25 7.37 -19.44
C GLY N 69 0.93 8.08 -20.75
N PRO N 70 0.79 9.42 -20.76
CA PRO N 70 0.68 10.12 -22.05
C PRO N 70 1.91 9.97 -22.93
N LEU N 71 3.09 9.99 -22.33
CA LEU N 71 4.34 9.76 -23.07
C LEU N 71 4.43 8.35 -23.57
N ARG N 72 3.94 7.36 -22.91
CA ARG N 72 4.07 6.04 -23.35
C ARG N 72 3.14 5.81 -24.33
N SER N 73 1.93 6.38 -24.27
CA SER N 73 0.97 6.28 -25.36
C SER N 73 1.52 6.87 -26.65
N TRP N 74 2.19 8.03 -26.55
CA TRP N 74 2.75 8.65 -27.75
C TRP N 74 3.91 7.85 -28.33
N MET N 75 4.79 7.31 -27.47
CA MET N 75 5.87 6.45 -27.95
C MET N 75 5.37 5.12 -28.49
N ASP N 76 4.27 4.60 -27.92
CA ASP N 76 3.67 3.37 -28.44
C ASP N 76 3.08 3.58 -29.82
N ARG N 77 2.43 4.72 -30.05
CA ARG N 77 1.84 4.96 -31.37
C ARG N 77 2.90 5.37 -32.39
N MET N 78 3.94 6.09 -31.97
CA MET N 78 4.93 6.55 -32.93
C MET N 78 5.96 5.48 -33.27
N TRP N 79 6.31 4.62 -32.30
CA TRP N 79 7.30 3.60 -32.53
C TRP N 79 6.75 2.40 -33.27
N HIS N 80 5.44 2.31 -33.46
CA HIS N 80 4.79 1.17 -34.10
C HIS N 80 3.77 1.63 -35.11
N SER N 81 4.11 2.64 -35.92
CA SER N 81 3.19 3.09 -36.94
C SER N 81 3.19 2.12 -38.13
N SER N 82 2.17 2.27 -38.99
CA SER N 82 2.00 1.33 -40.08
C SER N 82 2.93 1.59 -41.25
N ASP N 83 3.58 2.75 -41.29
CA ASP N 83 4.50 3.06 -42.38
C ASP N 83 5.82 2.34 -42.23
N ILE N 84 6.09 1.81 -41.03
CA ILE N 84 7.37 1.17 -40.75
C ILE N 84 7.27 -0.32 -41.02
N ASP N 85 8.13 -0.81 -41.89
CA ASP N 85 8.12 -2.21 -42.30
C ASP N 85 9.41 -2.87 -41.86
N ILE N 86 9.28 -4.02 -41.19
CA ILE N 86 10.44 -4.74 -40.69
C ILE N 86 11.14 -5.51 -41.82
N ASN N 87 10.45 -5.74 -42.94
CA ASN N 87 11.03 -6.55 -44.03
C ASN N 87 12.10 -5.79 -44.80
N LYS N 88 11.93 -4.48 -45.00
CA LYS N 88 13.07 -3.68 -45.44
C LYS N 88 13.88 -3.17 -44.25
N SER N 89 14.51 -4.10 -43.55
CA SER N 89 15.50 -3.79 -42.52
C SER N 89 16.47 -4.98 -42.52
N LYS N 90 17.63 -4.79 -43.14
CA LYS N 90 18.61 -5.87 -43.24
C LYS N 90 19.22 -6.20 -41.89
N VAL N 91 19.31 -5.22 -41.00
CA VAL N 91 19.99 -5.40 -39.72
C VAL N 91 19.14 -6.29 -38.81
N HIS N 92 17.82 -6.04 -38.79
CA HIS N 92 16.90 -6.87 -38.02
C HIS N 92 16.76 -8.27 -38.60
N GLU N 93 16.88 -8.39 -39.93
CA GLU N 93 16.94 -9.70 -40.56
C GLU N 93 18.19 -10.46 -40.14
N TYR N 94 19.33 -9.77 -40.04
CA TYR N 94 20.57 -10.42 -39.63
C TYR N 94 20.55 -10.76 -38.15
N ILE N 95 19.83 -9.98 -37.34
CA ILE N 95 19.63 -10.31 -35.93
C ILE N 95 18.74 -11.54 -35.80
N ALA N 96 17.67 -11.60 -36.59
CA ALA N 96 16.71 -12.69 -36.50
C ALA N 96 17.29 -14.01 -37.00
N LYS N 97 18.05 -13.98 -38.10
CA LYS N 97 18.57 -15.23 -38.65
C LYS N 97 19.82 -15.72 -37.94
N ALA N 98 20.45 -14.89 -37.10
CA ALA N 98 21.60 -15.35 -36.34
C ALA N 98 21.17 -16.23 -35.18
N ASN N 99 22.12 -17.00 -34.66
CA ASN N 99 21.87 -17.94 -33.57
C ASN N 99 22.34 -17.31 -32.26
N PHE N 100 21.58 -16.33 -31.79
CA PHE N 100 21.82 -15.73 -30.47
C PHE N 100 20.81 -16.31 -29.51
N PRO N 101 21.23 -17.06 -28.48
CA PRO N 101 20.24 -17.65 -27.58
C PRO N 101 19.60 -16.67 -26.63
N ILE N 102 20.35 -15.68 -26.14
CA ILE N 102 19.86 -14.68 -25.22
C ILE N 102 20.06 -13.31 -25.84
N ILE N 103 19.00 -12.52 -25.92
CA ILE N 103 19.03 -11.17 -26.46
C ILE N 103 18.52 -10.21 -25.40
N TYR N 104 19.35 -9.26 -25.00
CA TYR N 104 18.91 -8.17 -24.13
C TYR N 104 18.73 -6.90 -24.96
N THR N 105 17.82 -6.04 -24.52
CA THR N 105 17.61 -4.78 -25.21
C THR N 105 17.12 -3.73 -24.22
N THR N 106 17.53 -2.48 -24.48
CA THR N 106 17.03 -1.34 -23.72
C THR N 106 15.95 -0.58 -24.48
N ASN N 107 15.53 -1.11 -25.64
CA ASN N 107 14.39 -0.56 -26.35
C ASN N 107 13.09 -1.04 -25.72
N TYR N 108 12.07 -0.19 -25.83
CA TYR N 108 10.73 -0.57 -25.40
C TYR N 108 9.88 -1.09 -26.54
N ASP N 109 10.27 -0.81 -27.78
CA ASP N 109 9.52 -1.25 -28.95
C ASP N 109 9.71 -2.74 -29.19
N ARG N 110 8.78 -3.33 -29.93
CA ARG N 110 8.73 -4.77 -30.16
C ARG N 110 9.27 -5.18 -31.52
N TRP N 111 10.23 -4.42 -32.08
CA TRP N 111 10.68 -4.74 -33.43
C TRP N 111 11.63 -5.92 -33.47
N ILE N 112 12.28 -6.24 -32.35
CA ILE N 112 13.08 -7.46 -32.25
C ILE N 112 12.16 -8.68 -32.30
N GLU N 113 11.08 -8.65 -31.51
CA GLU N 113 10.13 -9.75 -31.49
C GLU N 113 9.38 -9.87 -32.82
N THR N 114 9.09 -8.74 -33.45
CA THR N 114 8.47 -8.74 -34.78
C THR N 114 9.42 -9.31 -35.83
N ALA N 115 10.72 -8.99 -35.72
CA ALA N 115 11.70 -9.52 -36.66
C ALA N 115 11.93 -11.01 -36.45
N LEU N 116 11.94 -11.46 -35.19
CA LEU N 116 12.10 -12.88 -34.91
C LEU N 116 10.88 -13.69 -35.31
N SER N 117 9.69 -13.11 -35.17
CA SER N 117 8.48 -13.83 -35.57
C SER N 117 8.21 -13.73 -37.06
N ASN N 118 8.85 -12.77 -37.75
CA ASN N 118 8.71 -12.67 -39.19
C ASN N 118 9.47 -13.81 -39.86
N TYR N 119 10.71 -14.05 -39.43
CA TYR N 119 11.58 -14.99 -40.09
C TYR N 119 11.54 -16.38 -39.49
N GLY N 120 10.44 -16.73 -38.82
CA GLY N 120 10.18 -18.07 -38.37
C GLY N 120 11.07 -18.61 -37.27
N LYS N 121 11.41 -17.76 -36.30
CA LYS N 121 12.20 -18.18 -35.15
C LYS N 121 11.37 -18.00 -33.90
N GLU N 122 11.23 -19.06 -33.11
CA GLU N 122 10.48 -18.99 -31.87
C GLU N 122 11.28 -18.29 -30.79
N TYR N 123 10.58 -17.64 -29.87
CA TYR N 123 11.25 -16.85 -28.85
C TYR N 123 10.42 -16.83 -27.58
N ILE N 124 11.03 -16.38 -26.50
CA ILE N 124 10.35 -16.08 -25.25
C ILE N 124 10.65 -14.63 -24.91
N LYS N 125 9.60 -13.83 -24.76
CA LYS N 125 9.75 -12.43 -24.36
C LYS N 125 9.72 -12.36 -22.84
N ILE N 126 10.75 -11.75 -22.25
CA ILE N 126 10.86 -11.64 -20.81
C ILE N 126 10.82 -10.16 -20.43
N SER N 127 9.81 -9.79 -19.64
CA SER N 127 9.73 -8.47 -19.04
C SER N 127 9.27 -8.52 -17.59
N SER N 128 8.97 -9.70 -17.07
CA SER N 128 8.61 -9.89 -15.68
C SER N 128 9.25 -11.16 -15.19
N VAL N 129 9.16 -11.40 -13.87
CA VAL N 129 9.75 -12.62 -13.30
C VAL N 129 8.88 -13.83 -13.61
N SER N 130 7.58 -13.61 -13.86
CA SER N 130 6.71 -14.68 -14.33
C SER N 130 7.06 -15.10 -15.75
N ASP N 131 7.67 -14.20 -16.52
CA ASP N 131 8.19 -14.57 -17.83
C ASP N 131 9.56 -15.26 -17.72
N ILE N 132 10.30 -15.02 -16.63
CA ILE N 132 11.51 -15.79 -16.36
C ILE N 132 11.14 -17.24 -16.06
N ALA N 133 9.97 -17.45 -15.45
CA ALA N 133 9.48 -18.81 -15.23
C ALA N 133 9.13 -19.56 -16.52
N LYS N 134 8.97 -18.88 -17.66
CA LYS N 134 8.59 -19.50 -18.91
C LYS N 134 9.76 -19.73 -19.86
N ILE N 135 10.98 -19.81 -19.35
CA ILE N 135 12.15 -19.88 -20.23
C ILE N 135 12.33 -21.30 -20.73
N ASP N 136 12.41 -21.46 -22.04
CA ASP N 136 12.77 -22.71 -22.69
C ASP N 136 14.19 -22.60 -23.20
N ASN N 137 14.94 -23.70 -23.10
CA ASN N 137 16.33 -23.70 -23.52
C ASN N 137 16.51 -23.82 -25.02
N ASN N 138 15.47 -24.20 -25.75
CA ASN N 138 15.54 -24.32 -27.20
C ASN N 138 14.99 -23.10 -27.92
N LYS N 139 14.61 -22.06 -27.18
CA LYS N 139 14.04 -20.85 -27.76
C LYS N 139 14.90 -19.65 -27.38
N THR N 140 14.80 -18.60 -28.18
CA THR N 140 15.53 -17.37 -27.93
C THR N 140 14.92 -16.62 -26.76
N GLN N 141 15.77 -16.17 -25.83
CA GLN N 141 15.33 -15.33 -24.73
C GLN N 141 15.50 -13.88 -25.16
N ILE N 142 14.39 -13.17 -25.31
CA ILE N 142 14.40 -11.73 -25.55
C ILE N 142 13.98 -11.06 -24.25
N ILE N 143 14.89 -10.30 -23.65
CA ILE N 143 14.64 -9.66 -22.38
C ILE N 143 14.51 -8.16 -22.62
N LYS N 144 13.35 -7.62 -22.29
CA LYS N 144 13.09 -6.18 -22.37
C LYS N 144 13.60 -5.57 -21.06
N PHE N 145 14.88 -5.20 -21.08
CA PHE N 145 15.59 -4.89 -19.84
C PHE N 145 15.15 -3.56 -19.25
N HIS N 146 14.78 -2.61 -20.09
CA HIS N 146 14.36 -1.30 -19.63
C HIS N 146 12.85 -1.10 -19.72
N GLY N 147 12.10 -2.18 -19.90
CA GLY N 147 10.65 -2.12 -19.90
C GLY N 147 10.06 -2.33 -21.28
N ASP N 148 8.73 -2.33 -21.30
CA ASP N 148 7.94 -2.44 -22.51
C ASP N 148 6.82 -1.42 -22.41
N PHE N 149 6.07 -1.26 -23.50
CA PHE N 149 4.94 -0.35 -23.50
C PHE N 149 3.68 -0.96 -22.90
N ASP N 150 3.74 -2.22 -22.46
CA ASP N 150 2.63 -2.87 -21.80
C ASP N 150 2.57 -2.57 -20.31
N ASP N 151 3.57 -1.89 -19.75
CA ASP N 151 3.62 -1.66 -18.31
C ASP N 151 4.33 -0.33 -18.07
N ASP N 152 3.62 0.63 -17.47
CA ASP N 152 4.22 1.95 -17.26
C ASP N 152 5.22 1.93 -16.11
N SER N 153 5.05 1.01 -15.16
CA SER N 153 5.92 0.95 -13.99
C SER N 153 7.26 0.29 -14.30
N SER N 154 7.42 -0.30 -15.48
CA SER N 154 8.65 -0.97 -15.86
C SER N 154 9.54 -0.14 -16.77
N ILE N 155 9.06 0.98 -17.29
CA ILE N 155 9.84 1.76 -18.25
C ILE N 155 10.90 2.55 -17.50
N VAL N 156 12.17 2.32 -17.86
CA VAL N 156 13.30 2.99 -17.24
C VAL N 156 13.67 4.13 -18.16
N LEU N 157 13.12 5.31 -17.88
CA LEU N 157 13.31 6.46 -18.76
C LEU N 157 13.77 7.68 -17.99
N ASP N 158 13.27 7.87 -16.77
CA ASP N 158 13.56 9.05 -15.97
C ASP N 158 14.59 8.73 -14.88
N GLU N 159 14.92 9.75 -14.09
CA GLU N 159 16.00 9.63 -13.11
C GLU N 159 15.63 8.71 -11.95
N THR N 160 14.36 8.74 -11.52
CA THR N 160 13.90 7.91 -10.42
C THR N 160 13.88 6.45 -10.79
N SER N 161 13.55 6.14 -12.05
CA SER N 161 13.56 4.76 -12.53
C SER N 161 14.98 4.21 -12.61
N TYR N 162 15.95 5.04 -13.02
CA TYR N 162 17.34 4.63 -13.00
C TYR N 162 17.86 4.49 -11.57
N PHE N 163 17.34 5.30 -10.65
CA PHE N 163 17.72 5.20 -9.24
C PHE N 163 17.20 3.91 -8.61
N GLN N 164 16.01 3.47 -9.04
CA GLN N 164 15.53 2.15 -8.63
C GLN N 164 16.36 1.03 -9.25
N ARG N 165 16.77 1.20 -10.51
CA ARG N 165 17.53 0.14 -11.18
C ARG N 165 18.99 0.09 -10.72
N LEU N 166 19.48 1.13 -10.05
CA LEU N 166 20.87 1.13 -9.56
C LEU N 166 21.11 0.14 -8.43
N GLU N 167 20.08 -0.25 -7.69
CA GLU N 167 20.27 -1.15 -6.55
C GLU N 167 20.39 -2.61 -6.96
N PHE N 168 20.03 -2.94 -8.21
CA PHE N 168 20.07 -4.29 -8.80
C PHE N 168 19.24 -5.30 -8.01
N GLU N 169 18.08 -4.87 -7.51
CA GLU N 169 17.16 -5.75 -6.82
C GLU N 169 15.96 -6.14 -7.67
N THR N 170 15.86 -5.61 -8.89
CA THR N 170 14.87 -6.06 -9.86
C THR N 170 15.21 -7.49 -10.29
N PRO N 171 14.20 -8.33 -10.56
CA PRO N 171 14.48 -9.68 -11.11
C PRO N 171 15.24 -9.70 -12.43
N LEU N 172 14.99 -8.71 -13.29
CA LEU N 172 15.73 -8.62 -14.54
C LEU N 172 17.18 -8.24 -14.31
N ASP N 173 17.42 -7.41 -13.28
CA ASP N 173 18.78 -7.06 -12.87
C ASP N 173 19.53 -8.26 -12.34
N ILE N 174 18.86 -9.10 -11.54
CA ILE N 174 19.46 -10.31 -11.00
C ILE N 174 19.77 -11.31 -12.10
N LYS N 175 18.84 -11.46 -13.05
CA LYS N 175 19.03 -12.35 -14.19
C LYS N 175 20.17 -11.89 -15.09
N PHE N 176 20.29 -10.58 -15.33
CA PHE N 176 21.41 -10.06 -16.12
C PHE N 176 22.73 -10.19 -15.38
N ARG N 177 22.73 -9.95 -14.07
CA ARG N 177 23.94 -10.03 -13.27
C ARG N 177 24.47 -11.45 -13.18
N SER N 178 23.60 -12.45 -13.29
CA SER N 178 24.12 -13.81 -13.41
C SER N 178 24.35 -14.25 -14.85
N ASP N 179 23.70 -13.61 -15.82
CA ASP N 179 23.94 -13.98 -17.21
C ASP N 179 25.28 -13.47 -17.70
N VAL N 180 25.76 -12.36 -17.14
CA VAL N 180 27.08 -11.87 -17.53
C VAL N 180 28.22 -12.69 -16.90
N LEU N 181 27.92 -13.50 -15.90
CA LEU N 181 28.93 -14.40 -15.32
C LEU N 181 29.23 -15.51 -16.31
N GLY N 182 30.38 -15.46 -16.94
CA GLY N 182 30.77 -16.53 -17.82
C GLY N 182 30.18 -16.49 -19.21
N LYS N 183 29.60 -15.36 -19.62
CA LYS N 183 29.16 -15.19 -20.99
C LYS N 183 29.61 -13.83 -21.49
N SER N 184 29.88 -13.75 -22.78
CA SER N 184 30.26 -12.51 -23.43
C SER N 184 29.04 -11.73 -23.85
N VAL N 185 29.14 -10.40 -23.77
CA VAL N 185 28.06 -9.51 -24.17
C VAL N 185 28.52 -8.74 -25.41
N LEU N 186 27.70 -8.74 -26.44
CA LEU N 186 27.97 -8.01 -27.68
C LEU N 186 26.98 -6.86 -27.79
N PHE N 187 27.47 -5.64 -27.66
CA PHE N 187 26.63 -4.45 -27.73
C PHE N 187 26.57 -3.96 -29.17
N ILE N 188 25.38 -3.92 -29.75
CA ILE N 188 25.18 -3.34 -31.07
C ILE N 188 24.11 -2.26 -30.96
N GLY N 189 24.34 -1.11 -31.59
CA GLY N 189 23.42 0.00 -31.54
C GLY N 189 23.38 0.73 -30.22
N TYR N 190 24.30 0.44 -29.31
CA TYR N 190 24.26 0.88 -27.93
C TYR N 190 25.56 1.59 -27.60
N SER N 191 25.46 2.69 -26.86
CA SER N 191 26.62 3.52 -26.56
C SER N 191 27.18 3.33 -25.17
N LEU N 192 26.56 2.45 -24.35
CA LEU N 192 26.91 2.20 -22.94
C LEU N 192 26.91 3.48 -22.11
N SER N 193 25.79 4.19 -22.15
CA SER N 193 25.64 5.46 -21.43
C SER N 193 24.76 5.38 -20.22
N ASP N 194 23.91 4.35 -20.12
CA ASP N 194 23.04 4.20 -18.96
C ASP N 194 23.87 3.78 -17.75
N ILE N 195 23.63 4.45 -16.61
CA ILE N 195 24.54 4.35 -15.48
C ILE N 195 24.41 3.00 -14.77
N ASN N 196 23.26 2.33 -14.90
CA ASN N 196 23.10 1.03 -14.27
C ASN N 196 23.87 -0.05 -15.00
N ILE N 197 24.00 0.06 -16.32
CA ILE N 197 24.78 -0.91 -17.09
C ILE N 197 26.27 -0.74 -16.82
N ARG N 198 26.72 0.52 -16.72
CA ARG N 198 28.12 0.78 -16.41
C ARG N 198 28.47 0.36 -14.98
N LEU N 199 27.55 0.55 -14.04
CA LEU N 199 27.77 0.08 -12.69
C LEU N 199 27.74 -1.44 -12.62
N LEU N 200 26.91 -2.08 -13.45
CA LEU N 200 26.85 -3.53 -13.51
C LEU N 200 28.15 -4.13 -14.04
N PHE N 201 28.71 -3.54 -15.11
CA PHE N 201 29.95 -4.07 -15.65
C PHE N 201 31.16 -3.68 -14.82
N TYR N 202 31.09 -2.55 -14.10
CA TYR N 202 32.12 -2.21 -13.12
C TYR N 202 32.13 -3.21 -11.98
N LYS N 203 30.95 -3.60 -11.49
CA LYS N 203 30.85 -4.58 -10.41
C LYS N 203 31.25 -5.97 -10.89
N LEU N 204 31.00 -6.28 -12.16
CA LEU N 204 31.46 -7.55 -12.73
C LEU N 204 32.99 -7.60 -12.83
N SER N 205 33.61 -6.48 -13.24
CA SER N 205 35.07 -6.41 -13.29
C SER N 205 35.69 -6.49 -11.90
N LYS N 206 35.07 -5.81 -10.91
CA LYS N 206 35.49 -5.93 -9.52
C LYS N 206 35.33 -7.35 -9.00
N LEU N 207 34.25 -8.02 -9.40
CA LEU N 207 33.99 -9.40 -9.01
C LEU N 207 35.06 -10.36 -9.53
N TRP N 208 35.49 -10.17 -10.77
CA TRP N 208 36.58 -11.01 -11.28
C TRP N 208 37.92 -10.58 -10.69
N LYS N 209 38.02 -9.36 -10.17
CA LYS N 209 39.26 -8.95 -9.49
C LYS N 209 39.38 -9.56 -8.09
N GLU N 210 38.26 -9.73 -7.38
CA GLU N 210 38.36 -10.31 -6.03
C GLU N 210 38.67 -11.79 -6.05
N GLN N 211 38.35 -12.48 -7.14
CA GLN N 211 38.67 -13.90 -7.23
C GLN N 211 40.05 -14.16 -7.79
N LYS N 212 40.82 -13.09 -8.08
CA LYS N 212 42.17 -13.14 -8.67
C LYS N 212 42.20 -13.94 -9.97
N LEU N 213 41.20 -13.70 -10.82
CA LEU N 213 41.05 -14.44 -12.08
C LEU N 213 40.72 -13.50 -13.23
N GLU N 214 41.43 -12.37 -13.33
CA GLU N 214 41.06 -11.32 -14.30
C GLU N 214 41.34 -11.74 -15.73
N GLU N 215 42.31 -12.64 -15.93
CA GLU N 215 42.63 -13.08 -17.30
C GLU N 215 41.64 -14.09 -17.82
N ALA N 216 40.86 -14.71 -16.94
CA ALA N 216 39.88 -15.71 -17.35
C ALA N 216 38.48 -15.15 -17.54
N GLN N 217 38.31 -13.84 -17.39
CA GLN N 217 37.02 -13.20 -17.61
C GLN N 217 36.68 -13.24 -19.10
N PRO N 218 35.44 -13.56 -19.47
CA PRO N 218 35.05 -13.50 -20.89
C PRO N 218 35.05 -12.07 -21.41
N LYS N 219 35.49 -11.94 -22.66
CA LYS N 219 35.61 -10.62 -23.26
C LYS N 219 34.36 -10.12 -23.95
N SER N 220 33.89 -8.98 -23.51
CA SER N 220 32.74 -8.34 -24.12
C SER N 220 33.19 -7.45 -25.28
N TYR N 221 32.26 -7.16 -26.18
CA TYR N 221 32.56 -6.34 -27.35
C TYR N 221 31.44 -5.34 -27.57
N ILE N 222 31.81 -4.15 -28.04
CA ILE N 222 30.85 -3.14 -28.42
C ILE N 222 31.19 -2.67 -29.83
N PHE N 223 30.19 -2.66 -30.71
CA PHE N 223 30.39 -2.19 -32.08
C PHE N 223 29.97 -0.74 -32.17
N LEU N 224 30.95 0.16 -32.20
CA LEU N 224 30.69 1.58 -32.40
C LEU N 224 31.26 1.98 -33.74
N PRO N 225 30.46 2.55 -34.65
CA PRO N 225 31.02 2.99 -35.94
C PRO N 225 31.93 4.19 -35.83
N ARG N 226 31.65 5.11 -34.94
CA ARG N 226 32.53 6.24 -34.75
C ARG N 226 33.47 5.94 -33.63
N PRO N 227 34.76 6.13 -33.86
CA PRO N 227 35.74 5.74 -32.84
C PRO N 227 35.80 6.75 -31.69
N ASN N 228 36.21 6.25 -30.53
CA ASN N 228 36.29 7.05 -29.30
C ASN N 228 37.37 6.40 -28.43
N PRO N 229 38.57 6.99 -28.37
CA PRO N 229 39.65 6.38 -27.58
C PRO N 229 39.43 6.48 -26.08
N ILE N 230 38.69 7.51 -25.65
CA ILE N 230 38.34 7.67 -24.24
C ILE N 230 37.45 6.54 -23.79
N GLN N 231 36.38 6.28 -24.55
CA GLN N 231 35.49 5.16 -24.28
C GLN N 231 36.18 3.82 -24.50
N GLU N 232 37.15 3.76 -25.42
CA GLU N 232 37.91 2.53 -25.65
C GLU N 232 38.74 2.15 -24.43
N GLU N 233 39.43 3.13 -23.82
CA GLU N 233 40.22 2.86 -22.62
C GLU N 233 39.33 2.53 -21.42
N ILE N 234 38.23 3.28 -21.27
CA ILE N 234 37.35 3.09 -20.11
C ILE N 234 36.61 1.76 -20.20
N LEU N 235 36.15 1.37 -21.39
CA LEU N 235 35.49 0.09 -21.54
C LEU N 235 36.49 -1.06 -21.59
N GLU N 236 37.75 -0.77 -21.93
CA GLU N 236 38.78 -1.80 -21.87
C GLU N 236 39.16 -2.13 -20.44
N GLN N 237 38.94 -1.20 -19.51
CA GLN N 237 39.07 -1.53 -18.10
C GLN N 237 38.02 -2.53 -17.61
N TRP N 238 36.86 -2.59 -18.26
CA TRP N 238 35.80 -3.51 -17.86
C TRP N 238 35.69 -4.72 -18.76
N ARG N 239 36.79 -5.04 -19.47
CA ARG N 239 36.91 -6.15 -20.43
C ARG N 239 35.86 -6.06 -21.55
N ILE N 240 35.61 -4.84 -22.02
CA ILE N 240 34.71 -4.61 -23.14
C ILE N 240 35.55 -4.00 -24.26
N GLY N 241 35.91 -4.82 -25.24
CA GLY N 241 36.67 -4.32 -26.37
C GLY N 241 35.81 -3.57 -27.36
N MET N 242 36.45 -2.74 -28.17
CA MET N 242 35.76 -1.91 -29.14
C MET N 242 36.02 -2.41 -30.55
N ILE N 243 34.96 -2.51 -31.35
CA ILE N 243 35.05 -2.85 -32.76
C ILE N 243 34.57 -1.65 -33.55
N SER N 244 35.42 -1.13 -34.41
CA SER N 244 35.11 0.05 -35.19
C SER N 244 35.20 -0.26 -36.68
N SER N 245 34.53 0.58 -37.47
CA SER N 245 34.53 0.48 -38.91
C SER N 245 34.87 1.84 -39.51
N GLU N 246 35.31 1.83 -40.76
CA GLU N 246 35.65 3.06 -41.47
C GLU N 246 34.51 3.61 -42.31
N ASN N 247 33.35 2.94 -42.32
CA ASN N 247 32.21 3.45 -43.06
C ASN N 247 31.54 4.57 -42.27
N ASP N 248 31.18 5.64 -42.96
CA ASP N 248 30.51 6.77 -42.30
C ASP N 248 29.06 6.43 -41.95
N ASN N 249 28.42 5.60 -42.76
CA ASN N 249 27.04 5.22 -42.52
C ASN N 249 26.98 4.17 -41.41
N PRO N 250 26.25 4.40 -40.32
CA PRO N 250 26.21 3.40 -39.24
C PRO N 250 25.36 2.18 -39.58
N GLY N 251 24.33 2.35 -40.40
CA GLY N 251 23.46 1.23 -40.74
C GLY N 251 24.15 0.19 -41.61
N GLU N 252 24.91 0.65 -42.60
CA GLU N 252 25.65 -0.27 -43.47
C GLU N 252 26.83 -0.88 -42.72
N SER N 253 27.41 -0.15 -41.77
CA SER N 253 28.45 -0.70 -40.90
C SER N 253 27.90 -1.82 -40.02
N LEU N 254 26.69 -1.64 -39.49
CA LEU N 254 26.08 -2.68 -38.68
C LEU N 254 25.64 -3.86 -39.54
N GLU N 255 25.25 -3.59 -40.79
CA GLU N 255 24.97 -4.67 -41.75
C GLU N 255 26.21 -5.51 -42.03
N GLU N 256 27.34 -4.85 -42.27
CA GLU N 256 28.58 -5.58 -42.55
C GLU N 256 29.12 -6.27 -41.30
N PHE N 257 28.81 -5.75 -40.12
CA PHE N 257 29.23 -6.42 -38.90
C PHE N 257 28.38 -7.66 -38.61
N LEU N 258 27.06 -7.58 -38.83
CA LEU N 258 26.20 -8.72 -38.54
C LEU N 258 26.15 -9.71 -39.71
N LYS N 259 26.74 -9.36 -40.85
CA LYS N 259 26.89 -10.31 -41.95
C LYS N 259 27.80 -11.48 -41.57
N ASN N 260 28.73 -11.25 -40.65
CA ASN N 260 29.58 -12.33 -40.16
C ASN N 260 28.85 -13.27 -39.21
N PHE N 261 27.69 -12.86 -38.71
CA PHE N 261 26.92 -13.68 -37.77
C PHE N 261 25.72 -14.37 -38.39
N VAL N 262 25.11 -13.80 -39.44
CA VAL N 262 23.93 -14.42 -40.04
C VAL N 262 24.32 -15.70 -40.78
N LEU N 263 25.47 -15.69 -41.47
CA LEU N 263 25.83 -16.76 -42.38
C LEU N 263 26.28 -18.01 -41.62
N VAL N 264 25.73 -19.16 -42.06
CA VAL N 264 25.95 -20.49 -41.51
C VAL N 264 25.66 -20.59 -40.01
N MET O 1 41.19 -1.36 33.13
CA MET O 1 40.06 -0.60 32.63
C MET O 1 40.32 0.91 32.67
N GLU O 2 41.60 1.25 32.85
CA GLU O 2 42.02 2.65 32.84
C GLU O 2 41.86 3.28 31.46
N GLN O 3 42.01 2.48 30.40
CA GLN O 3 41.77 2.99 29.05
C GLN O 3 40.28 3.22 28.80
N LEU O 4 39.43 2.32 29.32
CA LEU O 4 37.99 2.49 29.24
C LEU O 4 37.54 3.72 30.03
N LEU O 5 38.10 3.93 31.21
CA LEU O 5 37.77 5.12 32.01
C LEU O 5 38.29 6.39 31.36
N ALA O 6 39.46 6.34 30.72
CA ALA O 6 40.01 7.52 30.05
C ALA O 6 39.21 7.86 28.80
N ASP O 7 38.64 6.85 28.15
CA ASP O 7 37.69 7.12 27.08
C ASP O 7 36.36 7.62 27.64
N TYR O 8 36.03 7.23 28.87
CA TYR O 8 34.75 7.59 29.46
C TYR O 8 34.73 9.05 29.91
N LYS O 9 35.84 9.56 30.45
CA LYS O 9 35.87 10.97 30.84
C LYS O 9 35.90 11.90 29.63
N LYS O 10 36.39 11.41 28.49
CA LYS O 10 36.35 12.20 27.26
C LYS O 10 34.98 12.16 26.60
N GLY O 11 34.08 11.29 27.04
CA GLY O 11 32.76 11.22 26.45
C GLY O 11 32.67 10.44 25.17
N ASN O 12 33.56 9.47 24.96
CA ASN O 12 33.62 8.70 23.73
C ASN O 12 33.21 7.24 23.94
N VAL O 13 32.35 6.97 24.92
CA VAL O 13 31.88 5.62 25.21
C VAL O 13 30.36 5.61 25.14
N ILE O 14 29.83 4.72 24.29
CA ILE O 14 28.40 4.50 24.15
C ILE O 14 28.01 3.30 24.99
N LEU O 15 26.99 3.46 25.83
CA LEU O 15 26.50 2.37 26.66
C LEU O 15 25.50 1.55 25.86
N PHE O 16 25.71 0.24 25.80
CA PHE O 16 24.78 -0.70 25.21
C PHE O 16 24.24 -1.59 26.32
N VAL O 17 22.92 -1.63 26.47
CA VAL O 17 22.26 -2.29 27.59
C VAL O 17 21.47 -3.48 27.06
N GLY O 18 21.67 -4.64 27.69
CA GLY O 18 21.00 -5.85 27.30
C GLY O 18 19.91 -6.25 28.27
N ALA O 19 19.57 -7.54 28.26
CA ALA O 19 18.41 -8.01 29.01
C ALA O 19 18.77 -8.39 30.43
N GLY O 20 20.05 -8.49 30.75
CA GLY O 20 20.43 -8.87 32.11
C GLY O 20 20.23 -7.75 33.11
N VAL O 21 20.38 -6.51 32.65
CA VAL O 21 20.12 -5.33 33.46
C VAL O 21 18.65 -5.26 33.86
N SER O 22 17.77 -5.55 32.91
CA SER O 22 16.34 -5.59 33.18
C SER O 22 15.98 -6.85 33.99
N MET O 23 16.73 -7.93 33.82
CA MET O 23 16.44 -9.16 34.55
C MET O 23 16.90 -9.08 36.01
N ASN O 24 17.75 -8.09 36.33
CA ASN O 24 18.06 -7.82 37.73
C ASN O 24 16.85 -7.31 38.52
N LEU O 25 15.88 -6.69 37.84
CA LEU O 25 14.74 -6.06 38.53
C LEU O 25 13.70 -7.05 39.01
N GLY O 26 13.68 -8.26 38.48
CA GLY O 26 12.58 -9.17 38.73
C GLY O 26 11.59 -9.28 37.59
N LEU O 27 11.95 -8.81 36.40
CA LEU O 27 11.13 -8.95 35.21
C LEU O 27 11.13 -10.41 34.75
N PRO O 28 10.12 -10.83 33.98
CA PRO O 28 10.15 -12.17 33.39
C PRO O 28 11.33 -12.37 32.46
N SER O 29 11.90 -13.57 32.50
CA SER O 29 13.05 -13.88 31.68
C SER O 29 12.62 -14.24 30.26
N TRP O 30 13.59 -14.57 29.42
CA TRP O 30 13.28 -15.01 28.07
C TRP O 30 12.64 -16.40 28.08
N SER O 31 13.03 -17.23 29.04
CA SER O 31 12.44 -18.56 29.17
C SER O 31 10.97 -18.47 29.56
N GLN O 32 10.61 -17.51 30.42
CA GLN O 32 9.22 -17.33 30.80
C GLN O 32 8.39 -16.77 29.65
N LEU O 33 9.00 -15.96 28.78
CA LEU O 33 8.32 -15.49 27.57
C LEU O 33 8.08 -16.63 26.60
N VAL O 34 9.05 -17.52 26.44
CA VAL O 34 8.88 -18.69 25.58
C VAL O 34 7.84 -19.65 26.17
N ASP O 35 7.79 -19.75 27.50
CA ASP O 35 6.74 -20.52 28.18
C ASP O 35 5.36 -19.92 27.95
N HIS O 36 5.24 -18.59 27.99
CA HIS O 36 3.95 -17.94 27.77
C HIS O 36 3.49 -18.11 26.33
N ILE O 37 4.43 -18.04 25.37
CA ILE O 37 4.13 -18.31 23.96
C ILE O 37 3.67 -19.75 23.78
N ALA O 38 4.31 -20.68 24.49
CA ALA O 38 3.99 -22.10 24.37
C ALA O 38 2.61 -22.42 24.92
N THR O 39 2.29 -21.95 26.12
CA THR O 39 0.95 -22.20 26.65
C THR O 39 -0.12 -21.35 25.98
N GLU O 40 0.25 -20.27 25.29
CA GLU O 40 -0.74 -19.53 24.51
C GLU O 40 -1.07 -20.25 23.21
N LEU O 41 -0.11 -20.97 22.63
CA LEU O 41 -0.37 -21.75 21.43
C LEU O 41 -0.84 -23.16 21.71
N GLY O 42 -1.08 -23.53 22.98
CA GLY O 42 -1.57 -24.83 23.32
C GLY O 42 -0.50 -25.86 23.59
N TYR O 43 0.76 -25.48 23.49
CA TYR O 43 1.85 -26.39 23.81
C TYR O 43 2.15 -26.37 25.31
N ASP O 44 2.75 -27.43 25.80
CA ASP O 44 3.53 -27.29 27.01
C ASP O 44 4.91 -26.76 26.62
N PRO O 45 5.63 -26.06 27.56
CA PRO O 45 6.90 -25.39 27.23
C PRO O 45 8.02 -26.21 26.60
N ASP O 46 8.31 -27.41 27.11
CA ASP O 46 9.56 -28.09 26.73
C ASP O 46 9.48 -28.71 25.34
N ILE O 47 8.32 -29.26 24.98
CA ILE O 47 8.12 -29.80 23.63
C ILE O 47 8.15 -28.66 22.61
N TYR O 48 7.65 -27.49 22.99
CA TYR O 48 7.78 -26.31 22.15
C TYR O 48 9.22 -25.83 22.05
N ARG O 49 10.02 -26.06 23.09
CA ARG O 49 11.44 -25.71 23.03
C ARG O 49 12.19 -26.63 22.07
N THR O 50 11.79 -27.90 21.99
CA THR O 50 12.44 -28.78 21.02
C THR O 50 11.82 -28.70 19.63
N PHE O 51 11.63 -27.49 19.11
CA PHE O 51 11.12 -27.26 17.76
C PHE O 51 11.84 -26.15 17.00
N GLY O 52 12.50 -25.22 17.68
CA GLY O 52 13.13 -24.07 17.05
C GLY O 52 13.92 -23.34 18.12
N SER O 53 14.64 -22.30 17.70
CA SER O 53 15.56 -21.71 18.67
C SER O 53 14.90 -20.70 19.59
N ALA O 54 14.67 -19.48 19.11
CA ALA O 54 13.78 -18.54 19.78
C ALA O 54 13.09 -17.67 18.73
N LEU O 55 13.80 -17.47 17.62
CA LEU O 55 13.29 -16.62 16.55
C LEU O 55 12.19 -17.34 15.81
N GLU O 56 12.36 -18.64 15.61
CA GLU O 56 11.32 -19.46 14.99
C GLU O 56 10.12 -19.61 15.90
N LEU O 57 10.32 -19.61 17.21
CA LEU O 57 9.20 -19.72 18.16
C LEU O 57 8.37 -18.45 18.19
N ALA O 58 9.04 -17.29 18.22
CA ALA O 58 8.32 -16.02 18.15
C ALA O 58 7.69 -15.79 16.79
N GLU O 59 8.34 -16.29 15.72
CA GLU O 59 7.77 -16.22 14.38
C GLU O 59 6.53 -17.10 14.26
N TYR O 60 6.54 -18.26 14.91
CA TYR O 60 5.37 -19.13 14.90
C TYR O 60 4.22 -18.53 15.68
N TYR O 61 4.52 -17.83 16.79
CA TYR O 61 3.47 -17.12 17.51
C TYR O 61 2.87 -16.00 16.67
N LYS O 62 3.72 -15.27 15.93
CA LYS O 62 3.23 -14.20 15.06
C LYS O 62 2.40 -14.75 13.91
N LEU O 63 2.79 -15.90 13.37
CA LEU O 63 2.07 -16.46 12.22
C LEU O 63 0.76 -17.10 12.64
N LYS O 64 0.71 -17.74 13.80
CA LYS O 64 -0.54 -18.33 14.27
C LYS O 64 -1.50 -17.25 14.79
N LYS O 65 -0.98 -16.28 15.53
CA LYS O 65 -1.84 -15.26 16.14
C LYS O 65 -2.08 -14.06 15.24
N GLY O 66 -1.49 -14.03 14.05
CA GLY O 66 -1.70 -12.92 13.14
C GLY O 66 -0.68 -11.81 13.29
N LYS O 67 -0.66 -11.16 14.46
CA LYS O 67 0.27 -10.08 14.76
C LYS O 67 1.03 -10.41 16.03
N ILE O 68 1.79 -9.42 16.50
CA ILE O 68 2.63 -9.56 17.69
C ILE O 68 1.89 -8.88 18.84
N GLY O 69 0.71 -8.33 18.53
CA GLY O 69 -0.09 -7.54 19.44
C GLY O 69 -0.54 -8.15 20.76
N PRO O 70 -1.08 -9.38 20.77
CA PRO O 70 -1.32 -10.05 22.06
C PRO O 70 -0.07 -10.28 22.88
N LEU O 71 1.04 -10.65 22.22
CA LEU O 71 2.31 -10.81 22.91
C LEU O 71 2.84 -9.47 23.40
N ARG O 72 2.71 -8.41 22.58
CA ARG O 72 3.16 -7.08 22.97
C ARG O 72 2.38 -6.56 24.17
N SER O 73 1.07 -6.84 24.20
CA SER O 73 0.24 -6.46 25.34
C SER O 73 0.64 -7.22 26.60
N TRP O 74 0.97 -8.50 26.47
CA TRP O 74 1.39 -9.29 27.62
C TRP O 74 2.75 -8.84 28.18
N MET O 75 3.73 -8.58 27.30
CA MET O 75 5.02 -8.09 27.80
C MET O 75 4.93 -6.64 28.28
N ASP O 76 3.99 -5.86 27.75
CA ASP O 76 3.78 -4.51 28.25
C ASP O 76 3.23 -4.53 29.67
N ARG O 77 2.29 -5.43 29.95
CA ARG O 77 1.72 -5.50 31.30
C ARG O 77 2.67 -6.21 32.26
N MET O 78 3.45 -7.17 31.79
CA MET O 78 4.31 -7.93 32.69
C MET O 78 5.62 -7.21 32.99
N TRP O 79 6.19 -6.52 32.00
CA TRP O 79 7.45 -5.82 32.19
C TRP O 79 7.30 -4.51 32.95
N HIS O 80 6.07 -4.05 33.17
CA HIS O 80 5.82 -2.77 33.81
C HIS O 80 4.77 -2.88 34.90
N SER O 81 4.77 -3.98 35.65
CA SER O 81 3.82 -4.11 36.73
C SER O 81 4.25 -3.27 37.93
N SER O 82 3.32 -3.10 38.87
CA SER O 82 3.56 -2.19 39.98
C SER O 82 4.47 -2.78 41.05
N ASP O 83 4.73 -4.08 41.00
CA ASP O 83 5.61 -4.70 41.99
C ASP O 83 7.07 -4.32 41.74
N ILE O 84 7.43 -4.04 40.49
CA ILE O 84 8.79 -3.67 40.16
C ILE O 84 9.01 -2.20 40.51
N ASP O 85 9.98 -1.94 41.37
CA ASP O 85 10.35 -0.59 41.78
C ASP O 85 11.76 -0.30 41.32
N ILE O 86 11.96 0.83 40.65
CA ILE O 86 13.28 1.17 40.13
C ILE O 86 14.18 1.76 41.22
N ASN O 87 13.62 2.11 42.38
CA ASN O 87 14.42 2.71 43.44
C ASN O 87 15.31 1.68 44.13
N LYS O 88 14.79 0.48 44.39
CA LYS O 88 15.67 -0.61 44.80
C LYS O 88 16.25 -1.34 43.59
N SER O 89 17.13 -0.65 42.86
CA SER O 89 17.91 -1.23 41.77
C SER O 89 19.17 -0.38 41.67
N LYS O 90 20.29 -0.93 42.17
CA LYS O 90 21.53 -0.18 42.18
C LYS O 90 22.13 -0.05 40.79
N VAL O 91 21.85 -1.03 39.92
CA VAL O 91 22.38 -1.02 38.55
C VAL O 91 21.79 0.13 37.75
N HIS O 92 20.48 0.33 37.87
CA HIS O 92 19.81 1.41 37.13
C HIS O 92 20.16 2.77 37.72
N GLU O 93 20.41 2.83 39.03
CA GLU O 93 20.89 4.06 39.66
C GLU O 93 22.29 4.41 39.16
N TYR O 94 23.16 3.42 39.02
CA TYR O 94 24.51 3.67 38.54
C TYR O 94 24.53 4.00 37.05
N ILE O 95 23.56 3.47 36.30
CA ILE O 95 23.41 3.85 34.90
C ILE O 95 22.92 5.29 34.77
N ALA O 96 21.96 5.67 35.61
CA ALA O 96 21.38 7.01 35.55
C ALA O 96 22.36 8.08 36.01
N LYS O 97 23.11 7.81 37.08
CA LYS O 97 24.02 8.83 37.60
C LYS O 97 25.36 8.89 36.86
N ALA O 98 25.64 7.94 35.98
CA ALA O 98 26.85 8.03 35.17
C ALA O 98 26.66 9.03 34.03
N ASN O 99 27.77 9.49 33.48
CA ASN O 99 27.75 10.47 32.40
C ASN O 99 27.94 9.74 31.07
N PHE O 100 26.89 9.03 30.66
CA PHE O 100 26.87 8.40 29.34
C PHE O 100 26.02 9.25 28.42
N PRO O 101 26.59 9.85 27.37
CA PRO O 101 25.79 10.72 26.50
C PRO O 101 24.84 9.97 25.60
N ILE O 102 25.26 8.82 25.08
CA ILE O 102 24.45 8.00 24.18
C ILE O 102 24.26 6.64 24.82
N ILE O 103 23.01 6.19 24.94
CA ILE O 103 22.68 4.89 25.50
C ILE O 103 21.84 4.13 24.48
N TYR O 104 22.34 2.99 24.02
CA TYR O 104 21.57 2.09 23.19
C TYR O 104 21.07 0.94 24.05
N THR O 105 19.93 0.37 23.66
CA THR O 105 19.41 -0.78 24.38
C THR O 105 18.57 -1.63 23.43
N THR O 106 18.60 -2.93 23.64
CA THR O 106 17.73 -3.86 22.93
C THR O 106 16.54 -4.28 23.78
N ASN O 107 16.35 -3.67 24.94
CA ASN O 107 15.15 -3.87 25.73
C ASN O 107 14.01 -3.07 25.14
N TYR O 108 12.79 -3.59 25.29
CA TYR O 108 11.61 -2.84 24.93
C TYR O 108 11.01 -2.09 26.10
N ASP O 109 11.35 -2.47 27.33
CA ASP O 109 10.81 -1.84 28.51
C ASP O 109 11.46 -0.48 28.76
N ARG O 110 10.74 0.38 29.48
CA ARG O 110 11.13 1.77 29.69
C ARG O 110 11.83 1.99 31.02
N TRP O 111 12.53 0.99 31.54
CA TRP O 111 13.11 1.14 32.87
C TRP O 111 14.38 1.98 32.88
N ILE O 112 15.05 2.10 31.73
CA ILE O 112 16.19 3.01 31.63
C ILE O 112 15.72 4.45 31.66
N GLU O 113 14.66 4.76 30.92
CA GLU O 113 14.08 6.10 30.93
C GLU O 113 13.46 6.44 32.27
N THR O 114 12.83 5.45 32.91
CA THR O 114 12.29 5.63 34.26
C THR O 114 13.41 5.86 35.27
N ALA O 115 14.54 5.18 35.08
CA ALA O 115 15.69 5.36 35.98
C ALA O 115 16.32 6.73 35.82
N LEU O 116 16.46 7.21 34.58
CA LEU O 116 17.02 8.54 34.39
C LEU O 116 16.03 9.64 34.77
N SER O 117 14.73 9.40 34.63
CA SER O 117 13.77 10.41 35.05
C SER O 117 13.56 10.40 36.56
N ASN O 118 13.92 9.32 37.23
CA ASN O 118 13.84 9.28 38.69
C ASN O 118 14.94 10.15 39.29
N TYR O 119 16.17 10.01 38.79
CA TYR O 119 17.33 10.66 39.39
C TYR O 119 17.66 11.99 38.74
N GLY O 120 16.69 12.64 38.11
CA GLY O 120 16.86 14.00 37.64
C GLY O 120 17.70 14.16 36.39
N LYS O 121 17.88 13.11 35.60
CA LYS O 121 18.65 13.20 34.37
C LYS O 121 17.71 13.45 33.19
N GLU O 122 17.92 14.54 32.49
CA GLU O 122 17.15 14.83 31.29
C GLU O 122 17.65 13.98 30.13
N TYR O 123 16.72 13.51 29.31
CA TYR O 123 17.07 12.58 28.25
C TYR O 123 16.21 12.84 27.03
N ILE O 124 16.65 12.27 25.90
CA ILE O 124 15.86 12.23 24.67
C ILE O 124 15.69 10.76 24.30
N LYS O 125 14.45 10.31 24.20
CA LYS O 125 14.13 8.96 23.78
C LYS O 125 14.05 8.90 22.27
N ILE O 126 14.76 7.96 21.66
CA ILE O 126 14.77 7.79 20.21
C ILE O 126 14.26 6.40 19.87
N SER O 127 13.14 6.34 19.16
CA SER O 127 12.65 5.11 18.58
C SER O 127 12.14 5.30 17.16
N SER O 128 12.14 6.52 16.66
CA SER O 128 11.79 6.82 15.27
C SER O 128 12.81 7.81 14.74
N VAL O 129 12.60 8.24 13.50
CA VAL O 129 13.55 9.17 12.87
C VAL O 129 13.19 10.62 13.18
N SER O 130 11.93 10.87 13.55
CA SER O 130 11.55 12.19 14.06
C SER O 130 12.16 12.44 15.44
N ASP O 131 12.38 11.36 16.20
CA ASP O 131 13.08 11.51 17.47
C ASP O 131 14.57 11.72 17.26
N ILE O 132 15.11 11.26 16.12
CA ILE O 132 16.46 11.64 15.74
C ILE O 132 16.52 13.13 15.42
N ALA O 133 15.44 13.66 14.83
CA ALA O 133 15.35 15.11 14.65
C ALA O 133 15.21 15.86 15.97
N LYS O 134 14.70 15.22 17.01
CA LYS O 134 14.57 15.87 18.32
C LYS O 134 15.82 15.75 19.20
N ILE O 135 17.02 15.54 18.65
CA ILE O 135 18.19 15.27 19.47
C ILE O 135 18.80 16.57 19.97
N ASP O 136 19.03 16.66 21.27
CA ASP O 136 19.78 17.74 21.90
C ASP O 136 21.16 17.21 22.29
N ASN O 137 22.19 18.07 22.12
CA ASN O 137 23.55 17.68 22.41
C ASN O 137 23.89 17.71 23.89
N ASN O 138 23.05 18.32 24.72
CA ASN O 138 23.28 18.40 26.16
C ASN O 138 22.35 17.49 26.94
N LYS O 139 21.74 16.52 26.27
CA LYS O 139 20.82 15.59 26.90
C LYS O 139 21.23 14.17 26.50
N THR O 140 20.86 13.20 27.33
CA THR O 140 21.22 11.82 27.08
C THR O 140 20.36 11.25 25.96
N GLN O 141 21.00 10.63 24.97
CA GLN O 141 20.29 9.95 23.91
C GLN O 141 20.02 8.51 24.34
N ILE O 142 18.76 8.17 24.50
CA ILE O 142 18.33 6.81 24.77
C ILE O 142 17.69 6.29 23.51
N ILE O 143 18.33 5.31 22.87
CA ILE O 143 17.84 4.75 21.62
C ILE O 143 17.27 3.37 21.87
N LYS O 144 15.99 3.21 21.61
CA LYS O 144 15.31 1.92 21.71
C LYS O 144 15.57 1.19 20.39
N PHE O 145 16.69 0.45 20.36
CA PHE O 145 17.22 -0.05 19.10
C PHE O 145 16.40 -1.19 18.54
N HIS O 146 15.81 -2.01 19.40
CA HIS O 146 15.02 -3.15 18.96
C HIS O 146 13.52 -2.91 19.10
N GLY O 147 13.11 -1.67 19.29
CA GLY O 147 11.72 -1.31 19.32
C GLY O 147 11.26 -0.88 20.71
N ASP O 148 9.97 -0.59 20.77
CA ASP O 148 9.30 -0.16 21.99
C ASP O 148 7.92 -0.81 21.99
N PHE O 149 7.25 -0.78 23.14
CA PHE O 149 5.90 -1.30 23.23
C PHE O 149 4.85 -0.36 22.67
N ASP O 150 5.22 0.86 22.27
CA ASP O 150 4.26 1.75 21.63
C ASP O 150 3.98 1.33 20.19
N ASP O 151 4.99 0.84 19.48
CA ASP O 151 4.85 0.50 18.07
C ASP O 151 5.10 -0.99 17.91
N ASP O 152 4.11 -1.72 17.40
CA ASP O 152 4.26 -3.15 17.19
C ASP O 152 5.11 -3.46 15.96
N SER O 153 5.17 -2.53 15.01
CA SER O 153 5.93 -2.75 13.79
C SER O 153 7.42 -2.52 13.98
N SER O 154 7.85 -2.02 15.14
CA SER O 154 9.25 -1.76 15.41
C SER O 154 9.90 -2.81 16.29
N ILE O 155 9.13 -3.73 16.87
CA ILE O 155 9.69 -4.70 17.80
C ILE O 155 10.45 -5.77 17.02
N VAL O 156 11.73 -5.92 17.34
CA VAL O 156 12.60 -6.88 16.67
C VAL O 156 12.66 -8.09 17.61
N LEU O 157 11.79 -9.05 17.36
CA LEU O 157 11.67 -10.24 18.20
C LEU O 157 11.75 -11.53 17.44
N ASP O 158 11.16 -11.60 16.25
CA ASP O 158 11.10 -12.82 15.46
C ASP O 158 12.08 -12.73 14.29
N GLU O 159 12.05 -13.77 13.44
CA GLU O 159 13.08 -13.95 12.42
C GLU O 159 12.96 -12.93 11.29
N THR O 160 11.73 -12.57 10.92
CA THR O 160 11.50 -11.64 9.82
C THR O 160 11.96 -10.23 10.18
N SER O 161 11.72 -9.82 11.43
CA SER O 161 12.18 -8.51 11.90
C SER O 161 13.71 -8.47 11.99
N TYR O 162 14.32 -9.60 12.34
CA TYR O 162 15.78 -9.66 12.34
C TYR O 162 16.35 -9.63 10.93
N PHE O 163 15.62 -10.16 9.94
CA PHE O 163 16.06 -10.05 8.55
C PHE O 163 15.98 -8.61 8.05
N GLN O 164 14.89 -7.91 8.41
CA GLN O 164 14.75 -6.50 8.06
C GLN O 164 15.81 -5.63 8.74
N ARG O 165 16.21 -6.01 9.96
CA ARG O 165 17.32 -5.31 10.59
C ARG O 165 18.67 -5.74 10.02
N LEU O 166 18.75 -6.93 9.44
CA LEU O 166 19.99 -7.39 8.80
C LEU O 166 20.27 -6.61 7.53
N GLU O 167 19.23 -6.08 6.88
CA GLU O 167 19.48 -5.28 5.68
C GLU O 167 20.10 -3.91 5.99
N PHE O 168 20.02 -3.45 7.25
CA PHE O 168 20.61 -2.18 7.76
C PHE O 168 20.08 -0.93 7.04
N GLU O 169 18.81 -0.94 6.61
CA GLU O 169 18.23 0.23 6.00
C GLU O 169 17.29 1.00 6.93
N THR O 170 17.19 0.57 8.19
CA THR O 170 16.43 1.30 9.20
C THR O 170 17.15 2.60 9.54
N PRO O 171 16.42 3.67 9.90
CA PRO O 171 17.09 4.88 10.44
C PRO O 171 17.95 4.64 11.66
N LEU O 172 17.50 3.74 12.55
CA LEU O 172 18.27 3.44 13.76
C LEU O 172 19.51 2.65 13.43
N ASP O 173 19.44 1.80 12.39
CA ASP O 173 20.62 1.08 11.91
C ASP O 173 21.67 2.02 11.35
N ILE O 174 21.24 3.03 10.59
CA ILE O 174 22.14 4.03 10.01
C ILE O 174 22.76 4.88 11.11
N LYS O 175 21.95 5.27 12.10
CA LYS O 175 22.45 6.06 13.23
C LYS O 175 23.45 5.27 14.07
N PHE O 176 23.21 3.98 14.28
CA PHE O 176 24.15 3.15 15.03
C PHE O 176 25.43 2.90 14.25
N ARG O 177 25.31 2.66 12.93
CA ARG O 177 26.48 2.40 12.09
C ARG O 177 27.37 3.62 11.97
N SER O 178 26.81 4.82 12.10
CA SER O 178 27.69 5.99 12.15
C SER O 178 28.08 6.37 13.57
N ASP O 179 27.36 5.91 14.59
CA ASP O 179 27.78 6.20 15.96
C ASP O 179 28.95 5.32 16.36
N VAL O 180 29.05 4.12 15.81
CA VAL O 180 30.17 3.26 16.16
C VAL O 180 31.46 3.67 15.47
N LEU O 181 31.40 4.54 14.47
CA LEU O 181 32.59 5.10 13.85
C LEU O 181 33.23 6.07 14.82
N GLY O 182 34.32 5.67 15.45
CA GLY O 182 35.03 6.57 16.32
C GLY O 182 34.50 6.71 17.72
N LYS O 183 33.63 5.82 18.15
CA LYS O 183 33.22 5.77 19.55
C LYS O 183 33.30 4.33 20.04
N SER O 184 33.58 4.18 21.33
CA SER O 184 33.61 2.88 21.96
C SER O 184 32.21 2.49 22.41
N VAL O 185 31.92 1.20 22.34
CA VAL O 185 30.65 0.65 22.81
C VAL O 185 30.93 -0.22 24.01
N LEU O 186 30.20 0.02 25.10
CA LEU O 186 30.32 -0.77 26.31
C LEU O 186 29.03 -1.58 26.50
N PHE O 187 29.13 -2.89 26.35
CA PHE O 187 27.99 -3.78 26.46
C PHE O 187 27.85 -4.24 27.91
N ILE O 188 26.72 -3.93 28.54
CA ILE O 188 26.40 -4.43 29.87
C ILE O 188 25.06 -5.14 29.81
N GLY O 189 24.97 -6.30 30.46
CA GLY O 189 23.76 -7.09 30.44
C GLY O 189 23.47 -7.79 29.14
N TYR O 190 24.41 -7.78 28.19
CA TYR O 190 24.19 -8.20 26.83
C TYR O 190 25.19 -9.28 26.47
N SER O 191 24.77 -10.22 25.64
CA SER O 191 25.59 -11.37 25.31
C SER O 191 26.13 -11.36 23.88
N LEU O 192 25.76 -10.35 23.08
CA LEU O 192 26.12 -10.20 21.67
C LEU O 192 25.71 -11.42 20.84
N SER O 193 24.44 -11.78 20.96
CA SER O 193 23.88 -12.94 20.28
C SER O 193 23.01 -12.59 19.09
N ASP O 194 22.48 -11.36 19.03
CA ASP O 194 21.68 -10.95 17.89
C ASP O 194 22.54 -10.78 16.65
N ILE O 195 22.10 -11.37 15.54
CA ILE O 195 22.97 -11.49 14.37
C ILE O 195 23.13 -10.17 13.64
N ASN O 196 22.23 -9.21 13.86
CA ASN O 196 22.39 -7.91 13.22
C ASN O 196 23.47 -7.08 13.91
N ILE O 197 23.62 -7.23 15.23
CA ILE O 197 24.69 -6.54 15.94
C ILE O 197 26.05 -7.15 15.60
N ARG O 198 26.10 -8.48 15.48
CA ARG O 198 27.33 -9.16 15.10
C ARG O 198 27.73 -8.83 13.67
N LEU O 199 26.76 -8.75 12.76
CA LEU O 199 27.07 -8.33 11.39
C LEU O 199 27.48 -6.86 11.32
N LEU O 200 26.91 -6.03 12.20
CA LEU O 200 27.27 -4.62 12.28
C LEU O 200 28.73 -4.45 12.73
N PHE O 201 29.13 -5.19 13.76
CA PHE O 201 30.51 -5.05 14.23
C PHE O 201 31.50 -5.79 13.33
N TYR O 202 31.07 -6.83 12.63
CA TYR O 202 31.90 -7.44 11.59
C TYR O 202 32.15 -6.48 10.44
N LYS O 203 31.11 -5.75 10.01
CA LYS O 203 31.26 -4.77 8.95
C LYS O 203 32.08 -3.56 9.41
N LEU O 204 31.99 -3.21 10.69
CA LEU O 204 32.83 -2.14 11.23
C LEU O 204 34.31 -2.54 11.24
N SER O 205 34.61 -3.78 11.65
CA SER O 205 35.98 -4.27 11.62
C SER O 205 36.52 -4.39 10.21
N LYS O 206 35.68 -4.85 9.28
CA LYS O 206 36.04 -4.91 7.86
C LYS O 206 36.28 -3.52 7.30
N LEU O 207 35.47 -2.55 7.69
CA LEU O 207 35.60 -1.17 7.26
C LEU O 207 36.90 -0.54 7.74
N TRP O 208 37.30 -0.83 8.97
CA TRP O 208 38.59 -0.34 9.43
C TRP O 208 39.74 -1.10 8.80
N LYS O 209 39.50 -2.33 8.31
CA LYS O 209 40.55 -3.05 7.60
C LYS O 209 40.74 -2.54 6.17
N GLU O 210 39.68 -2.01 5.54
CA GLU O 210 39.85 -1.45 4.19
C GLU O 210 40.64 -0.15 4.20
N GLN O 211 40.56 0.61 5.29
CA GLN O 211 41.31 1.86 5.37
C GLN O 211 42.73 1.67 5.86
N LYS O 212 43.14 0.42 6.13
CA LYS O 212 44.45 0.04 6.67
C LYS O 212 44.79 0.80 7.95
N LEU O 213 43.80 0.92 8.83
CA LEU O 213 43.94 1.69 10.07
C LEU O 213 43.40 0.92 11.27
N GLU O 214 43.50 -0.41 11.26
CA GLU O 214 42.88 -1.23 12.29
C GLU O 214 43.58 -1.13 13.65
N GLU O 215 44.80 -0.58 13.68
CA GLU O 215 45.44 -0.26 14.94
C GLU O 215 44.74 0.88 15.66
N ALA O 216 44.14 1.80 14.91
CA ALA O 216 43.54 3.00 15.47
C ALA O 216 42.04 2.90 15.68
N GLN O 217 41.46 1.70 15.52
CA GLN O 217 40.05 1.50 15.80
C GLN O 217 39.79 1.62 17.30
N PRO O 218 38.74 2.32 17.72
CA PRO O 218 38.41 2.37 19.15
C PRO O 218 37.99 1.02 19.69
N LYS O 219 38.37 0.75 20.93
CA LYS O 219 38.18 -0.55 21.54
C LYS O 219 36.82 -0.61 22.23
N SER O 220 36.03 -1.60 21.86
CA SER O 220 34.76 -1.86 22.52
C SER O 220 34.99 -2.84 23.67
N TYR O 221 34.05 -2.86 24.61
CA TYR O 221 34.17 -3.74 25.76
C TYR O 221 32.81 -4.37 26.06
N ILE O 222 32.85 -5.62 26.49
CA ILE O 222 31.65 -6.32 26.93
C ILE O 222 31.92 -6.88 28.32
N PHE O 223 31.01 -6.61 29.26
CA PHE O 223 31.13 -7.11 30.62
C PHE O 223 30.30 -8.37 30.74
N LEU O 224 30.98 -9.52 30.75
CA LEU O 224 30.32 -10.80 30.98
C LEU O 224 30.80 -11.35 32.31
N PRO O 225 29.91 -11.68 33.24
CA PRO O 225 30.37 -12.26 34.52
C PRO O 225 30.90 -13.67 34.38
N ARG O 226 30.32 -14.47 33.51
CA ARG O 226 30.82 -15.80 33.30
C ARG O 226 31.74 -15.78 32.12
N PRO O 227 32.93 -16.34 32.28
CA PRO O 227 33.91 -16.24 31.19
C PRO O 227 33.61 -17.20 30.05
N ASN O 228 34.12 -16.86 28.88
CA ASN O 228 33.91 -17.63 27.66
C ASN O 228 35.09 -17.32 26.75
N PRO O 229 36.06 -18.24 26.63
CA PRO O 229 37.24 -17.96 25.80
C PRO O 229 36.94 -17.97 24.31
N ILE O 230 35.93 -18.74 23.92
CA ILE O 230 35.47 -18.77 22.54
C ILE O 230 34.91 -17.42 22.12
N GLN O 231 34.02 -16.87 22.95
CA GLN O 231 33.48 -15.54 22.73
C GLN O 231 34.55 -14.48 22.87
N GLU O 232 35.55 -14.71 23.74
CA GLU O 232 36.64 -13.76 23.92
C GLU O 232 37.49 -13.63 22.66
N GLU O 233 37.83 -14.76 22.03
CA GLU O 233 38.60 -14.73 20.78
C GLU O 233 37.78 -14.15 19.63
N ILE O 234 36.51 -14.55 19.53
CA ILE O 234 35.67 -14.11 18.42
C ILE O 234 35.35 -12.63 18.51
N LEU O 235 35.09 -12.12 19.72
CA LEU O 235 34.83 -10.71 19.88
C LEU O 235 36.13 -9.90 19.87
N GLU O 236 37.27 -10.54 20.18
CA GLU O 236 38.54 -9.85 20.07
C GLU O 236 38.95 -9.64 18.62
N GLN O 237 38.42 -10.46 17.71
CA GLN O 237 38.59 -10.17 16.29
C GLN O 237 37.85 -8.92 15.84
N TRP O 238 36.79 -8.52 16.53
CA TRP O 238 36.02 -7.34 16.16
C TRP O 238 36.32 -6.15 17.06
N ARG O 239 37.50 -6.16 17.70
CA ARG O 239 37.97 -5.14 18.66
C ARG O 239 37.00 -4.93 19.82
N ILE O 240 36.43 -6.02 20.31
CA ILE O 240 35.56 -6.01 21.48
C ILE O 240 36.23 -6.83 22.55
N GLY O 241 36.86 -6.18 23.52
CA GLY O 241 37.48 -6.89 24.62
C GLY O 241 36.47 -7.33 25.65
N MET O 242 36.85 -8.30 26.46
CA MET O 242 35.97 -8.86 27.49
C MET O 242 36.47 -8.47 28.87
N ILE O 243 35.54 -8.05 29.72
CA ILE O 243 35.82 -7.79 31.12
C ILE O 243 35.03 -8.81 31.93
N SER O 244 35.75 -9.59 32.74
CA SER O 244 35.14 -10.65 33.52
C SER O 244 35.38 -10.41 35.00
N SER O 245 34.50 -10.95 35.83
CA SER O 245 34.60 -10.88 37.28
C SER O 245 34.54 -12.27 37.88
N GLU O 246 35.06 -12.40 39.10
CA GLU O 246 35.05 -13.68 39.79
C GLU O 246 33.84 -13.88 40.68
N ASN O 247 32.95 -12.89 40.77
CA ASN O 247 31.73 -13.05 41.53
C ASN O 247 30.71 -13.88 40.76
N ASP O 248 30.08 -14.83 41.45
CA ASP O 248 29.11 -15.71 40.82
C ASP O 248 27.76 -15.03 40.59
N ASN O 249 27.47 -13.94 41.31
CA ASN O 249 26.21 -13.24 41.16
C ASN O 249 26.36 -12.18 40.08
N PRO O 250 25.56 -12.23 38.99
CA PRO O 250 25.74 -11.24 37.92
C PRO O 250 25.31 -9.83 38.27
N GLY O 251 24.30 -9.70 39.14
CA GLY O 251 23.82 -8.37 39.51
C GLY O 251 24.80 -7.61 40.37
N GLU O 252 25.40 -8.29 41.34
CA GLU O 252 26.43 -7.65 42.17
C GLU O 252 27.69 -7.39 41.38
N SER O 253 28.02 -8.26 40.42
CA SER O 253 29.17 -8.04 39.55
C SER O 253 28.97 -6.81 38.67
N LEU O 254 27.74 -6.63 38.15
CA LEU O 254 27.44 -5.44 37.38
C LEU O 254 27.41 -4.19 38.25
N GLU O 255 27.04 -4.34 39.52
CA GLU O 255 27.10 -3.23 40.47
C GLU O 255 28.54 -2.77 40.71
N GLU O 256 29.46 -3.71 40.97
CA GLU O 256 30.87 -3.32 41.16
C GLU O 256 31.52 -2.88 39.85
N PHE O 257 30.99 -3.30 38.71
CA PHE O 257 31.51 -2.79 37.45
C PHE O 257 31.07 -1.35 37.21
N LEU O 258 29.81 -1.03 37.51
CA LEU O 258 29.30 0.32 37.28
C LEU O 258 29.65 1.28 38.40
N LYS O 259 30.19 0.77 39.52
CA LYS O 259 30.74 1.62 40.56
C LYS O 259 31.90 2.48 40.06
N ASN O 260 32.65 1.99 39.08
CA ASN O 260 33.76 2.76 38.52
C ASN O 260 33.26 3.92 37.66
N PHE O 261 32.01 3.88 37.22
CA PHE O 261 31.47 4.91 36.33
C PHE O 261 30.54 5.89 37.03
N VAL O 262 29.90 5.50 38.14
CA VAL O 262 28.94 6.42 38.78
C VAL O 262 29.67 7.57 39.48
N LEU O 263 30.83 7.29 40.07
CA LEU O 263 31.50 8.27 40.93
C LEU O 263 32.14 9.38 40.11
N VAL O 264 32.07 10.60 40.67
CA VAL O 264 32.64 11.86 40.14
C VAL O 264 32.16 12.17 38.71
N MET P 1 3.35 -32.86 -4.17
CA MET P 1 3.96 -34.11 -4.60
C MET P 1 3.67 -34.33 -6.09
N GLU P 2 2.39 -34.20 -6.47
CA GLU P 2 1.99 -34.44 -7.84
C GLU P 2 2.42 -33.28 -8.75
N GLN P 3 2.28 -32.05 -8.24
CA GLN P 3 2.78 -30.88 -8.97
C GLN P 3 4.30 -30.85 -9.00
N LEU P 4 4.94 -31.43 -7.99
CA LEU P 4 6.40 -31.56 -7.97
C LEU P 4 6.88 -32.47 -9.10
N LEU P 5 6.21 -33.60 -9.32
CA LEU P 5 6.58 -34.44 -10.46
C LEU P 5 6.16 -33.83 -11.79
N ALA P 6 5.10 -33.00 -11.79
CA ALA P 6 4.69 -32.29 -13.00
C ALA P 6 5.74 -31.26 -13.42
N ASP P 7 6.32 -30.54 -12.45
CA ASP P 7 7.41 -29.62 -12.77
C ASP P 7 8.72 -30.37 -13.01
N TYR P 8 8.84 -31.57 -12.44
CA TYR P 8 10.03 -32.39 -12.64
C TYR P 8 10.14 -32.90 -14.07
N LYS P 9 9.03 -33.38 -14.64
CA LYS P 9 9.08 -33.85 -16.02
C LYS P 9 9.19 -32.70 -17.00
N LYS P 10 8.75 -31.50 -16.60
CA LYS P 10 8.95 -30.30 -17.42
C LYS P 10 10.39 -29.81 -17.38
N GLY P 11 11.16 -30.18 -16.37
CA GLY P 11 12.55 -29.77 -16.27
C GLY P 11 12.72 -28.43 -15.58
N ASN P 12 11.89 -28.14 -14.59
CA ASN P 12 11.91 -26.86 -13.88
C ASN P 12 12.04 -27.08 -12.39
N VAL P 13 12.84 -28.07 -11.98
CA VAL P 13 13.08 -28.37 -10.57
C VAL P 13 14.59 -28.42 -10.35
N ILE P 14 15.08 -27.60 -9.41
CA ILE P 14 16.47 -27.61 -8.98
C ILE P 14 16.58 -28.49 -7.75
N LEU P 15 17.55 -29.40 -7.75
CA LEU P 15 17.81 -30.27 -6.61
C LEU P 15 18.82 -29.59 -5.68
N PHE P 16 18.45 -29.47 -4.41
CA PHE P 16 19.34 -28.97 -3.36
C PHE P 16 19.60 -30.13 -2.40
N VAL P 17 20.89 -30.45 -2.18
CA VAL P 17 21.29 -31.62 -1.43
C VAL P 17 22.03 -31.17 -0.18
N GLY P 18 21.56 -31.63 0.99
CA GLY P 18 22.20 -31.35 2.25
C GLY P 18 23.08 -32.50 2.72
N ALA P 19 23.39 -32.46 4.02
CA ALA P 19 24.27 -33.47 4.60
C ALA P 19 23.54 -34.76 4.94
N GLY P 20 22.21 -34.74 4.96
CA GLY P 20 21.46 -35.94 5.30
C GLY P 20 21.47 -36.98 4.20
N VAL P 21 21.72 -36.56 2.97
CA VAL P 21 21.93 -37.50 1.87
C VAL P 21 23.25 -38.24 2.05
N SER P 22 24.30 -37.50 2.42
CA SER P 22 25.61 -38.09 2.64
C SER P 22 25.73 -38.79 3.99
N MET P 23 24.73 -38.65 4.86
CA MET P 23 24.70 -39.38 6.12
C MET P 23 24.53 -40.89 5.93
N ASN P 24 23.89 -41.32 4.90
CA ASN P 24 23.76 -42.71 4.58
C ASN P 24 25.00 -43.47 4.24
N LEU P 25 26.04 -42.81 3.77
CA LEU P 25 27.22 -43.46 3.23
C LEU P 25 28.18 -43.99 4.30
N GLY P 26 27.96 -43.66 5.57
CA GLY P 26 28.95 -43.96 6.57
C GLY P 26 29.97 -42.87 6.80
N LEU P 27 29.68 -41.66 6.33
CA LEU P 27 30.57 -40.53 6.54
C LEU P 27 30.48 -40.07 7.99
N PRO P 28 31.47 -39.31 8.49
CA PRO P 28 31.33 -38.68 9.80
C PRO P 28 30.20 -37.66 9.80
N SER P 29 29.49 -37.58 10.92
CA SER P 29 28.39 -36.66 11.06
C SER P 29 28.90 -35.27 11.40
N TRP P 30 27.98 -34.36 11.68
CA TRP P 30 28.37 -33.04 12.14
C TRP P 30 28.90 -33.10 13.56
N SER P 31 28.29 -33.93 14.40
CA SER P 31 28.71 -34.04 15.79
C SER P 31 30.07 -34.71 15.93
N GLN P 32 30.41 -35.62 15.00
CA GLN P 32 31.75 -36.19 15.00
C GLN P 32 32.80 -35.16 14.60
N LEU P 33 32.42 -34.22 13.72
CA LEU P 33 33.29 -33.10 13.41
C LEU P 33 33.48 -32.19 14.61
N VAL P 34 32.42 -31.98 15.40
CA VAL P 34 32.51 -31.20 16.64
C VAL P 34 33.43 -31.89 17.64
N ASP P 35 33.32 -33.23 17.75
CA ASP P 35 34.19 -34.01 18.63
C ASP P 35 35.65 -33.93 18.19
N HIS P 36 35.89 -33.97 16.88
CA HIS P 36 37.26 -33.90 16.38
C HIS P 36 37.89 -32.52 16.62
N ILE P 37 37.10 -31.46 16.42
CA ILE P 37 37.60 -30.09 16.66
C ILE P 37 37.87 -29.88 18.14
N ALA P 38 36.98 -30.40 18.99
CA ALA P 38 37.12 -30.26 20.44
C ALA P 38 38.34 -31.03 20.96
N THR P 39 38.58 -32.23 20.44
CA THR P 39 39.78 -32.96 20.84
C THR P 39 41.04 -32.35 20.23
N GLU P 40 40.93 -31.65 19.11
CA GLU P 40 42.10 -31.00 18.52
C GLU P 40 42.49 -29.74 19.29
N LEU P 41 41.51 -29.06 19.89
CA LEU P 41 41.79 -27.83 20.62
C LEU P 41 42.13 -28.06 22.09
N GLY P 42 42.21 -29.31 22.54
CA GLY P 42 42.50 -29.59 23.92
C GLY P 42 41.29 -29.69 24.82
N TYR P 43 40.09 -29.58 24.26
CA TYR P 43 38.87 -29.75 25.02
C TYR P 43 38.40 -31.21 24.94
N ASP P 44 37.25 -31.48 25.54
CA ASP P 44 36.45 -32.65 25.25
C ASP P 44 35.06 -32.15 24.85
N PRO P 45 34.33 -32.87 23.92
CA PRO P 45 33.17 -32.32 23.22
C PRO P 45 32.03 -31.66 23.99
N ASP P 46 31.64 -32.29 25.10
CA ASP P 46 30.52 -31.80 25.88
C ASP P 46 30.88 -30.56 26.68
N ILE P 47 32.17 -30.30 26.87
CA ILE P 47 32.60 -29.10 27.55
C ILE P 47 32.85 -27.97 26.55
N TYR P 48 32.79 -28.32 25.26
CA TYR P 48 32.90 -27.34 24.16
C TYR P 48 31.48 -27.07 23.64
N ARG P 49 30.47 -27.83 24.08
CA ARG P 49 29.07 -27.65 23.68
C ARG P 49 28.25 -26.57 24.41
N THR P 50 28.72 -26.18 25.59
CA THR P 50 28.16 -25.12 26.41
C THR P 50 28.60 -23.72 25.98
N PHE P 51 29.55 -23.59 25.06
CA PHE P 51 30.17 -22.30 24.77
C PHE P 51 29.59 -21.62 23.54
N GLY P 52 29.66 -22.27 22.37
CA GLY P 52 29.08 -21.72 21.16
C GLY P 52 28.16 -22.74 20.54
N SER P 53 27.82 -22.62 19.25
CA SER P 53 26.93 -23.60 18.63
C SER P 53 27.60 -24.42 17.54
N ALA P 54 27.87 -23.84 16.38
CA ALA P 54 28.62 -24.55 15.35
C ALA P 54 29.57 -23.60 14.63
N LEU P 55 29.05 -22.41 14.37
CA LEU P 55 29.81 -21.39 13.67
C LEU P 55 30.88 -20.83 14.58
N GLU P 56 30.57 -20.72 15.87
CA GLU P 56 31.54 -20.34 16.88
C GLU P 56 32.62 -21.41 17.03
N LEU P 57 32.27 -22.67 16.83
CA LEU P 57 33.25 -23.74 17.05
C LEU P 57 34.18 -23.90 15.84
N ALA P 58 33.75 -23.65 14.59
CA ALA P 58 34.64 -23.59 13.44
C ALA P 58 35.42 -22.29 13.40
N GLU P 59 34.82 -21.20 13.91
CA GLU P 59 35.52 -19.93 14.01
C GLU P 59 36.63 -19.99 15.04
N TYR P 60 36.39 -20.66 16.17
CA TYR P 60 37.43 -20.78 17.19
C TYR P 60 38.56 -21.69 16.74
N TYR P 61 38.24 -22.75 15.99
CA TYR P 61 39.30 -23.58 15.43
C TYR P 61 40.12 -22.82 14.39
N LYS P 62 39.46 -22.00 13.57
CA LYS P 62 40.17 -21.19 12.59
C LYS P 62 41.04 -20.14 13.27
N LEU P 63 40.58 -19.58 14.38
CA LEU P 63 41.36 -18.53 15.04
C LEU P 63 42.52 -19.12 15.84
N LYS P 64 42.34 -20.29 16.45
CA LYS P 64 43.43 -20.89 17.19
C LYS P 64 44.46 -21.55 16.27
N LYS P 65 44.02 -22.15 15.17
CA LYS P 65 44.93 -22.85 14.28
C LYS P 65 45.39 -22.00 13.09
N GLY P 66 44.96 -20.74 13.00
CA GLY P 66 45.35 -19.90 11.90
C GLY P 66 44.41 -19.98 10.70
N LYS P 67 44.40 -21.12 10.02
CA LYS P 67 43.51 -21.37 8.90
C LYS P 67 42.67 -22.61 9.19
N ILE P 68 41.85 -23.01 8.22
CA ILE P 68 41.04 -24.22 8.34
C ILE P 68 41.71 -25.36 7.59
N GLY P 69 42.99 -25.19 7.29
CA GLY P 69 43.78 -26.18 6.58
C GLY P 69 43.92 -27.56 7.20
N PRO P 70 44.28 -27.65 8.51
CA PRO P 70 44.19 -28.97 9.18
C PRO P 70 42.78 -29.55 9.22
N LEU P 71 41.77 -28.70 9.39
CA LEU P 71 40.40 -29.17 9.41
C LEU P 71 39.94 -29.65 8.04
N ARG P 72 40.35 -29.13 6.92
CA ARG P 72 39.90 -29.56 5.70
C ARG P 72 40.72 -30.66 5.35
N SER P 73 41.96 -30.74 5.72
CA SER P 73 42.73 -31.95 5.45
C SER P 73 42.10 -33.18 6.12
N TRP P 74 41.68 -33.03 7.38
CA TRP P 74 41.03 -34.14 8.08
C TRP P 74 39.68 -34.47 7.48
N MET P 75 38.89 -33.44 7.12
CA MET P 75 37.59 -33.67 6.51
C MET P 75 37.71 -34.27 5.12
N ASP P 76 38.76 -33.90 4.40
CA ASP P 76 39.02 -34.46 3.07
C ASP P 76 39.40 -35.93 3.16
N ARG P 77 40.18 -36.30 4.18
CA ARG P 77 40.57 -37.70 4.31
C ARG P 77 39.42 -38.57 4.83
N MET P 78 38.67 -38.13 5.84
CA MET P 78 37.63 -39.01 6.38
C MET P 78 36.34 -38.96 5.57
N TRP P 79 36.08 -37.88 4.83
CA TRP P 79 34.88 -37.87 4.01
C TRP P 79 35.05 -38.66 2.72
N HIS P 80 36.27 -38.98 2.34
CA HIS P 80 36.56 -39.77 1.15
C HIS P 80 37.47 -40.94 1.49
N SER P 81 37.12 -41.66 2.55
CA SER P 81 37.87 -42.87 2.89
C SER P 81 37.55 -43.98 1.90
N SER P 82 38.42 -44.99 1.86
CA SER P 82 38.27 -46.08 0.91
C SER P 82 37.19 -47.08 1.33
N ASP P 83 36.68 -46.97 2.56
CA ASP P 83 35.64 -47.88 3.01
C ASP P 83 34.29 -47.52 2.40
N ILE P 84 34.12 -46.28 1.96
CA ILE P 84 32.83 -45.84 1.44
C ILE P 84 32.71 -46.27 -0.02
N ASP P 85 31.63 -47.00 -0.32
CA ASP P 85 31.35 -47.47 -1.67
C ASP P 85 30.10 -46.74 -2.17
N ILE P 86 30.21 -46.11 -3.34
CA ILE P 86 29.10 -45.35 -3.88
C ILE P 86 28.08 -46.24 -4.58
N ASN P 87 28.45 -47.49 -4.88
CA ASN P 87 27.51 -48.39 -5.55
C ASN P 87 26.51 -48.97 -4.56
N LYS P 88 26.88 -49.04 -3.28
CA LYS P 88 25.96 -49.48 -2.25
C LYS P 88 25.25 -48.29 -1.62
N SER P 89 24.66 -47.42 -2.44
CA SER P 89 23.95 -46.24 -1.96
C SER P 89 22.79 -46.00 -2.92
N LYS P 90 21.58 -46.32 -2.47
CA LYS P 90 20.42 -46.20 -3.33
C LYS P 90 20.01 -44.74 -3.53
N VAL P 91 20.31 -43.88 -2.55
CA VAL P 91 19.95 -42.46 -2.66
C VAL P 91 20.79 -41.78 -3.72
N HIS P 92 22.09 -42.06 -3.74
CA HIS P 92 22.98 -41.47 -4.74
C HIS P 92 22.71 -42.06 -6.13
N GLU P 93 22.30 -43.33 -6.18
CA GLU P 93 21.90 -43.93 -7.45
C GLU P 93 20.62 -43.31 -7.99
N TYR P 94 19.66 -43.03 -7.11
CA TYR P 94 18.42 -42.39 -7.53
C TYR P 94 18.65 -40.93 -7.92
N ILE P 95 19.66 -40.29 -7.30
CA ILE P 95 20.05 -38.94 -7.71
C ILE P 95 20.71 -38.95 -9.09
N ALA P 96 21.58 -39.95 -9.32
CA ALA P 96 22.33 -40.00 -10.58
C ALA P 96 21.45 -40.39 -11.76
N LYS P 97 20.54 -41.34 -11.58
CA LYS P 97 19.73 -41.79 -12.71
C LYS P 97 18.55 -40.87 -12.97
N ALA P 98 18.27 -39.96 -12.04
CA ALA P 98 17.15 -39.03 -12.21
C ALA P 98 17.56 -37.87 -13.11
N ASN P 99 16.58 -37.14 -13.62
CA ASN P 99 16.89 -36.05 -14.54
C ASN P 99 16.81 -34.68 -13.88
N PHE P 100 17.91 -34.21 -13.32
CA PHE P 100 17.93 -32.89 -12.73
C PHE P 100 18.98 -32.09 -13.49
N PRO P 101 18.61 -31.01 -14.17
CA PRO P 101 19.62 -30.25 -14.93
C PRO P 101 20.55 -29.46 -14.03
N ILE P 102 20.05 -28.93 -12.93
CA ILE P 102 20.84 -28.14 -11.99
C ILE P 102 20.77 -28.79 -10.62
N ILE P 103 21.91 -29.11 -10.04
CA ILE P 103 22.00 -29.70 -8.71
C ILE P 103 22.84 -28.78 -7.84
N TYR P 104 22.26 -28.34 -6.73
CA TYR P 104 23.00 -27.57 -5.73
C TYR P 104 23.29 -28.45 -4.52
N THR P 105 24.38 -28.13 -3.84
CA THR P 105 24.73 -28.87 -2.64
C THR P 105 25.50 -27.98 -1.68
N THR P 106 25.33 -28.23 -0.39
CA THR P 106 26.13 -27.59 0.64
C THR P 106 27.19 -28.53 1.19
N ASN P 107 27.32 -29.72 0.63
CA ASN P 107 28.38 -30.65 1.00
C ASN P 107 29.68 -30.28 0.31
N TYR P 108 30.77 -30.42 1.05
CA TYR P 108 32.09 -30.23 0.47
C TYR P 108 32.65 -31.51 -0.13
N ASP P 109 32.02 -32.66 0.16
CA ASP P 109 32.46 -33.92 -0.41
C ASP P 109 32.02 -34.03 -1.86
N ARG P 110 32.64 -34.97 -2.57
CA ARG P 110 32.45 -35.13 -4.01
C ARG P 110 31.67 -36.37 -4.36
N TRP P 111 30.75 -36.80 -3.48
CA TRP P 111 30.05 -38.05 -3.72
C TRP P 111 28.91 -37.91 -4.71
N ILE P 112 28.39 -36.69 -4.90
CA ILE P 112 27.40 -36.46 -5.95
C ILE P 112 28.03 -36.59 -7.32
N GLU P 113 29.22 -36.00 -7.49
CA GLU P 113 29.91 -36.11 -8.78
C GLU P 113 30.46 -37.52 -8.99
N THR P 114 30.84 -38.20 -7.91
CA THR P 114 31.28 -39.60 -8.00
C THR P 114 30.12 -40.51 -8.40
N ALA P 115 28.92 -40.25 -7.87
CA ALA P 115 27.75 -41.03 -8.25
C ALA P 115 27.31 -40.71 -9.67
N LEU P 116 27.46 -39.46 -10.11
CA LEU P 116 27.12 -39.08 -11.46
C LEU P 116 28.07 -39.69 -12.49
N SER P 117 29.37 -39.71 -12.18
CA SER P 117 30.33 -40.29 -13.10
C SER P 117 30.35 -41.81 -13.01
N ASN P 118 29.87 -42.36 -11.90
CA ASN P 118 29.84 -43.81 -11.73
C ASN P 118 28.73 -44.43 -12.57
N TYR P 119 27.60 -43.74 -12.69
CA TYR P 119 26.45 -44.24 -13.43
C TYR P 119 26.38 -43.66 -14.84
N GLY P 120 27.51 -43.22 -15.39
CA GLY P 120 27.64 -42.85 -16.78
C GLY P 120 26.87 -41.62 -17.22
N LYS P 121 26.87 -40.58 -16.40
CA LYS P 121 26.17 -39.35 -16.74
C LYS P 121 27.16 -38.20 -16.69
N GLU P 122 27.18 -37.39 -17.75
CA GLU P 122 28.09 -36.25 -17.81
C GLU P 122 27.57 -35.11 -16.94
N TYR P 123 28.50 -34.30 -16.45
CA TYR P 123 28.14 -33.20 -15.58
C TYR P 123 29.16 -32.08 -15.74
N ILE P 124 28.78 -30.89 -15.28
CA ILE P 124 29.67 -29.75 -15.16
C ILE P 124 29.69 -29.33 -13.70
N LYS P 125 30.84 -29.41 -13.07
CA LYS P 125 30.97 -29.09 -11.66
C LYS P 125 31.37 -27.62 -11.50
N ILE P 126 30.57 -26.87 -10.76
CA ILE P 126 30.75 -25.43 -10.63
C ILE P 126 31.12 -25.12 -9.18
N SER P 127 32.31 -24.55 -8.98
CA SER P 127 32.71 -24.04 -7.69
C SER P 127 33.39 -22.68 -7.79
N SER P 128 33.57 -22.16 -8.99
CA SER P 128 34.13 -20.84 -9.21
C SER P 128 33.41 -20.23 -10.40
N VAL P 129 33.69 -18.94 -10.65
CA VAL P 129 33.04 -18.24 -11.76
C VAL P 129 33.64 -18.67 -13.10
N SER P 130 34.90 -19.16 -13.08
CA SER P 130 35.50 -19.75 -14.26
C SER P 130 34.85 -21.06 -14.63
N ASP P 131 34.20 -21.73 -13.67
CA ASP P 131 33.39 -22.91 -13.97
C ASP P 131 31.99 -22.54 -14.42
N ILE P 132 31.50 -21.34 -14.06
CA ILE P 132 30.26 -20.82 -14.63
C ILE P 132 30.45 -20.54 -16.11
N ALA P 133 31.67 -20.18 -16.52
CA ALA P 133 31.98 -20.04 -17.95
C ALA P 133 31.88 -21.35 -18.73
N LYS P 134 31.99 -22.51 -18.06
CA LYS P 134 32.00 -23.80 -18.74
C LYS P 134 30.66 -24.52 -18.70
N ILE P 135 29.56 -23.80 -18.54
CA ILE P 135 28.26 -24.46 -18.37
C ILE P 135 27.73 -24.93 -19.71
N ASP P 136 27.45 -26.23 -19.80
CA ASP P 136 26.82 -26.84 -20.95
C ASP P 136 25.33 -27.01 -20.66
N ASN P 137 24.50 -26.67 -21.63
CA ASN P 137 23.05 -26.78 -21.44
C ASN P 137 22.53 -28.20 -21.59
N ASN P 138 23.35 -29.13 -22.08
CA ASN P 138 22.97 -30.52 -22.20
C ASN P 138 23.64 -31.39 -21.15
N LYS P 139 24.26 -30.79 -20.14
CA LYS P 139 24.91 -31.52 -19.06
C LYS P 139 24.38 -31.05 -17.71
N THR P 140 24.60 -31.86 -16.69
CA THR P 140 24.17 -31.52 -15.34
C THR P 140 25.08 -30.46 -14.74
N GLN P 141 24.49 -29.45 -14.12
CA GLN P 141 25.23 -28.47 -13.35
C GLN P 141 25.24 -28.93 -11.90
N ILE P 142 26.42 -29.23 -11.36
CA ILE P 142 26.58 -29.56 -9.96
C ILE P 142 27.32 -28.40 -9.31
N ILE P 143 26.61 -27.58 -8.56
CA ILE P 143 27.17 -26.38 -7.95
C ILE P 143 27.48 -26.69 -6.49
N LYS P 144 28.77 -26.59 -6.14
CA LYS P 144 29.21 -26.72 -4.76
C LYS P 144 29.03 -25.35 -4.12
N PHE P 145 27.88 -25.15 -3.49
CA PHE P 145 27.48 -23.82 -3.04
C PHE P 145 28.30 -23.35 -1.84
N HIS P 146 28.60 -24.26 -0.91
CA HIS P 146 29.30 -23.91 0.29
C HIS P 146 30.77 -24.28 0.24
N GLY P 147 31.28 -24.62 -0.93
CA GLY P 147 32.71 -24.81 -1.12
C GLY P 147 33.07 -26.24 -1.49
N ASP P 148 34.37 -26.48 -1.51
CA ASP P 148 34.94 -27.77 -1.86
C ASP P 148 36.23 -27.94 -1.08
N PHE P 149 36.75 -29.16 -1.08
CA PHE P 149 38.03 -29.43 -0.43
C PHE P 149 39.23 -29.08 -1.30
N ASP P 150 39.00 -28.57 -2.51
CA ASP P 150 40.06 -28.11 -3.38
C ASP P 150 40.43 -26.65 -3.15
N ASP P 151 39.82 -26.00 -2.18
CA ASP P 151 40.08 -24.58 -1.90
C ASP P 151 39.74 -24.30 -0.45
N ASP P 152 40.70 -23.76 0.31
CA ASP P 152 40.41 -23.39 1.70
C ASP P 152 39.50 -22.17 1.76
N SER P 153 39.65 -21.25 0.80
CA SER P 153 38.94 -19.98 0.85
C SER P 153 37.48 -20.09 0.45
N SER P 154 37.05 -21.22 -0.11
CA SER P 154 35.68 -21.37 -0.57
C SER P 154 34.76 -22.01 0.45
N ILE P 155 35.30 -22.63 1.50
CA ILE P 155 34.49 -23.41 2.42
C ILE P 155 33.71 -22.49 3.34
N VAL P 156 32.38 -22.64 3.34
CA VAL P 156 31.49 -21.87 4.20
C VAL P 156 31.23 -22.74 5.42
N LEU P 157 32.02 -22.54 6.46
CA LEU P 157 31.96 -23.36 7.66
C LEU P 157 31.79 -22.55 8.94
N ASP P 158 32.48 -21.43 9.08
CA ASP P 158 32.52 -20.69 10.32
C ASP P 158 31.65 -19.44 10.22
N GLU P 159 31.70 -18.60 11.26
CA GLU P 159 30.81 -17.45 11.35
C GLU P 159 31.18 -16.37 10.34
N THR P 160 32.49 -16.13 10.14
CA THR P 160 32.95 -15.12 9.19
C THR P 160 32.64 -15.53 7.76
N SER P 161 32.64 -16.85 7.49
CA SER P 161 32.29 -17.36 6.17
C SER P 161 30.84 -17.09 5.83
N TYR P 162 29.93 -17.35 6.78
CA TYR P 162 28.52 -17.07 6.58
C TYR P 162 28.25 -15.57 6.53
N PHE P 163 29.04 -14.79 7.27
CA PHE P 163 28.91 -13.33 7.24
C PHE P 163 29.34 -12.77 5.89
N GLN P 164 30.34 -13.41 5.26
CA GLN P 164 30.70 -13.05 3.88
C GLN P 164 29.62 -13.44 2.90
N ARG P 165 29.00 -14.61 3.09
CA ARG P 165 27.97 -15.04 2.14
C ARG P 165 26.63 -14.35 2.37
N LEU P 166 26.46 -13.63 3.48
CA LEU P 166 25.21 -12.91 3.71
C LEU P 166 25.02 -11.72 2.77
N GLU P 167 26.09 -11.17 2.19
CA GLU P 167 25.96 -10.01 1.32
C GLU P 167 25.53 -10.37 -0.10
N PHE P 168 25.61 -11.66 -0.47
CA PHE P 168 25.22 -12.20 -1.78
C PHE P 168 25.99 -11.53 -2.93
N GLU P 169 27.28 -11.34 -2.74
CA GLU P 169 28.14 -10.75 -3.76
C GLU P 169 29.12 -11.74 -4.38
N THR P 170 29.17 -12.96 -3.88
CA THR P 170 29.92 -14.04 -4.50
C THR P 170 29.23 -14.42 -5.81
N PRO P 171 29.98 -14.89 -6.83
CA PRO P 171 29.35 -15.39 -8.06
C PRO P 171 28.34 -16.52 -7.88
N LEU P 172 28.56 -17.39 -6.90
CA LEU P 172 27.65 -18.51 -6.67
C LEU P 172 26.33 -18.04 -6.09
N ASP P 173 26.36 -17.03 -5.21
CA ASP P 173 25.11 -16.44 -4.71
C ASP P 173 24.34 -15.71 -5.80
N ILE P 174 25.03 -15.04 -6.71
CA ILE P 174 24.37 -14.35 -7.83
C ILE P 174 23.73 -15.37 -8.77
N LYS P 175 24.44 -16.45 -9.06
CA LYS P 175 23.92 -17.53 -9.90
C LYS P 175 22.72 -18.23 -9.24
N PHE P 176 22.77 -18.44 -7.92
CA PHE P 176 21.65 -19.05 -7.23
C PHE P 176 20.44 -18.13 -7.14
N ARG P 177 20.67 -16.82 -6.93
CA ARG P 177 19.59 -15.86 -6.84
C ARG P 177 18.90 -15.64 -8.18
N SER P 178 19.59 -15.90 -9.29
CA SER P 178 18.89 -15.93 -10.56
C SER P 178 18.33 -17.30 -10.92
N ASP P 179 18.88 -18.38 -10.36
CA ASP P 179 18.34 -19.70 -10.65
C ASP P 179 17.02 -19.94 -9.93
N VAL P 180 16.85 -19.32 -8.75
CA VAL P 180 15.58 -19.46 -8.04
C VAL P 180 14.48 -18.60 -8.66
N LEU P 181 14.83 -17.67 -9.54
CA LEU P 181 13.84 -16.89 -10.28
C LEU P 181 13.16 -17.81 -11.30
N GLY P 182 11.95 -18.23 -11.00
CA GLY P 182 11.21 -19.03 -11.96
C GLY P 182 11.55 -20.49 -12.01
N LYS P 183 12.14 -21.04 -10.96
CA LYS P 183 12.36 -22.49 -10.87
C LYS P 183 12.12 -22.93 -9.44
N SER P 184 11.63 -24.16 -9.28
CA SER P 184 11.37 -24.72 -7.97
C SER P 184 12.61 -25.42 -7.45
N VAL P 185 12.80 -25.34 -6.14
CA VAL P 185 13.94 -25.98 -5.48
C VAL P 185 13.41 -27.14 -4.64
N LEU P 186 14.01 -28.31 -4.81
CA LEU P 186 13.69 -29.50 -4.03
C LEU P 186 14.83 -29.76 -3.05
N PHE P 187 14.55 -29.59 -1.75
CA PHE P 187 15.55 -29.79 -0.72
C PHE P 187 15.45 -31.23 -0.22
N ILE P 188 16.51 -32.01 -0.39
CA ILE P 188 16.60 -33.35 0.15
C ILE P 188 17.84 -33.45 1.03
N GLY P 189 17.69 -34.08 2.19
CA GLY P 189 18.79 -34.20 3.15
C GLY P 189 19.19 -32.92 3.83
N TYR P 190 18.38 -31.87 3.72
CA TYR P 190 18.76 -30.52 4.12
C TYR P 190 17.67 -29.95 5.02
N SER P 191 18.09 -29.34 6.12
CA SER P 191 17.16 -28.87 7.14
C SER P 191 16.84 -27.38 7.03
N LEU P 192 17.40 -26.70 6.02
CA LEU P 192 17.24 -25.25 5.78
C LEU P 192 17.63 -24.41 6.99
N SER P 193 18.79 -24.74 7.56
CA SER P 193 19.25 -24.12 8.80
C SER P 193 20.27 -23.01 8.57
N ASP P 194 20.94 -23.01 7.42
CA ASP P 194 21.95 -22.00 7.14
C ASP P 194 21.30 -20.65 6.88
N ILE P 195 21.88 -19.60 7.48
CA ILE P 195 21.23 -18.30 7.58
C ILE P 195 21.18 -17.61 6.21
N ASN P 196 22.16 -17.88 5.35
CA ASN P 196 22.20 -17.22 4.04
C ASN P 196 21.15 -17.80 3.09
N ILE P 197 20.81 -19.09 3.24
CA ILE P 197 19.77 -19.69 2.42
C ILE P 197 18.39 -19.18 2.83
N ARG P 198 18.17 -19.02 4.14
CA ARG P 198 16.91 -18.48 4.64
C ARG P 198 16.75 -17.01 4.27
N LEU P 199 17.85 -16.24 4.30
CA LEU P 199 17.78 -14.85 3.86
C LEU P 199 17.57 -14.75 2.35
N LEU P 200 18.14 -15.70 1.60
CA LEU P 200 17.96 -15.72 0.14
C LEU P 200 16.52 -16.01 -0.24
N PHE P 201 15.90 -16.98 0.44
CA PHE P 201 14.51 -17.30 0.12
C PHE P 201 13.53 -16.27 0.71
N TYR P 202 13.90 -15.61 1.81
CA TYR P 202 13.12 -14.48 2.30
C TYR P 202 13.14 -13.32 1.32
N LYS P 203 14.30 -13.04 0.73
CA LYS P 203 14.40 -11.96 -0.25
C LYS P 203 13.72 -12.34 -1.56
N LEU P 204 13.70 -13.63 -1.90
CA LEU P 204 12.94 -14.09 -3.07
C LEU P 204 11.45 -13.92 -2.87
N SER P 205 10.94 -14.23 -1.67
CA SER P 205 9.53 -14.04 -1.37
C SER P 205 9.17 -12.55 -1.32
N LYS P 206 10.07 -11.72 -0.80
CA LYS P 206 9.86 -10.26 -0.80
C LYS P 206 9.88 -9.71 -2.22
N LEU P 207 10.70 -10.28 -3.09
CA LEU P 207 10.79 -9.86 -4.47
C LEU P 207 9.52 -10.22 -5.24
N TRP P 208 8.98 -11.41 -5.00
CA TRP P 208 7.73 -11.80 -5.66
C TRP P 208 6.55 -11.05 -5.07
N LYS P 209 6.63 -10.64 -3.80
CA LYS P 209 5.56 -9.84 -3.22
C LYS P 209 5.61 -8.39 -3.70
N GLU P 210 6.81 -7.90 -4.03
CA GLU P 210 6.93 -6.51 -4.49
C GLU P 210 6.41 -6.35 -5.91
N GLN P 211 6.46 -7.41 -6.71
CA GLN P 211 5.95 -7.35 -8.07
C GLN P 211 4.45 -7.63 -8.15
N LYS P 212 3.82 -7.97 -7.01
CA LYS P 212 2.39 -8.26 -6.88
C LYS P 212 1.93 -9.40 -7.79
N LEU P 213 2.73 -10.47 -7.85
CA LEU P 213 2.35 -11.74 -8.44
C LEU P 213 2.71 -12.88 -7.52
N GLU P 214 2.31 -12.77 -6.24
CA GLU P 214 2.73 -13.71 -5.20
C GLU P 214 2.19 -15.12 -5.42
N GLU P 215 1.05 -15.22 -6.10
CA GLU P 215 0.46 -16.53 -6.36
C GLU P 215 1.17 -17.23 -7.52
N ALA P 216 1.89 -16.49 -8.35
CA ALA P 216 2.55 -17.06 -9.51
C ALA P 216 3.98 -17.50 -9.23
N GLN P 217 4.44 -17.37 -7.99
CA GLN P 217 5.78 -17.82 -7.62
C GLN P 217 5.85 -19.35 -7.68
N PRO P 218 6.91 -19.93 -8.24
CA PRO P 218 7.07 -21.39 -8.21
C PRO P 218 7.23 -21.91 -6.80
N LYS P 219 6.50 -22.97 -6.50
CA LYS P 219 6.42 -23.50 -5.14
C LYS P 219 7.58 -24.45 -4.92
N SER P 220 8.36 -24.19 -3.87
CA SER P 220 9.48 -25.05 -3.53
C SER P 220 9.04 -26.13 -2.54
N TYR P 221 9.85 -27.17 -2.43
CA TYR P 221 9.54 -28.31 -1.58
C TYR P 221 10.76 -28.74 -0.79
N ILE P 222 10.53 -29.12 0.47
CA ILE P 222 11.57 -29.67 1.33
C ILE P 222 11.09 -31.03 1.82
N PHE P 223 11.97 -32.01 1.76
CA PHE P 223 11.67 -33.35 2.26
C PHE P 223 12.44 -33.56 3.56
N LEU P 224 11.72 -33.50 4.68
CA LEU P 224 12.24 -33.97 5.96
C LEU P 224 11.34 -35.08 6.48
N PRO P 225 11.90 -36.19 6.96
CA PRO P 225 11.03 -37.27 7.47
C PRO P 225 10.35 -36.93 8.78
N ARG P 226 11.04 -36.35 9.75
CA ARG P 226 10.36 -36.00 10.98
C ARG P 226 9.63 -34.74 10.76
N PRO P 227 8.39 -34.70 11.17
CA PRO P 227 7.56 -33.51 10.93
C PRO P 227 7.83 -32.41 11.94
N ASN P 228 7.57 -31.18 11.52
CA ASN P 228 7.81 -29.99 12.32
C ASN P 228 6.83 -28.91 11.87
N PRO P 229 5.80 -28.60 12.67
CA PRO P 229 4.80 -27.62 12.23
C PRO P 229 5.31 -26.20 12.24
N ILE P 230 6.29 -25.91 13.10
CA ILE P 230 6.91 -24.59 13.18
C ILE P 230 7.65 -24.27 11.89
N GLN P 231 8.51 -25.16 11.49
CA GLN P 231 9.18 -24.97 10.24
C GLN P 231 8.13 -24.94 9.15
N GLU P 232 7.19 -25.88 9.13
CA GLU P 232 6.18 -25.95 8.08
C GLU P 232 5.52 -24.59 7.85
N GLU P 233 5.15 -23.90 8.93
CA GLU P 233 4.51 -22.59 8.81
C GLU P 233 5.50 -21.55 8.30
N ILE P 234 6.73 -21.56 8.82
CA ILE P 234 7.73 -20.57 8.43
C ILE P 234 8.17 -20.76 6.98
N LEU P 235 8.33 -22.01 6.54
CA LEU P 235 8.74 -22.26 5.17
C LEU P 235 7.58 -22.08 4.20
N GLU P 236 6.33 -22.30 4.63
CA GLU P 236 5.21 -22.01 3.74
C GLU P 236 4.96 -20.51 3.62
N GLN P 237 5.51 -19.71 4.53
CA GLN P 237 5.57 -18.27 4.25
C GLN P 237 6.52 -17.93 3.11
N TRP P 238 7.53 -18.76 2.85
CA TRP P 238 8.48 -18.51 1.77
C TRP P 238 8.19 -19.37 0.55
N ARG P 239 6.96 -19.88 0.43
CA ARG P 239 6.49 -20.80 -0.62
C ARG P 239 7.37 -22.06 -0.71
N ILE P 240 7.69 -22.62 0.45
CA ILE P 240 8.42 -23.88 0.55
C ILE P 240 7.52 -24.86 1.28
N GLY P 241 6.93 -25.80 0.53
CA GLY P 241 6.06 -26.78 1.14
C GLY P 241 6.84 -27.94 1.74
N MET P 242 6.23 -28.59 2.73
CA MET P 242 6.86 -29.68 3.45
C MET P 242 6.29 -31.01 2.99
N ILE P 243 7.19 -31.96 2.72
CA ILE P 243 6.82 -33.32 2.36
C ILE P 243 7.42 -34.23 3.43
N SER P 244 6.56 -34.87 4.21
CA SER P 244 7.01 -35.75 5.28
C SER P 244 6.68 -37.20 4.97
N SER P 245 7.29 -38.08 5.75
CA SER P 245 7.09 -39.52 5.61
C SER P 245 6.82 -40.12 6.98
N GLU P 246 6.01 -41.18 6.99
CA GLU P 246 5.72 -41.88 8.23
C GLU P 246 6.79 -42.90 8.61
N ASN P 247 7.74 -43.16 7.72
CA ASN P 247 8.81 -44.09 8.00
C ASN P 247 9.82 -43.46 8.96
N ASP P 248 10.23 -44.21 9.97
CA ASP P 248 11.17 -43.70 10.95
C ASP P 248 12.59 -43.66 10.39
N ASN P 249 12.90 -44.51 9.43
CA ASN P 249 14.22 -44.51 8.80
C ASN P 249 14.34 -43.35 7.83
N PRO P 250 15.36 -42.49 7.97
CA PRO P 250 15.49 -41.34 7.07
C PRO P 250 15.96 -41.73 5.67
N GLY P 251 16.90 -42.68 5.62
CA GLY P 251 17.41 -43.14 4.33
C GLY P 251 16.37 -43.90 3.52
N GLU P 252 15.55 -44.71 4.19
CA GLU P 252 14.47 -45.43 3.51
C GLU P 252 13.39 -44.47 3.03
N SER P 253 13.09 -43.44 3.82
CA SER P 253 12.13 -42.42 3.40
C SER P 253 12.64 -41.63 2.20
N LEU P 254 13.95 -41.33 2.18
CA LEU P 254 14.53 -40.63 1.04
C LEU P 254 14.58 -41.52 -0.21
N GLU P 255 14.78 -42.83 -0.02
CA GLU P 255 14.76 -43.76 -1.15
C GLU P 255 13.36 -43.87 -1.75
N GLU P 256 12.33 -43.98 -0.91
CA GLU P 256 10.95 -44.03 -1.42
C GLU P 256 10.52 -42.69 -1.99
N PHE P 257 11.12 -41.60 -1.53
CA PHE P 257 10.82 -40.30 -2.13
C PHE P 257 11.46 -40.15 -3.51
N LEU P 258 12.73 -40.57 -3.64
CA LEU P 258 13.46 -40.39 -4.89
C LEU P 258 13.19 -41.49 -5.91
N LYS P 259 12.46 -42.55 -5.52
CA LYS P 259 12.03 -43.57 -6.47
C LYS P 259 11.04 -43.02 -7.48
N ASN P 260 10.28 -41.99 -7.11
CA ASN P 260 9.36 -41.33 -8.05
C ASN P 260 10.11 -40.57 -9.14
N PHE P 261 11.30 -40.06 -8.82
CA PHE P 261 12.10 -39.31 -9.78
C PHE P 261 13.03 -40.20 -10.57
N VAL P 262 13.39 -41.37 -10.04
CA VAL P 262 14.28 -42.27 -10.78
C VAL P 262 13.51 -42.99 -11.88
N LEU P 263 12.17 -43.01 -11.79
CA LEU P 263 11.37 -43.68 -12.79
C LEU P 263 11.18 -42.78 -14.00
N VAL P 264 11.55 -43.32 -15.18
CA VAL P 264 11.54 -42.71 -16.53
C VAL P 264 11.91 -41.22 -16.61
N MET Q 1 85.16 -60.76 -8.05
CA MET Q 1 84.40 -59.72 -8.73
C MET Q 1 82.90 -59.96 -8.60
N ASN Q 2 82.16 -58.94 -8.17
CA ASN Q 2 80.73 -59.03 -7.93
C ASN Q 2 80.01 -58.34 -9.08
N ILE Q 3 79.55 -59.13 -10.06
CA ILE Q 3 78.97 -58.61 -11.29
C ILE Q 3 77.54 -59.13 -11.34
N ARG Q 4 76.61 -58.27 -11.78
CA ARG Q 4 75.20 -58.60 -11.82
C ARG Q 4 74.77 -59.01 -13.23
N PHE Q 5 73.62 -59.69 -13.32
CA PHE Q 5 73.14 -60.24 -14.57
C PHE Q 5 71.64 -60.04 -14.66
N ILE Q 6 71.17 -59.48 -15.78
CA ILE Q 6 69.75 -59.27 -16.03
C ILE Q 6 69.33 -60.13 -17.21
N THR Q 7 68.28 -60.93 -17.04
CA THR Q 7 67.85 -61.84 -18.09
C THR Q 7 66.37 -62.18 -17.90
N ARG Q 8 65.88 -63.08 -18.73
CA ARG Q 8 64.52 -63.56 -18.57
C ARG Q 8 64.55 -65.06 -18.51
N ASN Q 9 65.56 -65.68 -19.10
CA ASN Q 9 65.68 -67.11 -19.06
C ASN Q 9 66.14 -67.49 -17.69
N ARG Q 10 65.48 -68.48 -17.09
CA ARG Q 10 65.94 -68.93 -15.78
C ARG Q 10 67.04 -69.97 -15.89
N HIS Q 11 67.02 -70.80 -16.94
CA HIS Q 11 68.04 -71.84 -17.08
C HIS Q 11 69.37 -71.26 -17.55
N LYS Q 12 69.33 -70.07 -18.15
CA LYS Q 12 70.55 -69.34 -18.49
C LYS Q 12 71.34 -68.97 -17.24
N ILE Q 13 70.64 -68.64 -16.16
CA ILE Q 13 71.26 -68.32 -14.88
C ILE Q 13 72.01 -69.54 -14.32
N LYS Q 14 71.40 -70.71 -14.41
CA LYS Q 14 72.05 -71.93 -13.91
C LYS Q 14 73.22 -72.36 -14.80
N GLU Q 15 73.12 -72.13 -16.11
CA GLU Q 15 74.25 -72.42 -17.00
C GLU Q 15 75.43 -71.51 -16.72
N ILE Q 16 75.18 -70.21 -16.54
CA ILE Q 16 76.25 -69.25 -16.26
C ILE Q 16 76.84 -69.49 -14.88
N ASN Q 17 76.01 -69.90 -13.92
CA ASN Q 17 76.50 -70.21 -12.58
C ASN Q 17 77.34 -71.48 -12.56
N LYS Q 18 76.95 -72.49 -13.34
CA LYS Q 18 77.71 -73.73 -13.40
C LYS Q 18 79.01 -73.56 -14.19
N ILE Q 19 78.99 -72.68 -15.20
CA ILE Q 19 80.21 -72.43 -15.98
C ILE Q 19 81.21 -71.63 -15.15
N LEU Q 20 80.74 -70.61 -14.44
CA LEU Q 20 81.62 -69.74 -13.65
C LEU Q 20 81.81 -70.25 -12.22
N SER Q 21 81.50 -71.51 -11.96
CA SER Q 21 81.63 -72.05 -10.60
C SER Q 21 83.10 -72.30 -10.27
N GLY Q 22 83.52 -71.81 -9.10
CA GLY Q 22 84.88 -71.98 -8.64
C GLY Q 22 85.89 -71.01 -9.24
N THR Q 23 85.45 -70.06 -10.06
CA THR Q 23 86.36 -69.10 -10.69
C THR Q 23 86.85 -68.05 -9.72
N GLY Q 24 86.00 -67.56 -8.83
CA GLY Q 24 86.33 -66.45 -7.97
C GLY Q 24 85.33 -65.33 -8.11
N VAL Q 25 84.86 -65.10 -9.34
CA VAL Q 25 83.78 -64.16 -9.57
C VAL Q 25 82.46 -64.81 -9.19
N VAL Q 26 81.48 -63.98 -8.84
CA VAL Q 26 80.13 -64.43 -8.53
C VAL Q 26 79.15 -63.59 -9.33
N VAL Q 27 77.96 -64.15 -9.55
CA VAL Q 27 76.94 -63.51 -10.36
C VAL Q 27 75.68 -63.36 -9.50
N LEU Q 28 75.20 -62.13 -9.38
CA LEU Q 28 73.93 -61.84 -8.70
C LEU Q 28 72.88 -61.62 -9.78
N ALA Q 29 72.28 -62.73 -10.21
CA ALA Q 29 71.35 -62.68 -11.33
C ALA Q 29 69.98 -62.18 -10.88
N SER Q 30 69.33 -61.42 -11.77
CA SER Q 30 67.99 -60.90 -11.53
C SER Q 30 67.16 -61.13 -12.78
N GLU Q 31 65.84 -61.21 -12.61
CA GLU Q 31 64.92 -61.49 -13.71
C GLU Q 31 64.09 -60.25 -13.98
N HIS Q 32 64.22 -59.70 -15.19
CA HIS Q 32 63.44 -58.53 -15.58
C HIS Q 32 62.82 -58.62 -16.97
N SER Q 33 63.35 -59.45 -17.87
CA SER Q 33 62.89 -59.66 -19.25
C SER Q 33 62.91 -58.36 -20.06
N ILE Q 34 64.14 -57.89 -20.29
CA ILE Q 34 64.36 -56.68 -21.08
C ILE Q 34 64.08 -56.99 -22.54
N ASP Q 35 63.22 -56.18 -23.17
CA ASP Q 35 62.92 -56.32 -24.59
C ASP Q 35 64.08 -55.85 -25.44
N GLU Q 36 64.27 -56.50 -26.58
CA GLU Q 36 65.34 -56.08 -27.47
C GLU Q 36 64.76 -55.33 -28.64
N ILE Q 37 65.62 -54.95 -29.56
CA ILE Q 37 65.20 -54.21 -30.74
C ILE Q 37 65.35 -55.09 -31.97
N GLN Q 38 64.59 -54.80 -33.00
CA GLN Q 38 64.65 -55.65 -34.16
C GLN Q 38 65.70 -55.12 -35.08
N THR Q 39 66.95 -55.45 -34.80
CA THR Q 39 68.04 -55.00 -35.66
C THR Q 39 68.92 -56.15 -36.09
N GLU Q 40 69.65 -55.95 -37.17
CA GLU Q 40 70.52 -56.98 -37.68
C GLU Q 40 71.82 -56.90 -36.95
N ASN Q 41 72.30 -55.68 -36.72
CA ASN Q 41 73.54 -55.50 -35.99
C ASN Q 41 73.36 -56.02 -34.60
N VAL Q 42 74.19 -56.98 -34.21
CA VAL Q 42 74.10 -57.49 -32.84
C VAL Q 42 74.90 -56.65 -31.86
N HIS Q 43 75.81 -55.81 -32.34
CA HIS Q 43 76.54 -54.91 -31.47
C HIS Q 43 75.62 -53.82 -30.93
N ALA Q 44 74.78 -53.25 -31.79
CA ALA Q 44 73.79 -52.27 -31.33
C ALA Q 44 72.70 -52.94 -30.49
N LEU Q 45 72.35 -54.17 -30.83
CA LEU Q 45 71.34 -54.91 -30.10
C LEU Q 45 71.82 -55.31 -28.70
N ILE Q 46 73.12 -55.54 -28.54
CA ILE Q 46 73.61 -55.79 -27.19
C ILE Q 46 73.92 -54.47 -26.47
N LYS Q 47 74.19 -53.40 -27.22
CA LYS Q 47 74.54 -52.13 -26.62
C LYS Q 47 73.32 -51.46 -25.98
N ASP Q 48 72.18 -51.47 -26.67
CA ASP Q 48 70.99 -50.84 -26.09
C ASP Q 48 70.40 -51.69 -24.96
N LYS Q 49 70.55 -53.01 -25.03
CA LYS Q 49 70.05 -53.87 -23.97
C LYS Q 49 70.91 -53.75 -22.72
N LEU Q 50 72.23 -53.61 -22.90
CA LEU Q 50 73.10 -53.30 -21.77
C LEU Q 50 72.85 -51.89 -21.22
N LEU Q 51 72.46 -50.97 -22.09
CA LEU Q 51 72.04 -49.63 -21.64
C LEU Q 51 70.79 -49.69 -20.77
N LYS Q 52 69.81 -50.50 -21.18
CA LYS Q 52 68.59 -50.64 -20.38
C LYS Q 52 68.86 -51.36 -19.06
N ALA Q 53 69.78 -52.33 -19.07
CA ALA Q 53 70.13 -53.01 -17.83
C ALA Q 53 70.93 -52.11 -16.90
N PHE Q 54 71.78 -51.24 -17.45
CA PHE Q 54 72.52 -50.31 -16.61
C PHE Q 54 71.61 -49.20 -16.09
N LYS Q 55 70.58 -48.84 -16.86
CA LYS Q 55 69.56 -47.93 -16.34
C LYS Q 55 68.72 -48.60 -15.26
N LEU Q 56 68.57 -49.92 -15.33
CA LEU Q 56 67.88 -50.66 -14.28
C LEU Q 56 68.70 -50.85 -13.02
N VAL Q 57 70.02 -51.01 -13.14
CA VAL Q 57 70.83 -51.41 -11.99
C VAL Q 57 71.74 -50.27 -11.53
N GLY Q 58 72.56 -49.75 -12.43
CA GLY Q 58 73.50 -48.71 -12.07
C GLY Q 58 74.79 -49.19 -11.45
N ARG Q 59 74.98 -50.50 -11.33
CA ARG Q 59 76.19 -51.14 -10.82
C ARG Q 59 76.82 -51.88 -12.00
N PRO Q 60 78.07 -52.44 -11.87
CA PRO Q 60 78.59 -53.30 -12.94
C PRO Q 60 77.75 -54.53 -13.27
N VAL Q 61 77.28 -54.60 -14.50
CA VAL Q 61 76.30 -55.59 -14.94
C VAL Q 61 76.68 -56.06 -16.35
N PHE Q 62 76.59 -57.37 -16.59
CA PHE Q 62 76.78 -57.92 -17.92
C PHE Q 62 75.45 -58.44 -18.45
N VAL Q 63 75.36 -58.51 -19.79
CA VAL Q 63 74.16 -58.94 -20.50
C VAL Q 63 74.57 -59.90 -21.61
N GLU Q 64 73.92 -61.06 -21.63
CA GLU Q 64 74.14 -62.09 -22.64
C GLU Q 64 73.01 -62.06 -23.66
N HIS Q 65 73.34 -62.41 -24.90
CA HIS Q 65 72.36 -62.68 -25.95
C HIS Q 65 72.84 -63.88 -26.77
N THR Q 66 71.91 -64.75 -27.15
CA THR Q 66 72.21 -65.98 -27.92
C THR Q 66 71.40 -66.02 -29.17
N GLY Q 67 72.06 -66.27 -30.30
CA GLY Q 67 71.39 -66.28 -31.58
C GLY Q 67 71.78 -67.47 -32.43
N LEU Q 68 70.75 -68.11 -32.99
CA LEU Q 68 70.87 -69.13 -34.02
C LEU Q 68 70.90 -68.47 -35.39
N TYR Q 69 71.73 -68.97 -36.29
CA TYR Q 69 71.84 -68.42 -37.65
C TYR Q 69 71.70 -69.56 -38.64
N ILE Q 70 70.50 -69.72 -39.19
CA ILE Q 70 70.21 -70.80 -40.12
C ILE Q 70 70.74 -70.42 -41.51
N GLU Q 71 71.63 -71.25 -42.05
CA GLU Q 71 72.23 -70.96 -43.35
C GLU Q 71 71.24 -71.19 -44.48
N SER Q 72 70.26 -72.07 -44.27
CA SER Q 72 69.22 -72.28 -45.29
C SER Q 72 68.28 -71.09 -45.35
N LEU Q 73 68.09 -70.39 -44.24
CA LEU Q 73 67.21 -69.24 -44.17
C LEU Q 73 67.94 -67.93 -44.43
N ASN Q 74 69.09 -68.00 -45.11
CA ASN Q 74 69.94 -66.86 -45.49
C ASN Q 74 70.41 -66.08 -44.25
N GLY Q 75 70.68 -66.80 -43.16
CA GLY Q 75 71.08 -66.17 -41.92
C GLY Q 75 70.01 -65.32 -41.28
N PHE Q 76 68.77 -65.81 -41.24
CA PHE Q 76 67.66 -65.00 -40.75
C PHE Q 76 67.72 -64.69 -39.25
N PRO Q 77 67.74 -65.67 -38.29
CA PRO Q 77 67.60 -65.26 -36.90
C PRO Q 77 68.92 -64.77 -36.32
N GLY Q 78 68.94 -64.51 -35.03
CA GLY Q 78 70.11 -63.94 -34.40
C GLY Q 78 69.76 -62.54 -33.95
N GLY Q 79 69.44 -62.40 -32.68
CA GLY Q 79 68.83 -61.20 -32.17
C GLY Q 79 67.36 -61.38 -31.92
N LEU Q 80 66.70 -62.26 -32.67
CA LEU Q 80 65.27 -62.47 -32.57
C LEU Q 80 64.92 -63.95 -32.66
N THR Q 81 65.73 -64.79 -32.01
CA THR Q 81 65.46 -66.21 -32.00
C THR Q 81 64.39 -66.55 -30.96
N GLN Q 82 64.27 -65.71 -29.95
CA GLN Q 82 63.30 -65.94 -28.89
C GLN Q 82 61.88 -66.06 -29.46
N ILE Q 83 61.41 -65.02 -30.14
CA ILE Q 83 60.05 -65.04 -30.68
C ILE Q 83 59.86 -66.25 -31.60
N PHE Q 84 60.91 -66.59 -32.37
CA PHE Q 84 60.95 -67.76 -33.24
C PHE Q 84 60.68 -69.06 -32.48
N TRP Q 85 61.43 -69.28 -31.39
CA TRP Q 85 61.25 -70.48 -30.59
C TRP Q 85 59.95 -70.43 -29.80
N ASP Q 86 59.54 -69.24 -29.36
CA ASP Q 86 58.33 -69.13 -28.55
C ASP Q 86 57.06 -69.32 -29.39
N LYS Q 87 57.21 -69.19 -30.70
CA LYS Q 87 56.06 -69.34 -31.57
C LYS Q 87 55.96 -70.71 -32.22
N LEU Q 88 57.05 -71.23 -32.77
CA LEU Q 88 56.90 -72.49 -33.50
C LEU Q 88 57.46 -73.72 -32.78
N GLN Q 89 58.22 -73.54 -31.69
CA GLN Q 89 58.73 -74.57 -30.78
C GLN Q 89 59.59 -75.60 -31.53
N ALA Q 90 59.58 -76.85 -31.07
CA ALA Q 90 60.34 -77.94 -31.68
C ALA Q 90 59.56 -78.72 -32.73
N ASP Q 91 58.23 -78.67 -32.67
CA ASP Q 91 57.40 -79.45 -33.59
C ASP Q 91 57.45 -78.87 -35.00
N LYS Q 92 57.41 -77.54 -35.10
CA LYS Q 92 57.45 -76.87 -36.40
C LYS Q 92 58.84 -76.29 -36.69
N PHE Q 93 59.85 -76.95 -36.14
CA PHE Q 93 61.24 -76.60 -36.43
C PHE Q 93 61.90 -77.64 -37.30
N SER Q 94 61.93 -78.90 -36.87
CA SER Q 94 62.69 -79.94 -37.54
C SER Q 94 62.01 -80.44 -38.80
N GLN Q 95 60.69 -80.26 -38.93
CA GLN Q 95 59.99 -80.83 -40.07
C GLN Q 95 60.14 -79.99 -41.33
N LEU Q 96 60.56 -78.72 -41.20
CA LEU Q 96 60.72 -77.85 -42.35
C LEU Q 96 62.10 -77.22 -42.45
N LEU Q 97 62.94 -77.35 -41.41
CA LEU Q 97 64.31 -76.87 -41.48
C LEU Q 97 65.35 -77.97 -41.33
N GLY Q 98 65.01 -79.09 -40.69
CA GLY Q 98 65.93 -80.20 -40.61
C GLY Q 98 65.94 -81.11 -41.82
N THR Q 99 64.92 -81.02 -42.67
CA THR Q 99 64.78 -81.89 -43.83
C THR Q 99 65.01 -81.17 -45.15
N SER Q 100 65.69 -80.02 -45.13
CA SER Q 100 65.93 -79.26 -46.34
C SER Q 100 67.25 -79.69 -46.99
N GLU Q 101 67.69 -78.91 -47.98
CA GLU Q 101 68.94 -79.19 -48.66
C GLU Q 101 70.17 -78.80 -47.84
N ASN Q 102 70.08 -77.74 -47.03
CA ASN Q 102 71.19 -77.27 -46.20
C ASN Q 102 70.78 -77.22 -44.72
N PRO Q 103 70.81 -78.37 -44.00
CA PRO Q 103 70.78 -78.35 -42.55
C PRO Q 103 71.86 -77.61 -41.75
N ARG Q 104 72.83 -76.94 -42.38
CA ARG Q 104 73.88 -76.28 -41.61
C ARG Q 104 73.37 -74.99 -40.96
N LEU Q 105 73.81 -74.75 -39.72
CA LEU Q 105 73.46 -73.55 -38.98
C LEU Q 105 74.50 -73.30 -37.90
N VAL Q 106 74.69 -72.03 -37.55
CA VAL Q 106 75.71 -71.61 -36.59
C VAL Q 106 75.04 -70.83 -35.45
N ALA Q 107 75.42 -71.16 -34.22
CA ALA Q 107 74.86 -70.55 -33.03
C ALA Q 107 75.91 -69.68 -32.36
N LYS Q 108 75.55 -68.42 -32.09
CA LYS Q 108 76.47 -67.44 -31.53
C LYS Q 108 75.91 -66.86 -30.24
N THR Q 109 76.79 -66.68 -29.25
CA THR Q 109 76.50 -65.98 -28.01
C THR Q 109 77.34 -64.72 -27.96
N ILE Q 110 76.70 -63.58 -27.73
CA ILE Q 110 77.39 -62.29 -27.60
C ILE Q 110 77.10 -61.75 -26.21
N ILE Q 111 78.15 -61.33 -25.51
CA ILE Q 111 78.04 -60.82 -24.14
C ILE Q 111 78.39 -59.34 -24.16
N GLY Q 112 77.47 -58.51 -23.64
CA GLY Q 112 77.74 -57.11 -23.42
C GLY Q 112 77.91 -56.83 -21.95
N TYR Q 113 79.06 -56.29 -21.58
CA TYR Q 113 79.43 -56.06 -20.20
C TYR Q 113 79.69 -54.58 -19.96
N CYS Q 114 79.20 -54.07 -18.85
CA CYS Q 114 79.43 -52.68 -18.45
C CYS Q 114 80.13 -52.68 -17.10
N ASP Q 115 81.28 -52.00 -17.03
CA ASP Q 115 82.06 -51.89 -15.80
C ASP Q 115 81.79 -50.60 -15.06
N SER Q 116 80.61 -50.00 -15.30
CA SER Q 116 80.13 -48.67 -14.89
C SER Q 116 80.93 -47.52 -15.49
N MET Q 117 81.82 -47.78 -16.44
CA MET Q 117 82.51 -46.74 -17.18
C MET Q 117 82.45 -46.94 -18.68
N LYS Q 118 82.57 -48.18 -19.16
CA LYS Q 118 82.64 -48.45 -20.59
C LYS Q 118 81.80 -49.68 -20.90
N ILE Q 119 81.72 -50.00 -22.18
CA ILE Q 119 80.93 -51.13 -22.69
C ILE Q 119 81.89 -52.08 -23.40
N TYR Q 120 81.89 -53.34 -22.98
CA TYR Q 120 82.80 -54.35 -23.50
C TYR Q 120 82.00 -55.48 -24.10
N ILE Q 121 82.35 -55.88 -25.32
CA ILE Q 121 81.59 -56.86 -26.09
C ILE Q 121 82.47 -58.08 -26.33
N PHE Q 122 81.99 -59.25 -25.89
CA PHE Q 122 82.68 -60.51 -26.07
C PHE Q 122 81.73 -61.50 -26.74
N GLU Q 123 82.26 -62.29 -27.67
CA GLU Q 123 81.41 -63.17 -28.46
C GLU Q 123 82.10 -64.50 -28.71
N GLY Q 124 81.29 -65.53 -28.94
CA GLY Q 124 81.78 -66.84 -29.30
C GLY Q 124 80.76 -67.58 -30.15
N GLU Q 125 81.24 -68.52 -30.94
CA GLU Q 125 80.39 -69.22 -31.90
C GLU Q 125 80.76 -70.69 -32.00
N THR Q 126 79.75 -71.53 -32.20
CA THR Q 126 79.94 -72.91 -32.66
C THR Q 126 79.05 -73.15 -33.87
N GLN Q 127 79.54 -73.98 -34.78
CA GLN Q 127 78.77 -74.40 -35.94
C GLN Q 127 78.11 -75.74 -35.65
N GLY Q 128 77.07 -76.04 -36.41
CA GLY Q 128 76.33 -77.27 -36.14
C GLY Q 128 75.31 -77.57 -37.21
N THR Q 129 74.41 -78.49 -36.85
CA THR Q 129 73.43 -79.05 -37.77
C THR Q 129 72.10 -79.17 -37.03
N ILE Q 130 71.00 -78.94 -37.75
CA ILE Q 130 69.66 -79.09 -37.17
C ILE Q 130 69.25 -80.56 -37.29
N SER Q 131 68.73 -81.12 -36.19
CA SER Q 131 68.29 -82.50 -36.20
C SER Q 131 67.00 -82.65 -37.00
N PRO Q 132 66.82 -83.78 -37.70
CA PRO Q 132 65.52 -84.04 -38.33
C PRO Q 132 64.44 -84.44 -37.33
N VAL Q 133 64.84 -84.97 -36.17
CA VAL Q 133 63.90 -85.34 -35.11
C VAL Q 133 64.41 -84.77 -33.80
N PRO Q 134 63.54 -84.08 -33.04
CA PRO Q 134 63.93 -83.61 -31.70
C PRO Q 134 64.28 -84.76 -30.76
N LYS Q 135 65.38 -84.57 -30.03
CA LYS Q 135 66.03 -85.68 -29.33
C LYS Q 135 66.59 -85.19 -28.00
N GLY Q 136 66.23 -85.87 -26.92
CA GLY Q 136 66.73 -85.55 -25.61
C GLY Q 136 65.69 -84.87 -24.74
N PRO Q 137 66.13 -84.32 -23.61
CA PRO Q 137 65.21 -83.56 -22.75
C PRO Q 137 64.80 -82.24 -23.40
N ARG Q 138 63.64 -81.73 -22.98
CA ARG Q 138 63.06 -80.55 -23.60
C ARG Q 138 62.80 -79.45 -22.59
N ASP Q 139 63.77 -79.18 -21.73
CA ASP Q 139 63.63 -78.17 -20.69
C ASP Q 139 64.45 -76.92 -20.94
N PHE Q 140 65.30 -76.91 -21.98
CA PHE Q 140 66.10 -75.73 -22.32
C PHE Q 140 66.04 -75.31 -23.77
N GLN Q 141 64.84 -75.12 -24.30
CA GLN Q 141 64.70 -74.60 -25.65
C GLN Q 141 65.42 -75.40 -26.73
N TRP Q 142 66.00 -74.71 -27.71
CA TRP Q 142 66.63 -75.42 -28.83
C TRP Q 142 67.85 -76.28 -28.52
N ASP Q 143 67.99 -76.83 -27.32
CA ASP Q 143 69.06 -77.77 -27.03
C ASP Q 143 68.76 -79.16 -27.57
N CYS Q 144 67.48 -79.54 -27.64
CA CYS Q 144 67.08 -80.86 -28.09
C CYS Q 144 67.09 -81.01 -29.60
N ILE Q 145 67.32 -79.93 -30.36
CA ILE Q 145 67.34 -79.98 -31.81
C ILE Q 145 68.69 -79.61 -32.40
N PHE Q 146 69.65 -79.21 -31.58
CA PHE Q 146 70.94 -78.68 -32.07
C PHE Q 146 72.00 -79.77 -31.99
N ILE Q 147 72.35 -80.34 -33.14
CA ILE Q 147 73.50 -81.23 -33.27
C ILE Q 147 74.72 -80.37 -33.54
N PRO Q 148 75.74 -80.39 -32.68
CA PRO Q 148 76.99 -79.67 -33.00
C PRO Q 148 77.78 -80.41 -34.07
N ASP Q 149 78.68 -79.68 -34.72
CA ASP Q 149 79.49 -80.24 -35.79
C ASP Q 149 80.53 -81.21 -35.23
N GLY Q 150 80.65 -82.38 -35.85
CA GLY Q 150 81.54 -83.41 -35.36
C GLY Q 150 80.96 -84.28 -34.27
N GLU Q 151 79.64 -84.23 -34.06
CA GLU Q 151 78.99 -85.02 -33.04
C GLU Q 151 77.68 -85.57 -33.59
N SER Q 152 77.13 -86.55 -32.87
CA SER Q 152 75.84 -87.16 -33.22
C SER Q 152 74.82 -87.04 -32.10
N GLU Q 153 75.12 -86.29 -31.04
CA GLU Q 153 74.24 -86.10 -29.91
C GLU Q 153 73.87 -84.63 -29.80
N THR Q 154 72.61 -84.36 -29.47
CA THR Q 154 72.16 -82.99 -29.25
C THR Q 154 72.72 -82.47 -27.94
N PHE Q 155 72.62 -81.14 -27.75
CA PHE Q 155 73.18 -80.51 -26.56
C PHE Q 155 72.37 -80.84 -25.32
N ALA Q 156 71.08 -81.16 -25.48
CA ALA Q 156 70.29 -81.62 -24.34
C ALA Q 156 70.63 -83.05 -23.98
N GLU Q 157 70.85 -83.90 -24.98
CA GLU Q 157 71.11 -85.31 -24.72
C GLU Q 157 72.53 -85.54 -24.21
N MET Q 158 73.48 -84.67 -24.60
CA MET Q 158 74.88 -84.88 -24.22
C MET Q 158 75.13 -84.55 -22.75
N GLY Q 159 74.23 -83.80 -22.11
CA GLY Q 159 74.26 -83.62 -20.68
C GLY Q 159 75.11 -82.46 -20.22
N ASP Q 160 75.87 -82.71 -19.15
CA ASP Q 160 76.65 -81.66 -18.51
C ASP Q 160 77.93 -81.33 -19.26
N ARG Q 161 78.31 -82.14 -20.25
CA ARG Q 161 79.48 -81.82 -21.06
C ARG Q 161 79.14 -80.88 -22.22
N LYS Q 162 77.98 -80.25 -22.18
CA LYS Q 162 77.67 -79.24 -23.18
C LYS Q 162 78.39 -77.97 -22.77
N ASN Q 163 78.59 -77.76 -21.46
CA ASN Q 163 79.33 -76.60 -20.99
C ASN Q 163 80.83 -76.84 -20.96
N GLU Q 164 81.41 -77.36 -22.05
CA GLU Q 164 82.85 -77.35 -22.29
C GLU Q 164 83.22 -77.00 -23.73
N ILE Q 165 82.29 -77.05 -24.68
CA ILE Q 165 82.59 -76.82 -26.09
C ILE Q 165 81.59 -75.81 -26.66
N SER Q 166 80.62 -75.40 -25.85
CA SER Q 166 79.53 -74.55 -26.33
C SER Q 166 80.03 -73.13 -26.55
N MET Q 167 79.28 -72.38 -27.36
CA MET Q 167 79.68 -71.00 -27.70
C MET Q 167 79.61 -70.07 -26.51
N ARG Q 168 78.59 -70.25 -25.67
CA ARG Q 168 78.48 -69.46 -24.46
C ARG Q 168 79.76 -69.66 -23.67
N LYS Q 169 80.27 -70.89 -23.64
CA LYS Q 169 81.51 -71.18 -22.92
C LYS Q 169 82.67 -70.37 -23.48
N LYS Q 170 82.90 -70.45 -24.79
CA LYS Q 170 83.95 -69.64 -25.43
C LYS Q 170 83.79 -68.16 -25.12
N ALA Q 171 82.55 -67.65 -25.19
CA ALA Q 171 82.30 -66.25 -24.87
C ALA Q 171 82.58 -65.93 -23.41
N PHE Q 172 82.21 -66.83 -22.51
CA PHE Q 172 82.50 -66.62 -21.10
C PHE Q 172 83.94 -66.93 -20.73
N ASP Q 173 84.66 -67.66 -21.58
CA ASP Q 173 86.10 -67.81 -21.36
C ASP Q 173 86.82 -66.53 -21.70
N LYS Q 174 86.41 -65.85 -22.79
CA LYS Q 174 86.96 -64.52 -23.08
C LYS Q 174 86.54 -63.50 -22.03
N PHE Q 175 85.30 -63.60 -21.53
CA PHE Q 175 84.82 -62.75 -20.44
C PHE Q 175 85.60 -62.98 -19.15
N LYS Q 176 85.88 -64.25 -18.82
CA LYS Q 176 86.66 -64.60 -17.65
C LYS Q 176 88.10 -64.15 -17.77
N GLU Q 177 88.66 -64.24 -19.00
CA GLU Q 177 90.01 -63.76 -19.26
C GLU Q 177 90.12 -62.25 -19.07
N TYR Q 178 89.07 -61.52 -19.49
CA TYR Q 178 89.06 -60.08 -19.23
C TYR Q 178 88.87 -59.77 -17.74
N LEU Q 179 88.01 -60.53 -17.06
CA LEU Q 179 87.67 -60.18 -15.68
C LEU Q 179 88.80 -60.51 -14.71
N LEU Q 180 89.61 -61.53 -15.02
CA LEU Q 180 90.79 -61.75 -14.19
C LEU Q 180 92.04 -61.05 -14.73
N GLU Q 181 92.02 -60.58 -15.98
CA GLU Q 181 93.16 -59.80 -16.47
C GLU Q 181 93.13 -58.37 -15.95
N GLY Q 182 91.99 -57.90 -15.46
CA GLY Q 182 91.85 -56.55 -14.93
C GLY Q 182 90.92 -55.70 -15.77
N GLY Q 183 90.68 -54.49 -15.27
CA GLY Q 183 89.82 -53.55 -15.97
C GLY Q 183 90.55 -52.77 -17.04
N LYS Q 184 90.96 -53.46 -18.10
CA LYS Q 184 91.81 -52.86 -19.13
C LYS Q 184 91.01 -52.30 -20.30
N MET R 1 43.95 -31.13 -42.28
CA MET R 1 44.81 -31.53 -41.19
C MET R 1 46.22 -31.84 -41.68
N ASN R 2 47.23 -31.24 -41.04
CA ASN R 2 48.62 -31.39 -41.44
C ASN R 2 49.29 -32.34 -40.45
N ILE R 3 49.41 -33.62 -40.84
CA ILE R 3 49.90 -34.68 -39.98
C ILE R 3 51.16 -35.23 -40.64
N ARG R 4 52.17 -35.53 -39.82
CA ARG R 4 53.45 -36.01 -40.31
C ARG R 4 53.56 -37.53 -40.18
N PHE R 5 54.49 -38.11 -40.93
CA PHE R 5 54.65 -39.57 -41.00
C PHE R 5 56.13 -39.90 -41.02
N ILE R 6 56.54 -40.82 -40.14
CA ILE R 6 57.91 -41.29 -40.06
C ILE R 6 57.94 -42.77 -40.41
N THR R 7 58.79 -43.14 -41.37
CA THR R 7 58.85 -44.52 -41.84
C THR R 7 60.22 -44.80 -42.44
N ARG R 8 60.39 -46.00 -42.95
CA ARG R 8 61.62 -46.33 -43.67
C ARG R 8 61.20 -46.72 -45.06
N ASN R 9 60.03 -47.34 -45.24
CA ASN R 9 59.58 -47.79 -46.54
C ASN R 9 59.27 -46.59 -47.36
N ARG R 10 59.77 -46.55 -48.60
CA ARG R 10 59.43 -45.44 -49.46
C ARG R 10 58.11 -45.66 -50.19
N HIS R 11 57.78 -46.91 -50.53
CA HIS R 11 56.55 -47.20 -51.25
C HIS R 11 55.33 -47.10 -50.34
N LYS R 12 55.55 -47.21 -49.03
CA LYS R 12 54.49 -46.99 -48.04
C LYS R 12 54.00 -45.54 -48.10
N ILE R 13 54.91 -44.60 -48.33
CA ILE R 13 54.58 -43.19 -48.47
C ILE R 13 53.66 -42.96 -49.67
N LYS R 14 53.97 -43.60 -50.80
CA LYS R 14 53.15 -43.44 -52.00
C LYS R 14 51.80 -44.13 -51.86
N GLU R 15 51.74 -45.27 -51.15
CA GLU R 15 50.45 -45.91 -50.88
C GLU R 15 49.56 -45.06 -49.98
N ILE R 16 50.12 -44.48 -48.92
CA ILE R 16 49.36 -43.64 -48.00
C ILE R 16 48.93 -42.34 -48.68
N ASN R 17 49.79 -41.82 -49.57
CA ASN R 17 49.45 -40.60 -50.31
C ASN R 17 48.36 -40.86 -51.35
N LYS R 18 48.39 -42.03 -52.01
CA LYS R 18 47.35 -42.35 -52.99
C LYS R 18 46.04 -42.72 -52.32
N ILE R 19 46.10 -43.31 -51.12
CA ILE R 19 44.87 -43.64 -50.39
C ILE R 19 44.21 -42.38 -49.86
N LEU R 20 45.00 -41.47 -49.28
CA LEU R 20 44.48 -40.24 -48.69
C LEU R 20 44.39 -39.10 -49.68
N SER R 21 44.44 -39.38 -50.99
CA SER R 21 44.39 -38.33 -52.00
C SER R 21 42.98 -37.77 -52.13
N GLY R 22 42.85 -36.45 -52.10
CA GLY R 22 41.58 -35.78 -52.22
C GLY R 22 40.74 -35.75 -50.96
N THR R 23 41.26 -36.25 -49.84
CA THR R 23 40.51 -36.26 -48.59
C THR R 23 40.42 -34.89 -47.94
N GLY R 24 41.48 -34.10 -47.99
CA GLY R 24 41.54 -32.84 -47.28
C GLY R 24 42.73 -32.80 -46.35
N VAL R 25 43.06 -33.93 -45.74
CA VAL R 25 44.28 -34.04 -44.95
C VAL R 25 45.46 -34.24 -45.89
N VAL R 26 46.64 -33.84 -45.42
CA VAL R 26 47.88 -34.02 -46.17
C VAL R 26 48.90 -34.67 -45.23
N VAL R 27 49.88 -35.34 -45.82
CA VAL R 27 50.90 -36.07 -45.08
C VAL R 27 52.26 -35.53 -45.47
N LEU R 28 53.02 -35.08 -44.48
CA LEU R 28 54.41 -34.65 -44.67
C LEU R 28 55.31 -35.78 -44.21
N ALA R 29 55.57 -36.72 -45.12
CA ALA R 29 56.31 -37.91 -44.78
C ALA R 29 57.81 -37.64 -44.70
N SER R 30 58.47 -38.31 -43.77
CA SER R 30 59.91 -38.22 -43.59
C SER R 30 60.46 -39.63 -43.43
N GLU R 31 61.75 -39.79 -43.76
CA GLU R 31 62.40 -41.09 -43.72
C GLU R 31 63.45 -41.08 -42.61
N HIS R 32 63.26 -41.94 -41.61
CA HIS R 32 64.21 -42.04 -40.51
C HIS R 32 64.58 -43.47 -40.13
N SER R 33 63.75 -44.48 -40.44
CA SER R 33 63.94 -45.90 -40.14
C SER R 33 64.09 -46.15 -38.64
N ILE R 34 62.98 -45.92 -37.95
CA ILE R 34 62.93 -46.14 -36.50
C ILE R 34 62.90 -47.64 -36.23
N ASP R 35 63.82 -48.10 -35.38
CA ASP R 35 63.86 -49.51 -34.99
C ASP R 35 62.71 -49.85 -34.04
N GLU R 36 62.21 -51.06 -34.15
CA GLU R 36 61.16 -51.48 -33.25
C GLU R 36 61.71 -52.39 -32.19
N ILE R 37 60.82 -52.89 -31.35
CA ILE R 37 61.22 -53.78 -30.27
C ILE R 37 60.69 -55.18 -30.55
N GLN R 38 61.30 -56.17 -29.90
CA GLN R 38 60.91 -57.58 -30.05
C GLN R 38 59.94 -57.97 -28.94
N THR R 39 58.68 -57.63 -29.18
CA THR R 39 57.62 -57.97 -28.25
C THR R 39 56.41 -58.50 -29.01
N GLU R 40 55.56 -59.23 -28.30
CA GLU R 40 54.41 -59.85 -28.92
C GLU R 40 53.22 -58.90 -28.99
N ASN R 41 53.11 -58.01 -28.01
CA ASN R 41 52.01 -57.05 -27.99
C ASN R 41 52.26 -55.95 -29.01
N VAL R 42 51.41 -55.88 -30.04
CA VAL R 42 51.59 -54.85 -31.06
C VAL R 42 51.16 -53.48 -30.58
N HIS R 43 50.40 -53.40 -29.49
CA HIS R 43 50.04 -52.11 -28.91
C HIS R 43 51.25 -51.45 -28.27
N ALA R 44 52.06 -52.20 -27.54
CA ALA R 44 53.30 -51.66 -27.00
C ALA R 44 54.33 -51.39 -28.09
N LEU R 45 54.34 -52.23 -29.13
CA LEU R 45 55.26 -52.07 -30.25
C LEU R 45 54.90 -50.84 -31.09
N ILE R 46 53.62 -50.48 -31.17
CA ILE R 46 53.30 -49.24 -31.86
C ILE R 46 53.42 -48.05 -30.92
N LYS R 47 53.28 -48.27 -29.60
CA LYS R 47 53.33 -47.18 -28.64
C LYS R 47 54.74 -46.64 -28.47
N ASP R 48 55.73 -47.53 -28.37
CA ASP R 48 57.10 -47.04 -28.22
C ASP R 48 57.65 -46.47 -29.53
N LYS R 49 57.20 -46.99 -30.67
CA LYS R 49 57.65 -46.44 -31.95
C LYS R 49 57.03 -45.06 -32.20
N LEU R 50 55.78 -44.88 -31.81
CA LEU R 50 55.17 -43.55 -31.86
C LEU R 50 55.81 -42.61 -30.84
N LEU R 51 56.28 -43.14 -29.71
CA LEU R 51 57.05 -42.35 -28.76
C LEU R 51 58.36 -41.87 -29.34
N LYS R 52 59.07 -42.75 -30.06
CA LYS R 52 60.33 -42.36 -30.69
C LYS R 52 60.11 -41.37 -31.83
N ALA R 53 59.00 -41.51 -32.56
CA ALA R 53 58.68 -40.56 -33.61
C ALA R 53 58.26 -39.21 -33.06
N PHE R 54 57.56 -39.20 -31.93
CA PHE R 54 57.19 -37.94 -31.30
C PHE R 54 58.39 -37.27 -30.65
N LYS R 55 59.35 -38.06 -30.17
CA LYS R 55 60.61 -37.51 -29.71
C LYS R 55 61.43 -36.96 -30.87
N LEU R 56 61.27 -37.53 -32.06
CA LEU R 56 61.93 -37.02 -33.25
C LEU R 56 61.28 -35.75 -33.81
N VAL R 57 59.96 -35.61 -33.70
CA VAL R 57 59.26 -34.55 -34.40
C VAL R 57 58.72 -33.51 -33.42
N GLY R 58 57.90 -33.95 -32.47
CA GLY R 58 57.30 -33.03 -31.53
C GLY R 58 56.03 -32.35 -32.02
N ARG R 59 55.57 -32.67 -33.22
CA ARG R 59 54.34 -32.17 -33.82
C ARG R 59 53.39 -33.36 -33.92
N PRO R 60 52.08 -33.17 -34.29
CA PRO R 60 51.22 -34.33 -34.57
C PRO R 60 51.71 -35.25 -35.68
N VAL R 61 51.96 -36.51 -35.30
CA VAL R 61 52.61 -37.49 -36.17
C VAL R 61 51.92 -38.84 -35.99
N PHE R 62 51.68 -39.55 -37.08
CA PHE R 62 51.17 -40.91 -37.01
C PHE R 62 52.25 -41.89 -37.47
N VAL R 63 52.12 -43.13 -37.01
CA VAL R 63 53.07 -44.20 -37.30
C VAL R 63 52.29 -45.47 -37.66
N GLU R 64 52.65 -46.05 -38.80
CA GLU R 64 52.05 -47.29 -39.29
C GLU R 64 52.98 -48.46 -39.03
N HIS R 65 52.40 -49.63 -38.79
CA HIS R 65 53.13 -50.90 -38.78
C HIS R 65 52.28 -51.96 -39.46
N THR R 66 52.92 -52.85 -40.21
CA THR R 66 52.21 -53.88 -40.93
C THR R 66 52.80 -55.23 -40.62
N GLY R 67 51.95 -56.20 -40.33
CA GLY R 67 52.40 -57.52 -39.92
C GLY R 67 51.63 -58.64 -40.60
N LEU R 68 52.39 -59.60 -41.10
CA LEU R 68 51.88 -60.88 -41.60
C LEU R 68 51.80 -61.86 -40.44
N TYR R 69 50.75 -62.68 -40.42
CA TYR R 69 50.57 -63.67 -39.35
C TYR R 69 50.29 -65.02 -40.01
N ILE R 70 51.33 -65.85 -40.10
CA ILE R 70 51.23 -67.15 -40.75
C ILE R 70 50.60 -68.14 -39.78
N GLU R 71 49.47 -68.73 -40.18
CA GLU R 71 48.76 -69.66 -39.31
C GLU R 71 49.48 -70.99 -39.20
N SER R 72 50.26 -71.35 -40.23
CA SER R 72 51.06 -72.57 -40.17
C SER R 72 52.22 -72.42 -39.21
N LEU R 73 52.73 -71.20 -39.07
CA LEU R 73 53.86 -70.92 -38.18
C LEU R 73 53.40 -70.51 -36.78
N ASN R 74 52.17 -70.89 -36.40
CA ASN R 74 51.55 -70.63 -35.09
C ASN R 74 51.46 -69.12 -34.80
N GLY R 75 51.22 -68.34 -35.86
CA GLY R 75 51.16 -66.89 -35.73
C GLY R 75 52.48 -66.25 -35.37
N PHE R 76 53.58 -66.67 -36.02
CA PHE R 76 54.90 -66.19 -35.64
C PHE R 76 55.13 -64.71 -35.96
N PRO R 77 55.03 -64.19 -37.23
CA PRO R 77 55.48 -62.82 -37.43
C PRO R 77 54.41 -61.82 -37.02
N GLY R 78 54.64 -60.54 -37.31
CA GLY R 78 53.74 -59.50 -36.86
C GLY R 78 54.45 -58.68 -35.83
N GLY R 79 54.99 -57.55 -36.26
CA GLY R 79 55.93 -56.80 -35.46
C GLY R 79 57.35 -56.96 -35.95
N LEU R 80 57.66 -58.11 -36.54
CA LEU R 80 59.00 -58.43 -37.00
C LEU R 80 58.99 -59.11 -38.35
N THR R 81 58.12 -58.65 -39.24
CA THR R 81 58.05 -59.23 -40.58
C THR R 81 59.16 -58.65 -41.45
N GLN R 82 59.62 -57.45 -41.12
CA GLN R 82 60.66 -56.80 -41.89
C GLN R 82 61.91 -57.68 -41.99
N ILE R 83 62.50 -58.02 -40.86
CA ILE R 83 63.73 -58.83 -40.87
C ILE R 83 63.49 -60.14 -41.61
N PHE R 84 62.30 -60.72 -41.46
CA PHE R 84 61.86 -61.92 -42.16
C PHE R 84 61.93 -61.77 -43.68
N TRP R 85 61.33 -60.69 -44.19
CA TRP R 85 61.35 -60.44 -45.62
C TRP R 85 62.73 -60.01 -46.09
N ASP R 86 63.46 -59.27 -45.30
CA ASP R 86 64.73 -58.81 -45.80
C ASP R 86 65.70 -59.94 -45.72
N LYS R 87 65.29 -61.08 -45.19
CA LYS R 87 66.19 -62.21 -45.17
C LYS R 87 65.83 -63.22 -46.24
N LEU R 88 64.77 -64.00 -45.99
CA LEU R 88 64.29 -65.02 -46.91
C LEU R 88 63.72 -64.54 -48.22
N GLN R 89 63.37 -63.29 -48.35
CA GLN R 89 62.71 -62.72 -49.55
C GLN R 89 61.60 -63.59 -50.13
N ALA R 90 61.44 -63.57 -51.45
CA ALA R 90 60.37 -64.35 -52.08
C ALA R 90 60.79 -65.75 -52.47
N ASP R 91 62.09 -65.98 -52.66
CA ASP R 91 62.57 -67.29 -53.11
C ASP R 91 62.45 -68.33 -52.01
N LYS R 92 62.77 -67.97 -50.78
CA LYS R 92 62.68 -68.88 -49.65
C LYS R 92 61.44 -68.61 -48.81
N PHE R 93 60.40 -68.12 -49.46
CA PHE R 93 59.09 -67.94 -48.83
C PHE R 93 58.09 -68.97 -49.33
N SER R 94 57.84 -69.01 -50.63
CA SER R 94 56.77 -69.83 -51.18
C SER R 94 57.12 -71.31 -51.24
N GLN R 95 58.42 -71.66 -51.22
CA GLN R 95 58.79 -73.06 -51.38
C GLN R 95 58.65 -73.86 -50.09
N LEU R 96 58.55 -73.18 -48.94
CA LEU R 96 58.42 -73.86 -47.67
C LEU R 96 57.21 -73.41 -46.85
N LEU R 97 56.53 -72.34 -47.25
CA LEU R 97 55.32 -71.91 -46.58
C LEU R 97 54.09 -71.94 -47.48
N GLY R 98 54.26 -71.84 -48.80
CA GLY R 98 53.13 -71.96 -49.71
C GLY R 98 52.74 -73.38 -50.05
N THR R 99 53.61 -74.36 -49.78
CA THR R 99 53.36 -75.75 -50.12
C THR R 99 53.11 -76.62 -48.90
N SER R 100 52.73 -76.04 -47.77
CA SER R 100 52.49 -76.81 -46.56
C SER R 100 51.03 -77.26 -46.49
N GLU R 101 50.62 -77.76 -45.32
CA GLU R 101 49.25 -78.20 -45.12
C GLU R 101 48.28 -77.03 -44.91
N ASN R 102 48.74 -75.93 -44.29
CA ASN R 102 47.90 -74.76 -44.03
C ASN R 102 48.53 -73.50 -44.63
N PRO R 103 48.33 -73.26 -45.96
CA PRO R 103 48.59 -71.95 -46.53
C PRO R 103 47.85 -70.72 -46.01
N ARG R 104 46.97 -70.82 -45.01
CA ARG R 104 46.22 -69.65 -44.57
C ARG R 104 47.11 -68.71 -43.74
N LEU R 105 46.93 -67.40 -43.95
CA LEU R 105 47.65 -66.37 -43.21
C LEU R 105 46.86 -65.07 -43.26
N VAL R 106 47.02 -64.25 -42.23
CA VAL R 106 46.28 -63.00 -42.07
C VAL R 106 47.27 -61.84 -41.93
N ALA R 107 47.02 -60.76 -42.66
CA ALA R 107 47.87 -59.59 -42.67
C ALA R 107 47.16 -58.42 -41.99
N LYS R 108 47.84 -57.80 -41.02
CA LYS R 108 47.26 -56.74 -40.22
C LYS R 108 48.12 -55.48 -40.30
N THR R 109 47.46 -54.33 -40.41
CA THR R 109 48.09 -53.02 -40.30
C THR R 109 47.57 -52.34 -39.06
N ILE R 110 48.47 -51.86 -38.21
CA ILE R 110 48.13 -51.11 -37.01
C ILE R 110 48.74 -49.72 -37.11
N ILE R 111 47.93 -48.70 -36.85
CA ILE R 111 48.35 -47.31 -36.96
C ILE R 111 48.35 -46.70 -35.56
N GLY R 112 49.50 -46.14 -35.16
CA GLY R 112 49.59 -45.38 -33.94
C GLY R 112 49.73 -43.90 -34.26
N TYR R 113 48.78 -43.12 -33.74
CA TYR R 113 48.70 -41.69 -34.04
C TYR R 113 48.81 -40.89 -32.75
N CYS R 114 49.58 -39.80 -32.80
CA CYS R 114 49.72 -38.89 -31.67
C CYS R 114 49.25 -37.51 -32.10
N ASP R 115 48.31 -36.94 -31.36
CA ASP R 115 47.77 -35.62 -31.62
C ASP R 115 48.44 -34.53 -30.79
N SER R 116 49.66 -34.80 -30.34
CA SER R 116 50.50 -34.05 -29.38
C SER R 116 49.90 -34.00 -27.97
N MET R 117 48.84 -34.75 -27.69
CA MET R 117 48.30 -34.88 -26.34
C MET R 117 48.09 -36.33 -25.94
N LYS R 118 47.61 -37.19 -26.84
CA LYS R 118 47.26 -38.56 -26.51
C LYS R 118 47.76 -39.48 -27.63
N ILE R 119 47.57 -40.77 -27.41
CA ILE R 119 47.98 -41.81 -28.34
C ILE R 119 46.75 -42.59 -28.77
N TYR R 120 46.53 -42.67 -30.09
CA TYR R 120 45.34 -43.29 -30.65
C TYR R 120 45.77 -44.44 -31.55
N ILE R 121 45.15 -45.60 -31.37
CA ILE R 121 45.54 -46.82 -32.06
C ILE R 121 44.39 -47.28 -32.94
N PHE R 122 44.64 -47.41 -34.25
CA PHE R 122 43.67 -47.88 -35.22
C PHE R 122 44.26 -49.05 -35.97
N GLU R 123 43.43 -50.07 -36.24
CA GLU R 123 43.93 -51.29 -36.85
C GLU R 123 42.92 -51.84 -37.85
N GLY R 124 43.44 -52.61 -38.81
CA GLY R 124 42.62 -53.30 -39.78
C GLY R 124 43.30 -54.56 -40.25
N GLU R 125 42.50 -55.52 -40.72
CA GLU R 125 43.02 -56.83 -41.10
C GLU R 125 42.32 -57.36 -42.33
N THR R 126 43.07 -58.08 -43.16
CA THR R 126 42.51 -58.95 -44.19
C THR R 126 43.12 -60.34 -44.05
N GLN R 127 42.33 -61.35 -44.37
CA GLN R 127 42.78 -62.73 -44.40
C GLN R 127 43.17 -63.10 -45.82
N GLY R 128 43.99 -64.14 -45.95
CA GLY R 128 44.45 -64.49 -47.27
C GLY R 128 45.22 -65.81 -47.28
N THR R 129 45.93 -66.02 -48.39
CA THR R 129 46.61 -67.28 -48.67
C THR R 129 47.97 -66.96 -49.28
N ILE R 130 48.98 -67.77 -48.95
CA ILE R 130 50.32 -67.61 -49.52
C ILE R 130 50.36 -68.35 -50.86
N SER R 131 50.90 -67.67 -51.88
CA SER R 131 51.01 -68.27 -53.20
C SER R 131 52.09 -69.35 -53.20
N PRO R 132 51.90 -70.43 -53.97
CA PRO R 132 53.00 -71.39 -54.15
C PRO R 132 54.09 -70.88 -55.07
N VAL R 133 53.77 -69.93 -55.95
CA VAL R 133 54.74 -69.32 -56.85
C VAL R 133 54.59 -67.81 -56.79
N PRO R 134 55.69 -67.07 -56.60
CA PRO R 134 55.64 -65.60 -56.66
C PRO R 134 55.17 -65.09 -58.01
N LYS R 135 54.27 -64.10 -57.97
CA LYS R 135 53.50 -63.74 -59.14
C LYS R 135 53.27 -62.22 -59.16
N GLY R 136 53.62 -61.59 -60.27
CA GLY R 136 53.42 -60.17 -60.42
C GLY R 136 54.69 -59.37 -60.31
N PRO R 137 54.57 -58.04 -60.20
CA PRO R 137 55.76 -57.21 -60.00
C PRO R 137 56.35 -57.40 -58.61
N ARG R 138 57.65 -57.11 -58.49
CA ARG R 138 58.38 -57.38 -57.26
C ARG R 138 59.04 -56.11 -56.72
N ASP R 139 58.29 -55.02 -56.66
CA ASP R 139 58.80 -53.74 -56.20
C ASP R 139 58.26 -53.33 -54.83
N PHE R 140 57.29 -54.08 -54.29
CA PHE R 140 56.74 -53.77 -52.95
C PHE R 140 56.69 -54.95 -52.01
N GLN R 141 57.79 -55.63 -51.81
CA GLN R 141 57.84 -56.70 -50.83
C GLN R 141 56.81 -57.79 -51.00
N TRP R 142 56.25 -58.29 -49.91
CA TRP R 142 55.32 -59.42 -49.99
C TRP R 142 54.00 -59.18 -50.71
N ASP R 143 53.93 -58.26 -51.67
CA ASP R 143 52.72 -58.11 -52.47
C ASP R 143 52.61 -59.16 -53.56
N CYS R 144 53.75 -59.64 -54.06
CA CYS R 144 53.76 -60.63 -55.14
C CYS R 144 53.49 -62.05 -54.66
N ILE R 145 53.41 -62.28 -53.36
CA ILE R 145 53.16 -63.62 -52.82
C ILE R 145 51.85 -63.70 -52.04
N PHE R 146 51.14 -62.59 -51.85
CA PHE R 146 49.95 -62.56 -51.01
C PHE R 146 48.69 -62.64 -51.86
N ILE R 147 48.05 -63.81 -51.85
CA ILE R 147 46.73 -63.98 -52.44
C ILE R 147 45.69 -63.64 -51.36
N PRO R 148 44.85 -62.63 -51.56
CA PRO R 148 43.76 -62.39 -50.61
C PRO R 148 42.67 -63.44 -50.73
N ASP R 149 41.87 -63.55 -49.67
CA ASP R 149 40.80 -64.55 -49.64
C ASP R 149 39.66 -64.15 -50.58
N GLY R 150 39.20 -65.11 -51.36
CA GLY R 150 38.18 -64.84 -52.36
C GLY R 150 38.71 -64.30 -53.67
N GLU R 151 40.01 -64.40 -53.90
CA GLU R 151 40.62 -63.90 -55.13
C GLU R 151 41.67 -64.90 -55.60
N SER R 152 42.09 -64.73 -56.86
CA SER R 152 43.12 -65.56 -57.46
C SER R 152 44.31 -64.73 -57.96
N GLU R 153 44.35 -63.44 -57.65
CA GLU R 153 45.42 -62.54 -58.07
C GLU R 153 46.12 -62.00 -56.85
N THR R 154 47.44 -61.89 -56.92
CA THR R 154 48.21 -61.30 -55.84
C THR R 154 48.00 -59.79 -55.81
N PHE R 155 48.42 -59.17 -54.69
CA PHE R 155 48.21 -57.73 -54.52
C PHE R 155 49.10 -56.91 -55.44
N ALA R 156 50.24 -57.46 -55.85
CA ALA R 156 51.08 -56.78 -56.84
C ALA R 156 50.48 -56.90 -58.24
N GLU R 157 49.91 -58.06 -58.56
CA GLU R 157 49.38 -58.28 -59.91
C GLU R 157 48.04 -57.58 -60.11
N MET R 158 47.27 -57.40 -59.03
CA MET R 158 45.94 -56.81 -59.15
C MET R 158 45.99 -55.31 -59.40
N GLY R 159 47.11 -54.67 -59.12
CA GLY R 159 47.34 -53.30 -59.52
C GLY R 159 46.86 -52.27 -58.53
N ASP R 160 46.24 -51.23 -59.07
CA ASP R 160 45.82 -50.08 -58.26
C ASP R 160 44.55 -50.35 -57.48
N ARG R 161 43.85 -51.46 -57.75
CA ARG R 161 42.68 -51.82 -56.96
C ARG R 161 43.04 -52.60 -55.70
N LYS R 162 44.31 -52.58 -55.32
CA LYS R 162 44.69 -53.19 -54.05
C LYS R 162 44.33 -52.20 -52.96
N ASN R 163 44.39 -50.91 -53.27
CA ASN R 163 44.02 -49.89 -52.30
C ASN R 163 42.52 -49.60 -52.29
N GLU R 164 41.69 -50.65 -52.23
CA GLU R 164 40.27 -50.53 -51.92
C GLU R 164 39.77 -51.62 -50.98
N ILE R 165 40.51 -52.71 -50.78
CA ILE R 165 40.07 -53.83 -49.96
C ILE R 165 41.16 -54.20 -48.97
N SER R 166 42.32 -53.55 -49.07
CA SER R 166 43.48 -53.92 -48.28
C SER R 166 43.30 -53.48 -46.82
N MET R 167 44.07 -54.12 -45.93
CA MET R 167 43.94 -53.84 -44.49
C MET R 167 44.39 -52.44 -44.15
N ARG R 168 45.46 -51.98 -44.78
CA ARG R 168 45.92 -50.62 -44.58
C ARG R 168 44.77 -49.69 -44.89
N LYS R 169 44.01 -50.00 -45.93
CA LYS R 169 42.86 -49.16 -46.30
C LYS R 169 41.84 -49.11 -45.17
N LYS R 170 41.40 -50.28 -44.68
CA LYS R 170 40.48 -50.33 -43.54
C LYS R 170 41.01 -49.54 -42.34
N ALA R 171 42.31 -49.70 -42.04
CA ALA R 171 42.92 -48.97 -40.93
C ALA R 171 42.94 -47.46 -41.19
N PHE R 172 43.23 -47.06 -42.43
CA PHE R 172 43.22 -45.64 -42.75
C PHE R 172 41.81 -45.10 -42.97
N ASP R 173 40.82 -45.96 -43.18
CA ASP R 173 39.44 -45.50 -43.19
C ASP R 173 38.98 -45.17 -41.77
N LYS R 174 39.37 -46.00 -40.79
CA LYS R 174 39.10 -45.66 -39.40
C LYS R 174 39.90 -44.43 -38.95
N PHE R 175 41.14 -44.30 -39.43
CA PHE R 175 41.95 -43.12 -39.16
C PHE R 175 41.35 -41.86 -39.77
N LYS R 176 40.85 -41.96 -41.00
CA LYS R 176 40.19 -40.84 -41.68
C LYS R 176 38.88 -40.47 -41.00
N GLU R 177 38.14 -41.48 -40.52
CA GLU R 177 36.91 -41.23 -39.77
C GLU R 177 37.18 -40.50 -38.47
N TYR R 178 38.29 -40.84 -37.79
CA TYR R 178 38.66 -40.10 -36.60
C TYR R 178 39.14 -38.68 -36.94
N LEU R 179 39.90 -38.54 -38.04
CA LEU R 179 40.51 -37.24 -38.33
C LEU R 179 39.50 -36.23 -38.84
N LEU R 180 38.44 -36.68 -39.52
CA LEU R 180 37.37 -35.75 -39.88
C LEU R 180 36.26 -35.70 -38.83
N GLU R 181 36.19 -36.67 -37.91
CA GLU R 181 35.20 -36.56 -36.85
C GLU R 181 35.63 -35.59 -35.76
N GLY R 182 36.91 -35.23 -35.69
CA GLY R 182 37.42 -34.29 -34.72
C GLY R 182 38.38 -34.96 -33.75
N GLY R 183 38.97 -34.13 -32.90
CA GLY R 183 39.90 -34.60 -31.90
C GLY R 183 39.22 -35.13 -30.65
N LYS R 184 38.50 -36.24 -30.78
CA LYS R 184 37.66 -36.75 -29.70
C LYS R 184 38.38 -37.79 -28.85
N MET S 1 99.61 32.99 3.79
CA MET S 1 98.61 32.19 4.49
C MET S 1 97.24 32.88 4.43
N ASN S 2 96.22 32.12 4.03
CA ASN S 2 94.86 32.64 3.87
C ASN S 2 94.03 32.17 5.06
N ILE S 3 93.86 33.04 6.04
CA ILE S 3 93.21 32.72 7.31
C ILE S 3 91.99 33.63 7.41
N ARG S 4 90.88 33.08 7.90
CA ARG S 4 89.63 33.81 8.00
C ARG S 4 89.40 34.31 9.42
N PHE S 5 88.51 35.30 9.56
CA PHE S 5 88.27 35.96 10.83
C PHE S 5 86.77 36.21 10.99
N ILE S 6 86.21 35.81 12.13
CA ILE S 6 84.80 36.02 12.44
C ILE S 6 84.71 36.95 13.64
N THR S 7 83.94 38.03 13.50
CA THR S 7 83.83 39.02 14.56
C THR S 7 82.52 39.77 14.44
N ARG S 8 82.35 40.78 15.29
CA ARG S 8 81.19 41.63 15.20
C ARG S 8 81.65 43.06 15.12
N ASN S 9 82.83 43.34 15.66
CA ASN S 9 83.37 44.69 15.61
C ASN S 9 83.85 44.92 14.21
N ARG S 10 83.48 46.07 13.64
CA ARG S 10 83.99 46.37 12.31
C ARG S 10 85.36 47.04 12.36
N HIS S 11 85.63 47.83 13.41
CA HIS S 11 86.92 48.52 13.50
C HIS S 11 88.04 47.58 13.91
N LYS S 12 87.67 46.45 14.52
CA LYS S 12 88.64 45.38 14.81
C LYS S 12 89.23 44.81 13.53
N ILE S 13 88.41 44.70 12.48
CA ILE S 13 88.86 44.24 11.18
C ILE S 13 89.91 45.17 10.59
N LYS S 14 89.68 46.49 10.69
CA LYS S 14 90.63 47.45 10.16
C LYS S 14 91.90 47.52 10.99
N GLU S 15 91.80 47.32 12.31
CA GLU S 15 93.01 47.26 13.14
C GLU S 15 93.87 46.03 12.81
N ILE S 16 93.23 44.87 12.65
CA ILE S 16 93.95 43.65 12.33
C ILE S 16 94.53 43.71 10.93
N ASN S 17 93.82 44.36 10.00
CA ASN S 17 94.32 44.52 8.64
C ASN S 17 95.50 45.49 8.57
N LYS S 18 95.45 46.57 9.38
CA LYS S 18 96.55 47.53 9.38
C LYS S 18 97.76 46.97 10.13
N ILE S 19 97.55 46.13 11.13
CA ILE S 19 98.65 45.53 11.86
C ILE S 19 99.34 44.47 10.99
N LEU S 20 98.57 43.64 10.31
CA LEU S 20 99.11 42.56 9.49
C LEU S 20 99.38 43.00 8.05
N SER S 21 99.46 44.30 7.79
CA SER S 21 99.67 44.79 6.43
C SER S 21 101.13 44.59 6.02
N GLY S 22 101.34 44.01 4.84
CA GLY S 22 102.66 43.77 4.33
C GLY S 22 103.37 42.55 4.88
N THR S 23 102.71 41.77 5.74
CA THR S 23 103.32 40.58 6.32
C THR S 23 103.44 39.43 5.34
N GLY S 24 102.44 39.22 4.49
CA GLY S 24 102.41 38.07 3.62
C GLY S 24 101.12 37.29 3.81
N VAL S 25 100.66 37.21 5.06
CA VAL S 25 99.36 36.62 5.34
C VAL S 25 98.27 37.63 5.02
N VAL S 26 97.08 37.12 4.72
CA VAL S 26 95.91 37.96 4.46
C VAL S 26 94.76 37.44 5.31
N VAL S 27 93.80 38.32 5.58
CA VAL S 27 92.67 38.00 6.44
C VAL S 27 91.39 38.24 5.64
N LEU S 28 90.55 37.20 5.54
CA LEU S 28 89.23 37.30 4.92
C LEU S 28 88.21 37.39 6.04
N ALA S 29 87.98 38.62 6.50
CA ALA S 29 87.12 38.84 7.65
C ALA S 29 85.65 38.76 7.28
N SER S 30 84.85 38.22 8.18
CA SER S 30 83.41 38.14 8.02
C SER S 30 82.74 38.59 9.30
N GLU S 31 81.50 39.04 9.19
CA GLU S 31 80.75 39.58 10.31
C GLU S 31 79.59 38.63 10.64
N HIS S 32 79.61 38.06 11.84
CA HIS S 32 78.55 37.17 12.27
C HIS S 32 78.04 37.42 13.69
N SER S 33 78.83 38.06 14.56
CA SER S 33 78.51 38.38 15.96
C SER S 33 78.18 37.12 16.77
N ILE S 34 79.23 36.32 16.95
CA ILE S 34 79.11 35.09 17.74
C ILE S 34 79.01 35.44 19.21
N ASP S 35 77.97 34.93 19.88
CA ASP S 35 77.80 35.14 21.30
C ASP S 35 78.81 34.33 22.12
N GLU S 36 79.22 34.89 23.23
CA GLU S 36 80.16 34.18 24.09
C GLU S 36 79.43 33.62 25.29
N ILE S 37 80.20 32.99 26.16
CA ILE S 37 79.61 32.40 27.36
C ILE S 37 80.08 33.18 28.58
N GLN S 38 79.31 33.12 29.65
CA GLN S 38 79.66 33.90 30.80
C GLN S 38 80.55 33.08 31.67
N THR S 39 81.83 33.04 31.34
CA THR S 39 82.78 32.28 32.16
C THR S 39 83.98 33.12 32.53
N GLU S 40 84.67 32.71 33.59
CA GLU S 40 85.81 33.43 34.06
C GLU S 40 87.01 32.97 33.27
N ASN S 41 87.10 31.67 33.02
CA ASN S 41 88.19 31.14 32.23
C ASN S 41 88.12 31.71 30.85
N VAL S 42 89.18 32.38 30.41
CA VAL S 42 89.17 32.90 29.05
C VAL S 42 89.65 31.87 28.04
N HIS S 43 90.30 30.79 28.49
CA HIS S 43 90.68 29.73 27.59
C HIS S 43 89.46 28.96 27.09
N ALA S 44 88.53 28.66 27.99
CA ALA S 44 87.28 28.01 27.58
C ALA S 44 86.40 28.98 26.79
N LEU S 45 86.44 30.26 27.14
CA LEU S 45 85.66 31.28 26.45
C LEU S 45 86.17 31.52 25.04
N ILE S 46 87.48 31.37 24.80
CA ILE S 46 87.97 31.47 23.44
C ILE S 46 87.84 30.13 22.71
N LYS S 47 87.81 29.01 23.46
CA LYS S 47 87.75 27.69 22.84
C LYS S 47 86.37 27.42 22.26
N ASP S 48 85.30 27.76 23.01
CA ASP S 48 83.96 27.51 22.47
C ASP S 48 83.60 28.51 21.38
N LYS S 49 84.13 29.73 21.44
CA LYS S 49 83.85 30.70 20.39
C LYS S 49 84.59 30.34 19.10
N LEU S 50 85.82 29.82 19.22
CA LEU S 50 86.51 29.29 18.06
C LEU S 50 85.83 28.02 17.53
N LEU S 51 85.22 27.23 18.43
CA LEU S 51 84.41 26.09 18.00
C LEU S 51 83.19 26.52 17.18
N LYS S 52 82.51 27.57 17.63
CA LYS S 52 81.35 28.09 16.89
C LYS S 52 81.76 28.71 15.56
N ALA S 53 82.93 29.35 15.51
CA ALA S 53 83.42 29.91 14.26
C ALA S 53 83.87 28.82 13.29
N PHE S 54 84.46 27.74 13.81
CA PHE S 54 84.85 26.63 12.94
C PHE S 54 83.63 25.85 12.47
N LYS S 55 82.57 25.80 13.28
CA LYS S 55 81.31 25.23 12.82
C LYS S 55 80.67 26.13 11.78
N LEU S 56 80.90 27.43 11.84
CA LEU S 56 80.41 28.35 10.83
C LEU S 56 81.20 28.30 9.52
N VAL S 57 82.50 28.07 9.58
CA VAL S 57 83.36 28.22 8.40
C VAL S 57 83.86 26.87 7.91
N GLY S 58 84.54 26.12 8.77
CA GLY S 58 85.11 24.85 8.38
C GLY S 58 86.46 24.93 7.69
N ARG S 59 87.02 26.13 7.56
CA ARG S 59 88.33 26.39 7.00
C ARG S 59 89.22 26.91 8.14
N PRO S 60 90.55 27.08 7.96
CA PRO S 60 91.36 27.74 9.00
C PRO S 60 90.93 29.16 9.34
N VAL S 61 90.55 29.35 10.61
CA VAL S 61 89.93 30.58 11.08
C VAL S 61 90.50 30.91 12.47
N PHE S 62 90.80 32.19 12.71
CA PHE S 62 91.20 32.65 14.02
C PHE S 62 90.11 33.53 14.61
N VAL S 63 90.11 33.61 15.95
CA VAL S 63 89.11 34.36 16.72
C VAL S 63 89.84 35.16 17.79
N GLU S 64 89.56 36.46 17.84
CA GLU S 64 90.12 37.36 18.84
C GLU S 64 89.08 37.67 19.91
N HIS S 65 89.56 37.89 21.14
CA HIS S 65 88.74 38.43 22.21
C HIS S 65 89.58 39.43 23.00
N THR S 66 88.97 40.54 23.43
CA THR S 66 89.64 41.61 24.17
C THR S 66 88.94 41.86 25.46
N GLY S 67 89.70 41.92 26.56
CA GLY S 67 89.12 42.12 27.87
C GLY S 67 89.87 43.13 28.70
N LEU S 68 89.10 44.04 29.30
CA LEU S 68 89.58 44.97 30.31
C LEU S 68 89.46 44.32 31.68
N TYR S 69 90.45 44.55 32.54
CA TYR S 69 90.44 43.97 33.89
C TYR S 69 90.69 45.10 34.90
N ILE S 70 89.61 45.59 35.50
CA ILE S 70 89.69 46.71 36.43
C ILE S 70 90.15 46.18 37.79
N GLU S 71 91.26 46.71 38.29
CA GLU S 71 91.81 46.25 39.57
C GLU S 71 90.98 46.75 40.74
N SER S 72 90.30 47.87 40.57
CA SER S 72 89.41 48.37 41.63
C SER S 72 88.16 47.51 41.74
N LEU S 73 87.73 46.92 40.63
CA LEU S 73 86.54 46.07 40.62
C LEU S 73 86.86 44.60 40.85
N ASN S 74 88.02 44.32 41.47
CA ASN S 74 88.52 42.98 41.83
C ASN S 74 88.69 42.10 40.57
N GLY S 75 89.10 42.73 39.48
CA GLY S 75 89.25 42.02 38.21
C GLY S 75 87.94 41.52 37.63
N PHE S 76 86.90 42.35 37.64
CA PHE S 76 85.57 41.91 37.20
C PHE S 76 85.48 41.61 35.70
N PRO S 77 85.74 42.55 34.74
CA PRO S 77 85.43 42.20 33.35
C PRO S 77 86.52 41.35 32.73
N GLY S 78 86.40 41.12 31.43
CA GLY S 78 87.32 40.24 30.75
C GLY S 78 86.56 39.00 30.34
N GLY S 79 86.16 38.96 29.08
CA GLY S 79 85.21 38.00 28.60
C GLY S 79 83.84 38.60 28.41
N LEU S 80 83.51 39.63 29.19
CA LEU S 80 82.19 40.26 29.16
C LEU S 80 82.29 41.78 29.24
N THR S 81 83.29 42.34 28.56
CA THR S 81 83.45 43.79 28.55
C THR S 81 82.49 44.42 27.56
N GLN S 82 82.08 43.66 26.56
CA GLN S 82 81.17 44.18 25.55
C GLN S 82 79.88 44.72 26.16
N ILE S 83 79.15 43.85 26.88
CA ILE S 83 77.88 44.27 27.47
C ILE S 83 78.09 45.47 28.40
N PHE S 84 79.24 45.48 29.11
CA PHE S 84 79.66 46.58 29.98
C PHE S 84 79.75 47.91 29.23
N TRP S 85 80.49 47.90 28.11
CA TRP S 85 80.63 49.10 27.30
C TRP S 85 79.33 49.45 26.57
N ASP S 86 78.56 48.43 26.17
CA ASP S 86 77.35 48.70 25.41
C ASP S 86 76.24 49.24 26.30
N LYS S 87 76.39 49.06 27.59
CA LYS S 87 75.38 49.55 28.52
C LYS S 87 75.71 50.88 29.16
N LEU S 88 76.93 51.05 29.67
CA LEU S 88 77.20 52.29 30.39
C LEU S 88 78.06 53.30 29.64
N GLN S 89 78.68 52.92 28.54
CA GLN S 89 79.43 53.76 27.59
C GLN S 89 80.59 54.49 28.29
N ALA S 90 80.93 55.69 27.83
CA ALA S 90 81.99 56.50 28.39
C ALA S 90 81.53 57.46 29.47
N ASP S 91 80.23 57.81 29.48
CA ASP S 91 79.72 58.79 30.43
C ASP S 91 79.65 58.21 31.83
N LYS S 92 79.23 56.96 31.95
CA LYS S 92 79.12 56.29 33.25
C LYS S 92 80.30 55.33 33.47
N PHE S 93 81.44 55.65 32.88
CA PHE S 93 82.67 54.91 33.10
C PHE S 93 83.64 55.72 33.95
N SER S 94 84.03 56.90 33.49
CA SER S 94 85.09 57.68 34.13
C SER S 94 84.63 58.35 35.42
N GLN S 95 83.33 58.56 35.62
CA GLN S 95 82.89 59.31 36.78
C GLN S 95 82.84 58.44 38.04
N LEU S 96 82.85 57.11 37.89
CA LEU S 96 82.81 56.22 39.03
C LEU S 96 83.94 55.21 39.07
N LEU S 97 84.73 55.09 38.01
CA LEU S 97 85.90 54.23 38.01
C LEU S 97 87.22 54.98 37.83
N GLY S 98 87.19 56.16 37.18
CA GLY S 98 88.39 56.95 37.05
C GLY S 98 88.71 57.81 38.26
N THR S 99 87.76 58.02 39.15
CA THR S 99 87.93 58.87 40.32
C THR S 99 88.00 58.10 41.63
N SER S 100 88.31 56.81 41.58
CA SER S 100 88.37 56.00 42.79
C SER S 100 89.78 56.02 43.38
N GLU S 101 90.01 55.14 44.34
CA GLU S 101 91.33 55.04 44.97
C GLU S 101 92.34 54.31 44.10
N ASN S 102 91.91 53.32 43.30
CA ASN S 102 92.80 52.56 42.42
C ASN S 102 92.32 52.64 40.97
N PRO S 103 92.67 53.72 40.24
CA PRO S 103 92.56 53.74 38.79
C PRO S 103 93.34 52.72 37.95
N ARG S 104 94.09 51.78 38.53
CA ARG S 104 94.88 50.86 37.72
C ARG S 104 93.97 49.79 37.11
N LEU S 105 94.26 49.43 35.85
CA LEU S 105 93.55 48.38 35.13
C LEU S 105 94.43 47.85 34.01
N VAL S 106 94.22 46.59 33.65
CA VAL S 106 95.02 45.89 32.66
C VAL S 106 94.11 45.36 31.56
N ALA S 107 94.51 45.56 30.31
CA ALA S 107 93.74 45.16 29.14
C ALA S 107 94.46 44.02 28.42
N LYS S 108 93.74 42.92 28.18
CA LYS S 108 94.30 41.73 27.58
C LYS S 108 93.54 41.35 26.32
N THR S 109 94.29 40.93 25.30
CA THR S 109 93.74 40.35 24.07
C THR S 109 94.18 38.90 24.00
N ILE S 110 93.23 38.00 23.80
CA ILE S 110 93.50 36.58 23.65
C ILE S 110 92.99 36.15 22.27
N ILE S 111 93.85 35.44 21.53
CA ILE S 111 93.54 35.00 20.17
C ILE S 111 93.43 33.48 20.18
N GLY S 112 92.29 32.97 19.71
CA GLY S 112 92.12 31.55 19.49
C GLY S 112 92.13 31.25 18.01
N TYR S 113 93.07 30.38 17.59
CA TYR S 113 93.29 30.07 16.19
C TYR S 113 93.10 28.59 15.95
N CYS S 114 92.42 28.24 14.87
CA CYS S 114 92.22 26.86 14.46
C CYS S 114 92.82 26.66 13.09
N ASP S 115 93.73 25.68 12.96
CA ASP S 115 94.38 25.35 11.71
C ASP S 115 93.71 24.20 10.98
N SER S 116 92.43 23.97 11.27
CA SER S 116 91.56 22.84 10.90
C SER S 116 92.01 21.50 11.47
N MET S 117 92.97 21.49 12.38
CA MET S 117 93.36 20.27 13.09
C MET S 117 93.43 20.48 14.59
N LYS S 118 93.92 21.62 15.06
CA LYS S 118 94.14 21.85 16.47
C LYS S 118 93.71 23.27 16.82
N ILE S 119 93.79 23.59 18.11
CA ILE S 119 93.39 24.88 18.64
C ILE S 119 94.61 25.52 19.30
N TYR S 120 94.96 26.72 18.88
CA TYR S 120 96.15 27.42 19.35
C TYR S 120 95.74 28.73 19.99
N ILE S 121 96.25 29.00 21.18
CA ILE S 121 95.84 30.14 21.99
C ILE S 121 97.05 31.06 22.18
N PHE S 122 96.93 32.32 21.75
CA PHE S 122 97.96 33.32 21.89
C PHE S 122 97.37 34.54 22.60
N GLU S 123 98.15 35.13 23.50
CA GLU S 123 97.64 36.22 24.32
C GLU S 123 98.70 37.29 24.53
N GLY S 124 98.22 38.50 24.80
CA GLY S 124 99.11 39.62 25.12
C GLY S 124 98.38 40.61 26.02
N GLU S 125 99.16 41.37 26.78
CA GLU S 125 98.58 42.27 27.77
C GLU S 125 99.38 43.57 27.85
N THR S 126 98.67 44.67 28.08
CA THR S 126 99.27 45.92 28.54
C THR S 126 98.55 46.41 29.78
N GLN S 127 99.31 47.05 30.67
CA GLN S 127 98.75 47.67 31.86
C GLN S 127 98.49 49.14 31.59
N GLY S 128 97.62 49.74 32.39
CA GLY S 128 97.27 51.12 32.15
C GLY S 128 96.43 51.71 33.25
N THR S 129 95.82 52.85 32.94
CA THR S 129 95.09 53.67 33.89
C THR S 129 93.82 54.18 33.22
N ILE S 130 92.73 54.27 33.98
CA ILE S 130 91.48 54.82 33.46
C ILE S 130 91.51 56.34 33.60
N SER S 131 91.13 57.03 32.51
CA SER S 131 91.12 58.50 32.53
C SER S 131 89.98 59.01 33.39
N PRO S 132 90.17 60.13 34.09
CA PRO S 132 89.03 60.76 34.77
C PRO S 132 88.08 61.46 33.83
N VAL S 133 88.56 61.86 32.65
CA VAL S 133 87.73 62.49 31.62
C VAL S 133 87.99 61.82 30.30
N PRO S 134 86.92 61.42 29.57
CA PRO S 134 87.09 60.87 28.23
C PRO S 134 87.73 61.86 27.27
N LYS S 135 88.68 61.37 26.49
CA LYS S 135 89.60 62.23 25.76
C LYS S 135 89.93 61.62 24.41
N GLY S 136 89.74 62.39 23.34
CA GLY S 136 90.07 61.95 22.01
C GLY S 136 88.84 61.61 21.19
N PRO S 137 89.05 60.97 20.04
CA PRO S 137 87.91 60.51 19.23
C PRO S 137 87.15 59.37 19.91
N ARG S 138 85.88 59.22 19.54
CA ARG S 138 85.01 58.26 20.19
C ARG S 138 84.39 57.30 19.19
N ASP S 139 85.20 56.76 18.29
CA ASP S 139 84.73 55.84 17.26
C ASP S 139 85.15 54.40 17.49
N PHE S 140 86.01 54.14 18.50
CA PHE S 140 86.44 52.77 18.80
C PHE S 140 86.31 52.38 20.26
N GLN S 141 85.14 52.55 20.84
CA GLN S 141 84.91 52.08 22.20
C GLN S 141 85.88 52.63 23.24
N TRP S 142 86.28 51.79 24.19
CA TRP S 142 87.13 52.26 25.27
C TRP S 142 88.55 52.73 24.92
N ASP S 143 88.77 53.22 23.71
CA ASP S 143 90.07 53.81 23.36
C ASP S 143 90.21 55.23 23.92
N CYS S 144 89.11 55.96 24.03
CA CYS S 144 89.14 57.34 24.50
C CYS S 144 89.26 57.47 26.01
N ILE S 145 89.19 56.37 26.75
CA ILE S 145 89.29 56.39 28.21
C ILE S 145 90.49 55.63 28.74
N PHE S 146 91.26 54.97 27.88
CA PHE S 146 92.34 54.09 28.31
C PHE S 146 93.67 54.83 28.18
N ILE S 147 94.24 55.25 29.31
CA ILE S 147 95.59 55.77 29.38
C ILE S 147 96.53 54.57 29.61
N PRO S 148 97.46 54.30 28.70
CA PRO S 148 98.46 53.25 28.97
C PRO S 148 99.48 53.72 30.00
N ASP S 149 100.15 52.74 30.62
CA ASP S 149 101.14 53.04 31.65
C ASP S 149 102.40 53.67 31.04
N GLY S 150 102.88 54.74 31.65
CA GLY S 150 104.00 55.47 31.10
C GLY S 150 103.66 56.48 30.04
N GLU S 151 102.38 56.82 29.88
CA GLU S 151 101.94 57.78 28.89
C GLU S 151 100.88 58.69 29.49
N SER S 152 100.61 59.79 28.79
CA SER S 152 99.58 60.74 29.20
C SER S 152 98.52 60.94 28.13
N GLU S 153 98.54 60.14 27.06
CA GLU S 153 97.59 60.23 25.96
C GLU S 153 96.80 58.94 25.88
N THR S 154 95.50 59.05 25.61
CA THR S 154 94.66 57.88 25.42
C THR S 154 94.98 57.22 24.09
N PHE S 155 94.49 55.98 23.92
CA PHE S 155 94.79 55.23 22.70
C PHE S 155 94.05 55.79 21.49
N ALA S 156 92.93 56.47 21.71
CA ALA S 156 92.26 57.15 20.60
C ALA S 156 92.98 58.43 20.21
N GLU S 157 93.50 59.16 21.20
CA GLU S 157 94.15 60.44 20.93
C GLU S 157 95.55 60.24 20.36
N MET S 158 96.21 59.13 20.70
CA MET S 158 97.58 58.93 20.26
C MET S 158 97.66 58.54 18.79
N GLY S 159 96.56 58.10 18.20
CA GLY S 159 96.48 57.94 16.76
C GLY S 159 96.92 56.57 16.28
N ASP S 160 97.67 56.60 15.17
CA ASP S 160 98.09 55.37 14.50
C ASP S 160 99.24 54.67 15.19
N ARG S 161 99.89 55.33 16.16
CA ARG S 161 100.94 54.68 16.93
C ARG S 161 100.40 53.87 18.10
N LYS S 162 99.10 53.60 18.11
CA LYS S 162 98.54 52.72 19.13
C LYS S 162 98.86 51.29 18.70
N ASN S 163 98.92 51.06 17.38
CA ASN S 163 99.27 49.73 16.89
C ASN S 163 100.77 49.51 16.78
N GLU S 164 101.52 49.83 17.84
CA GLU S 164 102.90 49.40 18.02
C GLU S 164 103.21 48.95 19.44
N ILE S 165 102.38 49.26 20.43
CA ILE S 165 102.66 48.94 21.82
C ILE S 165 101.44 48.26 22.45
N SER S 166 100.36 48.16 21.69
CA SER S 166 99.10 47.66 22.22
C SER S 166 99.15 46.16 22.42
N MET S 167 98.25 45.65 23.27
CA MET S 167 98.25 44.22 23.60
C MET S 167 97.86 43.36 22.42
N ARG S 168 96.90 43.83 21.63
CA ARG S 168 96.51 43.13 20.42
C ARG S 168 97.75 42.95 19.58
N LYS S 169 98.60 43.97 19.52
CA LYS S 169 99.83 43.89 18.74
C LYS S 169 100.73 42.77 19.25
N LYS S 170 101.03 42.77 20.55
CA LYS S 170 101.83 41.69 21.15
C LYS S 170 101.23 40.32 20.85
N ALA S 171 99.90 40.19 20.98
CA ALA S 171 99.22 38.93 20.69
C ALA S 171 99.34 38.55 19.21
N PHE S 172 99.21 39.54 18.32
CA PHE S 172 99.36 39.26 16.90
C PHE S 172 100.81 39.13 16.47
N ASP S 173 101.75 39.61 17.28
CA ASP S 173 103.16 39.34 17.00
C ASP S 173 103.49 37.89 17.31
N LYS S 174 102.94 37.36 18.42
CA LYS S 174 103.09 35.93 18.70
C LYS S 174 102.34 35.07 17.67
N PHE S 175 101.17 35.54 17.23
CA PHE S 175 100.42 34.88 16.17
C PHE S 175 101.18 34.88 14.84
N LYS S 176 101.79 36.01 14.49
CA LYS S 176 102.59 36.13 13.27
C LYS S 176 103.84 35.27 13.35
N GLU S 177 104.45 35.18 14.54
CA GLU S 177 105.62 34.32 14.75
C GLU S 177 105.27 32.86 14.56
N TYR S 178 104.07 32.46 15.02
CA TYR S 178 103.63 31.09 14.78
C TYR S 178 103.29 30.86 13.31
N LEU S 179 102.66 31.85 12.65
CA LEU S 179 102.17 31.63 11.30
C LEU S 179 103.31 31.61 10.27
N LEU S 180 104.40 32.35 10.54
CA LEU S 180 105.55 32.23 9.66
C LEU S 180 106.55 31.18 10.15
N GLU S 181 106.45 30.73 11.40
CA GLU S 181 107.33 29.64 11.84
C GLU S 181 106.86 28.28 11.33
N GLY S 182 105.62 28.17 10.90
CA GLY S 182 105.07 26.93 10.38
C GLY S 182 103.97 26.38 11.27
N GLY S 183 103.35 25.31 10.78
CA GLY S 183 102.29 24.65 11.52
C GLY S 183 102.80 23.69 12.57
N LYS S 184 103.44 24.22 13.61
CA LYS S 184 104.13 23.39 14.59
C LYS S 184 103.25 23.07 15.80
N MET T 1 53.05 16.49 39.96
CA MET T 1 53.95 16.62 38.82
C MET T 1 55.40 16.51 39.25
N ASN T 2 56.16 15.65 38.57
CA ASN T 2 57.56 15.38 38.89
C ASN T 2 58.43 16.10 37.88
N ILE T 3 58.93 17.28 38.26
CA ILE T 3 59.68 18.16 37.37
C ILE T 3 61.07 18.31 37.96
N ARG T 4 62.09 18.30 37.11
CA ARG T 4 63.48 18.38 37.55
C ARG T 4 64.02 19.80 37.40
N PHE T 5 65.12 20.08 38.11
CA PHE T 5 65.69 21.41 38.17
C PHE T 5 67.21 21.31 38.10
N ILE T 6 67.83 22.08 37.21
CA ILE T 6 69.27 22.11 37.07
C ILE T 6 69.75 23.52 37.42
N THR T 7 70.71 23.61 38.32
CA THR T 7 71.19 24.91 38.79
C THR T 7 72.61 24.77 39.32
N ARG T 8 73.12 25.87 39.87
CA ARG T 8 74.43 25.83 40.51
C ARG T 8 74.28 26.39 41.90
N ASN T 9 73.29 27.24 42.11
CA ASN T 9 73.06 27.79 43.44
C ASN T 9 72.44 26.72 44.27
N ARG T 10 72.97 26.53 45.48
CA ARG T 10 72.35 25.55 46.36
C ARG T 10 71.19 26.16 47.15
N HIS T 11 71.26 27.44 47.50
CA HIS T 11 70.20 28.07 48.27
C HIS T 11 68.97 28.34 47.42
N LYS T 12 69.15 28.40 46.10
CA LYS T 12 68.03 28.51 45.17
C LYS T 12 67.14 27.27 45.24
N ILE T 13 67.74 26.09 45.44
CA ILE T 13 67.01 24.84 45.60
C ILE T 13 66.13 24.88 46.84
N LYS T 14 66.66 25.40 47.96
CA LYS T 14 65.88 25.48 49.20
C LYS T 14 64.79 26.54 49.11
N GLU T 15 65.04 27.64 48.38
CA GLU T 15 63.98 28.64 48.18
C GLU T 15 62.84 28.10 47.33
N ILE T 16 63.17 27.38 46.25
CA ILE T 16 62.15 26.81 45.37
C ILE T 16 61.40 25.69 46.07
N ASN T 17 62.09 24.93 46.92
CA ASN T 17 61.44 23.87 47.68
C ASN T 17 60.52 24.43 48.76
N LYS T 18 60.92 25.52 49.41
CA LYS T 18 60.08 26.13 50.45
C LYS T 18 58.89 26.87 49.83
N ILE T 19 59.07 27.43 48.63
CA ILE T 19 57.97 28.11 47.96
C ILE T 19 56.94 27.11 47.45
N LEU T 20 57.41 26.01 46.86
CA LEU T 20 56.52 24.99 46.29
C LEU T 20 56.15 23.91 47.29
N SER T 21 56.33 24.16 48.59
CA SER T 21 56.02 23.16 49.60
C SER T 21 54.51 23.04 49.80
N GLY T 22 54.01 21.81 49.78
CA GLY T 22 52.59 21.56 49.97
C GLY T 22 51.72 21.77 48.74
N THR T 23 52.32 22.12 47.60
CA THR T 23 51.55 22.36 46.39
C THR T 23 51.03 21.08 45.74
N GLY T 24 51.82 20.01 45.75
CA GLY T 24 51.47 18.79 45.05
C GLY T 24 52.56 18.41 44.07
N VAL T 25 53.17 19.40 43.44
CA VAL T 25 54.33 19.16 42.60
C VAL T 25 55.57 18.98 43.47
N VAL T 26 56.55 18.25 42.96
CA VAL T 26 57.82 18.07 43.65
C VAL T 26 58.94 18.39 42.66
N VAL T 27 60.11 18.74 43.21
CA VAL T 27 61.26 19.15 42.42
C VAL T 27 62.42 18.23 42.75
N LEU T 28 62.98 17.59 41.72
CA LEU T 28 64.18 16.77 41.87
C LEU T 28 65.35 17.58 41.36
N ALA T 29 65.92 18.38 42.25
CA ALA T 29 66.96 19.32 41.86
C ALA T 29 68.30 18.62 41.73
N SER T 30 69.09 19.07 40.76
CA SER T 30 70.44 18.56 40.52
C SER T 30 71.37 19.74 40.32
N GLU T 31 72.65 19.53 40.60
CA GLU T 31 73.66 20.57 40.53
C GLU T 31 74.61 20.27 39.37
N HIS T 32 74.63 21.15 38.38
CA HIS T 32 75.53 20.99 37.24
C HIS T 32 76.29 22.24 36.82
N SER T 33 75.80 23.44 37.17
CA SER T 33 76.39 24.75 36.86
C SER T 33 76.54 24.96 35.36
N ILE T 34 75.38 25.07 34.70
CA ILE T 34 75.33 25.30 33.26
C ILE T 34 75.74 26.75 32.99
N ASP T 35 76.71 26.94 32.10
CA ASP T 35 77.15 28.26 31.69
C ASP T 35 76.11 28.93 30.79
N GLU T 36 76.00 30.24 30.92
CA GLU T 36 75.07 30.96 30.07
C GLU T 36 75.82 31.68 28.98
N ILE T 37 75.08 32.41 28.18
CA ILE T 37 75.67 33.16 27.08
C ILE T 37 75.59 34.65 27.37
N GLN T 38 76.44 35.42 26.69
CA GLN T 38 76.49 36.87 26.85
C GLN T 38 75.63 37.55 25.78
N THR T 39 74.33 37.59 26.07
CA THR T 39 73.38 38.25 25.19
C THR T 39 72.41 39.09 26.00
N GLU T 40 71.78 40.05 25.32
CA GLU T 40 70.89 40.99 26.01
C GLU T 40 69.48 40.43 26.12
N ASN T 41 69.07 39.60 25.16
CA ASN T 41 67.74 39.01 25.18
C ASN T 41 67.70 37.88 26.20
N VAL T 42 66.92 38.05 27.27
CA VAL T 42 66.83 37.01 28.28
C VAL T 42 66.00 35.82 27.83
N HIS T 43 65.20 35.99 26.77
CA HIS T 43 64.45 34.86 26.22
C HIS T 43 65.38 33.88 25.54
N ALA T 44 66.35 34.37 24.77
CA ALA T 44 67.35 33.50 24.16
C ALA T 44 68.29 32.92 25.21
N LEU T 45 68.59 33.71 26.25
CA LEU T 45 69.47 33.27 27.32
C LEU T 45 68.82 32.20 28.19
N ILE T 46 67.49 32.23 28.33
CA ILE T 46 66.85 31.14 29.03
C ILE T 46 66.57 29.97 28.09
N LYS T 47 66.44 30.23 26.78
CA LYS T 47 66.13 29.19 25.83
C LYS T 47 67.31 28.26 25.60
N ASP T 48 68.51 28.81 25.46
CA ASP T 48 69.67 27.94 25.24
C ASP T 48 70.09 27.22 26.53
N LYS T 49 69.86 27.84 27.69
CA LYS T 49 70.18 27.18 28.95
C LYS T 49 69.20 26.04 29.23
N LEU T 50 67.92 26.24 28.90
CA LEU T 50 66.96 25.15 28.98
C LEU T 50 67.25 24.07 27.95
N LEU T 51 67.81 24.45 26.78
CA LEU T 51 68.26 23.47 25.80
C LEU T 51 69.41 22.62 26.34
N LYS T 52 70.37 23.25 27.01
CA LYS T 52 71.49 22.51 27.59
C LYS T 52 71.04 21.61 28.74
N ALA T 53 70.04 22.07 29.52
CA ALA T 53 69.52 21.24 30.60
C ALA T 53 68.69 20.08 30.07
N PHE T 54 67.97 20.28 28.97
CA PHE T 54 67.21 19.20 28.36
C PHE T 54 68.14 18.21 27.67
N LYS T 55 69.26 18.69 27.14
CA LYS T 55 70.29 17.79 26.63
C LYS T 55 70.96 17.02 27.75
N LEU T 56 71.02 17.60 28.94
CA LEU T 56 71.55 16.90 30.11
C LEU T 56 70.59 15.89 30.70
N VAL T 57 69.29 16.14 30.65
CA VAL T 57 68.33 15.32 31.39
C VAL T 57 67.46 14.50 30.44
N GLY T 58 66.77 15.16 29.52
CA GLY T 58 65.88 14.48 28.61
C GLY T 58 64.50 14.18 29.16
N ARG T 59 64.21 14.63 30.38
CA ARG T 59 62.92 14.50 31.03
C ARG T 59 62.36 15.92 31.18
N PRO T 60 61.07 16.11 31.60
CA PRO T 60 60.59 17.47 31.91
C PRO T 60 61.39 18.21 33.00
N VAL T 61 61.98 19.33 32.61
CA VAL T 61 62.92 20.07 33.44
C VAL T 61 62.65 21.56 33.27
N PHE T 62 62.69 22.31 34.38
CA PHE T 62 62.59 23.76 34.33
C PHE T 62 63.93 24.37 34.73
N VAL T 63 64.15 25.60 34.28
CA VAL T 63 65.38 26.35 34.50
C VAL T 63 65.03 27.78 34.89
N GLU T 64 65.59 28.23 36.02
CA GLU T 64 65.40 29.58 36.53
C GLU T 64 66.63 30.43 36.22
N HIS T 65 66.41 31.73 36.00
CA HIS T 65 67.47 32.72 35.95
C HIS T 65 67.01 33.98 36.66
N THR T 66 67.91 34.63 37.37
CA THR T 66 67.57 35.81 38.12
C THR T 66 68.51 36.93 37.78
N GLY T 67 67.98 38.12 37.52
CA GLY T 67 68.76 39.25 37.09
C GLY T 67 68.40 40.53 37.79
N LEU T 68 69.42 41.24 38.25
CA LEU T 68 69.34 42.60 38.76
C LEU T 68 69.51 43.57 37.61
N TYR T 69 68.73 44.66 37.63
CA TYR T 69 68.81 45.68 36.56
C TYR T 69 68.97 47.04 37.23
N ILE T 70 70.21 47.53 37.27
CA ILE T 70 70.52 48.80 37.92
C ILE T 70 70.17 49.93 36.97
N GLU T 71 69.28 50.82 37.42
CA GLU T 71 68.83 51.93 36.58
C GLU T 71 69.92 52.99 36.43
N SER T 72 70.81 53.09 37.42
CA SER T 72 71.93 54.03 37.33
C SER T 72 72.95 53.54 36.30
N LEU T 73 73.07 52.23 36.15
CA LEU T 73 74.03 51.64 35.21
C LEU T 73 73.42 51.40 33.83
N ASN T 74 72.34 52.12 33.50
CA ASN T 74 71.61 52.07 32.23
C ASN T 74 71.07 50.65 31.96
N GLY T 75 70.65 49.97 33.02
CA GLY T 75 70.17 48.60 32.91
C GLY T 75 71.22 47.60 32.49
N PHE T 76 72.41 47.68 33.09
CA PHE T 76 73.52 46.82 32.66
C PHE T 76 73.32 45.34 32.97
N PRO T 77 73.14 44.88 34.25
CA PRO T 77 73.16 43.42 34.43
C PRO T 77 71.83 42.79 34.08
N GLY T 78 71.69 41.51 34.36
CA GLY T 78 70.50 40.78 33.97
C GLY T 78 70.90 39.79 32.90
N GLY T 79 71.10 38.55 33.32
CA GLY T 79 71.73 37.55 32.49
C GLY T 79 73.15 37.29 32.90
N LEU T 80 73.82 38.30 33.48
CA LEU T 80 75.22 38.19 33.86
C LEU T 80 75.47 38.85 35.22
N THR T 81 74.54 38.66 36.15
CA THR T 81 74.70 39.21 37.48
C THR T 81 75.62 38.33 38.31
N GLN T 82 75.69 37.05 37.96
CA GLN T 82 76.54 36.12 38.70
C GLN T 82 78.00 36.58 38.74
N ILE T 83 78.62 36.76 37.57
CA ILE T 83 80.02 37.15 37.53
C ILE T 83 80.22 38.47 38.27
N PHE T 84 79.23 39.39 38.17
CA PHE T 84 79.19 40.66 38.88
C PHE T 84 79.29 40.48 40.40
N TRP T 85 78.41 39.63 40.94
CA TRP T 85 78.42 39.37 42.37
C TRP T 85 79.64 38.54 42.78
N ASP T 86 80.08 37.63 41.96
CA ASP T 86 81.18 36.81 42.41
C ASP T 86 82.45 37.61 42.28
N LYS T 87 82.36 38.82 41.75
CA LYS T 87 83.56 39.65 41.69
C LYS T 87 83.56 40.70 42.77
N LEU T 88 82.75 41.76 42.58
CA LEU T 88 82.65 42.86 43.53
C LEU T 88 82.08 42.50 44.89
N GLN T 89 81.28 41.48 44.99
CA GLN T 89 80.58 41.11 46.23
C GLN T 89 79.81 42.27 46.84
N ALA T 90 79.69 42.28 48.17
CA ALA T 90 78.92 43.34 48.84
C ALA T 90 79.76 44.54 49.21
N ASP T 91 81.07 44.39 49.34
CA ASP T 91 81.94 45.49 49.76
C ASP T 91 82.07 46.54 48.67
N LYS T 92 82.22 46.09 47.43
CA LYS T 92 82.36 47.01 46.29
C LYS T 92 81.05 47.12 45.51
N PHE T 93 79.94 46.96 46.21
CA PHE T 93 78.62 47.18 45.64
C PHE T 93 77.98 48.45 46.16
N SER T 94 77.81 48.55 47.48
CA SER T 94 77.06 49.65 48.07
C SER T 94 77.84 50.96 48.11
N GLN T 95 79.17 50.91 48.03
CA GLN T 95 79.94 52.13 48.17
C GLN T 95 79.98 52.95 46.88
N LEU T 96 79.64 52.34 45.75
CA LEU T 96 79.66 53.04 44.47
C LEU T 96 78.35 52.97 43.71
N LEU T 97 77.41 52.14 44.15
CA LEU T 97 76.08 52.08 43.54
C LEU T 97 74.96 52.49 44.49
N GLY T 98 75.15 52.33 45.80
CA GLY T 98 74.15 52.76 46.76
C GLY T 98 74.20 54.23 47.11
N THR T 99 75.31 54.91 46.79
CA THR T 99 75.51 56.31 47.13
C THR T 99 75.46 57.23 45.92
N SER T 100 74.87 56.79 44.82
CA SER T 100 74.82 57.61 43.61
C SER T 100 73.54 58.46 43.61
N GLU T 101 73.26 59.08 42.46
CA GLU T 101 72.07 59.90 42.31
C GLU T 101 70.80 59.07 42.15
N ASN T 102 70.88 57.90 41.51
CA ASN T 102 69.72 57.02 41.30
C ASN T 102 69.98 55.63 41.89
N PRO T 103 69.79 55.44 43.21
CA PRO T 103 69.66 54.11 43.78
C PRO T 103 68.57 53.16 43.31
N ARG T 104 67.72 53.51 42.34
CA ARG T 104 66.64 52.61 41.93
C ARG T 104 67.18 51.46 41.08
N LEU T 105 66.63 50.27 41.29
CA LEU T 105 66.98 49.08 40.53
C LEU T 105 65.85 48.06 40.63
N VAL T 106 65.72 47.24 39.59
CA VAL T 106 64.64 46.27 39.48
C VAL T 106 65.23 44.87 39.30
N ALA T 107 64.70 43.91 40.05
CA ALA T 107 65.18 42.53 40.03
C ALA T 107 64.13 41.63 39.38
N LYS T 108 64.55 40.86 38.39
CA LYS T 108 63.65 40.01 37.62
C LYS T 108 64.11 38.56 37.67
N THR T 109 63.15 37.65 37.81
CA THR T 109 63.36 36.21 37.69
C THR T 109 62.60 35.72 36.46
N ILE T 110 63.29 35.00 35.59
CA ILE T 110 62.69 34.41 34.40
C ILE T 110 62.87 32.90 34.49
N ILE T 111 61.78 32.16 34.27
CA ILE T 111 61.77 30.70 34.36
C ILE T 111 61.55 30.14 32.97
N GLY T 112 62.46 29.26 32.52
CA GLY T 112 62.26 28.52 31.30
C GLY T 112 61.97 27.07 31.62
N TYR T 113 60.82 26.60 31.14
CA TYR T 113 60.33 25.26 31.45
C TYR T 113 60.15 24.47 30.17
N CYS T 114 60.56 23.20 30.19
CA CYS T 114 60.38 22.30 29.06
C CYS T 114 59.55 21.11 29.52
N ASP T 115 58.44 20.85 28.81
CA ASP T 115 57.55 19.75 29.12
C ASP T 115 57.83 18.52 28.26
N SER T 116 59.07 18.41 27.75
CA SER T 116 59.59 17.46 26.75
C SER T 116 58.95 17.60 25.38
N MET T 117 58.15 18.63 25.15
CA MET T 117 57.61 18.93 23.82
C MET T 117 57.82 20.38 23.42
N LYS T 118 57.66 21.32 24.34
CA LYS T 118 57.71 22.74 24.01
C LYS T 118 58.49 23.47 25.09
N ILE T 119 58.69 24.77 24.89
CA ILE T 119 59.43 25.63 25.80
C ILE T 119 58.50 26.72 26.28
N TYR T 120 58.37 26.86 27.60
CA TYR T 120 57.45 27.80 28.21
C TYR T 120 58.23 28.76 29.10
N ILE T 121 57.97 30.05 28.94
CA ILE T 121 58.74 31.10 29.60
C ILE T 121 57.81 31.88 30.52
N PHE T 122 58.15 31.91 31.80
CA PHE T 122 57.40 32.64 32.82
C PHE T 122 58.34 33.59 33.55
N GLU T 123 57.86 34.79 33.85
CA GLU T 123 58.72 35.81 34.43
C GLU T 123 57.97 36.63 35.47
N GLY T 124 58.74 37.20 36.39
CA GLY T 124 58.19 38.09 37.40
C GLY T 124 59.24 39.10 37.83
N GLU T 125 58.76 40.24 38.33
CA GLU T 125 59.67 41.32 38.68
C GLU T 125 59.21 42.04 39.94
N THR T 126 60.17 42.50 40.74
CA THR T 126 59.93 43.50 41.79
C THR T 126 60.92 44.63 41.61
N GLN T 127 60.48 45.84 41.96
CA GLN T 127 61.33 47.02 41.96
C GLN T 127 61.86 47.24 43.36
N GLY T 128 62.96 47.99 43.45
CA GLY T 128 63.56 48.20 44.75
C GLY T 128 64.68 49.22 44.71
N THR T 129 65.46 49.21 45.78
CA THR T 129 66.50 50.20 46.03
C THR T 129 67.73 49.50 46.59
N ILE T 130 68.92 49.98 46.20
CA ILE T 130 70.17 49.43 46.72
C ILE T 130 70.49 50.10 48.04
N SER T 131 70.85 49.30 49.04
CA SER T 131 71.20 49.83 50.36
C SER T 131 72.54 50.54 50.31
N PRO T 132 72.71 51.62 51.08
CA PRO T 132 74.05 52.21 51.21
C PRO T 132 74.98 51.40 52.07
N VAL T 133 74.43 50.58 52.98
CA VAL T 133 75.22 49.70 53.84
C VAL T 133 74.62 48.31 53.79
N PRO T 134 75.46 47.27 53.56
CA PRO T 134 74.98 45.89 53.62
C PRO T 134 74.43 45.53 55.00
N LYS T 135 73.29 44.85 55.01
CA LYS T 135 72.49 44.71 56.22
C LYS T 135 71.83 43.34 56.25
N GLY T 136 72.03 42.62 57.34
CA GLY T 136 71.42 41.32 57.51
C GLY T 136 72.40 40.18 57.34
N PRO T 137 71.89 38.96 57.25
CA PRO T 137 72.77 37.80 57.00
C PRO T 137 73.34 37.83 55.58
N ARG T 138 74.47 37.17 55.41
CA ARG T 138 75.20 37.22 54.15
C ARG T 138 75.43 35.83 53.58
N ASP T 139 74.40 34.99 53.57
CA ASP T 139 74.49 33.62 53.08
C ASP T 139 73.79 33.42 51.75
N PHE T 140 73.06 34.41 51.24
CA PHE T 140 72.39 34.29 49.94
C PHE T 140 72.63 35.43 48.98
N GLN T 141 73.89 35.76 48.74
CA GLN T 141 74.20 36.78 47.74
C GLN T 141 73.55 38.13 47.96
N TRP T 142 73.12 38.78 46.88
CA TRP T 142 72.57 40.12 47.01
C TRP T 142 71.26 40.28 47.78
N ASP T 143 70.96 39.42 48.75
CA ASP T 143 69.80 39.62 49.61
C ASP T 143 70.06 40.65 50.69
N CYS T 144 71.31 40.78 51.15
CA CYS T 144 71.65 41.70 52.21
C CYS T 144 71.79 43.15 51.74
N ILE T 145 71.72 43.40 50.43
CA ILE T 145 71.86 44.75 49.90
C ILE T 145 70.60 45.23 49.19
N PHE T 146 69.58 44.38 49.04
CA PHE T 146 68.41 44.70 48.24
C PHE T 146 67.26 45.14 49.15
N ILE T 147 66.99 46.44 49.16
CA ILE T 147 65.81 47.00 49.81
C ILE T 147 64.67 46.98 48.78
N PRO T 148 63.58 46.27 49.03
CA PRO T 148 62.43 46.36 48.12
C PRO T 148 61.70 47.69 48.28
N ASP T 149 60.92 48.04 47.26
CA ASP T 149 60.19 49.30 47.27
C ASP T 149 59.03 49.25 48.26
N GLY T 150 58.91 50.30 49.06
CA GLY T 150 57.89 50.32 50.11
C GLY T 150 58.30 49.65 51.39
N GLU T 151 59.59 49.34 51.57
CA GLU T 151 60.06 48.69 52.77
C GLU T 151 61.38 49.32 53.19
N SER T 152 61.79 49.04 54.43
CA SER T 152 63.05 49.52 54.98
C SER T 152 63.96 48.38 55.43
N GLU T 153 63.60 47.13 55.13
CA GLU T 153 64.38 45.96 55.50
C GLU T 153 64.84 45.24 54.25
N THR T 154 66.07 44.76 54.26
CA THR T 154 66.58 43.97 53.16
C THR T 154 65.94 42.58 53.13
N PHE T 155 66.11 41.88 52.00
CA PHE T 155 65.48 40.57 51.86
C PHE T 155 66.13 39.51 52.73
N ALA T 156 67.40 39.71 53.10
CA ALA T 156 68.03 38.81 54.05
C ALA T 156 67.56 39.07 55.47
N GLU T 157 67.38 40.35 55.82
CA GLU T 157 67.00 40.71 57.19
C GLU T 157 65.51 40.43 57.44
N MET T 158 64.68 40.49 56.40
CA MET T 158 63.24 40.33 56.59
C MET T 158 62.86 38.86 56.85
N GLY T 159 63.73 37.93 56.51
CA GLY T 159 63.57 36.55 56.92
C GLY T 159 62.77 35.71 55.95
N ASP T 160 61.88 34.89 56.53
CA ASP T 160 61.11 33.92 55.74
C ASP T 160 59.94 34.56 55.00
N ARG T 161 59.61 35.82 55.30
CA ARG T 161 58.56 36.52 54.57
C ARG T 161 59.08 37.17 53.29
N LYS T 162 60.27 36.79 52.85
CA LYS T 162 60.76 37.27 51.57
C LYS T 162 60.08 36.43 50.49
N ASN T 163 59.77 35.18 50.81
CA ASN T 163 59.07 34.32 49.86
C ASN T 163 57.55 34.49 49.92
N GLU T 164 57.07 35.73 49.90
CA GLU T 164 55.67 36.04 49.65
C GLU T 164 55.46 37.23 48.72
N ILE T 165 56.49 38.06 48.49
CA ILE T 165 56.36 39.26 47.67
C ILE T 165 57.46 39.31 46.64
N SER T 166 58.38 38.35 46.70
CA SER T 166 59.56 38.36 45.85
C SER T 166 59.20 38.01 44.41
N MET T 167 60.07 38.40 43.48
CA MET T 167 59.82 38.18 42.05
C MET T 167 59.82 36.72 41.68
N ARG T 168 60.73 35.96 42.28
CA ARG T 168 60.77 34.52 42.06
C ARG T 168 59.41 33.97 42.42
N LYS T 169 58.82 34.47 43.50
CA LYS T 169 57.49 34.01 43.92
C LYS T 169 56.45 34.28 42.83
N LYS T 170 56.36 35.52 42.36
CA LYS T 170 55.44 35.85 41.27
C LYS T 170 55.66 34.95 40.05
N ALA T 171 56.93 34.72 39.69
CA ALA T 171 57.25 33.85 38.56
C ALA T 171 56.85 32.41 38.83
N PHE T 172 57.06 31.92 40.05
CA PHE T 172 56.64 30.57 40.38
C PHE T 172 55.15 30.47 40.66
N ASP T 173 54.47 31.58 40.92
CA ASP T 173 53.01 31.53 40.99
C ASP T 173 52.41 31.38 39.60
N LYS T 174 52.99 32.06 38.60
CA LYS T 174 52.56 31.82 37.21
C LYS T 174 52.95 30.42 36.73
N PHE T 175 54.11 29.94 37.17
CA PHE T 175 54.53 28.56 36.87
C PHE T 175 53.61 27.53 37.51
N LYS T 176 53.21 27.77 38.77
CA LYS T 176 52.29 26.88 39.48
C LYS T 176 50.90 26.92 38.85
N GLU T 177 50.47 28.10 38.40
CA GLU T 177 49.18 28.24 37.71
C GLU T 177 49.18 27.46 36.40
N TYR T 178 50.30 27.47 35.68
CA TYR T 178 50.38 26.66 34.47
C TYR T 178 50.44 25.17 34.80
N LEU T 179 51.17 24.79 35.86
CA LEU T 179 51.39 23.37 36.13
C LEU T 179 50.14 22.70 36.70
N LEU T 180 49.30 23.44 37.41
CA LEU T 180 48.03 22.86 37.83
C LEU T 180 46.91 23.15 36.83
N GLU T 181 47.09 24.10 35.91
CA GLU T 181 46.06 24.30 34.88
C GLU T 181 46.13 23.25 33.78
N GLY T 182 47.25 22.53 33.67
CA GLY T 182 47.42 21.49 32.67
C GLY T 182 48.49 21.85 31.66
N GLY T 183 48.77 20.88 30.79
CA GLY T 183 49.76 21.08 29.74
C GLY T 183 49.20 21.80 28.52
N LYS T 184 48.85 23.07 28.68
CA LYS T 184 48.15 23.81 27.64
C LYS T 184 49.11 24.60 26.74
N MET U 1 53.26 -10.58 -35.45
CA MET U 1 54.48 -9.94 -34.96
C MET U 1 54.57 -8.47 -35.38
N GLU U 2 53.39 -7.84 -35.50
CA GLU U 2 53.35 -6.42 -35.83
C GLU U 2 53.82 -5.56 -34.66
N GLN U 3 53.56 -6.01 -33.43
CA GLN U 3 54.07 -5.33 -32.25
C GLN U 3 55.58 -5.49 -32.14
N LEU U 4 56.10 -6.68 -32.46
CA LEU U 4 57.53 -6.94 -32.40
C LEU U 4 58.27 -6.13 -33.47
N LEU U 5 57.72 -6.07 -34.69
CA LEU U 5 58.35 -5.29 -35.75
C LEU U 5 58.19 -3.79 -35.50
N ALA U 6 57.11 -3.39 -34.85
CA ALA U 6 56.92 -1.98 -34.49
C ALA U 6 57.93 -1.55 -33.42
N ASP U 7 58.17 -2.40 -32.42
CA ASP U 7 59.17 -2.08 -31.42
C ASP U 7 60.60 -2.23 -31.96
N TYR U 8 60.79 -3.08 -32.96
CA TYR U 8 62.09 -3.19 -33.61
C TYR U 8 62.38 -1.97 -34.47
N LYS U 9 61.34 -1.37 -35.06
CA LYS U 9 61.52 -0.16 -35.86
C LYS U 9 61.84 1.04 -34.97
N LYS U 10 61.29 1.07 -33.75
CA LYS U 10 61.66 2.10 -32.80
C LYS U 10 63.04 1.85 -32.19
N GLY U 11 63.53 0.61 -32.22
CA GLY U 11 64.80 0.30 -31.61
C GLY U 11 64.72 -0.11 -30.16
N ASN U 12 63.63 -0.77 -29.76
CA ASN U 12 63.40 -1.17 -28.37
C ASN U 12 63.36 -2.69 -28.24
N VAL U 13 64.15 -3.41 -29.04
CA VAL U 13 64.20 -4.86 -29.00
C VAL U 13 65.66 -5.30 -28.87
N ILE U 14 65.94 -6.09 -27.83
CA ILE U 14 67.25 -6.68 -27.61
C ILE U 14 67.23 -8.09 -28.22
N LEU U 15 68.27 -8.41 -28.97
CA LEU U 15 68.40 -9.75 -29.56
C LEU U 15 69.13 -10.66 -28.59
N PHE U 16 68.56 -11.83 -28.34
CA PHE U 16 69.19 -12.87 -27.54
C PHE U 16 69.42 -14.08 -28.44
N VAL U 17 70.68 -14.50 -28.57
CA VAL U 17 71.06 -15.56 -29.49
C VAL U 17 71.51 -16.78 -28.68
N GLY U 18 70.88 -17.92 -28.95
CA GLY U 18 71.21 -19.17 -28.30
C GLY U 18 72.15 -20.02 -29.10
N ALA U 19 72.03 -21.35 -28.90
CA ALA U 19 73.01 -22.26 -29.48
C ALA U 19 72.55 -22.81 -30.82
N GLY U 20 71.27 -22.63 -31.18
CA GLY U 20 70.78 -23.15 -32.45
C GLY U 20 71.27 -22.35 -33.64
N VAL U 21 71.52 -21.05 -33.43
CA VAL U 21 72.04 -20.17 -34.47
C VAL U 21 73.46 -20.60 -34.86
N SER U 22 74.28 -20.91 -33.86
CA SER U 22 75.63 -21.42 -34.13
C SER U 22 75.58 -22.89 -34.56
N MET U 23 74.52 -23.60 -34.17
CA MET U 23 74.42 -25.03 -34.50
C MET U 23 74.02 -25.24 -35.95
N ASN U 24 73.32 -24.27 -36.55
CA ASN U 24 72.99 -24.35 -37.98
C ASN U 24 74.23 -24.20 -38.87
N LEU U 25 75.29 -23.59 -38.34
CA LEU U 25 76.53 -23.42 -39.09
C LEU U 25 77.27 -24.71 -39.38
N GLY U 26 77.05 -25.75 -38.59
CA GLY U 26 77.86 -26.95 -38.68
C GLY U 26 78.84 -27.13 -37.54
N LEU U 27 78.67 -26.41 -36.44
CA LEU U 27 79.48 -26.57 -35.25
C LEU U 27 79.11 -27.87 -34.52
N PRO U 28 79.97 -28.36 -33.63
CA PRO U 28 79.57 -29.46 -32.74
C PRO U 28 78.40 -29.06 -31.84
N SER U 29 77.51 -30.02 -31.60
CA SER U 29 76.36 -29.77 -30.77
C SER U 29 76.73 -29.90 -29.29
N TRP U 30 75.71 -29.81 -28.43
CA TRP U 30 75.93 -30.01 -27.00
C TRP U 30 76.26 -31.47 -26.70
N SER U 31 75.57 -32.39 -27.39
CA SER U 31 75.74 -33.82 -27.16
C SER U 31 77.12 -34.28 -27.61
N GLN U 32 77.68 -33.65 -28.65
CA GLN U 32 79.04 -33.95 -29.06
C GLN U 32 80.06 -33.50 -28.02
N LEU U 33 79.76 -32.41 -27.30
CA LEU U 33 80.61 -31.98 -26.20
C LEU U 33 80.51 -32.95 -25.02
N VAL U 34 79.32 -33.49 -24.78
CA VAL U 34 79.15 -34.53 -23.75
C VAL U 34 79.92 -35.81 -24.13
N ASP U 35 79.90 -36.18 -25.41
CA ASP U 35 80.65 -37.35 -25.87
C ASP U 35 82.15 -37.12 -25.79
N HIS U 36 82.62 -35.89 -26.07
CA HIS U 36 84.03 -35.58 -25.94
C HIS U 36 84.49 -35.60 -24.49
N ILE U 37 83.64 -35.10 -23.58
CA ILE U 37 83.95 -35.12 -22.14
C ILE U 37 83.97 -36.56 -21.64
N ALA U 38 83.06 -37.40 -22.14
CA ALA U 38 83.01 -38.81 -21.77
C ALA U 38 84.24 -39.57 -22.25
N THR U 39 84.64 -39.35 -23.51
CA THR U 39 85.81 -40.05 -24.02
C THR U 39 87.11 -39.46 -23.48
N GLU U 40 87.07 -38.22 -22.98
CA GLU U 40 88.24 -37.67 -22.30
C GLU U 40 88.38 -38.20 -20.88
N LEU U 41 87.27 -38.55 -20.24
CA LEU U 41 87.30 -39.11 -18.89
C LEU U 41 87.31 -40.63 -18.87
N GLY U 42 87.39 -41.28 -20.02
CA GLY U 42 87.42 -42.72 -20.09
C GLY U 42 86.07 -43.39 -20.08
N TYR U 43 84.99 -42.62 -20.03
CA TYR U 43 83.65 -43.19 -20.11
C TYR U 43 83.22 -43.38 -21.56
N ASP U 44 82.14 -44.14 -21.74
CA ASP U 44 81.43 -44.10 -22.99
C ASP U 44 80.27 -43.10 -22.87
N PRO U 45 79.86 -42.46 -24.00
CA PRO U 45 78.87 -41.36 -23.94
C PRO U 45 77.51 -41.62 -23.29
N ASP U 46 76.89 -42.78 -23.54
CA ASP U 46 75.54 -43.00 -23.04
C ASP U 46 75.51 -43.27 -21.54
N ILE U 47 76.47 -44.07 -21.07
CA ILE U 47 76.56 -44.43 -19.65
C ILE U 47 76.94 -43.20 -18.83
N TYR U 48 77.81 -42.36 -19.38
CA TYR U 48 78.13 -41.08 -18.75
C TYR U 48 76.97 -40.09 -18.86
N ARG U 49 76.09 -40.28 -19.84
CA ARG U 49 74.90 -39.45 -19.92
C ARG U 49 73.89 -39.81 -18.83
N THR U 50 73.80 -41.09 -18.47
CA THR U 50 72.94 -41.44 -17.34
C THR U 50 73.63 -41.32 -15.99
N PHE U 51 74.21 -40.16 -15.68
CA PHE U 51 74.75 -39.88 -14.36
C PHE U 51 74.30 -38.53 -13.83
N GLY U 52 74.07 -37.58 -14.74
CA GLY U 52 73.62 -36.25 -14.38
C GLY U 52 73.00 -35.60 -15.60
N SER U 53 72.59 -34.34 -15.44
CA SER U 53 71.93 -33.71 -16.58
C SER U 53 72.91 -33.11 -17.58
N ALA U 54 73.48 -31.96 -17.27
CA ALA U 54 74.60 -31.44 -18.05
C ALA U 54 75.57 -30.68 -17.16
N LEU U 55 75.02 -30.10 -16.08
CA LEU U 55 75.83 -29.26 -15.20
C LEU U 55 76.71 -30.12 -14.31
N GLU U 56 76.18 -31.27 -13.86
CA GLU U 56 76.99 -32.23 -13.12
C GLU U 56 78.06 -32.86 -14.01
N LEU U 57 77.75 -33.01 -15.30
CA LEU U 57 78.68 -33.54 -16.29
C LEU U 57 79.88 -32.62 -16.46
N ALA U 58 79.62 -31.33 -16.69
CA ALA U 58 80.68 -30.35 -16.84
C ALA U 58 81.42 -30.12 -15.53
N GLU U 59 80.70 -30.21 -14.41
CA GLU U 59 81.31 -30.07 -13.09
C GLU U 59 82.27 -31.21 -12.79
N TYR U 60 81.90 -32.44 -13.17
CA TYR U 60 82.79 -33.58 -12.96
C TYR U 60 84.01 -33.51 -13.86
N TYR U 61 83.84 -33.01 -15.10
CA TYR U 61 85.02 -32.80 -15.95
C TYR U 61 85.95 -31.74 -15.38
N LYS U 62 85.39 -30.66 -14.82
CA LYS U 62 86.21 -29.62 -14.20
C LYS U 62 86.93 -30.14 -12.96
N LEU U 63 86.25 -30.95 -12.16
CA LEU U 63 86.86 -31.44 -10.93
C LEU U 63 87.86 -32.55 -11.18
N LYS U 64 87.73 -33.28 -12.29
CA LYS U 64 88.71 -34.32 -12.57
C LYS U 64 89.91 -33.81 -13.36
N LYS U 65 89.70 -32.84 -14.25
CA LYS U 65 90.77 -32.29 -15.05
C LYS U 65 91.33 -31.00 -14.46
N GLY U 66 91.09 -30.73 -13.18
CA GLY U 66 91.64 -29.56 -12.53
C GLY U 66 90.84 -28.30 -12.80
N LYS U 67 90.95 -27.77 -14.03
CA LYS U 67 90.23 -26.57 -14.43
C LYS U 67 89.49 -26.89 -15.74
N ILE U 68 88.95 -25.84 -16.37
CA ILE U 68 88.22 -25.98 -17.62
C ILE U 68 89.12 -25.73 -18.83
N GLY U 69 90.42 -25.53 -18.60
CA GLY U 69 91.39 -25.17 -19.62
C GLY U 69 91.58 -26.10 -20.82
N PRO U 70 91.75 -27.41 -20.61
CA PRO U 70 91.71 -28.34 -21.76
C PRO U 70 90.38 -28.34 -22.51
N LEU U 71 89.27 -28.21 -21.79
CA LEU U 71 87.96 -28.09 -22.45
C LEU U 71 87.82 -26.77 -23.18
N ARG U 72 88.37 -25.70 -22.61
CA ARG U 72 88.34 -24.42 -23.29
C ARG U 72 89.10 -24.56 -24.59
N SER U 73 90.32 -25.11 -24.53
CA SER U 73 91.13 -25.26 -25.73
C SER U 73 90.43 -26.11 -26.78
N TRP U 74 89.70 -27.15 -26.35
CA TRP U 74 89.03 -28.02 -27.30
C TRP U 74 87.86 -27.33 -27.98
N MET U 75 87.00 -26.64 -27.21
CA MET U 75 85.91 -25.90 -27.85
C MET U 75 86.40 -24.67 -28.59
N ASP U 76 87.56 -24.11 -28.19
CA ASP U 76 88.14 -23.01 -28.95
C ASP U 76 88.66 -23.48 -30.30
N ARG U 77 89.21 -24.70 -30.36
CA ARG U 77 89.69 -25.21 -31.63
C ARG U 77 88.55 -25.70 -32.52
N MET U 78 87.63 -26.50 -31.98
CA MET U 78 86.57 -27.07 -32.83
C MET U 78 85.48 -26.06 -33.15
N TRP U 79 85.26 -25.06 -32.28
CA TRP U 79 84.26 -24.05 -32.58
C TRP U 79 84.75 -22.99 -33.55
N HIS U 80 86.06 -22.92 -33.80
CA HIS U 80 86.66 -21.91 -34.67
C HIS U 80 87.60 -22.56 -35.67
N SER U 81 87.10 -23.57 -36.38
CA SER U 81 87.90 -24.28 -37.37
C SER U 81 87.97 -23.50 -38.68
N SER U 82 88.81 -23.99 -39.60
CA SER U 82 88.93 -23.35 -40.91
C SER U 82 87.91 -23.87 -41.91
N ASP U 83 87.23 -24.99 -41.63
CA ASP U 83 86.23 -25.50 -42.55
C ASP U 83 84.98 -24.65 -42.57
N ILE U 84 84.66 -24.02 -41.44
CA ILE U 84 83.48 -23.19 -41.30
C ILE U 84 83.76 -21.77 -41.79
N ASP U 85 82.89 -21.27 -42.66
CA ASP U 85 82.95 -19.88 -43.10
C ASP U 85 81.61 -19.22 -42.86
N ILE U 86 81.64 -17.93 -42.55
CA ILE U 86 80.42 -17.22 -42.18
C ILE U 86 79.64 -16.72 -43.39
N ASN U 87 80.21 -16.81 -44.59
CA ASN U 87 79.54 -16.30 -45.78
C ASN U 87 78.40 -17.20 -46.21
N LYS U 88 78.52 -18.51 -45.97
CA LYS U 88 77.40 -19.44 -46.21
C LYS U 88 76.58 -19.62 -44.94
N SER U 89 76.09 -18.50 -44.42
CA SER U 89 75.24 -18.49 -43.24
C SER U 89 74.22 -17.37 -43.45
N LYS U 90 72.99 -17.77 -43.84
CA LYS U 90 71.96 -16.77 -44.08
C LYS U 90 71.45 -16.15 -42.79
N VAL U 91 71.44 -16.92 -41.69
CA VAL U 91 70.94 -16.38 -40.44
C VAL U 91 71.94 -15.41 -39.80
N HIS U 92 73.24 -15.61 -40.06
CA HIS U 92 74.23 -14.67 -39.54
C HIS U 92 74.26 -13.40 -40.37
N GLU U 93 74.00 -13.52 -41.67
CA GLU U 93 73.81 -12.35 -42.52
C GLU U 93 72.57 -11.56 -42.12
N TYR U 94 71.50 -12.27 -41.76
CA TYR U 94 70.27 -11.58 -41.35
C TYR U 94 70.43 -10.97 -39.95
N ILE U 95 71.29 -11.55 -39.12
CA ILE U 95 71.64 -10.93 -37.85
C ILE U 95 72.46 -9.66 -38.08
N ALA U 96 73.44 -9.74 -38.99
CA ALA U 96 74.39 -8.64 -39.18
C ALA U 96 73.76 -7.45 -39.90
N LYS U 97 72.85 -7.70 -40.84
CA LYS U 97 72.27 -6.58 -41.56
C LYS U 97 71.05 -5.99 -40.86
N ALA U 98 70.55 -6.64 -39.81
CA ALA U 98 69.45 -6.06 -39.06
C ALA U 98 69.96 -4.99 -38.10
N ASN U 99 69.06 -4.11 -37.68
CA ASN U 99 69.40 -2.99 -36.80
C ASN U 99 69.03 -3.35 -35.36
N PHE U 100 69.85 -4.21 -34.75
CA PHE U 100 69.71 -4.55 -33.35
C PHE U 100 70.77 -3.81 -32.56
N PRO U 101 70.40 -2.86 -31.70
CA PRO U 101 71.43 -2.08 -30.98
C PRO U 101 72.11 -2.87 -29.88
N ILE U 102 71.38 -3.77 -29.23
CA ILE U 102 71.93 -4.61 -28.16
C ILE U 102 71.75 -6.07 -28.57
N ILE U 103 72.85 -6.82 -28.55
CA ILE U 103 72.84 -8.25 -28.85
C ILE U 103 73.40 -8.98 -27.65
N TYR U 104 72.62 -9.91 -27.11
CA TYR U 104 73.07 -10.80 -26.04
C TYR U 104 73.24 -12.21 -26.59
N THR U 105 74.22 -12.94 -26.07
CA THR U 105 74.42 -14.31 -26.50
C THR U 105 74.97 -15.15 -25.34
N THR U 106 74.56 -16.40 -25.29
CA THR U 106 75.11 -17.37 -24.36
C THR U 106 76.22 -18.20 -24.98
N ASN U 107 76.47 -18.03 -26.28
CA ASN U 107 77.53 -18.75 -26.95
C ASN U 107 78.89 -18.15 -26.62
N TYR U 108 79.88 -19.03 -26.49
CA TYR U 108 81.25 -18.60 -26.28
C TYR U 108 82.00 -18.37 -27.59
N ASP U 109 81.45 -18.82 -28.71
CA ASP U 109 82.07 -18.60 -30.01
C ASP U 109 81.87 -17.16 -30.47
N ARG U 110 82.74 -16.72 -31.36
CA ARG U 110 82.77 -15.34 -31.84
C ARG U 110 82.16 -15.19 -33.22
N TRP U 111 81.15 -16.00 -33.56
CA TRP U 111 80.64 -15.97 -34.93
C TRP U 111 79.66 -14.81 -35.16
N ILE U 112 79.07 -14.27 -34.10
CA ILE U 112 78.27 -13.05 -34.23
C ILE U 112 79.17 -11.87 -34.55
N GLU U 113 80.31 -11.79 -33.85
CA GLU U 113 81.28 -10.73 -34.10
C GLU U 113 81.93 -10.87 -35.46
N THR U 114 82.22 -12.10 -35.88
CA THR U 114 82.79 -12.34 -37.21
C THR U 114 81.77 -12.05 -38.30
N ALA U 115 80.49 -12.35 -38.06
CA ALA U 115 79.44 -12.05 -39.03
C ALA U 115 79.20 -10.54 -39.13
N LEU U 116 79.34 -9.82 -38.01
CA LEU U 116 79.14 -8.39 -38.04
C LEU U 116 80.31 -7.66 -38.69
N SER U 117 81.54 -8.13 -38.42
CA SER U 117 82.70 -7.50 -39.05
C SER U 117 82.84 -7.94 -40.50
N ASN U 118 82.23 -9.07 -40.88
CA ASN U 118 82.27 -9.50 -42.26
C ASN U 118 81.38 -8.64 -43.14
N TYR U 119 80.23 -8.20 -42.62
CA TYR U 119 79.28 -7.41 -43.39
C TYR U 119 79.40 -5.91 -43.11
N GLY U 120 80.54 -5.48 -42.57
CA GLY U 120 80.84 -4.06 -42.45
C GLY U 120 80.17 -3.34 -41.31
N LYS U 121 79.52 -4.04 -40.39
CA LYS U 121 78.86 -3.40 -39.26
C LYS U 121 79.82 -3.29 -38.08
N GLU U 122 79.95 -2.08 -37.55
CA GLU U 122 80.79 -1.86 -36.38
C GLU U 122 80.06 -2.31 -35.12
N TYR U 123 80.84 -2.78 -34.14
CA TYR U 123 80.28 -3.37 -32.95
C TYR U 123 81.20 -3.12 -31.76
N ILE U 124 80.63 -3.26 -30.57
CA ILE U 124 81.38 -3.23 -29.31
C ILE U 124 81.14 -4.55 -28.61
N LYS U 125 82.21 -5.28 -28.32
CA LYS U 125 82.11 -6.57 -27.65
C LYS U 125 82.25 -6.36 -26.15
N ILE U 126 81.29 -6.89 -25.39
CA ILE U 126 81.29 -6.77 -23.93
C ILE U 126 81.42 -8.16 -23.34
N SER U 127 82.49 -8.39 -22.58
CA SER U 127 82.65 -9.60 -21.79
C SER U 127 83.12 -9.32 -20.38
N SER U 128 83.52 -8.08 -20.08
CA SER U 128 83.87 -7.67 -18.73
C SER U 128 83.28 -6.29 -18.49
N VAL U 129 83.65 -5.68 -17.37
CA VAL U 129 83.06 -4.39 -16.99
C VAL U 129 83.86 -3.23 -17.60
N SER U 130 85.12 -3.46 -17.96
CA SER U 130 85.88 -2.46 -18.70
C SER U 130 85.34 -2.32 -20.13
N ASP U 131 84.78 -3.39 -20.68
CA ASP U 131 84.13 -3.28 -21.98
C ASP U 131 82.77 -2.60 -21.87
N ILE U 132 82.15 -2.62 -20.68
CA ILE U 132 81.00 -1.75 -20.43
C ILE U 132 81.44 -0.29 -20.40
N ALA U 133 82.65 -0.04 -19.89
CA ALA U 133 83.21 1.32 -19.96
C ALA U 133 83.55 1.73 -21.39
N LYS U 134 83.81 0.77 -22.27
CA LYS U 134 84.08 1.08 -23.68
C LYS U 134 82.83 1.09 -24.56
N ILE U 135 81.65 1.39 -24.01
CA ILE U 135 80.42 1.33 -24.78
C ILE U 135 80.24 2.60 -25.59
N ASP U 136 79.98 2.45 -26.89
CA ASP U 136 79.59 3.54 -27.77
C ASP U 136 78.09 3.45 -28.04
N ASN U 137 77.42 4.59 -28.07
CA ASN U 137 75.98 4.61 -28.27
C ASN U 137 75.56 4.50 -29.73
N ASN U 138 76.47 4.77 -30.67
CA ASN U 138 76.16 4.66 -32.09
C ASN U 138 76.72 3.38 -32.70
N LYS U 139 77.39 2.57 -31.90
CA LYS U 139 77.86 1.25 -32.30
C LYS U 139 77.07 0.23 -31.52
N THR U 140 76.74 -0.89 -32.17
CA THR U 140 75.93 -1.90 -31.51
C THR U 140 76.75 -2.66 -30.47
N GLN U 141 76.04 -3.27 -29.52
CA GLN U 141 76.66 -3.96 -28.40
C GLN U 141 76.47 -5.46 -28.57
N ILE U 142 77.57 -6.21 -28.47
CA ILE U 142 77.53 -7.66 -28.41
C ILE U 142 78.02 -8.05 -27.02
N ILE U 143 77.16 -8.69 -26.24
CA ILE U 143 77.50 -9.05 -24.87
C ILE U 143 77.61 -10.56 -24.79
N LYS U 144 78.82 -11.03 -24.48
CA LYS U 144 79.07 -12.46 -24.23
C LYS U 144 78.65 -12.74 -22.80
N PHE U 145 77.37 -13.12 -22.65
CA PHE U 145 76.75 -13.18 -21.33
C PHE U 145 77.26 -14.38 -20.53
N HIS U 146 77.45 -15.52 -21.19
CA HIS U 146 77.91 -16.71 -20.52
C HIS U 146 79.41 -16.93 -20.65
N GLY U 147 80.13 -15.97 -21.22
CA GLY U 147 81.57 -15.98 -21.23
C GLY U 147 82.14 -16.04 -22.64
N ASP U 148 83.46 -16.21 -22.67
CA ASP U 148 84.21 -16.25 -23.91
C ASP U 148 85.39 -17.19 -23.70
N PHE U 149 85.98 -17.65 -24.81
CA PHE U 149 87.18 -18.48 -24.76
C PHE U 149 88.44 -17.69 -24.40
N ASP U 150 88.37 -16.35 -24.36
CA ASP U 150 89.52 -15.54 -23.95
C ASP U 150 89.82 -15.71 -22.47
N ASP U 151 88.79 -15.83 -21.64
CA ASP U 151 88.95 -15.94 -20.19
C ASP U 151 88.28 -17.21 -19.70
N ASP U 152 89.04 -18.04 -18.99
CA ASP U 152 88.51 -19.30 -18.46
C ASP U 152 87.64 -19.11 -17.24
N SER U 153 87.78 -17.98 -16.55
CA SER U 153 86.99 -17.72 -15.34
C SER U 153 85.61 -17.16 -15.64
N SER U 154 85.29 -16.91 -16.91
CA SER U 154 84.01 -16.33 -17.28
C SER U 154 83.06 -17.33 -17.92
N ILE U 155 83.51 -18.54 -18.26
CA ILE U 155 82.68 -19.50 -18.97
C ILE U 155 81.68 -20.10 -17.99
N VAL U 156 80.39 -19.95 -18.30
CA VAL U 156 79.30 -20.44 -17.47
C VAL U 156 78.90 -21.79 -18.05
N LEU U 157 79.53 -22.85 -17.56
CA LEU U 157 79.29 -24.19 -18.06
C LEU U 157 78.92 -25.20 -16.99
N ASP U 158 79.57 -25.15 -15.83
CA ASP U 158 79.33 -26.10 -14.76
C ASP U 158 78.35 -25.52 -13.76
N GLU U 159 78.01 -26.32 -12.74
CA GLU U 159 76.96 -25.95 -11.79
C GLU U 159 77.41 -24.83 -10.86
N THR U 160 78.71 -24.78 -10.56
CA THR U 160 79.25 -23.72 -9.70
C THR U 160 79.16 -22.36 -10.37
N SER U 161 79.49 -22.30 -11.66
CA SER U 161 79.41 -21.04 -12.41
C SER U 161 77.97 -20.59 -12.59
N TYR U 162 77.05 -21.55 -12.75
CA TYR U 162 75.63 -21.23 -12.78
C TYR U 162 75.13 -20.74 -11.43
N PHE U 163 75.73 -21.21 -10.33
CA PHE U 163 75.34 -20.71 -9.01
C PHE U 163 75.82 -19.27 -8.79
N GLN U 164 77.05 -18.97 -9.23
CA GLN U 164 77.54 -17.59 -9.15
C GLN U 164 76.74 -16.66 -10.06
N ARG U 165 76.25 -17.15 -11.20
CA ARG U 165 75.36 -16.32 -12.00
C ARG U 165 73.95 -16.28 -11.42
N LEU U 166 73.58 -17.26 -10.59
CA LEU U 166 72.30 -17.19 -9.89
C LEU U 166 72.31 -16.15 -8.79
N GLU U 167 73.51 -15.81 -8.27
CA GLU U 167 73.59 -14.76 -7.25
C GLU U 167 73.30 -13.37 -7.79
N PHE U 168 73.38 -13.18 -9.12
CA PHE U 168 73.10 -11.91 -9.83
C PHE U 168 73.98 -10.75 -9.36
N GLU U 169 75.26 -11.04 -9.11
CA GLU U 169 76.18 -10.01 -8.67
C GLU U 169 77.29 -9.71 -9.69
N THR U 170 77.31 -10.41 -10.82
CA THR U 170 78.23 -10.09 -11.91
C THR U 170 77.84 -8.75 -12.53
N PRO U 171 78.82 -7.97 -13.02
CA PRO U 171 78.47 -6.75 -13.78
C PRO U 171 77.63 -6.99 -15.03
N LEU U 172 77.82 -8.12 -15.70
CA LEU U 172 77.00 -8.45 -16.86
C LEU U 172 75.58 -8.79 -16.45
N ASP U 173 75.41 -9.40 -15.26
CA ASP U 173 74.08 -9.67 -14.73
C ASP U 173 73.35 -8.38 -14.36
N ILE U 174 74.07 -7.42 -13.77
CA ILE U 174 73.48 -6.12 -13.44
C ILE U 174 73.10 -5.34 -14.70
N LYS U 175 73.98 -5.42 -15.72
CA LYS U 175 73.71 -4.76 -17.00
C LYS U 175 72.51 -5.36 -17.72
N PHE U 176 72.38 -6.70 -17.67
CA PHE U 176 71.22 -7.34 -18.28
C PHE U 176 69.94 -7.06 -17.50
N ARG U 177 70.03 -7.01 -16.16
CA ARG U 177 68.85 -6.76 -15.33
C ARG U 177 68.34 -5.34 -15.49
N SER U 178 69.22 -4.39 -15.83
CA SER U 178 68.69 -3.06 -16.15
C SER U 178 68.37 -2.89 -17.63
N ASP U 179 68.94 -3.74 -18.51
CA ASP U 179 68.59 -3.67 -19.91
C ASP U 179 67.20 -4.23 -20.18
N VAL U 180 66.76 -5.21 -19.38
CA VAL U 180 65.43 -5.77 -19.60
C VAL U 180 64.33 -4.87 -19.07
N LEU U 181 64.68 -3.85 -18.28
CA LEU U 181 63.70 -2.87 -17.82
C LEU U 181 63.28 -1.99 -18.99
N GLY U 182 62.03 -2.14 -19.43
CA GLY U 182 61.52 -1.28 -20.47
C GLY U 182 62.02 -1.59 -21.86
N LYS U 183 62.44 -2.83 -22.11
CA LYS U 183 62.85 -3.25 -23.44
C LYS U 183 62.35 -4.66 -23.69
N SER U 184 62.23 -5.00 -24.96
CA SER U 184 61.79 -6.31 -25.39
C SER U 184 63.01 -7.18 -25.71
N VAL U 185 62.90 -8.46 -25.41
CA VAL U 185 63.96 -9.43 -25.69
C VAL U 185 63.45 -10.41 -26.73
N LEU U 186 64.23 -10.63 -27.78
CA LEU U 186 63.93 -11.61 -28.81
C LEU U 186 64.90 -12.77 -28.69
N PHE U 187 64.37 -13.95 -28.35
CA PHE U 187 65.18 -15.14 -28.20
C PHE U 187 65.15 -15.92 -29.51
N ILE U 188 66.30 -16.05 -30.16
CA ILE U 188 66.43 -16.87 -31.36
C ILE U 188 67.49 -17.93 -31.11
N GLY U 189 67.18 -19.17 -31.47
CA GLY U 189 68.09 -20.28 -31.25
C GLY U 189 68.23 -20.71 -29.80
N TYR U 190 67.34 -20.25 -28.93
CA TYR U 190 67.46 -20.39 -27.48
C TYR U 190 66.19 -21.00 -26.93
N SER U 191 66.34 -21.94 -26.00
CA SER U 191 65.21 -22.69 -25.46
C SER U 191 64.77 -22.24 -24.08
N LEU U 192 65.47 -21.26 -23.48
CA LEU U 192 65.25 -20.74 -22.12
C LEU U 192 65.30 -21.84 -21.07
N SER U 193 66.43 -22.54 -21.05
CA SER U 193 66.66 -23.65 -20.13
C SER U 193 67.63 -23.34 -19.02
N ASP U 194 68.43 -22.29 -19.15
CA ASP U 194 69.36 -21.91 -18.09
C ASP U 194 68.61 -21.30 -16.93
N ILE U 195 68.97 -21.72 -15.71
CA ILE U 195 68.19 -21.39 -14.52
C ILE U 195 68.36 -19.92 -14.14
N ASN U 196 69.49 -19.30 -14.49
CA ASN U 196 69.70 -17.90 -14.14
C ASN U 196 68.89 -16.96 -15.02
N ILE U 197 68.68 -17.34 -16.29
CA ILE U 197 67.86 -16.52 -17.18
C ILE U 197 66.39 -16.61 -16.79
N ARG U 198 65.93 -17.81 -16.42
CA ARG U 198 64.56 -17.99 -15.96
C ARG U 198 64.32 -17.28 -14.63
N LEU U 199 65.32 -17.29 -13.74
CA LEU U 199 65.18 -16.54 -12.49
C LEU U 199 65.20 -15.03 -12.73
N LEU U 200 65.98 -14.58 -13.72
CA LEU U 200 66.01 -13.16 -14.09
C LEU U 200 64.66 -12.69 -14.64
N PHE U 201 64.04 -13.49 -15.49
CA PHE U 201 62.75 -13.08 -16.04
C PHE U 201 61.61 -13.29 -15.05
N TYR U 202 61.74 -14.25 -14.13
CA TYR U 202 60.79 -14.38 -13.03
C TYR U 202 60.85 -13.17 -12.11
N LYS U 203 62.06 -12.71 -11.77
CA LYS U 203 62.22 -11.53 -10.94
C LYS U 203 61.77 -10.27 -11.67
N LEU U 204 61.92 -10.23 -13.00
CA LEU U 204 61.41 -9.11 -13.79
C LEU U 204 59.88 -9.03 -13.76
N SER U 205 59.21 -10.17 -13.94
CA SER U 205 57.75 -10.20 -13.92
C SER U 205 57.21 -9.90 -12.51
N LYS U 206 57.90 -10.42 -11.49
CA LYS U 206 57.56 -10.11 -10.11
C LYS U 206 57.73 -8.62 -9.81
N LEU U 207 58.83 -8.05 -10.30
CA LEU U 207 59.15 -6.63 -10.11
C LEU U 207 58.14 -5.72 -10.78
N TRP U 208 57.65 -6.10 -11.96
CA TRP U 208 56.55 -5.36 -12.57
C TRP U 208 55.24 -5.57 -11.81
N LYS U 209 55.09 -6.70 -11.12
CA LYS U 209 53.87 -6.93 -10.35
C LYS U 209 53.86 -6.12 -9.04
N GLU U 210 55.02 -5.79 -8.48
CA GLU U 210 55.03 -4.99 -7.24
C GLU U 210 54.61 -3.54 -7.49
N GLN U 211 54.84 -3.02 -8.70
CA GLN U 211 54.37 -1.67 -8.99
C GLN U 211 52.90 -1.62 -9.40
N LYS U 212 52.26 -2.79 -9.53
CA LYS U 212 50.89 -2.95 -10.07
C LYS U 212 50.75 -2.33 -11.46
N LEU U 213 51.80 -2.48 -12.28
CA LEU U 213 51.83 -1.99 -13.65
C LEU U 213 52.13 -3.11 -14.63
N GLU U 214 51.57 -4.31 -14.37
CA GLU U 214 51.94 -5.50 -15.13
C GLU U 214 51.37 -5.47 -16.55
N GLU U 215 50.37 -4.63 -16.81
CA GLU U 215 49.85 -4.51 -18.17
C GLU U 215 50.73 -3.60 -19.03
N ALA U 216 51.63 -2.85 -18.41
CA ALA U 216 52.54 -1.97 -19.14
C ALA U 216 53.92 -2.57 -19.37
N GLN U 217 54.12 -3.84 -19.01
CA GLN U 217 55.40 -4.49 -19.21
C GLN U 217 55.62 -4.76 -20.70
N PRO U 218 56.82 -4.49 -21.25
CA PRO U 218 57.09 -4.83 -22.65
C PRO U 218 57.08 -6.33 -22.89
N LYS U 219 56.63 -6.71 -24.08
CA LYS U 219 56.46 -8.11 -24.43
C LYS U 219 57.76 -8.65 -25.01
N SER U 220 58.28 -9.70 -24.39
CA SER U 220 59.40 -10.42 -24.96
C SER U 220 58.88 -11.53 -25.85
N TYR U 221 59.74 -12.01 -26.74
CA TYR U 221 59.35 -13.05 -27.69
C TYR U 221 60.45 -14.09 -27.81
N ILE U 222 60.04 -15.34 -28.03
CA ILE U 222 60.97 -16.45 -28.23
C ILE U 222 60.56 -17.15 -29.51
N PHE U 223 61.53 -17.43 -30.38
CA PHE U 223 61.27 -18.17 -31.61
C PHE U 223 61.75 -19.60 -31.42
N LEU U 224 60.81 -20.52 -31.32
CA LEU U 224 61.10 -21.95 -31.30
C LEU U 224 60.32 -22.59 -32.44
N PRO U 225 60.95 -23.40 -33.28
CA PRO U 225 60.19 -24.05 -34.37
C PRO U 225 59.21 -25.10 -33.89
N ARG U 226 59.63 -26.04 -33.05
CA ARG U 226 58.72 -27.04 -32.52
C ARG U 226 57.94 -26.49 -31.39
N PRO U 227 56.63 -26.60 -31.44
CA PRO U 227 55.79 -25.99 -30.41
C PRO U 227 55.82 -26.76 -29.10
N ASN U 228 55.51 -26.04 -28.03
CA ASN U 228 55.49 -26.61 -26.68
C ASN U 228 54.51 -25.79 -25.87
N PRO U 229 53.30 -26.31 -25.60
CA PRO U 229 52.30 -25.50 -24.87
C PRO U 229 52.61 -25.30 -23.41
N ILE U 230 53.39 -26.23 -22.84
CA ILE U 230 53.84 -26.13 -21.45
C ILE U 230 54.77 -24.94 -21.28
N GLN U 231 55.79 -24.84 -22.10
CA GLN U 231 56.62 -23.68 -22.01
C GLN U 231 55.90 -22.46 -22.53
N GLU U 232 54.95 -22.59 -23.45
CA GLU U 232 54.18 -21.42 -23.88
C GLU U 232 53.44 -20.78 -22.71
N GLU U 233 52.80 -21.60 -21.86
CA GLU U 233 52.08 -21.07 -20.71
C GLU U 233 53.05 -20.54 -19.65
N ILE U 234 54.15 -21.25 -19.42
CA ILE U 234 55.11 -20.86 -18.38
C ILE U 234 55.82 -19.55 -18.77
N LEU U 235 56.23 -19.43 -20.04
CA LEU U 235 56.86 -18.20 -20.49
C LEU U 235 55.83 -17.09 -20.68
N GLU U 236 54.56 -17.44 -20.90
CA GLU U 236 53.51 -16.42 -21.00
C GLU U 236 53.22 -15.80 -19.65
N GLN U 237 53.49 -16.53 -18.57
CA GLN U 237 53.45 -15.92 -17.24
C GLN U 237 54.54 -14.86 -17.04
N TRP U 238 55.67 -14.97 -17.75
CA TRP U 238 56.77 -14.01 -17.63
C TRP U 238 56.78 -12.99 -18.76
N ARG U 239 55.62 -12.76 -19.39
CA ARG U 239 55.41 -11.83 -20.51
C ARG U 239 56.31 -12.15 -21.71
N ILE U 240 56.53 -13.43 -21.96
CA ILE U 240 57.34 -13.89 -23.09
C ILE U 240 56.42 -14.71 -24.00
N GLY U 241 56.14 -14.19 -25.19
CA GLY U 241 55.28 -14.87 -26.11
C GLY U 241 56.03 -15.77 -27.07
N MET U 242 55.33 -16.79 -27.55
CA MET U 242 55.92 -17.80 -28.41
C MET U 242 55.59 -17.51 -29.87
N ILE U 243 56.61 -17.56 -30.72
CA ILE U 243 56.45 -17.48 -32.16
C ILE U 243 56.88 -18.81 -32.74
N SER U 244 55.95 -19.53 -33.34
CA SER U 244 56.20 -20.87 -33.87
C SER U 244 56.11 -20.87 -35.39
N SER U 245 56.62 -21.92 -35.99
CA SER U 245 56.60 -22.10 -37.43
C SER U 245 56.00 -23.45 -37.80
N GLU U 246 55.59 -23.57 -39.06
CA GLU U 246 55.08 -24.83 -39.57
C GLU U 246 56.15 -25.66 -40.27
N ASN U 247 57.22 -25.01 -40.74
CA ASN U 247 58.30 -25.72 -41.41
C ASN U 247 59.16 -26.45 -40.38
N ASP U 248 59.45 -27.73 -40.67
CA ASP U 248 60.17 -28.57 -39.73
C ASP U 248 61.66 -28.28 -39.65
N ASN U 249 62.23 -27.65 -40.67
CA ASN U 249 63.64 -27.29 -40.64
C ASN U 249 63.85 -26.09 -39.71
N PRO U 250 64.71 -26.18 -38.70
CA PRO U 250 64.89 -25.02 -37.81
C PRO U 250 65.63 -23.86 -38.45
N GLY U 251 66.66 -24.16 -39.25
CA GLY U 251 67.44 -23.11 -39.89
C GLY U 251 66.65 -22.36 -40.95
N GLU U 252 65.84 -23.08 -41.73
CA GLU U 252 65.02 -22.45 -42.77
C GLU U 252 63.92 -21.60 -42.16
N SER U 253 63.27 -22.08 -41.09
CA SER U 253 62.21 -21.31 -40.44
C SER U 253 62.78 -20.10 -39.72
N LEU U 254 63.99 -20.22 -39.16
CA LEU U 254 64.62 -19.05 -38.54
C LEU U 254 65.07 -18.05 -39.59
N GLU U 255 65.41 -18.54 -40.80
CA GLU U 255 65.72 -17.64 -41.91
C GLU U 255 64.47 -16.87 -42.36
N GLU U 256 63.32 -17.55 -42.44
CA GLU U 256 62.07 -16.85 -42.76
C GLU U 256 61.63 -15.92 -41.65
N PHE U 257 61.99 -16.23 -40.40
CA PHE U 257 61.66 -15.32 -39.30
C PHE U 257 62.52 -14.06 -39.35
N LEU U 258 63.82 -14.20 -39.60
CA LEU U 258 64.71 -13.04 -39.66
C LEU U 258 64.68 -12.33 -41.00
N LYS U 259 63.97 -12.89 -41.99
CA LYS U 259 63.73 -12.19 -43.24
C LYS U 259 62.89 -10.94 -43.04
N ASN U 260 62.01 -10.96 -42.03
CA ASN U 260 61.23 -9.76 -41.70
C ASN U 260 62.08 -8.69 -41.03
N PHE U 261 63.26 -9.03 -40.54
CA PHE U 261 64.12 -8.08 -39.84
C PHE U 261 65.28 -7.58 -40.69
N VAL U 262 65.72 -8.34 -41.70
CA VAL U 262 66.85 -7.89 -42.51
C VAL U 262 66.42 -6.77 -43.45
N LEU U 263 65.14 -6.75 -43.84
CA LEU U 263 64.65 -5.74 -44.77
C LEU U 263 64.56 -4.36 -44.13
N VAL U 264 64.93 -3.34 -44.92
CA VAL U 264 65.07 -1.93 -44.53
C VAL U 264 65.97 -1.75 -43.30
N MET V 1 81.07 -43.53 8.60
CA MET V 1 80.17 -44.27 9.49
C MET V 1 80.61 -44.17 10.95
N GLU V 2 81.93 -44.16 11.16
CA GLU V 2 82.47 -44.11 12.50
C GLU V 2 82.37 -42.71 13.09
N GLN V 3 82.81 -41.71 12.32
CA GLN V 3 82.72 -40.33 12.77
C GLN V 3 81.27 -39.83 12.71
N LEU V 4 80.46 -40.40 11.82
CA LEU V 4 79.02 -40.13 11.79
C LEU V 4 78.35 -40.59 13.08
N LEU V 5 78.69 -41.80 13.55
CA LEU V 5 78.13 -42.28 14.82
C LEU V 5 78.69 -41.50 16.00
N ALA V 6 79.97 -41.08 15.91
CA ALA V 6 80.59 -40.28 16.96
C ALA V 6 79.92 -38.91 17.11
N ASP V 7 79.57 -38.27 15.99
CA ASP V 7 78.80 -37.04 16.07
C ASP V 7 77.34 -37.31 16.42
N TYR V 8 76.85 -38.52 16.14
CA TYR V 8 75.46 -38.86 16.44
C TYR V 8 75.24 -39.01 17.94
N LYS V 9 76.19 -39.63 18.66
CA LYS V 9 76.02 -39.75 20.10
C LYS V 9 76.19 -38.43 20.85
N LYS V 10 76.87 -37.45 20.26
CA LYS V 10 76.95 -36.13 20.87
C LYS V 10 75.69 -35.29 20.64
N GLY V 11 74.86 -35.66 19.67
CA GLY V 11 73.66 -34.91 19.38
C GLY V 11 73.88 -33.78 18.40
N ASN V 12 74.77 -33.99 17.43
CA ASN V 12 75.15 -32.97 16.47
C ASN V 12 74.95 -33.46 15.05
N VAL V 13 73.93 -34.30 14.83
CA VAL V 13 73.60 -34.79 13.50
C VAL V 13 72.13 -34.49 13.25
N ILE V 14 71.85 -33.74 12.19
CA ILE V 14 70.50 -33.46 11.73
C ILE V 14 70.11 -34.53 10.73
N LEU V 15 68.91 -35.07 10.86
CA LEU V 15 68.39 -36.05 9.91
C LEU V 15 67.58 -35.32 8.84
N PHE V 16 67.97 -35.52 7.59
CA PHE V 16 67.21 -35.03 6.44
C PHE V 16 66.59 -36.23 5.73
N VAL V 17 65.28 -36.20 5.55
CA VAL V 17 64.52 -37.33 5.04
C VAL V 17 63.90 -36.95 3.70
N GLY V 18 64.17 -37.76 2.67
CA GLY V 18 63.62 -37.56 1.36
C GLY V 18 62.46 -38.49 1.06
N ALA V 19 62.16 -38.64 -0.22
CA ALA V 19 61.01 -39.42 -0.64
C ALA V 19 61.29 -40.92 -0.56
N GLY V 20 62.56 -41.32 -0.70
CA GLY V 20 62.89 -42.74 -0.77
C GLY V 20 62.74 -43.47 0.55
N VAL V 21 62.70 -42.73 1.65
CA VAL V 21 62.28 -43.30 2.93
C VAL V 21 60.81 -43.67 2.85
N SER V 22 59.99 -42.77 2.28
CA SER V 22 58.55 -42.94 2.27
C SER V 22 58.08 -43.89 1.17
N MET V 23 58.93 -44.23 0.20
CA MET V 23 58.53 -45.17 -0.85
C MET V 23 58.42 -46.62 -0.37
N ASN V 24 58.85 -46.94 0.85
CA ASN V 24 58.72 -48.29 1.37
C ASN V 24 57.30 -48.61 1.79
N LEU V 25 56.48 -47.60 2.05
CA LEU V 25 55.16 -47.80 2.65
C LEU V 25 54.08 -48.15 1.65
N GLY V 26 54.38 -48.22 0.37
CA GLY V 26 53.36 -48.35 -0.64
C GLY V 26 52.74 -47.03 -1.07
N LEU V 27 53.42 -45.92 -0.82
CA LEU V 27 52.96 -44.62 -1.25
C LEU V 27 53.08 -44.49 -2.76
N PRO V 28 52.29 -43.60 -3.39
CA PRO V 28 52.50 -43.30 -4.81
C PRO V 28 53.86 -42.66 -5.04
N SER V 29 54.48 -43.01 -6.17
CA SER V 29 55.78 -42.47 -6.49
C SER V 29 55.63 -41.11 -7.16
N TRP V 30 56.77 -40.53 -7.54
CA TRP V 30 56.74 -39.27 -8.29
C TRP V 30 56.20 -39.49 -9.70
N SER V 31 56.50 -40.66 -10.28
CA SER V 31 56.05 -40.98 -11.61
C SER V 31 54.54 -41.14 -11.67
N GLN V 32 53.95 -41.72 -10.61
CA GLN V 32 52.49 -41.84 -10.53
C GLN V 32 51.83 -40.47 -10.34
N LEU V 33 52.52 -39.55 -9.67
CA LEU V 33 52.03 -38.17 -9.57
C LEU V 33 52.03 -37.48 -10.93
N VAL V 34 53.08 -37.69 -11.72
CA VAL V 34 53.14 -37.13 -13.07
C VAL V 34 52.07 -37.77 -13.97
N ASP V 35 51.80 -39.07 -13.78
CA ASP V 35 50.73 -39.75 -14.50
C ASP V 35 49.36 -39.20 -14.14
N HIS V 36 49.14 -38.89 -12.86
CA HIS V 36 47.86 -38.31 -12.44
C HIS V 36 47.70 -36.89 -12.98
N ILE V 37 48.80 -36.12 -13.02
CA ILE V 37 48.78 -34.77 -13.58
C ILE V 37 48.44 -34.81 -15.07
N ALA V 38 49.07 -35.75 -15.80
CA ALA V 38 48.82 -35.91 -17.23
C ALA V 38 47.41 -36.38 -17.52
N THR V 39 46.89 -37.31 -16.71
CA THR V 39 45.53 -37.80 -16.87
C THR V 39 44.51 -36.69 -16.57
N GLU V 40 44.78 -35.87 -15.56
CA GLU V 40 43.87 -34.79 -15.21
C GLU V 40 43.90 -33.66 -16.25
N LEU V 41 45.04 -33.49 -16.92
CA LEU V 41 45.15 -32.46 -17.96
C LEU V 41 44.84 -32.99 -19.35
N GLY V 42 44.35 -34.23 -19.47
CA GLY V 42 43.95 -34.77 -20.75
C GLY V 42 45.07 -35.40 -21.56
N TYR V 43 46.29 -35.42 -21.05
CA TYR V 43 47.40 -36.03 -21.75
C TYR V 43 47.48 -37.53 -21.45
N ASP V 44 48.13 -38.26 -22.34
CA ASP V 44 48.63 -39.49 -21.76
C ASP V 44 50.01 -39.24 -21.15
N PRO V 45 50.44 -40.03 -20.14
CA PRO V 45 51.71 -39.72 -19.42
C PRO V 45 52.99 -39.66 -20.24
N ASP V 46 53.14 -40.52 -21.25
CA ASP V 46 54.45 -40.66 -21.90
C ASP V 46 54.75 -39.51 -22.84
N ILE V 47 53.74 -38.95 -23.50
CA ILE V 47 53.91 -37.71 -24.25
C ILE V 47 54.15 -36.54 -23.30
N TYR V 48 53.49 -36.56 -22.13
CA TYR V 48 53.62 -35.48 -21.16
C TYR V 48 54.99 -35.46 -20.49
N ARG V 49 55.70 -36.59 -20.51
CA ARG V 49 57.09 -36.61 -20.03
C ARG V 49 58.01 -35.79 -20.92
N THR V 50 57.73 -35.71 -22.22
CA THR V 50 58.65 -35.16 -23.20
C THR V 50 58.58 -33.65 -23.34
N PHE V 51 57.96 -32.95 -22.39
CA PHE V 51 57.77 -31.51 -22.50
C PHE V 51 58.55 -30.73 -21.45
N GLY V 52 58.32 -31.02 -20.17
CA GLY V 52 59.10 -30.42 -19.10
C GLY V 52 59.89 -31.51 -18.40
N SER V 53 60.31 -31.29 -17.16
CA SER V 53 60.99 -32.33 -16.41
C SER V 53 60.17 -32.79 -15.20
N ALA V 54 60.02 -31.94 -14.19
CA ALA V 54 59.02 -32.18 -13.15
C ALA V 54 58.37 -30.87 -12.77
N LEU V 55 59.21 -29.82 -12.68
CA LEU V 55 58.78 -28.53 -12.18
C LEU V 55 57.92 -27.82 -13.19
N GLU V 56 58.26 -27.96 -14.48
CA GLU V 56 57.44 -27.38 -15.54
C GLU V 56 56.11 -28.10 -15.67
N LEU V 57 56.07 -29.39 -15.37
CA LEU V 57 54.82 -30.15 -15.44
C LEU V 57 53.88 -29.78 -14.30
N ALA V 58 54.42 -29.65 -13.08
CA ALA V 58 53.61 -29.19 -11.96
C ALA V 58 53.20 -27.73 -12.12
N GLU V 59 54.06 -26.93 -12.76
CA GLU V 59 53.74 -25.56 -13.12
C GLU V 59 52.57 -25.51 -14.10
N TYR V 60 52.57 -26.40 -15.10
CA TYR V 60 51.49 -26.45 -16.07
C TYR V 60 50.18 -26.89 -15.43
N TYR V 61 50.24 -27.83 -14.48
CA TYR V 61 49.03 -28.22 -13.75
C TYR V 61 48.49 -27.07 -12.91
N LYS V 62 49.38 -26.30 -12.28
CA LYS V 62 48.94 -25.17 -11.47
C LYS V 62 48.35 -24.06 -12.33
N LEU V 63 48.94 -23.82 -13.51
CA LEU V 63 48.47 -22.73 -14.35
C LEU V 63 47.18 -23.09 -15.08
N LYS V 64 47.02 -24.35 -15.48
CA LYS V 64 45.77 -24.74 -16.12
C LYS V 64 44.65 -24.93 -15.12
N LYS V 65 44.95 -25.47 -13.94
CA LYS V 65 43.92 -25.74 -12.94
C LYS V 65 43.70 -24.58 -11.99
N GLY V 66 44.42 -23.48 -12.14
CA GLY V 66 44.23 -22.33 -11.27
C GLY V 66 45.13 -22.36 -10.05
N LYS V 67 44.87 -23.30 -9.14
CA LYS V 67 45.71 -23.47 -7.95
C LYS V 67 46.24 -24.88 -7.86
N ILE V 68 46.85 -25.21 -6.72
CA ILE V 68 47.47 -26.51 -6.49
C ILE V 68 46.49 -27.38 -5.69
N GLY V 69 45.33 -26.83 -5.38
CA GLY V 69 44.33 -27.44 -4.52
C GLY V 69 43.78 -28.81 -4.87
N PRO V 70 43.37 -29.05 -6.13
CA PRO V 70 43.02 -30.44 -6.52
C PRO V 70 44.16 -31.43 -6.42
N LEU V 71 45.37 -31.03 -6.78
CA LEU V 71 46.53 -31.91 -6.67
C LEU V 71 46.90 -32.17 -5.22
N ARG V 72 46.77 -31.13 -4.37
CA ARG V 72 47.03 -31.31 -2.94
C ARG V 72 45.99 -32.21 -2.30
N SER V 73 44.73 -32.10 -2.74
CA SER V 73 43.66 -32.96 -2.23
C SER V 73 43.88 -34.42 -2.61
N TRP V 74 44.27 -34.66 -3.88
CA TRP V 74 44.57 -36.01 -4.32
C TRP V 74 45.80 -36.58 -3.62
N MET V 75 46.84 -35.76 -3.46
CA MET V 75 48.07 -36.19 -2.79
C MET V 75 47.82 -36.47 -1.30
N ASP V 76 46.93 -35.69 -0.69
CA ASP V 76 46.56 -35.89 0.70
C ASP V 76 45.78 -37.17 0.90
N ARG V 77 44.88 -37.49 -0.04
CA ARG V 77 44.09 -38.72 0.12
C ARG V 77 44.90 -39.98 -0.19
N MET V 78 45.68 -39.98 -1.28
CA MET V 78 46.43 -41.20 -1.61
C MET V 78 47.70 -41.35 -0.78
N TRP V 79 48.27 -40.26 -0.27
CA TRP V 79 49.44 -40.41 0.57
C TRP V 79 49.09 -40.85 1.99
N HIS V 80 47.84 -40.74 2.40
CA HIS V 80 47.39 -41.11 3.73
C HIS V 80 46.19 -42.02 3.66
N SER V 81 46.24 -43.05 2.82
CA SER V 81 45.14 -43.98 2.73
C SER V 81 45.13 -44.93 3.92
N SER V 82 44.00 -45.61 4.10
CA SER V 82 43.85 -46.49 5.26
C SER V 82 44.61 -47.79 5.09
N ASP V 83 45.02 -48.14 3.87
CA ASP V 83 45.74 -49.37 3.64
C ASP V 83 47.20 -49.27 4.07
N ILE V 84 47.70 -48.06 4.27
CA ILE V 84 49.08 -47.85 4.65
C ILE V 84 49.20 -47.95 6.17
N ASP V 85 50.08 -48.82 6.63
CA ASP V 85 50.27 -49.06 8.07
C ASP V 85 51.68 -48.68 8.45
N ILE V 86 51.81 -47.85 9.50
CA ILE V 86 53.11 -47.37 9.93
C ILE V 86 53.85 -48.40 10.79
N ASN V 87 53.14 -49.40 11.32
CA ASN V 87 53.81 -50.37 12.19
C ASN V 87 54.62 -51.39 11.39
N LYS V 88 54.21 -51.66 10.15
CA LYS V 88 54.99 -52.56 9.28
C LYS V 88 55.98 -51.78 8.43
N SER V 89 56.81 -50.97 9.09
CA SER V 89 57.84 -50.19 8.40
C SER V 89 59.02 -50.09 9.37
N LYS V 90 60.09 -50.85 9.08
CA LYS V 90 61.24 -50.85 9.98
C LYS V 90 62.06 -49.57 9.84
N VAL V 91 61.98 -48.90 8.69
CA VAL V 91 62.71 -47.65 8.47
C VAL V 91 62.13 -46.55 9.35
N HIS V 92 60.81 -46.45 9.41
CA HIS V 92 60.16 -45.41 10.22
C HIS V 92 60.30 -45.71 11.71
N GLU V 93 60.31 -47.00 12.07
CA GLU V 93 60.58 -47.38 13.46
C GLU V 93 62.00 -47.05 13.86
N TYR V 94 62.96 -47.26 12.95
CA TYR V 94 64.36 -46.96 13.27
C TYR V 94 64.60 -45.45 13.30
N ILE V 95 63.81 -44.69 12.55
CA ILE V 95 63.85 -43.23 12.66
C ILE V 95 63.25 -42.78 13.98
N ALA V 96 62.14 -43.41 14.40
CA ALA V 96 61.41 -42.97 15.59
C ALA V 96 62.16 -43.32 16.87
N LYS V 97 62.76 -44.50 16.94
CA LYS V 97 63.44 -44.91 18.18
C LYS V 97 64.80 -44.25 18.33
N ALA V 98 65.37 -43.76 17.23
CA ALA V 98 66.63 -43.04 17.30
C ALA V 98 66.41 -41.65 17.87
N ASN V 99 67.44 -41.13 18.56
CA ASN V 99 67.37 -39.81 19.17
C ASN V 99 68.01 -38.81 18.22
N PHE V 100 67.25 -38.39 17.21
CA PHE V 100 67.64 -37.28 16.37
C PHE V 100 66.95 -36.03 16.89
N PRO V 101 67.69 -35.00 17.32
CA PRO V 101 67.01 -33.84 17.92
C PRO V 101 66.33 -32.95 16.90
N ILE V 102 66.92 -32.79 15.72
CA ILE V 102 66.35 -32.00 14.64
C ILE V 102 66.16 -32.91 13.43
N ILE V 103 64.93 -32.97 12.91
CA ILE V 103 64.62 -33.76 11.73
C ILE V 103 64.01 -32.83 10.69
N TYR V 104 64.64 -32.77 9.52
CA TYR V 104 64.10 -32.07 8.37
C TYR V 104 63.57 -33.07 7.37
N THR V 105 62.54 -32.66 6.63
CA THR V 105 61.99 -33.51 5.59
C THR V 105 61.43 -32.65 4.47
N THR V 106 61.51 -33.15 3.25
CA THR V 106 60.87 -32.52 2.10
C THR V 106 59.58 -33.22 1.72
N ASN V 107 59.16 -34.22 2.49
CA ASN V 107 57.89 -34.89 2.27
C ASN V 107 56.75 -34.05 2.82
N TYR V 108 55.64 -34.03 2.11
CA TYR V 108 54.45 -33.37 2.63
C TYR V 108 53.55 -34.31 3.43
N ASP V 109 53.86 -35.60 3.44
CA ASP V 109 53.09 -36.55 4.22
C ASP V 109 53.51 -36.50 5.69
N ARG V 110 52.60 -36.93 6.55
CA ARG V 110 52.78 -36.87 7.99
C ARG V 110 53.23 -38.20 8.58
N TRP V 111 53.92 -39.03 7.81
CA TRP V 111 54.25 -40.36 8.29
C TRP V 111 55.42 -40.35 9.27
N ILE V 112 56.26 -39.31 9.23
CA ILE V 112 57.31 -39.16 10.23
C ILE V 112 56.71 -38.81 11.57
N GLU V 113 55.74 -37.89 11.58
CA GLU V 113 55.05 -37.53 12.82
C GLU V 113 54.18 -38.68 13.34
N THR V 114 53.57 -39.44 12.42
CA THR V 114 52.77 -40.60 12.79
C THR V 114 53.66 -41.69 13.39
N ALA V 115 54.84 -41.91 12.82
CA ALA V 115 55.77 -42.89 13.37
C ALA V 115 56.37 -42.41 14.69
N LEU V 116 56.55 -41.10 14.85
CA LEU V 116 57.11 -40.57 16.09
C LEU V 116 56.10 -40.66 17.23
N SER V 117 54.83 -40.34 16.95
CA SER V 117 53.81 -40.45 18.00
C SER V 117 53.40 -41.90 18.24
N ASN V 118 53.56 -42.76 17.22
CA ASN V 118 53.15 -44.15 17.35
C ASN V 118 54.11 -44.92 18.24
N TYR V 119 55.40 -44.58 18.19
CA TYR V 119 56.42 -45.26 18.98
C TYR V 119 56.77 -44.51 20.26
N GLY V 120 55.85 -43.68 20.76
CA GLY V 120 55.97 -43.05 22.06
C GLY V 120 57.06 -42.01 22.20
N LYS V 121 57.20 -41.13 21.23
CA LYS V 121 58.19 -40.07 21.28
C LYS V 121 57.50 -38.75 21.02
N GLU V 122 57.76 -37.75 21.87
CA GLU V 122 57.16 -36.44 21.70
C GLU V 122 57.91 -35.65 20.63
N TYR V 123 57.19 -34.74 19.99
CA TYR V 123 57.75 -33.97 18.89
C TYR V 123 57.06 -32.62 18.83
N ILE V 124 57.69 -31.70 18.09
CA ILE V 124 57.08 -30.44 17.71
C ILE V 124 57.18 -30.35 16.20
N LYS V 125 56.04 -30.20 15.53
CA LYS V 125 56.00 -30.12 14.08
C LYS V 125 56.08 -28.66 13.65
N ILE V 126 57.05 -28.35 12.79
CA ILE V 126 57.30 -26.98 12.35
C ILE V 126 56.99 -26.90 10.87
N SER V 127 56.04 -26.03 10.52
CA SER V 127 55.74 -25.70 9.14
C SER V 127 55.55 -24.21 8.93
N SER V 128 55.61 -23.41 9.98
CA SER V 128 55.54 -21.95 9.90
C SER V 128 56.37 -21.38 11.03
N VAL V 129 56.46 -20.06 11.08
CA VAL V 129 57.36 -19.41 12.04
C VAL V 129 56.70 -19.36 13.42
N SER V 130 55.37 -19.42 13.46
CA SER V 130 54.66 -19.55 14.73
C SER V 130 54.89 -20.91 15.36
N ASP V 131 55.23 -21.92 14.57
CA ASP V 131 55.64 -23.21 15.12
C ASP V 131 57.11 -23.19 15.53
N ILE V 132 57.91 -22.28 14.97
CA ILE V 132 59.28 -22.07 15.45
C ILE V 132 59.24 -21.43 16.83
N ALA V 133 58.19 -20.65 17.11
CA ALA V 133 58.02 -20.07 18.45
C ALA V 133 57.76 -21.13 19.54
N LYS V 134 57.24 -22.30 19.18
CA LYS V 134 56.92 -23.33 20.15
C LYS V 134 57.97 -24.44 20.23
N ILE V 135 59.24 -24.13 19.99
CA ILE V 135 60.27 -25.16 20.04
C ILE V 135 60.64 -25.45 21.48
N ASP V 136 60.53 -26.71 21.88
CA ASP V 136 60.95 -27.18 23.19
C ASP V 136 62.30 -27.88 22.98
N ASN V 137 63.22 -27.65 23.91
CA ASN V 137 64.58 -28.15 23.76
C ASN V 137 64.74 -29.60 24.19
N ASN V 138 63.71 -30.21 24.77
CA ASN V 138 63.75 -31.61 25.15
C ASN V 138 62.92 -32.49 24.23
N LYS V 139 62.18 -31.90 23.30
CA LYS V 139 61.44 -32.63 22.28
C LYS V 139 62.19 -32.55 20.97
N THR V 140 61.95 -33.52 20.09
CA THR V 140 62.55 -33.46 18.77
C THR V 140 61.76 -32.50 17.88
N GLN V 141 62.41 -32.04 16.82
CA GLN V 141 61.81 -31.09 15.88
C GLN V 141 61.63 -31.77 14.54
N ILE V 142 60.40 -31.79 14.04
CA ILE V 142 60.12 -32.22 12.68
C ILE V 142 59.77 -30.97 11.89
N ILE V 143 60.60 -30.63 10.90
CA ILE V 143 60.40 -29.45 10.09
C ILE V 143 59.97 -29.89 8.70
N LYS V 144 58.76 -29.52 8.32
CA LYS V 144 58.23 -29.79 6.98
C LYS V 144 58.79 -28.71 6.06
N PHE V 145 59.95 -28.99 5.47
CA PHE V 145 60.73 -27.95 4.81
C PHE V 145 60.11 -27.54 3.48
N HIS V 146 59.51 -28.47 2.77
CA HIS V 146 58.88 -28.18 1.49
C HIS V 146 57.37 -28.08 1.58
N GLY V 147 56.83 -27.98 2.78
CA GLY V 147 55.41 -27.75 2.97
C GLY V 147 54.70 -28.94 3.57
N ASP V 148 53.39 -28.78 3.69
CA ASP V 148 52.52 -29.77 4.28
C ASP V 148 51.17 -29.60 3.59
N PHE V 149 50.31 -30.60 3.69
CA PHE V 149 48.99 -30.54 3.04
C PHE V 149 47.99 -29.67 3.78
N ASP V 150 48.36 -29.06 4.90
CA ASP V 150 47.52 -28.13 5.65
C ASP V 150 47.60 -26.70 5.12
N ASP V 151 48.39 -26.44 4.08
CA ASP V 151 48.56 -25.10 3.56
C ASP V 151 48.93 -25.19 2.09
N ASP V 152 48.11 -24.58 1.22
CA ASP V 152 48.39 -24.59 -0.22
C ASP V 152 49.61 -23.76 -0.56
N SER V 153 49.81 -22.65 0.15
CA SER V 153 50.88 -21.72 -0.15
C SER V 153 52.24 -22.21 0.31
N SER V 154 52.31 -23.24 1.14
CA SER V 154 53.57 -23.72 1.67
C SER V 154 54.20 -24.83 0.84
N ILE V 155 53.44 -25.47 -0.06
CA ILE V 155 53.94 -26.64 -0.78
C ILE V 155 54.92 -26.19 -1.86
N VAL V 156 56.13 -26.73 -1.81
CA VAL V 156 57.16 -26.44 -2.81
C VAL V 156 57.15 -27.62 -3.78
N LEU V 157 56.42 -27.46 -4.87
CA LEU V 157 56.24 -28.51 -5.86
C LEU V 157 56.62 -28.07 -7.27
N ASP V 158 56.24 -26.87 -7.68
CA ASP V 158 56.44 -26.39 -9.04
C ASP V 158 57.57 -25.37 -9.07
N GLU V 159 57.86 -24.87 -10.27
CA GLU V 159 59.07 -24.07 -10.50
C GLU V 159 58.96 -22.69 -9.86
N THR V 160 57.75 -22.16 -9.75
CA THR V 160 57.55 -20.87 -9.09
C THR V 160 57.86 -20.96 -7.60
N SER V 161 57.44 -22.05 -6.94
CA SER V 161 57.69 -22.22 -5.51
C SER V 161 59.17 -22.44 -5.23
N TYR V 162 59.86 -23.14 -6.13
CA TYR V 162 61.32 -23.27 -6.03
C TYR V 162 62.01 -21.94 -6.27
N PHE V 163 61.43 -21.10 -7.13
CA PHE V 163 62.01 -19.78 -7.38
C PHE V 163 61.82 -18.85 -6.17
N GLN V 164 60.70 -19.00 -5.45
CA GLN V 164 60.54 -18.27 -4.19
C GLN V 164 61.49 -18.79 -3.11
N ARG V 165 61.72 -20.10 -3.07
CA ARG V 165 62.61 -20.63 -2.05
C ARG V 165 64.08 -20.46 -2.39
N LEU V 166 64.42 -20.08 -3.63
CA LEU V 166 65.81 -19.83 -4.01
C LEU V 166 66.40 -18.60 -3.33
N GLU V 167 65.57 -17.66 -2.87
CA GLU V 167 66.07 -16.42 -2.31
C GLU V 167 66.37 -16.51 -0.81
N PHE V 168 65.94 -17.61 -0.17
CA PHE V 168 66.16 -17.91 1.26
C PHE V 168 65.63 -16.81 2.18
N GLU V 169 64.38 -16.39 1.93
CA GLU V 169 63.74 -15.39 2.75
C GLU V 169 62.54 -15.92 3.53
N THR V 170 62.13 -17.15 3.27
CA THR V 170 61.16 -17.85 4.10
C THR V 170 61.80 -18.12 5.47
N PRO V 171 61.01 -18.12 6.57
CA PRO V 171 61.56 -18.46 7.90
C PRO V 171 62.24 -19.82 8.02
N LEU V 172 61.73 -20.80 7.28
CA LEU V 172 62.30 -22.15 7.34
C LEU V 172 63.67 -22.20 6.68
N ASP V 173 63.88 -21.36 5.66
CA ASP V 173 65.20 -21.28 5.02
C ASP V 173 66.24 -20.65 5.93
N ILE V 174 65.86 -19.61 6.69
CA ILE V 174 66.80 -19.01 7.65
C ILE V 174 67.08 -19.96 8.81
N LYS V 175 66.06 -20.69 9.24
CA LYS V 175 66.23 -21.70 10.29
C LYS V 175 67.16 -22.82 9.84
N PHE V 176 67.01 -23.28 8.59
CA PHE V 176 67.90 -24.32 8.07
C PHE V 176 69.31 -23.79 7.83
N ARG V 177 69.42 -22.53 7.37
CA ARG V 177 70.74 -21.95 7.11
C ARG V 177 71.52 -21.70 8.37
N SER V 178 70.85 -21.52 9.51
CA SER V 178 71.59 -21.47 10.76
C SER V 178 71.74 -22.83 11.42
N ASP V 179 70.86 -23.79 11.12
CA ASP V 179 71.02 -25.12 11.70
C ASP V 179 72.15 -25.88 11.05
N VAL V 180 72.44 -25.61 9.77
CA VAL V 180 73.59 -26.25 9.14
C VAL V 180 74.91 -25.65 9.59
N LEU V 181 74.90 -24.49 10.24
CA LEU V 181 76.11 -23.92 10.79
C LEU V 181 76.56 -24.73 11.99
N GLY V 182 77.64 -25.50 11.81
CA GLY V 182 78.19 -26.24 12.93
C GLY V 182 77.42 -27.49 13.31
N LYS V 183 76.68 -28.08 12.37
CA LYS V 183 76.02 -29.35 12.61
C LYS V 183 76.09 -30.19 11.35
N SER V 184 76.06 -31.51 11.54
CA SER V 184 76.08 -32.45 10.43
C SER V 184 74.67 -32.76 9.98
N VAL V 185 74.51 -32.94 8.67
CA VAL V 185 73.23 -33.31 8.09
C VAL V 185 73.36 -34.70 7.50
N LEU V 186 72.43 -35.58 7.87
CA LEU V 186 72.39 -36.95 7.35
C LEU V 186 71.21 -37.06 6.40
N PHE V 187 71.48 -37.40 5.15
CA PHE V 187 70.47 -37.49 4.11
C PHE V 187 70.09 -38.96 3.90
N ILE V 188 68.83 -39.30 4.16
CA ILE V 188 68.33 -40.65 3.92
C ILE V 188 67.10 -40.57 3.03
N GLY V 189 67.03 -41.44 2.03
CA GLY V 189 65.95 -41.43 1.07
C GLY V 189 65.93 -40.25 0.14
N TYR V 190 67.04 -39.52 0.03
CA TYR V 190 67.10 -38.23 -0.65
C TYR V 190 68.26 -38.25 -1.63
N SER V 191 68.03 -37.67 -2.81
CA SER V 191 69.02 -37.70 -3.89
C SER V 191 69.76 -36.38 -4.05
N LEU V 192 69.42 -35.36 -3.24
CA LEU V 192 69.96 -33.99 -3.32
C LEU V 192 69.81 -33.38 -4.72
N SER V 193 68.56 -33.39 -5.20
CA SER V 193 68.24 -32.92 -6.54
C SER V 193 67.55 -31.57 -6.54
N ASP V 194 66.95 -31.16 -5.43
CA ASP V 194 66.28 -29.86 -5.37
C ASP V 194 67.31 -28.74 -5.36
N ILE V 195 67.03 -27.70 -6.14
CA ILE V 195 68.00 -26.63 -6.42
C ILE V 195 68.25 -25.77 -5.18
N ASN V 196 67.28 -25.70 -4.27
CA ASN V 196 67.40 -24.91 -3.05
C ASN V 196 68.47 -25.48 -2.12
N ILE V 197 68.48 -26.81 -1.96
CA ILE V 197 69.36 -27.42 -0.98
C ILE V 197 70.79 -27.45 -1.51
N ARG V 198 70.93 -27.63 -2.83
CA ARG V 198 72.25 -27.56 -3.46
C ARG V 198 72.83 -26.16 -3.39
N LEU V 199 72.00 -25.13 -3.60
CA LEU V 199 72.47 -23.76 -3.47
C LEU V 199 72.77 -23.41 -2.01
N LEU V 200 72.00 -23.98 -1.08
CA LEU V 200 72.22 -23.75 0.34
C LEU V 200 73.53 -24.38 0.82
N PHE V 201 73.83 -25.59 0.37
CA PHE V 201 75.08 -26.22 0.77
C PHE V 201 76.27 -25.65 0.01
N TYR V 202 76.05 -25.12 -1.20
CA TYR V 202 77.11 -24.39 -1.89
C TYR V 202 77.45 -23.10 -1.16
N LYS V 203 76.44 -22.39 -0.67
CA LYS V 203 76.68 -21.18 0.10
C LYS V 203 77.29 -21.49 1.46
N LEU V 204 76.96 -22.65 2.03
CA LEU V 204 77.59 -23.08 3.28
C LEU V 204 79.06 -23.41 3.07
N SER V 205 79.40 -24.05 1.94
CA SER V 205 80.79 -24.31 1.61
C SER V 205 81.57 -23.02 1.35
N LYS V 206 80.93 -22.04 0.69
CA LYS V 206 81.52 -20.72 0.54
C LYS V 206 81.70 -20.02 1.87
N LEU V 207 80.77 -20.24 2.79
CA LEU V 207 80.80 -19.61 4.11
C LEU V 207 81.96 -20.14 4.94
N TRP V 208 82.17 -21.45 4.90
CA TRP V 208 83.32 -22.01 5.62
C TRP V 208 84.62 -21.75 4.88
N LYS V 209 84.56 -21.48 3.58
CA LYS V 209 85.78 -21.12 2.84
C LYS V 209 86.21 -19.68 3.16
N GLU V 210 85.25 -18.77 3.31
CA GLU V 210 85.58 -17.35 3.45
C GLU V 210 86.17 -17.02 4.81
N GLN V 211 85.90 -17.85 5.81
CA GLN V 211 86.46 -17.64 7.14
C GLN V 211 87.81 -18.34 7.34
N LYS V 212 88.36 -18.91 6.26
CA LYS V 212 89.60 -19.72 6.26
C LYS V 212 89.52 -20.88 7.27
N LEU V 213 88.36 -21.54 7.30
CA LEU V 213 88.10 -22.63 8.23
C LEU V 213 87.53 -23.84 7.51
N GLU V 214 88.13 -24.21 6.37
CA GLU V 214 87.61 -25.27 5.54
C GLU V 214 87.79 -26.64 6.19
N GLU V 215 88.85 -26.80 6.99
CA GLU V 215 89.09 -28.07 7.67
C GLU V 215 88.14 -28.28 8.83
N ALA V 216 87.65 -27.19 9.44
CA ALA V 216 86.83 -27.29 10.63
C ALA V 216 85.35 -27.41 10.34
N GLN V 217 84.96 -27.49 9.07
CA GLN V 217 83.55 -27.65 8.71
C GLN V 217 83.07 -29.05 9.10
N PRO V 218 81.89 -29.18 9.70
CA PRO V 218 81.35 -30.52 9.97
C PRO V 218 81.00 -31.25 8.69
N LYS V 219 81.15 -32.57 8.72
CA LYS V 219 80.94 -33.40 7.54
C LYS V 219 79.49 -33.84 7.48
N SER V 220 78.82 -33.53 6.38
CA SER V 220 77.50 -34.08 6.11
C SER V 220 77.67 -35.43 5.40
N TYR V 221 76.63 -36.24 5.45
CA TYR V 221 76.64 -37.55 4.84
C TYR V 221 75.32 -37.81 4.13
N ILE V 222 75.39 -38.51 3.01
CA ILE V 222 74.20 -38.91 2.26
C ILE V 222 74.27 -40.42 2.04
N PHE V 223 73.17 -41.11 2.35
CA PHE V 223 73.08 -42.54 2.12
C PHE V 223 72.33 -42.79 0.81
N LEU V 224 73.07 -43.13 -0.23
CA LEU V 224 72.49 -43.58 -1.49
C LEU V 224 72.85 -45.04 -1.70
N PRO V 225 71.88 -45.91 -2.01
CA PRO V 225 72.25 -47.31 -2.30
C PRO V 225 72.99 -47.46 -3.61
N ARG V 226 72.55 -46.80 -4.68
CA ARG V 226 73.23 -46.95 -5.94
C ARG V 226 74.39 -46.00 -5.95
N PRO V 227 75.59 -46.50 -6.23
CA PRO V 227 76.79 -45.66 -6.14
C PRO V 227 76.94 -44.78 -7.37
N ASN V 228 77.04 -43.47 -7.14
CA ASN V 228 77.27 -42.51 -8.22
C ASN V 228 78.55 -41.75 -7.90
N PRO V 229 79.62 -41.91 -8.69
CA PRO V 229 80.86 -41.18 -8.40
C PRO V 229 80.77 -39.70 -8.72
N ILE V 230 79.85 -39.33 -9.62
CA ILE V 230 79.68 -37.93 -10.02
C ILE V 230 79.09 -37.14 -8.87
N GLN V 231 78.02 -37.67 -8.27
CA GLN V 231 77.43 -37.07 -7.09
C GLN V 231 78.38 -37.16 -5.90
N GLU V 232 79.22 -38.20 -5.86
CA GLU V 232 80.22 -38.35 -4.79
C GLU V 232 81.24 -37.22 -4.81
N GLU V 233 81.78 -36.90 -5.99
CA GLU V 233 82.76 -35.82 -6.09
C GLU V 233 82.12 -34.45 -5.91
N ILE V 234 80.93 -34.25 -6.48
CA ILE V 234 80.27 -32.95 -6.42
C ILE V 234 79.80 -32.64 -5.00
N LEU V 235 79.28 -33.65 -4.30
CA LEU V 235 78.89 -33.45 -2.91
C LEU V 235 80.10 -33.43 -1.98
N GLU V 236 81.22 -34.04 -2.40
CA GLU V 236 82.44 -33.97 -1.60
C GLU V 236 83.06 -32.59 -1.66
N GLN V 237 82.80 -31.84 -2.75
CA GLN V 237 83.18 -30.43 -2.76
C GLN V 237 82.38 -29.58 -1.78
N TRP V 238 81.18 -30.02 -1.39
CA TRP V 238 80.38 -29.33 -0.38
C TRP V 238 80.47 -30.01 0.98
N ARG V 239 81.49 -30.85 1.19
CA ARG V 239 81.74 -31.63 2.42
C ARG V 239 80.56 -32.53 2.78
N ILE V 240 79.96 -33.15 1.77
CA ILE V 240 78.90 -34.13 1.96
C ILE V 240 79.44 -35.46 1.44
N GLY V 241 79.93 -36.30 2.34
CA GLY V 241 80.42 -37.60 1.95
C GLY V 241 79.28 -38.56 1.63
N MET V 242 79.63 -39.65 0.94
CA MET V 242 78.64 -40.62 0.48
C MET V 242 78.82 -41.93 1.23
N ILE V 243 77.70 -42.50 1.66
CA ILE V 243 77.66 -43.83 2.26
C ILE V 243 76.92 -44.74 1.29
N SER V 244 77.58 -45.80 0.86
CA SER V 244 77.02 -46.71 -0.13
C SER V 244 76.82 -48.10 0.48
N SER V 245 76.00 -48.90 -0.19
CA SER V 245 75.70 -50.25 0.24
C SER V 245 75.80 -51.20 -0.95
N GLU V 246 75.97 -52.48 -0.63
CA GLU V 246 76.06 -53.52 -1.65
C GLU V 246 74.73 -54.24 -1.88
N ASN V 247 73.77 -54.08 -0.99
CA ASN V 247 72.47 -54.70 -1.16
C ASN V 247 71.68 -53.95 -2.23
N ASP V 248 71.05 -54.72 -3.13
CA ASP V 248 70.28 -54.11 -4.22
C ASP V 248 68.95 -53.56 -3.72
N ASN V 249 68.41 -54.13 -2.64
CA ASN V 249 67.17 -53.64 -2.04
C ASN V 249 67.45 -52.34 -1.31
N PRO V 250 66.77 -51.24 -1.67
CA PRO V 250 67.04 -49.97 -0.98
C PRO V 250 66.45 -49.91 0.42
N GLY V 251 65.30 -50.57 0.63
CA GLY V 251 64.69 -50.58 1.95
C GLY V 251 65.51 -51.37 2.97
N GLU V 252 66.03 -52.52 2.55
CA GLU V 252 66.85 -53.34 3.44
C GLU V 252 68.21 -52.69 3.70
N SER V 253 68.75 -52.00 2.69
CA SER V 253 69.98 -51.22 2.88
C SER V 253 69.76 -50.06 3.84
N LEU V 254 68.61 -49.40 3.74
CA LEU V 254 68.26 -48.32 4.64
C LEU V 254 68.05 -48.81 6.07
N GLU V 255 67.44 -50.00 6.21
CA GLU V 255 67.27 -50.60 7.53
C GLU V 255 68.60 -51.00 8.15
N GLU V 256 69.52 -51.55 7.33
CA GLU V 256 70.84 -51.91 7.84
C GLU V 256 71.67 -50.67 8.17
N PHE V 257 71.43 -49.57 7.46
CA PHE V 257 72.10 -48.32 7.79
C PHE V 257 71.57 -47.72 9.08
N LEU V 258 70.25 -47.72 9.27
CA LEU V 258 69.65 -47.14 10.46
C LEU V 258 69.70 -48.06 11.67
N LYS V 259 70.13 -49.32 11.47
CA LYS V 259 70.37 -50.24 12.58
C LYS V 259 71.44 -49.75 13.54
N ASN V 260 72.42 -49.00 13.02
CA ASN V 260 73.46 -48.44 13.89
C ASN V 260 72.95 -47.25 14.70
N PHE V 261 71.84 -46.64 14.29
CA PHE V 261 71.29 -45.47 14.96
C PHE V 261 70.16 -45.81 15.93
N VAL V 262 69.40 -46.88 15.67
CA VAL V 262 68.31 -47.24 16.59
C VAL V 262 68.88 -47.83 17.88
N LEU V 263 70.04 -48.48 17.80
CA LEU V 263 70.59 -49.24 18.92
C LEU V 263 71.14 -48.32 20.01
N VAL V 264 70.60 -48.48 21.22
CA VAL V 264 70.92 -47.71 22.43
C VAL V 264 70.76 -46.19 22.24
N MET W 1 90.91 18.72 -13.41
CA MET W 1 89.53 18.68 -13.86
C MET W 1 89.60 18.37 -15.39
N GLU W 2 90.85 18.31 -15.88
CA GLU W 2 91.09 18.00 -17.30
C GLU W 2 90.70 16.57 -17.65
N GLN W 3 90.90 15.64 -16.73
CA GLN W 3 90.39 14.28 -16.95
C GLN W 3 88.87 14.23 -16.82
N LEU W 4 88.29 15.06 -15.94
CA LEU W 4 86.84 15.16 -15.82
C LEU W 4 86.23 15.76 -17.07
N LEU W 5 86.84 16.83 -17.60
CA LEU W 5 86.34 17.43 -18.83
C LEU W 5 86.57 16.52 -20.03
N ALA W 6 87.67 15.76 -20.00
CA ALA W 6 87.97 14.81 -21.07
C ALA W 6 86.96 13.67 -21.10
N ASP W 7 86.54 13.17 -19.93
CA ASP W 7 85.45 12.21 -19.90
C ASP W 7 84.11 12.86 -20.20
N TYR W 8 83.97 14.16 -19.95
CA TYR W 8 82.72 14.85 -20.19
C TYR W 8 82.49 15.09 -21.69
N LYS W 9 83.57 15.27 -22.46
CA LYS W 9 83.41 15.48 -23.91
C LYS W 9 82.97 14.21 -24.62
N LYS W 10 83.30 13.03 -24.09
CA LYS W 10 82.82 11.80 -24.69
C LYS W 10 81.41 11.44 -24.27
N GLY W 11 80.83 12.15 -23.30
CA GLY W 11 79.50 11.82 -22.83
C GLY W 11 79.45 10.70 -21.81
N ASN W 12 80.56 10.47 -21.10
CA ASN W 12 80.65 9.41 -20.11
C ASN W 12 80.72 9.97 -18.70
N VAL W 13 80.00 11.06 -18.44
CA VAL W 13 79.90 11.63 -17.11
C VAL W 13 78.42 11.80 -16.79
N ILE W 14 77.98 11.17 -15.70
CA ILE W 14 76.61 11.30 -15.19
C ILE W 14 76.60 12.43 -14.18
N LEU W 15 75.62 13.32 -14.28
CA LEU W 15 75.45 14.39 -13.31
C LEU W 15 74.51 13.92 -12.21
N PHE W 16 74.99 13.93 -10.97
CA PHE W 16 74.18 13.68 -9.79
C PHE W 16 73.97 15.01 -9.09
N VAL W 17 72.72 15.42 -8.93
CA VAL W 17 72.38 16.73 -8.39
C VAL W 17 71.79 16.55 -7.00
N GLY W 18 72.37 17.24 -6.02
CA GLY W 18 71.96 17.15 -4.65
C GLY W 18 71.05 18.28 -4.23
N ALA W 19 71.07 18.57 -2.92
CA ALA W 19 70.09 19.48 -2.36
C ALA W 19 70.51 20.95 -2.51
N GLY W 20 71.80 21.23 -2.46
CA GLY W 20 72.26 22.62 -2.38
C GLY W 20 72.09 23.37 -3.68
N VAL W 21 72.05 22.64 -4.80
CA VAL W 21 71.70 23.20 -6.11
C VAL W 21 70.30 23.79 -6.08
N SER W 22 69.37 23.06 -5.45
CA SER W 22 68.02 23.57 -5.24
C SER W 22 68.02 24.69 -4.19
N MET W 23 68.83 24.56 -3.13
CA MET W 23 68.82 25.51 -2.03
C MET W 23 69.41 26.87 -2.40
N ASN W 24 70.12 26.95 -3.53
CA ASN W 24 70.57 28.25 -4.03
C ASN W 24 69.42 29.14 -4.53
N LEU W 25 68.24 28.57 -4.80
CA LEU W 25 67.13 29.30 -5.41
C LEU W 25 66.21 30.00 -4.41
N GLY W 26 66.52 29.97 -3.12
CA GLY W 26 65.60 30.45 -2.12
C GLY W 26 64.54 29.46 -1.72
N LEU W 27 64.79 28.17 -1.93
CA LEU W 27 63.89 27.12 -1.51
C LEU W 27 63.95 26.97 0.01
N PRO W 28 62.93 26.36 0.62
CA PRO W 28 63.06 25.98 2.04
C PRO W 28 64.15 24.94 2.23
N SER W 29 64.92 25.11 3.31
CA SER W 29 66.02 24.21 3.56
C SER W 29 65.54 22.96 4.27
N TRP W 30 66.50 22.10 4.65
CA TRP W 30 66.15 20.89 5.39
C TRP W 30 65.72 21.21 6.81
N SER W 31 66.37 22.19 7.42
CA SER W 31 66.04 22.58 8.79
C SER W 31 64.68 23.24 8.87
N GLN W 32 64.25 23.93 7.81
CA GLN W 32 62.89 24.48 7.75
C GLN W 32 61.86 23.38 7.65
N LEU W 33 62.20 22.28 6.96
CA LEU W 33 61.32 21.10 6.93
C LEU W 33 61.21 20.46 8.31
N VAL W 34 62.32 20.40 9.06
CA VAL W 34 62.29 19.90 10.43
C VAL W 34 61.46 20.82 11.34
N ASP W 35 61.56 22.14 11.12
CA ASP W 35 60.73 23.09 11.86
C ASP W 35 59.25 22.91 11.56
N HIS W 36 58.90 22.65 10.30
CA HIS W 36 57.50 22.43 9.93
C HIS W 36 56.97 21.12 10.51
N ILE W 37 57.80 20.08 10.52
CA ILE W 37 57.42 18.79 11.11
C ILE W 37 57.20 18.92 12.61
N ALA W 38 58.11 19.64 13.29
CA ALA W 38 58.00 19.88 14.72
C ALA W 38 56.78 20.73 15.07
N THR W 39 56.51 21.76 14.28
CA THR W 39 55.33 22.60 14.51
C THR W 39 54.05 21.84 14.25
N GLU W 40 54.05 20.95 13.25
CA GLU W 40 52.87 20.17 12.92
C GLU W 40 52.58 19.10 13.97
N LEU W 41 53.62 18.59 14.65
CA LEU W 41 53.39 17.61 15.69
C LEU W 41 53.36 18.21 17.09
N GLY W 42 53.25 19.54 17.21
CA GLY W 42 53.08 20.20 18.48
C GLY W 42 54.37 20.47 19.22
N TYR W 43 55.51 20.06 18.67
CA TYR W 43 56.78 20.34 19.29
C TYR W 43 57.26 21.74 18.91
N ASP W 44 58.30 22.19 19.57
CA ASP W 44 59.10 23.27 19.03
C ASP W 44 60.42 22.69 18.50
N PRO W 45 61.04 23.34 17.45
CA PRO W 45 62.11 22.68 16.67
C PRO W 45 63.35 22.14 17.37
N ASP W 46 63.83 22.76 18.45
CA ASP W 46 65.12 22.37 19.01
C ASP W 46 65.02 21.12 19.86
N ILE W 47 64.01 21.04 20.74
CA ILE W 47 63.74 19.84 21.51
C ILE W 47 63.31 18.68 20.61
N TYR W 48 62.64 18.98 19.49
CA TYR W 48 62.38 17.94 18.51
C TYR W 48 63.66 17.52 17.78
N ARG W 49 64.61 18.44 17.63
CA ARG W 49 65.86 18.11 16.96
C ARG W 49 66.71 17.18 17.81
N THR W 50 66.68 17.35 19.14
CA THR W 50 67.39 16.41 20.00
C THR W 50 66.54 15.19 20.38
N PHE W 51 65.96 14.51 19.38
CA PHE W 51 65.23 13.27 19.60
C PHE W 51 65.63 12.20 18.59
N GLY W 52 66.11 12.63 17.42
CA GLY W 52 66.46 11.75 16.32
C GLY W 52 67.05 12.57 15.20
N SER W 53 67.86 11.95 14.32
CA SER W 53 68.63 12.73 13.36
C SER W 53 67.82 13.41 12.25
N ALA W 54 67.39 12.66 11.24
CA ALA W 54 66.48 13.18 10.24
C ALA W 54 65.46 12.13 9.83
N LEU W 55 65.95 10.89 9.68
CA LEU W 55 65.15 9.78 9.18
C LEU W 55 64.12 9.37 10.21
N GLU W 56 64.53 9.32 11.47
CA GLU W 56 63.61 8.97 12.55
C GLU W 56 62.61 10.10 12.80
N LEU W 57 63.00 11.34 12.50
CA LEU W 57 62.08 12.47 12.63
C LEU W 57 60.97 12.42 11.58
N ALA W 58 61.35 12.18 10.32
CA ALA W 58 60.35 12.03 9.27
C ALA W 58 59.55 10.75 9.43
N GLU W 59 60.16 9.70 9.99
CA GLU W 59 59.44 8.48 10.31
C GLU W 59 58.41 8.71 11.40
N TYR W 60 58.74 9.52 12.41
CA TYR W 60 57.80 9.86 13.45
C TYR W 60 56.65 10.69 12.92
N TYR W 61 56.92 11.61 11.99
CA TYR W 61 55.85 12.37 11.36
C TYR W 61 54.93 11.47 10.54
N LYS W 62 55.50 10.49 9.83
CA LYS W 62 54.69 9.56 9.05
C LYS W 62 53.85 8.67 9.95
N LEU W 63 54.41 8.21 11.07
CA LEU W 63 53.69 7.31 11.95
C LEU W 63 52.61 8.02 12.76
N LYS W 64 52.84 9.28 13.14
CA LYS W 64 51.79 9.99 13.86
C LYS W 64 50.73 10.56 12.93
N LYS W 65 51.12 11.02 11.74
CA LYS W 65 50.17 11.60 10.81
C LYS W 65 49.55 10.59 9.86
N GLY W 66 49.88 9.31 9.99
CA GLY W 66 49.32 8.30 9.13
C GLY W 66 50.14 8.03 7.88
N LYS W 67 50.18 8.98 6.96
CA LYS W 67 50.97 8.88 5.73
C LYS W 67 51.88 10.09 5.62
N ILE W 68 52.52 10.23 4.46
CA ILE W 68 53.48 11.30 4.20
C ILE W 68 52.77 12.43 3.45
N GLY W 69 51.48 12.23 3.19
CA GLY W 69 50.68 13.10 2.35
C GLY W 69 50.54 14.58 2.68
N PRO W 70 50.26 14.94 3.95
CA PRO W 70 50.33 16.36 4.33
C PRO W 70 51.71 16.99 4.17
N LEU W 71 52.76 16.24 4.47
CA LEU W 71 54.12 16.75 4.28
C LEU W 71 54.46 16.87 2.81
N ARG W 72 53.96 15.93 1.98
CA ARG W 72 54.16 16.01 0.54
C ARG W 72 53.43 17.21 -0.03
N SER W 73 52.23 17.50 0.47
CA SER W 73 51.45 18.64 0.00
C SER W 73 52.13 19.96 0.35
N TRP W 74 52.63 20.07 1.60
CA TRP W 74 53.35 21.26 2.01
C TRP W 74 54.66 21.43 1.25
N MET W 75 55.39 20.34 1.04
CA MET W 75 56.65 20.39 0.30
C MET W 75 56.42 20.72 -1.17
N ASP W 76 55.30 20.26 -1.73
CA ASP W 76 54.92 20.59 -3.09
C ASP W 76 54.60 22.06 -3.25
N ARG W 77 53.88 22.64 -2.28
CA ARG W 77 53.49 24.04 -2.40
C ARG W 77 54.65 24.99 -2.12
N MET W 78 55.46 24.75 -1.08
CA MET W 78 56.56 25.67 -0.81
C MET W 78 57.77 25.44 -1.70
N TRP W 79 57.94 24.23 -2.23
CA TRP W 79 59.06 24.02 -3.14
C TRP W 79 58.79 24.55 -4.54
N HIS W 80 57.54 24.85 -4.88
CA HIS W 80 57.16 25.36 -6.19
C HIS W 80 56.29 26.59 -6.06
N SER W 81 56.71 27.55 -5.25
CA SER W 81 55.91 28.76 -5.09
C SER W 81 56.11 29.69 -6.28
N SER W 82 55.21 30.66 -6.41
CA SER W 82 55.21 31.54 -7.58
C SER W 82 56.33 32.57 -7.51
N ASP W 83 56.91 32.79 -6.33
CA ASP W 83 57.97 33.78 -6.20
C ASP W 83 59.34 33.25 -6.63
N ILE W 84 59.42 31.96 -6.97
CA ILE W 84 60.68 31.35 -7.34
C ILE W 84 60.81 31.38 -8.85
N ASP W 85 61.89 32.02 -9.32
CA ASP W 85 62.11 32.22 -10.75
C ASP W 85 63.31 31.40 -11.19
N ILE W 86 63.12 30.58 -12.24
CA ILE W 86 64.18 29.72 -12.72
C ILE W 86 65.18 30.48 -13.61
N ASN W 87 64.79 31.64 -14.13
CA ASN W 87 65.69 32.38 -15.02
C ASN W 87 66.79 33.11 -14.25
N LYS W 88 66.53 33.47 -12.99
CA LYS W 88 67.56 34.08 -12.16
C LYS W 88 68.32 33.03 -11.35
N SER W 89 68.85 32.02 -12.03
CA SER W 89 69.63 30.98 -11.39
C SER W 89 70.66 30.51 -12.41
N LYS W 90 71.91 30.93 -12.22
CA LYS W 90 72.95 30.61 -13.20
C LYS W 90 73.40 29.16 -13.09
N VAL W 91 73.20 28.53 -11.93
CA VAL W 91 73.55 27.13 -11.74
C VAL W 91 72.63 26.24 -12.56
N HIS W 92 71.32 26.52 -12.53
CA HIS W 92 70.36 25.75 -13.30
C HIS W 92 70.48 26.01 -14.79
N GLU W 93 70.85 27.24 -15.16
CA GLU W 93 71.14 27.57 -16.56
C GLU W 93 72.37 26.81 -17.07
N TYR W 94 73.41 26.70 -16.23
CA TYR W 94 74.62 25.99 -16.63
C TYR W 94 74.38 24.48 -16.67
N ILE W 95 73.46 23.98 -15.83
CA ILE W 95 73.07 22.57 -15.90
C ILE W 95 72.29 22.31 -17.19
N ALA W 96 71.38 23.23 -17.54
CA ALA W 96 70.52 23.03 -18.71
C ALA W 96 71.30 23.15 -20.01
N LYS W 97 72.25 24.08 -20.08
CA LYS W 97 72.97 24.28 -21.33
C LYS W 97 74.13 23.29 -21.52
N ALA W 98 74.54 22.60 -20.45
CA ALA W 98 75.56 21.57 -20.61
C ALA W 98 74.93 20.31 -21.19
N ASN W 99 75.73 19.55 -21.94
CA ASN W 99 75.25 18.31 -22.56
C ASN W 99 75.56 17.13 -21.64
N PHE W 100 74.77 17.01 -20.58
CA PHE W 100 74.80 15.83 -19.73
C PHE W 100 73.74 14.87 -20.21
N PRO W 101 74.10 13.65 -20.64
CA PRO W 101 73.08 12.75 -21.20
C PRO W 101 72.18 12.14 -20.13
N ILE W 102 72.76 11.73 -19.01
CA ILE W 102 72.03 11.14 -17.90
C ILE W 102 72.19 12.05 -16.69
N ILE W 103 71.07 12.48 -16.11
CA ILE W 103 71.07 13.32 -14.92
C ILE W 103 70.27 12.59 -13.84
N TYR W 104 70.90 12.36 -12.70
CA TYR W 104 70.24 11.82 -11.52
C TYR W 104 70.08 12.92 -10.49
N THR W 105 69.01 12.83 -9.71
CA THR W 105 68.79 13.81 -8.64
C THR W 105 68.06 13.15 -7.50
N THR W 106 68.37 13.58 -6.28
CA THR W 106 67.62 13.17 -5.10
C THR W 106 66.60 14.21 -4.68
N ASN W 107 66.48 15.31 -5.41
CA ASN W 107 65.45 16.30 -5.14
C ASN W 107 64.10 15.80 -5.62
N TYR W 108 63.06 16.15 -4.88
CA TYR W 108 61.71 15.86 -5.33
C TYR W 108 61.10 17.02 -6.12
N ASP W 109 61.76 18.17 -6.15
CA ASP W 109 61.27 19.32 -6.88
C ASP W 109 61.58 19.18 -8.37
N ARG W 110 60.76 19.83 -9.19
CA ARG W 110 60.86 19.73 -10.65
C ARG W 110 61.64 20.88 -11.26
N TRP W 111 62.58 21.47 -10.52
CA TRP W 111 63.27 22.64 -11.03
C TRP W 111 64.34 22.30 -12.06
N ILE W 112 64.85 21.07 -12.03
CA ILE W 112 65.77 20.62 -13.07
C ILE W 112 65.03 20.45 -14.39
N GLU W 113 63.83 19.86 -14.35
CA GLU W 113 63.01 19.72 -15.54
C GLU W 113 62.51 21.07 -16.04
N THR W 114 62.18 21.98 -15.12
CA THR W 114 61.76 23.33 -15.49
C THR W 114 62.90 24.11 -16.12
N ALA W 115 64.12 23.95 -15.60
CA ALA W 115 65.28 24.63 -16.19
C ALA W 115 65.66 24.01 -17.53
N LEU W 116 65.49 22.70 -17.68
CA LEU W 116 65.79 22.04 -18.94
C LEU W 116 64.79 22.42 -20.03
N SER W 117 63.51 22.50 -19.68
CA SER W 117 62.50 22.88 -20.67
C SER W 117 62.51 24.39 -20.90
N ASN W 118 63.03 25.16 -19.94
CA ASN W 118 63.05 26.61 -20.07
C ASN W 118 64.10 27.07 -21.06
N TYR W 119 65.22 26.36 -21.14
CA TYR W 119 66.30 26.70 -22.04
C TYR W 119 66.28 25.87 -23.32
N GLY W 120 65.11 25.32 -23.69
CA GLY W 120 64.93 24.70 -24.97
C GLY W 120 65.45 23.28 -25.10
N LYS W 121 65.98 22.70 -24.03
CA LYS W 121 66.52 21.35 -24.09
C LYS W 121 65.41 20.33 -23.89
N GLU W 122 65.42 19.28 -24.70
CA GLU W 122 64.45 18.20 -24.56
C GLU W 122 64.94 17.18 -23.56
N TYR W 123 64.00 16.56 -22.85
CA TYR W 123 64.34 15.65 -21.78
C TYR W 123 63.27 14.57 -21.67
N ILE W 124 63.62 13.51 -20.93
CA ILE W 124 62.68 12.47 -20.53
C ILE W 124 62.82 12.33 -19.01
N LYS W 125 61.71 12.49 -18.30
CA LYS W 125 61.72 12.41 -16.84
C LYS W 125 61.39 10.98 -16.41
N ILE W 126 62.25 10.39 -15.59
CA ILE W 126 62.10 9.01 -15.15
C ILE W 126 61.84 8.99 -13.65
N SER W 127 60.68 8.46 -13.26
CA SER W 127 60.35 8.21 -11.87
C SER W 127 59.76 6.84 -11.65
N SER W 128 59.45 6.11 -12.72
CA SER W 128 58.97 4.74 -12.62
C SER W 128 59.59 3.94 -13.77
N VAL W 129 59.14 2.70 -13.93
CA VAL W 129 59.78 1.80 -14.88
C VAL W 129 59.16 1.94 -16.28
N SER W 130 57.93 2.45 -16.36
CA SER W 130 57.35 2.79 -17.66
C SER W 130 58.07 3.98 -18.28
N ASP W 131 58.59 4.89 -17.45
CA ASP W 131 59.41 5.97 -17.96
C ASP W 131 60.78 5.47 -18.39
N ILE W 132 61.24 4.35 -17.83
CA ILE W 132 62.43 3.69 -18.36
C ILE W 132 62.13 3.11 -19.73
N ALA W 133 60.89 2.65 -19.95
CA ALA W 133 60.50 2.20 -21.29
C ALA W 133 60.42 3.36 -22.28
N LYS W 134 60.12 4.58 -21.80
CA LYS W 134 60.07 5.73 -22.69
C LYS W 134 61.42 6.42 -22.92
N ILE W 135 62.56 5.74 -22.75
CA ILE W 135 63.85 6.42 -22.87
C ILE W 135 64.23 6.56 -24.34
N ASP W 136 64.53 7.79 -24.76
CA ASP W 136 65.07 8.08 -26.08
C ASP W 136 66.56 8.34 -25.89
N ASN W 137 67.36 7.86 -26.83
CA ASN W 137 68.82 7.94 -26.71
C ASN W 137 69.38 9.29 -27.14
N ASN W 138 68.56 10.17 -27.71
CA ASN W 138 69.01 11.50 -28.10
C ASN W 138 68.42 12.58 -27.20
N LYS W 139 67.94 12.18 -26.02
CA LYS W 139 67.32 13.09 -25.07
C LYS W 139 68.00 12.92 -23.71
N THR W 140 67.91 13.96 -22.89
CA THR W 140 68.50 13.91 -21.57
C THR W 140 67.60 13.11 -20.62
N GLN W 141 68.19 12.11 -19.97
CA GLN W 141 67.49 11.34 -18.95
C GLN W 141 67.57 12.09 -17.63
N ILE W 142 66.43 12.45 -17.08
CA ILE W 142 66.34 13.04 -15.75
C ILE W 142 65.66 12.00 -14.87
N ILE W 143 66.39 11.41 -13.93
CA ILE W 143 65.88 10.35 -13.08
C ILE W 143 65.64 10.93 -11.69
N LYS W 144 64.39 10.90 -11.25
CA LYS W 144 64.00 11.31 -9.90
C LYS W 144 64.25 10.12 -8.98
N PHE W 145 65.48 10.08 -8.44
CA PHE W 145 65.96 8.86 -7.79
C PHE W 145 65.32 8.64 -6.43
N HIS W 146 65.04 9.72 -5.71
CA HIS W 146 64.41 9.61 -4.40
C HIS W 146 62.94 9.95 -4.42
N GLY W 147 62.35 10.04 -5.60
CA GLY W 147 60.91 10.21 -5.73
C GLY W 147 60.56 11.57 -6.30
N ASP W 148 59.25 11.75 -6.47
CA ASP W 148 58.66 12.99 -6.97
C ASP W 148 57.39 13.21 -6.17
N PHE W 149 56.85 14.43 -6.23
CA PHE W 149 55.63 14.75 -5.51
C PHE W 149 54.38 14.19 -6.16
N ASP W 150 54.48 13.59 -7.35
CA ASP W 150 53.34 12.93 -7.96
C ASP W 150 53.01 11.62 -7.24
N ASP W 151 54.01 10.92 -6.74
CA ASP W 151 53.80 9.63 -6.09
C ASP W 151 54.28 9.71 -4.65
N ASP W 152 53.36 9.49 -3.70
CA ASP W 152 53.74 9.50 -2.30
C ASP W 152 54.50 8.24 -1.92
N SER W 153 54.24 7.13 -2.62
CA SER W 153 54.91 5.87 -2.34
C SER W 153 56.35 5.86 -2.83
N SER W 154 56.73 6.77 -3.72
CA SER W 154 58.08 6.80 -4.25
C SER W 154 59.02 7.71 -3.49
N ILE W 155 58.51 8.52 -2.56
CA ILE W 155 59.34 9.51 -1.89
C ILE W 155 60.19 8.83 -0.83
N VAL W 156 61.51 9.00 -0.94
CA VAL W 156 62.46 8.42 0.00
C VAL W 156 62.83 9.53 0.98
N LEU W 157 62.09 9.61 2.07
CA LEU W 157 62.29 10.63 3.09
C LEU W 157 62.51 10.06 4.47
N ASP W 158 61.75 9.04 4.86
CA ASP W 158 61.83 8.45 6.18
C ASP W 158 62.67 7.19 6.16
N GLU W 159 62.89 6.62 7.35
CA GLU W 159 63.86 5.54 7.53
C GLU W 159 63.40 4.23 6.88
N THR W 160 62.08 4.00 6.85
CA THR W 160 61.54 2.81 6.19
C THR W 160 61.80 2.83 4.69
N SER W 161 61.60 3.99 4.05
CA SER W 161 61.84 4.13 2.61
C SER W 161 63.32 4.00 2.29
N TYR W 162 64.18 4.48 3.18
CA TYR W 162 65.61 4.26 3.03
C TYR W 162 65.99 2.80 3.19
N PHE W 163 65.25 2.05 4.00
CA PHE W 163 65.50 0.60 4.13
C PHE W 163 65.10 -0.16 2.86
N GLN W 164 63.94 0.18 2.29
CA GLN W 164 63.52 -0.44 1.03
C GLN W 164 64.43 -0.06 -0.13
N ARG W 165 65.02 1.14 -0.10
CA ARG W 165 66.04 1.44 -1.09
C ARG W 165 67.37 0.78 -0.76
N LEU W 166 67.60 0.41 0.50
CA LEU W 166 68.81 -0.33 0.84
C LEU W 166 68.76 -1.77 0.36
N GLU W 167 67.55 -2.30 0.11
CA GLU W 167 67.45 -3.64 -0.47
C GLU W 167 67.90 -3.71 -1.93
N PHE W 168 67.93 -2.55 -2.64
CA PHE W 168 68.31 -2.42 -4.06
C PHE W 168 67.45 -3.26 -5.00
N GLU W 169 66.15 -3.25 -4.80
CA GLU W 169 65.23 -3.99 -5.65
C GLU W 169 64.25 -3.09 -6.39
N THR W 170 64.34 -1.78 -6.23
CA THR W 170 63.61 -0.84 -7.05
C THR W 170 64.16 -0.88 -8.48
N PRO W 171 63.31 -0.67 -9.50
CA PRO W 171 63.82 -0.53 -10.88
C PRO W 171 64.83 0.59 -11.07
N LEU W 172 64.65 1.70 -10.36
CA LEU W 172 65.61 2.80 -10.41
C LEU W 172 66.93 2.40 -9.77
N ASP W 173 66.90 1.51 -8.79
CA ASP W 173 68.13 1.01 -8.16
C ASP W 173 68.95 0.16 -9.13
N ILE W 174 68.29 -0.72 -9.89
CA ILE W 174 68.99 -1.53 -10.88
C ILE W 174 69.50 -0.67 -12.03
N LYS W 175 68.70 0.34 -12.42
CA LYS W 175 69.11 1.27 -13.46
C LYS W 175 70.36 2.07 -13.05
N PHE W 176 70.40 2.54 -11.80
CA PHE W 176 71.57 3.27 -11.31
C PHE W 176 72.77 2.34 -11.13
N ARG W 177 72.54 1.11 -10.68
CA ARG W 177 73.64 0.17 -10.47
C ARG W 177 74.27 -0.29 -11.77
N SER W 178 73.52 -0.25 -12.88
CA SER W 178 74.17 -0.53 -14.16
C SER W 178 74.68 0.73 -14.83
N ASP W 179 74.13 1.90 -14.50
CA ASP W 179 74.63 3.14 -15.08
C ASP W 179 75.98 3.54 -14.49
N VAL W 180 76.23 3.19 -13.22
CA VAL W 180 77.55 3.47 -12.65
C VAL W 180 78.61 2.50 -13.14
N LEU W 181 78.23 1.38 -13.77
CA LEU W 181 79.20 0.50 -14.38
C LEU W 181 79.79 1.16 -15.61
N GLY W 182 81.02 1.62 -15.51
CA GLY W 182 81.69 2.18 -16.66
C GLY W 182 81.33 3.60 -17.01
N LYS W 183 80.83 4.37 -16.05
CA LYS W 183 80.57 5.79 -16.26
C LYS W 183 81.00 6.55 -15.02
N SER W 184 81.33 7.82 -15.23
CA SER W 184 81.70 8.71 -14.14
C SER W 184 80.46 9.41 -13.61
N VAL W 185 80.43 9.60 -12.29
CA VAL W 185 79.34 10.32 -11.64
C VAL W 185 79.90 11.61 -11.07
N LEU W 186 79.27 12.73 -11.40
CA LEU W 186 79.64 14.05 -10.90
C LEU W 186 78.58 14.51 -9.90
N PHE W 187 79.00 14.76 -8.67
CA PHE W 187 78.10 15.13 -7.59
C PHE W 187 78.17 16.64 -7.37
N ILE W 188 77.04 17.32 -7.54
CA ILE W 188 76.96 18.76 -7.28
C ILE W 188 75.81 19.01 -6.31
N GLY W 189 76.05 19.86 -5.31
CA GLY W 189 75.06 20.13 -4.29
C GLY W 189 74.77 18.98 -3.35
N TYR W 190 75.62 17.96 -3.34
CA TYR W 190 75.36 16.71 -2.65
C TYR W 190 76.51 16.42 -1.69
N SER W 191 76.16 15.92 -0.50
CA SER W 191 77.14 15.63 0.52
C SER W 191 77.47 14.15 0.64
N LEU W 192 76.83 13.29 -0.17
CA LEU W 192 76.97 11.83 -0.16
C LEU W 192 76.69 11.23 1.22
N SER W 193 75.56 11.65 1.80
CA SER W 193 75.19 11.26 3.16
C SER W 193 74.13 10.18 3.22
N ASP W 194 73.33 10.01 2.16
CA ASP W 194 72.33 8.94 2.14
C ASP W 194 73.01 7.58 2.04
N ILE W 195 72.53 6.63 2.85
CA ILE W 195 73.27 5.40 3.09
C ILE W 195 73.15 4.44 1.91
N ASN W 196 72.09 4.56 1.10
CA ASN W 196 71.92 3.67 -0.04
C ASN W 196 72.90 4.02 -1.15
N ILE W 197 73.20 5.31 -1.32
CA ILE W 197 74.17 5.72 -2.33
C ILE W 197 75.59 5.31 -1.91
N ARG W 198 75.88 5.42 -0.61
CA ARG W 198 77.17 4.99 -0.08
C ARG W 198 77.36 3.49 -0.19
N LEU W 199 76.30 2.72 0.07
CA LEU W 199 76.37 1.27 -0.10
C LEU W 199 76.46 0.88 -1.56
N LEU W 200 75.81 1.66 -2.45
CA LEU W 200 75.90 1.43 -3.89
C LEU W 200 77.31 1.63 -4.40
N PHE W 201 77.98 2.71 -3.96
CA PHE W 201 79.34 2.94 -4.41
C PHE W 201 80.34 2.03 -3.71
N TYR W 202 80.03 1.56 -2.50
CA TYR W 202 80.85 0.54 -1.86
C TYR W 202 80.76 -0.79 -2.59
N LYS W 203 79.56 -1.17 -3.03
CA LYS W 203 79.40 -2.38 -3.83
C LYS W 203 80.04 -2.24 -5.20
N LEU W 204 80.03 -1.03 -5.76
CA LEU W 204 80.73 -0.77 -7.02
C LEU W 204 82.24 -0.92 -6.87
N SER W 205 82.79 -0.44 -5.75
CA SER W 205 84.22 -0.60 -5.47
C SER W 205 84.57 -2.07 -5.24
N LYS W 206 83.70 -2.81 -4.57
CA LYS W 206 83.88 -4.26 -4.42
C LYS W 206 83.81 -4.98 -5.76
N LEU W 207 82.94 -4.51 -6.66
CA LEU W 207 82.79 -5.13 -7.97
C LEU W 207 84.02 -4.90 -8.84
N TRP W 208 84.57 -3.69 -8.80
CA TRP W 208 85.79 -3.44 -9.56
C TRP W 208 87.01 -4.06 -8.89
N LYS W 209 86.92 -4.36 -7.59
CA LYS W 209 87.99 -5.11 -6.93
C LYS W 209 87.94 -6.59 -7.30
N GLU W 210 86.74 -7.15 -7.48
CA GLU W 210 86.60 -8.60 -7.64
C GLU W 210 87.07 -9.07 -9.01
N GLN W 211 87.00 -8.22 -10.03
CA GLN W 211 87.53 -8.59 -11.34
C GLN W 211 89.01 -8.25 -11.52
N LYS W 212 89.67 -7.78 -10.44
CA LYS W 212 91.07 -7.31 -10.43
C LYS W 212 91.30 -6.21 -11.47
N LEU W 213 90.34 -5.29 -11.59
CA LEU W 213 90.40 -4.20 -12.54
C LEU W 213 90.22 -2.86 -11.86
N GLU W 214 90.70 -2.72 -10.63
CA GLU W 214 90.44 -1.50 -9.86
C GLU W 214 91.26 -0.31 -10.35
N GLU W 215 92.28 -0.56 -11.17
CA GLU W 215 92.97 0.54 -11.84
C GLU W 215 92.11 1.13 -12.96
N ALA W 216 91.29 0.28 -13.59
CA ALA W 216 90.50 0.69 -14.75
C ALA W 216 89.11 1.17 -14.39
N GLN W 217 88.81 1.34 -13.11
CA GLN W 217 87.51 1.88 -12.69
C GLN W 217 87.43 3.36 -13.07
N PRO W 218 86.32 3.83 -13.62
CA PRO W 218 86.16 5.26 -13.89
C PRO W 218 86.09 6.06 -12.59
N LYS W 219 86.63 7.27 -12.65
CA LYS W 219 86.72 8.12 -11.47
C LYS W 219 85.45 8.95 -11.34
N SER W 220 84.81 8.86 -10.19
CA SER W 220 83.74 9.78 -9.85
C SER W 220 84.33 11.00 -9.16
N TYR W 221 83.56 12.09 -9.15
CA TYR W 221 84.01 13.35 -8.56
C TYR W 221 82.85 13.98 -7.81
N ILE W 222 83.15 14.57 -6.66
CA ILE W 222 82.14 15.26 -5.87
C ILE W 222 82.65 16.68 -5.60
N PHE W 223 81.80 17.67 -5.86
CA PHE W 223 82.13 19.06 -5.64
C PHE W 223 81.46 19.54 -4.36
N LEU W 224 82.21 19.62 -3.27
CA LEU W 224 81.80 20.34 -2.07
C LEU W 224 82.71 21.54 -1.90
N PRO W 225 82.19 22.73 -1.59
CA PRO W 225 83.08 23.88 -1.38
C PRO W 225 83.87 23.79 -0.09
N ARG W 226 83.27 23.31 0.99
CA ARG W 226 83.99 23.26 2.24
C ARG W 226 84.76 21.97 2.26
N PRO W 227 86.06 22.05 2.50
CA PRO W 227 86.89 20.84 2.44
C PRO W 227 86.73 19.97 3.67
N ASN W 228 86.83 18.67 3.46
CA ASN W 228 86.72 17.68 4.53
C ASN W 228 87.68 16.54 4.19
N PRO W 229 88.81 16.44 4.89
CA PRO W 229 89.78 15.37 4.56
C PRO W 229 89.32 13.98 4.95
N ILE W 230 88.45 13.89 5.96
CA ILE W 230 87.84 12.63 6.36
C ILE W 230 86.98 12.08 5.24
N GLN W 231 86.09 12.87 4.72
CA GLN W 231 85.30 12.40 3.61
C GLN W 231 86.15 12.30 2.36
N GLU W 232 87.18 13.10 2.20
CA GLU W 232 88.06 12.97 1.04
C GLU W 232 88.71 11.58 0.99
N GLU W 233 89.22 11.11 2.13
CA GLU W 233 89.84 9.79 2.17
C GLU W 233 88.81 8.67 2.01
N ILE W 234 87.64 8.84 2.65
CA ILE W 234 86.60 7.81 2.60
C ILE W 234 86.00 7.70 1.20
N LEU W 235 85.79 8.83 0.52
CA LEU W 235 85.29 8.77 -0.85
C LEU W 235 86.39 8.40 -1.84
N GLU W 236 87.66 8.63 -1.47
CA GLU W 236 88.75 8.22 -2.34
C GLU W 236 88.94 6.70 -2.31
N GLN W 237 88.51 6.06 -1.23
CA GLN W 237 88.47 4.59 -1.22
C GLN W 237 87.42 4.02 -2.17
N TRP W 238 86.40 4.79 -2.53
CA TRP W 238 85.39 4.35 -3.50
C TRP W 238 85.60 4.97 -4.87
N ARG W 239 86.83 5.47 -5.13
CA ARG W 239 87.23 6.15 -6.37
C ARG W 239 86.34 7.36 -6.68
N ILE W 240 85.99 8.11 -5.65
CA ILE W 240 85.23 9.35 -5.79
C ILE W 240 86.13 10.48 -5.32
N GLY W 241 86.78 11.16 -6.26
CA GLY W 241 87.68 12.24 -5.90
C GLY W 241 86.96 13.52 -5.51
N MET W 242 87.70 14.42 -4.87
CA MET W 242 87.18 15.69 -4.38
C MET W 242 87.64 16.85 -5.26
N ILE W 243 86.70 17.73 -5.60
CA ILE W 243 86.99 19.04 -6.17
C ILE W 243 86.53 20.08 -5.16
N SER W 244 87.44 20.94 -4.73
CA SER W 244 87.13 21.95 -3.73
C SER W 244 87.45 23.34 -4.28
N SER W 245 86.72 24.34 -3.81
CA SER W 245 86.91 25.71 -4.23
C SER W 245 87.35 26.57 -3.06
N GLU W 246 88.00 27.69 -3.38
CA GLU W 246 88.45 28.63 -2.37
C GLU W 246 87.43 29.71 -2.05
N ASN W 247 86.42 29.86 -2.90
CA ASN W 247 85.37 30.84 -2.66
C ASN W 247 84.44 30.36 -1.55
N ASP W 248 84.11 31.26 -0.63
CA ASP W 248 83.27 30.91 0.50
C ASP W 248 81.79 30.77 0.12
N ASN W 249 81.33 31.46 -0.92
CA ASN W 249 79.96 31.33 -1.37
C ASN W 249 79.78 30.02 -2.12
N PRO W 250 78.85 29.16 -1.73
CA PRO W 250 78.66 27.90 -2.48
C PRO W 250 78.02 28.11 -3.84
N GLY W 251 77.19 29.14 -3.99
CA GLY W 251 76.57 29.42 -5.28
C GLY W 251 77.58 29.92 -6.31
N GLU W 252 78.48 30.80 -5.88
CA GLU W 252 79.52 31.31 -6.78
C GLU W 252 80.54 30.22 -7.11
N SER W 253 80.84 29.36 -6.13
CA SER W 253 81.73 28.22 -6.37
C SER W 253 81.10 27.23 -7.34
N LEU W 254 79.80 27.01 -7.22
CA LEU W 254 79.10 26.09 -8.12
C LEU W 254 78.99 26.67 -9.53
N GLU W 255 78.79 27.99 -9.64
CA GLU W 255 78.78 28.65 -10.94
C GLU W 255 80.14 28.60 -11.61
N GLU W 256 81.22 28.81 -10.83
CA GLU W 256 82.57 28.74 -11.38
C GLU W 256 82.96 27.30 -11.72
N PHE W 257 82.37 26.33 -11.02
CA PHE W 257 82.56 24.93 -11.38
C PHE W 257 81.85 24.58 -12.69
N LEU W 258 80.60 25.00 -12.84
CA LEU W 258 79.81 24.62 -14.00
C LEU W 258 80.09 25.50 -15.21
N LYS W 259 80.89 26.56 -15.03
CA LYS W 259 81.35 27.38 -16.15
C LYS W 259 82.23 26.59 -17.12
N ASN W 260 82.94 25.57 -16.62
CA ASN W 260 83.76 24.74 -17.50
C ASN W 260 82.89 23.78 -18.32
N PHE W 261 81.65 23.54 -17.89
CA PHE W 261 80.77 22.58 -18.53
C PHE W 261 79.73 23.20 -19.44
N VAL W 262 79.37 24.48 -19.22
CA VAL W 262 78.28 25.08 -20.02
C VAL W 262 78.74 25.37 -21.45
N LEU W 263 79.97 25.86 -21.61
CA LEU W 263 80.40 26.36 -22.91
C LEU W 263 80.75 25.24 -23.87
N VAL W 264 80.35 25.42 -25.13
CA VAL W 264 80.55 24.51 -26.27
C VAL W 264 80.02 23.10 -26.02
N MET X 1 56.02 -6.06 30.89
CA MET X 1 57.08 -6.19 31.88
C MET X 1 56.86 -7.55 32.54
N GLU X 2 55.58 -7.86 32.79
CA GLU X 2 55.24 -9.17 33.35
C GLU X 2 55.00 -10.20 32.25
N GLN X 3 54.69 -9.76 31.03
CA GLN X 3 54.81 -10.65 29.87
C GLN X 3 56.26 -11.05 29.65
N LEU X 4 57.19 -10.11 29.87
CA LEU X 4 58.61 -10.38 29.76
C LEU X 4 59.06 -11.39 30.82
N LEU X 5 58.52 -11.29 32.04
CA LEU X 5 58.85 -12.26 33.09
C LEU X 5 58.23 -13.62 32.79
N ALA X 6 57.03 -13.64 32.20
CA ALA X 6 56.39 -14.90 31.83
C ALA X 6 57.17 -15.61 30.72
N ASP X 7 57.68 -14.86 29.75
CA ASP X 7 58.48 -15.48 28.70
C ASP X 7 59.89 -15.83 29.20
N TYR X 8 60.40 -15.09 30.19
CA TYR X 8 61.72 -15.38 30.73
C TYR X 8 61.72 -16.63 31.59
N LYS X 9 60.65 -16.82 32.38
CA LYS X 9 60.56 -18.05 33.17
C LYS X 9 60.25 -19.25 32.31
N LYS X 10 59.63 -19.04 31.14
CA LYS X 10 59.47 -20.11 30.17
C LYS X 10 60.79 -20.46 29.50
N GLY X 11 61.68 -19.48 29.34
CA GLY X 11 62.96 -19.71 28.70
C GLY X 11 62.97 -19.35 27.24
N ASN X 12 62.36 -18.22 26.89
CA ASN X 12 62.21 -17.80 25.51
C ASN X 12 62.58 -16.34 25.33
N VAL X 13 63.59 -15.87 26.07
CA VAL X 13 64.04 -14.49 25.99
C VAL X 13 65.55 -14.50 25.78
N ILE X 14 66.00 -13.82 24.72
CA ILE X 14 67.41 -13.61 24.43
C ILE X 14 67.83 -12.28 25.03
N LEU X 15 68.98 -12.26 25.68
CA LEU X 15 69.52 -11.04 26.27
C LEU X 15 70.45 -10.36 25.28
N PHE X 16 70.24 -9.07 25.06
CA PHE X 16 71.11 -8.24 24.23
C PHE X 16 71.73 -7.17 25.11
N VAL X 17 73.05 -7.06 25.10
CA VAL X 17 73.79 -6.18 25.98
C VAL X 17 74.58 -5.19 25.14
N GLY X 18 74.37 -3.89 25.40
CA GLY X 18 75.11 -2.83 24.76
C GLY X 18 76.20 -2.27 25.65
N ALA X 19 76.64 -1.06 25.31
CA ALA X 19 77.75 -0.44 26.02
C ALA X 19 77.30 0.20 27.34
N GLY X 20 76.00 0.41 27.51
CA GLY X 20 75.52 1.04 28.72
C GLY X 20 75.57 0.13 29.93
N VAL X 21 75.57 -1.18 29.71
CA VAL X 21 75.76 -2.13 30.80
C VAL X 21 77.20 -2.07 31.30
N SER X 22 78.16 -2.05 30.37
CA SER X 22 79.57 -2.09 30.73
C SER X 22 80.12 -0.72 31.08
N MET X 23 79.35 0.35 30.84
CA MET X 23 79.78 1.72 31.15
C MET X 23 79.91 1.95 32.66
N ASN X 24 79.18 1.18 33.47
CA ASN X 24 79.22 1.34 34.92
C ASN X 24 80.54 0.87 35.53
N LEU X 25 81.30 0.04 34.80
CA LEU X 25 82.54 -0.55 35.32
C LEU X 25 83.67 0.45 35.47
N GLY X 26 83.63 1.58 34.79
CA GLY X 26 84.77 2.47 34.74
C GLY X 26 85.59 2.35 33.48
N LEU X 27 85.07 1.73 32.43
CA LEU X 27 85.73 1.71 31.14
C LEU X 27 85.64 3.09 30.48
N PRO X 28 86.51 3.38 29.51
CA PRO X 28 86.30 4.55 28.66
C PRO X 28 84.99 4.46 27.89
N SER X 29 84.35 5.61 27.71
CA SER X 29 83.11 5.67 26.97
C SER X 29 83.39 5.74 25.47
N TRP X 30 82.34 6.00 24.69
CA TRP X 30 82.54 6.16 23.25
C TRP X 30 83.24 7.48 22.94
N SER X 31 82.89 8.52 23.70
CA SER X 31 83.51 9.83 23.53
C SER X 31 84.98 9.82 23.91
N GLN X 32 85.37 8.99 24.87
CA GLN X 32 86.78 8.85 25.21
C GLN X 32 87.55 8.15 24.09
N LEU X 33 86.90 7.23 23.38
CA LEU X 33 87.52 6.62 22.20
C LEU X 33 87.65 7.63 21.06
N VAL X 34 86.66 8.53 20.93
CA VAL X 34 86.73 9.65 19.98
C VAL X 34 87.92 10.56 20.33
N ASP X 35 88.09 10.86 21.62
CA ASP X 35 89.22 11.68 22.07
C ASP X 35 90.56 11.01 21.82
N HIS X 36 90.66 9.71 22.09
CA HIS X 36 91.92 9.00 21.90
C HIS X 36 92.29 8.90 20.43
N ILE X 37 91.30 8.67 19.56
CA ILE X 37 91.56 8.56 18.13
C ILE X 37 91.95 9.94 17.58
N ALA X 38 91.31 10.99 18.09
CA ALA X 38 91.60 12.37 17.65
C ALA X 38 93.01 12.80 18.03
N THR X 39 93.44 12.53 19.26
CA THR X 39 94.83 12.89 19.62
C THR X 39 95.84 11.89 19.04
N GLU X 40 95.39 10.72 18.59
CA GLU X 40 96.31 9.84 17.87
C GLU X 40 96.51 10.30 16.43
N LEU X 41 95.49 10.93 15.83
CA LEU X 41 95.60 11.40 14.46
C LEU X 41 96.21 12.79 14.34
N GLY X 42 96.56 13.43 15.45
CA GLY X 42 97.05 14.78 15.42
C GLY X 42 95.99 15.85 15.52
N TYR X 43 94.72 15.46 15.65
CA TYR X 43 93.64 16.41 15.86
C TYR X 43 93.41 16.62 17.36
N ASP X 44 92.42 17.44 17.65
CA ASP X 44 91.73 17.50 18.93
C ASP X 44 90.24 17.24 18.70
N PRO X 45 89.54 16.64 19.68
CA PRO X 45 88.19 16.07 19.41
C PRO X 45 87.09 17.00 18.90
N ASP X 46 87.08 18.24 19.39
CA ASP X 46 86.00 19.15 19.04
C ASP X 46 86.12 19.65 17.60
N ILE X 47 87.30 19.55 17.00
CA ILE X 47 87.46 19.94 15.61
C ILE X 47 87.01 18.81 14.69
N TYR X 48 87.43 17.61 15.12
CA TYR X 48 87.20 16.33 14.41
C TYR X 48 85.78 15.83 14.56
N ARG X 49 85.26 15.83 15.78
CA ARG X 49 83.84 15.44 15.97
C ARG X 49 82.95 16.19 14.97
N THR X 50 83.49 17.17 14.24
CA THR X 50 82.69 17.98 13.31
C THR X 50 83.00 17.57 11.88
N PHE X 51 83.90 16.62 11.69
CA PHE X 51 84.35 16.30 10.32
C PHE X 51 83.57 15.11 9.78
N GLY X 52 82.79 14.45 10.63
CA GLY X 52 82.02 13.27 10.21
C GLY X 52 81.32 12.62 11.38
N SER X 53 80.80 11.41 11.20
CA SER X 53 80.12 10.67 12.29
C SER X 53 81.06 9.61 12.86
N ALA X 54 80.63 8.91 13.90
CA ALA X 54 81.52 7.96 14.60
C ALA X 54 82.02 6.86 13.67
N LEU X 55 81.21 6.46 12.71
CA LEU X 55 81.59 5.35 11.80
C LEU X 55 82.60 5.90 10.79
N GLU X 56 82.55 7.20 10.54
CA GLU X 56 83.46 7.83 9.55
C GLU X 56 84.76 8.23 10.25
N LEU X 57 84.80 8.17 11.58
CA LEU X 57 86.05 8.44 12.33
C LEU X 57 86.82 7.12 12.53
N ALA X 58 86.15 5.99 12.78
CA ALA X 58 86.77 4.67 12.80
C ALA X 58 87.34 4.29 11.43
N GLU X 59 86.65 4.72 10.36
CA GLU X 59 87.15 4.54 9.01
C GLU X 59 88.41 5.35 8.76
N TYR X 60 88.45 6.60 9.24
CA TYR X 60 89.60 7.46 9.00
C TYR X 60 90.81 6.99 9.78
N TYR X 61 90.61 6.50 11.00
CA TYR X 61 91.72 5.95 11.77
C TYR X 61 92.23 4.66 11.15
N LYS X 62 91.33 3.82 10.62
CA LYS X 62 91.73 2.61 9.91
C LYS X 62 92.52 2.94 8.64
N LEU X 63 92.11 3.98 7.91
CA LEU X 63 92.78 4.31 6.66
C LEU X 63 94.11 5.02 6.90
N LYS X 64 94.21 5.84 7.94
CA LYS X 64 95.45 6.55 8.19
C LYS X 64 96.48 5.66 8.88
N LYS X 65 96.03 4.75 9.76
CA LYS X 65 96.94 3.91 10.51
C LYS X 65 97.05 2.50 9.93
N GLY X 66 96.66 2.31 8.67
CA GLY X 66 96.79 1.02 8.03
C GLY X 66 95.68 0.05 8.37
N LYS X 67 95.68 -0.45 9.61
CA LYS X 67 94.66 -1.38 10.09
C LYS X 67 94.09 -0.84 11.39
N ILE X 68 93.29 -1.68 12.07
CA ILE X 68 92.69 -1.31 13.35
C ILE X 68 93.53 -1.80 14.53
N GLY X 69 94.71 -2.38 14.26
CA GLY X 69 95.55 -3.01 15.24
C GLY X 69 96.07 -2.20 16.43
N PRO X 70 96.64 -1.01 16.20
CA PRO X 70 96.94 -0.12 17.34
C PRO X 70 95.71 0.28 18.16
N LEU X 71 94.59 0.54 17.49
CA LEU X 71 93.34 0.83 18.18
C LEU X 71 92.82 -0.38 18.94
N ARG X 72 92.95 -1.57 18.33
CA ARG X 72 92.53 -2.80 19.00
C ARG X 72 93.35 -3.07 20.25
N SER X 73 94.65 -2.84 20.18
CA SER X 73 95.51 -3.03 21.35
C SER X 73 95.23 -1.99 22.42
N TRP X 74 94.89 -0.76 22.03
CA TRP X 74 94.57 0.28 23.01
C TRP X 74 93.26 -0.01 23.73
N MET X 75 92.21 -0.41 22.99
CA MET X 75 90.96 -0.77 23.65
C MET X 75 91.08 -2.07 24.43
N ASP X 76 91.97 -2.97 24.00
CA ASP X 76 92.23 -4.19 24.76
C ASP X 76 92.92 -3.89 26.08
N ARG X 77 93.80 -2.89 26.10
CA ARG X 77 94.47 -2.51 27.34
C ARG X 77 93.55 -1.73 28.27
N MET X 78 92.87 -0.70 27.76
CA MET X 78 92.08 0.14 28.65
C MET X 78 90.73 -0.49 29.02
N TRP X 79 90.20 -1.36 28.18
CA TRP X 79 88.93 -2.02 28.51
C TRP X 79 89.11 -3.14 29.52
N HIS X 80 90.34 -3.63 29.71
CA HIS X 80 90.62 -4.73 30.62
C HIS X 80 91.73 -4.35 31.59
N SER X 81 91.63 -3.17 32.19
CA SER X 81 92.61 -2.70 33.14
C SER X 81 92.44 -3.42 34.48
N SER X 82 93.52 -3.39 35.28
CA SER X 82 93.52 -4.13 36.54
C SER X 82 92.75 -3.43 37.65
N ASP X 83 92.47 -2.13 37.50
CA ASP X 83 91.66 -1.44 38.50
C ASP X 83 90.17 -1.77 38.36
N ILE X 84 89.79 -2.35 37.24
CA ILE X 84 88.41 -2.81 37.06
C ILE X 84 88.29 -4.22 37.62
N ASP X 85 87.35 -4.41 38.55
CA ASP X 85 87.04 -5.74 39.06
C ASP X 85 85.55 -5.98 38.93
N ILE X 86 85.18 -7.23 38.64
CA ILE X 86 83.80 -7.55 38.32
C ILE X 86 82.97 -7.79 39.58
N ASN X 87 83.62 -7.88 40.75
CA ASN X 87 82.90 -8.17 41.99
C ASN X 87 82.11 -6.97 42.47
N LYS X 88 82.58 -5.75 42.18
CA LYS X 88 81.80 -4.56 42.47
C LYS X 88 80.99 -4.16 41.24
N SER X 89 80.15 -5.09 40.76
CA SER X 89 79.27 -4.82 39.63
C SER X 89 77.98 -5.58 39.89
N LYS X 90 76.96 -4.86 40.35
CA LYS X 90 75.68 -5.51 40.67
C LYS X 90 74.96 -5.93 39.39
N VAL X 91 75.12 -5.19 38.30
CA VAL X 91 74.38 -5.53 37.09
C VAL X 91 75.03 -6.70 36.37
N HIS X 92 76.35 -6.91 36.54
CA HIS X 92 76.99 -8.08 35.97
C HIS X 92 76.67 -9.32 36.78
N GLU X 93 76.52 -9.16 38.10
CA GLU X 93 76.05 -10.24 38.96
C GLU X 93 74.61 -10.61 38.63
N TYR X 94 73.78 -9.62 38.34
CA TYR X 94 72.38 -9.90 37.98
C TYR X 94 72.27 -10.51 36.60
N ILE X 95 73.23 -10.20 35.71
CA ILE X 95 73.30 -10.89 34.42
C ILE X 95 73.71 -12.35 34.62
N ALA X 96 74.73 -12.58 35.46
CA ALA X 96 75.31 -13.92 35.60
C ALA X 96 74.39 -14.87 36.36
N LYS X 97 73.68 -14.38 37.37
CA LYS X 97 72.85 -15.28 38.17
C LYS X 97 71.50 -15.54 37.52
N ALA X 98 71.12 -14.73 36.52
CA ALA X 98 69.86 -14.95 35.83
C ALA X 98 69.99 -16.11 34.84
N ASN X 99 68.85 -16.67 34.46
CA ASN X 99 68.81 -17.82 33.55
C ASN X 99 68.49 -17.35 32.14
N PHE X 100 69.50 -16.77 31.50
CA PHE X 100 69.40 -16.41 30.09
C PHE X 100 70.18 -17.43 29.28
N PRO X 101 69.52 -18.25 28.45
CA PRO X 101 70.26 -19.27 27.69
C PRO X 101 71.09 -18.71 26.55
N ILE X 102 70.62 -17.64 25.90
CA ILE X 102 71.32 -16.99 24.81
C ILE X 102 71.59 -15.55 25.21
N ILE X 103 72.86 -15.14 25.13
CA ILE X 103 73.27 -13.76 25.41
C ILE X 103 73.97 -13.23 24.18
N TYR X 104 73.47 -12.11 23.64
CA TYR X 104 74.13 -11.41 22.56
C TYR X 104 74.72 -10.11 23.09
N THR X 105 75.85 -9.70 22.52
CA THR X 105 76.47 -8.46 22.94
C THR X 105 77.21 -7.82 21.77
N THR X 106 77.17 -6.49 21.72
CA THR X 106 77.97 -5.72 20.78
C THR X 106 79.28 -5.26 21.38
N ASN X 107 79.55 -5.58 22.65
CA ASN X 107 80.79 -5.20 23.29
C ASN X 107 81.91 -6.12 22.85
N TYR X 108 83.10 -5.54 22.66
CA TYR X 108 84.27 -6.34 22.38
C TYR X 108 84.97 -6.80 23.66
N ASP X 109 84.63 -6.23 24.80
CA ASP X 109 85.22 -6.64 26.06
C ASP X 109 84.63 -7.96 26.54
N ARG X 110 85.40 -8.67 27.36
CA ARG X 110 85.03 -9.98 27.87
C ARG X 110 84.50 -9.94 29.29
N TRP X 111 83.80 -8.87 29.68
CA TRP X 111 83.36 -8.75 31.06
C TRP X 111 82.10 -9.56 31.33
N ILE X 112 81.32 -9.88 30.30
CA ILE X 112 80.17 -10.78 30.47
C ILE X 112 80.66 -12.19 30.75
N GLU X 113 81.69 -12.63 30.01
CA GLU X 113 82.29 -13.94 30.23
C GLU X 113 83.01 -14.03 31.57
N THR X 114 83.66 -12.92 31.98
CA THR X 114 84.31 -12.87 33.27
C THR X 114 83.31 -12.89 34.42
N ALA X 115 82.17 -12.21 34.24
CA ALA X 115 81.12 -12.24 35.25
C ALA X 115 80.43 -13.59 35.31
N LEU X 116 80.31 -14.27 34.16
CA LEU X 116 79.71 -15.59 34.12
C LEU X 116 80.60 -16.64 34.78
N SER X 117 81.90 -16.57 34.52
CA SER X 117 82.83 -17.53 35.13
C SER X 117 83.12 -17.17 36.59
N ASN X 118 82.93 -15.91 36.96
CA ASN X 118 83.21 -15.49 38.33
C ASN X 118 82.13 -15.97 39.28
N TYR X 119 80.87 -15.93 38.85
CA TYR X 119 79.74 -16.27 39.71
C TYR X 119 79.29 -17.72 39.54
N GLY X 120 80.16 -18.59 39.02
CA GLY X 120 79.88 -20.01 38.93
C GLY X 120 78.83 -20.38 37.90
N LYS X 121 79.14 -20.16 36.63
CA LYS X 121 78.19 -20.49 35.55
C LYS X 121 78.99 -20.85 34.31
N GLU X 122 78.74 -22.03 33.76
CA GLU X 122 79.40 -22.45 32.53
C GLU X 122 78.81 -21.72 31.34
N TYR X 123 79.66 -21.44 30.35
CA TYR X 123 79.24 -20.68 29.19
C TYR X 123 79.98 -21.17 27.96
N ILE X 124 79.40 -20.91 26.80
CA ILE X 124 80.03 -21.13 25.51
C ILE X 124 80.14 -19.79 24.81
N LYS X 125 81.36 -19.38 24.48
CA LYS X 125 81.62 -18.10 23.84
C LYS X 125 81.65 -18.32 22.33
N ILE X 126 80.82 -17.57 21.59
CA ILE X 126 80.72 -17.69 20.15
C ILE X 126 81.21 -16.39 19.53
N SER X 127 82.25 -16.48 18.72
CA SER X 127 82.72 -15.35 17.92
C SER X 127 83.01 -15.75 16.48
N SER X 128 82.93 -17.03 16.14
CA SER X 128 83.09 -17.51 14.78
C SER X 128 82.17 -18.70 14.59
N VAL X 129 82.17 -19.24 13.37
CA VAL X 129 81.27 -20.35 13.05
C VAL X 129 81.80 -21.67 13.63
N SER X 130 83.11 -21.75 13.88
CA SER X 130 83.66 -22.92 14.55
C SER X 130 83.28 -22.95 16.02
N ASP X 131 82.92 -21.79 16.59
CA ASP X 131 82.38 -21.77 17.94
C ASP X 131 80.88 -22.03 17.95
N ILE X 132 80.20 -21.82 16.82
CA ILE X 132 78.83 -22.31 16.66
C ILE X 132 78.83 -23.83 16.64
N ALA X 133 79.90 -24.43 16.09
CA ALA X 133 80.06 -25.88 16.11
C ALA X 133 80.24 -26.46 17.52
N LYS X 134 80.66 -25.66 18.50
CA LYS X 134 80.85 -26.13 19.87
C LYS X 134 79.72 -25.70 20.80
N ILE X 135 78.49 -25.58 20.29
CA ILE X 135 77.38 -25.14 21.12
C ILE X 135 76.90 -26.31 21.98
N ASP X 136 76.84 -26.08 23.29
CA ASP X 136 76.23 -27.02 24.22
C ASP X 136 74.84 -26.51 24.57
N ASN X 137 73.87 -27.43 24.62
CA ASN X 137 72.48 -27.03 24.83
C ASN X 137 72.12 -26.82 26.29
N ASN X 138 73.02 -27.14 27.21
CA ASN X 138 72.78 -26.93 28.63
C ASN X 138 73.63 -25.80 29.21
N LYS X 139 74.67 -25.39 28.51
CA LYS X 139 75.45 -24.21 28.86
C LYS X 139 74.88 -23.00 28.14
N THR X 140 75.06 -21.82 28.74
CA THR X 140 74.55 -20.61 28.11
C THR X 140 75.45 -20.21 26.95
N GLN X 141 74.91 -19.40 26.04
CA GLN X 141 75.65 -18.96 24.86
C GLN X 141 75.91 -17.47 24.98
N ILE X 142 77.18 -17.07 24.86
CA ILE X 142 77.57 -15.68 24.77
C ILE X 142 78.10 -15.46 23.36
N ILE X 143 77.42 -14.62 22.59
CA ILE X 143 77.79 -14.36 21.21
C ILE X 143 78.34 -12.95 21.10
N LYS X 144 79.63 -12.86 20.77
CA LYS X 144 80.28 -11.58 20.52
C LYS X 144 79.91 -11.16 19.10
N PHE X 145 78.78 -10.44 19.01
CA PHE X 145 78.15 -10.18 17.72
C PHE X 145 78.93 -9.18 16.88
N HIS X 146 79.48 -8.15 17.52
CA HIS X 146 80.24 -7.14 16.80
C HIS X 146 81.74 -7.39 16.85
N GLY X 147 82.16 -8.51 17.42
CA GLY X 147 83.56 -8.91 17.38
C GLY X 147 84.18 -9.04 18.74
N ASP X 148 85.49 -9.25 18.72
CA ASP X 148 86.27 -9.47 19.92
C ASP X 148 87.67 -8.90 19.66
N PHE X 149 88.42 -8.68 20.75
CA PHE X 149 89.80 -8.25 20.65
C PHE X 149 90.75 -9.37 20.23
N ASP X 150 90.28 -10.63 20.20
CA ASP X 150 91.10 -11.74 19.73
C ASP X 150 91.25 -11.77 18.22
N ASP X 151 90.44 -11.01 17.48
CA ASP X 151 90.53 -11.00 16.02
C ASP X 151 90.24 -9.60 15.52
N ASP X 152 91.20 -9.01 14.80
CA ASP X 152 91.02 -7.65 14.29
C ASP X 152 90.10 -7.60 13.09
N SER X 153 89.90 -8.73 12.41
CA SER X 153 89.04 -8.75 11.22
C SER X 153 87.57 -8.92 11.58
N SER X 154 87.23 -9.11 12.85
CA SER X 154 85.86 -9.30 13.27
C SER X 154 85.25 -8.08 13.95
N ILE X 155 86.04 -7.05 14.23
CA ILE X 155 85.53 -5.90 14.98
C ILE X 155 84.69 -5.02 14.05
N VAL X 156 83.44 -4.81 14.42
CA VAL X 156 82.51 -4.01 13.63
C VAL X 156 82.55 -2.60 14.23
N LEU X 157 83.41 -1.76 13.66
CA LEU X 157 83.62 -0.42 14.22
C LEU X 157 83.50 0.66 13.16
N ASP X 158 83.99 0.41 11.95
CA ASP X 158 84.01 1.42 10.90
C ASP X 158 82.87 1.21 9.92
N GLU X 159 82.76 2.14 8.96
CA GLU X 159 81.65 2.13 8.02
C GLU X 159 81.75 0.96 7.05
N THR X 160 82.97 0.55 6.71
CA THR X 160 83.17 -0.63 5.86
C THR X 160 82.72 -1.90 6.57
N SER X 161 83.02 -2.02 7.87
CA SER X 161 82.62 -3.21 8.64
C SER X 161 81.12 -3.30 8.80
N TYR X 162 80.45 -2.15 9.01
CA TYR X 162 78.99 -2.12 9.03
C TYR X 162 78.41 -2.41 7.66
N PHE X 163 79.13 -2.03 6.59
CA PHE X 163 78.64 -2.30 5.24
C PHE X 163 78.76 -3.78 4.88
N GLN X 164 79.78 -4.47 5.41
CA GLN X 164 79.81 -5.93 5.29
C GLN X 164 78.73 -6.58 6.14
N ARG X 165 78.46 -6.04 7.33
CA ARG X 165 77.45 -6.66 8.18
C ARG X 165 76.02 -6.35 7.73
N LEU X 166 75.83 -5.37 6.85
CA LEU X 166 74.49 -5.04 6.36
C LEU X 166 73.90 -6.11 5.45
N GLU X 167 74.73 -6.96 4.83
CA GLU X 167 74.22 -7.94 3.89
C GLU X 167 73.70 -9.20 4.56
N PHE X 168 73.96 -9.36 5.87
CA PHE X 168 73.54 -10.50 6.71
C PHE X 168 74.02 -11.84 6.16
N GLU X 169 75.25 -11.84 5.64
CA GLU X 169 75.87 -13.07 5.14
C GLU X 169 76.98 -13.60 6.02
N THR X 170 77.29 -12.92 7.11
CA THR X 170 78.18 -13.48 8.13
C THR X 170 77.45 -14.62 8.83
N PRO X 171 78.17 -15.67 9.28
CA PRO X 171 77.51 -16.73 10.09
C PRO X 171 76.85 -16.26 11.38
N LEU X 172 77.39 -15.22 12.02
CA LEU X 172 76.77 -14.70 13.22
C LEU X 172 75.48 -13.96 12.90
N ASP X 173 75.42 -13.31 11.74
CA ASP X 173 74.18 -12.66 11.30
C ASP X 173 73.12 -13.68 10.94
N ILE X 174 73.51 -14.81 10.33
CA ILE X 174 72.59 -15.90 10.02
C ILE X 174 72.05 -16.52 11.31
N LYS X 175 72.93 -16.72 12.29
CA LYS X 175 72.55 -17.29 13.58
C LYS X 175 71.61 -16.37 14.34
N PHE X 176 71.87 -15.05 14.30
CA PHE X 176 70.98 -14.10 14.96
C PHE X 176 69.64 -13.98 14.24
N ARG X 177 69.66 -14.06 12.90
CA ARG X 177 68.43 -13.94 12.11
C ARG X 177 67.53 -15.15 12.32
N SER X 178 68.10 -16.31 12.63
CA SER X 178 67.24 -17.42 12.99
C SER X 178 66.95 -17.49 14.48
N ASP X 179 67.77 -16.84 15.32
CA ASP X 179 67.48 -16.81 16.75
C ASP X 179 66.32 -15.89 17.06
N VAL X 180 66.15 -14.81 16.30
CA VAL X 180 65.03 -13.90 16.55
C VAL X 180 63.70 -14.45 16.06
N LEU X 181 63.71 -15.54 15.29
CA LEU X 181 62.48 -16.19 14.87
C LEU X 181 61.86 -16.90 16.06
N GLY X 182 60.73 -16.39 16.52
CA GLY X 182 60.03 -17.06 17.61
C GLY X 182 60.64 -16.91 18.98
N LYS X 183 61.44 -15.87 19.19
CA LYS X 183 62.00 -15.59 20.50
C LYS X 183 61.98 -14.09 20.75
N SER X 184 61.93 -13.72 22.02
CA SER X 184 61.95 -12.32 22.42
C SER X 184 63.38 -11.89 22.71
N VAL X 185 63.67 -10.63 22.41
CA VAL X 185 64.98 -10.05 22.65
C VAL X 185 64.83 -8.96 23.71
N LEU X 186 65.69 -8.99 24.72
CA LEU X 186 65.74 -7.96 25.75
C LEU X 186 67.00 -7.14 25.55
N PHE X 187 66.83 -5.84 25.29
CA PHE X 187 67.93 -4.92 25.09
C PHE X 187 68.20 -4.17 26.39
N ILE X 188 69.37 -4.38 26.97
CA ILE X 188 69.78 -3.64 28.17
C ILE X 188 71.11 -2.95 27.87
N GLY X 189 71.20 -1.67 28.23
CA GLY X 189 72.38 -0.88 27.95
C GLY X 189 72.60 -0.54 26.50
N TYR X 190 71.57 -0.67 25.66
CA TYR X 190 71.69 -0.57 24.22
C TYR X 190 70.61 0.35 23.70
N SER X 191 70.99 1.30 22.86
CA SER X 191 70.07 2.33 22.35
C SER X 191 69.47 1.98 21.01
N LEU X 192 69.87 0.85 20.41
CA LEU X 192 69.46 0.39 19.08
C LEU X 192 69.76 1.42 18.00
N SER X 193 71.06 1.75 17.90
CA SER X 193 71.53 2.77 16.97
C SER X 193 72.33 2.20 15.80
N ASP X 194 72.81 0.97 15.91
CA ASP X 194 73.54 0.35 14.82
C ASP X 194 72.58 0.01 13.69
N ILE X 195 73.02 0.28 12.46
CA ILE X 195 72.13 0.24 11.30
C ILE X 195 71.78 -1.19 10.93
N ASN X 196 72.70 -2.13 11.17
CA ASN X 196 72.46 -3.52 10.80
C ASN X 196 71.45 -4.19 11.74
N ILE X 197 71.42 -3.79 13.00
CA ILE X 197 70.45 -4.35 13.94
C ILE X 197 69.04 -3.84 13.62
N ARG X 198 68.93 -2.55 13.27
CA ARG X 198 67.65 -1.99 12.88
C ARG X 198 67.16 -2.56 11.57
N LEU X 199 68.08 -2.84 10.63
CA LEU X 199 67.68 -3.50 9.39
C LEU X 199 67.27 -4.95 9.63
N LEU X 200 67.93 -5.63 10.57
CA LEU X 200 67.56 -6.99 10.94
C LEU X 200 66.17 -7.06 11.56
N PHE X 201 65.86 -6.12 12.45
CA PHE X 201 64.53 -6.14 13.06
C PHE X 201 63.45 -5.60 12.13
N TYR X 202 63.81 -4.72 11.19
CA TYR X 202 62.87 -4.31 10.15
C TYR X 202 62.54 -5.46 9.21
N LYS X 203 63.56 -6.25 8.84
CA LYS X 203 63.33 -7.42 8.00
C LYS X 203 62.56 -8.50 8.73
N LEU X 204 62.76 -8.64 10.04
CA LEU X 204 61.98 -9.57 10.84
C LEU X 204 60.51 -9.16 10.93
N SER X 205 60.26 -7.84 11.07
CA SER X 205 58.89 -7.34 11.10
C SER X 205 58.20 -7.52 9.76
N LYS X 206 58.92 -7.24 8.65
CA LYS X 206 58.40 -7.51 7.31
C LYS X 206 58.14 -8.99 7.10
N LEU X 207 59.01 -9.84 7.63
CA LEU X 207 58.88 -11.28 7.52
C LEU X 207 57.65 -11.80 8.23
N TRP X 208 57.32 -11.22 9.38
CA TRP X 208 56.05 -11.58 10.02
C TRP X 208 54.85 -10.96 9.29
N LYS X 209 55.07 -9.84 8.58
CA LYS X 209 53.98 -9.23 7.83
C LYS X 209 53.60 -10.04 6.59
N GLU X 210 54.57 -10.63 5.90
CA GLU X 210 54.25 -11.38 4.67
C GLU X 210 53.54 -12.70 4.95
N GLN X 211 53.66 -13.23 6.18
CA GLN X 211 52.91 -14.41 6.55
C GLN X 211 51.50 -14.07 7.05
N LYS X 212 51.18 -12.77 7.16
CA LYS X 212 49.93 -12.24 7.72
C LYS X 212 49.69 -12.75 9.14
N LEU X 213 50.76 -12.81 9.93
CA LEU X 213 50.72 -13.33 11.29
C LEU X 213 51.32 -12.33 12.27
N GLU X 214 50.92 -11.06 12.15
CA GLU X 214 51.61 -9.98 12.85
C GLU X 214 51.29 -9.99 14.35
N GLU X 215 50.13 -10.53 14.72
CA GLU X 215 49.77 -10.58 16.13
C GLU X 215 50.46 -11.73 16.86
N ALA X 216 51.01 -12.69 16.12
CA ALA X 216 51.68 -13.84 16.71
C ALA X 216 53.18 -13.63 16.86
N GLN X 217 53.70 -12.47 16.50
CA GLN X 217 55.13 -12.19 16.65
C GLN X 217 55.47 -12.01 18.12
N PRO X 218 56.57 -12.61 18.61
CA PRO X 218 57.00 -12.35 19.99
C PRO X 218 57.44 -10.91 20.19
N LYS X 219 57.07 -10.36 21.33
CA LYS X 219 57.34 -8.96 21.65
C LYS X 219 58.75 -8.84 22.22
N SER X 220 59.57 -8.02 21.58
CA SER X 220 60.88 -7.70 22.14
C SER X 220 60.75 -6.50 23.06
N TYR X 221 61.77 -6.30 23.90
CA TYR X 221 61.75 -5.23 24.87
C TYR X 221 63.11 -4.56 24.92
N ILE X 222 63.10 -3.25 25.17
CA ILE X 222 64.32 -2.46 25.32
C ILE X 222 64.20 -1.68 26.61
N PHE X 223 65.24 -1.71 27.44
CA PHE X 223 65.29 -0.93 28.66
C PHE X 223 66.14 0.32 28.42
N LEU X 224 65.49 1.47 28.37
CA LEU X 224 66.19 2.75 28.33
C LEU X 224 65.68 3.58 29.48
N PRO X 225 66.55 4.17 30.31
CA PRO X 225 66.09 5.00 31.43
C PRO X 225 65.44 6.30 30.98
N ARG X 226 66.13 7.05 30.14
CA ARG X 226 65.57 8.27 29.62
C ARG X 226 64.56 7.95 28.53
N PRO X 227 63.34 8.47 28.65
CA PRO X 227 62.30 8.12 27.67
C PRO X 227 62.46 8.87 26.36
N ASN X 228 61.89 8.29 25.32
CA ASN X 228 61.92 8.86 23.98
C ASN X 228 60.71 8.37 23.21
N PRO X 229 59.74 9.24 22.90
CA PRO X 229 58.53 8.79 22.19
C PRO X 229 58.79 8.46 20.73
N ILE X 230 59.84 9.05 20.15
CA ILE X 230 60.22 8.77 18.77
C ILE X 230 60.71 7.34 18.63
N GLN X 231 61.65 6.96 19.42
CA GLN X 231 62.04 5.60 19.35
C GLN X 231 60.89 4.70 19.84
N GLU X 232 60.08 5.08 20.82
CA GLU X 232 58.95 4.27 21.27
C GLU X 232 58.05 3.90 20.10
N GLU X 233 57.70 4.88 19.26
CA GLU X 233 56.84 4.61 18.11
C GLU X 233 57.55 3.79 17.04
N ILE X 234 58.83 4.12 16.78
CA ILE X 234 59.58 3.46 15.71
C ILE X 234 59.89 2.02 16.08
N LEU X 235 60.29 1.77 17.32
CA LEU X 235 60.51 0.39 17.76
C LEU X 235 59.20 -0.34 18.02
N GLU X 236 58.09 0.39 18.24
CA GLU X 236 56.80 -0.27 18.38
C GLU X 236 56.30 -0.77 17.04
N GLN X 237 56.73 -0.15 15.95
CA GLN X 237 56.48 -0.73 14.62
C GLN X 237 57.21 -2.05 14.40
N TRP X 238 58.34 -2.27 15.08
CA TRP X 238 59.11 -3.50 14.93
C TRP X 238 58.88 -4.48 16.07
N ARG X 239 57.75 -4.33 16.77
CA ARG X 239 57.35 -5.16 17.93
C ARG X 239 58.39 -5.14 19.05
N ILE X 240 58.97 -3.98 19.31
CA ILE X 240 59.93 -3.78 20.39
C ILE X 240 59.33 -2.74 21.32
N GLY X 241 58.87 -3.18 22.50
CA GLY X 241 58.30 -2.27 23.46
C GLY X 241 59.34 -1.65 24.37
N MET X 242 59.00 -0.49 24.92
CA MET X 242 59.92 0.28 25.73
C MET X 242 59.59 0.11 27.21
N ILE X 243 60.63 -0.11 28.01
CA ILE X 243 60.52 -0.16 29.46
C ILE X 243 61.37 0.98 30.01
N SER X 244 60.72 1.94 30.65
CA SER X 244 61.39 3.10 31.21
C SER X 244 61.18 3.15 32.71
N SER X 245 61.84 4.11 33.35
CA SER X 245 61.72 4.32 34.79
C SER X 245 62.00 5.79 35.10
N GLU X 246 61.58 6.19 36.30
CA GLU X 246 61.72 7.58 36.73
C GLU X 246 63.06 7.87 37.40
N ASN X 247 63.89 6.84 37.61
CA ASN X 247 65.18 7.04 38.27
C ASN X 247 66.16 7.69 37.30
N ASP X 248 66.84 8.74 37.77
CA ASP X 248 67.79 9.45 36.91
C ASP X 248 69.08 8.68 36.73
N ASN X 249 69.49 7.93 37.76
CA ASN X 249 70.71 7.15 37.67
C ASN X 249 70.48 5.94 36.78
N PRO X 250 71.26 5.75 35.71
CA PRO X 250 71.00 4.61 34.82
C PRO X 250 71.42 3.28 35.40
N GLY X 251 72.52 3.26 36.18
CA GLY X 251 72.99 2.00 36.75
C GLY X 251 72.07 1.45 37.82
N GLU X 252 71.56 2.33 38.68
CA GLU X 252 70.63 1.90 39.72
C GLU X 252 69.29 1.49 39.13
N SER X 253 68.86 2.16 38.06
CA SER X 253 67.64 1.77 37.36
C SER X 253 67.79 0.42 36.68
N LEU X 254 68.95 0.16 36.08
CA LEU X 254 69.17 -1.12 35.43
C LEU X 254 69.32 -2.25 36.45
N GLU X 255 69.90 -1.93 37.62
CA GLU X 255 69.94 -2.90 38.72
C GLU X 255 68.55 -3.22 39.24
N GLU X 256 67.70 -2.19 39.34
CA GLU X 256 66.31 -2.40 39.75
C GLU X 256 65.52 -3.18 38.71
N PHE X 257 65.86 -3.01 37.43
CA PHE X 257 65.19 -3.78 36.39
C PHE X 257 65.62 -5.23 36.40
N LEU X 258 66.92 -5.50 36.57
CA LEU X 258 67.42 -6.87 36.57
C LEU X 258 67.26 -7.57 37.92
N LYS X 259 66.79 -6.84 38.95
CA LYS X 259 66.46 -7.47 40.22
C LYS X 259 65.27 -8.41 40.08
N ASN X 260 64.38 -8.14 39.12
CA ASN X 260 63.26 -9.04 38.84
C ASN X 260 63.71 -10.31 38.11
N PHE X 261 64.92 -10.31 37.56
CA PHE X 261 65.46 -11.48 36.85
C PHE X 261 66.44 -12.28 37.67
N VAL X 262 67.10 -11.65 38.66
CA VAL X 262 68.07 -12.39 39.47
C VAL X 262 67.35 -13.30 40.47
N LEU X 263 66.11 -12.97 40.81
CA LEU X 263 65.36 -13.77 41.77
C LEU X 263 64.89 -15.08 41.15
N VAL X 264 64.98 -16.16 41.94
CA VAL X 264 64.73 -17.55 41.56
C VAL X 264 65.53 -17.97 40.32
N MET Y 1 -99.57 -33.27 -1.20
CA MET Y 1 -98.55 -32.63 -0.37
C MET Y 1 -97.19 -33.27 -0.59
N ASN Y 2 -96.18 -32.45 -0.84
CA ASN Y 2 -94.82 -32.92 -1.12
C ASN Y 2 -93.97 -32.70 0.12
N ILE Y 3 -93.79 -33.76 0.90
CA ILE Y 3 -93.11 -33.69 2.19
C ILE Y 3 -91.89 -34.59 2.10
N ARG Y 4 -90.77 -34.15 2.67
CA ARG Y 4 -89.52 -34.89 2.61
C ARG Y 4 -89.27 -35.66 3.89
N PHE Y 5 -88.38 -36.64 3.82
CA PHE Y 5 -88.10 -37.55 4.93
C PHE Y 5 -86.62 -37.82 5.00
N ILE Y 6 -86.04 -37.65 6.19
CA ILE Y 6 -84.63 -37.93 6.43
C ILE Y 6 -84.51 -39.08 7.42
N THR Y 7 -83.74 -40.09 7.06
CA THR Y 7 -83.62 -41.28 7.89
C THR Y 7 -82.31 -42.00 7.61
N ARG Y 8 -82.13 -43.14 8.24
CA ARG Y 8 -80.97 -43.95 7.96
C ARG Y 8 -81.43 -45.35 7.60
N ASN Y 9 -82.61 -45.74 8.09
CA ASN Y 9 -83.15 -47.04 7.78
C ASN Y 9 -83.65 -46.99 6.38
N ARG Y 10 -83.29 -48.00 5.58
CA ARG Y 10 -83.83 -48.03 4.22
C ARG Y 10 -85.19 -48.71 4.18
N HIS Y 11 -85.44 -49.69 5.05
CA HIS Y 11 -86.72 -50.40 5.03
C HIS Y 11 -87.84 -49.55 5.62
N LYS Y 12 -87.47 -48.56 6.44
CA LYS Y 12 -88.43 -47.58 6.95
C LYS Y 12 -89.04 -46.77 5.83
N ILE Y 13 -88.24 -46.45 4.80
CA ILE Y 13 -88.71 -45.72 3.62
C ILE Y 13 -89.77 -46.53 2.88
N LYS Y 14 -89.54 -47.84 2.71
CA LYS Y 14 -90.50 -48.68 2.01
C LYS Y 14 -91.76 -48.92 2.83
N GLU Y 15 -91.64 -48.99 4.17
CA GLU Y 15 -92.83 -49.09 5.02
C GLU Y 15 -93.69 -47.84 4.95
N ILE Y 16 -93.06 -46.66 5.01
CA ILE Y 16 -93.79 -45.39 4.96
C ILE Y 16 -94.38 -45.17 3.57
N ASN Y 17 -93.69 -45.62 2.53
CA ASN Y 17 -94.22 -45.51 1.17
C ASN Y 17 -95.39 -46.46 0.94
N LYS Y 18 -95.33 -47.67 1.50
CA LYS Y 18 -96.43 -48.61 1.34
C LYS Y 18 -97.63 -48.22 2.20
N ILE Y 19 -97.40 -47.60 3.35
CA ILE Y 19 -98.49 -47.15 4.20
C ILE Y 19 -99.20 -45.95 3.58
N LEU Y 20 -98.43 -44.99 3.05
CA LEU Y 20 -98.99 -43.78 2.46
C LEU Y 20 -99.27 -43.91 0.98
N SER Y 21 -99.36 -45.14 0.46
CA SER Y 21 -99.61 -45.35 -0.95
C SER Y 21 -101.06 -45.08 -1.30
N GLY Y 22 -101.29 -44.29 -2.33
CA GLY Y 22 -102.62 -43.95 -2.77
C GLY Y 22 -103.32 -42.86 -1.97
N THR Y 23 -102.64 -42.27 -0.99
CA THR Y 23 -103.24 -41.22 -0.18
C THR Y 23 -103.37 -39.89 -0.91
N GLY Y 24 -102.39 -39.52 -1.71
CA GLY Y 24 -102.37 -38.21 -2.34
C GLY Y 24 -101.08 -37.49 -2.01
N VAL Y 25 -100.60 -37.66 -0.79
CA VAL Y 25 -99.29 -37.13 -0.40
C VAL Y 25 -98.21 -38.05 -0.94
N VAL Y 26 -97.02 -37.49 -1.16
CA VAL Y 26 -95.86 -38.27 -1.59
C VAL Y 26 -94.69 -37.92 -0.68
N VAL Y 27 -93.74 -38.83 -0.60
CA VAL Y 27 -92.58 -38.69 0.28
C VAL Y 27 -91.32 -38.76 -0.56
N LEU Y 28 -90.49 -37.72 -0.46
CA LEU Y 28 -89.18 -37.69 -1.12
C LEU Y 28 -88.14 -38.01 -0.05
N ALA Y 29 -87.90 -39.29 0.14
CA ALA Y 29 -87.02 -39.73 1.21
C ALA Y 29 -85.56 -39.59 0.83
N SER Y 30 -84.74 -39.24 1.83
CA SER Y 30 -83.31 -39.11 1.66
C SER Y 30 -82.62 -39.81 2.82
N GLU Y 31 -81.38 -40.23 2.58
CA GLU Y 31 -80.61 -40.97 3.58
C GLU Y 31 -79.45 -40.11 4.06
N HIS Y 32 -79.45 -39.79 5.36
CA HIS Y 32 -78.38 -39.00 5.94
C HIS Y 32 -77.85 -39.52 7.27
N SER Y 33 -78.62 -40.32 8.01
CA SER Y 33 -78.27 -40.92 9.31
C SER Y 33 -77.93 -39.85 10.35
N ILE Y 34 -78.98 -39.09 10.71
CA ILE Y 34 -78.84 -38.04 11.72
C ILE Y 34 -78.72 -38.70 13.09
N ASP Y 35 -77.67 -38.31 13.82
CA ASP Y 35 -77.46 -38.81 15.18
C ASP Y 35 -78.47 -38.18 16.14
N GLU Y 36 -78.86 -38.94 17.14
CA GLU Y 36 -79.78 -38.41 18.13
C GLU Y 36 -79.04 -38.10 19.40
N ILE Y 37 -79.79 -37.67 20.41
CA ILE Y 37 -79.19 -37.33 21.69
C ILE Y 37 -79.63 -38.34 22.74
N GLN Y 38 -78.84 -38.50 23.78
CA GLN Y 38 -79.18 -39.49 24.76
C GLN Y 38 -80.05 -38.86 25.80
N THR Y 39 -81.34 -38.74 25.50
CA THR Y 39 -82.27 -38.18 26.46
C THR Y 39 -83.46 -39.07 26.69
N GLU Y 40 -84.14 -38.88 27.81
CA GLU Y 40 -85.27 -39.68 28.14
C GLU Y 40 -86.48 -39.08 27.49
N ASN Y 41 -86.58 -37.76 27.50
CA ASN Y 41 -87.68 -37.08 26.85
C ASN Y 41 -87.63 -37.36 25.38
N VAL Y 42 -88.70 -37.94 24.84
CA VAL Y 42 -88.72 -38.19 23.39
C VAL Y 42 -89.21 -36.98 22.61
N HIS Y 43 -89.85 -36.01 23.29
CA HIS Y 43 -90.26 -34.78 22.62
C HIS Y 43 -89.03 -33.93 22.27
N ALA Y 44 -88.08 -33.80 23.20
CA ALA Y 44 -86.84 -33.10 22.90
C ALA Y 44 -85.98 -33.87 21.91
N LEU Y 45 -86.02 -35.21 22.00
CA LEU Y 45 -85.24 -36.06 21.11
C LEU Y 45 -85.78 -36.02 19.69
N ILE Y 46 -87.09 -35.83 19.52
CA ILE Y 46 -87.60 -35.65 18.16
C ILE Y 46 -87.48 -34.20 17.72
N LYS Y 47 -87.45 -33.26 18.67
CA LYS Y 47 -87.38 -31.84 18.33
C LYS Y 47 -86.01 -31.45 17.80
N ASP Y 48 -84.94 -31.93 18.43
CA ASP Y 48 -83.61 -31.58 17.94
C ASP Y 48 -83.26 -32.34 16.66
N LYS Y 49 -83.80 -33.54 16.49
CA LYS Y 49 -83.54 -34.29 15.26
C LYS Y 49 -84.29 -33.68 14.08
N LEU Y 50 -85.52 -33.19 14.32
CA LEU Y 50 -86.23 -32.44 13.30
C LEU Y 50 -85.57 -31.10 13.02
N LEU Y 51 -84.93 -30.50 14.04
CA LEU Y 51 -84.12 -29.29 13.85
C LEU Y 51 -82.93 -29.55 12.95
N LYS Y 52 -82.23 -30.67 13.15
CA LYS Y 52 -81.09 -31.02 12.31
C LYS Y 52 -81.53 -31.36 10.89
N ALA Y 53 -82.70 -31.99 10.74
CA ALA Y 53 -83.20 -32.29 9.41
C ALA Y 53 -83.68 -31.04 8.68
N PHE Y 54 -84.24 -30.08 9.42
CA PHE Y 54 -84.64 -28.81 8.79
C PHE Y 54 -83.44 -27.95 8.46
N LYS Y 55 -82.38 -28.07 9.25
CA LYS Y 55 -81.11 -27.42 8.89
C LYS Y 55 -80.48 -28.08 7.68
N LEU Y 56 -80.73 -29.38 7.49
CA LEU Y 56 -80.26 -30.07 6.31
C LEU Y 56 -81.06 -29.77 5.05
N VAL Y 57 -82.37 -29.55 5.17
CA VAL Y 57 -83.24 -29.47 4.00
C VAL Y 57 -83.75 -28.05 3.80
N GLY Y 58 -84.41 -27.49 4.80
CA GLY Y 58 -84.99 -26.17 4.68
C GLY Y 58 -86.34 -26.12 4.01
N ARG Y 59 -86.91 -27.27 3.65
CA ARG Y 59 -88.24 -27.41 3.07
C ARG Y 59 -89.09 -28.15 4.10
N PRO Y 60 -90.44 -28.28 3.91
CA PRO Y 60 -91.23 -29.14 4.81
C PRO Y 60 -90.79 -30.60 4.87
N VAL Y 61 -90.39 -31.04 6.05
CA VAL Y 61 -89.77 -32.33 6.27
C VAL Y 61 -90.31 -32.93 7.56
N PHE Y 62 -90.61 -34.23 7.55
CA PHE Y 62 -90.99 -34.95 8.76
C PHE Y 62 -89.90 -35.92 9.15
N VAL Y 63 -89.87 -36.27 10.44
CA VAL Y 63 -88.86 -37.16 11.01
C VAL Y 63 -89.57 -38.15 11.94
N GLU Y 64 -89.29 -39.43 11.72
CA GLU Y 64 -89.83 -40.52 12.52
C GLU Y 64 -88.77 -41.03 13.49
N HIS Y 65 -89.23 -41.49 14.65
CA HIS Y 65 -88.40 -42.24 15.60
C HIS Y 65 -89.23 -43.38 16.18
N THR Y 66 -88.61 -44.54 16.36
CA THR Y 66 -89.28 -45.74 16.90
C THR Y 66 -88.55 -46.25 18.10
N GLY Y 67 -89.29 -46.52 19.16
CA GLY Y 67 -88.69 -46.97 20.41
C GLY Y 67 -89.42 -48.14 21.02
N LEU Y 68 -88.65 -49.14 21.43
CA LEU Y 68 -89.10 -50.26 22.25
C LEU Y 68 -88.97 -49.89 23.71
N TYR Y 69 -89.94 -50.30 24.52
CA TYR Y 69 -89.91 -50.00 25.96
C TYR Y 69 -90.14 -51.30 26.72
N ILE Y 70 -89.06 -51.90 27.20
CA ILE Y 70 -89.12 -53.18 27.89
C ILE Y 70 -89.56 -52.94 29.34
N GLU Y 71 -90.66 -53.56 29.74
CA GLU Y 71 -91.19 -53.35 31.09
C GLU Y 71 -90.34 -54.08 32.12
N SER Y 72 -89.65 -55.15 31.73
CA SER Y 72 -88.75 -55.84 32.65
C SER Y 72 -87.51 -55.02 32.91
N LEU Y 73 -87.09 -54.21 31.93
CA LEU Y 73 -85.91 -53.38 32.07
C LEU Y 73 -86.22 -51.98 32.59
N ASN Y 74 -87.37 -51.83 33.28
CA ASN Y 74 -87.86 -50.60 33.90
C ASN Y 74 -88.05 -49.49 32.85
N GLY Y 75 -88.48 -49.88 31.66
CA GLY Y 75 -88.64 -48.93 30.56
C GLY Y 75 -87.35 -48.33 30.06
N PHE Y 76 -86.30 -49.15 29.89
CA PHE Y 76 -84.99 -48.62 29.53
C PHE Y 76 -84.92 -48.03 28.12
N PRO Y 77 -85.21 -48.76 27.00
CA PRO Y 77 -84.91 -48.15 25.70
C PRO Y 77 -86.00 -47.18 25.27
N GLY Y 78 -85.92 -46.70 24.04
CA GLY Y 78 -86.85 -45.70 23.58
C GLY Y 78 -86.09 -44.40 23.40
N GLY Y 79 -85.71 -44.13 22.17
CA GLY Y 79 -84.76 -43.08 21.88
C GLY Y 79 -83.39 -43.63 21.55
N LEU Y 80 -83.06 -44.79 22.10
CA LEU Y 80 -81.74 -45.39 21.92
C LEU Y 80 -81.85 -46.90 21.71
N THR Y 81 -82.85 -47.32 20.94
CA THR Y 81 -83.02 -48.74 20.66
C THR Y 81 -82.07 -49.16 19.54
N GLN Y 82 -81.68 -48.21 18.70
CA GLN Y 82 -80.78 -48.52 17.59
C GLN Y 82 -79.48 -49.16 18.06
N ILE Y 83 -78.74 -48.46 18.92
CA ILE Y 83 -77.46 -48.98 19.40
C ILE Y 83 -77.66 -50.34 20.08
N PHE Y 84 -78.79 -50.50 20.79
CA PHE Y 84 -79.21 -51.75 21.43
C PHE Y 84 -79.30 -52.89 20.43
N TRP Y 85 -80.06 -52.67 19.35
CA TRP Y 85 -80.22 -53.69 18.32
C TRP Y 85 -78.93 -53.88 17.52
N ASP Y 86 -78.17 -52.80 17.31
CA ASP Y 86 -76.97 -52.90 16.49
C ASP Y 86 -75.84 -53.62 17.24
N LYS Y 87 -75.98 -53.69 18.54
CA LYS Y 87 -74.94 -54.35 19.34
C LYS Y 87 -75.27 -55.79 19.71
N LEU Y 88 -76.48 -56.06 20.19
CA LEU Y 88 -76.74 -57.42 20.66
C LEU Y 88 -77.61 -58.27 19.74
N GLN Y 89 -78.25 -57.68 18.74
CA GLN Y 89 -79.02 -58.31 17.65
C GLN Y 89 -80.17 -59.16 18.22
N ALA Y 90 -80.51 -60.25 17.53
CA ALA Y 90 -81.58 -61.16 17.94
C ALA Y 90 -81.08 -62.32 18.80
N ASP Y 91 -79.79 -62.65 18.71
CA ASP Y 91 -79.26 -63.80 19.44
C ASP Y 91 -79.18 -63.51 20.93
N LYS Y 92 -78.75 -62.30 21.29
CA LYS Y 92 -78.63 -61.91 22.69
C LYS Y 92 -79.78 -61.02 23.12
N PHE Y 93 -80.94 -61.22 22.49
CA PHE Y 93 -82.17 -60.55 22.88
C PHE Y 93 -83.13 -61.50 23.57
N SER Y 94 -83.52 -62.58 22.89
CA SER Y 94 -84.57 -63.46 23.39
C SER Y 94 -84.09 -64.38 24.51
N GLN Y 95 -82.79 -64.62 24.63
CA GLN Y 95 -82.33 -65.58 25.62
C GLN Y 95 -82.25 -64.98 27.01
N LEU Y 96 -82.27 -63.65 27.14
CA LEU Y 96 -82.20 -63.00 28.44
C LEU Y 96 -83.34 -62.02 28.70
N LEU Y 97 -84.15 -61.70 27.69
CA LEU Y 97 -85.31 -60.85 27.87
C LEU Y 97 -86.63 -61.56 27.57
N GLY Y 98 -86.61 -62.58 26.71
CA GLY Y 98 -87.83 -63.34 26.44
C GLY Y 98 -88.13 -64.42 27.46
N THR Y 99 -87.15 -64.80 28.28
CA THR Y 99 -87.31 -65.88 29.25
C THR Y 99 -87.36 -65.37 30.68
N SER Y 100 -87.66 -64.10 30.91
CA SER Y 100 -87.70 -63.55 32.26
C SER Y 100 -89.10 -63.69 32.85
N GLU Y 101 -89.32 -63.02 33.97
CA GLU Y 101 -90.62 -63.05 34.63
C GLU Y 101 -91.65 -62.16 33.94
N ASN Y 102 -91.23 -61.04 33.34
CA ASN Y 102 -92.13 -60.12 32.65
C ASN Y 102 -91.69 -59.90 31.20
N PRO Y 103 -92.04 -60.82 30.28
CA PRO Y 103 -91.96 -60.55 28.84
C PRO Y 103 -92.75 -59.39 28.24
N ARG Y 104 -93.49 -58.59 29.01
CA ARG Y 104 -94.29 -57.51 28.42
C ARG Y 104 -93.40 -56.35 28.01
N LEU Y 105 -93.71 -55.75 26.86
CA LEU Y 105 -93.00 -54.58 26.35
C LEU Y 105 -93.90 -53.83 25.36
N VAL Y 106 -93.70 -52.52 25.26
CA VAL Y 106 -94.52 -51.64 24.44
C VAL Y 106 -93.63 -50.89 23.46
N ALA Y 107 -94.04 -50.85 22.20
CA ALA Y 107 -93.30 -50.22 21.12
C ALA Y 107 -94.02 -48.97 20.66
N LYS Y 108 -93.30 -47.84 20.62
CA LYS Y 108 -93.87 -46.54 20.29
C LYS Y 108 -93.13 -45.93 19.12
N THR Y 109 -93.90 -45.32 18.21
CA THR Y 109 -93.38 -44.51 17.12
C THR Y 109 -93.81 -43.07 17.34
N ILE Y 110 -92.86 -42.14 17.31
CA ILE Y 110 -93.12 -40.71 17.45
C ILE Y 110 -92.65 -40.02 16.17
N ILE Y 111 -93.51 -39.18 15.59
CA ILE Y 111 -93.23 -38.48 14.36
C ILE Y 111 -93.12 -36.99 14.67
N GLY Y 112 -91.99 -36.39 14.28
CA GLY Y 112 -91.82 -34.95 14.35
C GLY Y 112 -91.86 -34.36 12.96
N TYR Y 113 -92.80 -33.45 12.74
CA TYR Y 113 -93.04 -32.86 11.43
C TYR Y 113 -92.85 -31.35 11.49
N CYS Y 114 -92.20 -30.79 10.48
CA CYS Y 114 -92.00 -29.36 10.36
C CYS Y 114 -92.63 -28.89 9.05
N ASP Y 115 -93.53 -27.91 9.15
CA ASP Y 115 -94.21 -27.34 7.99
C ASP Y 115 -93.55 -26.06 7.50
N SER Y 116 -92.25 -25.90 7.81
CA SER Y 116 -91.39 -24.72 7.65
C SER Y 116 -91.83 -23.52 8.49
N MET Y 117 -92.78 -23.69 9.39
CA MET Y 117 -93.16 -22.64 10.34
C MET Y 117 -93.19 -23.14 11.77
N LYS Y 118 -93.69 -24.35 12.01
CA LYS Y 118 -93.88 -24.86 13.36
C LYS Y 118 -93.45 -26.32 13.41
N ILE Y 119 -93.49 -26.89 14.61
CA ILE Y 119 -93.10 -28.26 14.86
C ILE Y 119 -94.30 -29.01 15.41
N TYR Y 120 -94.66 -30.12 14.76
CA TYR Y 120 -95.84 -30.89 15.10
C TYR Y 120 -95.42 -32.31 15.46
N ILE Y 121 -95.93 -32.81 16.58
CA ILE Y 121 -95.50 -34.09 17.13
C ILE Y 121 -96.70 -35.02 17.15
N PHE Y 122 -96.59 -36.17 16.49
CA PHE Y 122 -97.61 -37.19 16.44
C PHE Y 122 -97.02 -38.53 16.89
N GLU Y 123 -97.79 -39.28 17.67
CA GLU Y 123 -97.26 -40.51 18.24
C GLU Y 123 -98.32 -41.61 18.26
N GLY Y 124 -97.85 -42.85 18.27
CA GLY Y 124 -98.72 -44.01 18.38
C GLY Y 124 -97.97 -45.15 19.04
N GLU Y 125 -98.74 -46.05 19.66
CA GLU Y 125 -98.16 -47.13 20.43
C GLU Y 125 -98.95 -48.42 20.26
N THR Y 126 -98.24 -49.55 20.26
CA THR Y 126 -98.83 -50.86 20.47
C THR Y 126 -98.09 -51.59 21.58
N GLN Y 127 -98.83 -52.39 22.33
CA GLN Y 127 -98.25 -53.23 23.37
C GLN Y 127 -98.01 -54.62 22.81
N GLY Y 128 -97.12 -55.37 23.46
CA GLY Y 128 -96.78 -56.67 22.94
C GLY Y 128 -95.91 -57.46 23.89
N THR Y 129 -95.31 -58.52 23.35
CA THR Y 129 -94.57 -59.50 24.11
C THR Y 129 -93.32 -59.88 23.33
N ILE Y 130 -92.21 -60.12 24.04
CA ILE Y 130 -90.97 -60.54 23.40
C ILE Y 130 -91.00 -62.06 23.23
N SER Y 131 -90.65 -62.53 22.02
CA SER Y 131 -90.63 -63.96 21.75
C SER Y 131 -89.47 -64.63 22.47
N PRO Y 132 -89.66 -65.87 22.93
CA PRO Y 132 -88.50 -66.62 23.46
C PRO Y 132 -87.56 -67.11 22.38
N VAL Y 133 -88.07 -67.27 21.15
CA VAL Y 133 -87.26 -67.69 20.01
C VAL Y 133 -87.54 -66.76 18.85
N PRO Y 134 -86.48 -66.23 18.20
CA PRO Y 134 -86.67 -65.42 16.98
C PRO Y 134 -87.32 -66.21 15.87
N LYS Y 135 -88.29 -65.57 15.21
CA LYS Y 135 -89.22 -66.27 14.34
C LYS Y 135 -89.57 -65.40 13.14
N GLY Y 136 -89.41 -65.95 11.95
CA GLY Y 136 -89.76 -65.25 10.74
C GLY Y 136 -88.54 -64.75 9.98
N PRO Y 137 -88.76 -63.88 8.99
CA PRO Y 137 -87.64 -63.28 8.26
C PRO Y 137 -86.87 -62.30 9.14
N ARG Y 138 -85.60 -62.08 8.79
CA ARG Y 138 -84.72 -61.27 9.61
C ARG Y 138 -84.11 -60.12 8.80
N ASP Y 139 -84.94 -59.41 8.05
CA ASP Y 139 -84.49 -58.31 7.21
C ASP Y 139 -84.91 -56.95 7.73
N PHE Y 140 -85.74 -56.88 8.78
CA PHE Y 140 -86.16 -55.61 9.35
C PHE Y 140 -86.02 -55.51 10.86
N GLN Y 141 -84.84 -55.80 11.37
CA GLN Y 141 -84.59 -55.61 12.80
C GLN Y 141 -85.54 -56.34 13.73
N TRP Y 142 -85.92 -55.72 14.83
CA TRP Y 142 -86.76 -56.40 15.81
C TRP Y 142 -88.17 -56.79 15.39
N ASP Y 143 -88.43 -57.03 14.11
CA ASP Y 143 -89.73 -57.54 13.68
C ASP Y 143 -89.86 -59.04 13.94
N CYS Y 144 -88.76 -59.77 13.89
CA CYS Y 144 -88.78 -61.22 14.08
C CYS Y 144 -88.88 -61.65 15.53
N ILE Y 145 -88.79 -60.72 16.48
CA ILE Y 145 -88.86 -61.03 17.90
C ILE Y 145 -90.07 -60.40 18.58
N PHE Y 146 -90.84 -59.58 17.89
CA PHE Y 146 -91.92 -58.81 18.51
C PHE Y 146 -93.26 -59.50 18.26
N ILE Y 147 -93.79 -60.15 19.29
CA ILE Y 147 -95.15 -60.67 19.28
C ILE Y 147 -96.08 -59.55 19.75
N PRO Y 148 -97.03 -59.10 18.93
CA PRO Y 148 -98.02 -58.13 19.42
C PRO Y 148 -99.02 -58.79 20.36
N ASP Y 149 -99.68 -57.97 21.16
CA ASP Y 149 -100.66 -58.46 22.13
C ASP Y 149 -101.92 -58.95 21.42
N GLY Y 150 -102.39 -60.13 21.82
CA GLY Y 150 -103.53 -60.74 21.16
C GLY Y 150 -103.20 -61.51 19.92
N GLU Y 151 -101.93 -61.82 19.68
CA GLU Y 151 -101.51 -62.56 18.50
C GLU Y 151 -100.44 -63.56 18.89
N SER Y 152 -100.18 -64.51 17.98
CA SER Y 152 -99.14 -65.52 18.17
C SER Y 152 -98.10 -65.50 17.06
N GLU Y 153 -98.15 -64.50 16.19
CA GLU Y 153 -97.21 -64.37 15.08
C GLU Y 153 -96.42 -63.09 15.24
N THR Y 154 -95.13 -63.14 14.93
CA THR Y 154 -94.29 -61.95 14.96
C THR Y 154 -94.62 -61.03 13.78
N PHE Y 155 -94.14 -59.79 13.86
CA PHE Y 155 -94.45 -58.81 12.83
C PHE Y 155 -93.74 -59.12 11.52
N ALA Y 156 -92.61 -59.83 11.58
CA ALA Y 156 -91.96 -60.27 10.35
C ALA Y 156 -92.70 -61.44 9.73
N GLU Y 157 -93.19 -62.36 10.55
CA GLU Y 157 -93.85 -63.56 10.05
C GLU Y 157 -95.25 -63.26 9.54
N MET Y 158 -95.91 -62.25 10.11
CA MET Y 158 -97.30 -61.96 9.74
C MET Y 158 -97.40 -61.29 8.37
N GLY Y 159 -96.30 -60.73 7.87
CA GLY Y 159 -96.25 -60.28 6.49
C GLY Y 159 -96.70 -58.85 6.29
N ASP Y 160 -97.47 -58.66 5.22
CA ASP Y 160 -97.89 -57.33 4.82
C ASP Y 160 -99.03 -56.79 5.65
N ARG Y 161 -99.66 -57.61 6.48
CA ARG Y 161 -100.70 -57.13 7.38
C ARG Y 161 -100.14 -56.58 8.68
N LYS Y 162 -98.85 -56.32 8.72
CA LYS Y 162 -98.27 -55.65 9.89
C LYS Y 162 -98.58 -54.17 9.75
N ASN Y 163 -98.67 -53.68 8.51
CA ASN Y 163 -99.02 -52.28 8.30
C ASN Y 163 -100.53 -52.05 8.26
N GLU Y 164 -101.25 -52.57 9.25
CA GLU Y 164 -102.64 -52.19 9.53
C GLU Y 164 -102.93 -52.02 11.02
N ILE Y 165 -102.08 -52.53 11.91
CA ILE Y 165 -102.33 -52.49 13.35
C ILE Y 165 -101.11 -51.95 14.08
N SER Y 166 -100.04 -51.70 13.33
CA SER Y 166 -98.77 -51.31 13.93
C SER Y 166 -98.81 -49.87 14.43
N MET Y 167 -97.90 -49.54 15.35
CA MET Y 167 -97.89 -48.21 15.95
C MET Y 167 -97.52 -47.13 14.96
N ARG Y 168 -96.57 -47.44 14.08
CA ARG Y 168 -96.20 -46.50 13.03
C ARG Y 168 -97.46 -46.16 12.25
N LYS Y 169 -98.31 -47.16 12.01
CA LYS Y 169 -99.56 -46.93 11.28
C LYS Y 169 -100.44 -45.93 12.02
N LYS Y 170 -100.72 -46.19 13.30
CA LYS Y 170 -101.50 -45.25 14.12
C LYS Y 170 -100.92 -43.84 14.08
N ALA Y 171 -99.58 -43.75 14.21
CA ALA Y 171 -98.91 -42.45 14.17
C ALA Y 171 -99.05 -41.79 12.80
N PHE Y 172 -98.94 -42.57 11.73
CA PHE Y 172 -99.11 -42.01 10.40
C PHE Y 172 -100.56 -41.81 10.03
N ASP Y 173 -101.50 -42.45 10.73
CA ASP Y 173 -102.91 -42.12 10.53
C ASP Y 173 -103.23 -40.77 11.13
N LYS Y 174 -102.66 -40.46 12.32
CA LYS Y 174 -102.80 -39.12 12.87
C LYS Y 174 -102.07 -38.08 12.03
N PHE Y 175 -100.91 -38.44 11.48
CA PHE Y 175 -100.17 -37.57 10.57
C PHE Y 175 -100.95 -37.32 9.27
N LYS Y 176 -101.57 -38.36 8.73
CA LYS Y 176 -102.39 -38.24 7.52
C LYS Y 176 -103.65 -37.41 7.79
N GLU Y 177 -104.24 -37.56 8.97
CA GLU Y 177 -105.39 -36.77 9.36
C GLU Y 177 -105.04 -35.30 9.48
N TYR Y 178 -103.84 -34.99 9.99
CA TYR Y 178 -103.40 -33.60 10.02
C TYR Y 178 -103.09 -33.09 8.61
N LEU Y 179 -102.47 -33.92 7.76
CA LEU Y 179 -102.00 -33.43 6.47
C LEU Y 179 -103.16 -33.22 5.49
N LEU Y 180 -104.24 -33.99 5.62
CA LEU Y 180 -105.41 -33.70 4.80
C LEU Y 180 -106.40 -32.78 5.50
N GLU Y 181 -106.28 -32.59 6.83
CA GLU Y 181 -107.15 -31.61 7.47
C GLU Y 181 -106.69 -30.18 7.25
N GLY Y 182 -105.45 -29.97 6.82
CA GLY Y 182 -104.91 -28.65 6.56
C GLY Y 182 -103.80 -28.30 7.51
N GLY Y 183 -103.18 -27.14 7.24
CA GLY Y 183 -102.11 -26.64 8.08
C GLY Y 183 -102.60 -25.90 9.30
N LYS Y 184 -103.24 -26.63 10.22
CA LYS Y 184 -103.90 -26.01 11.36
C LYS Y 184 -103.00 -25.95 12.60
N MET Z 1 -52.40 -24.18 36.76
CA MET Z 1 -53.32 -24.08 35.63
C MET Z 1 -54.77 -24.06 36.10
N ASN Z 2 -55.53 -23.08 35.62
CA ASN Z 2 -56.92 -22.90 36.02
C ASN Z 2 -57.81 -23.40 34.89
N ILE Z 3 -58.31 -24.63 35.03
CA ILE Z 3 -59.07 -25.32 34.00
C ILE Z 3 -60.46 -25.59 34.58
N ARG Z 4 -61.49 -25.41 33.76
CA ARG Z 4 -62.87 -25.58 34.19
C ARG Z 4 -63.41 -26.94 33.78
N PHE Z 5 -64.50 -27.35 34.43
CA PHE Z 5 -65.08 -28.68 34.22
C PHE Z 5 -66.59 -28.57 34.21
N ILE Z 6 -67.23 -29.14 33.20
CA ILE Z 6 -68.68 -29.16 33.08
C ILE Z 6 -69.15 -30.60 33.15
N THR Z 7 -70.10 -30.88 34.03
CA THR Z 7 -70.57 -32.24 34.23
C THR Z 7 -71.98 -32.22 34.81
N ARG Z 8 -72.48 -33.40 35.14
CA ARG Z 8 -73.77 -33.50 35.79
C ARG Z 8 -73.61 -34.31 37.04
N ASN Z 9 -72.62 -35.19 37.07
CA ASN Z 9 -72.37 -36.00 38.24
C ASN Z 9 -71.74 -35.11 39.27
N ARG Z 10 -72.24 -35.17 40.50
CA ARG Z 10 -71.59 -34.38 41.55
C ARG Z 10 -70.43 -35.12 42.18
N HIS Z 11 -70.49 -36.46 42.26
CA HIS Z 11 -69.42 -37.23 42.89
C HIS Z 11 -68.20 -37.32 41.97
N LYS Z 12 -68.40 -37.11 40.67
CA LYS Z 12 -67.31 -37.02 39.71
C LYS Z 12 -66.41 -35.83 40.03
N ILE Z 13 -67.02 -34.72 40.47
CA ILE Z 13 -66.28 -33.52 40.86
C ILE Z 13 -65.38 -33.81 42.05
N LYS Z 14 -65.89 -34.54 43.05
CA LYS Z 14 -65.09 -34.86 44.22
C LYS Z 14 -63.99 -35.87 43.92
N GLU Z 15 -64.26 -36.82 43.00
CA GLU Z 15 -63.22 -37.75 42.57
C GLU Z 15 -62.09 -37.05 41.83
N ILE Z 16 -62.42 -36.13 40.92
CA ILE Z 16 -61.42 -35.40 40.15
C ILE Z 16 -60.65 -34.43 41.05
N ASN Z 17 -61.33 -33.86 42.05
CA ASN Z 17 -60.66 -32.97 43.00
C ASN Z 17 -59.74 -33.73 43.93
N LYS Z 18 -60.13 -34.93 44.36
CA LYS Z 18 -59.26 -35.73 45.22
C LYS Z 18 -58.09 -36.33 44.46
N ILE Z 19 -58.29 -36.64 43.17
CA ILE Z 19 -57.20 -37.18 42.37
C ILE Z 19 -56.18 -36.08 42.06
N LEU Z 20 -56.65 -34.90 41.69
CA LEU Z 20 -55.77 -33.79 41.33
C LEU Z 20 -55.38 -32.92 42.52
N SER Z 21 -55.54 -33.42 43.75
CA SER Z 21 -55.22 -32.64 44.93
C SER Z 21 -53.71 -32.57 45.12
N GLY Z 22 -53.20 -31.35 45.34
CA GLY Z 22 -51.78 -31.13 45.55
C GLY Z 22 -50.94 -31.11 44.29
N THR Z 23 -51.55 -31.21 43.11
CA THR Z 23 -50.80 -31.20 41.86
C THR Z 23 -50.29 -29.82 41.48
N GLY Z 24 -51.08 -28.78 41.71
CA GLY Z 24 -50.74 -27.45 41.26
C GLY Z 24 -51.85 -26.87 40.40
N VAL Z 25 -52.47 -27.72 39.59
CA VAL Z 25 -53.65 -27.33 38.83
C VAL Z 25 -54.86 -27.33 39.75
N VAL Z 26 -55.85 -26.52 39.41
CA VAL Z 26 -57.11 -26.48 40.13
C VAL Z 26 -58.25 -26.60 39.13
N VAL Z 27 -59.41 -27.05 39.61
CA VAL Z 27 -60.57 -27.30 38.77
C VAL Z 27 -61.72 -26.46 39.30
N LEU Z 28 -62.29 -25.63 38.43
CA LEU Z 28 -63.50 -24.86 38.76
C LEU Z 28 -64.68 -25.57 38.12
N ALA Z 29 -65.23 -26.53 38.84
CA ALA Z 29 -66.28 -27.36 38.29
C ALA Z 29 -67.62 -26.66 38.32
N SER Z 30 -68.43 -26.91 37.29
CA SER Z 30 -69.78 -26.37 37.19
C SER Z 30 -70.72 -27.49 36.77
N GLU Z 31 -71.99 -27.34 37.11
CA GLU Z 31 -73.01 -28.34 36.83
C GLU Z 31 -73.98 -27.82 35.79
N HIS Z 32 -74.01 -28.49 34.64
CA HIS Z 32 -74.93 -28.10 33.57
C HIS Z 32 -75.70 -29.25 32.93
N SER Z 33 -75.20 -30.50 33.02
CA SER Z 33 -75.80 -31.72 32.47
C SER Z 33 -75.97 -31.63 30.94
N ILE Z 34 -74.83 -31.59 30.27
CA ILE Z 34 -74.80 -31.54 28.81
C ILE Z 34 -75.21 -32.90 28.26
N ASP Z 35 -76.20 -32.90 27.37
CA ASP Z 35 -76.64 -34.13 26.71
C ASP Z 35 -75.62 -34.60 25.68
N GLU Z 36 -75.51 -35.91 25.54
CA GLU Z 36 -74.60 -36.45 24.55
C GLU Z 36 -75.36 -36.93 23.35
N ILE Z 37 -74.64 -37.50 22.40
CA ILE Z 37 -75.26 -38.02 21.19
C ILE Z 37 -75.17 -39.53 21.18
N GLN Z 38 -76.03 -40.15 20.37
CA GLN Z 38 -76.08 -41.61 20.24
C GLN Z 38 -75.23 -42.05 19.05
N THR Z 39 -73.93 -42.16 19.30
CA THR Z 39 -73.00 -42.61 18.30
C THR Z 39 -72.02 -43.60 18.91
N GLU Z 40 -71.40 -44.40 18.04
CA GLU Z 40 -70.49 -45.44 18.50
C GLU Z 40 -69.09 -44.92 18.70
N ASN Z 41 -68.68 -43.92 17.93
CA ASN Z 41 -67.36 -43.35 18.04
C ASN Z 41 -67.29 -42.44 19.26
N VAL Z 42 -66.50 -42.81 20.26
CA VAL Z 42 -66.40 -42.00 21.47
C VAL Z 42 -65.56 -40.74 21.23
N HIS Z 43 -64.78 -40.70 20.16
CA HIS Z 43 -64.04 -39.49 19.82
C HIS Z 43 -64.99 -38.37 19.38
N ALA Z 44 -65.97 -38.71 18.53
CA ALA Z 44 -66.97 -37.73 18.13
C ALA Z 44 -67.91 -37.39 19.29
N LEU Z 45 -68.19 -38.37 20.15
CA LEU Z 45 -69.05 -38.16 21.31
C LEU Z 45 -68.37 -37.27 22.35
N ILE Z 46 -67.05 -37.32 22.46
CA ILE Z 46 -66.39 -36.39 23.37
C ILE Z 46 -66.12 -35.06 22.67
N LYS Z 47 -66.03 -35.06 21.34
CA LYS Z 47 -65.72 -33.84 20.59
C LYS Z 47 -66.90 -32.89 20.59
N ASP Z 48 -68.11 -33.41 20.35
CA ASP Z 48 -69.27 -32.52 20.33
C ASP Z 48 -69.67 -32.08 21.74
N LYS Z 49 -69.42 -32.91 22.75
CA LYS Z 49 -69.72 -32.51 24.13
C LYS Z 49 -68.74 -31.46 24.62
N LEU Z 50 -67.46 -31.57 24.23
CA LEU Z 50 -66.50 -30.52 24.51
C LEU Z 50 -66.81 -29.25 23.72
N LEU Z 51 -67.37 -29.39 22.51
CA LEU Z 51 -67.85 -28.24 21.75
C LEU Z 51 -68.98 -27.51 22.45
N LYS Z 52 -69.94 -28.27 23.02
CA LYS Z 52 -71.05 -27.66 23.75
C LYS Z 52 -70.57 -27.02 25.05
N ALA Z 53 -69.57 -27.61 25.70
CA ALA Z 53 -69.03 -27.01 26.91
C ALA Z 53 -68.21 -25.77 26.61
N PHE Z 54 -67.50 -25.75 25.48
CA PHE Z 54 -66.76 -24.56 25.09
C PHE Z 54 -67.69 -23.45 24.63
N LYS Z 55 -68.82 -23.82 24.03
CA LYS Z 55 -69.86 -22.84 23.72
C LYS Z 55 -70.51 -22.31 24.99
N LEU Z 56 -70.55 -23.13 26.04
CA LEU Z 56 -71.06 -22.68 27.33
C LEU Z 56 -70.09 -21.78 28.09
N VAL Z 57 -68.78 -22.02 27.97
CA VAL Z 57 -67.82 -21.37 28.85
C VAL Z 57 -66.98 -20.37 28.07
N GLY Z 58 -66.29 -20.84 27.02
CA GLY Z 58 -65.41 -19.98 26.25
C GLY Z 58 -64.03 -19.80 26.83
N ARG Z 59 -63.72 -20.48 27.93
CA ARG Z 59 -62.41 -20.48 28.58
C ARG Z 59 -61.84 -21.89 28.42
N PRO Z 60 -60.56 -22.16 28.78
CA PRO Z 60 -60.07 -23.56 28.80
C PRO Z 60 -60.85 -24.50 29.73
N VAL Z 61 -61.46 -25.53 29.14
CA VAL Z 61 -62.38 -26.42 29.82
C VAL Z 61 -62.11 -27.85 29.35
N PHE Z 62 -62.13 -28.80 30.29
CA PHE Z 62 -62.04 -30.21 29.95
C PHE Z 62 -63.37 -30.89 30.25
N VAL Z 63 -63.61 -32.01 29.55
CA VAL Z 63 -64.82 -32.79 29.66
C VAL Z 63 -64.47 -34.26 29.75
N GLU Z 64 -65.02 -34.93 30.77
CA GLU Z 64 -64.83 -36.36 30.99
C GLU Z 64 -66.06 -37.13 30.54
N HIS Z 65 -65.84 -38.36 30.07
CA HIS Z 65 -66.90 -39.32 29.83
C HIS Z 65 -66.43 -40.69 30.27
N THR Z 66 -67.31 -41.47 30.88
CA THR Z 66 -66.96 -42.78 31.35
C THR Z 66 -67.92 -43.82 30.83
N GLY Z 67 -67.39 -44.93 30.31
CA GLY Z 67 -68.19 -45.96 29.67
C GLY Z 67 -67.80 -47.35 30.10
N LEU Z 68 -68.83 -48.13 30.43
CA LEU Z 68 -68.73 -49.57 30.66
C LEU Z 68 -68.92 -50.29 29.34
N TYR Z 69 -68.14 -51.36 29.13
CA TYR Z 69 -68.24 -52.15 27.89
C TYR Z 69 -68.39 -53.61 28.27
N ILE Z 70 -69.63 -54.10 28.24
CA ILE Z 70 -69.93 -55.48 28.62
C ILE Z 70 -69.59 -56.40 27.46
N GLU Z 71 -68.70 -57.36 27.70
CA GLU Z 71 -68.27 -58.28 26.64
C GLU Z 71 -69.36 -59.29 26.32
N SER Z 72 -70.24 -59.59 27.28
CA SER Z 72 -71.35 -60.49 27.01
C SER Z 72 -72.39 -59.82 26.13
N LEU Z 73 -72.52 -58.49 26.25
CA LEU Z 73 -73.48 -57.74 25.46
C LEU Z 73 -72.90 -57.22 24.15
N ASN Z 74 -71.82 -57.86 23.67
CA ASN Z 74 -71.12 -57.56 22.41
C ASN Z 74 -70.59 -56.11 22.42
N GLY Z 75 -70.14 -55.66 23.59
CA GLY Z 75 -69.66 -54.29 23.74
C GLY Z 75 -70.72 -53.23 23.55
N PHE Z 76 -71.90 -53.43 24.15
CA PHE Z 76 -73.02 -52.51 23.91
C PHE Z 76 -72.81 -51.12 24.51
N PRO Z 77 -72.60 -50.91 25.84
CA PRO Z 77 -72.63 -49.53 26.32
C PRO Z 77 -71.30 -48.82 26.07
N GLY Z 78 -71.15 -47.63 26.60
CA GLY Z 78 -69.97 -46.84 26.34
C GLY Z 78 -70.38 -45.66 25.51
N GLY Z 79 -70.57 -44.52 26.15
CA GLY Z 79 -71.22 -43.39 25.55
C GLY Z 79 -72.64 -43.22 26.04
N LEU Z 80 -73.29 -44.31 26.41
CA LEU Z 80 -74.69 -44.29 26.83
C LEU Z 80 -74.92 -45.20 28.03
N THR Z 81 -73.97 -45.19 28.97
CA THR Z 81 -74.11 -46.01 30.16
C THR Z 81 -75.02 -45.31 31.17
N GLN Z 82 -75.10 -43.99 31.08
CA GLN Z 82 -75.93 -43.22 32.01
C GLN Z 82 -77.38 -43.69 31.97
N ILE Z 83 -78.02 -43.63 30.81
CA ILE Z 83 -79.42 -44.01 30.70
C ILE Z 83 -79.61 -45.46 31.17
N PHE Z 84 -78.63 -46.32 30.88
CA PHE Z 84 -78.58 -47.72 31.33
C PHE Z 84 -78.65 -47.84 32.84
N TRP Z 85 -77.77 -47.11 33.53
CA TRP Z 85 -77.76 -47.14 34.99
C TRP Z 85 -78.97 -46.42 35.57
N ASP Z 86 -79.42 -45.36 34.97
CA ASP Z 86 -80.51 -44.66 35.57
C ASP Z 86 -81.78 -45.41 35.31
N LYS Z 87 -81.70 -46.50 34.55
CA LYS Z 87 -82.89 -47.29 34.35
C LYS Z 87 -82.87 -48.54 35.20
N LEU Z 88 -82.08 -49.54 34.78
CA LEU Z 88 -81.97 -50.80 35.50
C LEU Z 88 -81.37 -50.73 36.89
N GLN Z 89 -80.57 -49.73 37.17
CA GLN Z 89 -79.84 -49.62 38.44
C GLN Z 89 -79.06 -50.88 38.81
N ALA Z 90 -78.92 -51.16 40.11
CA ALA Z 90 -78.15 -52.32 40.54
C ALA Z 90 -78.98 -53.59 40.68
N ASP Z 91 -80.29 -53.46 40.86
CA ASP Z 91 -81.15 -54.62 41.07
C ASP Z 91 -81.30 -55.43 39.79
N LYS Z 92 -81.47 -54.76 38.67
CA LYS Z 92 -81.63 -55.42 37.37
C LYS Z 92 -80.34 -55.37 36.56
N PHE Z 93 -79.21 -55.35 37.27
CA PHE Z 93 -77.90 -55.45 36.64
C PHE Z 93 -77.26 -56.79 36.89
N SER Z 94 -77.07 -57.16 38.16
CA SER Z 94 -76.31 -58.35 38.51
C SER Z 94 -77.09 -59.64 38.30
N GLN Z 95 -78.41 -59.58 38.25
CA GLN Z 95 -79.19 -60.81 38.16
C GLN Z 95 -79.25 -61.35 36.73
N LEU Z 96 -78.93 -60.53 35.73
CA LEU Z 96 -78.97 -60.96 34.34
C LEU Z 96 -77.66 -60.73 33.59
N LEU Z 97 -76.71 -60.01 34.17
CA LEU Z 97 -75.40 -59.84 33.56
C LEU Z 97 -74.27 -60.41 34.40
N GLY Z 98 -74.44 -60.51 35.72
CA GLY Z 98 -73.42 -61.14 36.55
C GLY Z 98 -73.47 -62.65 36.59
N THR Z 99 -74.58 -63.25 36.18
CA THR Z 99 -74.77 -64.69 36.24
C THR Z 99 -74.75 -65.35 34.86
N SER Z 100 -74.18 -64.70 33.86
CA SER Z 100 -74.14 -65.26 32.52
C SER Z 100 -72.87 -66.09 32.32
N GLU Z 101 -72.61 -66.46 31.07
CA GLU Z 101 -71.42 -67.23 30.74
C GLU Z 101 -70.15 -66.38 30.72
N ASN Z 102 -70.24 -65.11 30.34
CA ASN Z 102 -69.08 -64.21 30.29
C ASN Z 102 -69.34 -62.96 31.14
N PRO Z 103 -69.12 -63.04 32.47
CA PRO Z 103 -68.99 -61.85 33.30
C PRO Z 103 -67.90 -60.81 32.99
N ARG Z 104 -67.07 -60.97 31.97
CA ARG Z 104 -66.00 -60.00 31.73
C ARG Z 104 -66.54 -58.71 31.13
N LEU Z 105 -65.99 -57.58 31.57
CA LEU Z 105 -66.35 -56.27 31.06
C LEU Z 105 -65.21 -55.29 31.34
N VAL Z 106 -65.10 -54.28 30.49
CA VAL Z 106 -64.02 -53.30 30.56
C VAL Z 106 -64.62 -51.90 30.66
N ALA Z 107 -64.08 -51.09 31.58
CA ALA Z 107 -64.55 -49.75 31.84
C ALA Z 107 -63.52 -48.73 31.37
N LYS Z 108 -63.95 -47.77 30.56
CA LYS Z 108 -63.06 -46.79 29.95
C LYS Z 108 -63.52 -45.38 30.30
N THR Z 109 -62.55 -44.51 30.61
CA THR Z 109 -62.76 -43.09 30.78
C THR Z 109 -62.03 -42.36 29.67
N ILE Z 110 -62.73 -41.48 28.96
CA ILE Z 110 -62.15 -40.66 27.91
C ILE Z 110 -62.32 -39.19 28.30
N ILE Z 111 -61.24 -38.42 28.21
CA ILE Z 111 -61.23 -37.01 28.59
C ILE Z 111 -61.02 -36.18 27.33
N GLY Z 112 -61.94 -35.24 27.08
CA GLY Z 112 -61.77 -34.27 26.03
C GLY Z 112 -61.46 -32.91 26.62
N TYR Z 113 -60.33 -32.34 26.24
CA TYR Z 113 -59.83 -31.09 26.80
C TYR Z 113 -59.66 -30.07 25.69
N CYS Z 114 -60.08 -28.83 25.97
CA CYS Z 114 -59.92 -27.72 25.05
C CYS Z 114 -59.08 -26.65 25.72
N ASP Z 115 -57.98 -26.25 25.06
CA ASP Z 115 -57.08 -25.22 25.57
C ASP Z 115 -57.38 -23.85 24.97
N SER Z 116 -58.62 -23.65 24.51
CA SER Z 116 -59.17 -22.53 23.73
C SER Z 116 -58.54 -22.38 22.35
N MET Z 117 -57.75 -23.34 21.90
CA MET Z 117 -57.23 -23.37 20.54
C MET Z 117 -57.44 -24.71 19.86
N LYS Z 118 -57.27 -25.82 20.57
CA LYS Z 118 -57.33 -27.15 19.97
C LYS Z 118 -58.10 -28.08 20.90
N ILE Z 119 -58.30 -29.31 20.44
CA ILE Z 119 -59.03 -30.33 21.17
C ILE Z 119 -58.09 -31.50 21.41
N TYR Z 120 -57.93 -31.89 22.67
CA TYR Z 120 -57.00 -32.94 23.07
C TYR Z 120 -57.77 -34.06 23.76
N ILE Z 121 -57.52 -35.29 23.34
CA ILE Z 121 -58.27 -36.45 23.79
C ILE Z 121 -57.33 -37.39 24.53
N PHE Z 122 -57.65 -37.68 25.79
CA PHE Z 122 -56.89 -38.59 26.62
C PHE Z 122 -57.81 -39.67 27.17
N GLU Z 123 -57.33 -40.91 27.20
CA GLU Z 123 -58.18 -42.03 27.59
C GLU Z 123 -57.41 -43.03 28.44
N GLY Z 124 -58.16 -43.79 29.24
CA GLY Z 124 -57.60 -44.86 30.04
C GLY Z 124 -58.65 -45.92 30.29
N GLU Z 125 -58.17 -47.15 30.53
CA GLU Z 125 -59.07 -48.29 30.67
C GLU Z 125 -58.58 -49.23 31.75
N THR Z 126 -59.53 -49.85 32.46
CA THR Z 126 -59.28 -51.02 33.29
C THR Z 126 -60.27 -52.11 32.90
N GLN Z 127 -59.83 -53.36 33.00
CA GLN Z 127 -60.67 -54.51 32.78
C GLN Z 127 -61.18 -55.02 34.12
N GLY Z 128 -62.28 -55.77 34.07
CA GLY Z 128 -62.86 -56.23 35.32
C GLY Z 128 -63.97 -57.23 35.10
N THR Z 129 -64.75 -57.43 36.16
CA THR Z 129 -65.78 -58.46 36.22
C THR Z 129 -67.00 -57.89 36.92
N ILE Z 130 -68.20 -58.29 36.47
CA ILE Z 130 -69.44 -57.85 37.11
C ILE Z 130 -69.74 -58.78 38.28
N SER Z 131 -70.07 -58.18 39.42
CA SER Z 131 -70.40 -58.96 40.61
C SER Z 131 -71.75 -59.66 40.44
N PRO Z 132 -71.91 -60.87 40.99
CA PRO Z 132 -73.24 -61.48 41.02
C PRO Z 132 -74.17 -60.85 42.04
N VAL Z 133 -73.60 -60.23 43.08
CA VAL Z 133 -74.38 -59.54 44.12
C VAL Z 133 -73.77 -58.16 44.34
N PRO Z 134 -74.60 -57.11 44.33
CA PRO Z 134 -74.12 -55.76 44.65
C PRO Z 134 -73.56 -55.68 46.06
N LYS Z 135 -72.41 -55.02 46.19
CA LYS Z 135 -71.60 -55.12 47.39
C LYS Z 135 -70.94 -53.78 47.68
N GLY Z 136 -71.12 -53.29 48.90
CA GLY Z 136 -70.49 -52.05 49.32
C GLY Z 136 -71.48 -50.90 49.40
N PRO Z 137 -70.98 -49.68 49.54
CA PRO Z 137 -71.86 -48.50 49.54
C PRO Z 137 -72.45 -48.25 48.16
N ARG Z 138 -73.59 -47.57 48.14
CA ARG Z 138 -74.34 -47.37 46.91
C ARG Z 138 -74.58 -45.90 46.63
N ASP Z 139 -73.54 -45.07 46.76
CA ASP Z 139 -73.64 -43.64 46.56
C ASP Z 139 -72.96 -43.16 45.29
N PHE Z 140 -72.24 -44.04 44.57
CA PHE Z 140 -71.59 -43.66 43.32
C PHE Z 140 -71.85 -44.59 42.16
N GLN Z 141 -73.12 -44.87 41.87
CA GLN Z 141 -73.45 -45.66 40.70
C GLN Z 141 -72.78 -47.03 40.62
N TRP Z 142 -72.38 -47.45 39.44
CA TRP Z 142 -71.83 -48.79 39.28
C TRP Z 142 -70.50 -49.10 40.00
N ASP Z 143 -70.18 -48.44 41.10
CA ASP Z 143 -69.01 -48.80 41.89
C ASP Z 143 -69.25 -50.04 42.75
N CYS Z 144 -70.49 -50.25 43.19
CA CYS Z 144 -70.83 -51.37 44.05
C CYS Z 144 -70.96 -52.69 43.32
N ILE Z 145 -70.92 -52.68 41.98
CA ILE Z 145 -71.06 -53.89 41.19
C ILE Z 145 -69.82 -54.22 40.37
N PHE Z 146 -68.81 -53.36 40.38
CA PHE Z 146 -67.65 -53.51 39.51
C PHE Z 146 -66.49 -54.12 40.29
N ILE Z 147 -66.22 -55.40 40.05
CA ILE Z 147 -65.02 -56.07 40.55
C ILE Z 147 -63.90 -55.84 39.53
N PRO Z 148 -62.80 -55.19 39.89
CA PRO Z 148 -61.67 -55.09 38.97
C PRO Z 148 -60.94 -56.42 38.85
N ASP Z 149 -60.18 -56.57 37.76
CA ASP Z 149 -59.45 -57.81 37.51
C ASP Z 149 -58.28 -57.95 38.47
N GLY Z 150 -58.13 -59.14 39.05
CA GLY Z 150 -57.11 -59.37 40.05
C GLY Z 150 -57.49 -58.96 41.45
N GLU Z 151 -58.77 -58.71 41.71
CA GLU Z 151 -59.23 -58.31 43.02
C GLU Z 151 -60.55 -59.01 43.33
N SER Z 152 -60.94 -58.98 44.60
CA SER Z 152 -62.19 -59.56 45.07
C SER Z 152 -63.09 -58.54 45.75
N GLU Z 153 -62.72 -57.25 45.70
CA GLU Z 153 -63.50 -56.18 46.31
C GLU Z 153 -63.98 -55.23 45.24
N THR Z 154 -65.21 -54.76 45.37
CA THR Z 154 -65.75 -53.76 44.44
C THR Z 154 -65.09 -52.41 44.69
N PHE Z 155 -65.28 -51.49 43.73
CA PHE Z 155 -64.65 -50.18 43.83
C PHE Z 155 -65.29 -49.31 44.92
N ALA Z 156 -66.55 -49.58 45.25
CA ALA Z 156 -67.17 -48.88 46.37
C ALA Z 156 -66.67 -49.43 47.71
N GLU Z 157 -66.48 -50.75 47.79
CA GLU Z 157 -66.08 -51.37 49.05
C GLU Z 157 -64.60 -51.15 49.33
N MET Z 158 -63.78 -51.00 48.28
CA MET Z 158 -62.33 -50.87 48.48
C MET Z 158 -61.95 -49.49 49.01
N GLY Z 159 -62.83 -48.51 48.89
CA GLY Z 159 -62.65 -47.24 49.56
C GLY Z 159 -61.86 -46.22 48.76
N ASP Z 160 -60.97 -45.53 49.47
CA ASP Z 160 -60.22 -44.43 48.88
C ASP Z 160 -59.06 -44.91 48.02
N ARG Z 161 -58.73 -46.20 48.06
CA ARG Z 161 -57.69 -46.73 47.18
C ARG Z 161 -58.23 -47.11 45.81
N LYS Z 162 -59.43 -46.66 45.48
CA LYS Z 162 -59.94 -46.87 44.13
C LYS Z 162 -59.27 -45.84 43.22
N ASN Z 163 -58.96 -44.67 43.78
CA ASN Z 163 -58.28 -43.64 43.01
C ASN Z 163 -56.76 -43.81 43.01
N GLU Z 164 -56.28 -45.02 42.74
CA GLU Z 164 -54.88 -45.28 42.41
C GLU Z 164 -54.69 -46.25 41.26
N ILE Z 165 -55.71 -47.02 40.87
CA ILE Z 165 -55.60 -48.05 39.85
C ILE Z 165 -56.73 -47.89 38.84
N SER Z 166 -57.63 -46.95 39.10
CA SER Z 166 -58.84 -46.81 38.28
C SER Z 166 -58.50 -46.18 36.93
N MET Z 167 -59.39 -46.37 35.96
CA MET Z 167 -59.14 -45.87 34.60
C MET Z 167 -59.16 -44.36 34.54
N ARG Z 168 -60.06 -43.74 35.29
CA ARG Z 168 -60.09 -42.29 35.36
C ARG Z 168 -58.74 -41.81 35.81
N LYS Z 169 -58.12 -42.53 36.74
CA LYS Z 169 -56.79 -42.15 37.22
C LYS Z 169 -55.77 -42.19 36.09
N LYS Z 170 -55.69 -43.31 35.38
CA LYS Z 170 -54.79 -43.42 34.22
C LYS Z 170 -55.03 -42.30 33.22
N ALA Z 171 -56.31 -42.01 32.93
CA ALA Z 171 -56.64 -40.93 32.01
C ALA Z 171 -56.23 -39.56 32.54
N PHE Z 172 -56.42 -39.34 33.84
CA PHE Z 172 -55.99 -38.08 34.43
C PHE Z 172 -54.50 -38.02 34.69
N ASP Z 173 -53.81 -39.16 34.72
CA ASP Z 173 -52.36 -39.14 34.76
C ASP Z 173 -51.79 -38.70 33.44
N LYS Z 174 -52.37 -39.17 32.33
CA LYS Z 174 -51.97 -38.67 31.01
C LYS Z 174 -52.36 -37.20 30.83
N PHE Z 175 -53.52 -36.80 31.37
CA PHE Z 175 -53.95 -35.40 31.35
C PHE Z 175 -53.01 -34.51 32.18
N LYS Z 176 -52.60 -35.00 33.35
CA LYS Z 176 -51.66 -34.27 34.20
C LYS Z 176 -50.29 -34.18 33.57
N GLU Z 177 -49.86 -35.25 32.87
CA GLU Z 177 -48.59 -35.24 32.16
C GLU Z 177 -48.60 -34.22 31.02
N TYR Z 178 -49.74 -34.09 30.33
CA TYR Z 178 -49.84 -33.05 29.31
C TYR Z 178 -49.89 -31.66 29.94
N LEU Z 179 -50.60 -31.50 31.05
CA LEU Z 179 -50.81 -30.16 31.60
C LEU Z 179 -49.56 -29.61 32.28
N LEU Z 180 -48.70 -30.48 32.82
CA LEU Z 180 -47.42 -29.99 33.32
C LEU Z 180 -46.31 -30.07 32.27
N GLU Z 181 -46.51 -30.82 31.18
CA GLU Z 181 -45.51 -30.81 30.11
C GLU Z 181 -45.59 -29.56 29.25
N GLY Z 182 -46.71 -28.84 29.30
CA GLY Z 182 -46.89 -27.61 28.53
C GLY Z 182 -47.98 -27.77 27.49
N GLY Z 183 -48.28 -26.65 26.83
CA GLY Z 183 -49.28 -26.64 25.78
C GLY Z 183 -48.74 -27.10 24.43
N LYS Z 184 -48.39 -28.37 24.33
CA LYS Z 184 -47.71 -28.90 23.15
C LYS Z 184 -48.69 -29.49 22.13
N MET AA 1 -85.20 61.05 5.55
CA MET AA 1 -84.46 60.15 4.68
C MET AA 1 -82.95 60.37 4.82
N ASN AA 2 -82.21 59.28 5.04
CA ASN AA 2 -80.77 59.34 5.26
C ASN AA 2 -80.08 58.88 3.99
N ILE AA 3 -79.63 59.85 3.18
CA ILE AA 3 -79.07 59.58 1.86
C ILE AA 3 -77.63 60.10 1.89
N ARG AA 4 -76.72 59.34 1.28
CA ARG AA 4 -75.30 59.68 1.28
C ARG AA 4 -74.90 60.36 -0.02
N PHE AA 5 -73.75 61.04 0.01
CA PHE AA 5 -73.28 61.83 -1.12
C PHE AA 5 -71.78 61.66 -1.27
N ILE AA 6 -71.33 61.33 -2.47
CA ILE AA 6 -69.91 61.17 -2.78
C ILE AA 6 -69.51 62.25 -3.78
N THR AA 7 -68.46 63.00 -3.47
CA THR AA 7 -68.03 64.10 -4.32
C THR AA 7 -66.55 64.39 -4.10
N ARG AA 8 -66.08 65.45 -4.74
CA ARG AA 8 -64.71 65.88 -4.52
C ARG AA 8 -64.74 67.34 -4.15
N ASN AA 9 -65.76 68.06 -4.59
CA ASN AA 9 -65.87 69.46 -4.26
C ASN AA 9 -66.31 69.55 -2.84
N ARG AA 10 -65.63 70.40 -2.05
CA ARG AA 10 -66.07 70.59 -0.67
C ARG AA 10 -67.18 71.63 -0.57
N HIS AA 11 -67.17 72.66 -1.43
CA HIS AA 11 -68.18 73.70 -1.35
C HIS AA 11 -69.52 73.22 -1.90
N LYS AA 12 -69.50 72.17 -2.73
CA LYS AA 12 -70.72 71.52 -3.19
C LYS AA 12 -71.50 70.92 -2.03
N ILE AA 13 -70.78 70.37 -1.04
CA ILE AA 13 -71.38 69.81 0.17
C ILE AA 13 -72.12 70.89 0.95
N LYS AA 14 -71.52 72.08 1.09
CA LYS AA 14 -72.14 73.15 1.83
C LYS AA 14 -73.33 73.76 1.07
N GLU AA 15 -73.24 73.79 -0.26
CA GLU AA 15 -74.39 74.25 -1.06
C GLU AA 15 -75.58 73.30 -0.96
N ILE AA 16 -75.32 71.99 -1.03
CA ILE AA 16 -76.39 71.00 -0.94
C ILE AA 16 -76.97 70.96 0.48
N ASN AA 17 -76.12 71.18 1.49
CA ASN AA 17 -76.59 71.21 2.87
C ASN AA 17 -77.43 72.45 3.15
N LYS AA 18 -77.04 73.61 2.57
CA LYS AA 18 -77.81 74.82 2.78
C LYS AA 18 -79.10 74.81 1.99
N ILE AA 19 -79.11 74.16 0.83
CA ILE AA 19 -80.34 74.06 0.03
C ILE AA 19 -81.33 73.11 0.69
N LEU AA 20 -80.86 71.96 1.18
CA LEU AA 20 -81.71 70.96 1.79
C LEU AA 20 -81.89 71.17 3.30
N SER AA 21 -81.57 72.36 3.81
CA SER AA 21 -81.68 72.62 5.25
C SER AA 21 -83.15 72.78 5.65
N GLY AA 22 -83.55 72.08 6.70
CA GLY AA 22 -84.90 72.16 7.20
C GLY AA 22 -85.92 71.32 6.44
N THR AA 23 -85.50 70.56 5.43
CA THR AA 23 -86.41 69.75 4.65
C THR AA 23 -86.90 68.52 5.39
N GLY AA 24 -86.03 67.87 6.15
CA GLY AA 24 -86.36 66.61 6.78
C GLY AA 24 -85.36 65.54 6.41
N VAL AA 25 -84.91 65.56 5.16
CA VAL AA 25 -83.83 64.68 4.72
C VAL AA 25 -82.50 65.24 5.20
N VAL AA 26 -81.53 64.35 5.37
CA VAL AA 26 -80.17 64.74 5.74
C VAL AA 26 -79.21 64.07 4.78
N VAL AA 27 -78.02 64.67 4.65
CA VAL AA 27 -77.00 64.20 3.72
C VAL AA 27 -75.74 63.89 4.50
N LEU AA 28 -75.26 62.65 4.37
CA LEU AA 28 -73.98 62.23 4.96
C LEU AA 28 -72.94 62.23 3.85
N ALA AA 29 -72.35 63.40 3.63
CA ALA AA 29 -71.43 63.57 2.53
C ALA AA 29 -70.06 63.00 2.84
N SER AA 30 -69.43 62.42 1.81
CA SER AA 30 -68.09 61.88 1.92
C SER AA 30 -67.27 62.35 0.72
N GLU AA 31 -65.96 62.39 0.88
CA GLU AA 31 -65.05 62.88 -0.14
C GLU AA 31 -64.22 61.72 -0.68
N HIS AA 32 -64.37 61.42 -1.96
CA HIS AA 32 -63.61 60.36 -2.59
C HIS AA 32 -63.01 60.72 -3.94
N SER AA 33 -63.55 61.72 -4.65
CA SER AA 33 -63.10 62.20 -5.97
C SER AA 33 -63.14 61.08 -7.02
N ILE AA 34 -64.37 60.66 -7.32
CA ILE AA 34 -64.61 59.64 -8.33
C ILE AA 34 -64.35 60.23 -9.71
N ASP AA 35 -63.50 59.56 -10.50
CA ASP AA 35 -63.22 59.98 -11.86
C ASP AA 35 -64.40 59.68 -12.78
N GLU AA 36 -64.60 60.54 -13.76
CA GLU AA 36 -65.68 60.31 -14.70
C GLU AA 36 -65.12 59.81 -16.01
N ILE AA 37 -66.01 59.62 -16.96
CA ILE AA 37 -65.60 59.13 -18.28
C ILE AA 37 -65.77 60.24 -19.31
N GLN AA 38 -65.03 60.16 -20.39
CA GLN AA 38 -65.09 61.22 -21.35
C GLN AA 38 -66.16 60.88 -22.34
N THR AA 39 -67.41 61.15 -21.98
CA THR AA 39 -68.51 60.89 -22.91
C THR AA 39 -69.39 62.10 -23.08
N GLU AA 40 -70.14 62.12 -24.18
CA GLU AA 40 -71.00 63.22 -24.46
C GLU AA 40 -72.30 63.00 -23.74
N ASN AA 41 -72.78 61.76 -23.74
CA ASN AA 41 -74.01 61.44 -23.04
C ASN AA 41 -73.82 61.67 -21.58
N VAL AA 42 -74.64 62.53 -20.99
CA VAL AA 42 -74.52 62.77 -19.55
C VAL AA 42 -75.31 61.75 -18.74
N HIS AA 43 -76.23 61.02 -19.37
CA HIS AA 43 -76.95 59.95 -18.68
C HIS AA 43 -76.02 58.79 -18.38
N ALA AA 44 -75.19 58.39 -19.35
CA ALA AA 44 -74.20 57.35 -19.11
C ALA AA 44 -73.10 57.83 -18.17
N LEU AA 45 -72.75 59.12 -18.26
CA LEU AA 45 -71.72 59.70 -17.41
C LEU AA 45 -72.19 59.81 -15.97
N ILE AA 46 -73.48 60.00 -15.74
CA ILE AA 46 -73.95 59.98 -14.36
C ILE AA 46 -74.25 58.55 -13.92
N LYS AA 47 -74.54 57.64 -14.86
CA LYS AA 47 -74.88 56.27 -14.51
C LYS AA 47 -73.66 55.49 -14.04
N ASP AA 48 -72.52 55.64 -14.73
CA ASP AA 48 -71.34 54.91 -14.30
C ASP AA 48 -70.72 55.51 -13.03
N LYS AA 49 -70.87 56.83 -12.85
CA LYS AA 49 -70.35 57.45 -11.64
C LYS AA 49 -71.19 57.09 -10.42
N LEU AA 50 -72.52 56.98 -10.60
CA LEU AA 50 -73.37 56.47 -9.54
C LEU AA 50 -73.12 54.97 -9.30
N LEU AA 51 -72.73 54.23 -10.34
CA LEU AA 51 -72.31 52.84 -10.16
C LEU AA 51 -71.06 52.73 -9.32
N LYS AA 52 -70.07 53.60 -9.57
CA LYS AA 52 -68.84 53.58 -8.78
C LYS AA 52 -69.08 54.03 -7.35
N ALA AA 53 -70.01 54.96 -7.15
CA ALA AA 53 -70.35 55.40 -5.79
C ALA AA 53 -71.13 54.33 -5.04
N PHE AA 54 -72.00 53.58 -5.74
CA PHE AA 54 -72.72 52.50 -5.10
C PHE AA 54 -71.81 51.32 -4.81
N LYS AA 55 -70.79 51.11 -5.66
CA LYS AA 55 -69.77 50.12 -5.35
C LYS AA 55 -68.91 50.57 -4.17
N LEU AA 56 -68.76 51.87 -3.98
CA LEU AA 56 -68.04 52.38 -2.82
C LEU AA 56 -68.85 52.32 -1.53
N VAL AA 57 -70.17 52.50 -1.59
CA VAL AA 57 -70.97 52.67 -0.38
C VAL AA 57 -71.86 51.46 -0.13
N GLY AA 58 -72.70 51.13 -1.11
CA GLY AA 58 -73.64 50.04 -0.95
C GLY AA 58 -74.92 50.38 -0.23
N ARG AA 59 -75.10 51.65 0.15
CA ARG AA 59 -76.30 52.16 0.80
C ARG AA 59 -76.95 53.13 -0.20
N PRO AA 60 -78.19 53.65 0.05
CA PRO AA 60 -78.73 54.71 -0.82
C PRO AA 60 -77.88 55.98 -0.90
N VAL AA 61 -77.43 56.28 -2.11
CA VAL AA 61 -76.46 57.35 -2.36
C VAL AA 61 -76.86 58.08 -3.63
N PHE AA 62 -76.76 59.42 -3.61
CA PHE AA 62 -76.97 60.22 -4.80
C PHE AA 62 -75.66 60.83 -5.24
N VAL AA 63 -75.59 61.16 -6.54
CA VAL AA 63 -74.39 61.73 -7.16
C VAL AA 63 -74.81 62.89 -8.06
N GLU AA 64 -74.16 64.04 -7.86
CA GLU AA 64 -74.40 65.24 -8.64
C GLU AA 64 -73.29 65.42 -9.67
N HIS AA 65 -73.64 66.01 -10.81
CA HIS AA 65 -72.67 66.49 -11.80
C HIS AA 65 -73.15 67.82 -12.34
N THR AA 66 -72.22 68.76 -12.56
CA THR AA 66 -72.54 70.11 -13.07
C THR AA 66 -71.75 70.39 -14.31
N GLY AA 67 -72.42 70.87 -15.35
CA GLY AA 67 -71.77 71.13 -16.61
C GLY AA 67 -72.16 72.47 -17.21
N LEU AA 68 -71.14 73.20 -17.65
CA LEU AA 68 -71.28 74.41 -18.45
C LEU AA 68 -71.32 74.02 -19.92
N TYR AA 69 -72.17 74.71 -20.69
CA TYR AA 69 -72.30 74.42 -22.12
C TYR AA 69 -72.17 75.75 -22.88
N ILE AA 70 -70.98 76.01 -23.41
CA ILE AA 70 -70.70 77.25 -24.11
C ILE AA 70 -71.24 77.16 -25.53
N GLU AA 71 -72.14 78.08 -25.88
CA GLU AA 71 -72.77 78.05 -27.21
C GLU AA 71 -71.79 78.50 -28.29
N SER AA 72 -70.80 79.32 -27.92
CA SER AA 72 -69.79 79.73 -28.88
C SER AA 72 -68.85 78.57 -29.21
N LEU AA 73 -68.64 77.68 -28.24
CA LEU AA 73 -67.76 76.53 -28.43
C LEU AA 73 -68.50 75.30 -28.93
N ASN AA 74 -69.67 75.50 -29.56
CA ASN AA 74 -70.52 74.46 -30.15
C ASN AA 74 -70.98 73.45 -29.09
N GLY AA 75 -71.22 73.94 -27.87
CA GLY AA 75 -71.61 73.08 -26.76
C GLY AA 75 -70.54 72.11 -26.33
N PHE AA 76 -69.29 72.59 -26.21
CA PHE AA 76 -68.17 71.69 -25.90
C PHE AA 76 -68.22 71.10 -24.50
N PRO AA 77 -68.22 71.87 -23.36
CA PRO AA 77 -68.06 71.18 -22.09
C PRO AA 77 -69.36 70.59 -21.59
N GLY AA 78 -69.37 70.08 -20.38
CA GLY AA 78 -70.53 69.39 -19.85
C GLY AA 78 -70.18 67.93 -19.71
N GLY AA 79 -69.85 67.55 -18.50
CA GLY AA 79 -69.23 66.27 -18.25
C GLY AA 79 -67.75 66.38 -17.98
N LEU AA 80 -67.11 67.40 -18.55
CA LEU AA 80 -65.67 67.60 -18.44
C LEU AA 80 -65.31 69.06 -18.22
N THR AA 81 -66.11 69.75 -17.41
CA THR AA 81 -65.84 71.15 -17.13
C THR AA 81 -64.77 71.27 -16.07
N GLN AA 82 -64.63 70.24 -15.24
CA GLN AA 82 -63.64 70.27 -14.18
C GLN AA 82 -62.23 70.49 -14.72
N ILE AA 83 -61.77 69.61 -15.60
CA ILE AA 83 -60.42 69.73 -16.14
C ILE AA 83 -60.24 71.10 -16.81
N PHE AA 84 -61.30 71.59 -17.47
CA PHE AA 84 -61.35 72.92 -18.10
C PHE AA 84 -61.07 74.04 -17.11
N TRP AA 85 -61.81 74.03 -15.98
CA TRP AA 85 -61.60 75.04 -14.96
C TRP AA 85 -60.29 74.84 -14.22
N ASP AA 86 -59.87 73.58 -14.04
CA ASP AA 86 -58.66 73.32 -13.28
C ASP AA 86 -57.41 73.67 -14.08
N LYS AA 87 -57.56 73.80 -15.38
CA LYS AA 87 -56.43 74.13 -16.22
C LYS AA 87 -56.34 75.61 -16.58
N LEU AA 88 -57.43 76.23 -17.02
CA LEU AA 88 -57.30 77.60 -17.48
C LEU AA 88 -57.84 78.66 -16.52
N GLN AA 89 -58.58 78.27 -15.48
CA GLN AA 89 -59.07 79.10 -14.37
C GLN AA 89 -59.95 80.25 -14.89
N ALA AA 90 -59.93 81.39 -14.19
CA ALA AA 90 -60.69 82.58 -14.56
C ALA AA 90 -59.92 83.55 -15.45
N ASP AA 91 -58.58 83.49 -15.41
CA ASP AA 91 -57.78 84.43 -16.18
C ASP AA 91 -57.85 84.14 -17.68
N LYS AA 92 -57.80 82.87 -18.04
CA LYS AA 92 -57.87 82.46 -19.45
C LYS AA 92 -59.26 81.96 -19.81
N PHE AA 93 -60.27 82.49 -19.13
CA PHE AA 93 -61.66 82.21 -19.47
C PHE AA 93 -62.33 83.40 -20.11
N SER AA 94 -62.36 84.55 -19.43
CA SER AA 94 -63.12 85.69 -19.88
C SER AA 94 -62.45 86.45 -21.02
N GLN AA 95 -61.14 86.29 -21.20
CA GLN AA 95 -60.45 87.08 -22.21
C GLN AA 95 -60.62 86.50 -23.62
N LEU AA 96 -61.04 85.24 -23.73
CA LEU AA 96 -61.23 84.60 -25.03
C LEU AA 96 -62.61 84.00 -25.23
N LEU AA 97 -63.43 83.93 -24.18
CA LEU AA 97 -64.81 83.47 -24.31
C LEU AA 97 -65.84 84.52 -23.94
N GLY AA 98 -65.49 85.49 -23.09
CA GLY AA 98 -66.40 86.57 -22.78
C GLY AA 98 -66.43 87.70 -23.78
N THR AA 99 -65.41 87.78 -24.65
CA THR AA 99 -65.30 88.87 -25.62
C THR AA 99 -65.55 88.42 -27.05
N SER AA 100 -66.23 87.29 -27.25
CA SER AA 100 -66.49 86.78 -28.59
C SER AA 100 -67.81 87.34 -29.11
N GLU AA 101 -68.28 86.77 -30.23
CA GLU AA 101 -69.54 87.18 -30.82
C GLU AA 101 -70.75 86.63 -30.08
N ASN AA 102 -70.64 85.43 -29.50
CA ASN AA 102 -71.74 84.81 -28.76
C ASN AA 102 -71.32 84.46 -27.33
N PRO AA 103 -71.34 85.43 -26.40
CA PRO AA 103 -71.29 85.14 -24.97
C PRO AA 103 -72.35 84.25 -24.33
N ARG AA 104 -73.33 83.72 -25.06
CA ARG AA 104 -74.37 82.92 -24.41
C ARG AA 104 -73.86 81.53 -24.05
N LEU AA 105 -74.28 81.04 -22.87
CA LEU AA 105 -73.92 79.71 -22.39
C LEU AA 105 -74.96 79.26 -21.36
N VAL AA 106 -75.13 77.94 -21.27
CA VAL AA 106 -76.14 77.34 -20.41
C VAL AA 106 -75.46 76.36 -19.46
N ALA AA 107 -75.82 76.43 -18.18
CA ALA AA 107 -75.25 75.60 -17.13
C ALA AA 107 -76.28 74.61 -16.63
N LYS AA 108 -75.93 73.33 -16.62
CA LYS AA 108 -76.84 72.25 -16.26
C LYS AA 108 -76.26 71.43 -15.11
N THR AA 109 -77.12 71.06 -14.16
CA THR AA 109 -76.82 70.12 -13.09
C THR AA 109 -77.67 68.88 -13.29
N ILE AA 110 -77.03 67.72 -13.30
CA ILE AA 110 -77.71 66.44 -13.41
C ILE AA 110 -77.40 65.62 -12.15
N ILE AA 111 -78.45 65.07 -11.54
CA ILE AA 111 -78.33 64.30 -10.31
C ILE AA 111 -78.67 62.85 -10.61
N GLY AA 112 -77.75 61.94 -10.28
CA GLY AA 112 -78.03 60.52 -10.35
C GLY AA 112 -78.16 59.96 -8.95
N TYR AA 113 -79.32 59.36 -8.69
CA TYR AA 113 -79.67 58.85 -7.36
C TYR AA 113 -79.93 57.36 -7.42
N CYS AA 114 -79.41 56.63 -6.44
CA CYS AA 114 -79.66 55.19 -6.32
C CYS AA 114 -80.33 54.92 -4.99
N ASP AA 115 -81.48 54.24 -5.04
CA ASP AA 115 -82.25 53.90 -3.84
C ASP AA 115 -81.97 52.48 -3.37
N SER AA 116 -80.80 51.94 -3.74
CA SER AA 116 -80.31 50.56 -3.61
C SER AA 116 -81.12 49.54 -4.42
N MET AA 117 -82.03 49.99 -5.29
CA MET AA 117 -82.74 49.11 -6.21
C MET AA 117 -82.68 49.60 -7.65
N LYS AA 118 -82.82 50.92 -7.87
CA LYS AA 118 -82.91 51.47 -9.21
C LYS AA 118 -82.07 52.73 -9.29
N ILE AA 119 -82.00 53.31 -10.49
CA ILE AA 119 -81.22 54.51 -10.77
C ILE AA 119 -82.18 55.58 -11.25
N TYR AA 120 -82.18 56.73 -10.59
CA TYR AA 120 -83.09 57.82 -10.89
C TYR AA 120 -82.29 59.06 -11.26
N ILE AA 121 -82.67 59.70 -12.37
CA ILE AA 121 -81.91 60.80 -12.95
C ILE AA 121 -82.79 62.05 -12.93
N PHE AA 122 -82.31 63.10 -12.27
CA PHE AA 122 -82.99 64.38 -12.18
C PHE AA 122 -82.05 65.47 -12.66
N GLU AA 123 -82.59 66.44 -13.42
CA GLU AA 123 -81.75 67.46 -14.01
C GLU AA 123 -82.44 68.82 -13.99
N GLY AA 124 -81.62 69.87 -14.04
CA GLY AA 124 -82.13 71.23 -14.11
C GLY AA 124 -81.11 72.11 -14.81
N GLU AA 125 -81.61 73.20 -15.40
CA GLU AA 125 -80.75 74.07 -16.20
C GLU AA 125 -81.14 75.54 -16.00
N THR AA 126 -80.13 76.40 -16.05
CA THR AA 126 -80.31 77.84 -16.22
C THR AA 126 -79.45 78.31 -17.38
N GLN AA 127 -79.94 79.31 -18.10
CA GLN AA 127 -79.20 79.95 -19.16
C GLN AA 127 -78.52 81.20 -18.62
N GLY AA 128 -77.49 81.66 -19.33
CA GLY AA 128 -76.75 82.80 -18.83
C GLY AA 128 -75.73 83.31 -19.82
N THR AA 129 -74.83 84.14 -19.31
CA THR AA 129 -73.86 84.87 -20.11
C THR AA 129 -72.52 84.85 -19.38
N ILE AA 130 -71.43 84.76 -20.15
CA ILE AA 130 -70.08 84.80 -19.58
C ILE AA 130 -69.66 86.25 -19.41
N SER AA 131 -69.13 86.58 -18.23
CA SER AA 131 -68.69 87.94 -17.96
C SER AA 131 -67.42 88.25 -18.74
N PRO AA 132 -67.24 89.49 -19.20
CA PRO AA 132 -65.94 89.88 -19.79
C PRO AA 132 -64.86 90.07 -18.75
N VAL AA 133 -65.23 90.36 -17.50
CA VAL AA 133 -64.28 90.51 -16.40
C VAL AA 133 -64.77 89.69 -15.22
N PRO AA 134 -63.89 88.87 -14.62
CA PRO AA 134 -64.26 88.13 -13.40
C PRO AA 134 -64.60 89.08 -12.25
N LYS AA 135 -65.69 88.75 -11.55
CA LYS AA 135 -66.32 89.69 -10.64
C LYS AA 135 -66.86 88.95 -9.43
N GLY AA 136 -66.48 89.41 -8.24
CA GLY AA 136 -66.96 88.83 -7.01
C GLY AA 136 -65.92 87.99 -6.31
N PRO AA 137 -66.34 87.22 -5.30
CA PRO AA 137 -65.41 86.31 -4.62
C PRO AA 137 -65.01 85.15 -5.52
N ARG AA 138 -63.85 84.57 -5.23
CA ARG AA 138 -63.28 83.54 -6.09
C ARG AA 138 -63.00 82.26 -5.31
N ASP AA 139 -63.97 81.81 -4.51
CA ASP AA 139 -63.81 80.62 -3.69
C ASP AA 139 -64.65 79.44 -4.18
N PHE AA 140 -65.50 79.64 -5.19
CA PHE AA 140 -66.32 78.55 -5.73
C PHE AA 140 -66.27 78.43 -7.24
N GLN AA 141 -65.08 78.36 -7.81
CA GLN AA 141 -64.97 78.11 -9.25
C GLN AA 141 -65.70 79.11 -10.14
N TRP AA 142 -66.30 78.63 -11.22
CA TRP AA 142 -66.94 79.54 -12.17
C TRP AA 142 -68.15 80.32 -11.68
N ASP AA 143 -68.27 80.62 -10.39
CA ASP AA 143 -69.34 81.49 -9.91
C ASP AA 143 -69.05 82.96 -10.17
N CYS AA 144 -67.76 83.34 -10.18
CA CYS AA 144 -67.37 84.72 -10.36
C CYS AA 144 -67.41 85.18 -11.81
N ILE AA 145 -67.64 84.27 -12.77
CA ILE AA 145 -67.68 84.60 -14.18
C ILE AA 145 -69.04 84.36 -14.81
N PHE AA 146 -70.00 83.80 -14.07
CA PHE AA 146 -71.28 83.39 -14.63
C PHE AA 146 -72.34 84.43 -14.33
N ILE AA 147 -72.71 85.21 -15.33
CA ILE AA 147 -73.86 86.12 -15.26
C ILE AA 147 -75.09 85.32 -15.68
N PRO AA 148 -76.10 85.17 -14.83
CA PRO AA 148 -77.34 84.54 -15.26
C PRO AA 148 -78.15 85.47 -16.16
N ASP AA 149 -79.06 84.88 -16.92
CA ASP AA 149 -79.89 85.65 -17.85
C ASP AA 149 -80.92 86.49 -17.09
N GLY AA 150 -81.04 87.75 -17.47
CA GLY AA 150 -81.92 88.66 -16.76
C GLY AA 150 -81.32 89.30 -15.53
N GLU AA 151 -80.00 89.20 -15.35
CA GLU AA 151 -79.33 89.79 -14.21
C GLU AA 151 -78.03 90.44 -14.65
N SER AA 152 -77.46 91.25 -13.76
CA SER AA 152 -76.19 91.91 -14.01
C SER AA 152 -75.15 91.58 -12.95
N GLU AA 153 -75.44 90.63 -12.06
CA GLU AA 153 -74.54 90.22 -11.00
C GLU AA 153 -74.16 88.76 -11.19
N THR AA 154 -72.90 88.43 -10.94
CA THR AA 154 -72.46 87.05 -11.00
C THR AA 154 -72.99 86.26 -9.81
N PHE AA 155 -72.90 84.93 -9.89
CA PHE AA 155 -73.44 84.08 -8.84
C PHE AA 155 -72.61 84.15 -7.57
N ALA AA 156 -71.32 84.50 -7.69
CA ALA AA 156 -70.52 84.72 -6.50
C ALA AA 156 -70.84 86.06 -5.84
N GLU AA 157 -71.08 87.09 -6.65
CA GLU AA 157 -71.33 88.43 -6.12
C GLU AA 157 -72.75 88.55 -5.55
N MET AA 158 -73.70 87.77 -6.08
CA MET AA 158 -75.09 87.90 -5.65
C MET AA 158 -75.33 87.28 -4.28
N GLY AA 159 -74.42 86.42 -3.82
CA GLY AA 159 -74.43 85.96 -2.45
C GLY AA 159 -75.27 84.73 -2.21
N ASP AA 160 -76.02 84.76 -1.10
CA ASP AA 160 -76.79 83.61 -0.67
C ASP AA 160 -78.08 83.44 -1.46
N ARG AA 161 -78.47 84.42 -2.26
CA ARG AA 161 -79.66 84.27 -3.11
C ARG AA 161 -79.34 83.59 -4.43
N LYS AA 162 -78.18 82.95 -4.53
CA LYS AA 162 -77.88 82.16 -5.72
C LYS AA 162 -78.62 80.83 -5.55
N ASN AA 163 -78.78 80.38 -4.31
CA ASN AA 163 -79.51 79.15 -4.07
C ASN AA 163 -81.03 79.36 -3.97
N GLU AA 164 -81.61 80.09 -4.93
CA GLU AA 164 -83.05 80.13 -5.14
C GLU AA 164 -83.45 80.07 -6.60
N ILE AA 165 -82.53 80.31 -7.54
CA ILE AA 165 -82.84 80.37 -8.97
C ILE AA 165 -81.87 79.49 -9.74
N SER AA 166 -80.89 78.94 -9.04
CA SER AA 166 -79.81 78.19 -9.70
C SER AA 166 -80.31 76.84 -10.19
N MET AA 167 -79.58 76.26 -11.15
CA MET AA 167 -79.99 74.99 -11.75
C MET AA 167 -79.90 73.84 -10.77
N ARG AA 168 -78.87 73.85 -9.93
CA ARG AA 168 -78.75 72.83 -8.90
C ARG AA 168 -80.01 72.87 -8.06
N LYS AA 169 -80.52 74.07 -7.78
CA LYS AA 169 -81.74 74.21 -7.00
C LYS AA 169 -82.91 73.53 -7.69
N LYS AA 170 -83.17 73.86 -8.96
CA LYS AA 170 -84.22 73.20 -9.73
C LYS AA 170 -84.07 71.68 -9.72
N ALA AA 171 -82.83 71.21 -9.90
CA ALA AA 171 -82.57 69.76 -9.89
C ALA AA 171 -82.83 69.17 -8.51
N PHE AA 172 -82.45 69.87 -7.45
CA PHE AA 172 -82.71 69.38 -6.10
C PHE AA 172 -84.15 69.61 -5.67
N ASP AA 173 -84.89 70.50 -6.33
CA ASP AA 173 -86.31 70.60 -6.07
C ASP AA 173 -87.05 69.41 -6.65
N LYS AA 174 -86.65 68.97 -7.85
CA LYS AA 174 -87.21 67.72 -8.39
C LYS AA 174 -86.78 66.50 -7.58
N PHE AA 175 -85.53 66.51 -7.08
CA PHE AA 175 -85.05 65.45 -6.20
C PHE AA 175 -85.80 65.43 -4.88
N LYS AA 176 -86.07 66.60 -4.30
CA LYS AA 176 -86.83 66.71 -3.06
C LYS AA 176 -88.28 66.29 -3.26
N GLU AA 177 -88.85 66.63 -4.42
CA GLU AA 177 -90.22 66.21 -4.75
C GLU AA 177 -90.32 64.70 -4.87
N TYR AA 178 -89.29 64.06 -5.44
CA TYR AA 178 -89.27 62.60 -5.47
C TYR AA 178 -89.07 62.00 -4.09
N LEU AA 179 -88.20 62.61 -3.27
CA LEU AA 179 -87.83 62.00 -2.00
C LEU AA 179 -88.94 62.13 -0.96
N LEU AA 180 -89.76 63.18 -1.05
CA LEU AA 180 -90.92 63.24 -0.18
C LEU AA 180 -92.18 62.66 -0.83
N GLU AA 181 -92.17 62.45 -2.15
CA GLU AA 181 -93.32 61.78 -2.76
C GLU AA 181 -93.29 60.27 -2.55
N GLY AA 182 -92.15 59.71 -2.17
CA GLY AA 182 -92.02 58.28 -1.91
C GLY AA 182 -91.10 57.62 -2.92
N GLY AA 183 -90.84 56.34 -2.68
CA GLY AA 183 -90.00 55.55 -3.56
C GLY AA 183 -90.75 55.00 -4.76
N LYS AA 184 -91.17 55.88 -5.65
CA LYS AA 184 -92.04 55.50 -6.77
C LYS AA 184 -91.26 55.18 -8.03
N MET BA 1 -44.58 38.81 -34.50
CA MET BA 1 -45.44 38.97 -33.32
C MET BA 1 -46.84 39.38 -33.73
N ASN BA 2 -47.84 38.67 -33.20
CA ASN BA 2 -49.24 38.90 -33.53
C ASN BA 2 -49.90 39.63 -32.37
N ILE BA 3 -50.02 40.96 -32.50
CA ILE BA 3 -50.49 41.83 -31.43
C ILE BA 3 -51.76 42.50 -31.95
N ARG BA 4 -52.77 42.63 -31.08
CA ARG BA 4 -54.04 43.20 -31.44
C ARG BA 4 -54.15 44.66 -31.02
N PHE BA 5 -55.09 45.38 -31.62
CA PHE BA 5 -55.24 46.81 -31.40
C PHE BA 5 -56.72 47.15 -31.32
N ILE BA 6 -57.10 47.88 -30.28
CA ILE BA 6 -58.49 48.33 -30.09
C ILE BA 6 -58.52 49.84 -30.15
N THR BA 7 -59.38 50.39 -30.99
CA THR BA 7 -59.44 51.83 -31.18
C THR BA 7 -60.82 52.24 -31.69
N ARG BA 8 -60.96 53.51 -32.00
CA ARG BA 8 -62.20 53.99 -32.59
C ARG BA 8 -61.86 54.74 -33.85
N ASN BA 9 -60.66 55.28 -33.94
CA ASN BA 9 -60.23 55.98 -35.13
C ASN BA 9 -59.94 54.96 -36.16
N ARG BA 10 -60.46 55.18 -37.38
CA ARG BA 10 -60.12 54.24 -38.46
C ARG BA 10 -58.82 54.61 -39.14
N HIS BA 11 -58.50 55.91 -39.23
CA HIS BA 11 -57.27 56.33 -39.90
C HIS BA 11 -56.04 56.06 -39.04
N LYS BA 12 -56.23 55.91 -37.74
CA LYS BA 12 -55.17 55.49 -36.84
C LYS BA 12 -54.68 54.09 -37.17
N ILE BA 13 -55.60 53.21 -37.57
CA ILE BA 13 -55.27 51.85 -38.00
C ILE BA 13 -54.38 51.87 -39.24
N LYS BA 14 -54.70 52.72 -40.21
CA LYS BA 14 -53.89 52.80 -41.43
C LYS BA 14 -52.53 53.45 -41.17
N GLU BA 15 -52.47 54.42 -40.25
CA GLU BA 15 -51.18 55.00 -39.88
C GLU BA 15 -50.27 53.99 -39.19
N ILE BA 16 -50.82 53.21 -38.26
CA ILE BA 16 -50.05 52.20 -37.53
C ILE BA 16 -49.63 51.06 -38.46
N ASN BA 17 -50.50 50.72 -39.42
CA ASN BA 17 -50.17 49.68 -40.39
C ASN BA 17 -49.09 50.14 -41.37
N LYS BA 18 -49.13 51.42 -41.79
CA LYS BA 18 -48.12 51.92 -42.70
C LYS BA 18 -46.79 52.16 -41.99
N ILE BA 19 -46.83 52.50 -40.70
CA ILE BA 19 -45.59 52.69 -39.94
C ILE BA 19 -44.93 51.34 -39.67
N LEU BA 20 -45.71 50.33 -39.28
CA LEU BA 20 -45.18 49.02 -38.95
C LEU BA 20 -45.12 48.08 -40.16
N SER BA 21 -45.18 48.62 -41.38
CA SER BA 21 -45.15 47.78 -42.57
C SER BA 21 -43.74 47.27 -42.83
N GLY BA 22 -43.62 45.96 -43.06
CA GLY BA 22 -42.35 45.34 -43.34
C GLY BA 22 -41.49 45.06 -42.13
N THR BA 23 -41.99 45.33 -40.92
CA THR BA 23 -41.22 45.09 -39.70
C THR BA 23 -41.13 43.62 -39.34
N GLY BA 24 -42.20 42.85 -39.53
CA GLY BA 24 -42.24 41.48 -39.08
C GLY BA 24 -43.43 41.25 -38.17
N VAL BA 25 -43.74 42.24 -37.34
CA VAL BA 25 -44.94 42.19 -36.52
C VAL BA 25 -46.14 42.56 -37.38
N VAL BA 26 -47.31 42.07 -36.99
CA VAL BA 26 -48.56 42.41 -37.66
C VAL BA 26 -49.56 42.86 -36.60
N VAL BA 27 -50.55 43.63 -37.04
CA VAL BA 27 -51.55 44.21 -36.14
C VAL BA 27 -52.93 43.75 -36.61
N LEU BA 28 -53.68 43.11 -35.72
CA LEU BA 28 -55.07 42.74 -35.99
C LEU BA 28 -55.96 43.75 -35.28
N ALA BA 29 -56.23 44.84 -36.00
CA ALA BA 29 -56.96 45.95 -35.40
C ALA BA 29 -58.46 45.66 -35.36
N SER BA 30 -59.11 46.14 -34.30
CA SER BA 30 -60.54 46.01 -34.13
C SER BA 30 -61.10 47.35 -33.67
N GLU BA 31 -62.37 47.59 -33.95
CA GLU BA 31 -63.04 48.85 -33.65
C GLU BA 31 -64.06 48.62 -32.55
N HIS BA 32 -63.85 49.27 -31.40
CA HIS BA 32 -64.79 49.15 -30.29
C HIS BA 32 -65.15 50.47 -29.62
N SER BA 33 -64.31 51.52 -29.74
CA SER BA 33 -64.50 52.86 -29.17
C SER BA 33 -64.63 52.80 -27.64
N ILE BA 34 -63.51 52.44 -27.01
CA ILE BA 34 -63.44 52.37 -25.56
C ILE BA 34 -63.40 53.78 -25.00
N ASP BA 35 -64.30 54.07 -24.06
CA ASP BA 35 -64.34 55.37 -23.39
C ASP BA 35 -63.17 55.51 -22.41
N GLU BA 36 -62.67 56.72 -22.29
CA GLU BA 36 -61.61 56.95 -21.34
C GLU BA 36 -62.13 57.64 -20.11
N ILE BA 37 -61.23 57.96 -19.20
CA ILE BA 37 -61.62 58.62 -17.96
C ILE BA 37 -61.08 60.05 -17.97
N GLN BA 38 -61.68 60.89 -17.12
CA GLN BA 38 -61.30 62.29 -17.00
C GLN BA 38 -60.30 62.45 -15.85
N THR BA 39 -59.05 62.18 -16.16
CA THR BA 39 -57.97 62.32 -15.20
C THR BA 39 -56.77 62.99 -15.87
N GLU BA 40 -55.91 63.57 -15.03
CA GLU BA 40 -54.76 64.31 -15.54
C GLU BA 40 -53.58 63.39 -15.81
N ASN BA 41 -53.46 62.32 -15.04
CA ASN BA 41 -52.36 61.37 -15.21
C ASN BA 41 -52.63 60.49 -16.43
N VAL BA 42 -51.80 60.63 -17.47
CA VAL BA 42 -52.00 59.83 -18.67
C VAL BA 42 -51.56 58.38 -18.47
N HIS BA 43 -50.78 58.10 -17.43
CA HIS BA 43 -50.41 56.72 -17.12
C HIS BA 43 -51.62 55.93 -16.63
N ALA BA 44 -52.42 56.54 -15.74
CA ALA BA 44 -53.65 55.90 -15.29
C ALA BA 44 -54.70 55.84 -16.40
N LEU BA 45 -54.71 56.88 -17.25
CA LEU BA 45 -55.65 56.94 -18.37
C LEU BA 45 -55.32 55.90 -19.44
N ILE BA 46 -54.05 55.56 -19.61
CA ILE BA 46 -53.72 54.49 -20.54
C ILE BA 46 -53.83 53.13 -19.85
N LYS BA 47 -53.68 53.09 -18.51
CA LYS BA 47 -53.72 51.83 -17.79
C LYS BA 47 -55.13 51.26 -17.71
N ASP BA 48 -56.11 52.12 -17.43
CA ASP BA 48 -57.48 51.61 -17.36
C ASP BA 48 -58.06 51.30 -18.74
N LYS BA 49 -57.62 52.04 -19.76
CA LYS BA 49 -58.09 51.76 -21.11
C LYS BA 49 -57.48 50.47 -21.65
N LEU BA 50 -56.21 50.20 -21.32
CA LEU BA 50 -55.61 48.91 -21.64
C LEU BA 50 -56.24 47.79 -20.82
N LEU BA 51 -56.69 48.08 -19.60
CA LEU BA 51 -57.45 47.11 -18.81
C LEU BA 51 -58.78 46.76 -19.46
N LYS BA 52 -59.49 47.76 -19.98
CA LYS BA 52 -60.76 47.51 -20.65
C LYS BA 52 -60.56 46.77 -21.97
N ALA BA 53 -59.46 47.05 -22.67
CA ALA BA 53 -59.16 46.32 -23.90
C ALA BA 53 -58.74 44.89 -23.64
N PHE BA 54 -58.02 44.66 -22.54
CA PHE BA 54 -57.65 43.30 -22.18
C PHE BA 54 -58.83 42.51 -21.65
N LYS BA 55 -59.79 43.19 -21.01
CA LYS BA 55 -61.04 42.56 -20.66
C LYS BA 55 -61.87 42.25 -21.89
N LEU BA 56 -61.73 43.05 -22.94
CA LEU BA 56 -62.41 42.78 -24.20
C LEU BA 56 -61.77 41.65 -25.00
N VAL BA 57 -60.45 41.50 -24.95
CA VAL BA 57 -59.76 40.59 -25.86
C VAL BA 57 -59.22 39.38 -25.11
N GLY BA 58 -58.39 39.62 -24.10
CA GLY BA 58 -57.76 38.53 -23.38
C GLY BA 58 -56.52 37.96 -24.01
N ARG BA 59 -56.07 38.52 -25.13
CA ARG BA 59 -54.85 38.15 -25.83
C ARG BA 59 -53.90 39.33 -25.71
N PRO BA 60 -52.60 39.22 -26.13
CA PRO BA 60 -51.73 40.41 -26.19
C PRO BA 60 -52.23 41.53 -27.07
N VAL BA 61 -52.48 42.70 -26.46
CA VAL BA 61 -53.14 43.83 -27.11
C VAL BA 61 -52.44 45.11 -26.67
N PHE BA 62 -52.21 46.03 -27.61
CA PHE BA 62 -51.70 47.35 -27.28
C PHE BA 62 -52.78 48.40 -27.52
N VAL BA 63 -52.64 49.53 -26.82
CA VAL BA 63 -53.59 50.63 -26.87
C VAL BA 63 -52.81 51.94 -26.99
N GLU BA 64 -53.19 52.75 -27.99
CA GLU BA 64 -52.60 54.05 -28.23
C GLU BA 64 -53.52 55.14 -27.73
N HIS BA 65 -52.93 56.25 -27.27
CA HIS BA 65 -53.66 57.49 -26.99
C HIS BA 65 -52.81 58.66 -27.46
N THR BA 66 -53.46 59.68 -28.01
CA THR BA 66 -52.77 60.84 -28.53
C THR BA 66 -53.34 62.10 -27.96
N GLY BA 67 -52.48 63.00 -27.48
CA GLY BA 67 -52.92 64.20 -26.80
C GLY BA 67 -52.16 65.43 -27.26
N LEU BA 68 -52.92 66.48 -27.55
CA LEU BA 68 -52.42 67.83 -27.79
C LEU BA 68 -52.32 68.56 -26.47
N TYR BA 69 -51.27 69.35 -26.30
CA TYR BA 69 -51.07 70.11 -25.06
C TYR BA 69 -50.80 71.57 -25.44
N ILE BA 70 -51.84 72.39 -25.36
CA ILE BA 70 -51.73 73.81 -25.73
C ILE BA 70 -51.08 74.58 -24.59
N GLU BA 71 -49.96 75.24 -24.89
CA GLU BA 71 -49.24 75.98 -23.85
C GLU BA 71 -49.96 77.27 -23.48
N SER BA 72 -50.75 77.82 -24.41
CA SER BA 72 -51.54 79.00 -24.09
C SER BA 72 -52.70 78.66 -23.16
N LEU BA 73 -53.21 77.44 -23.25
CA LEU BA 73 -54.31 76.99 -22.42
C LEU BA 73 -53.85 76.31 -21.14
N ASN BA 74 -52.61 76.61 -20.71
CA ASN BA 74 -51.97 76.09 -19.49
C ASN BA 74 -51.89 74.56 -19.51
N GLY BA 75 -51.66 74.00 -20.70
CA GLY BA 75 -51.60 72.55 -20.86
C GLY BA 75 -52.92 71.85 -20.62
N PHE BA 76 -54.01 72.39 -21.16
CA PHE BA 76 -55.33 71.84 -20.86
C PHE BA 76 -55.58 70.46 -21.46
N PRO BA 77 -55.50 70.21 -22.81
CA PRO BA 77 -55.96 68.89 -23.27
C PRO BA 77 -54.88 67.84 -23.09
N GLY BA 78 -55.12 66.65 -23.62
CA GLY BA 78 -54.21 65.54 -23.40
C GLY BA 78 -54.92 64.53 -22.54
N GLY BA 79 -55.46 63.50 -23.18
CA GLY BA 79 -56.38 62.60 -22.53
C GLY BA 79 -57.81 62.87 -22.96
N LEU BA 80 -58.13 64.11 -23.30
CA LEU BA 80 -59.49 64.50 -23.66
C LEU BA 80 -59.49 65.45 -24.85
N THR BA 81 -58.63 65.18 -25.83
CA THR BA 81 -58.59 66.00 -27.03
C THR BA 81 -59.70 65.60 -27.98
N GLN BA 82 -60.16 64.36 -27.88
CA GLN BA 82 -61.22 63.89 -28.77
C GLN BA 82 -62.47 64.76 -28.67
N ILE BA 83 -63.04 64.88 -27.48
CA ILE BA 83 -64.27 65.67 -27.31
C ILE BA 83 -64.04 67.10 -27.78
N PHE BA 84 -62.83 67.63 -27.53
CA PHE BA 84 -62.40 68.96 -27.99
C PHE BA 84 -62.50 69.11 -29.51
N TRP BA 85 -61.90 68.16 -30.23
CA TRP BA 85 -61.95 68.20 -31.68
C TRP BA 85 -63.34 67.86 -32.21
N ASP BA 86 -64.06 66.98 -31.58
CA ASP BA 86 -65.34 66.62 -32.13
C ASP BA 86 -66.31 67.73 -31.82
N LYS BA 87 -65.88 68.73 -31.07
CA LYS BA 87 -66.77 69.84 -30.81
C LYS BA 87 -66.43 71.04 -31.66
N LEU BA 88 -65.37 71.75 -31.30
CA LEU BA 88 -64.92 72.93 -32.03
C LEU BA 88 -64.44 72.70 -33.44
N GLN BA 89 -63.96 71.51 -33.76
CA GLN BA 89 -63.36 71.20 -35.06
C GLN BA 89 -62.26 72.18 -35.47
N ALA BA 90 -62.12 72.42 -36.78
CA ALA BA 90 -61.05 73.31 -37.24
C ALA BA 90 -61.47 74.75 -37.35
N ASP BA 91 -62.78 75.03 -37.46
CA ASP BA 91 -63.26 76.39 -37.65
C ASP BA 91 -63.11 77.20 -36.37
N LYS BA 92 -63.42 76.59 -35.23
CA LYS BA 92 -63.32 77.27 -33.94
C LYS BA 92 -62.06 76.84 -33.19
N PHE BA 93 -61.03 76.48 -33.94
CA PHE BA 93 -59.72 76.18 -33.37
C PHE BA 93 -58.72 77.29 -33.66
N SER BA 94 -58.49 77.59 -34.94
CA SER BA 94 -57.43 78.51 -35.33
C SER BA 94 -57.78 79.96 -35.09
N GLN BA 95 -59.06 80.30 -34.98
CA GLN BA 95 -59.44 81.71 -34.86
C GLN BA 95 -59.27 82.23 -33.44
N LEU BA 96 -59.16 81.33 -32.45
CA LEU BA 96 -59.01 81.75 -31.06
C LEU BA 96 -57.80 81.15 -30.37
N LEU BA 97 -57.13 80.18 -30.99
CA LEU BA 97 -55.90 79.62 -30.45
C LEU BA 97 -54.69 79.85 -31.33
N GLY BA 98 -54.88 80.01 -32.64
CA GLY BA 98 -53.76 80.30 -33.52
C GLY BA 98 -53.37 81.76 -33.58
N THR BA 99 -54.23 82.66 -33.11
CA THR BA 99 -53.99 84.09 -33.17
C THR BA 99 -53.71 84.70 -31.80
N SER BA 100 -53.31 83.91 -30.82
CA SER BA 100 -53.05 84.43 -29.49
C SER BA 100 -51.59 84.85 -29.36
N GLU BA 101 -51.17 85.11 -28.12
CA GLU BA 101 -49.79 85.50 -27.85
C GLU BA 101 -48.83 84.32 -27.88
N ASN BA 102 -49.28 83.12 -27.49
CA ASN BA 102 -48.44 81.91 -27.49
C ASN BA 102 -49.08 80.80 -28.32
N PRO BA 103 -48.91 80.82 -29.66
CA PRO BA 103 -49.17 79.65 -30.48
C PRO BA 103 -48.42 78.34 -30.23
N ARG BA 104 -47.54 78.24 -29.24
CA ARG BA 104 -46.79 77.01 -29.05
C ARG BA 104 -47.66 75.93 -28.41
N LEU BA 105 -47.49 74.69 -28.87
CA LEU BA 105 -48.20 73.52 -28.34
C LEU BA 105 -47.41 72.26 -28.67
N VAL BA 106 -47.56 71.25 -27.82
CA VAL BA 106 -46.83 70.00 -27.92
C VAL BA 106 -47.81 68.84 -28.00
N ALA BA 107 -47.57 67.92 -28.93
CA ALA BA 107 -48.43 66.77 -29.17
C ALA BA 107 -47.72 65.50 -28.74
N LYS BA 108 -48.37 64.70 -27.90
CA LYS BA 108 -47.79 63.49 -27.33
C LYS BA 108 -48.66 62.28 -27.64
N THR BA 109 -48.01 61.17 -27.99
CA THR BA 109 -48.64 59.87 -28.15
C THR BA 109 -48.10 58.95 -27.07
N ILE BA 110 -49.00 58.31 -26.32
CA ILE BA 110 -48.63 57.34 -25.30
C ILE BA 110 -49.25 56.00 -25.67
N ILE BA 111 -48.44 54.95 -25.63
CA ILE BA 111 -48.86 53.60 -25.99
C ILE BA 111 -48.85 52.74 -24.74
N GLY BA 112 -49.99 52.11 -24.44
CA GLY BA 112 -50.06 51.11 -23.40
C GLY BA 112 -50.20 49.74 -24.00
N TYR BA 113 -49.27 48.86 -23.66
CA TYR BA 113 -49.18 47.52 -24.24
C TYR BA 113 -49.28 46.48 -23.13
N CYS BA 114 -50.05 45.43 -23.39
CA CYS BA 114 -50.18 44.31 -22.47
C CYS BA 114 -49.73 43.04 -23.16
N ASP BA 115 -48.77 42.33 -22.56
CA ASP BA 115 -48.23 41.08 -23.10
C ASP BA 115 -48.89 39.86 -22.49
N SER BA 116 -50.12 40.03 -21.97
CA SER BA 116 -50.93 39.11 -21.16
C SER BA 116 -50.31 38.78 -19.80
N MET BA 117 -49.25 39.46 -19.40
CA MET BA 117 -48.69 39.32 -18.06
C MET BA 117 -48.47 40.66 -17.37
N LYS BA 118 -48.01 41.67 -18.10
CA LYS BA 118 -47.65 42.95 -17.51
C LYS BA 118 -48.15 44.08 -18.41
N ILE BA 119 -47.96 45.31 -17.95
CA ILE BA 119 -48.39 46.51 -18.65
C ILE BA 119 -47.16 47.35 -18.93
N TYR BA 120 -46.95 47.69 -20.21
CA TYR BA 120 -45.77 48.41 -20.66
C TYR BA 120 -46.21 49.71 -21.31
N ILE BA 121 -45.59 50.82 -20.91
CA ILE BA 121 -45.98 52.15 -21.34
C ILE BA 121 -44.84 52.79 -22.12
N PHE BA 122 -45.12 53.17 -23.36
CA PHE BA 122 -44.16 53.82 -24.24
C PHE BA 122 -44.75 55.13 -24.75
N GLU BA 123 -43.92 56.17 -24.81
CA GLU BA 123 -44.43 57.49 -25.17
C GLU BA 123 -43.44 58.23 -26.06
N GLY BA 124 -43.97 59.18 -26.82
CA GLY BA 124 -43.15 60.04 -27.65
C GLY BA 124 -43.85 61.38 -27.86
N GLU BA 125 -43.05 62.40 -28.14
CA GLU BA 125 -43.58 63.75 -28.23
C GLU BA 125 -42.88 64.53 -29.35
N THR BA 126 -43.64 65.39 -30.02
CA THR BA 126 -43.10 66.46 -30.86
C THR BA 126 -43.70 67.78 -30.44
N GLN BA 127 -42.91 68.84 -30.56
CA GLN BA 127 -43.37 70.20 -30.30
C GLN BA 127 -43.77 70.84 -31.62
N GLY BA 128 -44.59 71.89 -31.54
CA GLY BA 128 -45.08 72.50 -32.75
C GLY BA 128 -45.83 73.79 -32.48
N THR BA 129 -46.55 74.21 -33.51
CA THR BA 129 -47.24 75.50 -33.54
C THR BA 129 -48.61 75.32 -34.18
N ILE BA 130 -49.61 76.04 -33.67
CA ILE BA 130 -50.96 76.00 -34.24
C ILE BA 130 -51.03 76.99 -35.41
N SER BA 131 -51.58 76.52 -36.53
CA SER BA 131 -51.70 77.38 -37.71
C SER BA 131 -52.78 78.44 -37.49
N PRO BA 132 -52.60 79.64 -38.02
CA PRO BA 132 -53.70 80.62 -37.99
C PRO BA 132 -54.81 80.30 -38.98
N VAL BA 133 -54.50 79.55 -40.03
CA VAL BA 133 -55.49 79.12 -41.02
C VAL BA 133 -55.32 77.63 -41.27
N PRO BA 134 -56.44 76.88 -41.21
CA PRO BA 134 -56.38 75.45 -41.56
C PRO BA 134 -55.93 75.22 -42.99
N LYS BA 135 -55.04 74.24 -43.17
CA LYS BA 135 -54.29 74.11 -44.40
C LYS BA 135 -54.07 72.63 -44.71
N GLY BA 136 -54.44 72.23 -45.93
CA GLY BA 136 -54.23 70.87 -46.36
C GLY BA 136 -55.51 70.06 -46.40
N PRO BA 137 -55.39 68.75 -46.55
CA PRO BA 137 -56.58 67.88 -46.50
C PRO BA 137 -57.16 67.80 -45.09
N ARG BA 138 -58.45 67.49 -45.01
CA ARG BA 138 -59.16 67.50 -43.75
C ARG BA 138 -59.82 66.16 -43.45
N ASP BA 139 -59.06 65.07 -43.63
CA ASP BA 139 -59.59 63.73 -43.41
C ASP BA 139 -59.02 63.06 -42.16
N PHE BA 140 -58.04 63.68 -41.50
CA PHE BA 140 -57.47 63.12 -40.27
C PHE BA 140 -57.40 64.08 -39.10
N GLN BA 141 -58.50 64.71 -38.76
CA GLN BA 141 -58.53 65.55 -37.58
C GLN BA 141 -57.50 66.67 -37.54
N TRP BA 142 -56.92 66.94 -36.39
CA TRP BA 142 -55.99 68.06 -36.26
C TRP BA 142 -54.68 67.98 -37.03
N ASP BA 143 -54.62 67.26 -38.15
CA ASP BA 143 -53.43 67.26 -39.00
C ASP BA 143 -53.34 68.52 -39.84
N CYS BA 144 -54.47 69.10 -40.23
CA CYS BA 144 -54.50 70.26 -41.09
C CYS BA 144 -54.21 71.57 -40.35
N ILE BA 145 -54.12 71.53 -39.01
CA ILE BA 145 -53.86 72.74 -38.22
C ILE BA 145 -52.54 72.66 -37.48
N PHE BA 146 -51.83 71.54 -37.52
CA PHE BA 146 -50.62 71.34 -36.71
C PHE BA 146 -49.38 71.59 -37.55
N ILE BA 147 -48.74 72.73 -37.32
CA ILE BA 147 -47.42 73.03 -37.87
C ILE BA 147 -46.37 72.47 -36.91
N PRO BA 148 -45.53 71.53 -37.33
CA PRO BA 148 -44.43 71.10 -36.44
C PRO BA 148 -43.34 72.15 -36.37
N ASP BA 149 -42.52 72.06 -35.32
CA ASP BA 149 -41.45 73.02 -35.11
C ASP BA 149 -40.33 72.82 -36.12
N GLY BA 150 -39.87 73.92 -36.71
CA GLY BA 150 -38.87 73.84 -37.76
C GLY BA 150 -39.43 73.58 -39.14
N GLU BA 151 -40.73 73.72 -39.34
CA GLU BA 151 -41.35 73.48 -40.63
C GLU BA 151 -42.41 74.54 -40.88
N SER BA 152 -42.85 74.63 -42.13
CA SER BA 152 -43.89 75.56 -42.54
C SER BA 152 -45.09 74.85 -43.18
N GLU BA 153 -45.11 73.52 -43.13
CA GLU BA 153 -46.20 72.74 -43.71
C GLU BA 153 -46.89 71.95 -42.60
N THR BA 154 -48.21 71.87 -42.68
CA THR BA 154 -48.96 71.07 -41.73
C THR BA 154 -48.76 69.58 -41.99
N PHE BA 155 -49.16 68.75 -41.02
CA PHE BA 155 -48.95 67.31 -41.14
C PHE BA 155 -49.86 66.68 -42.19
N ALA BA 156 -51.00 67.31 -42.47
CA ALA BA 156 -51.85 66.84 -43.55
C ALA BA 156 -51.27 67.23 -44.91
N GLU BA 157 -50.71 68.44 -45.01
CA GLU BA 157 -50.20 68.92 -46.29
C GLU BA 157 -48.86 68.27 -46.64
N MET BA 158 -48.08 67.88 -45.63
CA MET BA 158 -46.75 67.33 -45.90
C MET BA 158 -46.81 65.91 -46.43
N GLY BA 159 -47.94 65.22 -46.26
CA GLY BA 159 -48.17 63.97 -46.94
C GLY BA 159 -47.68 62.75 -46.17
N ASP BA 160 -47.07 61.84 -46.92
CA ASP BA 160 -46.64 60.56 -46.36
C ASP BA 160 -45.36 60.67 -45.55
N ARG BA 161 -44.65 61.80 -45.62
CA ARG BA 161 -43.47 61.99 -44.78
C ARG BA 161 -43.81 62.51 -43.39
N LYS BA 162 -45.07 62.42 -43.00
CA LYS BA 162 -45.44 62.77 -41.63
C LYS BA 162 -45.07 61.58 -40.76
N ASN BA 163 -45.14 60.38 -41.32
CA ASN BA 163 -44.75 59.18 -40.58
C ASN BA 163 -43.26 58.89 -40.65
N GLU BA 164 -42.42 59.91 -40.41
CA GLU BA 164 -40.99 59.75 -40.13
C GLU BA 164 -40.48 60.61 -39.01
N ILE BA 165 -41.21 61.64 -38.59
CA ILE BA 165 -40.76 62.58 -37.56
C ILE BA 165 -41.83 62.75 -36.50
N SER BA 166 -42.99 62.13 -36.72
CA SER BA 166 -44.13 62.33 -35.84
C SER BA 166 -43.93 61.62 -34.50
N MET BA 167 -44.68 62.06 -33.50
CA MET BA 167 -44.54 61.50 -32.15
C MET BA 167 -45.00 60.07 -32.08
N ARG BA 168 -46.07 59.74 -32.78
CA ARG BA 168 -46.54 58.37 -32.84
C ARG BA 168 -45.40 57.51 -33.35
N LYS BA 169 -44.64 58.02 -34.32
CA LYS BA 169 -43.50 57.28 -34.85
C LYS BA 169 -42.47 57.00 -33.77
N LYS BA 170 -42.02 58.04 -33.07
CA LYS BA 170 -41.08 57.87 -31.96
C LYS BA 170 -41.59 56.86 -30.93
N ALA BA 171 -42.89 56.96 -30.59
CA ALA BA 171 -43.49 56.02 -29.64
C ALA BA 171 -43.52 54.60 -30.20
N PHE BA 172 -43.82 54.44 -31.48
CA PHE BA 172 -43.81 53.12 -32.07
C PHE BA 172 -42.42 52.63 -32.41
N ASP BA 173 -41.43 53.52 -32.47
CA ASP BA 173 -40.05 53.07 -32.59
C ASP BA 173 -39.57 52.47 -31.28
N LYS BA 174 -39.94 53.09 -30.15
CA LYS BA 174 -39.66 52.48 -28.84
C LYS BA 174 -40.44 51.18 -28.65
N PHE BA 175 -41.69 51.15 -29.12
CA PHE BA 175 -42.51 49.94 -29.08
C PHE BA 175 -41.91 48.82 -29.95
N LYS BA 176 -41.43 49.17 -31.14
CA LYS BA 176 -40.79 48.21 -32.03
C LYS BA 176 -39.48 47.71 -31.46
N GLU BA 177 -38.72 48.60 -30.79
CA GLU BA 177 -37.48 48.21 -30.13
C GLU BA 177 -37.74 47.23 -29.00
N TYR BA 178 -38.82 47.44 -28.25
CA TYR BA 178 -39.19 46.47 -27.22
C TYR BA 178 -39.68 45.15 -27.83
N LEU BA 179 -40.45 45.23 -28.92
CA LEU BA 179 -41.07 44.01 -29.45
C LEU BA 179 -40.07 43.12 -30.17
N LEU BA 180 -39.02 43.70 -30.76
CA LEU BA 180 -37.96 42.87 -31.31
C LEU BA 180 -36.83 42.60 -30.32
N GLU BA 181 -36.75 43.37 -29.22
CA GLU BA 181 -35.74 43.05 -28.21
C GLU BA 181 -36.16 41.88 -27.33
N GLY BA 182 -37.44 41.52 -27.33
CA GLY BA 182 -37.94 40.41 -26.54
C GLY BA 182 -38.89 40.86 -25.45
N GLY BA 183 -39.46 39.88 -24.77
CA GLY BA 183 -40.38 40.15 -23.68
C GLY BA 183 -39.67 40.41 -22.37
N LYS BA 184 -38.96 41.53 -22.29
CA LYS BA 184 -38.10 41.83 -21.14
C LYS BA 184 -38.81 42.67 -20.09
N MET CA 1 -90.86 -15.69 -15.03
CA MET CA 1 -89.58 -15.53 -15.69
C MET CA 1 -89.76 -15.11 -17.16
N GLU CA 2 -91.03 -15.00 -17.57
CA GLU CA 2 -91.36 -14.48 -18.90
C GLU CA 2 -90.96 -13.02 -19.05
N GLN CA 3 -91.16 -12.22 -18.00
CA GLN CA 3 -90.67 -10.85 -18.02
C GLN CA 3 -89.15 -10.79 -17.90
N LEU CA 4 -88.55 -11.78 -17.21
CA LEU CA 4 -87.09 -11.89 -17.13
C LEU CA 4 -86.49 -12.22 -18.49
N LEU CA 5 -87.10 -13.17 -19.22
CA LEU CA 5 -86.64 -13.48 -20.57
C LEU CA 5 -86.94 -12.33 -21.53
N ALA CA 6 -88.02 -11.59 -21.29
CA ALA CA 6 -88.37 -10.45 -22.13
C ALA CA 6 -87.36 -9.31 -21.96
N ASP CA 7 -86.89 -9.08 -20.74
CA ASP CA 7 -85.80 -8.12 -20.55
C ASP CA 7 -84.47 -8.69 -21.00
N TYR CA 8 -84.33 -10.02 -21.01
CA TYR CA 8 -83.08 -10.64 -21.41
C TYR CA 8 -82.86 -10.59 -22.91
N LYS CA 9 -83.95 -10.64 -23.70
CA LYS CA 9 -83.80 -10.57 -25.15
C LYS CA 9 -83.38 -9.17 -25.62
N LYS CA 10 -83.71 -8.14 -24.85
CA LYS CA 10 -83.25 -6.79 -25.19
C LYS CA 10 -81.84 -6.52 -24.71
N GLY CA 11 -81.24 -7.42 -23.94
CA GLY CA 11 -79.90 -7.18 -23.43
C GLY CA 11 -79.85 -6.29 -22.21
N ASN CA 12 -80.94 -6.23 -21.44
CA ASN CA 12 -81.03 -5.38 -20.27
C ASN CA 12 -81.06 -6.19 -18.99
N VAL CA 13 -80.34 -7.30 -18.96
CA VAL CA 13 -80.21 -8.13 -17.76
C VAL CA 13 -78.73 -8.35 -17.51
N ILE CA 14 -78.26 -7.94 -16.32
CA ILE CA 14 -76.90 -8.17 -15.88
C ILE CA 14 -76.87 -9.47 -15.09
N LEU CA 15 -75.90 -10.33 -15.41
CA LEU CA 15 -75.71 -11.57 -14.67
C LEU CA 15 -74.75 -11.33 -13.52
N PHE CA 16 -75.21 -11.59 -12.29
CA PHE CA 16 -74.38 -11.57 -11.10
C PHE CA 16 -74.15 -13.02 -10.69
N VAL CA 17 -72.90 -13.45 -10.71
CA VAL CA 17 -72.55 -14.85 -10.44
C VAL CA 17 -71.95 -14.93 -9.05
N GLY CA 18 -72.53 -15.79 -8.20
CA GLY CA 18 -72.10 -15.94 -6.84
C GLY CA 18 -71.21 -17.14 -6.62
N ALA CA 19 -71.30 -17.72 -5.43
CA ALA CA 19 -70.33 -18.72 -5.02
C ALA CA 19 -70.78 -20.14 -5.34
N GLY CA 20 -72.08 -20.38 -5.47
CA GLY CA 20 -72.56 -21.74 -5.70
C GLY CA 20 -72.24 -22.25 -7.11
N VAL CA 21 -72.19 -21.33 -8.07
CA VAL CA 21 -71.75 -21.63 -9.43
C VAL CA 21 -70.30 -22.10 -9.41
N SER CA 22 -69.48 -21.45 -8.60
CA SER CA 22 -68.11 -21.88 -8.34
C SER CA 22 -68.07 -23.22 -7.61
N MET CA 23 -68.98 -23.44 -6.66
CA MET CA 23 -68.90 -24.64 -5.83
C MET CA 23 -69.42 -25.89 -6.54
N ASN CA 24 -70.10 -25.72 -7.67
CA ASN CA 24 -70.58 -26.87 -8.42
C ASN CA 24 -69.45 -27.67 -9.08
N LEU CA 25 -68.30 -27.06 -9.32
CA LEU CA 25 -67.23 -27.71 -10.07
C LEU CA 25 -66.38 -28.67 -9.25
N GLY CA 26 -66.51 -28.68 -7.93
CA GLY CA 26 -65.59 -29.40 -7.08
C GLY CA 26 -64.50 -28.55 -6.49
N LEU CA 27 -64.65 -27.23 -6.50
CA LEU CA 27 -63.74 -26.32 -5.84
C LEU CA 27 -63.91 -26.42 -4.32
N PRO CA 28 -62.90 -26.00 -3.54
CA PRO CA 28 -63.08 -25.96 -2.08
C PRO CA 28 -64.17 -24.99 -1.67
N SER CA 29 -64.92 -25.36 -0.64
CA SER CA 29 -66.02 -24.53 -0.19
C SER CA 29 -65.52 -23.44 0.74
N TRP CA 30 -66.46 -22.67 1.29
CA TRP CA 30 -66.09 -21.63 2.24
C TRP CA 30 -65.64 -22.24 3.56
N SER CA 31 -66.29 -23.34 3.96
CA SER CA 31 -65.94 -24.02 5.21
C SER CA 31 -64.56 -24.66 5.13
N GLN CA 32 -64.15 -25.13 3.96
CA GLN CA 32 -62.80 -25.65 3.78
C GLN CA 32 -61.76 -24.54 3.87
N LEU CA 33 -62.11 -23.33 3.44
CA LEU CA 33 -61.25 -22.18 3.60
C LEU CA 33 -61.11 -21.81 5.09
N VAL CA 34 -62.19 -21.90 5.85
CA VAL CA 34 -62.13 -21.64 7.29
C VAL CA 34 -61.31 -22.72 7.99
N ASP CA 35 -61.41 -23.98 7.52
CA ASP CA 35 -60.57 -25.07 8.04
C ASP CA 35 -59.09 -24.83 7.76
N HIS CA 36 -58.76 -24.33 6.57
CA HIS CA 36 -57.37 -24.05 6.24
C HIS CA 36 -56.83 -22.88 7.04
N ILE CA 37 -57.66 -21.85 7.28
CA ILE CA 37 -57.27 -20.70 8.09
C ILE CA 37 -57.01 -21.12 9.53
N ALA CA 38 -57.91 -21.97 10.07
CA ALA CA 38 -57.78 -22.48 11.43
C ALA CA 38 -56.55 -23.36 11.60
N THR CA 39 -56.29 -24.23 10.61
CA THR CA 39 -55.13 -25.11 10.66
C THR CA 39 -53.84 -24.31 10.52
N GLU CA 40 -53.86 -23.25 9.72
CA GLU CA 40 -52.68 -22.42 9.54
C GLU CA 40 -52.38 -21.58 10.78
N LEU CA 41 -53.41 -21.21 11.54
CA LEU CA 41 -53.18 -20.48 12.77
C LEU CA 41 -53.13 -21.36 14.01
N GLY CA 42 -53.05 -22.68 13.85
CA GLY CA 42 -52.88 -23.59 14.95
C GLY CA 42 -54.16 -24.00 15.64
N TYR CA 43 -55.29 -23.48 15.19
CA TYR CA 43 -56.57 -23.87 15.78
C TYR CA 43 -57.07 -25.17 15.14
N ASP CA 44 -57.98 -25.82 15.81
CA ASP CA 44 -58.81 -26.74 15.05
C ASP CA 44 -60.11 -26.03 14.65
N PRO CA 45 -60.75 -26.44 13.49
CA PRO CA 45 -61.82 -25.63 12.87
C PRO CA 45 -63.06 -25.23 13.68
N ASP CA 46 -63.52 -26.07 14.62
CA ASP CA 46 -64.81 -25.80 15.24
C ASP CA 46 -64.71 -24.74 16.33
N ILE CA 47 -63.70 -24.83 17.20
CA ILE CA 47 -63.43 -23.79 18.19
C ILE CA 47 -63.02 -22.48 17.53
N TYR CA 48 -62.36 -22.56 16.37
CA TYR CA 48 -62.12 -21.36 15.59
C TYR CA 48 -63.41 -20.80 15.00
N ARG CA 49 -64.37 -21.68 14.68
CA ARG CA 49 -65.63 -21.22 14.12
C ARG CA 49 -66.47 -20.49 15.15
N THR CA 50 -66.39 -20.92 16.42
CA THR CA 50 -67.08 -20.17 17.47
C THR CA 50 -66.22 -19.05 18.06
N PHE CA 51 -65.67 -18.19 17.21
CA PHE CA 51 -64.94 -17.01 17.66
C PHE CA 51 -65.35 -15.77 16.89
N GLY CA 52 -65.81 -15.95 15.65
CA GLY CA 52 -66.18 -14.86 14.77
C GLY CA 52 -66.81 -15.43 13.51
N SER CA 53 -67.61 -14.64 12.80
CA SER CA 53 -68.43 -15.19 11.71
C SER CA 53 -67.66 -15.68 10.49
N ALA CA 54 -67.23 -14.75 9.63
CA ALA CA 54 -66.29 -15.09 8.57
C ALA CA 54 -65.30 -13.96 8.33
N LEU CA 55 -65.81 -12.74 8.45
CA LEU CA 55 -65.03 -11.55 8.15
C LEU CA 55 -63.98 -11.31 9.21
N GLU CA 56 -64.36 -11.51 10.47
CA GLU CA 56 -63.43 -11.39 11.58
C GLU CA 56 -62.42 -12.53 11.58
N LEU CA 57 -62.81 -13.69 11.05
CA LEU CA 57 -61.90 -14.83 10.96
C LEU CA 57 -60.80 -14.59 9.93
N ALA CA 58 -61.20 -14.12 8.73
CA ALA CA 58 -60.21 -13.79 7.70
C ALA CA 58 -59.40 -12.56 8.09
N GLU CA 59 -60.01 -11.63 8.85
CA GLU CA 59 -59.28 -10.49 9.39
C GLU CA 59 -58.23 -10.92 10.41
N TYR CA 60 -58.55 -11.92 11.23
CA TYR CA 60 -57.58 -12.46 12.18
C TYR CA 60 -56.43 -13.15 11.48
N TYR CA 61 -56.74 -13.87 10.38
CA TYR CA 61 -55.67 -14.48 9.59
C TYR CA 61 -54.77 -13.43 8.95
N LYS CA 62 -55.34 -12.34 8.45
CA LYS CA 62 -54.54 -11.26 7.86
C LYS CA 62 -53.69 -10.56 8.92
N LEU CA 63 -54.24 -10.34 10.11
CA LEU CA 63 -53.50 -9.62 11.14
C LEU CA 63 -52.42 -10.47 11.78
N LYS CA 64 -52.63 -11.79 11.88
CA LYS CA 64 -51.57 -12.63 12.44
C LYS CA 64 -50.53 -13.00 11.40
N LYS CA 65 -50.93 -13.20 10.16
CA LYS CA 65 -49.99 -13.59 9.11
C LYS CA 65 -49.39 -12.41 8.38
N GLY CA 66 -49.74 -11.18 8.75
CA GLY CA 66 -49.19 -10.00 8.10
C GLY CA 66 -50.01 -9.52 6.93
N LYS CA 67 -50.01 -10.27 5.83
CA LYS CA 67 -50.83 -9.93 4.68
C LYS CA 67 -51.77 -11.07 4.31
N ILE CA 68 -52.45 -10.94 3.17
CA ILE CA 68 -53.36 -11.98 2.67
C ILE CA 68 -52.66 -12.93 1.71
N GLY CA 69 -51.36 -12.72 1.46
CA GLY CA 69 -50.60 -13.44 0.46
C GLY CA 69 -50.49 -14.96 0.53
N PRO CA 70 -50.21 -15.55 1.71
CA PRO CA 70 -50.29 -17.02 1.82
C PRO CA 70 -51.67 -17.59 1.56
N LEU CA 71 -52.72 -16.91 2.03
CA LEU CA 71 -54.08 -17.37 1.78
C LEU CA 71 -54.45 -17.20 0.31
N ARG CA 72 -53.96 -16.11 -0.31
CA ARG CA 72 -54.19 -15.90 -1.73
C ARG CA 72 -53.49 -16.96 -2.57
N SER CA 73 -52.28 -17.35 -2.17
CA SER CA 73 -51.54 -18.37 -2.89
C SER CA 73 -52.21 -19.74 -2.78
N TRP CA 74 -52.67 -20.08 -1.56
CA TRP CA 74 -53.40 -21.33 -1.37
C TRP CA 74 -54.72 -21.35 -2.13
N MET CA 75 -55.45 -20.23 -2.10
CA MET CA 75 -56.72 -20.13 -2.81
C MET CA 75 -56.52 -20.17 -4.31
N ASP CA 76 -55.41 -19.60 -4.80
CA ASP CA 76 -55.07 -19.63 -6.21
C ASP CA 76 -54.73 -21.05 -6.68
N ARG CA 77 -54.01 -21.81 -5.86
CA ARG CA 77 -53.63 -23.14 -6.28
C ARG CA 77 -54.78 -24.15 -6.17
N MET CA 78 -55.56 -24.12 -5.08
CA MET CA 78 -56.66 -25.09 -4.97
C MET CA 78 -57.88 -24.69 -5.78
N TRP CA 79 -58.07 -23.40 -6.06
CA TRP CA 79 -59.20 -23.05 -6.92
C TRP CA 79 -58.92 -23.29 -8.40
N HIS CA 80 -57.66 -23.51 -8.78
CA HIS CA 80 -57.28 -23.72 -10.17
C HIS CA 80 -56.37 -24.93 -10.31
N SER CA 81 -56.74 -26.04 -9.68
CA SER CA 81 -55.92 -27.24 -9.81
C SER CA 81 -56.22 -27.92 -11.15
N SER CA 82 -55.35 -28.86 -11.52
CA SER CA 82 -55.45 -29.51 -12.82
C SER CA 82 -56.57 -30.54 -12.87
N ASP CA 83 -57.11 -30.95 -11.72
CA ASP CA 83 -58.16 -31.97 -11.71
C ASP CA 83 -59.50 -31.39 -12.10
N ILE CA 84 -59.64 -30.07 -12.08
CA ILE CA 84 -60.92 -29.43 -12.31
C ILE CA 84 -61.07 -29.13 -13.80
N ASP CA 85 -62.14 -29.64 -14.40
CA ASP CA 85 -62.36 -29.53 -15.84
C ASP CA 85 -63.55 -28.63 -16.12
N ILE CA 86 -63.36 -27.66 -17.01
CA ILE CA 86 -64.41 -26.70 -17.32
C ILE CA 86 -65.42 -27.26 -18.33
N ASN CA 87 -65.06 -28.31 -19.07
CA ASN CA 87 -65.98 -28.84 -20.07
C ASN CA 87 -67.07 -29.70 -19.44
N LYS CA 88 -66.80 -30.30 -18.29
CA LYS CA 88 -67.80 -31.09 -17.57
C LYS CA 88 -68.56 -30.25 -16.55
N SER CA 89 -69.09 -29.11 -17.01
CA SER CA 89 -69.86 -28.22 -16.15
C SER CA 89 -70.91 -27.56 -17.05
N LYS CA 90 -72.17 -28.00 -16.92
CA LYS CA 90 -73.21 -27.50 -17.81
C LYS CA 90 -73.65 -26.10 -17.41
N VAL CA 91 -73.43 -25.71 -16.15
CA VAL CA 91 -73.79 -24.37 -15.68
C VAL CA 91 -72.88 -23.34 -16.33
N HIS CA 92 -71.57 -23.62 -16.36
CA HIS CA 92 -70.62 -22.70 -16.98
C HIS CA 92 -70.78 -22.64 -18.49
N GLU CA 93 -71.17 -23.77 -19.11
CA GLU CA 93 -71.48 -23.80 -20.53
C GLU CA 93 -72.72 -22.98 -20.84
N TYR CA 94 -73.74 -23.06 -19.98
CA TYR CA 94 -74.96 -22.28 -20.19
C TYR CA 94 -74.73 -20.80 -19.93
N ILE CA 95 -73.78 -20.47 -19.06
CA ILE CA 95 -73.39 -19.08 -18.86
C ILE CA 95 -72.64 -18.57 -20.09
N ALA CA 96 -71.75 -19.40 -20.64
CA ALA CA 96 -70.90 -18.98 -21.75
C ALA CA 96 -71.68 -18.82 -23.05
N LYS CA 97 -72.63 -19.71 -23.31
CA LYS CA 97 -73.35 -19.64 -24.57
C LYS CA 97 -74.52 -18.66 -24.53
N ALA CA 98 -74.91 -18.20 -23.33
CA ALA CA 98 -75.91 -17.16 -23.24
C ALA CA 98 -75.30 -15.81 -23.58
N ASN CA 99 -76.12 -14.91 -24.14
CA ASN CA 99 -75.65 -13.59 -24.52
C ASN CA 99 -75.94 -12.60 -23.38
N PHE CA 100 -75.16 -12.71 -22.33
CA PHE CA 100 -75.17 -11.73 -21.24
C PHE CA 100 -74.10 -10.68 -21.54
N PRO CA 101 -74.46 -9.41 -21.71
CA PRO CA 101 -73.44 -8.41 -22.08
C PRO CA 101 -72.54 -8.02 -20.93
N ILE CA 102 -73.10 -7.84 -19.74
CA ILE CA 102 -72.35 -7.48 -18.55
C ILE CA 102 -72.48 -8.61 -17.54
N ILE CA 103 -71.35 -9.14 -17.08
CA ILE CA 103 -71.32 -10.19 -16.08
C ILE CA 103 -70.51 -9.70 -14.90
N TYR CA 104 -71.12 -9.71 -13.72
CA TYR CA 104 -70.45 -9.40 -12.46
C TYR CA 104 -70.26 -10.68 -11.67
N THR CA 105 -69.18 -10.75 -10.91
CA THR CA 105 -68.94 -11.91 -10.07
C THR CA 105 -68.18 -11.49 -8.82
N THR CA 106 -68.48 -12.13 -7.70
CA THR CA 106 -67.71 -11.96 -6.48
C THR CA 106 -66.69 -13.07 -6.28
N ASN CA 107 -66.60 -14.02 -7.21
CA ASN CA 107 -65.60 -15.07 -7.15
C ASN CA 107 -64.25 -14.53 -7.62
N TYR CA 108 -63.19 -14.95 -6.95
CA TYR CA 108 -61.85 -14.58 -7.38
C TYR CA 108 -61.26 -15.56 -8.38
N ASP CA 109 -61.92 -16.68 -8.62
CA ASP CA 109 -61.43 -17.66 -9.58
C ASP CA 109 -61.77 -17.23 -11.00
N ARG CA 110 -60.95 -17.71 -11.95
CA ARG CA 110 -61.05 -17.32 -13.35
C ARG CA 110 -61.85 -18.33 -14.18
N TRP CA 111 -62.78 -19.06 -13.55
CA TRP CA 111 -63.48 -20.11 -14.28
C TRP CA 111 -64.57 -19.56 -15.19
N ILE CA 112 -65.08 -18.36 -14.91
CA ILE CA 112 -66.02 -17.72 -15.82
C ILE CA 112 -65.31 -17.29 -17.10
N GLU CA 113 -64.10 -16.71 -16.95
CA GLU CA 113 -63.30 -16.33 -18.11
C GLU CA 113 -62.82 -17.55 -18.87
N THR CA 114 -62.48 -18.63 -18.16
CA THR CA 114 -62.06 -19.88 -18.80
C THR CA 114 -63.21 -20.53 -19.55
N ALA CA 115 -64.42 -20.48 -18.99
CA ALA CA 115 -65.59 -21.02 -19.68
C ALA CA 115 -65.99 -20.15 -20.87
N LEU CA 116 -65.82 -18.83 -20.76
CA LEU CA 116 -66.14 -17.93 -21.85
C LEU CA 116 -65.17 -18.08 -23.01
N SER CA 117 -63.87 -18.23 -22.71
CA SER CA 117 -62.88 -18.42 -23.76
C SER CA 117 -62.91 -19.85 -24.31
N ASN CA 118 -63.40 -20.79 -23.51
CA ASN CA 118 -63.42 -22.19 -23.92
C ASN CA 118 -64.50 -22.45 -24.97
N TYR CA 119 -65.62 -21.72 -24.88
CA TYR CA 119 -66.72 -21.88 -25.82
C TYR CA 119 -66.70 -20.82 -26.90
N GLY CA 120 -65.56 -20.21 -27.17
CA GLY CA 120 -65.38 -19.33 -28.31
C GLY CA 120 -65.90 -17.92 -28.14
N LYS CA 121 -66.41 -17.56 -26.97
CA LYS CA 121 -66.95 -16.23 -26.74
C LYS CA 121 -65.84 -15.27 -26.37
N GLU CA 122 -65.86 -14.08 -26.94
CA GLU CA 122 -64.88 -13.05 -26.62
C GLU CA 122 -65.36 -12.25 -25.41
N TYR CA 123 -64.40 -11.79 -24.61
CA TYR CA 123 -64.72 -11.10 -23.37
C TYR CA 123 -63.65 -10.07 -23.07
N ILE CA 124 -63.99 -9.17 -22.14
CA ILE CA 124 -63.04 -8.23 -21.55
C ILE CA 124 -63.15 -8.40 -20.04
N LYS CA 125 -62.03 -8.71 -19.39
CA LYS CA 125 -62.02 -8.92 -17.94
C LYS CA 125 -61.69 -7.61 -17.25
N ILE CA 126 -62.52 -7.20 -16.31
CA ILE CA 126 -62.36 -5.93 -15.61
C ILE CA 126 -62.08 -6.21 -14.14
N SER CA 127 -60.91 -5.76 -13.68
CA SER CA 127 -60.57 -5.80 -12.27
C SER CA 127 -59.96 -4.49 -11.78
N SER CA 128 -59.67 -3.56 -12.68
CA SER CA 128 -59.19 -2.23 -12.32
C SER CA 128 -59.82 -1.23 -13.28
N VAL CA 129 -59.39 0.02 -13.19
CA VAL CA 129 -60.04 1.09 -13.94
C VAL CA 129 -59.44 1.24 -15.35
N SER CA 130 -58.21 0.76 -15.55
CA SER CA 130 -57.65 0.69 -16.91
C SER CA 130 -58.38 -0.36 -17.74
N ASP CA 131 -58.87 -1.41 -17.09
CA ASP CA 131 -59.71 -2.38 -17.78
C ASP CA 131 -61.08 -1.82 -18.08
N ILE CA 132 -61.54 -0.83 -17.32
CA ILE CA 132 -62.74 -0.08 -17.69
C ILE CA 132 -62.46 0.77 -18.93
N ALA CA 133 -61.23 1.26 -19.06
CA ALA CA 133 -60.85 1.96 -20.29
C ALA CA 133 -60.79 1.03 -21.49
N LYS CA 134 -60.48 -0.25 -21.27
CA LYS CA 134 -60.45 -1.21 -22.38
C LYS CA 134 -61.80 -1.85 -22.71
N ILE CA 135 -62.94 -1.22 -22.39
CA ILE CA 135 -64.24 -1.85 -22.63
C ILE CA 135 -64.63 -1.69 -24.09
N ASP CA 136 -64.94 -2.82 -24.74
CA ASP CA 136 -65.49 -2.85 -26.09
C ASP CA 136 -66.99 -3.12 -25.92
N ASN CA 137 -67.80 -2.45 -26.74
CA ASN CA 137 -69.25 -2.56 -26.63
C ASN CA 137 -69.82 -3.79 -27.30
N ASN CA 138 -69.01 -4.54 -28.06
CA ASN CA 138 -69.47 -5.77 -28.71
C ASN CA 138 -68.87 -7.01 -28.06
N LYS CA 139 -68.45 -6.88 -26.79
CA LYS CA 139 -67.82 -7.96 -26.07
C LYS CA 139 -68.44 -8.07 -24.69
N THR CA 140 -68.33 -9.25 -24.09
CA THR CA 140 -68.89 -9.47 -22.77
C THR CA 140 -67.98 -8.87 -21.70
N GLN CA 141 -68.54 -8.01 -20.85
CA GLN CA 141 -67.82 -7.45 -19.72
C GLN CA 141 -67.89 -8.45 -18.56
N ILE CA 142 -66.73 -8.92 -18.12
CA ILE CA 142 -66.62 -9.74 -16.92
C ILE CA 142 -65.92 -8.90 -15.88
N ILE CA 143 -66.64 -8.53 -14.82
CA ILE CA 143 -66.10 -7.66 -13.78
C ILE CA 143 -65.85 -8.50 -12.54
N LYS CA 144 -64.58 -8.55 -12.13
CA LYS CA 144 -64.19 -9.22 -10.89
C LYS CA 144 -64.42 -8.24 -9.75
N PHE CA 145 -65.63 -8.30 -9.19
CA PHE CA 145 -66.10 -7.24 -8.30
C PHE CA 145 -65.43 -7.30 -6.93
N HIS CA 146 -65.13 -8.49 -6.44
CA HIS CA 146 -64.49 -8.65 -5.15
C HIS CA 146 -63.01 -8.97 -5.27
N GLY CA 147 -62.44 -8.83 -6.45
CA GLY CA 147 -61.01 -8.97 -6.66
C GLY CA 147 -60.67 -10.20 -7.48
N ASP CA 148 -59.37 -10.34 -7.70
CA ASP CA 148 -58.80 -11.46 -8.44
C ASP CA 148 -57.51 -11.83 -7.71
N PHE CA 149 -56.97 -13.01 -8.02
CA PHE CA 149 -55.74 -13.45 -7.39
C PHE CA 149 -54.50 -12.77 -7.94
N ASP CA 150 -54.62 -11.97 -9.00
CA ASP CA 150 -53.49 -11.20 -9.49
C ASP CA 150 -53.14 -10.04 -8.55
N ASP CA 151 -54.13 -9.47 -7.88
CA ASP CA 151 -53.91 -8.32 -7.01
C ASP CA 151 -54.37 -8.69 -5.59
N ASP CA 152 -53.43 -8.66 -4.64
CA ASP CA 152 -53.79 -8.95 -3.25
C ASP CA 152 -54.54 -7.79 -2.62
N SER CA 153 -54.29 -6.57 -3.09
CA SER CA 153 -54.95 -5.38 -2.56
C SER CA 153 -56.41 -5.28 -3.00
N SER CA 154 -56.80 -5.99 -4.05
CA SER CA 154 -58.16 -5.91 -4.56
C SER CA 154 -59.09 -6.96 -3.97
N ILE CA 155 -58.56 -7.94 -3.23
CA ILE CA 155 -59.38 -9.05 -2.76
C ILE CA 155 -60.21 -8.60 -1.57
N VAL CA 156 -61.53 -8.74 -1.70
CA VAL CA 156 -62.46 -8.35 -0.65
C VAL CA 156 -62.83 -9.63 0.09
N LEU CA 157 -62.07 -9.93 1.13
CA LEU CA 157 -62.25 -11.14 1.94
C LEU CA 157 -62.46 -10.86 3.41
N ASP CA 158 -61.70 -9.94 3.98
CA ASP CA 158 -61.75 -9.62 5.40
C ASP CA 158 -62.59 -8.38 5.63
N GLU CA 159 -62.78 -8.06 6.92
CA GLU CA 159 -63.75 -7.04 7.33
C GLU CA 159 -63.30 -5.62 6.94
N THR CA 160 -61.99 -5.39 6.93
CA THR CA 160 -61.46 -4.09 6.53
C THR CA 160 -61.73 -3.82 5.06
N SER CA 161 -61.54 -4.82 4.19
CA SER CA 161 -61.80 -4.67 2.76
C SER CA 161 -63.29 -4.47 2.49
N TYR CA 162 -64.14 -5.12 3.29
CA TYR CA 162 -65.58 -4.88 3.20
C TYR CA 162 -65.94 -3.48 3.66
N PHE CA 163 -65.19 -2.90 4.60
CA PHE CA 163 -65.43 -1.52 5.01
C PHE CA 163 -65.06 -0.52 3.91
N GLN CA 164 -63.90 -0.73 3.27
CA GLN CA 164 -63.50 0.14 2.15
C GLN CA 164 -64.43 -0.02 0.95
N ARG CA 165 -65.02 -1.20 0.77
CA ARG CA 165 -66.06 -1.31 -0.26
C ARG CA 165 -67.39 -0.72 0.22
N LEU CA 166 -67.59 -0.61 1.53
CA LEU CA 166 -68.80 0.05 2.03
C LEU CA 166 -68.75 1.55 1.84
N GLU CA 167 -67.54 2.12 1.68
CA GLU CA 167 -67.45 3.55 1.37
C GLU CA 167 -67.92 3.90 -0.05
N PHE CA 168 -67.97 2.92 -0.96
CA PHE CA 168 -68.39 3.06 -2.37
C PHE CA 168 -67.53 4.07 -3.14
N GLU CA 169 -66.22 4.03 -2.95
CA GLU CA 169 -65.31 4.93 -3.65
C GLU CA 169 -64.35 4.21 -4.58
N THR CA 170 -64.45 2.89 -4.68
CA THR CA 170 -63.72 2.13 -5.68
C THR CA 170 -64.30 2.44 -7.06
N PRO CA 171 -63.47 2.44 -8.12
CA PRO CA 171 -64.00 2.59 -9.49
C PRO CA 171 -65.01 1.52 -9.89
N LEU CA 172 -64.82 0.29 -9.40
CA LEU CA 172 -65.78 -0.78 -9.67
C LEU CA 172 -67.10 -0.53 -8.95
N ASP CA 173 -67.04 0.15 -7.81
CA ASP CA 173 -68.25 0.51 -7.07
C ASP CA 173 -69.09 1.53 -7.83
N ILE CA 174 -68.44 2.56 -8.41
CA ILE CA 174 -69.16 3.56 -9.19
C ILE CA 174 -69.69 2.95 -10.49
N LYS CA 175 -68.91 2.03 -11.08
CA LYS CA 175 -69.33 1.33 -12.29
C LYS CA 175 -70.56 0.47 -12.04
N PHE CA 176 -70.59 -0.24 -10.90
CA PHE CA 176 -71.75 -1.06 -10.56
C PHE CA 176 -72.94 -0.19 -10.17
N ARG CA 177 -72.71 0.93 -9.48
CA ARG CA 177 -73.80 1.80 -9.06
C ARG CA 177 -74.45 2.51 -10.24
N SER CA 178 -73.72 2.70 -11.34
CA SER CA 178 -74.40 3.23 -12.52
C SER CA 178 -74.92 2.13 -13.43
N ASP CA 179 -74.36 0.92 -13.35
CA ASP CA 179 -74.87 -0.19 -14.16
C ASP CA 179 -76.20 -0.70 -13.63
N VAL CA 180 -76.44 -0.61 -12.33
CA VAL CA 180 -77.74 -1.01 -11.80
C VAL CA 180 -78.82 0.03 -12.07
N LEU CA 181 -78.45 1.25 -12.47
CA LEU CA 181 -79.44 2.24 -12.87
C LEU CA 181 -80.05 1.84 -14.21
N GLY CA 182 -81.29 1.37 -14.18
CA GLY CA 182 -81.96 1.04 -15.41
C GLY CA 182 -81.61 -0.28 -16.03
N LYS CA 183 -81.13 -1.23 -15.24
CA LYS CA 183 -80.86 -2.58 -15.72
C LYS CA 183 -81.28 -3.59 -14.67
N SER CA 184 -81.61 -4.78 -15.12
CA SER CA 184 -81.98 -5.87 -14.24
C SER CA 184 -80.73 -6.67 -13.86
N VAL CA 185 -80.67 -7.11 -12.62
CA VAL CA 185 -79.57 -7.94 -12.14
C VAL CA 185 -80.12 -9.32 -11.83
N LEU CA 186 -79.47 -10.35 -12.39
CA LEU CA 186 -79.85 -11.74 -12.16
C LEU CA 186 -78.77 -12.39 -11.29
N PHE CA 187 -79.17 -12.88 -10.13
CA PHE CA 187 -78.26 -13.45 -9.16
C PHE CA 187 -78.34 -14.97 -9.24
N ILE CA 188 -77.22 -15.61 -9.56
CA ILE CA 188 -77.12 -17.06 -9.60
C ILE CA 188 -75.94 -17.48 -8.73
N GLY CA 189 -76.16 -18.52 -7.90
CA GLY CA 189 -75.14 -18.98 -6.98
C GLY CA 189 -74.84 -18.06 -5.83
N TYR CA 190 -75.69 -17.07 -5.59
CA TYR CA 190 -75.43 -15.98 -4.67
C TYR CA 190 -76.56 -15.90 -3.65
N SER CA 191 -76.18 -15.63 -2.40
CA SER CA 191 -77.14 -15.54 -1.32
C SER CA 191 -77.47 -14.12 -0.90
N LEU CA 192 -76.84 -13.12 -1.53
CA LEU CA 192 -76.98 -11.69 -1.22
C LEU CA 192 -76.68 -11.38 0.24
N SER CA 193 -75.55 -11.89 0.71
CA SER CA 193 -75.15 -11.79 2.10
C SER CA 193 -74.09 -10.74 2.37
N ASP CA 194 -73.30 -10.35 1.34
CA ASP CA 194 -72.31 -9.31 1.52
C ASP CA 194 -72.99 -7.95 1.70
N ILE CA 195 -72.48 -7.18 2.67
CA ILE CA 195 -73.23 -6.03 3.16
C ILE CA 195 -73.12 -4.85 2.20
N ASN CA 196 -72.07 -4.80 1.37
CA ASN CA 196 -71.93 -3.70 0.42
C ASN CA 196 -72.93 -3.82 -0.71
N ILE CA 197 -73.23 -5.05 -1.13
CA ILE CA 197 -74.22 -5.26 -2.19
C ILE CA 197 -75.63 -4.95 -1.67
N ARG CA 198 -75.90 -5.31 -0.42
CA ARG CA 198 -77.19 -5.00 0.20
C ARG CA 198 -77.37 -3.50 0.40
N LEU CA 199 -76.31 -2.80 0.80
CA LEU CA 199 -76.38 -1.35 0.94
C LEU CA 199 -76.49 -0.68 -0.43
N LEU CA 200 -75.86 -1.26 -1.45
CA LEU CA 200 -75.95 -0.74 -2.82
C LEU CA 200 -77.37 -0.84 -3.36
N PHE CA 201 -78.03 -1.99 -3.12
CA PHE CA 201 -79.40 -2.12 -3.60
C PHE CA 201 -80.39 -1.38 -2.72
N TYR CA 202 -80.07 -1.17 -1.44
CA TYR CA 202 -80.88 -0.31 -0.59
C TYR CA 202 -80.81 1.15 -1.05
N LYS CA 203 -79.62 1.62 -1.42
CA LYS CA 203 -79.47 2.97 -1.95
C LYS CA 203 -80.11 3.10 -3.33
N LEU CA 204 -80.12 2.02 -4.11
CA LEU CA 204 -80.83 2.01 -5.38
C LEU CA 204 -82.34 2.13 -5.19
N SER CA 205 -82.88 1.43 -4.18
CA SER CA 205 -84.30 1.55 -3.85
C SER CA 205 -84.64 2.94 -3.34
N LYS CA 206 -83.74 3.54 -2.54
CA LYS CA 206 -83.93 4.93 -2.11
C LYS CA 206 -83.88 5.90 -3.28
N LEU CA 207 -83.03 5.62 -4.26
CA LEU CA 207 -82.90 6.48 -5.43
C LEU CA 207 -84.14 6.43 -6.30
N TRP CA 208 -84.70 5.24 -6.49
CA TRP CA 208 -85.93 5.14 -7.27
C TRP CA 208 -87.13 5.62 -6.48
N LYS CA 209 -87.03 5.65 -5.14
CA LYS CA 209 -88.08 6.25 -4.32
C LYS CA 209 -88.04 7.78 -4.39
N GLU CA 210 -86.84 8.36 -4.46
CA GLU CA 210 -86.70 9.81 -4.34
C GLU CA 210 -87.20 10.55 -5.59
N GLN CA 211 -87.15 9.92 -6.75
CA GLN CA 211 -87.69 10.54 -7.96
C GLN CA 211 -89.17 10.24 -8.17
N LYS CA 212 -89.81 9.58 -7.20
CA LYS CA 212 -91.21 9.10 -7.27
C LYS CA 212 -91.46 8.24 -8.50
N LEU CA 213 -90.51 7.36 -8.80
CA LEU CA 213 -90.59 6.47 -9.96
C LEU CA 213 -90.39 5.02 -9.55
N GLU CA 214 -90.87 4.64 -8.36
CA GLU CA 214 -90.59 3.29 -7.86
C GLU CA 214 -91.43 2.23 -8.56
N GLU CA 215 -92.46 2.63 -9.31
CA GLU CA 215 -93.16 1.68 -10.16
C GLU CA 215 -92.33 1.33 -11.38
N ALA CA 216 -91.51 2.27 -11.86
CA ALA CA 216 -90.75 2.10 -13.09
C ALA CA 216 -89.34 1.56 -12.86
N GLN CA 217 -89.02 1.14 -11.63
CA GLN CA 217 -87.73 0.53 -11.36
C GLN CA 217 -87.65 -0.84 -12.01
N PRO CA 218 -86.55 -1.19 -12.68
CA PRO CA 218 -86.40 -2.54 -13.23
C PRO CA 218 -86.31 -3.59 -12.13
N LYS CA 219 -86.85 -4.76 -12.41
CA LYS CA 219 -86.92 -5.83 -11.43
C LYS CA 219 -85.66 -6.68 -11.49
N SER CA 220 -84.98 -6.81 -10.35
CA SER CA 220 -83.90 -7.76 -10.23
C SER CA 220 -84.46 -9.10 -9.78
N TYR CA 221 -83.70 -10.17 -10.02
CA TYR CA 221 -84.14 -11.51 -9.66
C TYR CA 221 -82.96 -12.28 -9.06
N ILE CA 222 -83.26 -13.09 -8.05
CA ILE CA 222 -82.28 -13.97 -7.44
C ILE CA 222 -82.80 -15.39 -7.53
N PHE CA 223 -81.98 -16.30 -8.06
CA PHE CA 223 -82.34 -17.71 -8.11
C PHE CA 223 -81.74 -18.40 -6.90
N LEU CA 224 -82.59 -18.72 -5.92
CA LEU CA 224 -82.21 -19.51 -4.77
C LEU CA 224 -82.99 -20.81 -4.81
N PRO CA 225 -82.32 -21.98 -4.73
CA PRO CA 225 -83.09 -23.23 -4.71
C PRO CA 225 -83.85 -23.46 -3.42
N ARG CA 226 -83.25 -23.20 -2.27
CA ARG CA 226 -83.97 -23.37 -1.04
C ARG CA 226 -84.76 -22.12 -0.77
N PRO CA 227 -86.05 -22.27 -0.49
CA PRO CA 227 -86.90 -21.09 -0.29
C PRO CA 227 -86.70 -20.48 1.08
N ASN CA 228 -86.81 -19.16 1.13
CA ASN CA 228 -86.67 -18.39 2.37
C ASN CA 228 -87.62 -17.21 2.26
N PRO CA 229 -88.75 -17.24 2.98
CA PRO CA 229 -89.72 -16.15 2.87
C PRO CA 229 -89.25 -14.85 3.53
N ILE CA 230 -88.36 -14.97 4.52
CA ILE CA 230 -87.75 -13.81 5.16
C ILE CA 230 -86.91 -13.05 4.14
N GLN CA 231 -86.02 -13.76 3.47
CA GLN CA 231 -85.21 -13.13 2.44
C GLN CA 231 -86.10 -12.66 1.28
N GLU CA 232 -87.10 -13.45 0.94
CA GLU CA 232 -87.99 -13.08 -0.16
C GLU CA 232 -88.66 -11.73 0.08
N GLU CA 233 -89.16 -11.51 1.30
CA GLU CA 233 -89.79 -10.23 1.61
C GLU CA 233 -88.77 -9.10 1.68
N ILE CA 234 -87.59 -9.37 2.27
CA ILE CA 234 -86.57 -8.33 2.42
C ILE CA 234 -85.99 -7.93 1.07
N LEU CA 235 -85.78 -8.90 0.17
CA LEU CA 235 -85.31 -8.55 -1.17
C LEU CA 235 -86.43 -8.00 -2.03
N GLU CA 236 -87.70 -8.31 -1.71
CA GLU CA 236 -88.81 -7.73 -2.45
C GLU CA 236 -88.98 -6.25 -2.13
N GLN CA 237 -88.56 -5.82 -0.94
CA GLN CA 237 -88.52 -4.38 -0.66
C GLN CA 237 -87.46 -3.64 -1.48
N TRP CA 238 -86.44 -4.32 -2.00
CA TRP CA 238 -85.46 -3.71 -2.87
C TRP CA 238 -85.70 -4.03 -4.34
N ARG CA 239 -86.92 -4.47 -4.68
CA ARG CA 239 -87.35 -4.89 -6.02
C ARG CA 239 -86.48 -6.01 -6.58
N ILE CA 240 -86.11 -6.96 -5.73
CA ILE CA 240 -85.38 -8.15 -6.13
C ILE CA 240 -86.31 -9.34 -5.86
N GLY CA 241 -86.98 -9.81 -6.91
CA GLY CA 241 -87.85 -10.97 -6.76
C GLY CA 241 -87.06 -12.26 -6.64
N MET CA 242 -87.75 -13.31 -6.18
CA MET CA 242 -87.10 -14.59 -5.92
C MET CA 242 -87.63 -15.64 -6.89
N ILE CA 243 -86.71 -16.41 -7.47
CA ILE CA 243 -87.04 -17.56 -8.30
C ILE CA 243 -86.57 -18.80 -7.55
N SER CA 244 -87.50 -19.71 -7.29
CA SER CA 244 -87.22 -20.92 -6.53
C SER CA 244 -87.57 -22.14 -7.35
N SER CA 245 -86.82 -23.22 -7.14
CA SER CA 245 -87.04 -24.48 -7.82
C SER CA 245 -87.45 -25.56 -6.83
N GLU CA 246 -88.12 -26.59 -7.34
CA GLU CA 246 -88.55 -27.71 -6.51
C GLU CA 246 -87.52 -28.82 -6.44
N ASN CA 247 -86.53 -28.81 -7.33
CA ASN CA 247 -85.48 -29.82 -7.31
C ASN CA 247 -84.53 -29.56 -6.15
N ASP CA 248 -84.18 -30.64 -5.44
CA ASP CA 248 -83.32 -30.52 -4.28
C ASP CA 248 -81.85 -30.29 -4.64
N ASN CA 249 -81.42 -30.76 -5.80
CA ASN CA 249 -80.05 -30.53 -6.23
C ASN CA 249 -79.89 -29.09 -6.72
N PRO CA 250 -78.95 -28.31 -6.18
CA PRO CA 250 -78.77 -26.94 -6.68
C PRO CA 250 -78.15 -26.88 -8.06
N GLY CA 251 -77.31 -27.85 -8.42
CA GLY CA 251 -76.72 -27.87 -9.75
C GLY CA 251 -77.73 -28.16 -10.84
N GLU CA 252 -78.64 -29.12 -10.58
CA GLU CA 252 -79.68 -29.45 -11.54
C GLU CA 252 -80.71 -28.32 -11.65
N SER CA 253 -81.02 -27.67 -10.53
CA SER CA 253 -81.91 -26.51 -10.54
C SER CA 253 -81.29 -25.34 -11.30
N LEU CA 254 -79.98 -25.13 -11.14
CA LEU CA 254 -79.28 -24.06 -11.85
C LEU CA 254 -79.20 -24.35 -13.35
N GLU CA 255 -78.99 -25.62 -13.72
CA GLU CA 255 -78.99 -26.01 -15.13
C GLU CA 255 -80.36 -25.85 -15.75
N GLU CA 256 -81.42 -26.22 -15.03
CA GLU CA 256 -82.77 -26.06 -15.55
C GLU CA 256 -83.18 -24.59 -15.62
N PHE CA 257 -82.62 -23.75 -14.75
CA PHE CA 257 -82.89 -22.32 -14.82
C PHE CA 257 -82.16 -21.67 -15.98
N LEU CA 258 -80.89 -22.05 -16.20
CA LEU CA 258 -80.11 -21.45 -17.27
C LEU CA 258 -80.41 -22.07 -18.64
N LYS CA 259 -81.19 -23.16 -18.67
CA LYS CA 259 -81.67 -23.73 -19.92
C LYS CA 259 -82.57 -22.76 -20.69
N ASN CA 260 -83.27 -21.88 -19.97
CA ASN CA 260 -84.09 -20.87 -20.64
C ASN CA 260 -83.23 -19.79 -21.29
N PHE CA 261 -81.99 -19.63 -20.84
CA PHE CA 261 -81.12 -18.55 -21.30
C PHE CA 261 -80.10 -18.99 -22.34
N VAL CA 262 -79.72 -20.26 -22.37
CA VAL CA 262 -78.64 -20.68 -23.28
C VAL CA 262 -79.13 -20.71 -24.73
N LEU CA 263 -80.36 -21.16 -24.97
CA LEU CA 263 -80.82 -21.41 -26.34
C LEU CA 263 -81.17 -20.10 -27.05
N VAL CA 264 -80.81 -20.05 -28.34
CA VAL CA 264 -81.02 -18.93 -29.27
C VAL CA 264 -80.47 -17.60 -28.76
N MET DA 1 -55.77 -0.21 32.27
CA MET DA 1 -56.65 -0.34 33.42
C MET DA 1 -56.34 0.88 34.30
N GLU DA 2 -55.06 1.08 34.61
CA GLU DA 2 -54.68 2.23 35.41
C GLU DA 2 -54.43 3.46 34.52
N GLN DA 3 -54.14 3.26 33.23
CA GLN DA 3 -54.28 4.35 32.27
C GLN DA 3 -55.73 4.81 32.17
N LEU DA 4 -56.66 3.85 32.20
CA LEU DA 4 -58.08 4.15 32.16
C LEU DA 4 -58.52 4.92 33.41
N LEU DA 5 -57.98 4.55 34.57
CA LEU DA 5 -58.29 5.27 35.80
C LEU DA 5 -57.67 6.67 35.81
N ALA DA 6 -56.48 6.80 35.24
CA ALA DA 6 -55.84 8.12 35.13
C ALA DA 6 -56.60 9.04 34.19
N ASP DA 7 -57.14 8.49 33.09
CA ASP DA 7 -57.95 9.30 32.19
C ASP DA 7 -59.34 9.57 32.77
N TYR DA 8 -59.85 8.66 33.61
CA TYR DA 8 -61.16 8.84 34.20
C TYR DA 8 -61.14 9.90 35.31
N LYS DA 9 -60.06 9.95 36.10
CA LYS DA 9 -59.94 11.00 37.10
C LYS DA 9 -59.65 12.35 36.47
N LYS DA 10 -59.07 12.36 35.27
CA LYS DA 10 -58.92 13.61 34.53
C LYS DA 10 -60.25 14.09 33.97
N GLY DA 11 -61.14 13.17 33.62
CA GLY DA 11 -62.44 13.51 33.08
C GLY DA 11 -62.48 13.45 31.57
N ASN DA 12 -61.88 12.41 30.99
CA ASN DA 12 -61.75 12.28 29.55
C ASN DA 12 -62.14 10.88 29.10
N VAL DA 13 -63.13 10.28 29.75
CA VAL DA 13 -63.59 8.94 29.41
C VAL DA 13 -65.10 8.98 29.23
N ILE DA 14 -65.57 8.53 28.07
CA ILE DA 14 -66.99 8.38 27.76
C ILE DA 14 -67.41 6.96 28.10
N LEU DA 15 -68.53 6.80 28.77
CA LEU DA 15 -69.06 5.48 29.11
C LEU DA 15 -70.02 5.03 28.02
N PHE DA 16 -69.82 3.80 27.54
CA PHE DA 16 -70.71 3.16 26.58
C PHE DA 16 -71.31 1.93 27.23
N VAL DA 17 -72.63 1.84 27.23
CA VAL DA 17 -73.36 0.78 27.92
C VAL DA 17 -74.16 -0.02 26.91
N GLY DA 18 -73.95 -1.34 26.90
CA GLY DA 18 -74.71 -2.24 26.07
C GLY DA 18 -75.77 -2.99 26.85
N ALA DA 19 -76.25 -4.08 26.25
CA ALA DA 19 -77.32 -4.86 26.85
C ALA DA 19 -76.84 -5.76 27.99
N GLY DA 20 -75.53 -6.02 28.08
CA GLY DA 20 -75.03 -6.88 29.13
C GLY DA 20 -75.05 -6.23 30.51
N VAL DA 21 -75.05 -4.90 30.55
CA VAL DA 21 -75.23 -4.20 31.82
C VAL DA 21 -76.66 -4.36 32.31
N SER DA 22 -77.63 -4.19 31.41
CA SER DA 22 -79.03 -4.22 31.78
C SER DA 22 -79.59 -5.64 31.86
N MET DA 23 -78.82 -6.64 31.42
CA MET DA 23 -79.25 -8.03 31.50
C MET DA 23 -79.37 -8.54 32.93
N ASN DA 24 -78.64 -7.92 33.87
CA ASN DA 24 -78.63 -8.37 35.27
C ASN DA 24 -79.94 -8.08 35.99
N LEU DA 25 -80.72 -7.12 35.50
CA LEU DA 25 -81.94 -6.70 36.21
C LEU DA 25 -83.08 -7.71 36.13
N GLY DA 26 -83.04 -8.63 35.17
CA GLY DA 26 -84.16 -9.50 34.93
C GLY DA 26 -85.02 -9.12 33.75
N LEU DA 27 -84.52 -8.30 32.82
CA LEU DA 27 -85.23 -8.03 31.59
C LEU DA 27 -85.17 -9.25 30.67
N PRO DA 28 -86.06 -9.33 29.67
CA PRO DA 28 -85.86 -10.31 28.60
C PRO DA 28 -84.57 -10.06 27.84
N SER DA 29 -83.92 -11.14 27.43
CA SER DA 29 -82.68 -11.05 26.69
C SER DA 29 -82.98 -10.82 25.21
N TRP DA 30 -81.95 -10.93 24.37
CA TRP DA 30 -82.16 -10.81 22.94
C TRP DA 30 -82.87 -12.04 22.39
N SER DA 31 -82.53 -13.21 22.92
CA SER DA 31 -83.16 -14.45 22.49
C SER DA 31 -84.61 -14.51 22.90
N GLN DA 32 -84.99 -13.88 24.02
CA GLN DA 32 -86.39 -13.80 24.40
C GLN DA 32 -87.18 -12.90 23.46
N LEU DA 33 -86.54 -11.86 22.92
CA LEU DA 33 -87.18 -11.04 21.89
C LEU DA 33 -87.33 -11.80 20.58
N VAL DA 34 -86.34 -12.66 20.27
CA VAL DA 34 -86.42 -13.57 19.12
C VAL DA 34 -87.60 -14.53 19.29
N ASP DA 35 -87.76 -15.08 20.50
CA ASP DA 35 -88.87 -15.99 20.78
C ASP DA 35 -90.22 -15.28 20.69
N HIS DA 36 -90.32 -14.06 21.22
CA HIS DA 36 -91.58 -13.32 21.20
C HIS DA 36 -91.97 -12.94 19.78
N ILE DA 37 -90.99 -12.54 18.96
CA ILE DA 37 -91.27 -12.15 17.58
C ILE DA 37 -91.68 -13.38 16.77
N ALA DA 38 -91.04 -14.53 17.05
CA ALA DA 38 -91.33 -15.77 16.35
C ALA DA 38 -92.73 -16.29 16.65
N THR DA 39 -93.14 -16.27 17.92
CA THR DA 39 -94.52 -16.68 18.22
C THR DA 39 -95.54 -15.60 17.87
N GLU DA 40 -95.09 -14.35 17.67
CA GLU DA 40 -96.03 -13.35 17.15
C GLU DA 40 -96.25 -13.51 15.64
N LEU DA 41 -95.25 -14.02 14.92
CA LEU DA 41 -95.38 -14.20 13.47
C LEU DA 41 -95.99 -15.54 13.09
N GLY DA 42 -96.32 -16.39 14.06
CA GLY DA 42 -96.81 -17.72 13.77
C GLY DA 42 -95.75 -18.77 13.65
N TYR DA 43 -94.48 -18.41 13.80
CA TYR DA 43 -93.40 -19.39 13.80
C TYR DA 43 -93.14 -19.90 15.22
N ASP DA 44 -92.13 -20.74 15.33
CA ASP DA 44 -91.45 -21.05 16.57
C ASP DA 44 -89.96 -20.83 16.37
N PRO DA 45 -89.22 -20.36 17.45
CA PRO DA 45 -87.88 -19.74 17.27
C PRO DA 45 -86.78 -20.51 16.55
N ASP DA 46 -86.70 -21.82 16.84
CA ASP DA 46 -85.61 -22.62 16.29
C ASP DA 46 -85.82 -22.90 14.80
N ILE DA 47 -87.04 -22.77 14.31
CA ILE DA 47 -87.29 -22.91 12.88
C ILE DA 47 -86.89 -21.63 12.16
N TYR DA 48 -87.25 -20.51 12.83
CA TYR DA 48 -87.07 -19.13 12.34
C TYR DA 48 -85.66 -18.61 12.55
N ARG DA 49 -85.09 -18.83 13.72
CA ARG DA 49 -83.67 -18.42 13.95
C ARG DA 49 -82.78 -18.97 12.82
N THR DA 50 -83.32 -19.78 11.91
CA THR DA 50 -82.53 -20.40 10.83
C THR DA 50 -82.84 -19.70 9.51
N PHE DA 51 -83.77 -18.75 9.53
CA PHE DA 51 -84.21 -18.15 8.25
C PHE DA 51 -83.43 -16.88 7.96
N GLY DA 52 -82.65 -16.41 8.91
CA GLY DA 52 -81.87 -15.16 8.72
C GLY DA 52 -81.15 -14.76 9.99
N SER DA 53 -80.63 -13.53 10.04
CA SER DA 53 -79.93 -13.04 11.25
C SER DA 53 -80.86 -12.11 12.03
N ALA DA 54 -80.41 -11.62 13.20
CA ALA DA 54 -81.29 -10.83 14.08
C ALA DA 54 -81.81 -9.58 13.38
N LEU DA 55 -81.01 -8.98 12.51
CA LEU DA 55 -81.41 -7.72 11.85
C LEU DA 55 -82.43 -8.05 10.77
N GLU DA 56 -82.37 -9.28 10.25
CA GLU DA 56 -83.29 -9.71 9.17
C GLU DA 56 -84.58 -10.24 9.80
N LEU DA 57 -84.61 -10.47 11.11
CA LEU DA 57 -85.84 -10.89 11.82
C LEU DA 57 -86.60 -9.64 12.30
N ALA DA 58 -85.93 -8.58 12.74
CA ALA DA 58 -86.56 -7.29 13.05
C ALA DA 58 -87.15 -6.65 11.80
N GLU DA 59 -86.48 -6.84 10.65
CA GLU DA 59 -87.00 -6.39 9.36
C GLU DA 59 -88.26 -7.14 8.98
N TYR DA 60 -88.29 -8.46 9.20
CA TYR DA 60 -89.45 -9.25 8.80
C TYR DA 60 -90.65 -8.97 9.69
N TYR DA 61 -90.42 -8.72 10.99
CA TYR DA 61 -91.52 -8.35 11.87
C TYR DA 61 -92.05 -6.96 11.53
N LYS DA 62 -91.16 -6.03 11.16
CA LYS DA 62 -91.59 -4.71 10.73
C LYS DA 62 -92.38 -4.77 9.43
N LEU DA 63 -91.98 -5.63 8.50
CA LEU DA 63 -92.67 -5.69 7.21
C LEU DA 63 -93.99 -6.44 7.31
N LYS DA 64 -94.06 -7.47 8.16
CA LYS DA 64 -95.32 -8.20 8.30
C LYS DA 64 -96.32 -7.44 9.14
N LYS DA 65 -95.86 -6.74 10.19
CA LYS DA 65 -96.77 -6.05 11.10
C LYS DA 65 -96.89 -4.57 10.79
N GLY DA 66 -96.47 -4.12 9.61
CA GLY DA 66 -96.61 -2.73 9.24
C GLY DA 66 -95.51 -1.85 9.78
N LYS DA 67 -95.54 -1.59 11.09
CA LYS DA 67 -94.50 -0.80 11.75
C LYS DA 67 -93.90 -1.58 12.91
N ILE DA 68 -93.09 -0.90 13.73
CA ILE DA 68 -92.45 -1.52 14.89
C ILE DA 68 -93.28 -1.29 16.16
N GLY DA 69 -94.44 -0.65 16.02
CA GLY DA 69 -95.28 -0.22 17.14
C GLY DA 69 -95.79 -1.25 18.14
N PRO DA 70 -96.36 -2.38 17.68
CA PRO DA 70 -96.66 -3.47 18.62
C PRO DA 70 -95.42 -4.03 19.33
N LEU DA 71 -94.31 -4.15 18.59
CA LEU DA 71 -93.05 -4.58 19.19
C LEU DA 71 -92.51 -3.54 20.17
N ARG DA 72 -92.65 -2.25 19.83
CA ARG DA 72 -92.21 -1.17 20.71
C ARG DA 72 -93.01 -1.15 22.00
N SER DA 73 -94.32 -1.37 21.92
CA SER DA 73 -95.15 -1.42 23.12
C SER DA 73 -94.85 -2.65 23.96
N TRP DA 74 -94.53 -3.78 23.31
CA TRP DA 74 -94.20 -4.99 24.06
C TRP DA 74 -92.86 -4.85 24.79
N MET DA 75 -91.84 -4.30 24.13
CA MET DA 75 -90.57 -4.07 24.82
C MET DA 75 -90.67 -2.95 25.85
N ASP DA 76 -91.57 -1.99 25.63
CA ASP DA 76 -91.81 -0.95 26.63
C ASP DA 76 -92.47 -1.51 27.88
N ARG DA 77 -93.35 -2.50 27.71
CA ARG DA 77 -94.00 -3.11 28.86
C ARG DA 77 -93.07 -4.06 29.60
N MET DA 78 -92.39 -4.96 28.88
CA MET DA 78 -91.58 -5.97 29.56
C MET DA 78 -90.25 -5.41 30.04
N TRP DA 79 -89.71 -4.39 29.37
CA TRP DA 79 -88.45 -3.80 29.82
C TRP DA 79 -88.62 -2.89 31.02
N HIS DA 80 -89.84 -2.47 31.32
CA HIS DA 80 -90.12 -1.56 32.42
C HIS DA 80 -91.21 -2.12 33.32
N SER DA 81 -91.09 -3.41 33.67
CA SER DA 81 -92.06 -4.06 34.55
C SER DA 81 -91.87 -3.60 35.99
N SER DA 82 -92.92 -3.75 36.78
CA SER DA 82 -92.89 -3.24 38.15
C SER DA 82 -92.13 -4.15 39.11
N ASP DA 83 -91.90 -5.41 38.74
CA ASP DA 83 -91.09 -6.28 39.59
C ASP DA 83 -89.60 -5.97 39.48
N ILE DA 84 -89.21 -5.21 38.46
CA ILE DA 84 -87.83 -4.72 38.35
C ILE DA 84 -87.69 -3.46 39.19
N ASP DA 85 -86.71 -3.44 40.08
CA ASP DA 85 -86.39 -2.25 40.85
C ASP DA 85 -84.90 -1.95 40.71
N ILE DA 86 -84.56 -0.66 40.72
CA ILE DA 86 -83.19 -0.25 40.46
C ILE DA 86 -82.33 -0.32 41.72
N ASN DA 87 -82.94 -0.50 42.89
CA ASN DA 87 -82.19 -0.48 44.14
C ASN DA 87 -81.40 -1.76 44.35
N LYS DA 88 -81.88 -2.88 43.81
CA LYS DA 88 -81.11 -4.11 43.85
C LYS DA 88 -80.31 -4.27 42.56
N SER DA 89 -79.50 -3.26 42.23
CA SER DA 89 -78.64 -3.32 41.05
C SER DA 89 -77.35 -2.60 41.43
N LYS DA 90 -76.31 -3.38 41.75
CA LYS DA 90 -75.04 -2.80 42.18
C LYS DA 90 -74.33 -2.13 41.01
N VAL DA 91 -74.49 -2.64 39.80
CA VAL DA 91 -73.77 -2.07 38.67
C VAL DA 91 -74.42 -0.77 38.22
N HIS DA 92 -75.73 -0.60 38.44
CA HIS DA 92 -76.37 0.67 38.12
C HIS DA 92 -76.04 1.72 39.17
N GLU DA 93 -75.88 1.29 40.43
CA GLU DA 93 -75.39 2.18 41.48
C GLU DA 93 -73.95 2.62 41.20
N TYR DA 94 -73.12 1.69 40.70
CA TYR DA 94 -71.74 2.03 40.38
C TYR DA 94 -71.64 2.90 39.14
N ILE DA 95 -72.62 2.79 38.24
CA ILE DA 95 -72.71 3.72 37.10
C ILE DA 95 -73.12 5.10 37.60
N ALA DA 96 -74.12 5.17 38.48
CA ALA DA 96 -74.70 6.45 38.89
C ALA DA 96 -73.77 7.24 39.81
N LYS DA 97 -73.05 6.55 40.70
CA LYS DA 97 -72.19 7.27 41.65
C LYS DA 97 -70.85 7.66 41.03
N ALA DA 98 -70.49 7.06 39.89
CA ALA DA 98 -69.25 7.43 39.24
C ALA DA 98 -69.39 8.75 38.50
N ASN DA 99 -68.25 9.38 38.22
CA ASN DA 99 -68.22 10.69 37.56
C ASN DA 99 -67.93 10.51 36.08
N PHE DA 100 -68.95 10.06 35.35
CA PHE DA 100 -68.88 9.99 33.89
C PHE DA 100 -69.67 11.16 33.31
N PRO DA 101 -69.02 12.12 32.65
CA PRO DA 101 -69.77 13.27 32.13
C PRO DA 101 -70.61 12.94 30.91
N ILE DA 102 -70.16 12.02 30.07
CA ILE DA 102 -70.88 11.61 28.88
C ILE DA 102 -71.15 10.12 28.98
N ILE DA 103 -72.41 9.72 28.85
CA ILE DA 103 -72.83 8.32 28.85
C ILE DA 103 -73.55 8.05 27.53
N TYR DA 104 -73.05 7.08 26.79
CA TYR DA 104 -73.73 6.59 25.59
C TYR DA 104 -74.32 5.21 25.86
N THR DA 105 -75.46 4.93 25.23
CA THR DA 105 -76.08 3.62 25.40
C THR DA 105 -76.82 3.23 24.14
N THR DA 106 -76.80 1.94 23.84
CA THR DA 106 -77.62 1.37 22.78
C THR DA 106 -78.93 0.80 23.29
N ASN DA 107 -79.16 0.87 24.60
CA ASN DA 107 -80.39 0.37 25.19
C ASN DA 107 -81.52 1.37 24.97
N TYR DA 108 -82.71 0.84 24.68
CA TYR DA 108 -83.89 1.69 24.60
C TYR DA 108 -84.57 1.86 25.94
N ASP DA 109 -84.20 1.06 26.94
CA ASP DA 109 -84.77 1.20 28.27
C ASP DA 109 -84.17 2.40 28.99
N ARG DA 110 -84.93 2.93 29.95
CA ARG DA 110 -84.54 4.13 30.69
C ARG DA 110 -84.01 3.80 32.08
N TRP DA 111 -83.30 2.67 32.22
CA TRP DA 111 -82.83 2.28 33.55
C TRP DA 111 -81.57 3.04 33.94
N ILE DA 112 -80.81 3.57 32.98
CA ILE DA 112 -79.67 4.42 33.30
C ILE DA 112 -80.15 5.75 33.86
N GLU DA 113 -81.20 6.31 33.25
CA GLU DA 113 -81.79 7.55 33.74
C GLU DA 113 -82.47 7.35 35.10
N THR DA 114 -83.10 6.19 35.29
CA THR DA 114 -83.74 5.87 36.56
C THR DA 114 -82.69 5.66 37.65
N ALA DA 115 -81.56 5.04 37.32
CA ALA DA 115 -80.48 4.87 38.29
C ALA DA 115 -79.81 6.19 38.61
N LEU DA 116 -79.72 7.09 37.62
CA LEU DA 116 -79.11 8.39 37.84
C LEU DA 116 -79.99 9.28 38.71
N SER DA 117 -81.30 9.26 38.47
CA SER DA 117 -82.21 10.08 39.27
C SER DA 117 -82.48 9.45 40.63
N ASN DA 118 -82.29 8.13 40.75
CA ASN DA 118 -82.55 7.46 42.02
C ASN DA 118 -81.44 7.72 43.03
N TYR DA 119 -80.19 7.77 42.57
CA TYR DA 119 -79.05 7.93 43.46
C TYR DA 119 -78.60 9.37 43.57
N GLY DA 120 -79.47 10.33 43.25
CA GLY DA 120 -79.19 11.74 43.44
C GLY DA 120 -78.16 12.31 42.49
N LYS DA 121 -78.48 12.36 41.20
CA LYS DA 121 -77.57 12.89 40.21
C LYS DA 121 -78.38 13.49 39.07
N GLU DA 122 -78.13 14.75 38.76
CA GLU DA 122 -78.83 15.39 37.65
C GLU DA 122 -78.25 14.92 36.31
N TYR DA 123 -79.12 14.87 35.30
CA TYR DA 123 -78.73 14.35 34.01
C TYR DA 123 -79.49 15.07 32.91
N ILE DA 124 -78.94 15.01 31.71
CA ILE DA 124 -79.61 15.48 30.49
C ILE DA 124 -79.73 14.29 29.55
N LYS DA 125 -80.95 13.95 29.18
CA LYS DA 125 -81.22 12.81 28.30
C LYS DA 125 -81.31 13.32 26.87
N ILE DA 126 -80.49 12.74 25.98
CA ILE DA 126 -80.41 13.17 24.60
C ILE DA 126 -80.90 12.03 23.71
N SER DA 127 -81.95 12.28 22.95
CA SER DA 127 -82.42 11.34 21.94
C SER DA 127 -82.72 12.03 20.61
N SER DA 128 -82.66 13.34 20.55
CA SER DA 128 -82.82 14.09 19.31
C SER DA 128 -81.89 15.29 19.36
N VAL DA 129 -81.92 16.08 18.28
CA VAL DA 129 -81.01 17.22 18.19
C VAL DA 129 -81.53 18.40 19.02
N SER DA 130 -82.84 18.44 19.30
CA SER DA 130 -83.38 19.45 20.21
C SER DA 130 -82.97 19.18 21.64
N ASP DA 131 -82.61 17.93 21.97
CA ASP DA 131 -82.04 17.64 23.27
C ASP DA 131 -80.55 17.90 23.32
N ILE DA 132 -79.88 17.91 22.15
CA ILE DA 132 -78.51 18.42 22.07
C ILE DA 132 -78.51 19.92 22.35
N ALA DA 133 -79.58 20.61 21.95
CA ALA DA 133 -79.73 22.04 22.27
C ALA DA 133 -79.87 22.33 23.76
N LYS DA 134 -80.27 21.34 24.58
CA LYS DA 134 -80.43 21.53 26.02
C LYS DA 134 -79.28 20.95 26.83
N ILE DA 135 -78.06 20.93 26.26
CA ILE DA 135 -76.93 20.34 26.98
C ILE DA 135 -76.41 21.33 28.01
N ASP DA 136 -76.30 20.86 29.26
CA ASP DA 136 -75.65 21.60 30.32
C ASP DA 136 -74.29 20.98 30.59
N ASN DA 137 -73.28 21.82 30.76
CA ASN DA 137 -71.91 21.33 30.91
C ASN DA 137 -71.59 20.86 32.33
N ASN DA 138 -72.49 21.07 33.28
CA ASN DA 138 -72.28 20.61 34.65
C ASN DA 138 -73.14 19.41 35.01
N LYS DA 139 -74.14 19.08 34.21
CA LYS DA 139 -74.92 17.87 34.35
C LYS DA 139 -74.35 16.82 33.41
N THR DA 140 -74.55 15.55 33.73
CA THR DA 140 -74.06 14.49 32.87
C THR DA 140 -74.97 14.33 31.66
N GLN DA 141 -74.45 13.71 30.61
CA GLN DA 141 -75.21 13.51 29.38
C GLN DA 141 -75.48 12.03 29.21
N ILE DA 142 -76.74 11.68 29.01
CA ILE DA 142 -77.14 10.33 28.65
C ILE DA 142 -77.69 10.39 27.23
N ILE DA 143 -77.04 9.71 26.30
CA ILE DA 143 -77.43 9.74 24.89
C ILE DA 143 -77.98 8.38 24.52
N LYS DA 144 -79.27 8.35 24.18
CA LYS DA 144 -79.91 7.14 23.69
C LYS DA 144 -79.57 7.00 22.21
N PHE DA 145 -78.44 6.33 21.97
CA PHE DA 145 -77.82 6.33 20.64
C PHE DA 145 -78.62 5.50 19.64
N HIS DA 146 -79.17 4.37 20.09
CA HIS DA 146 -79.94 3.51 19.20
C HIS DA 146 -81.44 3.71 19.36
N GLY DA 147 -81.86 4.74 20.08
CA GLY DA 147 -83.26 5.11 20.13
C GLY DA 147 -83.83 4.98 21.53
N ASP DA 148 -85.14 5.22 21.59
CA ASP DA 148 -85.90 5.21 22.83
C ASP DA 148 -87.31 4.72 22.51
N PHE DA 149 -88.03 4.30 23.55
CA PHE DA 149 -89.42 3.88 23.38
C PHE DA 149 -90.38 5.06 23.22
N ASP DA 150 -89.92 6.29 23.41
CA ASP DA 150 -90.75 7.47 23.19
C ASP DA 150 -90.93 7.79 21.70
N ASP DA 151 -90.14 7.19 20.82
CA ASP DA 151 -90.24 7.46 19.38
C ASP DA 151 -89.97 6.19 18.62
N ASP DA 152 -90.93 5.75 17.81
CA ASP DA 152 -90.76 4.52 17.05
C ASP DA 152 -89.85 4.71 15.85
N SER DA 153 -89.67 5.94 15.39
CA SER DA 153 -88.84 6.21 14.22
C SER DA 153 -87.36 6.30 14.57
N SER DA 154 -86.99 6.23 15.85
CA SER DA 154 -85.60 6.34 16.27
C SER DA 154 -84.97 5.02 16.67
N ILE DA 155 -85.76 3.94 16.77
CA ILE DA 155 -85.24 2.68 17.27
C ILE DA 155 -84.43 1.99 16.17
N VAL DA 156 -83.16 1.72 16.47
CA VAL DA 156 -82.24 1.08 15.52
C VAL DA 156 -82.30 -0.41 15.82
N LEU DA 157 -83.19 -1.12 15.13
CA LEU DA 157 -83.39 -2.54 15.40
C LEU DA 157 -83.31 -3.39 14.14
N ASP DA 158 -83.85 -2.90 13.02
CA ASP DA 158 -83.91 -3.66 11.78
C ASP DA 158 -82.77 -3.25 10.86
N GLU DA 159 -82.64 -4.00 9.75
CA GLU DA 159 -81.52 -3.81 8.83
C GLU DA 159 -81.63 -2.49 8.08
N THR DA 160 -82.86 -2.03 7.83
CA THR DA 160 -83.06 -0.72 7.24
C THR DA 160 -82.61 0.39 8.17
N SER DA 161 -82.88 0.25 9.47
CA SER DA 161 -82.48 1.27 10.45
C SER DA 161 -80.95 1.34 10.59
N TYR DA 162 -80.29 0.19 10.57
CA TYR DA 162 -78.83 0.17 10.56
C TYR DA 162 -78.28 0.72 9.25
N PHE DA 163 -79.01 0.54 8.15
CA PHE DA 163 -78.56 1.07 6.87
C PHE DA 163 -78.68 2.60 6.82
N GLN DA 164 -79.69 3.16 7.50
CA GLN DA 164 -79.72 4.61 7.67
C GLN DA 164 -78.63 5.09 8.61
N ARG DA 165 -78.33 4.33 9.66
CA ARG DA 165 -77.30 4.76 10.60
C ARG DA 165 -75.89 4.57 10.08
N LEU DA 166 -75.71 3.80 9.00
CA LEU DA 166 -74.38 3.57 8.45
C LEU DA 166 -73.79 4.80 7.75
N GLU DA 167 -74.63 5.75 7.33
CA GLU DA 167 -74.13 6.90 6.60
C GLU DA 167 -73.61 8.01 7.51
N PHE DA 168 -73.86 7.90 8.83
CA PHE DA 168 -73.43 8.84 9.87
C PHE DA 168 -73.91 10.26 9.61
N GLU DA 169 -75.13 10.39 9.12
CA GLU DA 169 -75.73 11.69 8.86
C GLU DA 169 -76.78 12.08 9.89
N THR DA 170 -77.12 11.18 10.81
CA THR DA 170 -77.97 11.52 11.95
C THR DA 170 -77.22 12.48 12.86
N PRO DA 171 -77.93 13.42 13.53
CA PRO DA 171 -77.27 14.30 14.50
C PRO DA 171 -76.60 13.58 15.67
N LEU DA 172 -77.15 12.45 16.11
CA LEU DA 172 -76.51 11.69 17.17
C LEU DA 172 -75.23 11.04 16.68
N ASP DA 173 -75.20 10.62 15.41
CA ASP DA 173 -73.99 10.06 14.83
C ASP DA 173 -72.90 11.12 14.67
N ILE DA 174 -73.29 12.35 14.31
CA ILE DA 174 -72.35 13.46 14.20
C ILE DA 174 -71.79 13.84 15.57
N LYS DA 175 -72.68 13.85 16.58
CA LYS DA 175 -72.27 14.14 17.95
C LYS DA 175 -71.32 13.08 18.50
N PHE DA 176 -71.59 11.81 18.21
CA PHE DA 176 -70.70 10.74 18.64
C PHE DA 176 -69.37 10.77 17.90
N ARG DA 177 -69.41 11.11 16.60
CA ARG DA 177 -68.19 11.17 15.79
C ARG DA 177 -67.27 12.30 16.23
N SER DA 178 -67.84 13.38 16.79
CA SER DA 178 -66.95 14.39 17.36
C SER DA 178 -66.62 14.11 18.82
N ASP DA 179 -67.45 13.33 19.53
CA ASP DA 179 -67.16 13.01 20.92
C ASP DA 179 -65.99 12.03 21.04
N VAL DA 180 -65.86 11.10 20.09
CA VAL DA 180 -64.68 10.22 20.10
C VAL DA 180 -63.40 10.89 19.61
N LEU DA 181 -63.47 12.12 19.10
CA LEU DA 181 -62.25 12.85 18.79
C LEU DA 181 -61.61 13.32 20.09
N GLY DA 182 -60.47 12.71 20.43
CA GLY DA 182 -59.74 13.15 21.60
C GLY DA 182 -60.32 12.72 22.93
N LYS DA 183 -61.11 11.65 22.96
CA LYS DA 183 -61.62 11.11 24.20
C LYS DA 183 -61.61 9.59 24.15
N SER DA 184 -61.52 8.97 25.33
CA SER DA 184 -61.55 7.53 25.45
C SER DA 184 -62.98 7.05 25.66
N VAL DA 185 -63.27 5.87 25.13
CA VAL DA 185 -64.58 5.25 25.26
C VAL DA 185 -64.42 3.98 26.08
N LEU DA 186 -65.28 3.80 27.08
CA LEU DA 186 -65.32 2.59 27.89
C LEU DA 186 -66.58 1.81 27.55
N PHE DA 187 -66.42 0.61 27.02
CA PHE DA 187 -67.53 -0.25 26.67
C PHE DA 187 -67.75 -1.25 27.81
N ILE DA 188 -68.92 -1.17 28.44
CA ILE DA 188 -69.32 -2.13 29.46
C ILE DA 188 -70.65 -2.75 29.05
N GLY DA 189 -70.74 -4.07 29.17
CA GLY DA 189 -71.93 -4.80 28.74
C GLY DA 189 -72.15 -4.84 27.25
N TYR DA 190 -71.12 -4.55 26.46
CA TYR DA 190 -71.23 -4.37 25.02
C TYR DA 190 -70.12 -5.15 24.34
N SER DA 191 -70.47 -5.81 23.23
CA SER DA 191 -69.55 -6.71 22.55
C SER DA 191 -68.99 -6.13 21.26
N LEU DA 192 -69.39 -4.90 20.90
CA LEU DA 192 -69.07 -4.22 19.63
C LEU DA 192 -69.46 -5.07 18.43
N SER DA 193 -70.75 -5.39 18.36
CA SER DA 193 -71.31 -6.22 17.30
C SER DA 193 -72.08 -5.43 16.27
N ASP DA 194 -72.57 -4.24 16.62
CA ASP DA 194 -73.33 -3.42 15.68
C ASP DA 194 -72.39 -2.83 14.63
N ILE DA 195 -72.84 -2.87 13.38
CA ILE DA 195 -71.95 -2.61 12.24
C ILE DA 195 -71.61 -1.12 12.15
N ASN DA 196 -72.53 -0.25 12.58
CA ASN DA 196 -72.28 1.19 12.48
C ASN DA 196 -71.26 1.65 13.51
N ILE DA 197 -71.21 1.01 14.68
CA ILE DA 197 -70.22 1.37 15.69
C ILE DA 197 -68.83 0.94 15.25
N ARG DA 198 -68.73 -0.26 14.65
CA ARG DA 198 -67.45 -0.73 14.12
C ARG DA 198 -66.97 0.11 12.94
N LEU DA 199 -67.91 0.57 12.10
CA LEU DA 199 -67.53 1.46 11.01
C LEU DA 199 -67.11 2.83 11.53
N LEU DA 200 -67.75 3.31 12.60
CA LEU DA 200 -67.39 4.58 13.22
C LEU DA 200 -65.99 4.52 13.82
N PHE DA 201 -65.65 3.41 14.49
CA PHE DA 201 -64.32 3.31 15.08
C PHE DA 201 -63.26 2.98 14.05
N TYR DA 202 -63.63 2.30 12.95
CA TYR DA 202 -62.70 2.10 11.84
C TYR DA 202 -62.39 3.43 11.15
N LYS DA 203 -63.41 4.27 10.96
CA LYS DA 203 -63.20 5.59 10.37
C LYS DA 203 -62.41 6.51 11.29
N LEU DA 204 -62.60 6.36 12.60
CA LEU DA 204 -61.80 7.12 13.56
C LEU DA 204 -60.33 6.70 13.53
N SER DA 205 -60.08 5.39 13.41
CA SER DA 205 -58.71 4.89 13.31
C SER DA 205 -58.04 5.33 12.02
N LYS DA 206 -58.78 5.29 10.89
CA LYS DA 206 -58.28 5.82 9.62
C LYS DA 206 -58.01 7.31 9.70
N LEU DA 207 -58.88 8.04 10.41
CA LEU DA 207 -58.75 9.47 10.58
C LEU DA 207 -57.50 9.84 11.37
N TRP DA 208 -57.16 9.03 12.36
CA TRP DA 208 -55.88 9.26 13.06
C TRP DA 208 -54.70 8.79 12.21
N LYS DA 209 -54.92 7.84 11.29
CA LYS DA 209 -53.85 7.40 10.40
C LYS DA 209 -53.48 8.45 9.36
N GLU DA 210 -54.47 9.17 8.80
CA GLU DA 210 -54.16 10.15 7.75
C GLU DA 210 -53.46 11.39 8.28
N GLN DA 211 -53.55 11.66 9.58
CA GLN DA 211 -52.78 12.76 10.16
C GLN DA 211 -51.37 12.34 10.56
N LYS DA 212 -51.04 11.04 10.40
CA LYS DA 212 -49.78 10.42 10.83
C LYS DA 212 -49.52 10.65 12.32
N LEU DA 213 -50.57 10.54 13.12
CA LEU DA 213 -50.50 10.74 14.57
C LEU DA 213 -51.09 9.54 15.31
N GLU DA 214 -50.68 8.33 14.92
CA GLU DA 214 -51.32 7.12 15.41
C GLU DA 214 -51.00 6.84 16.87
N GLU DA 215 -49.84 7.32 17.34
CA GLU DA 215 -49.47 7.08 18.73
C GLU DA 215 -50.15 8.07 19.68
N ALA DA 216 -50.72 9.15 19.15
CA ALA DA 216 -51.38 10.16 19.96
C ALA DA 216 -52.87 9.93 20.09
N GLN DA 217 -53.40 8.86 19.52
CA GLN DA 217 -54.82 8.55 19.63
C GLN DA 217 -55.15 8.09 21.04
N PRO DA 218 -56.25 8.57 21.64
CA PRO DA 218 -56.65 8.06 22.96
C PRO DA 218 -57.09 6.61 22.88
N LYS DA 219 -56.71 5.84 23.90
CA LYS DA 219 -56.97 4.41 23.94
C LYS DA 219 -58.36 4.17 24.51
N SER DA 220 -59.20 3.48 23.74
CA SER DA 220 -60.49 3.05 24.24
C SER DA 220 -60.35 1.69 24.91
N TYR DA 221 -61.34 1.33 25.70
CA TYR DA 221 -61.31 0.08 26.44
C TYR DA 221 -62.69 -0.58 26.39
N ILE DA 222 -62.67 -1.91 26.35
CA ILE DA 222 -63.90 -2.71 26.37
C ILE DA 222 -63.75 -3.75 27.48
N PHE DA 223 -64.78 -3.88 28.30
CA PHE DA 223 -64.80 -4.90 29.35
C PHE DA 223 -65.63 -6.08 28.87
N LEU DA 224 -64.97 -7.19 28.58
CA LEU DA 224 -65.64 -8.44 28.27
C LEU DA 224 -65.16 -9.49 29.25
N PRO DA 225 -66.05 -10.21 29.94
CA PRO DA 225 -65.58 -11.24 30.89
C PRO DA 225 -64.97 -12.45 30.19
N ARG DA 226 -65.64 -13.03 29.20
CA ARG DA 226 -65.06 -14.14 28.46
C ARG DA 226 -64.12 -13.62 27.45
N PRO DA 227 -62.90 -14.12 27.44
CA PRO DA 227 -61.90 -13.55 26.54
C PRO DA 227 -62.07 -14.03 25.10
N ASN DA 228 -61.51 -13.26 24.18
CA ASN DA 228 -61.56 -13.56 22.75
C ASN DA 228 -60.36 -12.93 22.08
N PRO DA 229 -59.40 -13.72 21.60
CA PRO DA 229 -58.20 -13.14 20.97
C PRO DA 229 -58.47 -12.53 19.62
N ILE DA 230 -59.52 -12.99 18.93
CA ILE DA 230 -59.91 -12.45 17.64
C ILE DA 230 -60.39 -11.01 17.78
N GLN DA 231 -61.32 -10.80 18.66
CA GLN DA 231 -61.72 -9.45 18.87
C GLN DA 231 -60.58 -8.66 19.52
N GLU DA 232 -59.73 -9.25 20.36
CA GLU DA 232 -58.60 -8.53 20.94
C GLU DA 232 -57.71 -7.93 19.87
N GLU DA 233 -57.36 -8.73 18.84
CA GLU DA 233 -56.52 -8.23 17.77
C GLU DA 233 -57.25 -7.21 16.89
N ILE DA 234 -58.53 -7.48 16.59
CA ILE DA 234 -59.30 -6.63 15.69
C ILE DA 234 -59.60 -5.28 16.34
N LEU DA 235 -59.99 -5.29 17.62
CA LEU DA 235 -60.20 -4.03 18.33
C LEU DA 235 -58.89 -3.37 18.70
N GLU DA 236 -57.78 -4.12 18.76
CA GLU DA 236 -56.49 -3.49 19.02
C GLU DA 236 -56.00 -2.73 17.79
N GLN DA 237 -56.46 -3.12 16.60
CA GLN DA 237 -56.23 -2.30 15.42
C GLN DA 237 -56.97 -0.96 15.48
N TRP DA 238 -58.08 -0.87 16.20
CA TRP DA 238 -58.86 0.35 16.31
C TRP DA 238 -58.59 1.10 17.61
N ARG DA 239 -57.45 0.82 18.25
CA ARG DA 239 -57.02 1.40 19.54
C ARG DA 239 -58.04 1.16 20.65
N ILE DA 240 -58.61 -0.05 20.69
CA ILE DA 240 -59.56 -0.45 21.72
C ILE DA 240 -58.97 -1.68 22.40
N GLY DA 241 -58.44 -1.50 23.61
CA GLY DA 241 -57.90 -2.61 24.34
C GLY DA 241 -58.95 -3.37 25.14
N MET DA 242 -58.65 -4.62 25.45
CA MET DA 242 -59.57 -5.49 26.17
C MET DA 242 -59.16 -5.59 27.63
N ILE DA 243 -60.16 -5.49 28.51
CA ILE DA 243 -60.00 -5.75 29.94
C ILE DA 243 -60.85 -6.97 30.25
N SER DA 244 -60.20 -8.05 30.67
CA SER DA 244 -60.87 -9.30 30.99
C SER DA 244 -60.64 -9.65 32.45
N SER DA 245 -61.29 -10.74 32.88
CA SER DA 245 -61.15 -11.23 34.24
C SER DA 245 -61.44 -12.72 34.26
N GLU DA 246 -61.01 -13.36 35.35
CA GLU DA 246 -61.15 -14.80 35.50
C GLU DA 246 -62.47 -15.23 36.12
N ASN DA 247 -63.29 -14.27 36.55
CA ASN DA 247 -64.57 -14.60 37.17
C ASN DA 247 -65.57 -15.05 36.12
N ASP DA 248 -66.25 -16.17 36.38
CA ASP DA 248 -67.21 -16.70 35.42
C ASP DA 248 -68.51 -15.90 35.42
N ASN DA 249 -68.91 -15.38 36.57
CA ASN DA 249 -70.12 -14.59 36.67
C ASN DA 249 -69.90 -13.22 36.03
N PRO DA 250 -70.69 -12.82 35.03
CA PRO DA 250 -70.44 -11.53 34.39
C PRO DA 250 -70.86 -10.34 35.24
N GLY DA 251 -71.93 -10.48 36.01
CA GLY DA 251 -72.39 -9.37 36.83
C GLY DA 251 -71.46 -9.03 37.97
N GLU DA 252 -70.93 -10.07 38.63
CA GLU DA 252 -69.98 -9.86 39.72
C GLU DA 252 -68.65 -9.34 39.21
N SER DA 253 -68.24 -9.78 38.01
CA SER DA 253 -67.03 -9.27 37.38
C SER DA 253 -67.18 -7.81 36.98
N LEU DA 254 -68.36 -7.44 36.47
CA LEU DA 254 -68.59 -6.04 36.09
C LEU DA 254 -68.72 -5.15 37.32
N GLU DA 255 -69.26 -5.68 38.41
CA GLU DA 255 -69.29 -4.95 39.67
C GLU DA 255 -67.89 -4.75 40.23
N GLU DA 256 -67.03 -5.78 40.10
CA GLU DA 256 -65.64 -5.65 40.53
C GLU DA 256 -64.87 -4.67 39.64
N PHE DA 257 -65.23 -4.59 38.37
CA PHE DA 257 -64.59 -3.63 37.47
C PHE DA 257 -65.01 -2.20 37.79
N LEU DA 258 -66.31 -1.98 38.03
CA LEU DA 258 -66.81 -0.64 38.32
C LEU DA 258 -66.63 -0.22 39.77
N LYS DA 259 -66.15 -1.13 40.62
CA LYS DA 259 -65.79 -0.78 41.99
C LYS DA 259 -64.59 0.18 42.02
N ASN DA 260 -63.72 0.10 41.02
CA ASN DA 260 -62.61 1.04 40.90
C ASN DA 260 -63.06 2.42 40.44
N PHE DA 261 -64.28 2.54 39.92
CA PHE DA 261 -64.82 3.81 39.46
C PHE DA 261 -65.80 4.44 40.45
N VAL DA 262 -66.44 3.63 41.29
CA VAL DA 262 -67.39 4.19 42.25
C VAL DA 262 -66.66 4.89 43.40
N LEU DA 263 -65.41 4.49 43.65
CA LEU DA 263 -64.65 5.09 44.75
C LEU DA 263 -64.17 6.50 44.38
N VAL DA 264 -64.27 7.40 45.35
CA VAL DA 264 -64.01 8.85 45.24
C VAL DA 264 -64.79 9.50 44.11
N MET EA 1 -53.95 16.73 -30.79
CA MET EA 1 -55.29 16.56 -31.33
C MET EA 1 -55.35 15.20 -32.04
N GLU EA 2 -54.16 14.69 -32.42
CA GLU EA 2 -54.07 13.37 -33.04
C GLU EA 2 -54.41 12.26 -32.05
N GLN EA 3 -54.09 12.46 -30.77
CA GLN EA 3 -54.56 11.54 -29.73
C GLN EA 3 -56.06 11.66 -29.54
N LEU EA 4 -56.59 12.89 -29.62
CA LEU EA 4 -58.03 13.13 -29.47
C LEU EA 4 -58.80 12.53 -30.64
N LEU EA 5 -58.29 12.71 -31.87
CA LEU EA 5 -58.95 12.13 -33.03
C LEU EA 5 -58.77 10.61 -33.08
N ALA EA 6 -57.65 10.10 -32.54
CA ALA EA 6 -57.46 8.66 -32.45
C ALA EA 6 -58.44 8.03 -31.47
N ASP EA 7 -58.67 8.68 -30.33
CA ASP EA 7 -59.65 8.16 -29.38
C ASP EA 7 -61.08 8.39 -29.86
N TYR EA 8 -61.29 9.42 -30.67
CA TYR EA 8 -62.61 9.66 -31.25
C TYR EA 8 -62.94 8.63 -32.33
N LYS EA 9 -61.91 8.16 -33.06
CA LYS EA 9 -62.14 7.15 -34.08
C LYS EA 9 -62.47 5.80 -33.47
N LYS EA 10 -61.89 5.49 -32.30
CA LYS EA 10 -62.27 4.29 -31.57
C LYS EA 10 -63.62 4.43 -30.88
N GLY EA 11 -64.07 5.66 -30.64
CA GLY EA 11 -65.32 5.87 -29.93
C GLY EA 11 -65.19 5.96 -28.44
N ASN EA 12 -64.12 6.59 -27.94
CA ASN EA 12 -63.84 6.69 -26.51
C ASN EA 12 -63.81 8.14 -26.07
N VAL EA 13 -64.61 9.00 -26.70
CA VAL EA 13 -64.65 10.42 -26.37
C VAL EA 13 -66.11 10.81 -26.12
N ILE EA 14 -66.37 11.38 -24.95
CA ILE EA 14 -67.67 11.93 -24.60
C ILE EA 14 -67.66 13.42 -24.92
N LEU EA 15 -68.71 13.90 -25.59
CA LEU EA 15 -68.86 15.31 -25.90
C LEU EA 15 -69.58 16.01 -24.76
N PHE EA 16 -69.00 17.11 -24.28
CA PHE EA 16 -69.62 17.97 -23.27
C PHE EA 16 -69.88 19.33 -23.93
N VAL EA 17 -71.13 19.76 -23.94
CA VAL EA 17 -71.55 20.98 -24.62
C VAL EA 17 -71.94 22.01 -23.58
N GLY EA 18 -71.31 23.18 -23.64
CA GLY EA 18 -71.61 24.27 -22.74
C GLY EA 18 -72.57 25.28 -23.33
N ALA EA 19 -72.42 26.53 -22.88
CA ALA EA 19 -73.40 27.56 -23.24
C ALA EA 19 -72.96 28.35 -24.48
N GLY EA 20 -71.69 28.24 -24.87
CA GLY EA 20 -71.22 28.99 -26.02
C GLY EA 20 -71.71 28.43 -27.34
N VAL EA 21 -71.89 27.10 -27.38
CA VAL EA 21 -72.41 26.41 -28.57
C VAL EA 21 -73.83 26.87 -28.88
N SER EA 22 -74.67 26.91 -27.84
CA SER EA 22 -76.03 27.41 -28.01
C SER EA 22 -76.07 28.93 -28.11
N MET EA 23 -75.06 29.61 -27.57
CA MET EA 23 -75.04 31.07 -27.58
C MET EA 23 -74.67 31.60 -28.97
N ASN EA 24 -73.96 30.80 -29.76
CA ASN EA 24 -73.65 31.19 -31.14
C ASN EA 24 -74.89 31.21 -32.03
N LEU EA 25 -75.95 30.49 -31.63
CA LEU EA 25 -77.21 30.49 -32.39
C LEU EA 25 -77.91 31.84 -32.38
N GLY EA 26 -78.02 32.48 -31.21
CA GLY EA 26 -78.78 33.70 -31.08
C GLY EA 26 -79.77 33.75 -29.93
N LEU EA 27 -79.58 32.92 -28.91
CA LEU EA 27 -80.38 32.99 -27.70
C LEU EA 27 -79.93 34.17 -26.84
N PRO EA 28 -80.74 34.56 -25.85
CA PRO EA 28 -80.23 35.44 -24.79
C PRO EA 28 -79.06 34.80 -24.05
N SER EA 29 -78.09 35.63 -23.66
CA SER EA 29 -76.92 35.13 -22.96
C SER EA 29 -77.23 34.98 -21.47
N TRP EA 30 -76.18 34.73 -20.68
CA TRP EA 30 -76.36 34.66 -19.24
C TRP EA 30 -76.64 36.03 -18.65
N SER EA 31 -75.97 37.05 -19.17
CA SER EA 31 -76.13 38.42 -18.67
C SER EA 31 -77.53 38.95 -18.98
N GLN EA 32 -78.10 38.54 -20.11
CA GLN EA 32 -79.48 38.91 -20.44
C GLN EA 32 -80.47 38.25 -19.48
N LEU EA 33 -80.16 37.05 -19.00
CA LEU EA 33 -80.99 36.40 -17.99
C LEU EA 33 -80.88 37.12 -16.64
N VAL EA 34 -79.69 37.61 -16.30
CA VAL EA 34 -79.52 38.42 -15.09
C VAL EA 34 -80.28 39.74 -15.21
N ASP EA 35 -80.28 40.34 -16.40
CA ASP EA 35 -81.06 41.57 -16.63
C ASP EA 35 -82.57 41.31 -16.54
N HIS EA 36 -83.02 40.17 -17.06
CA HIS EA 36 -84.45 39.83 -16.97
C HIS EA 36 -84.87 39.57 -15.52
N ILE EA 37 -84.01 38.92 -14.74
CA ILE EA 37 -84.27 38.68 -13.32
C ILE EA 37 -84.29 40.00 -12.56
N ALA EA 38 -83.42 40.93 -12.96
CA ALA EA 38 -83.33 42.25 -12.32
C ALA EA 38 -84.58 43.08 -12.56
N THR EA 39 -85.02 43.20 -13.81
CA THR EA 39 -86.25 43.96 -14.05
C THR EA 39 -87.51 43.19 -13.67
N GLU EA 40 -87.42 41.88 -13.47
CA GLU EA 40 -88.55 41.17 -12.90
C GLU EA 40 -88.65 41.39 -11.39
N LEU EA 41 -87.54 41.65 -10.72
CA LEU EA 41 -87.54 41.92 -9.28
C LEU EA 41 -87.55 43.40 -8.96
N GLY EA 42 -87.63 44.28 -9.96
CA GLY EA 42 -87.66 45.70 -9.75
C GLY EA 42 -86.31 46.36 -9.62
N TYR EA 43 -85.23 45.59 -9.76
CA TYR EA 43 -83.90 46.18 -9.74
C TYR EA 43 -83.48 46.64 -11.13
N ASP EA 44 -82.43 47.44 -11.17
CA ASP EA 44 -81.73 47.65 -12.42
C ASP EA 44 -80.56 46.66 -12.51
N PRO EA 45 -80.18 46.24 -13.75
CA PRO EA 45 -79.18 45.17 -13.93
C PRO EA 45 -77.80 45.30 -13.28
N ASP EA 46 -77.20 46.49 -13.29
CA ASP EA 46 -75.83 46.61 -12.79
C ASP EA 46 -75.79 46.60 -11.26
N ILE EA 47 -76.74 47.27 -10.62
CA ILE EA 47 -76.80 47.33 -9.17
C ILE EA 47 -77.17 45.96 -8.61
N TYR EA 48 -78.05 45.25 -9.31
CA TYR EA 48 -78.35 43.87 -8.96
C TYR EA 48 -77.20 42.93 -9.30
N ARG EA 49 -76.31 43.31 -10.22
CA ARG EA 49 -75.10 42.53 -10.44
C ARG EA 49 -74.12 42.68 -9.29
N THR EA 50 -74.02 43.87 -8.68
CA THR EA 50 -73.16 44.00 -7.50
C THR EA 50 -73.83 43.61 -6.19
N PHE EA 51 -74.40 42.41 -6.13
CA PHE EA 51 -74.92 41.83 -4.89
C PHE EA 51 -74.48 40.39 -4.68
N GLY EA 52 -74.26 39.64 -5.74
CA GLY EA 52 -73.81 38.27 -5.65
C GLY EA 52 -73.20 37.86 -6.98
N SER EA 53 -72.79 36.60 -7.07
CA SER EA 53 -72.14 36.21 -8.32
C SER EA 53 -73.12 35.82 -9.41
N ALA EA 54 -73.70 34.62 -9.33
CA ALA EA 54 -74.83 34.27 -10.19
C ALA EA 54 -75.79 33.35 -9.46
N LEU EA 55 -75.24 32.56 -8.53
CA LEU EA 55 -76.02 31.57 -7.82
C LEU EA 55 -76.89 32.23 -6.77
N GLU EA 56 -76.36 33.27 -6.11
CA GLU EA 56 -77.15 34.06 -5.18
C GLU EA 56 -78.22 34.86 -5.91
N LEU EA 57 -77.94 35.27 -7.15
CA LEU EA 57 -78.89 35.98 -7.99
C LEU EA 57 -80.10 35.11 -8.32
N ALA EA 58 -79.83 33.89 -8.82
CA ALA EA 58 -80.91 32.96 -9.14
C ALA EA 58 -81.62 32.47 -7.89
N GLU EA 59 -80.88 32.34 -6.77
CA GLU EA 59 -81.47 31.94 -5.50
C GLU EA 59 -82.43 33.00 -4.97
N TYR EA 60 -82.06 34.27 -5.11
CA TYR EA 60 -82.94 35.35 -4.66
C TYR EA 60 -84.18 35.46 -5.54
N TYR EA 61 -84.04 35.22 -6.85
CA TYR EA 61 -85.23 35.18 -7.71
C TYR EA 61 -86.15 34.02 -7.34
N LYS EA 62 -85.58 32.85 -7.02
CA LYS EA 62 -86.39 31.70 -6.62
C LYS EA 62 -87.08 31.96 -5.28
N LEU EA 63 -86.39 32.61 -4.35
CA LEU EA 63 -86.99 32.84 -3.03
C LEU EA 63 -88.00 33.97 -3.05
N LYS EA 64 -87.88 34.93 -3.97
CA LYS EA 64 -88.86 36.00 -4.02
C LYS EA 64 -90.07 35.65 -4.89
N LYS EA 65 -89.86 34.88 -5.95
CA LYS EA 65 -90.96 34.50 -6.82
C LYS EA 65 -91.54 33.12 -6.49
N GLY EA 66 -91.23 32.59 -5.31
CA GLY EA 66 -91.78 31.31 -4.90
C GLY EA 66 -91.00 30.13 -5.43
N LYS EA 67 -91.11 29.85 -6.73
CA LYS EA 67 -90.40 28.77 -7.39
C LYS EA 67 -89.68 29.34 -8.61
N ILE EA 68 -89.16 28.44 -9.45
CA ILE EA 68 -88.45 28.83 -10.66
C ILE EA 68 -89.37 28.83 -11.88
N GLY EA 69 -90.66 28.58 -11.68
CA GLY EA 69 -91.64 28.43 -12.73
C GLY EA 69 -91.86 29.56 -13.72
N PRO EA 70 -92.02 30.81 -13.24
CA PRO EA 70 -91.98 31.96 -14.19
C PRO EA 70 -90.68 32.10 -14.95
N LEU EA 71 -89.55 31.84 -14.29
CA LEU EA 71 -88.26 31.86 -14.98
C LEU EA 71 -88.14 30.71 -15.95
N ARG EA 72 -88.69 29.55 -15.60
CA ARG EA 72 -88.67 28.43 -16.52
C ARG EA 72 -89.46 28.81 -17.76
N SER EA 73 -90.65 29.35 -17.56
CA SER EA 73 -91.49 29.74 -18.70
C SER EA 73 -90.80 30.77 -19.57
N TRP EA 74 -90.08 31.72 -18.96
CA TRP EA 74 -89.42 32.76 -19.73
C TRP EA 74 -88.25 32.22 -20.55
N MET EA 75 -87.40 31.38 -19.95
CA MET EA 75 -86.33 30.78 -20.74
C MET EA 75 -86.83 29.72 -21.71
N ASP EA 76 -87.98 29.10 -21.41
CA ASP EA 76 -88.58 28.17 -22.35
C ASP EA 76 -89.13 28.89 -23.57
N ARG EA 77 -89.64 30.11 -23.39
CA ARG EA 77 -90.15 30.86 -24.53
C ARG EA 77 -89.03 31.52 -25.32
N MET EA 78 -88.10 32.23 -24.65
CA MET EA 78 -87.07 32.94 -25.38
C MET EA 78 -85.98 32.01 -25.90
N TRP EA 79 -85.76 30.88 -25.24
CA TRP EA 79 -84.74 29.95 -25.71
C TRP EA 79 -85.20 29.12 -26.91
N HIS EA 80 -86.51 29.06 -27.16
CA HIS EA 80 -87.11 28.27 -28.23
C HIS EA 80 -88.06 29.12 -29.08
N SER EA 81 -87.56 30.24 -29.58
CA SER EA 81 -88.35 31.15 -30.39
C SER EA 81 -88.55 30.63 -31.80
N SER EA 82 -89.49 31.26 -32.51
CA SER EA 82 -89.75 30.87 -33.90
C SER EA 82 -88.79 31.55 -34.88
N ASP EA 83 -88.09 32.60 -34.44
CA ASP EA 83 -87.16 33.28 -35.33
C ASP EA 83 -85.88 32.47 -35.57
N ILE EA 84 -85.55 31.60 -34.63
CA ILE EA 84 -84.27 30.91 -34.66
C ILE EA 84 -84.44 29.53 -35.28
N ASP EA 85 -83.55 29.20 -36.21
CA ASP EA 85 -83.61 27.92 -36.90
C ASP EA 85 -82.25 27.22 -36.81
N ILE EA 86 -82.29 25.89 -36.77
CA ILE EA 86 -81.08 25.11 -36.57
C ILE EA 86 -80.31 24.88 -37.87
N ASN EA 87 -80.91 25.22 -39.01
CA ASN EA 87 -80.26 24.95 -40.30
C ASN EA 87 -79.12 25.92 -40.57
N LYS EA 88 -79.22 27.16 -40.06
CA LYS EA 88 -78.12 28.12 -40.14
C LYS EA 88 -77.26 28.05 -38.88
N SER EA 89 -76.79 26.85 -38.58
CA SER EA 89 -75.91 26.60 -37.44
C SER EA 89 -74.89 25.56 -37.89
N LYS EA 90 -73.68 26.00 -38.20
CA LYS EA 90 -72.64 25.09 -38.66
C LYS EA 90 -72.13 24.21 -37.53
N VAL EA 91 -72.09 24.74 -36.30
CA VAL EA 91 -71.56 23.96 -35.19
C VAL EA 91 -72.56 22.89 -34.75
N HIS EA 92 -73.86 23.14 -34.93
CA HIS EA 92 -74.85 22.11 -34.58
C HIS EA 92 -74.90 21.03 -35.65
N GLU EA 93 -74.67 21.41 -36.91
CA GLU EA 93 -74.51 20.44 -37.98
C GLU EA 93 -73.27 19.58 -37.78
N TYR EA 94 -72.18 20.20 -37.31
CA TYR EA 94 -70.95 19.44 -37.06
C TYR EA 94 -71.07 18.57 -35.82
N ILE EA 95 -71.92 18.95 -34.87
CA ILE EA 95 -72.24 18.08 -33.75
C ILE EA 95 -73.07 16.90 -34.23
N ALA EA 96 -74.07 17.15 -35.08
CA ALA EA 96 -75.03 16.12 -35.46
C ALA EA 96 -74.42 15.10 -36.42
N LYS EA 97 -73.53 15.53 -37.29
CA LYS EA 97 -72.94 14.58 -38.25
C LYS EA 97 -71.72 13.87 -37.69
N ALA EA 98 -71.21 14.29 -36.53
CA ALA EA 98 -70.10 13.58 -35.92
C ALA EA 98 -70.60 12.34 -35.19
N ASN EA 99 -69.69 11.39 -34.98
CA ASN EA 99 -70.02 10.13 -34.33
C ASN EA 99 -69.61 10.19 -32.86
N PHE EA 100 -70.42 10.92 -32.07
CA PHE EA 100 -70.25 10.98 -30.63
C PHE EA 100 -71.30 10.09 -29.99
N PRO EA 101 -70.92 8.99 -29.34
CA PRO EA 101 -71.93 8.09 -28.76
C PRO EA 101 -72.59 8.65 -27.52
N ILE EA 102 -71.86 9.40 -26.70
CA ILE EA 102 -72.37 10.00 -25.49
C ILE EA 102 -72.21 11.51 -25.60
N ILE EA 103 -73.31 12.24 -25.43
CA ILE EA 103 -73.30 13.70 -25.44
C ILE EA 103 -73.85 14.18 -24.10
N TYR EA 104 -73.05 14.99 -23.39
CA TYR EA 104 -73.48 15.64 -22.17
C TYR EA 104 -73.66 17.13 -22.42
N THR EA 105 -74.62 17.74 -21.75
CA THR EA 105 -74.83 19.17 -21.89
C THR EA 105 -75.35 19.75 -20.58
N THR EA 106 -74.95 20.98 -20.29
CA THR EA 106 -75.48 21.74 -19.18
C THR EA 106 -76.60 22.68 -19.61
N ASN EA 107 -76.88 22.77 -20.90
CA ASN EA 107 -77.94 23.61 -21.41
C ASN EA 107 -79.29 22.95 -21.18
N TYR EA 108 -80.28 23.77 -20.85
CA TYR EA 108 -81.66 23.31 -20.72
C TYR EA 108 -82.41 23.33 -22.04
N ASP EA 109 -81.88 24.00 -23.05
CA ASP EA 109 -82.53 24.04 -24.35
C ASP EA 109 -82.34 22.73 -25.09
N ARG EA 110 -83.23 22.47 -26.04
CA ARG EA 110 -83.26 21.22 -26.79
C ARG EA 110 -82.69 21.36 -28.20
N TRP EA 111 -81.67 22.20 -28.38
CA TRP EA 111 -81.18 22.44 -29.73
C TRP EA 111 -80.21 21.37 -30.21
N ILE EA 112 -79.59 20.63 -29.30
CA ILE EA 112 -78.81 19.46 -29.69
C ILE EA 112 -79.72 18.37 -30.22
N GLU EA 113 -80.84 18.14 -29.54
CA GLU EA 113 -81.84 17.17 -29.99
C GLU EA 113 -82.49 17.58 -31.30
N THR EA 114 -82.77 18.88 -31.45
CA THR EA 114 -83.35 19.38 -32.69
C THR EA 114 -82.35 19.31 -33.84
N ALA EA 115 -81.07 19.55 -33.55
CA ALA EA 115 -80.04 19.43 -34.58
C ALA EA 115 -79.81 17.98 -34.98
N LEU EA 116 -79.94 17.05 -34.02
CA LEU EA 116 -79.74 15.65 -34.34
C LEU EA 116 -80.93 15.06 -35.09
N SER EA 117 -82.15 15.46 -34.72
CA SER EA 117 -83.32 14.97 -35.44
C SER EA 117 -83.49 15.69 -36.77
N ASN EA 118 -82.90 16.87 -36.92
CA ASN EA 118 -82.96 17.59 -38.18
C ASN EA 118 -82.08 16.92 -39.23
N TYR EA 119 -80.94 16.36 -38.83
CA TYR EA 119 -80.01 15.74 -39.74
C TYR EA 119 -80.14 14.22 -39.76
N GLY EA 120 -81.27 13.68 -39.30
CA GLY EA 120 -81.54 12.28 -39.44
C GLY EA 120 -80.85 11.36 -38.47
N LYS EA 121 -80.20 11.90 -37.44
CA LYS EA 121 -79.50 11.09 -36.45
C LYS EA 121 -80.45 10.70 -35.33
N GLU EA 122 -80.52 9.41 -35.04
CA GLU EA 122 -81.34 8.93 -33.94
C GLU EA 122 -80.61 9.11 -32.61
N TYR EA 123 -81.38 9.39 -31.56
CA TYR EA 123 -80.80 9.73 -30.28
C TYR EA 123 -81.71 9.25 -29.15
N ILE EA 124 -81.13 9.15 -27.96
CA ILE EA 124 -81.87 8.87 -26.74
C ILE EA 124 -81.61 10.03 -25.79
N LYS EA 125 -82.69 10.68 -25.34
CA LYS EA 125 -82.60 11.78 -24.40
C LYS EA 125 -82.66 11.24 -22.98
N ILE EA 126 -81.68 11.62 -22.15
CA ILE EA 126 -81.66 11.22 -20.75
C ILE EA 126 -81.77 12.47 -19.90
N SER EA 127 -82.84 12.54 -19.09
CA SER EA 127 -82.99 13.58 -18.09
C SER EA 127 -83.44 13.03 -16.75
N SER EA 128 -83.83 11.76 -16.68
CA SER EA 128 -84.15 11.09 -15.43
C SER EA 128 -83.57 9.69 -15.48
N VAL EA 129 -83.92 8.87 -14.50
CA VAL EA 129 -83.33 7.54 -14.40
C VAL EA 129 -84.14 6.51 -15.21
N SER EA 130 -85.41 6.81 -15.49
CA SER EA 130 -86.18 5.99 -16.40
C SER EA 130 -85.67 6.12 -17.84
N ASP EA 131 -85.12 7.29 -18.16
CA ASP EA 131 -84.49 7.45 -19.47
C ASP EA 131 -83.13 6.75 -19.52
N ILE EA 132 -82.49 6.54 -18.37
CA ILE EA 132 -81.34 5.64 -18.32
C ILE EA 132 -81.79 4.21 -18.58
N ALA EA 133 -82.99 3.85 -18.12
CA ALA EA 133 -83.54 2.54 -18.44
C ALA EA 133 -83.92 2.41 -19.92
N LYS EA 134 -84.19 3.53 -20.60
CA LYS EA 134 -84.47 3.50 -22.03
C LYS EA 134 -83.23 3.68 -22.91
N ILE EA 135 -82.05 3.28 -22.44
CA ILE EA 135 -80.83 3.49 -23.21
C ILE EA 135 -80.67 2.41 -24.27
N ASP EA 136 -80.43 2.82 -25.51
CA ASP EA 136 -80.05 1.92 -26.60
C ASP EA 136 -78.57 2.07 -26.87
N ASN EA 137 -77.89 0.94 -27.11
CA ASN EA 137 -76.45 0.97 -27.33
C ASN EA 137 -76.05 1.35 -28.75
N ASN EA 138 -76.97 1.28 -29.71
CA ASN EA 138 -76.69 1.66 -31.09
C ASN EA 138 -77.25 3.03 -31.43
N LYS EA 139 -77.90 3.68 -30.48
CA LYS EA 139 -78.38 5.05 -30.62
C LYS EA 139 -77.57 5.91 -29.66
N THR EA 140 -77.27 7.14 -30.07
CA THR EA 140 -76.44 8.00 -29.23
C THR EA 140 -77.25 8.53 -28.04
N GLN EA 141 -76.52 8.94 -27.02
CA GLN EA 141 -77.12 9.41 -25.77
C GLN EA 141 -76.93 10.91 -25.64
N ILE EA 142 -78.03 11.61 -25.38
CA ILE EA 142 -78.00 13.03 -25.04
C ILE EA 142 -78.45 13.13 -23.59
N ILE EA 143 -77.59 13.61 -22.71
CA ILE EA 143 -77.89 13.69 -21.29
C ILE EA 143 -78.00 15.15 -20.91
N LYS EA 144 -79.21 15.56 -20.49
CA LYS EA 144 -79.44 16.90 -19.96
C LYS EA 144 -78.99 16.89 -18.51
N PHE EA 145 -77.72 17.22 -18.31
CA PHE EA 145 -77.07 17.04 -17.01
C PHE EA 145 -77.57 18.05 -15.98
N HIS EA 146 -77.77 19.30 -16.40
CA HIS EA 146 -78.22 20.34 -15.49
C HIS EA 146 -79.72 20.57 -15.56
N GLY EA 147 -80.44 19.73 -16.29
CA GLY EA 147 -81.89 19.76 -16.28
C GLY EA 147 -82.47 20.09 -17.64
N ASP EA 148 -83.79 20.25 -17.63
CA ASP EA 148 -84.58 20.53 -18.81
C ASP EA 148 -85.75 21.42 -18.40
N PHE EA 149 -86.36 22.09 -19.38
CA PHE EA 149 -87.55 22.88 -19.15
C PHE EA 149 -88.81 22.04 -18.94
N ASP EA 150 -88.75 20.72 -19.16
CA ASP EA 150 -89.88 19.85 -18.89
C ASP EA 150 -90.16 19.72 -17.41
N ASP EA 151 -89.11 19.69 -16.59
CA ASP EA 151 -89.25 19.51 -15.15
C ASP EA 151 -88.57 20.65 -14.41
N ASP EA 152 -89.32 21.32 -13.54
CA ASP EA 152 -88.77 22.44 -12.77
C ASP EA 152 -87.88 22.00 -11.63
N SER EA 153 -88.01 20.75 -11.18
CA SER EA 153 -87.21 20.26 -10.07
C SER EA 153 -85.83 19.76 -10.51
N SER EA 154 -85.53 19.78 -11.80
CA SER EA 154 -84.26 19.29 -12.31
C SER EA 154 -83.31 20.40 -12.74
N ILE EA 155 -83.77 21.65 -12.83
CA ILE EA 155 -82.96 22.73 -13.35
C ILE EA 155 -81.93 23.14 -12.29
N VAL EA 156 -80.65 23.06 -12.65
CA VAL EA 156 -79.55 23.38 -11.74
C VAL EA 156 -79.16 24.82 -12.05
N LEU EA 157 -79.78 25.76 -11.35
CA LEU EA 157 -79.54 27.18 -11.59
C LEU EA 157 -79.15 27.94 -10.33
N ASP EA 158 -79.79 27.67 -9.20
CA ASP EA 158 -79.53 28.39 -7.96
C ASP EA 158 -78.52 27.62 -7.11
N GLU EA 159 -78.16 28.20 -5.96
CA GLU EA 159 -77.11 27.65 -5.12
C GLU EA 159 -77.54 26.37 -4.42
N THR EA 160 -78.84 26.25 -4.11
CA THR EA 160 -79.36 25.05 -3.49
C THR EA 160 -79.29 23.84 -4.41
N SER EA 161 -79.64 24.04 -5.69
CA SER EA 161 -79.58 22.96 -6.67
C SER EA 161 -78.14 22.55 -6.95
N TYR EA 162 -77.22 23.53 -6.94
CA TYR EA 162 -75.81 23.21 -7.06
C TYR EA 162 -75.28 22.47 -5.84
N PHE EA 163 -75.86 22.72 -4.65
CA PHE EA 163 -75.45 21.97 -3.47
C PHE EA 163 -75.93 20.51 -3.53
N GLN EA 164 -77.16 20.30 -4.00
CA GLN EA 164 -77.65 18.93 -4.19
C GLN EA 164 -76.86 18.20 -5.28
N ARG EA 165 -76.41 18.91 -6.31
CA ARG EA 165 -75.52 18.26 -7.27
C ARG EA 165 -74.10 18.10 -6.73
N LEU EA 166 -73.72 18.90 -5.73
CA LEU EA 166 -72.43 18.71 -5.07
C LEU EA 166 -72.43 17.46 -4.20
N GLU EA 167 -73.61 17.03 -3.75
CA GLU EA 167 -73.67 15.80 -2.95
C GLU EA 167 -73.40 14.54 -3.78
N PHE EA 168 -73.48 14.61 -5.11
CA PHE EA 168 -73.21 13.52 -6.07
C PHE EA 168 -74.09 12.30 -5.83
N GLU EA 169 -75.37 12.53 -5.51
CA GLU EA 169 -76.28 11.44 -5.26
C GLU EA 169 -77.41 11.34 -6.29
N THR EA 170 -77.45 12.22 -7.27
CA THR EA 170 -78.40 12.12 -8.37
C THR EA 170 -78.02 10.92 -9.25
N PRO EA 171 -79.02 10.27 -9.88
CA PRO EA 171 -78.69 9.23 -10.87
C PRO EA 171 -77.87 9.71 -12.05
N LEU EA 172 -78.07 10.95 -12.49
CA LEU EA 172 -77.26 11.50 -13.58
C LEU EA 172 -75.83 11.75 -13.12
N ASP EA 173 -75.65 12.12 -11.84
CA ASP EA 173 -74.31 12.28 -11.29
C ASP EA 173 -73.56 10.95 -11.19
N ILE EA 174 -74.27 9.88 -10.80
CA ILE EA 174 -73.68 8.54 -10.75
C ILE EA 174 -73.34 8.04 -12.15
N LYS EA 175 -74.22 8.31 -13.11
CA LYS EA 175 -73.99 7.93 -14.50
C LYS EA 175 -72.80 8.66 -15.10
N PHE EA 176 -72.66 9.96 -14.80
CA PHE EA 176 -71.50 10.71 -15.28
C PHE EA 176 -70.21 10.29 -14.59
N ARG EA 177 -70.28 9.97 -13.29
CA ARG EA 177 -69.09 9.57 -12.55
C ARG EA 177 -68.59 8.20 -13.00
N SER EA 178 -69.46 7.34 -13.52
CA SER EA 178 -68.95 6.11 -14.10
C SER EA 178 -68.65 6.24 -15.59
N ASP EA 179 -69.24 7.23 -16.27
CA ASP EA 179 -68.91 7.46 -17.67
C ASP EA 179 -67.52 8.05 -17.83
N VAL EA 180 -67.07 8.87 -16.87
CA VAL EA 180 -65.74 9.45 -16.97
C VAL EA 180 -64.64 8.46 -16.65
N LEU EA 181 -64.98 7.30 -16.07
CA LEU EA 181 -64.00 6.25 -15.85
C LEU EA 181 -63.62 5.63 -17.18
N GLY EA 182 -62.38 5.84 -17.60
CA GLY EA 182 -61.91 5.20 -18.81
C GLY EA 182 -62.41 5.81 -20.10
N LYS EA 183 -62.84 7.07 -20.07
CA LYS EA 183 -63.24 7.76 -21.29
C LYS EA 183 -62.75 9.19 -21.22
N SER EA 184 -62.56 9.79 -22.39
CA SER EA 184 -62.14 11.18 -22.51
C SER EA 184 -63.37 12.06 -22.67
N VAL EA 185 -63.29 13.26 -22.12
CA VAL EA 185 -64.36 14.24 -22.21
C VAL EA 185 -63.87 15.42 -23.03
N LEU EA 186 -64.67 15.83 -24.01
CA LEU EA 186 -64.38 17.00 -24.84
C LEU EA 186 -65.35 18.10 -24.48
N PHE EA 187 -64.83 19.20 -23.93
CA PHE EA 187 -65.64 20.34 -23.54
C PHE EA 187 -65.64 21.36 -24.67
N ILE EA 188 -66.82 21.62 -25.25
CA ILE EA 188 -66.97 22.66 -26.26
C ILE EA 188 -68.02 23.65 -25.77
N GLY EA 189 -67.70 24.95 -25.91
CA GLY EA 189 -68.59 25.99 -25.44
C GLY EA 189 -68.69 26.12 -23.94
N TYR EA 190 -67.78 25.50 -23.20
CA TYR EA 190 -67.88 25.36 -21.75
C TYR EA 190 -66.59 25.85 -21.11
N SER EA 191 -66.73 26.57 -20.00
CA SER EA 191 -65.58 27.20 -19.35
C SER EA 191 -65.13 26.48 -18.08
N LEU EA 192 -65.82 25.40 -17.69
CA LEU EA 192 -65.58 24.61 -16.47
C LEU EA 192 -65.61 25.50 -15.21
N SER EA 193 -66.75 26.16 -15.04
CA SER EA 193 -66.95 27.07 -13.92
C SER EA 193 -67.91 26.53 -12.87
N ASP EA 194 -68.71 25.53 -13.20
CA ASP EA 194 -69.63 24.94 -12.23
C ASP EA 194 -68.86 24.12 -11.21
N ILE EA 195 -69.21 24.29 -9.94
CA ILE EA 195 -68.41 23.73 -8.85
C ILE EA 195 -68.56 22.21 -8.76
N ASN EA 196 -69.70 21.68 -9.21
CA ASN EA 196 -69.91 20.23 -9.14
C ASN EA 196 -69.11 19.50 -10.21
N ILE EA 197 -68.92 20.11 -11.38
CA ILE EA 197 -68.11 19.49 -12.43
C ILE EA 197 -66.64 19.51 -12.06
N ARG EA 198 -66.18 20.61 -11.45
CA ARG EA 198 -64.80 20.70 -10.99
C ARG EA 198 -64.54 19.74 -9.83
N LEU EA 199 -65.52 19.56 -8.95
CA LEU EA 199 -65.37 18.58 -7.87
C LEU EA 199 -65.39 17.16 -8.41
N LEU EA 200 -66.18 16.90 -9.46
CA LEU EA 200 -66.21 15.59 -10.10
C LEU EA 200 -64.88 15.25 -10.75
N PHE EA 201 -64.27 16.21 -11.44
CA PHE EA 201 -63.00 15.91 -12.09
C PHE EA 201 -61.83 15.91 -11.10
N TYR EA 202 -61.93 16.68 -10.01
CA TYR EA 202 -60.96 16.58 -8.93
C TYR EA 202 -61.03 15.21 -8.25
N LYS EA 203 -62.25 14.72 -8.03
CA LYS EA 203 -62.45 13.39 -7.46
C LYS EA 203 -61.96 12.30 -8.40
N LEU EA 204 -62.12 12.51 -9.71
CA LEU EA 204 -61.61 11.55 -10.70
C LEU EA 204 -60.08 11.49 -10.70
N SER EA 205 -59.42 12.65 -10.65
CA SER EA 205 -57.96 12.67 -10.63
C SER EA 205 -57.40 12.10 -9.33
N LYS EA 206 -58.07 12.41 -8.20
CA LYS EA 206 -57.71 11.82 -6.91
C LYS EA 206 -57.89 10.30 -6.92
N LEU EA 207 -58.99 9.84 -7.52
CA LEU EA 207 -59.32 8.41 -7.61
C LEU EA 207 -58.31 7.65 -8.46
N TRP EA 208 -57.84 8.27 -9.55
CA TRP EA 208 -56.75 7.65 -10.32
C TRP EA 208 -55.43 7.72 -9.56
N LYS EA 209 -55.26 8.69 -8.67
CA LYS EA 209 -54.03 8.76 -7.87
C LYS EA 209 -54.00 7.71 -6.76
N GLU EA 210 -55.17 7.28 -6.26
CA GLU EA 210 -55.17 6.25 -5.20
C GLU EA 210 -54.75 4.88 -5.72
N GLN EA 211 -54.97 4.61 -7.01
CA GLN EA 211 -54.52 3.34 -7.58
C GLN EA 211 -53.06 3.37 -7.99
N LYS EA 212 -52.38 4.52 -7.86
CA LYS EA 212 -51.03 4.79 -8.37
C LYS EA 212 -50.91 4.48 -9.86
N LEU EA 213 -51.93 4.87 -10.62
CA LEU EA 213 -51.98 4.65 -12.06
C LEU EA 213 -52.34 5.94 -12.80
N GLU EA 214 -51.83 7.09 -12.34
CA GLU EA 214 -52.27 8.38 -12.88
C GLU EA 214 -51.74 8.64 -14.29
N GLU EA 215 -50.70 7.92 -14.71
CA GLU EA 215 -50.21 8.07 -16.08
C GLU EA 215 -51.09 7.33 -17.08
N ALA EA 216 -51.92 6.40 -16.61
CA ALA EA 216 -52.82 5.66 -17.47
C ALA EA 216 -54.21 6.27 -17.55
N GLN EA 217 -54.42 7.43 -16.94
CA GLN EA 217 -55.72 8.09 -16.99
C GLN EA 217 -55.98 8.63 -18.39
N PRO EA 218 -57.19 8.48 -18.94
CA PRO EA 218 -57.50 9.10 -20.23
C PRO EA 218 -57.48 10.62 -20.15
N LYS EA 219 -56.95 11.24 -21.20
CA LYS EA 219 -56.74 12.67 -21.24
C LYS EA 219 -57.98 13.36 -21.77
N SER EA 220 -58.56 14.26 -20.98
CA SER EA 220 -59.69 15.05 -21.43
C SER EA 220 -59.19 16.33 -22.09
N TYR EA 221 -60.08 16.97 -22.84
CA TYR EA 221 -59.73 18.18 -23.58
C TYR EA 221 -60.83 19.20 -23.45
N ILE EA 222 -60.44 20.47 -23.45
CA ILE EA 222 -61.37 21.60 -23.42
C ILE EA 222 -60.98 22.54 -24.54
N PHE EA 223 -61.97 22.99 -25.33
CA PHE EA 223 -61.74 23.98 -26.36
C PHE EA 223 -62.17 25.34 -25.84
N LEU EA 224 -61.17 26.16 -25.58
CA LEU EA 224 -61.43 27.49 -25.11
C LEU EA 224 -60.78 28.34 -26.15
N PRO EA 225 -61.55 29.26 -26.77
CA PRO EA 225 -60.86 30.16 -27.70
C PRO EA 225 -59.92 31.07 -26.94
N ARG EA 226 -60.40 31.92 -26.05
CA ARG EA 226 -59.47 32.78 -25.36
C ARG EA 226 -58.66 31.98 -24.42
N PRO EA 227 -57.37 32.19 -24.40
CA PRO EA 227 -56.39 31.44 -23.60
C PRO EA 227 -56.44 31.84 -22.13
N ASN EA 228 -55.89 30.99 -21.26
CA ASN EA 228 -55.86 31.30 -19.82
C ASN EA 228 -54.91 30.36 -19.19
N PRO EA 229 -53.67 30.77 -18.99
CA PRO EA 229 -52.66 29.85 -18.44
C PRO EA 229 -52.96 29.37 -17.04
N ILE EA 230 -53.72 30.17 -16.28
CA ILE EA 230 -54.15 29.80 -14.94
C ILE EA 230 -55.07 28.60 -14.98
N GLN EA 231 -56.12 28.68 -15.80
CA GLN EA 231 -56.99 27.49 -15.94
C GLN EA 231 -56.24 26.39 -16.69
N GLU EA 232 -55.30 26.71 -17.57
CA GLU EA 232 -54.53 25.66 -18.23
C GLU EA 232 -53.77 24.80 -17.22
N GLU EA 233 -53.12 25.44 -16.24
CA GLU EA 233 -52.39 24.69 -15.23
C GLU EA 233 -53.33 23.95 -14.28
N ILE EA 234 -54.43 24.61 -13.90
CA ILE EA 234 -55.38 24.01 -12.95
C ILE EA 234 -56.11 22.82 -13.57
N LEU EA 235 -56.53 22.95 -14.82
CA LEU EA 235 -57.17 21.83 -15.50
C LEU EA 235 -56.14 20.79 -15.93
N GLU EA 236 -54.87 21.18 -16.09
CA GLU EA 236 -53.83 20.22 -16.41
C GLU EA 236 -53.52 19.32 -15.22
N GLN EA 237 -53.76 19.81 -14.00
CA GLN EA 237 -53.71 18.95 -12.83
C GLN EA 237 -54.80 17.87 -12.83
N TRP EA 238 -55.94 18.12 -13.49
CA TRP EA 238 -57.03 17.17 -13.54
C TRP EA 238 -57.08 16.40 -14.85
N ARG EA 239 -55.93 16.29 -15.55
CA ARG EA 239 -55.77 15.61 -16.83
C ARG EA 239 -56.69 16.17 -17.91
N ILE EA 240 -56.87 17.49 -17.93
CA ILE EA 240 -57.67 18.18 -18.93
C ILE EA 240 -56.78 19.19 -19.63
N GLY EA 241 -56.45 18.93 -20.89
CA GLY EA 241 -55.63 19.85 -21.65
C GLY EA 241 -56.45 20.85 -22.44
N MET EA 242 -55.84 21.99 -22.75
CA MET EA 242 -56.52 23.05 -23.47
C MET EA 242 -56.16 23.05 -24.95
N ILE EA 243 -57.17 23.26 -25.78
CA ILE EA 243 -56.99 23.48 -27.21
C ILE EA 243 -57.43 24.90 -27.49
N SER EA 244 -56.50 25.72 -27.96
CA SER EA 244 -56.74 27.14 -28.21
C SER EA 244 -56.72 27.43 -29.70
N SER EA 245 -57.26 28.60 -30.06
CA SER EA 245 -57.29 29.06 -31.44
C SER EA 245 -56.76 30.49 -31.53
N GLU EA 246 -56.12 30.78 -32.65
CA GLU EA 246 -55.62 32.14 -32.89
C GLU EA 246 -56.73 33.08 -33.40
N ASN EA 247 -57.77 32.48 -33.97
CA ASN EA 247 -58.93 33.25 -34.45
C ASN EA 247 -59.61 33.88 -33.23
N ASP EA 248 -60.30 35.00 -33.42
CA ASP EA 248 -60.97 35.70 -32.28
C ASP EA 248 -62.49 35.59 -32.44
N ASN EA 249 -62.98 34.93 -33.50
CA ASN EA 249 -64.45 34.73 -33.60
C ASN EA 249 -64.72 33.36 -32.97
N PRO EA 250 -65.26 33.27 -31.72
CA PRO EA 250 -65.37 31.95 -31.06
C PRO EA 250 -66.21 30.95 -31.83
N GLY EA 251 -67.26 31.40 -32.52
CA GLY EA 251 -68.07 30.50 -33.32
C GLY EA 251 -67.32 29.94 -34.51
N GLU EA 252 -66.55 30.80 -35.18
CA GLU EA 252 -65.74 30.35 -36.30
C GLU EA 252 -64.60 29.44 -35.84
N SER EA 253 -64.01 29.73 -34.67
CA SER EA 253 -62.97 28.89 -34.10
C SER EA 253 -63.51 27.50 -33.76
N LEU EA 254 -64.71 27.45 -33.22
CA LEU EA 254 -65.32 26.17 -32.89
C LEU EA 254 -65.76 25.43 -34.15
N GLU EA 255 -66.08 26.17 -35.21
CA GLU EA 255 -66.37 25.53 -36.50
C GLU EA 255 -65.13 24.88 -37.11
N GLU EA 256 -63.98 25.55 -37.07
CA GLU EA 256 -62.74 24.90 -37.54
C GLU EA 256 -62.28 23.80 -36.59
N PHE EA 257 -62.68 23.87 -35.31
CA PHE EA 257 -62.36 22.78 -34.40
C PHE EA 257 -63.18 21.53 -34.72
N LEU EA 258 -64.49 21.69 -34.94
CA LEU EA 258 -65.36 20.55 -35.21
C LEU EA 258 -65.35 20.14 -36.68
N LYS EA 259 -64.65 20.89 -37.54
CA LYS EA 259 -64.43 20.44 -38.92
C LYS EA 259 -63.58 19.19 -38.97
N ASN EA 260 -62.68 18.99 -37.99
CA ASN EA 260 -61.90 17.78 -37.90
C ASN EA 260 -62.73 16.58 -37.44
N PHE EA 261 -63.92 16.82 -36.88
CA PHE EA 261 -64.76 15.75 -36.37
C PHE EA 261 -65.93 15.42 -37.30
N VAL EA 262 -66.38 16.36 -38.13
CA VAL EA 262 -67.53 16.08 -38.99
C VAL EA 262 -67.11 15.17 -40.15
N LEU EA 263 -65.84 15.23 -40.56
CA LEU EA 263 -65.36 14.44 -41.68
C LEU EA 263 -65.28 12.96 -41.32
N VAL EA 264 -65.65 12.12 -42.30
CA VAL EA 264 -65.80 10.66 -42.20
C VAL EA 264 -66.69 10.24 -41.03
N MET FA 1 -80.68 40.92 18.41
CA MET FA 1 -79.81 41.42 19.47
C MET FA 1 -80.31 40.99 20.85
N GLU FA 2 -81.64 40.88 20.98
CA GLU FA 2 -82.23 40.52 22.26
C GLU FA 2 -82.07 39.03 22.53
N GLN FA 3 -82.49 38.20 21.59
CA GLN FA 3 -82.36 36.75 21.73
C GLN FA 3 -80.91 36.32 21.61
N LEU FA 4 -80.10 37.09 20.88
CA LEU FA 4 -78.66 36.84 20.79
C LEU FA 4 -77.99 37.02 22.14
N LEU FA 5 -78.32 38.10 22.85
CA LEU FA 5 -77.76 38.32 24.19
C LEU FA 5 -78.33 37.32 25.20
N ALA FA 6 -79.60 36.93 25.01
CA ALA FA 6 -80.22 35.94 25.89
C ALA FA 6 -79.57 34.58 25.75
N ASP FA 7 -79.21 34.18 24.53
CA ASP FA 7 -78.46 32.95 24.34
C ASP FA 7 -76.98 33.12 24.68
N TYR FA 8 -76.49 34.36 24.72
CA TYR FA 8 -75.11 34.59 25.13
C TYR FA 8 -74.95 34.29 26.62
N LYS FA 9 -75.83 34.85 27.46
CA LYS FA 9 -75.64 34.72 28.91
C LYS FA 9 -75.94 33.31 29.43
N LYS FA 10 -76.63 32.48 28.64
CA LYS FA 10 -76.69 31.06 28.98
C LYS FA 10 -75.42 30.33 28.58
N GLY FA 11 -74.63 30.89 27.66
CA GLY FA 11 -73.40 30.25 27.22
C GLY FA 11 -73.59 29.36 26.02
N ASN FA 12 -74.47 29.75 25.11
CA ASN FA 12 -74.84 28.94 23.95
C ASN FA 12 -74.66 29.71 22.65
N VAL FA 13 -73.64 30.56 22.59
CA VAL FA 13 -73.32 31.30 21.37
C VAL FA 13 -71.85 31.06 21.04
N ILE FA 14 -71.60 30.53 19.84
CA ILE FA 14 -70.25 30.34 19.32
C ILE FA 14 -69.88 31.59 18.54
N LEU FA 15 -68.67 32.10 18.77
CA LEU FA 15 -68.17 33.25 18.02
C LEU FA 15 -67.38 32.75 16.82
N PHE FA 16 -67.78 33.20 15.63
CA PHE FA 16 -67.05 32.96 14.39
C PHE FA 16 -66.43 34.27 13.94
N VAL FA 17 -65.12 34.28 13.72
CA VAL FA 17 -64.36 35.49 13.44
C VAL FA 17 -63.77 35.38 12.03
N GLY FA 18 -64.07 36.37 11.19
CA GLY FA 18 -63.53 36.44 9.86
C GLY FA 18 -62.38 37.41 9.73
N ALA FA 19 -62.10 37.81 8.49
CA ALA FA 19 -60.96 38.67 8.21
C ALA FA 19 -61.23 40.12 8.59
N GLY FA 20 -62.49 40.54 8.55
CA GLY FA 20 -62.83 41.94 8.77
C GLY FA 20 -62.67 42.39 10.20
N VAL FA 21 -62.61 41.45 11.14
CA VAL FA 21 -62.16 41.75 12.49
C VAL FA 21 -60.69 42.14 12.47
N SER FA 22 -59.89 41.37 11.73
CA SER FA 22 -58.45 41.56 11.72
C SER FA 22 -57.99 42.70 10.82
N MET FA 23 -58.86 43.23 9.96
CA MET FA 23 -58.48 44.35 9.11
C MET FA 23 -58.35 45.68 9.87
N ASN FA 24 -58.76 45.74 11.13
CA ASN FA 24 -58.63 46.96 11.91
C ASN FA 24 -57.19 47.20 12.36
N LEU FA 25 -56.36 46.15 12.40
CA LEU FA 25 -55.04 46.23 13.01
C LEU FA 25 -53.97 46.78 12.08
N GLY FA 26 -54.29 47.11 10.84
CA GLY FA 26 -53.29 47.43 9.86
C GLY FA 26 -52.68 46.22 9.18
N LEU FA 27 -53.36 45.08 9.20
CA LEU FA 27 -52.91 43.89 8.52
C LEU FA 27 -53.05 44.07 7.01
N PRO FA 28 -52.27 43.32 6.21
CA PRO FA 28 -52.52 43.31 4.77
C PRO FA 28 -53.88 42.73 4.43
N SER FA 29 -54.51 43.30 3.40
CA SER FA 29 -55.82 42.83 3.00
C SER FA 29 -55.69 41.63 2.07
N TRP FA 30 -56.84 41.14 1.60
CA TRP FA 30 -56.82 40.06 0.63
C TRP FA 30 -56.30 40.54 -0.73
N SER FA 31 -56.63 41.79 -1.07
CA SER FA 31 -56.20 42.37 -2.33
C SER FA 31 -54.68 42.55 -2.37
N GLN FA 32 -54.08 42.90 -1.23
CA GLN FA 32 -52.62 43.02 -1.16
C GLN FA 32 -51.95 41.64 -1.26
N LEU FA 33 -52.63 40.60 -0.77
CA LEU FA 33 -52.15 39.23 -0.95
C LEU FA 33 -52.16 38.82 -2.41
N VAL FA 34 -53.23 39.19 -3.14
CA VAL FA 34 -53.30 38.91 -4.57
C VAL FA 34 -52.25 39.71 -5.34
N ASP FA 35 -51.99 40.95 -4.89
CA ASP FA 35 -50.92 41.77 -5.48
C ASP FA 35 -49.54 41.16 -5.26
N HIS FA 36 -49.30 40.59 -4.07
CA HIS FA 36 -48.02 39.94 -3.80
C HIS FA 36 -47.87 38.67 -4.61
N ILE FA 37 -48.97 37.91 -4.78
CA ILE FA 37 -48.95 36.69 -5.61
C ILE FA 37 -48.65 37.04 -7.06
N ALA FA 38 -49.28 38.10 -7.57
CA ALA FA 38 -49.06 38.54 -8.95
C ALA FA 38 -47.64 39.07 -9.16
N THR FA 39 -47.11 39.82 -8.18
CA THR FA 39 -45.75 40.33 -8.27
C THR FA 39 -44.73 39.19 -8.21
N GLU FA 40 -44.98 38.19 -7.39
CA GLU FA 40 -44.06 37.06 -7.27
C GLU FA 40 -44.12 36.16 -8.50
N LEU FA 41 -45.26 36.11 -9.18
CA LEU FA 41 -45.39 35.31 -10.40
C LEU FA 41 -45.11 36.11 -11.67
N GLY FA 42 -44.62 37.34 -11.55
CA GLY FA 42 -44.24 38.13 -12.70
C GLY FA 42 -45.37 38.90 -13.35
N TYR FA 43 -46.58 38.81 -12.83
CA TYR FA 43 -47.70 39.54 -13.39
C TYR FA 43 -47.75 40.95 -12.79
N ASP FA 44 -48.45 41.84 -13.50
CA ASP FA 44 -48.93 42.93 -12.69
C ASP FA 44 -50.31 42.57 -12.11
N PRO FA 45 -50.71 43.16 -10.96
CA PRO FA 45 -51.96 42.71 -10.30
C PRO FA 45 -53.26 42.82 -11.09
N ASP FA 46 -53.44 43.85 -11.91
CA ASP FA 46 -54.74 44.13 -12.50
C ASP FA 46 -55.07 43.17 -13.64
N ILE FA 47 -54.06 42.75 -14.41
CA ILE FA 47 -54.25 41.68 -15.38
C ILE FA 47 -54.47 40.35 -14.68
N TYR FA 48 -53.80 40.14 -13.54
CA TYR FA 48 -53.91 38.88 -12.80
C TYR FA 48 -55.28 38.74 -12.12
N ARG FA 49 -55.98 39.85 -11.90
CA ARG FA 49 -57.35 39.76 -11.40
C ARG FA 49 -58.30 39.14 -12.42
N THR FA 50 -58.04 39.32 -13.71
CA THR FA 50 -58.97 38.98 -14.77
C THR FA 50 -58.91 37.52 -15.21
N PHE FA 51 -58.29 36.64 -14.43
CA PHE FA 51 -58.12 35.25 -14.82
C PHE FA 51 -58.89 34.29 -13.93
N GLY FA 52 -58.63 34.31 -12.62
CA GLY FA 52 -59.39 33.53 -11.68
C GLY FA 52 -60.16 34.45 -10.76
N SER FA 53 -60.56 33.99 -9.58
CA SER FA 53 -61.23 34.87 -8.62
C SER FA 53 -60.39 35.07 -7.37
N ALA FA 54 -60.21 34.05 -6.54
CA ALA FA 54 -59.20 34.07 -5.50
C ALA FA 54 -58.54 32.70 -5.40
N LEU FA 55 -59.38 31.67 -5.51
CA LEU FA 55 -58.95 30.30 -5.28
C LEU FA 55 -58.10 29.80 -6.44
N GLU FA 56 -58.46 30.19 -7.67
CA GLU FA 56 -57.66 29.83 -8.84
C GLU FA 56 -56.33 30.56 -8.84
N LEU FA 57 -56.29 31.77 -8.29
CA LEU FA 57 -55.04 32.53 -8.24
C LEU FA 57 -54.08 31.96 -7.20
N ALA FA 58 -54.60 31.59 -6.03
CA ALA FA 58 -53.78 30.91 -5.03
C ALA FA 58 -53.37 29.51 -5.49
N GLU FA 59 -54.24 28.85 -6.26
CA GLU FA 59 -53.91 27.58 -6.89
C GLU FA 59 -52.77 27.73 -7.88
N TYR FA 60 -52.79 28.80 -8.67
CA TYR FA 60 -51.71 29.04 -9.64
C TYR FA 60 -50.39 29.35 -8.94
N TYR FA 61 -50.44 30.08 -7.83
CA TYR FA 61 -49.22 30.31 -7.06
C TYR FA 61 -48.67 29.02 -6.47
N LYS FA 62 -49.56 28.14 -5.98
CA LYS FA 62 -49.12 26.86 -5.44
C LYS FA 62 -48.54 25.97 -6.52
N LEU FA 63 -49.14 25.96 -7.71
CA LEU FA 63 -48.68 25.06 -8.76
C LEU FA 63 -47.40 25.56 -9.42
N LYS FA 64 -47.23 26.88 -9.54
CA LYS FA 64 -45.99 27.39 -10.12
C LYS FA 64 -44.86 27.39 -9.12
N LYS FA 65 -45.15 27.70 -7.86
CA LYS FA 65 -44.10 27.76 -6.84
C LYS FA 65 -43.86 26.43 -6.14
N GLY FA 66 -44.57 25.38 -6.52
CA GLY FA 66 -44.38 24.09 -5.90
C GLY FA 66 -45.27 23.84 -4.71
N LYS FA 67 -45.03 24.57 -3.61
CA LYS FA 67 -45.85 24.48 -2.41
C LYS FA 67 -46.35 25.87 -2.04
N ILE FA 68 -46.95 25.97 -0.86
CA ILE FA 68 -47.56 27.21 -0.37
C ILE FA 68 -46.57 27.91 0.56
N GLY FA 69 -45.41 27.31 0.74
CA GLY FA 69 -44.41 27.73 1.71
C GLY FA 69 -43.84 29.15 1.65
N PRO FA 70 -43.43 29.64 0.47
CA PRO FA 70 -43.08 31.07 0.37
C PRO FA 70 -44.21 32.02 0.68
N LEU FA 71 -45.43 31.69 0.27
CA LEU FA 71 -46.59 32.53 0.58
C LEU FA 71 -46.93 32.49 2.06
N ARG FA 72 -46.79 31.32 2.68
CA ARG FA 72 -47.02 31.20 4.12
C ARG FA 72 -45.97 31.98 4.90
N SER FA 73 -44.71 31.95 4.44
CA SER FA 73 -43.64 32.70 5.07
C SER FA 73 -43.86 34.20 5.00
N TRP FA 74 -44.27 34.68 3.81
CA TRP FA 74 -44.59 36.10 3.65
C TRP FA 74 -45.81 36.51 4.47
N MET FA 75 -46.85 35.66 4.49
CA MET FA 75 -48.05 35.95 5.27
C MET FA 75 -47.78 35.92 6.76
N ASP FA 76 -46.88 35.05 7.20
CA ASP FA 76 -46.50 34.96 8.59
C ASP FA 76 -45.70 36.19 9.03
N ARG FA 77 -44.82 36.69 8.16
CA ARG FA 77 -44.04 37.87 8.54
C ARG FA 77 -44.85 39.15 8.49
N MET FA 78 -45.66 39.37 7.45
CA MET FA 78 -46.41 40.63 7.39
C MET FA 78 -47.66 40.61 8.26
N TRP FA 79 -48.23 39.43 8.53
CA TRP FA 79 -49.39 39.41 9.42
C TRP FA 79 -49.01 39.55 10.89
N HIS FA 80 -47.74 39.36 11.25
CA HIS FA 80 -47.26 39.46 12.62
C HIS FA 80 -46.05 40.37 12.70
N SER FA 81 -46.13 41.54 12.09
CA SER FA 81 -45.02 42.49 12.16
C SER FA 81 -44.99 43.17 13.51
N SER FA 82 -43.85 43.82 13.81
CA SER FA 82 -43.68 44.45 15.11
C SER FA 82 -44.45 45.77 15.22
N ASP FA 83 -44.88 46.33 14.09
CA ASP FA 83 -45.60 47.60 14.12
C ASP FA 83 -47.06 47.41 14.54
N ILE FA 84 -47.55 46.18 14.53
CA ILE FA 84 -48.93 45.89 14.89
C ILE FA 84 -49.02 45.69 16.39
N ASP FA 85 -49.89 46.46 17.05
CA ASP FA 85 -50.04 46.41 18.49
C ASP FA 85 -51.45 45.95 18.83
N ILE FA 86 -51.56 44.94 19.69
CA ILE FA 86 -52.86 44.37 20.02
C ILE FA 86 -53.58 45.20 21.09
N ASN FA 87 -52.87 46.08 21.80
CA ASN FA 87 -53.51 46.85 22.86
C ASN FA 87 -54.33 48.01 22.30
N LYS FA 88 -53.97 48.53 21.12
CA LYS FA 88 -54.76 49.57 20.48
C LYS FA 88 -55.78 48.97 19.51
N SER FA 89 -56.57 48.02 20.00
CA SER FA 89 -57.62 47.39 19.19
C SER FA 89 -58.79 47.10 20.11
N LYS FA 90 -59.85 47.90 19.99
CA LYS FA 90 -61.00 47.75 20.87
C LYS FA 90 -61.83 46.53 20.49
N VAL FA 91 -61.76 46.11 19.22
CA VAL FA 91 -62.49 44.91 18.77
C VAL FA 91 -61.90 43.66 19.41
N HIS FA 92 -60.58 43.54 19.41
CA HIS FA 92 -59.92 42.38 20.00
C HIS FA 92 -60.02 42.40 21.52
N GLU FA 93 -60.03 43.59 22.12
CA GLU FA 93 -60.27 43.72 23.56
C GLU FA 93 -61.68 43.29 23.93
N TYR FA 94 -62.67 43.67 23.11
CA TYR FA 94 -64.05 43.29 23.39
C TYR FA 94 -64.29 41.81 23.15
N ILE FA 95 -63.51 41.21 22.24
CA ILE FA 95 -63.54 39.77 22.05
C ILE FA 95 -62.92 39.07 23.25
N ALA FA 96 -61.80 39.60 23.75
CA ALA FA 96 -61.05 38.95 24.82
C ALA FA 96 -61.78 39.03 26.16
N LYS FA 97 -62.40 40.18 26.45
CA LYS FA 97 -63.06 40.34 27.75
C LYS FA 97 -64.42 39.65 27.77
N ALA FA 98 -64.97 39.33 26.60
CA ALA FA 98 -66.22 38.58 26.55
C ALA FA 98 -65.98 37.13 26.90
N ASN FA 99 -66.99 36.49 27.48
CA ASN FA 99 -66.93 35.07 27.82
C ASN FA 99 -67.63 34.29 26.72
N PHE FA 100 -66.93 34.12 25.60
CA PHE FA 100 -67.34 33.19 24.57
C PHE FA 100 -66.64 31.86 24.83
N PRO FA 101 -67.36 30.77 25.05
CA PRO FA 101 -66.68 29.51 25.40
C PRO FA 101 -66.01 28.85 24.21
N ILE FA 102 -66.61 28.92 23.03
CA ILE FA 102 -66.05 28.35 21.81
C ILE FA 102 -65.88 29.48 20.80
N ILE FA 103 -64.67 29.64 20.28
CA ILE FA 103 -64.36 30.65 19.27
C ILE FA 103 -63.79 29.95 18.05
N TYR FA 104 -64.43 30.13 16.90
CA TYR FA 104 -63.91 29.65 15.63
C TYR FA 104 -63.39 30.83 14.83
N THR FA 105 -62.37 30.59 14.01
CA THR FA 105 -61.84 31.63 13.15
C THR FA 105 -61.30 31.00 11.88
N THR FA 106 -61.41 31.74 10.78
CA THR FA 106 -60.79 31.36 9.52
C THR FA 106 -59.49 32.12 9.26
N ASN FA 107 -59.06 32.95 10.21
CA ASN FA 107 -57.79 33.66 10.11
C ASN FA 107 -56.66 32.73 10.47
N TYR FA 108 -55.55 32.84 9.76
CA TYR FA 108 -54.36 32.09 10.11
C TYR FA 108 -53.45 32.86 11.06
N ASP FA 109 -53.75 34.13 11.33
CA ASP FA 109 -52.96 34.91 12.28
C ASP FA 109 -53.36 34.57 13.72
N ARG FA 110 -52.43 34.81 14.63
CA ARG FA 110 -52.59 34.46 16.04
C ARG FA 110 -53.03 35.65 16.89
N TRP FA 111 -53.72 36.63 16.30
CA TRP FA 111 -54.05 37.82 17.04
C TRP FA 111 -55.20 37.62 18.02
N ILE FA 112 -56.05 36.61 17.78
CA ILE FA 112 -57.08 36.26 18.75
C ILE FA 112 -56.44 35.64 19.99
N GLU FA 113 -55.47 34.75 19.80
CA GLU FA 113 -54.77 34.15 20.93
C GLU FA 113 -53.89 35.18 21.64
N THR FA 114 -53.29 36.10 20.88
CA THR FA 114 -52.48 37.16 21.48
C THR FA 114 -53.35 38.12 22.29
N ALA FA 115 -54.54 38.45 21.79
CA ALA FA 115 -55.46 39.29 22.54
C ALA FA 115 -56.04 38.57 23.75
N LEU FA 116 -56.22 37.25 23.65
CA LEU FA 116 -56.76 36.48 24.76
C LEU FA 116 -55.74 36.34 25.88
N SER FA 117 -54.47 36.10 25.54
CA SER FA 117 -53.44 36.02 26.56
C SER FA 117 -53.03 37.39 27.07
N ASN FA 118 -53.23 38.43 26.25
CA ASN FA 118 -52.82 39.78 26.65
C ASN FA 118 -53.76 40.35 27.70
N TYR FA 119 -55.05 40.01 27.61
CA TYR FA 119 -56.05 40.50 28.56
C TYR FA 119 -56.34 39.49 29.66
N GLY FA 120 -55.39 38.58 29.94
CA GLY FA 120 -55.46 37.70 31.09
C GLY FA 120 -56.57 36.66 31.07
N LYS FA 121 -56.75 36.00 29.93
CA LYS FA 121 -57.76 34.94 29.80
C LYS FA 121 -57.07 33.69 29.28
N GLU FA 122 -57.30 32.56 29.94
CA GLU FA 122 -56.72 31.31 29.51
C GLU FA 122 -57.48 30.75 28.31
N TYR FA 123 -56.78 29.98 27.48
CA TYR FA 123 -57.36 29.46 26.26
C TYR FA 123 -56.67 28.16 25.89
N ILE FA 124 -57.31 27.41 25.00
CA ILE FA 124 -56.72 26.23 24.36
C ILE FA 124 -56.85 26.45 22.86
N LYS FA 125 -55.73 26.41 22.15
CA LYS FA 125 -55.72 26.64 20.72
C LYS FA 125 -55.81 25.29 20.01
N ILE FA 126 -56.79 25.15 19.12
CA ILE FA 126 -57.05 23.91 18.42
C ILE FA 126 -56.77 24.11 16.95
N SER FA 127 -55.83 23.33 16.42
CA SER FA 127 -55.56 23.29 14.98
C SER FA 127 -55.37 21.86 14.48
N SER FA 128 -55.42 20.87 15.35
CA SER FA 128 -55.36 19.46 14.98
C SER FA 128 -56.15 18.67 15.99
N VAL FA 129 -56.25 17.36 15.76
CA VAL FA 129 -57.09 16.51 16.61
C VAL FA 129 -56.40 16.21 17.94
N SER FA 130 -55.07 16.31 17.98
CA SER FA 130 -54.34 16.17 19.23
C SER FA 130 -54.58 17.37 20.15
N ASP FA 131 -54.94 18.52 19.58
CA ASP FA 131 -55.36 19.66 20.38
C ASP FA 131 -56.83 19.55 20.79
N ILE FA 132 -57.63 18.77 20.06
CA ILE FA 132 -58.98 18.45 20.51
C ILE FA 132 -58.92 17.54 21.73
N ALA FA 133 -57.87 16.73 21.83
CA ALA FA 133 -57.67 15.90 23.03
C ALA FA 133 -57.42 16.71 24.30
N LYS FA 134 -56.92 17.95 24.18
CA LYS FA 134 -56.60 18.78 25.33
C LYS FA 134 -57.65 19.84 25.66
N ILE FA 135 -58.92 19.56 25.38
CA ILE FA 135 -59.96 20.56 25.63
C ILE FA 135 -60.35 20.54 27.10
N ASP FA 136 -60.24 21.70 27.75
CA ASP FA 136 -60.67 21.89 29.13
C ASP FA 136 -61.97 22.68 29.05
N ASN FA 137 -62.92 22.33 29.89
CA ASN FA 137 -64.26 22.92 29.86
C ASN FA 137 -64.35 24.26 30.58
N ASN FA 138 -63.31 24.67 31.30
CA ASN FA 138 -63.28 25.97 31.95
C ASN FA 138 -62.42 26.98 31.20
N LYS FA 139 -61.91 26.62 30.03
CA LYS FA 139 -61.11 27.49 29.20
C LYS FA 139 -61.84 27.71 27.88
N THR FA 140 -61.51 28.81 27.21
CA THR FA 140 -62.12 29.06 25.91
C THR FA 140 -61.40 28.27 24.84
N GLN FA 141 -62.16 27.82 23.85
CA GLN FA 141 -61.62 27.07 22.72
C GLN FA 141 -61.43 28.02 21.55
N ILE FA 142 -60.19 28.19 21.10
CA ILE FA 142 -59.90 28.91 19.87
C ILE FA 142 -59.56 27.85 18.83
N ILE FA 143 -60.38 27.74 17.79
CA ILE FA 143 -60.19 26.75 16.75
C ILE FA 143 -59.78 27.46 15.47
N LYS FA 144 -58.58 27.17 14.99
CA LYS FA 144 -58.08 27.71 13.73
C LYS FA 144 -58.64 26.84 12.62
N PHE FA 145 -59.82 27.23 12.11
CA PHE FA 145 -60.61 26.34 11.26
C PHE FA 145 -60.01 26.20 9.88
N HIS FA 146 -59.40 27.26 9.35
CA HIS FA 146 -58.80 27.23 8.03
C HIS FA 146 -57.29 27.12 8.09
N GLY FA 147 -56.73 26.80 9.25
CA GLY FA 147 -55.32 26.52 9.36
C GLY FA 147 -54.57 27.57 10.17
N ASP FA 148 -53.27 27.36 10.23
CA ASP FA 148 -52.35 28.22 10.97
C ASP FA 148 -51.04 28.20 10.20
N PHE FA 149 -50.16 29.15 10.51
CA PHE FA 149 -48.87 29.25 9.85
C PHE FA 149 -47.85 28.24 10.39
N ASP FA 150 -48.22 27.42 11.37
CA ASP FA 150 -47.37 26.35 11.91
C ASP FA 150 -47.46 25.07 11.09
N ASP FA 151 -48.27 25.03 10.04
CA ASP FA 151 -48.46 23.80 9.27
C ASP FA 151 -48.86 24.20 7.85
N ASP FA 152 -48.05 23.77 6.87
CA ASP FA 152 -48.35 24.07 5.46
C ASP FA 152 -49.59 23.32 5.00
N SER FA 153 -49.77 22.09 5.47
CA SER FA 153 -50.86 21.23 5.02
C SER FA 153 -52.21 21.61 5.58
N SER FA 154 -52.25 22.47 6.60
CA SER FA 154 -53.51 22.83 7.24
C SER FA 154 -54.14 24.09 6.66
N ILE FA 155 -53.40 24.89 5.90
CA ILE FA 155 -53.90 26.18 5.43
C ILE FA 155 -54.89 25.96 4.29
N VAL FA 156 -56.11 26.47 4.47
CA VAL FA 156 -57.16 26.38 3.46
C VAL FA 156 -57.16 27.72 2.74
N LEU FA 157 -56.42 27.80 1.64
CA LEU FA 157 -56.27 29.01 0.86
C LEU FA 157 -56.68 28.85 -0.59
N ASP FA 158 -56.28 27.77 -1.23
CA ASP FA 158 -56.52 27.56 -2.65
C ASP FA 158 -57.65 26.55 -2.85
N GLU FA 159 -57.97 26.29 -4.12
CA GLU FA 159 -59.18 25.55 -4.47
C GLU FA 159 -59.07 24.07 -4.13
N THR FA 160 -57.86 23.52 -4.13
CA THR FA 160 -57.65 22.12 -3.76
C THR FA 160 -57.90 21.91 -2.27
N SER FA 161 -57.49 22.87 -1.44
CA SER FA 161 -57.73 22.78 0.00
C SER FA 161 -59.21 22.94 0.33
N TYR FA 162 -59.91 23.80 -0.41
CA TYR FA 162 -61.36 23.92 -0.26
C TYR FA 162 -62.06 22.66 -0.74
N PHE FA 163 -61.51 22.00 -1.76
CA PHE FA 163 -62.10 20.76 -2.26
C PHE FA 163 -61.90 19.62 -1.27
N GLN FA 164 -60.76 19.60 -0.56
CA GLN FA 164 -60.58 18.67 0.53
C GLN FA 164 -61.52 18.96 1.69
N ARG FA 165 -61.74 20.24 2.00
CA ARG FA 165 -62.61 20.58 3.12
C ARG FA 165 -64.10 20.44 2.79
N LEU FA 166 -64.45 20.32 1.51
CA LEU FA 166 -65.84 20.13 1.12
C LEU FA 166 -66.41 18.78 1.53
N GLU FA 167 -65.56 17.80 1.82
CA GLU FA 167 -66.03 16.45 2.11
C GLU FA 167 -66.34 16.24 3.59
N PHE FA 168 -65.91 17.18 4.46
CA PHE FA 168 -66.13 17.17 5.91
C PHE FA 168 -65.58 15.93 6.58
N GLU FA 169 -64.33 15.57 6.25
CA GLU FA 169 -63.67 14.42 6.83
C GLU FA 169 -62.45 14.79 7.68
N THR FA 170 -62.04 16.06 7.66
CA THR FA 170 -61.06 16.57 8.61
C THR FA 170 -61.67 16.55 10.01
N PRO FA 171 -60.86 16.35 11.08
CA PRO FA 171 -61.39 16.42 12.45
C PRO FA 171 -62.07 17.73 12.83
N LEU FA 172 -61.58 18.84 12.30
CA LEU FA 172 -62.13 20.14 12.63
C LEU FA 172 -63.51 20.32 12.02
N ASP FA 173 -63.76 19.71 10.85
CA ASP FA 173 -65.08 19.75 10.24
C ASP FA 173 -66.10 18.94 11.02
N ILE FA 174 -65.72 17.77 11.55
CA ILE FA 174 -66.65 17.00 12.37
C ILE FA 174 -66.90 17.70 13.70
N LYS FA 175 -65.87 18.34 14.26
CA LYS FA 175 -66.03 19.11 15.49
C LYS FA 175 -66.96 20.30 15.29
N PHE FA 176 -66.83 20.99 14.15
CA PHE FA 176 -67.71 22.12 13.85
C PHE FA 176 -69.14 21.65 13.54
N ARG FA 177 -69.26 20.51 12.84
CA ARG FA 177 -70.58 19.99 12.47
C ARG FA 177 -71.35 19.49 13.68
N SER FA 178 -70.66 19.09 14.74
CA SER FA 178 -71.38 18.78 15.97
C SER FA 178 -71.51 19.98 16.90
N ASP FA 179 -70.64 20.97 16.79
CA ASP FA 179 -70.78 22.16 17.62
C ASP FA 179 -71.93 23.05 17.16
N VAL FA 180 -72.24 23.03 15.85
CA VAL FA 180 -73.39 23.80 15.38
C VAL FA 180 -74.71 23.13 15.71
N LEU FA 181 -74.70 21.86 16.11
CA LEU FA 181 -75.91 21.18 16.55
C LEU FA 181 -76.33 21.74 17.91
N GLY FA 182 -77.41 22.51 17.92
CA GLY FA 182 -77.92 23.02 19.17
C GLY FA 182 -77.17 24.18 19.77
N LYS FA 183 -76.43 24.94 18.96
CA LYS FA 183 -75.76 26.14 19.43
C LYS FA 183 -75.87 27.22 18.35
N SER FA 184 -75.84 28.47 18.80
CA SER FA 184 -75.88 29.61 17.91
C SER FA 184 -74.48 30.02 17.52
N VAL FA 185 -74.32 30.44 16.26
CA VAL FA 185 -73.05 30.92 15.74
C VAL FA 185 -73.18 32.41 15.45
N LEU FA 186 -72.26 33.20 15.99
CA LEU FA 186 -72.21 34.64 15.74
C LEU FA 186 -71.04 34.93 14.82
N PHE FA 187 -71.32 35.52 13.67
CA PHE FA 187 -70.32 35.81 12.65
C PHE FA 187 -69.94 37.28 12.73
N ILE FA 188 -68.68 37.57 13.01
CA ILE FA 188 -68.17 38.94 13.03
C ILE FA 188 -66.96 39.03 12.12
N GLY FA 189 -66.92 40.09 11.31
CA GLY FA 189 -65.86 40.27 10.33
C GLY FA 189 -65.86 39.28 9.19
N TYR FA 190 -66.97 38.59 8.97
CA TYR FA 190 -67.04 37.46 8.05
C TYR FA 190 -68.22 37.65 7.10
N SER FA 191 -67.99 37.39 5.82
CA SER FA 191 -68.99 37.63 4.80
C SER FA 191 -69.75 36.37 4.39
N LEU FA 192 -69.42 35.21 4.98
CA LEU FA 192 -69.98 33.90 4.66
C LEU FA 192 -69.84 33.55 3.18
N SER FA 193 -68.61 33.64 2.67
CA SER FA 193 -68.33 33.41 1.26
C SER FA 193 -67.63 32.09 0.98
N ASP FA 194 -67.00 31.48 1.99
CA ASP FA 194 -66.33 30.21 1.80
C ASP FA 194 -67.34 29.09 1.59
N ILE FA 195 -67.06 28.23 0.61
CA ILE FA 195 -68.03 27.24 0.13
C ILE FA 195 -68.30 26.16 1.18
N ASN FA 196 -67.31 25.87 2.01
CA ASN FA 196 -67.47 24.83 3.03
C ASN FA 196 -68.41 25.22 4.16
N ILE FA 197 -68.47 26.50 4.51
CA ILE FA 197 -69.31 26.93 5.61
C ILE FA 197 -70.76 27.08 5.14
N ARG FA 198 -70.94 27.53 3.89
CA ARG FA 198 -72.26 27.58 3.29
C ARG FA 198 -72.85 26.19 3.09
N LEU FA 199 -72.03 25.23 2.66
CA LEU FA 199 -72.51 23.85 2.53
C LEU FA 199 -72.78 23.22 3.89
N LEU FA 200 -71.99 23.59 4.90
CA LEU FA 200 -72.18 23.09 6.26
C LEU FA 200 -73.48 23.60 6.86
N PHE FA 201 -73.78 24.89 6.67
CA PHE FA 201 -75.03 25.42 7.22
C PHE FA 201 -76.23 25.01 6.38
N TYR FA 202 -76.04 24.74 5.09
CA TYR FA 202 -77.11 24.15 4.28
C TYR FA 202 -77.44 22.74 4.75
N LYS FA 203 -76.42 21.94 5.07
CA LYS FA 203 -76.65 20.59 5.59
C LYS FA 203 -77.24 20.64 6.99
N LEU FA 204 -76.89 21.65 7.78
CA LEU FA 204 -77.50 21.83 9.10
C LEU FA 204 -78.97 22.19 8.99
N SER FA 205 -79.33 23.04 8.02
CA SER FA 205 -80.73 23.36 7.76
C SER FA 205 -81.51 22.15 7.27
N LYS FA 206 -80.86 21.33 6.43
CA LYS FA 206 -81.47 20.06 6.00
C LYS FA 206 -81.65 19.11 7.17
N LEU FA 207 -80.71 19.11 8.11
CA LEU FA 207 -80.80 18.21 9.27
C LEU FA 207 -81.93 18.62 10.20
N TRP FA 208 -82.10 19.92 10.43
CA TRP FA 208 -83.22 20.35 11.26
C TRP FA 208 -84.55 20.26 10.50
N LYS FA 209 -84.50 20.23 9.17
CA LYS FA 209 -85.73 20.01 8.39
C LYS FA 209 -86.15 18.54 8.43
N GLU FA 210 -85.18 17.61 8.38
CA GLU FA 210 -85.51 16.19 8.24
C GLU FA 210 -86.07 15.60 9.52
N GLN FA 211 -85.77 16.20 10.67
CA GLN FA 211 -86.32 15.72 11.93
C GLN FA 211 -87.65 16.36 12.29
N LYS FA 212 -88.23 17.15 11.35
CA LYS FA 212 -89.47 17.93 11.54
C LYS FA 212 -89.37 18.85 12.76
N LEU FA 213 -88.22 19.51 12.91
CA LEU FA 213 -87.94 20.39 14.03
C LEU FA 213 -87.38 21.72 13.55
N GLU FA 214 -88.00 22.30 12.52
CA GLU FA 214 -87.48 23.51 11.90
C GLU FA 214 -87.65 24.72 12.81
N GLU FA 215 -88.69 24.72 13.65
CA GLU FA 215 -88.92 25.83 14.55
C GLU FA 215 -87.95 25.81 15.73
N ALA FA 216 -87.45 24.63 16.10
CA ALA FA 216 -86.60 24.49 17.27
C ALA FA 216 -85.13 24.67 16.98
N GLN FA 217 -84.76 25.01 15.75
CA GLN FA 217 -83.36 25.23 15.41
C GLN FA 217 -82.88 26.53 16.06
N PRO FA 218 -81.68 26.54 16.65
CA PRO FA 218 -81.13 27.80 17.19
C PRO FA 218 -80.81 28.78 16.08
N LYS FA 219 -80.98 30.06 16.38
CA LYS FA 219 -80.79 31.11 15.40
C LYS FA 219 -79.34 31.56 15.40
N SER FA 220 -78.69 31.45 14.25
CA SER FA 220 -77.38 32.07 14.06
C SER FA 220 -77.56 33.53 13.64
N TYR FA 221 -76.51 34.31 13.84
CA TYR FA 221 -76.53 35.73 13.50
C TYR FA 221 -75.22 36.12 12.84
N ILE FA 222 -75.29 37.03 11.87
CA ILE FA 222 -74.11 37.53 11.19
C ILE FA 222 -74.16 39.05 11.20
N PHE FA 223 -73.06 39.68 11.59
CA PHE FA 223 -72.95 41.13 11.64
C PHE FA 223 -72.13 41.60 10.45
N LEU FA 224 -72.80 42.15 9.44
CA LEU FA 224 -72.14 42.92 8.39
C LEU FA 224 -72.63 44.36 8.49
N PRO FA 225 -71.75 45.36 8.35
CA PRO FA 225 -72.23 46.75 8.35
C PRO FA 225 -73.01 47.11 7.11
N ARG FA 226 -72.57 46.69 5.94
CA ARG FA 226 -73.27 47.08 4.72
C ARG FA 226 -74.43 46.14 4.55
N PRO FA 227 -75.63 46.68 4.38
CA PRO FA 227 -76.83 45.82 4.33
C PRO FA 227 -77.00 45.20 2.95
N ASN FA 228 -77.13 43.89 2.92
CA ASN FA 228 -77.36 43.15 1.68
C ASN FA 228 -78.64 42.34 1.84
N PRO FA 229 -79.71 42.66 1.12
CA PRO FA 229 -80.96 41.88 1.26
C PRO FA 229 -80.87 40.49 0.66
N ILE FA 230 -79.98 40.32 -0.31
CA ILE FA 230 -79.79 39.03 -0.98
C ILE FA 230 -79.19 38.03 -0.01
N GLN FA 231 -78.11 38.44 0.66
CA GLN FA 231 -77.52 37.62 1.70
C GLN FA 231 -78.45 37.46 2.89
N GLU FA 232 -79.31 38.46 3.14
CA GLU FA 232 -80.28 38.39 4.22
C GLU FA 232 -81.30 37.28 4.00
N GLU FA 233 -81.86 37.20 2.79
CA GLU FA 233 -82.84 36.15 2.49
C GLU FA 233 -82.18 34.78 2.40
N ILE FA 234 -80.99 34.71 1.79
CA ILE FA 234 -80.32 33.43 1.58
C ILE FA 234 -79.82 32.85 2.91
N LEU FA 235 -79.29 33.70 3.78
CA LEU FA 235 -78.88 33.23 5.10
C LEU FA 235 -80.07 33.03 6.02
N GLU FA 236 -81.20 33.70 5.75
CA GLU FA 236 -82.40 33.46 6.55
C GLU FA 236 -83.02 32.12 6.22
N GLN FA 237 -82.79 31.60 5.00
CA GLN FA 237 -83.16 30.22 4.71
C GLN FA 237 -82.35 29.21 5.51
N TRP FA 238 -81.14 29.56 5.96
CA TRP FA 238 -80.33 28.69 6.80
C TRP FA 238 -80.39 29.08 8.26
N ARG FA 239 -81.41 29.87 8.64
CA ARG FA 239 -81.65 30.39 10.00
C ARG FA 239 -80.45 31.19 10.53
N ILE FA 240 -79.87 32.00 9.65
CA ILE FA 240 -78.79 32.92 10.01
C ILE FA 240 -79.31 34.33 9.79
N GLY FA 241 -79.77 34.98 10.85
CA GLY FA 241 -80.29 36.32 10.74
C GLY FA 241 -79.20 37.36 10.59
N MET FA 242 -79.59 38.55 10.15
CA MET FA 242 -78.67 39.66 9.90
C MET FA 242 -78.81 40.72 10.99
N ILE FA 243 -77.68 41.21 11.47
CA ILE FA 243 -77.59 42.39 12.31
C ILE FA 243 -76.87 43.45 11.50
N SER FA 244 -77.52 44.59 11.28
CA SER FA 244 -76.98 45.66 10.47
C SER FA 244 -76.75 46.91 11.33
N SER FA 245 -75.95 47.82 10.80
CA SER FA 245 -75.62 49.07 11.48
C SER FA 245 -75.75 50.23 10.51
N GLU FA 246 -75.90 51.43 11.06
CA GLU FA 246 -76.00 52.64 10.27
C GLU FA 246 -74.68 53.40 10.17
N ASN FA 247 -73.70 53.07 11.01
CA ASN FA 247 -72.39 53.71 10.94
C ASN FA 247 -71.64 53.21 9.72
N ASP FA 248 -71.01 54.13 8.99
CA ASP FA 248 -70.27 53.76 7.79
C ASP FA 248 -68.94 53.11 8.15
N ASN FA 249 -68.37 53.45 9.30
CA ASN FA 249 -67.13 52.84 9.75
C ASN FA 249 -67.40 51.41 10.22
N PRO FA 250 -66.74 50.41 9.62
CA PRO FA 250 -67.00 49.02 10.04
C PRO FA 250 -66.38 48.69 11.39
N GLY FA 251 -65.23 49.28 11.70
CA GLY FA 251 -64.59 49.03 12.99
C GLY FA 251 -65.37 49.61 14.16
N GLU FA 252 -65.90 50.83 13.98
CA GLU FA 252 -66.69 51.45 15.04
C GLU FA 252 -68.04 50.78 15.19
N SER FA 253 -68.62 50.31 14.09
CA SER FA 253 -69.86 49.52 14.15
C SER FA 253 -69.62 48.19 14.86
N LEU FA 254 -68.47 47.56 14.60
CA LEU FA 254 -68.12 46.32 15.27
C LEU FA 254 -67.87 46.53 16.77
N GLU FA 255 -67.25 47.67 17.13
CA GLU FA 255 -67.05 48.01 18.53
C GLU FA 255 -68.37 48.29 19.24
N GLU FA 256 -69.30 48.98 18.57
CA GLU FA 256 -70.60 49.26 19.16
C GLU FA 256 -71.44 47.98 19.25
N PHE FA 257 -71.22 47.03 18.34
CA PHE FA 257 -71.92 45.76 18.42
C PHE FA 257 -71.36 44.89 19.53
N LEU FA 258 -70.03 44.88 19.70
CA LEU FA 258 -69.41 44.07 20.74
C LEU FA 258 -69.44 44.74 22.12
N LYS FA 259 -69.88 46.00 22.18
CA LYS FA 259 -70.11 46.67 23.46
C LYS FA 259 -71.19 45.99 24.29
N ASN FA 260 -72.16 45.34 23.64
CA ASN FA 260 -73.16 44.57 24.36
C ASN FA 260 -72.59 43.29 24.93
N PHE FA 261 -71.48 42.81 24.37
CA PHE FA 261 -70.89 41.53 24.76
C PHE FA 261 -69.76 41.67 25.78
N VAL FA 262 -69.04 42.79 25.77
CA VAL FA 262 -67.94 42.96 26.73
C VAL FA 262 -68.49 43.23 28.13
N LEU FA 263 -69.67 43.86 28.20
CA LEU FA 263 -70.19 44.37 29.47
C LEU FA 263 -70.71 43.25 30.35
N VAL FA 264 -70.14 43.16 31.56
CA VAL FA 264 -70.44 42.17 32.61
C VAL FA 264 -70.29 40.72 32.12
#